data_4FMG
#
_entry.id   4FMG
#
_cell.length_a   85.270
_cell.length_b   85.620
_cell.length_c   248.170
_cell.angle_alpha   92.98
_cell.angle_beta   100.50
_cell.angle_gamma   108.05
#
_symmetry.space_group_name_H-M   'P 1'
#
loop_
_entity.id
_entity.type
_entity.pdbx_description
1 polymer VP1
2 non-polymer GLYCEROL
3 non-polymer 'CHLORIDE ION'
4 water water
#
_entity_poly.entity_id   1
_entity_poly.type   'polypeptide(L)'
_entity_poly.pdbx_seq_one_letter_code
;GSHMLEGGVEVLSVVTGEDSITQIELYLNPRMGVNSPDLPTTSNWYTYTYDLQPKGSSPDQPIKENLPAYSVARVSLPML
NEDITCDTLQMWEAISVKTEVVGISSLINVHYWDMKRVHDYGAGIPVSGVNYHMFAIGGEPLDLQGLVLDYQTQYPKTTN
GGPITIETVLGRKMTPKNQGLDPQAKAKLDKDGNYPIEVWCPDPSKNENSRYYGSIQTGSQTPTVLQFSNTLTTVLLDEN
GVGPLCKGDGLFISCADIVGFLFKTSGKMALHGLPRYFNVTLRKRWVKN
;
_entity_poly.pdbx_strand_id   A,B,C,D,E,F,G,H,I,J,K,L,M,N,O,P,Q,R,S,T
#
# COMPACT_ATOMS: atom_id res chain seq x y z
N VAL A 9 59.93 -65.26 -2.45
CA VAL A 9 59.66 -64.04 -1.65
C VAL A 9 59.01 -62.94 -2.50
N GLU A 10 57.76 -63.18 -2.91
CA GLU A 10 57.00 -62.23 -3.72
C GLU A 10 56.56 -60.98 -2.95
N VAL A 11 56.90 -59.82 -3.50
CA VAL A 11 56.61 -58.53 -2.87
C VAL A 11 55.19 -58.06 -3.22
N LEU A 12 54.38 -57.88 -2.20
CA LEU A 12 53.01 -57.39 -2.37
C LEU A 12 52.98 -55.88 -2.09
N SER A 13 51.85 -55.39 -1.61
CA SER A 13 51.66 -53.94 -1.42
C SER A 13 52.22 -53.42 -0.10
N VAL A 14 52.51 -52.12 -0.08
CA VAL A 14 52.94 -51.40 1.11
C VAL A 14 51.79 -51.35 2.12
N VAL A 15 52.10 -51.58 3.38
CA VAL A 15 51.10 -51.58 4.46
C VAL A 15 50.66 -50.16 4.80
N THR A 16 49.35 -49.95 4.91
CA THR A 16 48.84 -48.66 5.36
C THR A 16 48.43 -48.77 6.82
N GLY A 17 48.51 -47.67 7.55
CA GLY A 17 48.11 -47.67 8.96
C GLY A 17 48.96 -46.78 9.86
N GLU A 18 48.55 -46.73 11.12
CA GLU A 18 49.14 -45.84 12.12
C GLU A 18 50.66 -45.95 12.25
N ASP A 19 51.16 -47.11 12.67
CA ASP A 19 52.58 -47.27 12.97
C ASP A 19 53.37 -47.95 11.86
N SER A 20 53.09 -47.57 10.61
CA SER A 20 53.65 -48.24 9.43
C SER A 20 55.09 -47.81 9.10
N ILE A 21 55.50 -46.64 9.58
CA ILE A 21 56.87 -46.15 9.37
C ILE A 21 57.65 -46.04 10.68
N THR A 22 58.91 -46.47 10.63
CA THR A 22 59.83 -46.29 11.76
C THR A 22 61.19 -45.75 11.30
N GLN A 23 61.92 -45.14 12.23
CA GLN A 23 63.27 -44.66 11.96
C GLN A 23 64.29 -45.31 12.90
N ILE A 24 65.42 -45.73 12.34
CA ILE A 24 66.49 -46.36 13.09
C ILE A 24 67.76 -45.50 13.02
N GLU A 25 68.41 -45.37 14.17
CA GLU A 25 69.55 -44.48 14.32
C GLU A 25 70.71 -45.31 14.88
N LEU A 26 71.91 -45.08 14.35
N LEU A 26 71.91 -45.07 14.34
CA LEU A 26 73.11 -45.67 14.92
CA LEU A 26 73.12 -45.86 14.67
C LEU A 26 74.37 -45.04 14.37
C LEU A 26 74.39 -45.09 14.30
N TYR A 27 75.47 -45.33 15.03
CA TYR A 27 76.79 -44.88 14.60
C TYR A 27 77.70 -46.09 14.62
N LEU A 28 78.66 -46.14 13.70
CA LEU A 28 79.67 -47.18 13.73
C LEU A 28 81.08 -46.58 13.87
N ASN A 29 81.80 -47.02 14.90
CA ASN A 29 83.20 -46.60 15.10
C ASN A 29 84.15 -47.40 14.20
N PRO A 30 85.23 -46.75 13.72
CA PRO A 30 86.09 -47.36 12.70
C PRO A 30 86.91 -48.53 13.23
N ARG A 31 87.15 -49.52 12.38
CA ARG A 31 87.90 -50.69 12.77
C ARG A 31 89.20 -50.79 11.95
N MET A 32 90.12 -49.87 12.24
CA MET A 32 91.35 -49.69 11.46
C MET A 32 92.43 -50.71 11.75
N GLY A 33 92.37 -51.35 12.92
CA GLY A 33 93.36 -52.34 13.31
C GLY A 33 93.53 -52.39 14.82
N VAL A 34 93.70 -51.21 15.43
CA VAL A 34 93.52 -51.06 16.87
C VAL A 34 92.04 -50.74 17.03
N ASN A 35 91.26 -51.77 17.35
CA ASN A 35 89.80 -51.73 17.24
C ASN A 35 89.03 -51.37 18.52
N SER A 36 89.68 -51.49 19.67
CA SER A 36 89.05 -51.20 20.95
C SER A 36 89.68 -50.01 21.66
N PRO A 37 88.86 -49.13 22.26
CA PRO A 37 89.36 -48.04 23.09
C PRO A 37 89.57 -48.45 24.55
N ASP A 38 89.35 -49.74 24.85
CA ASP A 38 89.31 -50.23 26.23
C ASP A 38 90.45 -51.17 26.61
N LEU A 39 91.63 -50.96 26.04
CA LEU A 39 92.76 -51.88 26.27
C LEU A 39 93.84 -51.22 27.11
N PRO A 40 94.58 -52.02 27.90
CA PRO A 40 95.55 -51.50 28.88
C PRO A 40 96.42 -50.36 28.34
N THR A 41 97.27 -50.65 27.35
CA THR A 41 98.18 -49.65 26.82
C THR A 41 98.47 -49.86 25.33
N THR A 42 97.44 -50.27 24.59
CA THR A 42 97.48 -50.29 23.12
C THR A 42 96.41 -49.40 22.51
N SER A 43 95.41 -49.02 23.33
CA SER A 43 94.25 -48.23 22.87
C SER A 43 94.56 -46.76 22.52
N ASN A 44 95.77 -46.28 22.81
CA ASN A 44 96.20 -44.95 22.37
C ASN A 44 96.11 -44.79 20.84
N TRP A 45 96.20 -45.92 20.12
CA TRP A 45 96.13 -45.94 18.65
C TRP A 45 94.78 -46.41 18.08
N TYR A 46 93.75 -46.43 18.94
CA TYR A 46 92.37 -46.65 18.51
C TYR A 46 92.00 -45.67 17.40
N THR A 47 91.38 -46.20 16.34
CA THR A 47 91.06 -45.49 15.07
C THR A 47 92.27 -45.34 14.11
N TYR A 48 93.37 -46.01 14.45
CA TYR A 48 94.56 -46.06 13.59
C TYR A 48 95.02 -47.49 13.34
N THR A 49 95.87 -47.64 12.34
CA THR A 49 96.65 -48.85 12.15
C THR A 49 97.95 -48.70 12.95
N TYR A 50 98.72 -49.77 13.07
CA TYR A 50 100.15 -49.63 13.39
C TYR A 50 100.87 -49.10 12.13
N ASP A 51 102.19 -49.00 12.19
CA ASP A 51 102.96 -48.44 11.10
C ASP A 51 102.99 -49.38 9.88
N LEU A 52 102.63 -48.82 8.72
CA LEU A 52 102.57 -49.57 7.48
C LEU A 52 103.89 -49.36 6.73
N GLN A 53 104.57 -50.46 6.46
CA GLN A 53 105.93 -50.39 5.95
C GLN A 53 106.26 -51.67 5.19
N PRO A 54 106.42 -51.56 3.85
CA PRO A 54 106.90 -52.66 3.03
C PRO A 54 108.20 -53.21 3.60
N LYS A 55 108.24 -54.51 3.84
CA LYS A 55 109.34 -55.17 4.53
C LYS A 55 110.64 -55.17 3.73
N GLY A 56 110.54 -55.24 2.41
CA GLY A 56 111.71 -55.31 1.58
C GLY A 56 112.16 -56.74 1.30
N SER A 57 111.45 -57.70 1.89
N SER A 57 111.45 -57.70 1.89
CA SER A 57 111.70 -59.13 1.65
CA SER A 57 111.71 -59.14 1.69
C SER A 57 110.41 -59.95 1.77
C SER A 57 110.40 -59.94 1.76
N SER A 58 110.33 -61.02 0.97
CA SER A 58 109.13 -61.88 0.92
C SER A 58 109.14 -63.02 1.96
N PRO A 59 107.95 -63.50 2.35
CA PRO A 59 106.64 -62.91 2.01
C PRO A 59 106.24 -61.81 3.00
N ASP A 60 105.26 -61.01 2.58
CA ASP A 60 104.57 -60.12 3.49
C ASP A 60 103.76 -60.93 4.50
N GLN A 61 103.92 -60.60 5.78
CA GLN A 61 103.11 -61.22 6.84
C GLN A 61 102.47 -60.08 7.65
N PRO A 62 101.39 -59.48 7.10
CA PRO A 62 100.82 -58.33 7.79
C PRO A 62 100.20 -58.69 9.13
N ILE A 63 100.36 -57.82 10.12
CA ILE A 63 99.71 -58.00 11.43
C ILE A 63 98.27 -57.44 11.39
N LYS A 64 97.41 -57.96 12.27
CA LYS A 64 96.00 -57.57 12.27
C LYS A 64 95.78 -56.07 12.49
N GLU A 65 96.69 -55.45 13.25
CA GLU A 65 96.66 -54.01 13.52
C GLU A 65 96.93 -53.17 12.27
N ASN A 66 97.39 -53.83 11.19
CA ASN A 66 97.64 -53.18 9.91
C ASN A 66 96.61 -53.53 8.85
N LEU A 67 95.49 -54.09 9.29
CA LEU A 67 94.42 -54.46 8.37
C LEU A 67 93.08 -53.80 8.72
N PRO A 68 92.85 -52.55 8.25
CA PRO A 68 91.53 -51.93 8.37
C PRO A 68 90.43 -52.86 7.87
N ALA A 69 89.38 -53.02 8.67
CA ALA A 69 88.28 -53.91 8.34
C ALA A 69 86.96 -53.16 8.24
N TYR A 70 85.96 -53.78 7.62
CA TYR A 70 84.61 -53.19 7.57
C TYR A 70 83.95 -53.17 8.95
N SER A 71 83.23 -52.08 9.21
CA SER A 71 82.33 -52.00 10.35
C SER A 71 81.01 -52.61 9.94
N VAL A 72 80.38 -53.34 10.85
CA VAL A 72 79.04 -53.86 10.60
C VAL A 72 78.23 -53.94 11.91
N ALA A 73 76.93 -53.67 11.80
CA ALA A 73 75.99 -53.93 12.89
C ALA A 73 74.71 -54.53 12.32
N ARG A 74 74.07 -55.40 13.11
CA ARG A 74 72.71 -55.85 12.85
C ARG A 74 71.80 -55.21 13.87
N VAL A 75 70.92 -54.32 13.40
CA VAL A 75 69.97 -53.63 14.27
C VAL A 75 68.67 -54.42 14.33
N SER A 76 68.27 -54.82 15.53
CA SER A 76 66.99 -55.50 15.72
C SER A 76 65.84 -54.53 15.52
N LEU A 77 64.87 -54.95 14.72
CA LEU A 77 63.73 -54.12 14.38
C LEU A 77 62.47 -54.59 15.11
N PRO A 78 61.53 -53.66 15.41
CA PRO A 78 60.29 -54.04 16.08
C PRO A 78 59.65 -55.27 15.43
N MET A 79 59.36 -56.28 16.25
CA MET A 79 58.82 -57.54 15.78
C MET A 79 57.48 -57.29 15.07
N LEU A 80 57.23 -58.06 14.00
CA LEU A 80 56.12 -57.76 13.12
C LEU A 80 55.05 -58.85 13.03
N ASN A 81 55.45 -60.11 13.09
CA ASN A 81 54.52 -61.23 12.87
C ASN A 81 54.33 -62.13 14.10
N THR A 88 51.98 -65.34 3.86
CA THR A 88 51.94 -63.89 3.66
C THR A 88 52.20 -63.11 4.96
N LEU A 89 53.35 -62.44 5.00
CA LEU A 89 53.83 -61.76 6.21
C LEU A 89 54.13 -60.29 5.97
N GLN A 90 54.44 -59.58 7.05
CA GLN A 90 54.98 -58.22 6.97
C GLN A 90 56.50 -58.25 7.18
N MET A 91 57.20 -57.39 6.42
CA MET A 91 58.63 -57.19 6.58
C MET A 91 58.93 -55.69 6.56
N TRP A 92 59.96 -55.29 7.29
CA TRP A 92 60.45 -53.92 7.21
C TRP A 92 61.21 -53.71 5.89
N GLU A 93 60.91 -52.59 5.23
CA GLU A 93 61.55 -52.21 3.98
C GLU A 93 62.28 -50.88 4.20
N ALA A 94 63.60 -50.88 4.04
CA ALA A 94 64.36 -49.65 4.16
C ALA A 94 64.17 -48.80 2.91
N ILE A 95 63.77 -47.55 3.08
CA ILE A 95 63.40 -46.75 1.92
C ILE A 95 64.35 -45.59 1.68
N SER A 96 65.03 -45.16 2.74
CA SER A 96 65.98 -44.06 2.63
C SER A 96 66.94 -44.02 3.81
N VAL A 97 68.02 -43.26 3.67
CA VAL A 97 69.01 -43.13 4.74
C VAL A 97 69.70 -41.78 4.68
N LYS A 98 69.91 -41.19 5.84
CA LYS A 98 70.82 -40.07 5.99
C LYS A 98 72.06 -40.61 6.65
N THR A 99 73.20 -40.46 5.98
CA THR A 99 74.45 -40.96 6.53
C THR A 99 75.52 -39.88 6.51
N GLU A 100 76.35 -39.85 7.54
CA GLU A 100 77.39 -38.84 7.66
C GLU A 100 78.68 -39.39 8.26
N VAL A 101 79.81 -38.94 7.72
CA VAL A 101 81.11 -39.21 8.33
C VAL A 101 81.30 -38.18 9.45
N VAL A 102 81.59 -38.67 10.64
CA VAL A 102 81.66 -37.82 11.84
C VAL A 102 83.11 -37.50 12.23
N GLY A 103 83.33 -36.29 12.71
CA GLY A 103 84.65 -35.87 13.18
C GLY A 103 85.58 -35.42 12.05
N ILE A 104 84.99 -35.12 10.89
CA ILE A 104 85.78 -34.63 9.76
C ILE A 104 86.68 -33.46 10.17
N SER A 105 86.11 -32.53 10.95
CA SER A 105 86.82 -31.34 11.42
C SER A 105 88.09 -31.62 12.23
N SER A 106 88.16 -32.81 12.86
CA SER A 106 89.32 -33.20 13.66
C SER A 106 90.60 -33.23 12.81
N LEU A 107 90.42 -33.35 11.49
CA LEU A 107 91.54 -33.43 10.56
C LEU A 107 92.19 -32.10 10.18
N ILE A 108 91.73 -30.97 10.72
CA ILE A 108 92.48 -29.72 10.51
C ILE A 108 93.73 -29.62 11.40
N ASN A 109 93.86 -30.55 12.35
CA ASN A 109 94.99 -30.58 13.28
C ASN A 109 96.31 -30.91 12.56
N VAL A 110 97.18 -29.92 12.46
CA VAL A 110 98.52 -30.09 11.88
C VAL A 110 99.61 -29.88 12.93
N HIS A 111 99.29 -30.25 14.17
CA HIS A 111 100.22 -30.11 15.29
C HIS A 111 100.17 -31.31 16.24
N TYR A 112 99.92 -32.50 15.69
CA TYR A 112 100.16 -33.72 16.45
C TYR A 112 101.62 -33.66 16.90
N TRP A 113 101.90 -34.04 18.14
CA TRP A 113 103.22 -33.81 18.73
C TRP A 113 104.36 -34.45 17.94
N ASP A 114 104.08 -35.60 17.32
CA ASP A 114 105.06 -36.39 16.58
C ASP A 114 104.79 -36.41 15.06
N MET A 115 104.28 -35.29 14.52
CA MET A 115 103.92 -35.22 13.11
C MET A 115 105.13 -34.81 12.28
N LYS A 116 105.36 -35.52 11.18
CA LYS A 116 106.37 -35.11 10.20
C LYS A 116 106.01 -33.72 9.68
N ARG A 117 106.99 -32.83 9.62
CA ARG A 117 106.76 -31.48 9.13
C ARG A 117 106.81 -31.45 7.61
N VAL A 118 106.18 -30.44 7.01
N VAL A 118 106.16 -30.45 7.00
CA VAL A 118 106.20 -30.28 5.55
CA VAL A 118 106.20 -30.26 5.56
C VAL A 118 107.57 -29.75 5.07
C VAL A 118 107.59 -29.80 5.10
N HIS A 119 108.24 -29.01 5.95
CA HIS A 119 109.61 -28.52 5.75
C HIS A 119 110.10 -28.00 7.09
N ASP A 120 111.36 -27.60 7.18
CA ASP A 120 111.89 -27.11 8.45
C ASP A 120 111.05 -25.99 9.02
N TYR A 121 110.75 -26.11 10.31
CA TYR A 121 110.01 -25.11 11.09
C TYR A 121 108.51 -24.99 10.74
N GLY A 122 108.03 -25.84 9.85
CA GLY A 122 106.65 -25.76 9.38
C GLY A 122 105.66 -26.60 10.15
N ALA A 123 104.43 -26.63 9.66
CA ALA A 123 103.37 -27.41 10.28
C ALA A 123 103.52 -28.87 9.91
N GLY A 124 102.84 -29.73 10.66
CA GLY A 124 102.79 -31.15 10.33
C GLY A 124 102.08 -31.36 9.01
N ILE A 125 102.48 -32.40 8.28
CA ILE A 125 101.76 -32.87 7.10
C ILE A 125 100.40 -33.36 7.57
N PRO A 126 99.30 -32.75 7.07
CA PRO A 126 97.97 -33.13 7.53
C PRO A 126 97.60 -34.53 7.09
N VAL A 127 96.62 -35.12 7.77
CA VAL A 127 96.10 -36.43 7.38
C VAL A 127 95.64 -36.35 5.92
N SER A 128 96.28 -37.14 5.08
N SER A 128 96.32 -37.11 5.07
CA SER A 128 96.05 -37.13 3.64
CA SER A 128 96.10 -37.09 3.63
C SER A 128 96.52 -38.45 3.05
C SER A 128 96.54 -38.43 3.05
N GLY A 129 96.26 -38.63 1.76
CA GLY A 129 96.66 -39.83 1.06
C GLY A 129 95.47 -40.72 0.73
N VAL A 130 95.68 -42.02 0.93
CA VAL A 130 94.69 -43.06 0.66
C VAL A 130 93.39 -42.79 1.43
N ASN A 131 92.29 -42.66 0.68
CA ASN A 131 90.94 -42.70 1.22
C ASN A 131 90.20 -43.90 0.65
N TYR A 132 89.27 -44.44 1.44
CA TYR A 132 88.34 -45.47 1.01
C TYR A 132 87.06 -45.29 1.82
N HIS A 133 85.95 -45.09 1.11
CA HIS A 133 84.68 -44.71 1.72
C HIS A 133 83.58 -45.53 1.10
N MET A 134 82.91 -46.31 1.94
CA MET A 134 81.72 -47.03 1.48
C MET A 134 80.69 -47.14 2.60
N PHE A 135 79.42 -47.25 2.22
CA PHE A 135 78.40 -47.73 3.17
C PHE A 135 77.43 -48.67 2.45
N ALA A 136 76.80 -49.53 3.25
CA ALA A 136 75.78 -50.43 2.73
C ALA A 136 74.63 -50.56 3.73
N ILE A 137 73.41 -50.58 3.18
CA ILE A 137 72.20 -50.85 3.93
C ILE A 137 71.53 -52.04 3.24
N GLY A 138 71.22 -53.08 4.02
CA GLY A 138 70.58 -54.27 3.47
C GLY A 138 69.73 -55.02 4.48
N GLY A 139 68.94 -55.99 3.98
CA GLY A 139 68.07 -56.81 4.83
C GLY A 139 68.69 -58.15 5.17
N GLU A 140 69.99 -58.29 4.85
CA GLU A 140 70.80 -59.46 5.18
C GLU A 140 72.26 -59.01 5.11
N PRO A 141 73.22 -59.88 5.52
CA PRO A 141 74.64 -59.50 5.44
C PRO A 141 75.09 -59.16 4.02
N LEU A 142 75.95 -58.14 3.89
CA LEU A 142 76.53 -57.78 2.59
C LEU A 142 77.32 -58.96 2.05
N ASP A 143 77.12 -59.26 0.77
CA ASP A 143 77.88 -60.33 0.11
C ASP A 143 79.23 -59.78 -0.33
N LEU A 144 80.27 -60.56 -0.08
CA LEU A 144 81.65 -60.14 -0.30
C LEU A 144 82.37 -60.98 -1.34
N GLN A 145 83.20 -60.31 -2.14
CA GLN A 145 84.09 -61.00 -3.05
C GLN A 145 85.53 -60.75 -2.62
N GLY A 146 86.33 -61.82 -2.63
CA GLY A 146 87.75 -61.76 -2.28
C GLY A 146 88.63 -61.49 -3.48
N LEU A 147 89.57 -60.56 -3.31
CA LEU A 147 90.56 -60.23 -4.31
C LEU A 147 91.69 -59.50 -3.62
N VAL A 148 92.91 -60.00 -3.80
CA VAL A 148 94.07 -59.35 -3.19
C VAL A 148 95.11 -58.85 -4.21
N LEU A 149 95.85 -57.81 -3.81
CA LEU A 149 96.99 -57.30 -4.57
C LEU A 149 98.04 -58.41 -4.83
N ASP A 150 98.30 -59.22 -3.80
CA ASP A 150 99.36 -60.24 -3.85
C ASP A 150 98.89 -61.53 -3.16
N TYR A 151 98.68 -62.58 -3.95
CA TYR A 151 98.17 -63.86 -3.42
C TYR A 151 99.16 -64.55 -2.48
N GLN A 152 100.43 -64.11 -2.52
CA GLN A 152 101.48 -64.73 -1.70
C GLN A 152 101.54 -64.13 -0.29
N THR A 153 100.73 -63.10 -0.06
CA THR A 153 100.58 -62.49 1.26
C THR A 153 100.10 -63.53 2.29
N GLN A 154 100.81 -63.58 3.42
CA GLN A 154 100.49 -64.48 4.52
C GLN A 154 99.69 -63.75 5.59
N TYR A 155 98.37 -63.81 5.49
CA TYR A 155 97.49 -63.16 6.46
C TYR A 155 97.49 -63.95 7.76
N PRO A 156 97.28 -63.28 8.91
CA PRO A 156 97.25 -64.09 10.14
C PRO A 156 96.04 -65.02 10.12
N LYS A 157 96.16 -66.20 10.72
CA LYS A 157 95.01 -67.11 10.84
C LYS A 157 94.05 -66.61 11.92
N THR A 158 92.87 -67.23 11.99
CA THR A 158 91.92 -66.97 13.09
C THR A 158 92.41 -67.59 14.40
N GLY A 162 91.20 -63.37 15.23
CA GLY A 162 91.90 -62.94 14.01
C GLY A 162 90.99 -62.54 12.87
N PRO A 163 91.56 -61.99 11.78
CA PRO A 163 90.79 -61.63 10.59
C PRO A 163 90.41 -62.84 9.71
N ILE A 164 89.27 -62.72 9.03
CA ILE A 164 88.83 -63.74 8.07
C ILE A 164 89.25 -63.30 6.67
N THR A 165 90.03 -64.16 6.02
CA THR A 165 90.56 -63.87 4.68
C THR A 165 90.22 -65.02 3.73
N ILE A 166 90.75 -64.98 2.51
CA ILE A 166 90.40 -65.97 1.49
C ILE A 166 90.82 -67.39 1.89
N GLU A 167 92.02 -67.51 2.44
CA GLU A 167 92.50 -68.79 2.98
C GLU A 167 91.51 -69.40 3.99
N THR A 168 90.95 -68.55 4.85
CA THR A 168 89.95 -68.95 5.83
C THR A 168 88.72 -69.62 5.20
N VAL A 169 88.19 -68.98 4.15
N VAL A 169 88.18 -68.97 4.18
CA VAL A 169 86.94 -69.44 3.54
CA VAL A 169 86.96 -69.43 3.51
C VAL A 169 87.12 -70.64 2.60
C VAL A 169 87.18 -70.70 2.72
N LEU A 170 88.27 -70.73 1.95
CA LEU A 170 88.56 -71.85 1.04
C LEU A 170 89.13 -73.06 1.78
N GLY A 171 89.76 -72.83 2.94
CA GLY A 171 90.39 -73.89 3.71
C GLY A 171 91.62 -74.48 3.03
N ARG A 172 92.25 -73.66 2.20
CA ARG A 172 93.48 -73.98 1.47
C ARG A 172 94.16 -72.66 1.09
N LYS A 173 95.41 -72.72 0.64
CA LYS A 173 96.17 -71.50 0.33
C LYS A 173 95.65 -70.81 -0.93
N MET A 174 95.83 -69.48 -0.98
CA MET A 174 95.55 -68.72 -2.19
C MET A 174 96.48 -69.14 -3.32
N THR A 175 95.97 -69.08 -4.54
CA THR A 175 96.78 -69.30 -5.75
C THR A 175 96.69 -68.00 -6.55
N PRO A 176 97.51 -67.87 -7.63
CA PRO A 176 97.48 -66.67 -8.48
C PRO A 176 96.09 -66.14 -8.89
N LYS A 177 95.11 -67.02 -9.06
CA LYS A 177 93.76 -66.57 -9.47
C LYS A 177 93.11 -65.58 -8.49
N ASN A 178 93.56 -65.60 -7.23
CA ASN A 178 93.03 -64.66 -6.25
C ASN A 178 93.54 -63.23 -6.38
N GLN A 179 94.36 -62.98 -7.40
CA GLN A 179 94.71 -61.63 -7.80
C GLN A 179 93.66 -61.09 -8.79
N GLY A 180 92.89 -61.99 -9.36
CA GLY A 180 91.69 -61.64 -10.11
C GLY A 180 90.44 -62.09 -9.38
N LEU A 181 89.36 -62.34 -10.15
CA LEU A 181 88.08 -62.72 -9.58
C LEU A 181 87.93 -64.24 -9.56
N ASP A 182 88.01 -64.82 -8.36
CA ASP A 182 87.78 -66.25 -8.15
C ASP A 182 86.37 -66.38 -7.57
N PRO A 183 85.45 -67.01 -8.33
CA PRO A 183 84.07 -67.17 -7.85
C PRO A 183 83.95 -67.97 -6.54
N GLN A 184 84.99 -68.71 -6.19
CA GLN A 184 84.98 -69.47 -4.94
C GLN A 184 85.38 -68.60 -3.74
N ALA A 185 85.96 -67.43 -4.02
CA ALA A 185 86.41 -66.52 -2.97
C ALA A 185 85.30 -65.57 -2.51
N LYS A 186 84.32 -66.12 -1.81
CA LYS A 186 83.13 -65.38 -1.37
C LYS A 186 82.87 -65.52 0.13
N ALA A 187 82.40 -64.43 0.75
CA ALA A 187 82.04 -64.43 2.16
C ALA A 187 80.84 -63.51 2.41
N LYS A 188 80.32 -63.56 3.63
CA LYS A 188 79.26 -62.65 4.08
C LYS A 188 79.81 -61.76 5.17
N LEU A 189 79.58 -60.46 5.05
CA LEU A 189 80.02 -59.52 6.08
C LEU A 189 79.13 -59.62 7.33
N ASP A 190 79.47 -60.58 8.20
CA ASP A 190 78.63 -60.91 9.36
C ASP A 190 79.32 -60.65 10.72
N LYS A 191 80.46 -60.00 10.70
CA LYS A 191 81.25 -59.74 11.91
C LYS A 191 82.00 -58.43 11.84
N ASP A 192 81.74 -57.56 12.82
CA ASP A 192 82.36 -56.25 12.91
C ASP A 192 83.87 -56.36 13.11
N GLY A 193 84.64 -55.64 12.28
CA GLY A 193 86.09 -55.54 12.43
C GLY A 193 86.88 -56.80 12.12
N ASN A 194 86.31 -57.71 11.33
CA ASN A 194 86.94 -59.01 11.08
C ASN A 194 87.28 -59.33 9.62
N TYR A 195 86.73 -58.52 8.71
CA TYR A 195 86.94 -58.72 7.27
C TYR A 195 87.77 -57.55 6.72
N PRO A 196 89.05 -57.81 6.39
CA PRO A 196 89.94 -56.74 5.92
C PRO A 196 89.46 -56.11 4.61
N ILE A 197 89.54 -54.79 4.56
CA ILE A 197 89.17 -54.03 3.38
C ILE A 197 90.05 -54.43 2.18
N GLU A 198 91.34 -54.63 2.40
CA GLU A 198 92.26 -54.95 1.30
C GLU A 198 92.00 -56.35 0.72
N VAL A 199 91.22 -57.16 1.43
CA VAL A 199 90.93 -58.53 0.99
C VAL A 199 89.53 -58.64 0.35
N TRP A 200 88.55 -57.98 0.95
CA TRP A 200 87.16 -58.15 0.55
C TRP A 200 86.54 -56.89 -0.01
N CYS A 201 85.76 -57.04 -1.07
CA CYS A 201 84.98 -55.95 -1.61
C CYS A 201 83.52 -56.43 -1.76
N PRO A 202 82.58 -55.50 -2.03
CA PRO A 202 81.20 -55.95 -2.28
C PRO A 202 81.10 -56.80 -3.55
N ASP A 203 80.42 -57.94 -3.44
CA ASP A 203 80.18 -58.82 -4.58
C ASP A 203 78.99 -58.26 -5.39
N PRO A 204 79.26 -57.75 -6.62
CA PRO A 204 78.18 -57.23 -7.46
C PRO A 204 77.33 -58.32 -8.11
N SER A 205 77.76 -59.58 -8.02
CA SER A 205 76.99 -60.69 -8.59
C SER A 205 75.87 -61.16 -7.65
N LYS A 206 75.88 -60.65 -6.42
CA LYS A 206 74.86 -60.95 -5.44
C LYS A 206 74.29 -59.62 -4.90
N ASN A 207 74.05 -59.53 -3.59
CA ASN A 207 73.56 -58.29 -2.96
C ASN A 207 72.26 -57.69 -3.55
N GLU A 208 71.34 -58.54 -3.99
CA GLU A 208 70.02 -58.11 -4.51
C GLU A 208 69.23 -57.35 -3.46
N ASN A 209 69.43 -57.76 -2.20
CA ASN A 209 68.68 -57.25 -1.08
C ASN A 209 69.51 -56.30 -0.19
N SER A 210 70.52 -55.67 -0.81
CA SER A 210 71.34 -54.63 -0.18
C SER A 210 71.56 -53.52 -1.19
N ARG A 211 71.89 -52.34 -0.69
CA ARG A 211 72.37 -51.24 -1.51
C ARG A 211 73.72 -50.81 -0.95
N TYR A 212 74.72 -50.70 -1.81
CA TYR A 212 76.02 -50.22 -1.39
C TYR A 212 76.57 -49.12 -2.30
N TYR A 213 77.38 -48.25 -1.72
CA TYR A 213 77.94 -47.11 -2.43
C TYR A 213 79.35 -46.91 -1.90
N GLY A 214 80.32 -46.85 -2.80
CA GLY A 214 81.71 -46.71 -2.35
C GLY A 214 82.64 -45.99 -3.30
N SER A 215 83.78 -45.58 -2.77
CA SER A 215 84.85 -45.04 -3.61
C SER A 215 86.24 -45.31 -2.99
N ILE A 216 87.27 -45.18 -3.83
CA ILE A 216 88.65 -45.19 -3.37
C ILE A 216 89.38 -43.98 -3.95
N GLN A 217 90.42 -43.55 -3.25
CA GLN A 217 91.37 -42.55 -3.71
C GLN A 217 92.80 -42.99 -3.34
N THR A 218 93.68 -43.18 -4.33
CA THR A 218 95.06 -43.57 -4.02
C THR A 218 96.02 -42.37 -4.04
N GLY A 219 97.29 -42.61 -3.74
CA GLY A 219 98.28 -41.52 -3.56
C GLY A 219 98.76 -41.44 -2.13
N SER A 220 99.93 -40.85 -1.95
N SER A 220 99.93 -40.85 -1.94
CA SER A 220 100.57 -40.74 -0.62
CA SER A 220 100.53 -40.74 -0.60
C SER A 220 100.12 -39.51 0.17
C SER A 220 100.07 -39.50 0.17
N GLN A 221 100.03 -38.36 -0.50
CA GLN A 221 99.63 -37.10 0.14
C GLN A 221 98.44 -36.44 -0.55
N THR A 222 97.67 -37.24 -1.28
CA THR A 222 96.48 -36.75 -1.97
C THR A 222 95.52 -36.12 -0.98
N PRO A 223 95.08 -34.88 -1.26
CA PRO A 223 94.18 -34.20 -0.32
C PRO A 223 92.95 -35.05 0.04
N THR A 224 92.66 -35.13 1.34
CA THR A 224 91.40 -35.72 1.81
C THR A 224 90.33 -34.64 1.65
N VAL A 225 89.32 -34.93 0.84
CA VAL A 225 88.27 -33.98 0.48
C VAL A 225 86.95 -34.67 0.80
N LEU A 226 86.24 -34.13 1.79
CA LEU A 226 85.02 -34.77 2.31
C LEU A 226 83.94 -33.72 2.60
N GLN A 227 82.69 -34.11 2.39
CA GLN A 227 81.57 -33.22 2.66
C GLN A 227 80.73 -33.74 3.83
N PHE A 228 80.02 -32.82 4.47
CA PHE A 228 79.07 -33.17 5.54
C PHE A 228 77.89 -32.19 5.52
N SER A 229 76.68 -32.75 5.54
CA SER A 229 75.45 -31.96 5.59
C SER A 229 74.31 -32.84 6.11
N ASN A 230 73.44 -32.28 6.95
CA ASN A 230 72.24 -32.99 7.38
C ASN A 230 71.06 -32.85 6.41
N THR A 231 71.31 -32.31 5.22
CA THR A 231 70.24 -32.09 4.22
C THR A 231 70.26 -33.13 3.10
N LEU A 232 71.17 -34.10 3.19
CA LEU A 232 71.36 -35.08 2.10
C LEU A 232 70.79 -36.45 2.40
N THR A 233 69.87 -36.91 1.55
CA THR A 233 69.21 -38.20 1.70
C THR A 233 69.50 -39.14 0.52
N THR A 234 69.78 -40.42 0.84
CA THR A 234 69.90 -41.46 -0.17
C THR A 234 68.63 -42.31 -0.20
N VAL A 235 67.99 -42.37 -1.37
CA VAL A 235 66.82 -43.23 -1.58
C VAL A 235 67.32 -44.65 -1.82
N LEU A 236 66.76 -45.60 -1.07
CA LEU A 236 67.21 -47.00 -1.13
C LEU A 236 66.38 -47.91 -2.03
N LEU A 237 65.32 -47.35 -2.63
CA LEU A 237 64.45 -48.10 -3.52
C LEU A 237 65.15 -48.48 -4.82
N ASP A 238 64.90 -49.70 -5.31
CA ASP A 238 65.42 -50.11 -6.60
C ASP A 238 64.48 -49.68 -7.74
N GLU A 239 64.73 -50.20 -8.95
CA GLU A 239 64.00 -49.73 -10.15
C GLU A 239 62.52 -50.12 -10.18
N ASN A 240 62.14 -51.09 -9.34
CA ASN A 240 60.74 -51.48 -9.15
C ASN A 240 60.11 -50.81 -7.92
N GLY A 241 60.82 -49.85 -7.35
CA GLY A 241 60.34 -49.12 -6.17
C GLY A 241 60.37 -49.91 -4.88
N VAL A 242 61.32 -50.84 -4.77
CA VAL A 242 61.40 -51.74 -3.62
C VAL A 242 62.77 -51.59 -2.95
N GLY A 243 62.76 -51.23 -1.68
CA GLY A 243 63.99 -51.16 -0.89
C GLY A 243 64.39 -52.52 -0.33
N PRO A 244 65.52 -52.59 0.41
CA PRO A 244 65.91 -53.83 1.07
C PRO A 244 64.86 -54.30 2.10
N LEU A 245 64.57 -55.61 2.09
CA LEU A 245 63.57 -56.20 2.94
C LEU A 245 64.26 -56.97 4.07
N CYS A 246 64.00 -56.58 5.31
CA CYS A 246 64.74 -57.05 6.45
C CYS A 246 64.32 -58.44 6.92
N LYS A 247 65.12 -59.45 6.56
CA LYS A 247 64.84 -60.84 6.92
C LYS A 247 65.03 -61.08 8.42
N GLY A 248 63.98 -61.60 9.05
CA GLY A 248 63.98 -61.85 10.49
C GLY A 248 64.03 -60.57 11.31
N ASP A 249 63.40 -59.52 10.79
CA ASP A 249 63.37 -58.19 11.45
C ASP A 249 64.77 -57.70 11.84
N GLY A 250 65.71 -57.87 10.92
CA GLY A 250 67.10 -57.46 11.13
C GLY A 250 67.58 -56.57 10.01
N LEU A 251 68.06 -55.39 10.38
CA LEU A 251 68.65 -54.45 9.42
C LEU A 251 70.17 -54.50 9.54
N PHE A 252 70.83 -54.67 8.41
CA PHE A 252 72.28 -54.73 8.37
C PHE A 252 72.87 -53.44 7.83
N ILE A 253 73.79 -52.87 8.60
CA ILE A 253 74.45 -51.63 8.23
C ILE A 253 75.96 -51.85 8.26
N SER A 254 76.63 -51.50 7.16
CA SER A 254 78.05 -51.75 6.95
C SER A 254 78.73 -50.51 6.42
N CYS A 255 80.01 -50.33 6.75
CA CYS A 255 80.75 -49.17 6.23
C CYS A 255 82.26 -49.29 6.41
N ALA A 256 82.97 -48.36 5.78
CA ALA A 256 84.42 -48.19 5.93
C ALA A 256 84.74 -46.75 5.56
N ASP A 257 85.55 -46.08 6.37
CA ASP A 257 85.96 -44.70 6.10
C ASP A 257 87.43 -44.42 6.47
N ILE A 258 88.33 -44.83 5.58
CA ILE A 258 89.75 -44.51 5.71
C ILE A 258 89.93 -43.09 5.18
N VAL A 259 90.53 -42.23 5.98
CA VAL A 259 90.64 -40.82 5.67
C VAL A 259 92.08 -40.32 5.37
N GLY A 260 93.04 -41.25 5.32
CA GLY A 260 94.43 -40.92 5.03
C GLY A 260 95.43 -41.37 6.08
N PHE A 261 96.68 -40.99 5.87
CA PHE A 261 97.79 -41.35 6.75
C PHE A 261 98.07 -40.29 7.80
N LEU A 262 98.42 -40.74 8.99
CA LEU A 262 99.11 -39.91 9.96
C LEU A 262 100.62 -40.02 9.67
N PHE A 263 101.25 -38.90 9.32
CA PHE A 263 102.70 -38.88 9.05
C PHE A 263 103.51 -38.58 10.31
N LYS A 264 104.27 -39.55 10.77
CA LYS A 264 105.11 -39.41 11.96
C LYS A 264 106.52 -38.92 11.61
N THR A 265 107.17 -38.28 12.59
CA THR A 265 108.47 -37.62 12.42
C THR A 265 109.54 -38.54 11.83
N SER A 266 109.54 -39.79 12.28
CA SER A 266 110.52 -40.81 11.87
C SER A 266 110.41 -41.15 10.37
N GLY A 267 109.29 -40.77 9.76
CA GLY A 267 108.99 -41.17 8.39
C GLY A 267 107.94 -42.26 8.32
N LYS A 268 107.68 -42.91 9.46
CA LYS A 268 106.65 -43.93 9.51
C LYS A 268 105.25 -43.34 9.31
N MET A 269 104.33 -44.20 8.89
CA MET A 269 102.99 -43.78 8.51
C MET A 269 101.97 -44.81 8.94
N ALA A 270 100.83 -44.32 9.45
CA ALA A 270 99.70 -45.16 9.82
C ALA A 270 98.45 -44.62 9.13
N LEU A 271 97.59 -45.53 8.69
CA LEU A 271 96.26 -45.15 8.17
C LEU A 271 95.30 -44.85 9.31
N HIS A 272 94.29 -44.04 9.02
CA HIS A 272 93.38 -43.48 10.02
C HIS A 272 91.96 -43.56 9.51
N GLY A 273 91.01 -43.76 10.43
CA GLY A 273 89.60 -43.86 10.06
C GLY A 273 88.69 -43.00 10.93
N LEU A 274 87.53 -42.65 10.38
CA LEU A 274 86.50 -41.89 11.08
C LEU A 274 85.20 -42.68 11.19
N PRO A 275 84.40 -42.41 12.26
CA PRO A 275 83.10 -43.06 12.48
C PRO A 275 82.06 -42.59 11.49
N ARG A 276 81.00 -43.39 11.34
CA ARG A 276 79.91 -43.00 10.45
C ARG A 276 78.58 -43.10 11.17
N TYR A 277 77.73 -42.09 10.97
CA TYR A 277 76.38 -42.05 11.53
C TYR A 277 75.38 -42.43 10.47
N PHE A 278 74.29 -43.08 10.90
CA PHE A 278 73.19 -43.48 10.02
C PHE A 278 71.84 -43.14 10.65
N ASN A 279 70.94 -42.63 9.83
CA ASN A 279 69.52 -42.56 10.18
C ASN A 279 68.68 -43.13 9.05
N VAL A 280 68.13 -44.33 9.27
CA VAL A 280 67.39 -45.07 8.25
C VAL A 280 65.88 -45.03 8.48
N THR A 281 65.14 -44.76 7.41
CA THR A 281 63.68 -44.79 7.46
C THR A 281 63.20 -46.09 6.82
N LEU A 282 62.35 -46.80 7.56
CA LEU A 282 61.76 -48.06 7.07
C LEU A 282 60.23 -48.01 7.07
N ARG A 283 59.63 -48.79 6.17
CA ARG A 283 58.17 -48.94 6.15
C ARG A 283 57.80 -50.42 6.17
N LYS A 284 56.56 -50.71 6.56
CA LYS A 284 56.06 -52.08 6.56
C LYS A 284 55.58 -52.46 5.16
N ARG A 285 55.87 -53.70 4.78
CA ARG A 285 55.58 -54.20 3.44
C ARG A 285 55.01 -55.60 3.54
N TRP A 286 53.92 -55.86 2.83
CA TRP A 286 53.35 -57.21 2.72
C TRP A 286 54.19 -58.04 1.75
N VAL A 287 54.45 -59.29 2.12
CA VAL A 287 55.19 -60.23 1.28
C VAL A 287 54.56 -61.62 1.35
N LYS A 288 54.61 -62.37 0.25
CA LYS A 288 54.18 -63.78 0.25
C LYS A 288 55.38 -64.73 0.26
N GLU B 10 54.24 -28.94 17.19
CA GLU B 10 53.51 -29.34 15.94
C GLU B 10 53.34 -28.15 14.98
N VAL B 11 53.71 -28.36 13.72
CA VAL B 11 53.76 -27.30 12.72
C VAL B 11 52.46 -27.22 11.93
N LEU B 12 51.94 -26.01 11.79
CA LEU B 12 50.69 -25.78 11.08
C LEU B 12 50.95 -24.99 9.80
N SER B 13 49.92 -24.28 9.31
CA SER B 13 49.99 -23.56 8.05
C SER B 13 50.91 -22.34 8.09
N VAL B 14 51.42 -21.97 6.92
CA VAL B 14 52.15 -20.72 6.73
C VAL B 14 51.20 -19.53 6.93
N VAL B 15 51.69 -18.49 7.61
CA VAL B 15 50.92 -17.27 7.84
C VAL B 15 50.80 -16.46 6.55
N THR B 16 49.56 -16.13 6.18
CA THR B 16 49.32 -15.28 5.02
C THR B 16 49.00 -13.85 5.47
N GLY B 17 49.60 -12.87 4.80
CA GLY B 17 49.38 -11.48 5.16
C GLY B 17 50.43 -10.51 4.67
N GLU B 18 50.34 -9.27 5.15
CA GLU B 18 51.19 -8.16 4.68
C GLU B 18 52.66 -8.37 5.00
N ASP B 19 52.99 -8.27 6.29
CA ASP B 19 54.38 -8.30 6.74
C ASP B 19 54.81 -9.71 7.17
N SER B 20 54.45 -10.70 6.37
CA SER B 20 54.71 -12.10 6.72
C SER B 20 56.13 -12.57 6.37
N ILE B 21 56.82 -11.82 5.52
CA ILE B 21 58.19 -12.16 5.10
C ILE B 21 59.17 -11.08 5.58
N THR B 22 60.32 -11.52 6.12
CA THR B 22 61.38 -10.62 6.55
C THR B 22 62.78 -11.10 6.12
N GLN B 23 63.69 -10.13 5.97
N GLN B 23 63.78 -10.21 6.20
CA GLN B 23 65.00 -10.31 5.39
CA GLN B 23 65.20 -10.59 6.02
C GLN B 23 66.02 -9.81 6.39
C GLN B 23 66.09 -10.21 7.21
N ILE B 24 66.90 -10.71 6.81
N ILE B 24 67.17 -10.96 7.45
CA ILE B 24 67.91 -10.45 7.84
CA ILE B 24 68.16 -10.56 8.45
C ILE B 24 69.34 -10.53 7.26
C ILE B 24 69.58 -10.68 7.91
N GLU B 25 70.17 -9.53 7.57
CA GLU B 25 71.57 -9.45 7.12
C GLU B 25 72.54 -9.54 8.29
N LEU B 26 73.64 -10.26 8.08
N LEU B 26 73.66 -10.26 8.08
CA LEU B 26 74.78 -10.24 9.01
CA LEU B 26 74.72 -10.43 9.10
C LEU B 26 76.05 -10.78 8.38
C LEU B 26 76.03 -10.93 8.50
N TYR B 27 77.16 -10.42 8.99
CA TYR B 27 78.46 -10.98 8.65
C TYR B 27 79.12 -11.46 9.94
N LEU B 28 79.95 -12.48 9.83
CA LEU B 28 80.73 -13.01 10.95
C LEU B 28 82.20 -13.01 10.61
N ASN B 29 83.00 -12.26 11.37
CA ASN B 29 84.45 -12.28 11.23
C ASN B 29 85.09 -13.56 11.76
N PRO B 30 86.17 -14.01 11.11
CA PRO B 30 86.75 -15.30 11.46
C PRO B 30 87.40 -15.30 12.84
N ARG B 31 87.30 -16.42 13.55
CA ARG B 31 87.94 -16.55 14.85
C ARG B 31 89.02 -17.65 14.80
N MET B 32 90.14 -17.29 14.20
CA MET B 32 91.23 -18.23 13.91
C MET B 32 92.16 -18.52 15.09
N GLY B 33 92.18 -17.63 16.08
CA GLY B 33 93.04 -17.79 17.24
C GLY B 33 93.37 -16.45 17.82
N VAL B 34 93.85 -15.54 16.98
CA VAL B 34 93.88 -14.12 17.29
C VAL B 34 92.50 -13.59 16.88
N ASN B 35 91.61 -13.52 17.86
CA ASN B 35 90.20 -13.30 17.60
C ASN B 35 89.71 -11.85 17.72
N SER B 36 90.61 -10.94 18.09
CA SER B 36 90.23 -9.54 18.21
C SER B 36 91.18 -8.61 17.46
N PRO B 37 90.64 -7.60 16.76
CA PRO B 37 91.46 -6.59 16.11
C PRO B 37 91.82 -5.41 17.02
N ASP B 38 91.31 -5.40 18.24
CA ASP B 38 91.38 -4.21 19.10
C ASP B 38 92.44 -4.25 20.19
N LEU B 39 93.03 -5.43 20.42
CA LEU B 39 94.10 -5.58 21.41
C LEU B 39 95.34 -4.78 20.99
N PRO B 40 95.96 -4.06 21.95
CA PRO B 40 97.00 -3.07 21.67
C PRO B 40 98.14 -3.57 20.78
N THR B 41 98.59 -4.81 21.00
CA THR B 41 99.79 -5.32 20.31
C THR B 41 99.57 -6.58 19.48
N THR B 42 98.93 -7.59 20.06
CA THR B 42 98.80 -8.91 19.42
C THR B 42 97.92 -8.95 18.16
N SER B 43 97.19 -7.86 17.90
CA SER B 43 96.12 -7.85 16.89
C SER B 43 96.58 -7.76 15.43
N ASN B 44 97.88 -7.63 15.21
CA ASN B 44 98.44 -7.70 13.86
C ASN B 44 98.10 -9.03 13.19
N TRP B 45 97.93 -10.06 14.00
CA TRP B 45 97.66 -11.41 13.50
C TRP B 45 96.18 -11.80 13.54
N TYR B 46 95.31 -10.80 13.69
CA TYR B 46 93.86 -11.01 13.60
C TYR B 46 93.51 -11.64 12.25
N THR B 47 92.71 -12.71 12.31
CA THR B 47 92.26 -13.55 11.18
C THR B 47 93.25 -14.68 10.89
N TYR B 48 94.25 -14.79 11.76
CA TYR B 48 95.32 -15.79 11.63
C TYR B 48 95.51 -16.52 12.94
N THR B 49 96.18 -17.68 12.85
CA THR B 49 96.71 -18.34 14.03
C THR B 49 98.11 -17.82 14.30
N TYR B 50 98.72 -18.32 15.38
CA TYR B 50 100.17 -18.20 15.57
C TYR B 50 100.81 -19.34 14.77
N ASP B 51 102.10 -19.55 14.95
CA ASP B 51 102.81 -20.55 14.15
C ASP B 51 102.47 -21.98 14.59
N LEU B 52 102.06 -22.80 13.63
CA LEU B 52 101.68 -24.18 13.92
C LEU B 52 102.85 -25.13 13.74
N GLN B 53 103.21 -25.84 14.81
CA GLN B 53 104.37 -26.71 14.82
C GLN B 53 104.13 -27.97 15.63
N PRO B 54 104.58 -29.14 15.13
CA PRO B 54 104.68 -30.29 16.03
C PRO B 54 105.64 -29.96 17.17
N LYS B 55 105.27 -30.34 18.39
CA LYS B 55 106.10 -30.09 19.57
C LYS B 55 107.38 -30.94 19.53
N GLY B 56 107.28 -32.16 19.01
CA GLY B 56 108.42 -33.07 18.94
C GLY B 56 108.54 -33.97 20.15
N SER B 57 107.80 -33.64 21.22
CA SER B 57 107.70 -34.49 22.41
C SER B 57 106.27 -34.46 22.96
N SER B 58 105.91 -35.51 23.68
N SER B 58 105.88 -35.52 23.66
CA SER B 58 104.58 -35.67 24.28
CA SER B 58 104.54 -35.62 24.24
C SER B 58 104.50 -35.02 25.66
C SER B 58 104.49 -35.01 25.64
N PRO B 59 103.33 -34.43 26.02
CA PRO B 59 102.12 -34.29 25.20
C PRO B 59 102.00 -32.95 24.47
N ASP B 60 101.12 -32.90 23.47
CA ASP B 60 100.80 -31.64 22.81
C ASP B 60 100.03 -30.77 23.80
N GLN B 61 100.41 -29.49 23.85
CA GLN B 61 99.78 -28.52 24.75
C GLN B 61 99.53 -27.24 23.96
N PRO B 62 98.58 -27.28 23.02
CA PRO B 62 98.41 -26.16 22.11
C PRO B 62 97.92 -24.90 22.82
N ILE B 63 98.40 -23.75 22.36
CA ILE B 63 97.93 -22.45 22.86
C ILE B 63 96.67 -22.05 22.09
N LYS B 64 95.85 -21.19 22.70
CA LYS B 64 94.53 -20.87 22.14
C LYS B 64 94.63 -20.17 20.77
N GLU B 65 95.73 -19.46 20.56
CA GLU B 65 95.99 -18.77 19.29
C GLU B 65 96.21 -19.76 18.13
N ASN B 66 96.40 -21.03 18.47
CA ASN B 66 96.57 -22.07 17.46
C ASN B 66 95.34 -22.95 17.28
N LEU B 67 94.19 -22.46 17.77
CA LEU B 67 92.94 -23.23 17.75
C LEU B 67 91.80 -22.45 17.09
N PRO B 68 91.77 -22.46 15.73
CA PRO B 68 90.65 -21.83 15.03
C PRO B 68 89.31 -22.34 15.54
N ALA B 69 88.36 -21.42 15.72
CA ALA B 69 87.09 -21.77 16.34
C ALA B 69 85.89 -21.35 15.46
N TYR B 70 84.74 -21.97 15.72
CA TYR B 70 83.50 -21.62 15.00
C TYR B 70 83.08 -20.19 15.30
N SER B 71 82.56 -19.52 14.28
CA SER B 71 81.86 -18.25 14.47
C SER B 71 80.39 -18.56 14.66
N VAL B 72 79.75 -17.81 15.56
CA VAL B 72 78.33 -17.96 15.81
C VAL B 72 77.71 -16.64 16.27
N ALA B 73 76.48 -16.39 15.84
CA ALA B 73 75.72 -15.26 16.33
C ALA B 73 74.25 -15.62 16.45
N ARG B 74 73.61 -15.10 17.50
CA ARG B 74 72.17 -15.16 17.65
C ARG B 74 71.61 -13.80 17.24
N VAL B 75 70.70 -13.80 16.25
CA VAL B 75 70.03 -12.59 15.79
C VAL B 75 68.64 -12.54 16.41
N SER B 76 68.32 -11.42 17.05
CA SER B 76 66.97 -11.14 17.55
C SER B 76 66.04 -10.78 16.40
N LEU B 77 64.90 -11.47 16.34
CA LEU B 77 63.91 -11.28 15.29
C LEU B 77 62.72 -10.47 15.81
N PRO B 78 61.95 -9.82 14.92
CA PRO B 78 60.79 -9.04 15.36
C PRO B 78 59.83 -9.88 16.20
N MET B 79 59.44 -9.35 17.36
CA MET B 79 58.59 -10.06 18.31
C MET B 79 57.23 -10.38 17.68
N LEU B 80 56.69 -11.57 17.98
CA LEU B 80 55.50 -12.08 17.28
C LEU B 80 54.21 -12.16 18.11
N ASN B 81 54.30 -12.77 19.30
CA ASN B 81 53.10 -13.04 20.10
C ASN B 81 53.03 -12.22 21.40
N THR B 88 48.92 -22.26 20.42
CA THR B 88 48.94 -21.91 19.00
C THR B 88 49.56 -20.52 18.77
N LEU B 89 50.81 -20.50 18.29
CA LEU B 89 51.56 -19.27 18.16
C LEU B 89 52.25 -19.16 16.80
N GLN B 90 52.69 -17.95 16.46
CA GLN B 90 53.49 -17.70 15.27
C GLN B 90 55.00 -17.77 15.58
N MET B 91 55.76 -18.45 14.72
CA MET B 91 57.22 -18.51 14.82
C MET B 91 57.83 -18.14 13.48
N TRP B 92 58.95 -17.41 13.51
CA TRP B 92 59.73 -17.14 12.29
C TRP B 92 60.37 -18.43 11.76
N GLU B 93 60.16 -18.68 10.47
CA GLU B 93 60.67 -19.86 9.79
C GLU B 93 61.66 -19.45 8.71
N ALA B 94 62.91 -19.90 8.86
CA ALA B 94 63.98 -19.63 7.90
C ALA B 94 63.77 -20.47 6.65
N ILE B 95 63.64 -19.83 5.50
CA ILE B 95 63.29 -20.56 4.28
C ILE B 95 64.41 -20.64 3.22
N SER B 96 65.23 -19.60 3.14
CA SER B 96 66.35 -19.58 2.22
C SER B 96 67.45 -18.66 2.71
N VAL B 97 68.67 -18.88 2.23
CA VAL B 97 69.81 -18.03 2.60
C VAL B 97 70.75 -17.79 1.41
N LYS B 98 71.19 -16.55 1.27
CA LYS B 98 72.31 -16.23 0.40
C LYS B 98 73.52 -15.99 1.30
N THR B 99 74.58 -16.72 1.03
CA THR B 99 75.78 -16.60 1.84
C THR B 99 77.01 -16.55 0.93
N GLU B 100 78.03 -15.82 1.37
CA GLU B 100 79.22 -15.65 0.57
C GLU B 100 80.41 -15.47 1.50
N VAL B 101 81.49 -16.20 1.21
CA VAL B 101 82.77 -15.91 1.88
C VAL B 101 83.29 -14.60 1.28
N VAL B 102 83.67 -13.66 2.15
CA VAL B 102 84.05 -12.30 1.75
C VAL B 102 85.59 -12.15 1.73
N GLY B 103 86.10 -11.35 0.79
CA GLY B 103 87.53 -11.04 0.75
C GLY B 103 88.39 -12.07 0.03
N ILE B 104 87.75 -12.86 -0.84
CA ILE B 104 88.42 -13.96 -1.53
C ILE B 104 89.57 -13.43 -2.40
N SER B 105 89.32 -12.29 -3.06
CA SER B 105 90.29 -11.66 -3.92
C SER B 105 91.58 -11.27 -3.19
N SER B 106 91.51 -11.12 -1.87
CA SER B 106 92.67 -10.71 -1.08
C SER B 106 93.78 -11.75 -1.19
N LEU B 107 93.39 -12.99 -1.53
CA LEU B 107 94.31 -14.11 -1.55
C LEU B 107 95.17 -14.19 -2.81
N ILE B 108 95.00 -13.25 -3.74
CA ILE B 108 95.91 -13.17 -4.90
C ILE B 108 97.26 -12.58 -4.50
N ASN B 109 97.35 -12.04 -3.29
CA ASN B 109 98.57 -11.39 -2.79
C ASN B 109 99.68 -12.42 -2.54
N VAL B 110 100.74 -12.34 -3.36
CA VAL B 110 101.90 -13.21 -3.28
C VAL B 110 103.17 -12.42 -2.96
N HIS B 111 103.00 -11.26 -2.32
CA HIS B 111 104.10 -10.37 -1.98
C HIS B 111 103.95 -9.86 -0.56
N TYR B 112 103.50 -10.73 0.33
CA TYR B 112 103.58 -10.48 1.77
C TYR B 112 105.05 -10.38 2.12
N TRP B 113 105.43 -9.38 2.93
CA TRP B 113 106.84 -9.03 3.10
C TRP B 113 107.69 -10.18 3.58
N ASP B 114 107.12 -11.03 4.44
CA ASP B 114 107.85 -12.16 5.01
C ASP B 114 107.33 -13.51 4.48
N MET B 115 106.88 -13.49 3.23
CA MET B 115 106.35 -14.69 2.59
C MET B 115 107.49 -15.57 2.10
N LYS B 116 107.40 -16.88 2.36
CA LYS B 116 108.33 -17.84 1.78
C LYS B 116 108.14 -17.91 0.27
N ARG B 117 109.24 -17.86 -0.46
CA ARG B 117 109.19 -17.86 -1.94
C ARG B 117 108.99 -19.28 -2.46
N VAL B 118 108.35 -19.40 -3.62
N VAL B 118 108.34 -19.41 -3.61
CA VAL B 118 108.18 -20.71 -4.24
CA VAL B 118 108.18 -20.71 -4.24
C VAL B 118 109.53 -21.28 -4.72
C VAL B 118 109.54 -21.28 -4.69
N HIS B 119 110.45 -20.38 -5.06
CA HIS B 119 111.86 -20.69 -5.39
C HIS B 119 112.65 -19.36 -5.35
N ASP B 120 113.98 -19.45 -5.48
CA ASP B 120 114.85 -18.26 -5.45
C ASP B 120 114.42 -17.18 -6.45
N TYR B 121 114.30 -15.95 -5.97
CA TYR B 121 113.83 -14.78 -6.77
C TYR B 121 112.35 -14.82 -7.20
N GLY B 122 111.60 -15.81 -6.71
CA GLY B 122 110.19 -15.95 -7.08
C GLY B 122 109.21 -15.15 -6.23
N ALA B 123 107.94 -15.25 -6.57
CA ALA B 123 106.84 -14.72 -5.77
C ALA B 123 106.66 -15.56 -4.51
N GLY B 124 105.85 -15.10 -3.57
CA GLY B 124 105.52 -15.87 -2.37
C GLY B 124 104.64 -17.07 -2.68
N ILE B 125 104.71 -18.09 -1.83
CA ILE B 125 103.73 -19.19 -1.89
C ILE B 125 102.38 -18.62 -1.47
N PRO B 126 101.38 -18.67 -2.37
CA PRO B 126 100.08 -18.10 -2.02
C PRO B 126 99.39 -18.90 -0.93
N VAL B 127 98.45 -18.25 -0.25
CA VAL B 127 97.62 -18.91 0.76
C VAL B 127 97.02 -20.17 0.14
N SER B 128 97.28 -21.31 0.78
N SER B 128 97.35 -21.32 0.75
CA SER B 128 96.92 -22.62 0.23
CA SER B 128 97.04 -22.65 0.18
C SER B 128 97.07 -23.70 1.29
C SER B 128 97.07 -23.70 1.29
N GLY B 129 96.65 -24.91 0.96
CA GLY B 129 96.70 -26.04 1.87
C GLY B 129 95.35 -26.36 2.48
N VAL B 130 95.35 -26.52 3.80
CA VAL B 130 94.16 -26.93 4.53
C VAL B 130 93.03 -25.92 4.40
N ASN B 131 91.91 -26.37 3.87
CA ASN B 131 90.66 -25.62 3.89
C ASN B 131 89.60 -26.31 4.74
N TYR B 132 88.78 -25.52 5.42
CA TYR B 132 87.62 -26.03 6.11
C TYR B 132 86.52 -24.99 5.96
N HIS B 133 85.38 -25.40 5.42
CA HIS B 133 84.28 -24.48 5.15
C HIS B 133 82.96 -25.07 5.56
N MET B 134 82.26 -24.37 6.44
CA MET B 134 80.92 -24.78 6.81
C MET B 134 80.10 -23.56 7.19
N PHE B 135 78.80 -23.63 6.95
CA PHE B 135 77.86 -22.72 7.57
C PHE B 135 76.63 -23.51 8.04
N ALA B 136 75.88 -22.90 8.95
CA ALA B 136 74.66 -23.49 9.50
C ALA B 136 73.64 -22.40 9.81
N ILE B 137 72.36 -22.72 9.57
CA ILE B 137 71.24 -21.84 9.91
C ILE B 137 70.26 -22.68 10.73
N GLY B 138 69.89 -22.17 11.90
CA GLY B 138 69.02 -22.93 12.78
C GLY B 138 68.20 -22.03 13.67
N GLY B 139 67.15 -22.60 14.27
CA GLY B 139 66.28 -21.88 15.21
C GLY B 139 66.68 -22.09 16.66
N GLU B 140 67.91 -22.58 16.87
CA GLU B 140 68.50 -22.84 18.18
C GLU B 140 69.99 -23.15 17.95
N PRO B 141 70.81 -23.18 19.02
CA PRO B 141 72.25 -23.45 18.83
C PRO B 141 72.51 -24.74 18.04
N LEU B 142 73.60 -24.75 17.27
CA LEU B 142 74.03 -25.94 16.54
C LEU B 142 74.49 -27.01 17.53
N ASP B 143 74.02 -28.23 17.33
CA ASP B 143 74.46 -29.37 18.15
C ASP B 143 75.84 -29.86 17.70
N LEU B 144 76.74 -30.04 18.66
CA LEU B 144 78.13 -30.42 18.35
C LEU B 144 78.48 -31.80 18.89
N GLN B 145 79.24 -32.54 18.08
CA GLN B 145 79.83 -33.80 18.52
C GLN B 145 81.34 -33.62 18.66
N GLY B 146 81.90 -34.05 19.80
CA GLY B 146 83.35 -34.00 20.01
C GLY B 146 84.11 -35.23 19.49
N LEU B 147 85.20 -34.97 18.78
CA LEU B 147 86.12 -36.01 18.28
C LEU B 147 87.45 -35.36 17.95
N VAL B 148 88.53 -35.95 18.48
CA VAL B 148 89.86 -35.38 18.32
C VAL B 148 90.84 -36.36 17.66
N LEU B 149 91.84 -35.80 16.98
CA LEU B 149 92.92 -36.59 16.39
C LEU B 149 93.66 -37.38 17.49
N ASP B 150 94.00 -36.68 18.56
CA ASP B 150 94.79 -37.27 19.64
C ASP B 150 94.15 -36.95 21.00
N TYR B 151 93.64 -38.00 21.65
CA TYR B 151 92.95 -37.85 22.95
C TYR B 151 93.88 -37.35 24.07
N GLN B 152 95.18 -37.46 23.85
CA GLN B 152 96.17 -37.06 24.85
C GLN B 152 96.52 -35.57 24.78
N THR B 153 95.96 -34.89 23.79
CA THR B 153 96.13 -33.44 23.67
C THR B 153 95.65 -32.73 24.94
N GLN B 154 96.47 -31.80 25.43
CA GLN B 154 96.10 -31.03 26.61
C GLN B 154 95.72 -29.61 26.19
N TYR B 155 94.42 -29.42 25.93
CA TYR B 155 93.90 -28.10 25.54
C TYR B 155 93.88 -27.19 26.75
N PRO B 156 94.05 -25.86 26.52
CA PRO B 156 94.00 -24.96 27.66
C PRO B 156 92.67 -25.13 28.38
N LYS B 157 92.71 -25.17 29.71
CA LYS B 157 91.52 -25.32 30.53
C LYS B 157 90.60 -24.12 30.38
N THR B 158 89.30 -24.39 30.31
CA THR B 158 88.27 -23.35 30.23
C THR B 158 88.36 -22.39 31.41
N THR B 159 88.55 -22.92 32.62
CA THR B 159 88.65 -22.10 33.83
C THR B 159 89.87 -21.15 33.82
N ASN B 160 90.86 -21.48 33.00
CA ASN B 160 92.03 -20.63 32.80
C ASN B 160 91.87 -19.64 31.64
N GLY B 161 90.66 -19.55 31.09
CA GLY B 161 90.39 -18.67 29.96
C GLY B 161 90.47 -19.35 28.60
N GLY B 162 90.63 -20.67 28.61
CA GLY B 162 90.74 -21.43 27.38
C GLY B 162 89.42 -21.66 26.69
N PRO B 163 89.42 -22.40 25.57
CA PRO B 163 88.19 -22.72 24.86
C PRO B 163 87.44 -23.84 25.55
N ILE B 164 86.23 -24.10 25.09
CA ILE B 164 85.44 -25.22 25.58
C ILE B 164 85.79 -26.45 24.76
N THR B 165 86.32 -27.48 25.42
CA THR B 165 86.69 -28.72 24.75
C THR B 165 86.00 -29.94 25.39
N ILE B 166 86.34 -31.14 24.98
CA ILE B 166 85.68 -32.35 25.47
C ILE B 166 85.86 -32.53 26.98
N GLU B 167 87.03 -32.17 27.49
CA GLU B 167 87.30 -32.24 28.93
C GLU B 167 86.36 -31.30 29.70
N THR B 168 86.05 -30.15 29.11
CA THR B 168 85.12 -29.21 29.70
C THR B 168 83.76 -29.86 29.92
N VAL B 169 83.25 -30.58 28.92
CA VAL B 169 81.89 -31.12 29.01
C VAL B 169 81.82 -32.41 29.82
N LEU B 170 82.87 -33.21 29.78
CA LEU B 170 82.91 -34.46 30.56
C LEU B 170 83.21 -34.23 32.04
N GLY B 171 83.90 -33.14 32.36
CA GLY B 171 84.33 -32.86 33.74
C GLY B 171 85.45 -33.78 34.19
N ARG B 172 86.06 -34.47 33.23
CA ARG B 172 87.18 -35.38 33.45
C ARG B 172 88.02 -35.46 32.17
N LYS B 173 89.17 -36.12 32.25
CA LYS B 173 90.06 -36.24 31.11
C LYS B 173 89.48 -37.07 29.97
N MET B 174 89.88 -36.77 28.74
CA MET B 174 89.57 -37.59 27.57
C MET B 174 90.23 -38.95 27.72
N THR B 175 89.55 -39.98 27.21
CA THR B 175 90.14 -41.31 27.13
C THR B 175 90.28 -41.67 25.63
N PRO B 176 90.88 -42.83 25.32
CA PRO B 176 91.03 -43.18 23.90
C PRO B 176 89.74 -43.10 23.08
N LYS B 177 88.60 -43.40 23.69
CA LYS B 177 87.32 -43.40 22.96
C LYS B 177 86.98 -42.07 22.26
N ASN B 178 87.60 -40.97 22.71
CA ASN B 178 87.36 -39.65 22.13
C ASN B 178 88.08 -39.42 20.81
N GLN B 179 88.85 -40.42 20.38
CA GLN B 179 89.39 -40.45 19.02
C GLN B 179 88.34 -41.04 18.09
N GLY B 180 87.31 -41.65 18.68
CA GLY B 180 86.13 -42.12 17.98
C GLY B 180 84.93 -41.28 18.40
N LEU B 181 83.74 -41.80 18.16
CA LEU B 181 82.52 -41.09 18.54
C LEU B 181 82.06 -41.55 19.92
N ASP B 182 82.25 -40.68 20.91
CA ASP B 182 81.74 -40.87 22.27
C ASP B 182 80.47 -40.04 22.41
N PRO B 183 79.30 -40.69 22.63
CA PRO B 183 78.01 -40.00 22.75
C PRO B 183 77.93 -39.00 23.92
N GLN B 184 78.82 -39.14 24.91
CA GLN B 184 78.85 -38.20 26.02
C GLN B 184 79.60 -36.93 25.64
N ALA B 185 80.39 -36.99 24.58
CA ALA B 185 81.17 -35.82 24.14
C ALA B 185 80.31 -34.90 23.27
N LYS B 186 79.31 -34.27 23.87
CA LYS B 186 78.39 -33.39 23.15
C LYS B 186 78.34 -31.98 23.74
N ALA B 187 78.02 -31.00 22.89
CA ALA B 187 77.93 -29.60 23.28
C ALA B 187 77.02 -28.81 22.32
N LYS B 188 76.76 -27.56 22.68
CA LYS B 188 75.99 -26.68 21.83
C LYS B 188 76.83 -25.48 21.44
N LEU B 189 76.73 -25.08 20.19
CA LEU B 189 77.51 -23.94 19.71
C LEU B 189 76.84 -22.64 20.15
N ASP B 190 77.20 -22.18 21.34
CA ASP B 190 76.53 -21.03 21.96
C ASP B 190 77.49 -19.89 22.28
N LYS B 191 78.72 -19.97 21.78
CA LYS B 191 79.74 -19.00 22.13
C LYS B 191 80.68 -18.77 20.95
N ASP B 192 80.73 -17.53 20.47
CA ASP B 192 81.59 -17.15 19.37
C ASP B 192 83.06 -17.33 19.74
N GLY B 193 83.82 -17.98 18.85
CA GLY B 193 85.27 -18.10 19.02
C GLY B 193 85.75 -18.90 20.22
N ASN B 194 84.95 -19.87 20.67
CA ASN B 194 85.27 -20.65 21.87
C ASN B 194 85.20 -22.16 21.71
N TYR B 195 84.66 -22.62 20.58
CA TYR B 195 84.58 -24.04 20.29
C TYR B 195 85.53 -24.40 19.14
N PRO B 196 86.64 -25.06 19.46
CA PRO B 196 87.64 -25.38 18.43
C PRO B 196 87.12 -26.29 17.33
N ILE B 197 87.44 -25.92 16.09
CA ILE B 197 87.10 -26.70 14.91
C ILE B 197 87.73 -28.12 14.96
N GLU B 198 88.95 -28.22 15.48
CA GLU B 198 89.61 -29.54 15.55
C GLU B 198 89.05 -30.47 16.64
N VAL B 199 88.17 -29.92 17.48
CA VAL B 199 87.56 -30.69 18.57
C VAL B 199 86.10 -31.03 18.26
N TRP B 200 85.39 -30.06 17.66
CA TRP B 200 83.94 -30.14 17.52
C TRP B 200 83.48 -30.13 16.06
N CYS B 201 82.58 -31.04 15.74
CA CYS B 201 81.95 -31.06 14.42
C CYS B 201 80.42 -31.11 14.62
N PRO B 202 79.63 -30.81 13.56
CA PRO B 202 78.18 -30.86 13.69
C PRO B 202 77.68 -32.25 14.07
N ASP B 203 76.76 -32.34 15.02
CA ASP B 203 76.23 -33.63 15.46
C ASP B 203 75.04 -34.07 14.59
N PRO B 204 75.22 -35.13 13.78
CA PRO B 204 74.13 -35.52 12.88
C PRO B 204 73.02 -36.32 13.57
N SER B 205 73.24 -36.71 14.83
CA SER B 205 72.21 -37.40 15.57
C SER B 205 71.17 -36.44 16.11
N LYS B 206 71.46 -35.14 16.03
CA LYS B 206 70.56 -34.10 16.51
C LYS B 206 70.31 -33.08 15.40
N ASN B 207 70.32 -31.79 15.73
CA ASN B 207 70.16 -30.71 14.72
C ASN B 207 68.93 -30.82 13.81
N GLU B 208 67.82 -31.36 14.32
CA GLU B 208 66.55 -31.41 13.58
C GLU B 208 66.07 -30.02 13.16
N ASN B 209 66.38 -29.01 13.98
CA ASN B 209 65.95 -27.64 13.77
C ASN B 209 67.07 -26.72 13.25
N SER B 210 68.05 -27.34 12.59
CA SER B 210 69.14 -26.62 11.92
C SER B 210 69.39 -27.22 10.53
N ARG B 211 70.00 -26.40 9.66
CA ARG B 211 70.54 -26.88 8.38
C ARG B 211 72.01 -26.53 8.35
N TYR B 212 72.88 -27.54 8.19
CA TYR B 212 74.32 -27.27 8.07
C TYR B 212 74.94 -27.93 6.82
N TYR B 213 75.99 -27.29 6.30
CA TYR B 213 76.65 -27.71 5.07
C TYR B 213 78.13 -27.42 5.24
N GLY B 214 78.97 -28.42 5.03
CA GLY B 214 80.40 -28.22 5.15
C GLY B 214 81.32 -29.11 4.34
N SER B 215 82.60 -28.74 4.33
CA SER B 215 83.62 -29.52 3.64
C SER B 215 84.99 -29.29 4.27
N ILE B 216 85.87 -30.26 4.09
CA ILE B 216 87.30 -30.13 4.38
C ILE B 216 88.14 -30.43 3.14
N GLN B 217 89.35 -29.87 3.14
CA GLN B 217 90.37 -30.17 2.15
C GLN B 217 91.69 -30.25 2.92
N THR B 218 92.36 -31.41 2.88
CA THR B 218 93.69 -31.51 3.51
C THR B 218 94.83 -31.38 2.48
N GLY B 219 96.08 -31.61 2.90
CA GLY B 219 97.24 -31.33 2.05
C GLY B 219 97.88 -30.02 2.48
N SER B 220 99.18 -29.87 2.22
CA SER B 220 99.93 -28.72 2.74
C SER B 220 99.89 -27.48 1.85
N GLN B 221 99.90 -27.68 0.53
CA GLN B 221 99.91 -26.60 -0.44
C GLN B 221 98.79 -26.75 -1.47
N THR B 222 97.78 -27.55 -1.13
CA THR B 222 96.62 -27.80 -1.99
C THR B 222 95.97 -26.47 -2.36
N PRO B 223 95.66 -26.29 -3.65
CA PRO B 223 95.07 -25.03 -4.11
C PRO B 223 93.80 -24.69 -3.34
N THR B 224 93.67 -23.44 -2.92
CA THR B 224 92.43 -22.94 -2.40
C THR B 224 91.54 -22.53 -3.59
N VAL B 225 90.42 -23.23 -3.74
CA VAL B 225 89.50 -23.02 -4.86
C VAL B 225 88.12 -22.62 -4.31
N LEU B 226 87.77 -21.35 -4.48
CA LEU B 226 86.53 -20.81 -3.93
C LEU B 226 85.70 -20.04 -4.97
N GLN B 227 84.38 -20.10 -4.86
CA GLN B 227 83.50 -19.36 -5.76
C GLN B 227 82.77 -18.27 -4.99
N PHE B 228 82.31 -17.26 -5.72
CA PHE B 228 81.48 -16.20 -5.15
C PHE B 228 80.52 -15.66 -6.19
N SER B 229 79.25 -15.53 -5.81
CA SER B 229 78.21 -14.98 -6.67
C SER B 229 77.00 -14.57 -5.85
N ASN B 230 76.42 -13.41 -6.19
CA ASN B 230 75.18 -12.99 -5.54
C ASN B 230 73.90 -13.60 -6.14
N THR B 231 74.06 -14.65 -6.96
CA THR B 231 72.93 -15.33 -7.60
C THR B 231 72.64 -16.69 -7.00
N LEU B 232 73.42 -17.10 -6.00
CA LEU B 232 73.27 -18.44 -5.44
C LEU B 232 72.48 -18.45 -4.13
N THR B 233 71.45 -19.31 -4.09
CA THR B 233 70.52 -19.38 -2.96
C THR B 233 70.44 -20.80 -2.42
N THR B 234 70.63 -20.96 -1.12
CA THR B 234 70.36 -22.26 -0.50
C THR B 234 68.96 -22.28 0.09
N VAL B 235 68.15 -23.25 -0.34
CA VAL B 235 66.83 -23.49 0.23
C VAL B 235 66.97 -24.28 1.54
N LEU B 236 66.28 -23.80 2.59
CA LEU B 236 66.45 -24.32 3.94
C LEU B 236 65.34 -25.26 4.40
N LEU B 237 64.35 -25.48 3.53
CA LEU B 237 63.22 -26.38 3.84
C LEU B 237 63.63 -27.83 3.77
N ASP B 238 63.13 -28.62 4.71
CA ASP B 238 63.36 -30.06 4.74
C ASP B 238 62.41 -30.77 3.76
N GLU B 239 62.40 -32.10 3.81
CA GLU B 239 61.62 -32.91 2.87
C GLU B 239 60.10 -32.77 3.08
N ASN B 240 59.71 -32.12 4.16
CA ASN B 240 58.30 -31.82 4.42
C ASN B 240 57.92 -30.37 4.09
N GLY B 241 58.87 -29.61 3.56
CA GLY B 241 58.64 -28.20 3.22
C GLY B 241 58.69 -27.27 4.41
N VAL B 242 59.44 -27.65 5.45
CA VAL B 242 59.53 -26.86 6.68
C VAL B 242 60.95 -26.42 6.97
N GLY B 243 61.15 -25.12 7.16
CA GLY B 243 62.47 -24.59 7.51
C GLY B 243 62.71 -24.57 9.02
N PRO B 244 63.95 -24.23 9.45
CA PRO B 244 64.24 -24.05 10.88
C PRO B 244 63.25 -23.06 11.52
N LEU B 245 62.72 -23.44 12.68
CA LEU B 245 61.75 -22.61 13.40
C LEU B 245 62.43 -21.94 14.59
N CYS B 246 62.30 -20.62 14.64
CA CYS B 246 63.12 -19.81 15.54
C CYS B 246 62.54 -19.68 16.94
N LYS B 247 63.11 -20.46 17.86
CA LYS B 247 62.66 -20.50 19.25
C LYS B 247 63.07 -19.25 19.99
N GLY B 248 62.11 -18.65 20.70
CA GLY B 248 62.35 -17.42 21.44
C GLY B 248 62.70 -16.25 20.54
N ASP B 249 62.27 -16.30 19.29
CA ASP B 249 62.52 -15.24 18.30
C ASP B 249 64.02 -15.01 18.01
N GLY B 250 64.80 -16.08 18.14
CA GLY B 250 66.23 -16.06 17.85
C GLY B 250 66.59 -16.93 16.66
N LEU B 251 67.32 -16.33 15.71
CA LEU B 251 67.92 -17.06 14.58
C LEU B 251 69.41 -17.31 14.86
N PHE B 252 69.82 -18.57 14.79
CA PHE B 252 71.21 -18.94 15.04
C PHE B 252 71.99 -19.18 13.76
N ILE B 253 73.10 -18.46 13.64
CA ILE B 253 73.95 -18.47 12.46
C ILE B 253 75.39 -18.80 12.86
N SER B 254 75.92 -19.84 12.21
CA SER B 254 77.22 -20.40 12.53
C SER B 254 78.04 -20.59 11.27
N CYS B 255 79.37 -20.50 11.39
CA CYS B 255 80.25 -20.84 10.27
C CYS B 255 81.74 -21.05 10.66
N ALA B 256 82.56 -21.29 9.65
CA ALA B 256 84.01 -21.49 9.78
C ALA B 256 84.56 -21.49 8.37
N ASP B 257 85.60 -20.68 8.12
CA ASP B 257 86.18 -20.59 6.78
C ASP B 257 87.69 -20.47 6.81
N ILE B 258 88.36 -21.60 7.06
CA ILE B 258 89.82 -21.69 6.96
C ILE B 258 90.19 -21.78 5.47
N VAL B 259 91.06 -20.87 5.02
CA VAL B 259 91.36 -20.77 3.60
C VAL B 259 92.79 -21.18 3.25
N GLY B 260 93.54 -21.71 4.22
CA GLY B 260 94.92 -22.15 4.00
C GLY B 260 95.99 -21.51 4.85
N PHE B 261 97.25 -21.87 4.59
CA PHE B 261 98.40 -21.39 5.35
C PHE B 261 98.98 -20.10 4.76
N LEU B 262 99.43 -19.20 5.64
CA LEU B 262 100.40 -18.18 5.28
C LEU B 262 101.78 -18.79 5.52
N PHE B 263 102.56 -18.92 4.45
CA PHE B 263 103.91 -19.51 4.51
C PHE B 263 104.93 -18.41 4.74
N LYS B 264 105.61 -18.47 5.87
CA LYS B 264 106.58 -17.46 6.27
C LYS B 264 108.01 -17.86 5.89
N THR B 265 108.85 -16.86 5.63
CA THR B 265 110.24 -17.03 5.17
C THR B 265 111.04 -18.10 5.94
N SER B 266 110.90 -18.10 7.26
CA SER B 266 111.57 -19.05 8.15
C SER B 266 111.15 -20.50 7.92
N GLY B 267 109.98 -20.70 7.36
CA GLY B 267 109.42 -22.04 7.22
C GLY B 267 108.18 -22.20 8.08
N LYS B 268 107.98 -21.26 9.01
CA LYS B 268 106.83 -21.28 9.89
C LYS B 268 105.50 -21.03 9.14
N MET B 269 104.42 -21.63 9.65
CA MET B 269 103.13 -21.61 8.96
C MET B 269 101.98 -21.31 9.93
N ALA B 270 101.11 -20.41 9.51
CA ALA B 270 99.93 -20.05 10.28
C ALA B 270 98.72 -20.21 9.39
N LEU B 271 97.63 -20.73 9.97
CA LEU B 271 96.35 -20.83 9.25
C LEU B 271 95.64 -19.48 9.19
N HIS B 272 94.88 -19.27 8.11
CA HIS B 272 94.21 -18.00 7.82
C HIS B 272 92.72 -18.24 7.58
N GLY B 273 91.89 -17.31 8.01
CA GLY B 273 90.44 -17.38 7.76
C GLY B 273 89.89 -16.15 7.08
N LEU B 274 88.68 -16.27 6.53
CA LEU B 274 87.96 -15.12 5.92
C LEU B 274 86.56 -14.96 6.52
N PRO B 275 86.00 -13.73 6.46
CA PRO B 275 84.65 -13.51 6.98
C PRO B 275 83.58 -14.08 6.06
N ARG B 276 82.40 -14.34 6.62
CA ARG B 276 81.28 -14.81 5.84
C ARG B 276 80.06 -13.91 6.03
N TYR B 277 79.38 -13.64 4.92
CA TYR B 277 78.15 -12.85 4.91
C TYR B 277 76.92 -13.73 4.73
N PHE B 278 75.80 -13.32 5.35
CA PHE B 278 74.52 -14.02 5.23
C PHE B 278 73.37 -13.06 4.98
N ASN B 279 72.45 -13.47 4.11
CA ASN B 279 71.17 -12.82 3.97
C ASN B 279 70.09 -13.90 4.02
N VAL B 280 69.37 -13.97 5.14
CA VAL B 280 68.39 -15.03 5.37
C VAL B 280 66.98 -14.50 5.18
N THR B 281 66.16 -15.26 4.45
CA THR B 281 64.75 -14.94 4.26
C THR B 281 63.92 -15.81 5.20
N LEU B 282 63.05 -15.16 5.95
CA LEU B 282 62.16 -15.86 6.88
C LEU B 282 60.69 -15.52 6.63
N ARG B 283 59.82 -16.47 6.98
CA ARG B 283 58.38 -16.26 6.91
C ARG B 283 57.73 -16.64 8.24
N LYS B 284 56.51 -16.16 8.47
CA LYS B 284 55.77 -16.47 9.69
C LYS B 284 55.04 -17.81 9.53
N ARG B 285 55.12 -18.64 10.55
CA ARG B 285 54.53 -19.97 10.53
C ARG B 285 53.71 -20.21 11.79
N TRP B 286 52.48 -20.68 11.64
CA TRP B 286 51.66 -21.09 12.78
C TRP B 286 52.18 -22.42 13.34
N VAL B 287 52.35 -22.48 14.66
CA VAL B 287 52.71 -23.73 15.34
C VAL B 287 51.78 -23.96 16.53
N LYS B 288 51.62 -25.23 16.91
CA LYS B 288 50.68 -25.62 17.98
C LYS B 288 51.42 -25.88 19.29
N VAL C 9 61.08 3.12 -8.35
CA VAL C 9 61.90 1.91 -8.06
C VAL C 9 61.05 0.63 -8.18
N GLU C 10 59.75 0.79 -8.44
CA GLU C 10 58.83 -0.33 -8.53
C GLU C 10 58.72 -0.87 -9.96
N VAL C 11 58.91 -2.18 -10.10
CA VAL C 11 59.01 -2.83 -11.40
C VAL C 11 57.65 -3.21 -11.94
N LEU C 12 57.31 -2.72 -13.13
CA LEU C 12 56.02 -3.04 -13.72
C LEU C 12 56.19 -4.09 -14.81
N SER C 13 55.42 -3.99 -15.88
CA SER C 13 55.45 -4.98 -16.94
C SER C 13 56.57 -4.75 -17.97
N VAL C 14 57.00 -5.85 -18.58
CA VAL C 14 57.88 -5.85 -19.74
C VAL C 14 57.19 -5.15 -20.91
N VAL C 15 57.91 -4.27 -21.60
CA VAL C 15 57.36 -3.55 -22.75
C VAL C 15 57.18 -4.49 -23.95
N THR C 16 56.09 -4.32 -24.69
CA THR C 16 55.87 -5.07 -25.93
C THR C 16 55.93 -4.17 -27.18
N GLY C 17 55.88 -4.79 -28.35
CA GLY C 17 55.97 -4.08 -29.63
C GLY C 17 57.36 -4.18 -30.22
N GLU C 18 57.50 -3.76 -31.48
CA GLU C 18 58.77 -3.83 -32.22
C GLU C 18 59.92 -3.12 -31.47
N ASP C 19 61.15 -3.63 -31.67
CA ASP C 19 62.37 -3.01 -31.14
C ASP C 19 62.42 -2.83 -29.61
N SER C 20 61.76 -3.72 -28.88
CA SER C 20 61.85 -3.71 -27.42
C SER C 20 63.11 -4.42 -26.93
N ILE C 21 63.77 -5.15 -27.82
CA ILE C 21 65.00 -5.88 -27.51
C ILE C 21 66.22 -5.26 -28.23
N THR C 22 67.30 -5.04 -27.50
CA THR C 22 68.56 -4.57 -28.11
C THR C 22 69.75 -5.39 -27.61
N GLN C 23 70.85 -5.36 -28.37
N GLN C 23 70.86 -5.30 -28.35
CA GLN C 23 72.05 -6.09 -28.00
CA GLN C 23 72.07 -6.07 -28.11
C GLN C 23 73.27 -5.18 -27.91
C GLN C 23 73.25 -5.11 -27.89
N ILE C 24 74.07 -5.39 -26.87
CA ILE C 24 75.28 -4.60 -26.61
C ILE C 24 76.54 -5.49 -26.63
N GLU C 25 77.51 -5.11 -27.45
CA GLU C 25 78.79 -5.82 -27.57
C GLU C 25 79.92 -4.96 -27.05
N LEU C 26 80.84 -5.59 -26.33
N LEU C 26 80.87 -5.59 -26.35
CA LEU C 26 82.09 -4.95 -25.98
CA LEU C 26 81.98 -4.86 -25.69
C LEU C 26 83.14 -5.95 -25.56
C LEU C 26 83.10 -5.80 -25.20
N TYR C 27 84.36 -5.45 -25.45
CA TYR C 27 85.49 -6.19 -24.90
C TYR C 27 86.26 -5.29 -23.90
N LEU C 28 86.83 -5.93 -22.89
CA LEU C 28 87.61 -5.21 -21.89
C LEU C 28 89.00 -5.82 -21.83
N ASN C 29 90.00 -5.00 -22.15
CA ASN C 29 91.40 -5.45 -22.06
C ASN C 29 91.85 -5.48 -20.61
N PRO C 30 92.76 -6.42 -20.26
CA PRO C 30 93.08 -6.59 -18.85
C PRO C 30 93.96 -5.45 -18.29
N ARG C 31 93.83 -5.21 -16.99
CA ARG C 31 94.57 -4.15 -16.33
C ARG C 31 95.40 -4.76 -15.20
N MET C 32 96.53 -5.36 -15.58
CA MET C 32 97.32 -6.17 -14.66
C MET C 32 98.37 -5.39 -13.89
N GLY C 33 98.59 -4.14 -14.27
CA GLY C 33 99.62 -3.32 -13.66
C GLY C 33 100.30 -2.45 -14.70
N VAL C 34 100.73 -3.07 -15.80
CA VAL C 34 101.15 -2.32 -16.98
C VAL C 34 99.89 -2.25 -17.86
N ASN C 35 99.24 -1.11 -17.80
CA ASN C 35 97.84 -1.03 -18.21
C ASN C 35 97.64 -0.44 -19.60
N SER C 36 98.68 0.23 -20.11
CA SER C 36 98.64 0.80 -21.45
C SER C 36 99.58 0.07 -22.40
N PRO C 37 99.15 -0.10 -23.67
CA PRO C 37 100.05 -0.56 -24.75
C PRO C 37 100.72 0.60 -25.50
N ASP C 38 100.40 1.85 -25.13
CA ASP C 38 100.82 3.01 -25.92
C ASP C 38 101.97 3.83 -25.30
N LEU C 39 102.57 3.32 -24.23
CA LEU C 39 103.73 3.96 -23.62
C LEU C 39 104.99 3.24 -24.07
N PRO C 40 105.70 3.79 -25.07
CA PRO C 40 106.73 3.06 -25.82
C PRO C 40 107.80 2.35 -24.98
N THR C 41 108.24 2.98 -23.89
CA THR C 41 109.33 2.41 -23.09
C THR C 41 108.94 1.21 -22.20
N THR C 42 107.71 1.21 -21.66
CA THR C 42 107.28 0.15 -20.72
C THR C 42 106.18 -0.78 -21.22
N SER C 43 105.54 -0.42 -22.34
CA SER C 43 104.39 -1.18 -22.84
C SER C 43 104.68 -2.61 -23.32
N ASN C 44 105.95 -3.01 -23.33
CA ASN C 44 106.28 -4.40 -23.65
C ASN C 44 105.66 -5.36 -22.63
N TRP C 45 105.42 -4.86 -21.43
CA TRP C 45 104.84 -5.67 -20.36
C TRP C 45 103.32 -5.54 -20.19
N TYR C 46 102.68 -4.89 -21.16
CA TYR C 46 101.21 -4.77 -21.21
C TYR C 46 100.49 -6.12 -21.06
N THR C 47 99.58 -6.16 -20.09
CA THR C 47 98.79 -7.35 -19.69
C THR C 47 99.51 -8.24 -18.68
N TYR C 48 100.60 -7.71 -18.11
CA TYR C 48 101.38 -8.36 -17.06
C TYR C 48 101.63 -7.39 -15.91
N THR C 49 101.96 -7.97 -14.76
CA THR C 49 102.52 -7.19 -13.66
C THR C 49 104.02 -7.04 -13.91
N TYR C 50 104.70 -6.33 -13.02
CA TYR C 50 106.14 -6.42 -12.91
C TYR C 50 106.46 -7.66 -12.07
N ASP C 51 107.70 -7.79 -11.60
CA ASP C 51 108.08 -9.00 -10.88
C ASP C 51 107.55 -9.00 -9.45
N LEU C 52 106.88 -10.08 -9.08
CA LEU C 52 106.27 -10.19 -7.75
C LEU C 52 107.22 -10.91 -6.81
N GLN C 53 107.54 -10.23 -5.70
CA GLN C 53 108.53 -10.70 -4.74
C GLN C 53 108.22 -10.23 -3.32
N PRO C 54 108.32 -11.15 -2.33
CA PRO C 54 108.31 -10.75 -0.93
C PRO C 54 109.54 -9.89 -0.62
N LYS C 55 109.34 -8.73 -0.01
CA LYS C 55 110.39 -7.74 0.22
C LYS C 55 111.49 -8.24 1.17
N GLY C 56 111.12 -9.06 2.15
CA GLY C 56 112.08 -9.58 3.13
C GLY C 56 112.16 -8.76 4.39
N SER C 57 111.68 -7.51 4.33
CA SER C 57 111.60 -6.64 5.51
C SER C 57 110.32 -5.80 5.51
N SER C 58 109.91 -5.36 6.69
N SER C 58 109.90 -5.36 6.69
CA SER C 58 108.68 -4.60 6.89
CA SER C 58 108.66 -4.60 6.85
C SER C 58 108.91 -3.10 6.67
C SER C 58 108.92 -3.11 6.65
N PRO C 59 107.92 -2.39 6.09
CA PRO C 59 106.65 -2.88 5.57
C PRO C 59 106.70 -3.13 4.08
N ASP C 60 105.71 -3.86 3.57
CA ASP C 60 105.53 -3.99 2.13
C ASP C 60 105.10 -2.64 1.55
N GLN C 61 105.80 -2.20 0.53
CA GLN C 61 105.42 -1.00 -0.20
C GLN C 61 105.29 -1.33 -1.69
N PRO C 62 104.16 -1.93 -2.07
CA PRO C 62 104.02 -2.43 -3.44
C PRO C 62 103.83 -1.29 -4.45
N ILE C 63 104.39 -1.47 -5.64
CA ILE C 63 104.27 -0.49 -6.73
C ILE C 63 103.00 -0.75 -7.55
N LYS C 64 102.49 0.27 -8.23
CA LYS C 64 101.23 0.11 -8.98
C LYS C 64 101.26 -1.01 -10.02
N GLU C 65 102.44 -1.26 -10.58
CA GLU C 65 102.60 -2.23 -11.66
C GLU C 65 102.43 -3.66 -11.14
N ASN C 66 102.48 -3.82 -9.82
CA ASN C 66 102.29 -5.11 -9.17
C ASN C 66 100.90 -5.32 -8.59
N LEU C 67 99.97 -4.43 -8.95
CA LEU C 67 98.61 -4.46 -8.44
C LEU C 67 97.53 -4.65 -9.53
N PRO C 68 97.33 -5.90 -10.01
CA PRO C 68 96.25 -6.12 -10.98
C PRO C 68 94.93 -5.55 -10.47
N ALA C 69 94.19 -4.90 -11.37
CA ALA C 69 92.97 -4.17 -11.00
C ALA C 69 91.81 -4.61 -11.86
N TYR C 70 90.59 -4.25 -11.44
CA TYR C 70 89.39 -4.59 -12.19
C TYR C 70 89.28 -3.77 -13.47
N SER C 71 88.79 -4.43 -14.50
CA SER C 71 88.36 -3.77 -15.72
C SER C 71 86.89 -3.37 -15.53
N VAL C 72 86.55 -2.18 -16.01
CA VAL C 72 85.16 -1.69 -16.01
C VAL C 72 84.86 -0.75 -17.18
N ALA C 73 83.66 -0.88 -17.73
CA ALA C 73 83.15 0.08 -18.71
C ALA C 73 81.68 0.41 -18.44
N ARG C 74 81.31 1.64 -18.74
CA ARG C 74 79.91 2.07 -18.72
C ARG C 74 79.48 2.30 -20.16
N VAL C 75 78.58 1.44 -20.62
CA VAL C 75 78.04 1.53 -21.97
C VAL C 75 76.78 2.40 -21.98
N SER C 76 76.78 3.42 -22.84
CA SER C 76 75.59 4.25 -23.07
C SER C 76 74.56 3.51 -23.90
N LEU C 77 73.33 3.46 -23.38
CA LEU C 77 72.23 2.76 -24.04
C LEU C 77 71.31 3.77 -24.73
N PRO C 78 70.51 3.30 -25.71
CA PRO C 78 69.59 4.24 -26.38
C PRO C 78 68.63 4.89 -25.38
N MET C 79 68.39 6.19 -25.56
CA MET C 79 67.44 6.93 -24.72
C MET C 79 66.03 6.40 -24.93
N LEU C 80 65.20 6.43 -23.89
CA LEU C 80 63.90 5.75 -23.95
C LEU C 80 62.69 6.64 -23.68
N ASN C 81 62.89 7.74 -22.99
CA ASN C 81 61.78 8.51 -22.46
C ASN C 81 61.58 9.89 -23.09
N CYS C 86 57.66 12.23 -15.71
CA CYS C 86 56.69 11.14 -15.56
C CYS C 86 57.09 10.17 -14.45
N ASP C 87 56.09 9.67 -13.73
CA ASP C 87 56.32 8.65 -12.69
C ASP C 87 56.62 7.28 -13.29
N THR C 88 55.96 6.98 -14.40
CA THR C 88 56.12 5.70 -15.08
C THR C 88 57.06 5.85 -16.28
N LEU C 89 58.19 5.16 -16.22
CA LEU C 89 59.22 5.26 -17.25
C LEU C 89 59.67 3.90 -17.77
N GLN C 90 60.28 3.91 -18.94
CA GLN C 90 60.96 2.72 -19.47
C GLN C 90 62.44 2.76 -19.11
N MET C 91 62.95 1.61 -18.68
CA MET C 91 64.37 1.40 -18.44
C MET C 91 64.82 0.13 -19.16
N TRP C 92 66.09 0.10 -19.55
CA TRP C 92 66.67 -1.11 -20.11
C TRP C 92 66.93 -2.12 -19.01
N GLU C 93 66.58 -3.37 -19.28
CA GLU C 93 66.74 -4.46 -18.34
C GLU C 93 67.63 -5.50 -19.01
N ALA C 94 68.79 -5.75 -18.40
CA ALA C 94 69.71 -6.77 -18.89
C ALA C 94 69.19 -8.14 -18.49
N ILE C 95 68.94 -9.00 -19.46
CA ILE C 95 68.31 -10.29 -19.18
C ILE C 95 69.20 -11.51 -19.36
N SER C 96 70.27 -11.34 -20.13
CA SER C 96 71.24 -12.41 -20.40
C SER C 96 72.54 -11.87 -20.99
N VAL C 97 73.59 -12.67 -20.89
CA VAL C 97 74.89 -12.29 -21.42
C VAL C 97 75.66 -13.53 -21.92
N LYS C 98 76.28 -13.40 -23.09
CA LYS C 98 77.33 -14.32 -23.51
C LYS C 98 78.65 -13.61 -23.26
N THR C 99 79.49 -14.23 -22.44
CA THR C 99 80.80 -13.67 -22.10
C THR C 99 81.87 -14.73 -22.28
N GLU C 100 83.06 -14.32 -22.67
CA GLU C 100 84.13 -15.27 -22.99
C GLU C 100 85.48 -14.64 -22.73
N VAL C 101 86.35 -15.38 -22.08
CA VAL C 101 87.75 -14.99 -21.97
C VAL C 101 88.40 -15.20 -23.34
N VAL C 102 89.00 -14.14 -23.86
CA VAL C 102 89.60 -14.16 -25.19
C VAL C 102 91.10 -14.47 -25.14
N GLY C 103 91.62 -15.16 -26.15
CA GLY C 103 93.05 -15.45 -26.27
C GLY C 103 93.56 -16.58 -25.40
N ILE C 104 92.64 -17.45 -24.95
CA ILE C 104 93.01 -18.60 -24.13
C ILE C 104 94.09 -19.45 -24.82
N SER C 105 93.93 -19.68 -26.12
CA SER C 105 94.89 -20.44 -26.93
C SER C 105 96.35 -19.93 -26.89
N SER C 106 96.53 -18.62 -26.74
CA SER C 106 97.88 -18.05 -26.61
C SER C 106 98.69 -18.72 -25.49
N LEU C 107 98.00 -19.32 -24.53
CA LEU C 107 98.69 -19.90 -23.37
C LEU C 107 99.38 -21.25 -23.62
N ILE C 108 99.27 -21.78 -24.85
CA ILE C 108 99.99 -23.01 -25.20
C ILE C 108 101.47 -22.73 -25.49
N ASN C 109 101.82 -21.45 -25.61
CA ASN C 109 103.19 -21.04 -25.90
C ASN C 109 104.09 -21.36 -24.71
N VAL C 110 104.95 -22.35 -24.90
CA VAL C 110 105.93 -22.75 -23.89
C VAL C 110 107.38 -22.56 -24.38
N HIS C 111 107.59 -21.56 -25.24
CA HIS C 111 108.91 -21.30 -25.81
C HIS C 111 109.23 -19.82 -25.80
N TYR C 112 108.50 -19.05 -24.99
CA TYR C 112 108.87 -17.66 -24.71
C TYR C 112 110.36 -17.64 -24.40
N TRP C 113 111.10 -16.76 -25.09
CA TRP C 113 112.57 -16.71 -25.01
C TRP C 113 113.13 -16.67 -23.60
N ASP C 114 112.43 -15.99 -22.69
CA ASP C 114 112.92 -15.88 -21.32
C ASP C 114 112.11 -16.74 -20.33
N MET C 115 111.47 -17.78 -20.85
CA MET C 115 110.68 -18.68 -20.01
C MET C 115 111.58 -19.67 -19.29
N LYS C 116 111.35 -19.85 -17.99
CA LYS C 116 112.10 -20.81 -17.20
C LYS C 116 111.75 -22.22 -17.68
N ARG C 117 112.77 -23.01 -17.97
CA ARG C 117 112.56 -24.39 -18.44
C ARG C 117 112.11 -25.24 -17.26
N VAL C 118 111.17 -26.15 -17.51
N VAL C 118 111.16 -26.15 -17.50
CA VAL C 118 110.63 -27.04 -16.47
CA VAL C 118 110.66 -26.99 -16.40
C VAL C 118 111.74 -27.89 -15.85
C VAL C 118 111.72 -27.93 -15.84
N HIS C 119 112.67 -28.32 -16.70
CA HIS C 119 113.89 -29.03 -16.27
C HIS C 119 114.97 -28.75 -17.32
N ASP C 120 116.20 -29.19 -17.05
CA ASP C 120 117.31 -28.90 -17.97
C ASP C 120 116.95 -29.30 -19.40
N TYR C 121 117.04 -28.34 -20.31
CA TYR C 121 116.79 -28.53 -21.76
C TYR C 121 115.32 -28.69 -22.14
N GLY C 122 114.42 -28.59 -21.16
CA GLY C 122 112.99 -28.79 -21.40
C GLY C 122 112.24 -27.58 -21.94
N ALA C 123 110.93 -27.76 -22.14
CA ALA C 123 110.05 -26.66 -22.52
C ALA C 123 109.84 -25.74 -21.33
N GLY C 124 109.34 -24.53 -21.60
CA GLY C 124 109.05 -23.59 -20.54
C GLY C 124 107.93 -24.03 -19.63
N ILE C 125 107.96 -23.58 -18.38
CA ILE C 125 106.83 -23.76 -17.48
C ILE C 125 105.70 -22.90 -18.05
N PRO C 126 104.57 -23.53 -18.41
CA PRO C 126 103.47 -22.77 -19.02
C PRO C 126 102.83 -21.82 -18.02
N VAL C 127 102.16 -20.78 -18.52
CA VAL C 127 101.41 -19.87 -17.66
C VAL C 127 100.44 -20.67 -16.79
N SER C 128 100.62 -20.56 -15.49
CA SER C 128 99.90 -21.39 -14.52
C SER C 128 100.03 -20.77 -13.14
N GLY C 129 99.36 -21.37 -12.16
CA GLY C 129 99.35 -20.85 -10.78
C GLY C 129 98.04 -20.16 -10.40
N VAL C 130 98.17 -19.02 -9.77
CA VAL C 130 97.04 -18.24 -9.24
C VAL C 130 96.16 -17.73 -10.37
N ASN C 131 94.91 -18.15 -10.36
CA ASN C 131 93.90 -17.59 -11.26
C ASN C 131 92.87 -16.82 -10.42
N TYR C 132 92.32 -15.77 -11.01
CA TYR C 132 91.19 -15.08 -10.43
C TYR C 132 90.30 -14.66 -11.58
N HIS C 133 89.04 -15.07 -11.54
CA HIS C 133 88.11 -14.82 -12.63
C HIS C 133 86.79 -14.31 -12.11
N MET C 134 86.38 -13.16 -12.60
CA MET C 134 85.06 -12.62 -12.27
C MET C 134 84.54 -11.70 -13.35
N PHE C 135 83.21 -11.66 -13.49
CA PHE C 135 82.54 -10.66 -14.32
C PHE C 135 81.26 -10.26 -13.64
N ALA C 136 80.80 -9.05 -13.96
CA ALA C 136 79.57 -8.52 -13.43
C ALA C 136 78.82 -7.70 -14.47
N ILE C 137 77.49 -7.85 -14.46
CA ILE C 137 76.62 -7.02 -15.28
C ILE C 137 75.67 -6.31 -14.31
N GLY C 138 75.58 -4.99 -14.44
CA GLY C 138 74.81 -4.18 -13.49
C GLY C 138 74.23 -2.93 -14.09
N GLY C 139 73.17 -2.43 -13.48
CA GLY C 139 72.52 -1.20 -13.92
C GLY C 139 73.12 0.03 -13.28
N GLU C 140 74.16 -0.19 -12.46
CA GLU C 140 74.93 0.86 -11.78
C GLU C 140 76.30 0.28 -11.42
N PRO C 141 77.24 1.13 -10.92
CA PRO C 141 78.56 0.61 -10.53
C PRO C 141 78.49 -0.54 -9.53
N LEU C 142 79.41 -1.48 -9.65
CA LEU C 142 79.51 -2.61 -8.73
C LEU C 142 79.94 -2.12 -7.36
N ASP C 143 79.26 -2.61 -6.31
CA ASP C 143 79.65 -2.26 -4.94
C ASP C 143 80.82 -3.12 -4.44
N LEU C 144 81.81 -2.46 -3.86
CA LEU C 144 83.04 -3.10 -3.43
C LEU C 144 83.19 -3.13 -1.91
N GLN C 145 83.75 -4.24 -1.42
CA GLN C 145 84.12 -4.37 -0.01
C GLN C 145 85.64 -4.54 0.07
N GLY C 146 86.29 -3.77 0.92
CA GLY C 146 87.74 -3.84 1.05
C GLY C 146 88.18 -4.81 2.11
N LEU C 147 89.17 -5.64 1.79
CA LEU C 147 89.78 -6.58 2.74
C LEU C 147 91.15 -6.99 2.21
N VAL C 148 92.17 -6.84 3.06
CA VAL C 148 93.54 -7.15 2.67
C VAL C 148 94.20 -8.23 3.53
N LEU C 149 95.18 -8.91 2.94
CA LEU C 149 95.96 -9.93 3.60
C LEU C 149 96.73 -9.36 4.80
N ASP C 150 97.28 -8.16 4.63
CA ASP C 150 98.11 -7.53 5.66
C ASP C 150 97.78 -6.04 5.77
N TYR C 151 97.26 -5.63 6.92
CA TYR C 151 96.78 -4.26 7.10
C TYR C 151 97.93 -3.24 7.11
N GLN C 152 99.15 -3.71 7.39
CA GLN C 152 100.32 -2.85 7.44
C GLN C 152 100.88 -2.52 6.05
N THR C 153 100.36 -3.16 5.01
CA THR C 153 100.79 -2.90 3.64
C THR C 153 100.60 -1.42 3.33
N GLN C 154 101.61 -0.80 2.74
CA GLN C 154 101.55 0.62 2.38
C GLN C 154 101.39 0.77 0.88
N TYR C 155 100.13 0.80 0.44
CA TYR C 155 99.78 0.97 -0.96
C TYR C 155 100.12 2.40 -1.43
N PRO C 156 100.35 2.59 -2.75
CA PRO C 156 100.80 3.91 -3.22
C PRO C 156 99.77 5.03 -2.99
N LYS C 157 100.24 6.16 -2.50
CA LYS C 157 99.44 7.38 -2.49
C LYS C 157 99.75 8.15 -3.77
N THR C 158 98.72 8.41 -4.57
CA THR C 158 98.89 9.08 -5.86
C THR C 158 98.02 10.31 -5.96
N THR C 159 98.12 11.00 -7.10
CA THR C 159 97.35 12.21 -7.35
C THR C 159 96.44 12.09 -8.58
N ASN C 160 96.51 10.95 -9.27
CA ASN C 160 95.83 10.78 -10.56
C ASN C 160 94.62 9.85 -10.53
N GLY C 161 94.09 9.62 -9.33
CA GLY C 161 92.86 8.83 -9.17
C GLY C 161 93.04 7.33 -9.14
N GLY C 162 94.29 6.86 -8.98
CA GLY C 162 94.59 5.42 -8.93
C GLY C 162 96.03 5.10 -8.53
N PRO C 163 96.24 3.96 -7.83
CA PRO C 163 95.23 3.01 -7.33
C PRO C 163 94.49 3.50 -6.08
N ILE C 164 93.18 3.24 -6.05
CA ILE C 164 92.35 3.57 -4.91
C ILE C 164 92.31 2.37 -3.97
N THR C 165 92.77 2.55 -2.74
CA THR C 165 92.75 1.47 -1.75
C THR C 165 91.98 1.88 -0.49
N ILE C 166 92.04 1.05 0.56
CA ILE C 166 91.24 1.27 1.75
C ILE C 166 91.60 2.61 2.42
N GLU C 167 92.90 2.89 2.57
CA GLU C 167 93.36 4.18 3.09
C GLU C 167 92.80 5.38 2.31
N THR C 168 92.73 5.25 0.97
CA THR C 168 92.17 6.31 0.13
C THR C 168 90.72 6.67 0.53
N VAL C 169 89.88 5.65 0.73
N VAL C 169 89.90 5.65 0.71
CA VAL C 169 88.47 5.89 1.03
CA VAL C 169 88.48 5.82 1.04
C VAL C 169 88.21 6.23 2.51
C VAL C 169 88.26 6.26 2.49
N LEU C 170 89.07 5.73 3.39
CA LEU C 170 88.96 6.03 4.83
C LEU C 170 89.53 7.41 5.16
N GLY C 171 90.47 7.89 4.35
CA GLY C 171 91.17 9.15 4.61
C GLY C 171 92.09 9.04 5.83
N ARG C 172 92.46 7.80 6.17
CA ARG C 172 93.29 7.47 7.33
C ARG C 172 93.83 6.04 7.19
N LYS C 173 94.86 5.73 7.98
CA LYS C 173 95.52 4.42 7.92
C LYS C 173 94.62 3.23 8.25
N MET C 174 94.86 2.11 7.57
CA MET C 174 94.20 0.84 7.92
C MET C 174 94.55 0.41 9.34
N THR C 175 93.63 -0.28 9.99
CA THR C 175 93.91 -0.91 11.26
C THR C 175 93.76 -2.42 11.07
N PRO C 176 94.11 -3.23 12.09
CA PRO C 176 93.94 -4.68 12.02
C PRO C 176 92.56 -5.15 11.53
N LYS C 177 91.51 -4.36 11.81
CA LYS C 177 90.16 -4.75 11.41
C LYS C 177 89.98 -4.86 9.89
N ASN C 178 90.89 -4.25 9.13
CA ASN C 178 90.88 -4.38 7.67
C ASN C 178 91.47 -5.69 7.12
N GLN C 179 91.94 -6.57 8.00
CA GLN C 179 92.21 -7.97 7.63
C GLN C 179 90.93 -8.81 7.67
N GLY C 180 89.90 -8.28 8.33
CA GLY C 180 88.53 -8.84 8.31
C GLY C 180 87.55 -7.91 7.58
N LEU C 181 86.26 -8.08 7.85
CA LEU C 181 85.25 -7.22 7.22
C LEU C 181 85.01 -5.96 8.07
N ASP C 182 85.52 -4.83 7.58
CA ASP C 182 85.26 -3.51 8.17
C ASP C 182 84.18 -2.83 7.35
N PRO C 183 83.00 -2.61 7.96
CA PRO C 183 81.85 -2.07 7.20
C PRO C 183 82.12 -0.68 6.61
N GLN C 184 83.08 0.04 7.16
CA GLN C 184 83.46 1.34 6.59
C GLN C 184 84.32 1.23 5.32
N ALA C 185 84.93 0.06 5.09
CA ALA C 185 85.80 -0.12 3.93
C ALA C 185 84.99 -0.53 2.68
N LYS C 186 84.26 0.44 2.14
CA LYS C 186 83.40 0.22 0.97
C LYS C 186 83.74 1.24 -0.11
N ALA C 187 83.45 0.87 -1.35
CA ALA C 187 83.66 1.73 -2.52
C ALA C 187 82.80 1.25 -3.68
N LYS C 188 82.71 2.08 -4.72
CA LYS C 188 82.04 1.71 -5.96
C LYS C 188 83.08 1.52 -7.05
N LEU C 189 82.94 0.45 -7.84
CA LEU C 189 83.86 0.23 -8.96
C LEU C 189 83.50 1.16 -10.13
N ASP C 190 84.02 2.40 -10.05
CA ASP C 190 83.63 3.44 -11.02
C ASP C 190 84.73 3.89 -11.99
N LYS C 191 85.93 3.30 -11.89
CA LYS C 191 87.04 3.68 -12.76
C LYS C 191 87.84 2.48 -13.22
N ASP C 192 88.09 2.43 -14.53
CA ASP C 192 88.83 1.32 -15.14
C ASP C 192 90.28 1.26 -14.69
N GLY C 193 90.70 0.07 -14.28
CA GLY C 193 92.08 -0.22 -13.92
C GLY C 193 92.60 0.55 -12.72
N ASN C 194 91.70 0.97 -11.83
CA ASN C 194 92.10 1.78 -10.67
C ASN C 194 91.87 1.12 -9.31
N TYR C 195 91.09 0.03 -9.28
CA TYR C 195 90.77 -0.65 -8.02
C TYR C 195 91.44 -2.03 -7.99
N PRO C 196 92.49 -2.17 -7.15
CA PRO C 196 93.26 -3.41 -7.05
C PRO C 196 92.44 -4.60 -6.54
N ILE C 197 92.60 -5.71 -7.25
CA ILE C 197 91.91 -6.97 -6.93
C ILE C 197 92.25 -7.50 -5.52
N GLU C 198 93.49 -7.28 -5.07
CA GLU C 198 93.90 -7.82 -3.77
C GLU C 198 93.36 -7.00 -2.59
N VAL C 199 92.81 -5.83 -2.91
CA VAL C 199 92.22 -4.94 -1.90
C VAL C 199 90.69 -5.09 -1.89
N TRP C 200 90.08 -5.23 -3.07
CA TRP C 200 88.62 -5.13 -3.20
C TRP C 200 87.96 -6.37 -3.78
N CYS C 201 86.86 -6.77 -3.15
CA CYS C 201 86.01 -7.83 -3.66
C CYS C 201 84.59 -7.25 -3.79
N PRO C 202 83.68 -7.96 -4.51
CA PRO C 202 82.30 -7.50 -4.55
C PRO C 202 81.68 -7.56 -3.16
N ASP C 203 80.88 -6.54 -2.84
CA ASP C 203 80.17 -6.45 -1.56
C ASP C 203 78.85 -7.19 -1.67
N PRO C 204 78.72 -8.32 -0.96
CA PRO C 204 77.47 -9.08 -1.05
C PRO C 204 76.31 -8.45 -0.26
N SER C 205 76.62 -7.42 0.54
CA SER C 205 75.58 -6.74 1.33
C SER C 205 74.84 -5.68 0.53
N LYS C 206 75.34 -5.35 -0.66
CA LYS C 206 74.63 -4.46 -1.58
C LYS C 206 74.47 -5.18 -2.90
N ASN C 207 74.73 -4.50 -4.01
CA ASN C 207 74.71 -5.12 -5.33
C ASN C 207 73.36 -5.73 -5.74
N GLU C 208 72.29 -5.17 -5.21
CA GLU C 208 70.92 -5.58 -5.54
C GLU C 208 70.61 -5.41 -7.04
N ASN C 209 71.24 -4.41 -7.68
CA ASN C 209 71.03 -4.11 -9.09
C ASN C 209 72.19 -4.57 -10.01
N SER C 210 72.98 -5.53 -9.52
CA SER C 210 74.03 -6.19 -10.31
C SER C 210 73.97 -7.73 -10.13
N ARG C 211 74.48 -8.46 -11.11
CA ARG C 211 74.78 -9.88 -10.94
C ARG C 211 76.30 -10.06 -11.08
N TYR C 212 76.91 -10.76 -10.13
CA TYR C 212 78.33 -11.08 -10.25
C TYR C 212 78.62 -12.56 -10.04
N TYR C 213 79.73 -13.00 -10.62
CA TYR C 213 80.08 -14.41 -10.71
C TYR C 213 81.61 -14.45 -10.73
N GLY C 214 82.21 -15.19 -9.80
CA GLY C 214 83.65 -15.14 -9.63
C GLY C 214 84.24 -16.38 -8.98
N SER C 215 85.54 -16.58 -9.18
CA SER C 215 86.24 -17.67 -8.50
C SER C 215 87.71 -17.32 -8.33
N ILE C 216 88.36 -18.00 -7.39
CA ILE C 216 89.81 -17.94 -7.26
C ILE C 216 90.40 -19.34 -7.25
N GLN C 217 91.68 -19.39 -7.63
CA GLN C 217 92.48 -20.59 -7.55
C GLN C 217 93.89 -20.19 -7.07
N THR C 218 94.33 -20.75 -5.95
CA THR C 218 95.69 -20.47 -5.46
C THR C 218 96.66 -21.61 -5.81
N GLY C 219 97.84 -21.62 -5.20
CA GLY C 219 98.94 -22.49 -5.65
C GLY C 219 99.79 -21.80 -6.70
N SER C 220 101.01 -22.27 -6.89
CA SER C 220 101.99 -21.55 -7.72
C SER C 220 102.12 -22.03 -9.16
N GLN C 221 101.94 -23.34 -9.37
CA GLN C 221 102.00 -23.93 -10.70
C GLN C 221 100.74 -24.74 -11.03
N THR C 222 99.70 -24.51 -10.24
CA THR C 222 98.35 -25.05 -10.49
C THR C 222 97.92 -24.81 -11.93
N PRO C 223 97.44 -25.88 -12.60
CA PRO C 223 96.98 -25.78 -13.97
C PRO C 223 95.94 -24.67 -14.16
N THR C 224 96.13 -23.89 -15.22
CA THR C 224 95.12 -22.96 -15.65
C THR C 224 94.18 -23.77 -16.55
N VAL C 225 92.95 -23.92 -16.09
CA VAL C 225 91.94 -24.72 -16.76
C VAL C 225 90.79 -23.78 -17.11
N LEU C 226 90.61 -23.52 -18.40
CA LEU C 226 89.57 -22.60 -18.86
C LEU C 226 88.78 -23.19 -20.02
N GLN C 227 87.50 -22.82 -20.13
CA GLN C 227 86.69 -23.23 -21.27
C GLN C 227 86.28 -22.02 -22.09
N PHE C 228 85.94 -22.27 -23.36
CA PHE C 228 85.41 -21.26 -24.23
C PHE C 228 84.42 -21.89 -25.21
N SER C 229 83.31 -21.19 -25.45
CA SER C 229 82.23 -21.67 -26.31
C SER C 229 81.27 -20.52 -26.53
N ASN C 230 80.85 -20.34 -27.78
CA ASN C 230 79.85 -19.33 -28.09
C ASN C 230 78.41 -19.84 -27.97
N THR C 231 78.25 -20.97 -27.29
CA THR C 231 76.93 -21.50 -26.98
C THR C 231 76.53 -21.26 -25.52
N LEU C 232 77.43 -20.68 -24.72
CA LEU C 232 77.18 -20.47 -23.30
C LEU C 232 76.53 -19.13 -22.97
N THR C 233 75.31 -19.19 -22.44
CA THR C 233 74.53 -18.02 -22.03
C THR C 233 74.32 -17.99 -20.51
N THR C 234 74.57 -16.85 -19.89
CA THR C 234 74.23 -16.63 -18.48
C THR C 234 72.95 -15.78 -18.37
N VAL C 235 71.92 -16.36 -17.76
CA VAL C 235 70.66 -15.64 -17.51
C VAL C 235 70.85 -14.71 -16.31
N LEU C 236 70.45 -13.45 -16.48
CA LEU C 236 70.68 -12.39 -15.48
C LEU C 236 69.46 -12.04 -14.61
N LEU C 237 68.36 -12.76 -14.81
CA LEU C 237 67.14 -12.53 -14.03
C LEU C 237 67.29 -13.04 -12.60
N ASP C 238 66.87 -12.24 -11.64
CA ASP C 238 66.78 -12.67 -10.25
C ASP C 238 65.59 -13.63 -10.06
N GLU C 239 65.33 -14.02 -8.82
CA GLU C 239 64.29 -15.01 -8.50
C GLU C 239 62.88 -14.53 -8.85
N ASN C 240 62.72 -13.22 -9.04
CA ASN C 240 61.46 -12.62 -9.46
C ASN C 240 61.32 -12.46 -10.99
N GLY C 241 62.35 -12.84 -11.72
CA GLY C 241 62.35 -12.71 -13.18
C GLY C 241 62.74 -11.31 -13.63
N VAL C 242 63.51 -10.60 -12.81
CA VAL C 242 63.90 -9.23 -13.08
C VAL C 242 65.43 -9.12 -13.19
N GLY C 243 65.91 -8.63 -14.34
CA GLY C 243 67.34 -8.39 -14.53
C GLY C 243 67.76 -7.02 -13.99
N PRO C 244 69.07 -6.72 -13.99
CA PRO C 244 69.55 -5.38 -13.64
C PRO C 244 68.90 -4.30 -14.49
N LEU C 245 68.50 -3.22 -13.84
CA LEU C 245 67.86 -2.07 -14.49
C LEU C 245 68.82 -0.91 -14.62
N CYS C 246 69.00 -0.45 -15.85
CA CYS C 246 70.03 0.53 -16.16
C CYS C 246 69.59 1.96 -15.90
N LYS C 247 69.96 2.46 -14.72
CA LYS C 247 69.67 3.85 -14.39
C LYS C 247 70.60 4.79 -15.15
N GLY C 248 70.04 5.93 -15.55
CA GLY C 248 70.74 6.90 -16.40
C GLY C 248 71.01 6.38 -17.81
N ASP C 249 70.35 5.28 -18.19
CA ASP C 249 70.59 4.60 -19.46
C ASP C 249 72.05 4.14 -19.61
N GLY C 250 72.59 3.61 -18.51
CA GLY C 250 73.98 3.18 -18.44
C GLY C 250 74.09 1.74 -17.98
N LEU C 251 74.80 0.93 -18.75
CA LEU C 251 75.06 -0.47 -18.41
C LEU C 251 76.49 -0.61 -17.91
N PHE C 252 76.64 -1.17 -16.72
CA PHE C 252 77.95 -1.31 -16.13
C PHE C 252 78.44 -2.72 -16.23
N ILE C 253 79.62 -2.85 -16.83
CA ILE C 253 80.26 -4.13 -17.08
C ILE C 253 81.63 -4.13 -16.42
N SER C 254 81.88 -5.13 -15.58
CA SER C 254 83.11 -5.27 -14.83
C SER C 254 83.65 -6.68 -14.96
N CYS C 255 84.97 -6.84 -14.87
CA CYS C 255 85.59 -8.16 -14.87
C CYS C 255 87.03 -8.15 -14.35
N ALA C 256 87.57 -9.35 -14.16
CA ALA C 256 89.00 -9.54 -13.87
C ALA C 256 89.33 -10.97 -14.30
N ASP C 257 90.42 -11.15 -15.04
CA ASP C 257 90.80 -12.49 -15.50
C ASP C 257 92.31 -12.73 -15.45
N ILE C 258 92.82 -12.93 -14.23
CA ILE C 258 94.21 -13.30 -14.00
C ILE C 258 94.35 -14.79 -14.32
N VAL C 259 95.25 -15.12 -15.22
CA VAL C 259 95.35 -16.49 -15.76
C VAL C 259 96.62 -17.23 -15.33
N GLY C 260 97.43 -16.59 -14.51
CA GLY C 260 98.61 -17.25 -13.96
C GLY C 260 99.91 -16.48 -14.10
N PHE C 261 101.00 -17.15 -13.72
CA PHE C 261 102.32 -16.52 -13.72
C PHE C 261 103.10 -16.80 -15.00
N LEU C 262 103.87 -15.82 -15.41
CA LEU C 262 104.94 -16.03 -16.38
C LEU C 262 106.20 -16.33 -15.57
N PHE C 263 106.70 -17.56 -15.71
CA PHE C 263 107.91 -17.96 -15.01
C PHE C 263 109.13 -17.57 -15.85
N LYS C 264 109.94 -16.65 -15.34
CA LYS C 264 111.13 -16.16 -16.03
C LYS C 264 112.39 -16.94 -15.63
N THR C 265 113.39 -16.92 -16.51
CA THR C 265 114.63 -17.67 -16.35
C THR C 265 115.30 -17.44 -14.99
N SER C 266 115.36 -16.17 -14.57
CA SER C 266 116.00 -15.78 -13.31
C SER C 266 115.32 -16.35 -12.08
N GLY C 267 114.11 -16.87 -12.26
CA GLY C 267 113.28 -17.35 -11.16
C GLY C 267 112.17 -16.36 -10.85
N LYS C 268 112.31 -15.13 -11.35
CA LYS C 268 111.30 -14.10 -11.18
C LYS C 268 109.96 -14.48 -11.83
N MET C 269 108.89 -13.90 -11.31
CA MET C 269 107.51 -14.29 -11.69
C MET C 269 106.60 -13.06 -11.80
N ALA C 270 105.81 -13.03 -12.86
CA ALA C 270 104.86 -11.96 -13.10
C ALA C 270 103.49 -12.58 -13.34
N LEU C 271 102.45 -11.93 -12.84
CA LEU C 271 101.09 -12.38 -13.13
C LEU C 271 100.65 -11.85 -14.49
N HIS C 272 99.78 -12.62 -15.14
CA HIS C 272 99.31 -12.34 -16.48
C HIS C 272 97.78 -12.39 -16.53
N GLY C 273 97.20 -11.55 -17.38
CA GLY C 273 95.76 -11.51 -17.57
C GLY C 273 95.33 -11.50 -19.02
N LEU C 274 94.09 -11.92 -19.26
CA LEU C 274 93.52 -12.00 -20.61
C LEU C 274 92.27 -11.13 -20.74
N PRO C 275 91.95 -10.64 -21.96
CA PRO C 275 90.76 -9.81 -22.10
C PRO C 275 89.48 -10.62 -22.06
N ARG C 276 88.35 -9.93 -21.89
CA ARG C 276 87.05 -10.57 -21.83
C ARG C 276 86.07 -9.89 -22.77
N TYR C 277 85.26 -10.71 -23.42
CA TYR C 277 84.25 -10.23 -24.34
C TYR C 277 82.85 -10.37 -23.75
N PHE C 278 81.98 -9.40 -24.07
CA PHE C 278 80.60 -9.45 -23.60
C PHE C 278 79.58 -9.18 -24.71
N ASN C 279 78.54 -10.02 -24.76
CA ASN C 279 77.35 -9.71 -25.55
C ASN C 279 76.11 -9.76 -24.65
N VAL C 280 75.61 -8.59 -24.28
CA VAL C 280 74.47 -8.47 -23.37
C VAL C 280 73.17 -8.19 -24.12
N THR C 281 72.15 -9.00 -23.83
CA THR C 281 70.80 -8.77 -24.36
C THR C 281 69.99 -8.01 -23.32
N LEU C 282 69.34 -6.93 -23.77
CA LEU C 282 68.52 -6.10 -22.90
C LEU C 282 67.11 -5.94 -23.46
N ARG C 283 66.13 -5.77 -22.58
CA ARG C 283 64.75 -5.48 -22.98
C ARG C 283 64.22 -4.24 -22.26
N LYS C 284 63.21 -3.60 -22.85
CA LYS C 284 62.56 -2.47 -22.20
C LYS C 284 61.58 -2.94 -21.13
N ARG C 285 61.64 -2.29 -19.97
CA ARG C 285 60.81 -2.59 -18.81
C ARG C 285 60.16 -1.31 -18.28
N TRP C 286 58.86 -1.37 -17.99
CA TRP C 286 58.17 -0.25 -17.33
C TRP C 286 58.52 -0.23 -15.85
N VAL C 287 58.85 0.95 -15.32
CA VAL C 287 59.12 1.11 -13.89
C VAL C 287 58.41 2.34 -13.29
N LYS C 288 58.18 2.32 -11.98
CA LYS C 288 57.65 3.48 -11.27
C LYS C 288 58.68 4.01 -10.27
N VAL D 9 69.55 -12.44 -44.48
CA VAL D 9 69.34 -13.92 -44.56
C VAL D 9 68.25 -14.37 -43.60
N GLU D 10 67.00 -14.37 -44.07
CA GLU D 10 65.85 -14.68 -43.23
C GLU D 10 65.45 -16.17 -43.25
N VAL D 11 65.45 -16.78 -42.06
CA VAL D 11 65.28 -18.22 -41.90
C VAL D 11 63.80 -18.57 -41.90
N LEU D 12 63.38 -19.41 -42.83
CA LEU D 12 61.98 -19.84 -42.86
C LEU D 12 61.85 -21.21 -42.21
N SER D 13 60.91 -22.02 -42.70
CA SER D 13 60.56 -23.29 -42.07
C SER D 13 61.46 -24.44 -42.51
N VAL D 14 61.58 -25.45 -41.64
CA VAL D 14 62.31 -26.68 -41.95
C VAL D 14 61.59 -27.40 -43.08
N VAL D 15 62.34 -27.89 -44.07
CA VAL D 15 61.80 -28.66 -45.19
C VAL D 15 61.37 -30.05 -44.70
N THR D 16 60.14 -30.45 -45.04
CA THR D 16 59.67 -31.80 -44.71
C THR D 16 59.52 -32.62 -45.98
N GLY D 17 60.08 -33.83 -45.95
CA GLY D 17 60.06 -34.72 -47.10
C GLY D 17 60.88 -35.97 -46.83
N GLU D 18 60.81 -36.93 -47.76
CA GLU D 18 61.49 -38.23 -47.62
C GLU D 18 63.01 -38.13 -47.49
N ASP D 19 63.61 -37.17 -48.19
CA ASP D 19 65.06 -37.11 -48.34
C ASP D 19 65.65 -35.82 -47.77
N SER D 20 65.11 -35.37 -46.63
CA SER D 20 65.47 -34.05 -46.09
C SER D 20 66.53 -34.07 -44.99
N ILE D 21 66.98 -35.26 -44.59
CA ILE D 21 68.07 -35.44 -43.62
C ILE D 21 69.27 -36.10 -44.30
N THR D 22 70.47 -35.63 -43.98
CA THR D 22 71.71 -36.28 -44.44
C THR D 22 72.80 -36.30 -43.36
N GLN D 23 73.68 -37.29 -43.43
N GLN D 23 73.68 -37.29 -43.45
CA GLN D 23 74.78 -37.41 -42.48
CA GLN D 23 74.79 -37.46 -42.50
C GLN D 23 76.13 -37.26 -43.18
C GLN D 23 76.11 -37.23 -43.21
N ILE D 24 76.99 -36.46 -42.59
CA ILE D 24 78.35 -36.22 -43.08
C ILE D 24 79.35 -36.80 -42.08
N GLU D 25 80.16 -37.76 -42.55
CA GLU D 25 81.26 -38.35 -41.78
C GLU D 25 82.60 -37.84 -42.27
N LEU D 26 83.52 -37.57 -41.34
CA LEU D 26 84.92 -37.30 -41.65
C LEU D 26 85.82 -37.35 -40.43
N TYR D 27 87.14 -37.40 -40.69
CA TYR D 27 88.14 -37.27 -39.63
C TYR D 27 89.18 -36.23 -40.05
N LEU D 28 89.78 -35.58 -39.07
CA LEU D 28 90.87 -34.66 -39.32
C LEU D 28 92.09 -35.09 -38.52
N ASN D 29 93.19 -35.31 -39.23
CA ASN D 29 94.46 -35.65 -38.61
C ASN D 29 95.11 -34.39 -38.08
N PRO D 30 95.84 -34.50 -36.95
CA PRO D 30 96.37 -33.30 -36.29
C PRO D 30 97.50 -32.62 -37.04
N ARG D 31 97.68 -31.32 -36.82
CA ARG D 31 98.69 -30.53 -37.50
C ARG D 31 99.54 -29.86 -36.44
N MET D 32 100.43 -30.64 -35.85
CA MET D 32 101.22 -30.18 -34.71
C MET D 32 102.50 -29.43 -35.09
N GLY D 33 102.86 -29.45 -36.36
CA GLY D 33 104.11 -28.84 -36.85
C GLY D 33 104.73 -29.69 -37.95
N VAL D 34 104.89 -30.99 -37.68
CA VAL D 34 105.17 -31.97 -38.72
C VAL D 34 103.79 -32.49 -39.17
N ASN D 35 103.32 -31.97 -40.29
CA ASN D 35 101.92 -32.06 -40.70
C ASN D 35 101.64 -33.08 -41.81
N SER D 36 102.69 -33.64 -42.38
CA SER D 36 102.56 -34.66 -43.41
C SER D 36 103.29 -35.94 -43.02
N PRO D 37 102.68 -37.11 -43.31
CA PRO D 37 103.30 -38.41 -43.08
C PRO D 37 104.00 -38.96 -44.33
N ASP D 38 104.04 -38.17 -45.39
CA ASP D 38 104.55 -38.64 -46.69
C ASP D 38 105.90 -38.02 -47.06
N LEU D 39 106.77 -37.82 -46.07
CA LEU D 39 108.14 -37.35 -46.32
C LEU D 39 109.17 -38.24 -45.62
N THR D 42 111.70 -36.64 -42.64
CA THR D 42 111.11 -35.84 -41.57
C THR D 42 109.82 -36.42 -40.96
N SER D 43 109.10 -37.24 -41.73
CA SER D 43 107.77 -37.72 -41.33
C SER D 43 107.70 -38.64 -40.10
N ASN D 44 108.85 -39.06 -39.58
CA ASN D 44 108.90 -39.80 -38.32
C ASN D 44 108.20 -39.07 -37.16
N TRP D 45 108.20 -37.75 -37.21
CA TRP D 45 107.62 -36.90 -36.16
C TRP D 45 106.22 -36.36 -36.49
N TYR D 46 105.57 -36.96 -37.49
CA TYR D 46 104.19 -36.66 -37.82
C TYR D 46 103.31 -36.81 -36.56
N THR D 47 102.45 -35.80 -36.34
CA THR D 47 101.59 -35.65 -35.15
C THR D 47 102.34 -35.12 -33.92
N TYR D 48 103.54 -34.59 -34.14
CA TYR D 48 104.34 -34.00 -33.05
C TYR D 48 104.91 -32.67 -33.52
N THR D 49 105.27 -31.80 -32.57
CA THR D 49 106.17 -30.67 -32.86
C THR D 49 107.62 -31.17 -32.93
N TYR D 50 108.56 -30.26 -33.20
CA TYR D 50 109.96 -30.53 -32.88
C TYR D 50 110.15 -30.17 -31.41
N ASP D 51 111.39 -30.01 -30.97
CA ASP D 51 111.62 -29.76 -29.54
C ASP D 51 111.38 -28.31 -29.14
N LEU D 52 110.55 -28.14 -28.12
CA LEU D 52 110.10 -26.84 -27.67
C LEU D 52 110.98 -26.38 -26.54
N GLN D 53 111.69 -25.29 -26.74
CA GLN D 53 112.74 -24.94 -25.80
C GLN D 53 113.04 -23.45 -25.77
N PRO D 54 112.69 -22.78 -24.65
CA PRO D 54 113.07 -21.38 -24.49
C PRO D 54 114.58 -21.21 -24.70
N LYS D 55 114.94 -20.25 -25.55
CA LYS D 55 116.33 -19.98 -25.91
C LYS D 55 117.17 -19.56 -24.72
N GLY D 56 116.64 -18.62 -23.93
CA GLY D 56 117.37 -18.01 -22.83
C GLY D 56 117.89 -16.64 -23.23
N SER D 57 117.67 -16.28 -24.49
CA SER D 57 118.05 -14.99 -25.03
C SER D 57 117.06 -14.57 -26.14
N SER D 58 116.95 -13.27 -26.37
CA SER D 58 115.98 -12.71 -27.33
C SER D 58 116.60 -12.48 -28.71
N PRO D 59 115.76 -12.46 -29.77
CA PRO D 59 114.32 -12.74 -29.79
C PRO D 59 113.98 -14.23 -29.97
N ASP D 60 112.74 -14.59 -29.67
CA ASP D 60 112.21 -15.90 -30.04
C ASP D 60 111.82 -15.82 -31.52
N GLN D 61 112.33 -16.76 -32.30
CA GLN D 61 112.00 -16.87 -33.72
C GLN D 61 111.59 -18.31 -33.99
N PRO D 62 110.36 -18.68 -33.60
CA PRO D 62 110.01 -20.11 -33.64
C PRO D 62 109.98 -20.66 -35.05
N ILE D 63 110.26 -21.95 -35.17
CA ILE D 63 110.18 -22.64 -36.46
C ILE D 63 108.77 -23.19 -36.65
N LYS D 64 108.36 -23.38 -37.90
CA LYS D 64 106.99 -23.77 -38.20
C LYS D 64 106.64 -25.13 -37.59
N GLU D 65 107.66 -25.97 -37.39
CA GLU D 65 107.45 -27.30 -36.80
C GLU D 65 107.14 -27.20 -35.30
N ASN D 66 107.34 -26.01 -34.72
CA ASN D 66 107.00 -25.79 -33.32
C ASN D 66 105.70 -25.00 -33.12
N LEU D 67 104.87 -24.97 -34.17
CA LEU D 67 103.64 -24.18 -34.11
C LEU D 67 102.43 -25.04 -34.47
N PRO D 68 101.89 -25.78 -33.48
CA PRO D 68 100.65 -26.53 -33.73
C PRO D 68 99.57 -25.61 -34.28
N ALA D 69 98.84 -26.10 -35.27
CA ALA D 69 97.85 -25.32 -35.96
C ALA D 69 96.49 -26.00 -35.96
N TYR D 70 95.45 -25.21 -36.23
CA TYR D 70 94.09 -25.76 -36.36
C TYR D 70 93.94 -26.63 -37.61
N SER D 71 93.21 -27.73 -37.43
CA SER D 71 92.72 -28.55 -38.53
C SER D 71 91.44 -27.93 -39.07
N VAL D 72 91.27 -27.95 -40.40
CA VAL D 72 89.99 -27.51 -41.00
C VAL D 72 89.72 -28.26 -42.29
N ALA D 73 88.44 -28.56 -42.53
CA ALA D 73 88.00 -29.09 -43.82
C ALA D 73 86.69 -28.42 -44.21
N ARG D 74 86.57 -28.09 -45.49
CA ARG D 74 85.31 -27.72 -46.07
C ARG D 74 84.71 -28.97 -46.70
N VAL D 75 83.46 -29.26 -46.36
CA VAL D 75 82.77 -30.40 -46.95
C VAL D 75 81.74 -29.90 -47.93
N SER D 76 81.91 -30.32 -49.19
CA SER D 76 80.94 -29.99 -50.24
C SER D 76 79.71 -30.84 -50.04
N LEU D 77 78.56 -30.19 -49.91
CA LEU D 77 77.31 -30.89 -49.64
C LEU D 77 76.49 -31.07 -50.92
N PRO D 78 75.56 -32.04 -50.93
CA PRO D 78 74.67 -32.23 -52.09
C PRO D 78 73.96 -30.93 -52.45
N MET D 79 74.13 -30.49 -53.70
CA MET D 79 73.47 -29.28 -54.17
C MET D 79 71.94 -29.41 -54.10
N LEU D 80 71.28 -28.34 -53.67
CA LEU D 80 69.87 -28.39 -53.31
C LEU D 80 68.93 -27.74 -54.32
N ASN D 81 69.41 -26.67 -54.96
CA ASN D 81 68.59 -25.84 -55.84
C ASN D 81 68.98 -25.96 -57.31
N CYS D 86 65.27 -17.90 -57.66
CA CYS D 86 64.36 -17.69 -56.53
C CYS D 86 65.04 -16.94 -55.39
N ASP D 87 64.32 -15.99 -54.80
CA ASP D 87 64.77 -15.31 -53.59
C ASP D 87 64.77 -16.27 -52.40
N THR D 88 63.97 -17.32 -52.51
CA THR D 88 63.83 -18.34 -51.47
C THR D 88 64.33 -19.69 -51.94
N LEU D 89 65.39 -20.17 -51.30
CA LEU D 89 66.02 -21.43 -51.64
C LEU D 89 66.28 -22.30 -50.41
N GLN D 90 66.66 -23.55 -50.64
CA GLN D 90 66.99 -24.46 -49.56
C GLN D 90 68.46 -24.35 -49.15
N MET D 91 68.73 -24.51 -47.86
CA MET D 91 70.08 -24.56 -47.32
C MET D 91 70.19 -25.75 -46.37
N TRP D 92 71.36 -26.36 -46.31
CA TRP D 92 71.63 -27.38 -45.31
C TRP D 92 71.87 -26.73 -43.95
N GLU D 93 71.20 -27.26 -42.93
CA GLU D 93 71.33 -26.77 -41.55
C GLU D 93 71.91 -27.88 -40.69
N ALA D 94 73.07 -27.62 -40.09
CA ALA D 94 73.66 -28.60 -39.19
C ALA D 94 72.92 -28.59 -37.85
N ILE D 95 72.31 -29.70 -37.48
CA ILE D 95 71.51 -29.75 -36.26
C ILE D 95 72.20 -30.48 -35.09
N SER D 96 73.10 -31.39 -35.39
CA SER D 96 73.83 -32.12 -34.33
C SER D 96 75.10 -32.75 -34.85
N VAL D 97 75.96 -33.14 -33.91
CA VAL D 97 77.20 -33.80 -34.24
C VAL D 97 77.63 -34.76 -33.13
N LYS D 98 78.09 -35.94 -33.53
CA LYS D 98 78.86 -36.81 -32.66
C LYS D 98 80.32 -36.60 -33.04
N THR D 99 81.15 -36.28 -32.06
CA THR D 99 82.57 -36.10 -32.33
C THR D 99 83.40 -36.80 -31.26
N GLU D 100 84.57 -37.29 -31.67
CA GLU D 100 85.38 -38.12 -30.79
C GLU D 100 86.84 -37.93 -31.09
N VAL D 101 87.65 -37.85 -30.03
CA VAL D 101 89.10 -37.84 -30.21
C VAL D 101 89.55 -39.28 -30.40
N VAL D 102 90.23 -39.55 -31.50
CA VAL D 102 90.64 -40.90 -31.86
C VAL D 102 92.05 -41.23 -31.36
N GLY D 103 92.26 -42.48 -30.96
CA GLY D 103 93.59 -42.97 -30.60
C GLY D 103 94.00 -42.64 -29.17
N ILE D 104 93.03 -42.36 -28.30
CA ILE D 104 93.30 -42.05 -26.88
C ILE D 104 94.06 -43.19 -26.18
N SER D 105 93.69 -44.43 -26.50
CA SER D 105 94.31 -45.61 -25.89
C SER D 105 95.84 -45.69 -26.14
N SER D 106 96.31 -45.18 -27.27
CA SER D 106 97.74 -45.16 -27.58
C SER D 106 98.58 -44.46 -26.50
N LEU D 107 97.96 -43.56 -25.74
CA LEU D 107 98.66 -42.81 -24.69
C LEU D 107 99.05 -43.61 -23.44
N ILE D 108 98.67 -44.89 -23.38
CA ILE D 108 99.11 -45.74 -22.27
C ILE D 108 100.57 -46.19 -22.41
N ASN D 109 101.18 -45.88 -23.55
CA ASN D 109 102.55 -46.29 -23.86
C ASN D 109 103.54 -45.50 -23.02
N VAL D 110 104.18 -46.19 -22.08
CA VAL D 110 105.21 -45.55 -21.24
C VAL D 110 106.59 -46.20 -21.49
N HIS D 111 106.78 -46.70 -22.71
CA HIS D 111 108.01 -47.38 -23.10
C HIS D 111 108.43 -46.98 -24.52
N TYR D 112 108.27 -45.70 -24.85
CA TYR D 112 108.87 -45.13 -26.05
C TYR D 112 110.38 -45.24 -25.85
N TRP D 113 111.09 -45.65 -26.91
CA TRP D 113 112.50 -46.05 -26.74
C TRP D 113 113.34 -44.91 -26.12
N ASP D 114 112.98 -43.67 -26.44
CA ASP D 114 113.73 -42.50 -25.97
C ASP D 114 113.00 -41.66 -24.91
N MET D 115 112.13 -42.30 -24.14
CA MET D 115 111.34 -41.61 -23.11
C MET D 115 112.16 -41.31 -21.86
N LYS D 116 112.04 -40.09 -21.35
CA LYS D 116 112.59 -39.74 -20.03
C LYS D 116 111.86 -40.54 -18.95
N ARG D 117 112.62 -41.11 -18.02
CA ARG D 117 112.07 -41.97 -16.97
C ARG D 117 111.56 -41.13 -15.80
N VAL D 118 110.56 -41.64 -15.11
N VAL D 118 110.55 -41.65 -15.11
CA VAL D 118 110.03 -40.95 -13.93
CA VAL D 118 110.01 -41.00 -13.92
C VAL D 118 111.09 -40.92 -12.83
C VAL D 118 111.09 -40.93 -12.84
N HIS D 119 111.86 -42.01 -12.74
CA HIS D 119 113.03 -42.13 -11.86
C HIS D 119 113.87 -43.29 -12.39
N ASP D 120 115.08 -43.46 -11.83
CA ASP D 120 115.96 -44.55 -12.23
C ASP D 120 115.23 -45.89 -12.25
N TYR D 121 115.34 -46.59 -13.38
CA TYR D 121 114.79 -47.94 -13.58
C TYR D 121 113.28 -47.96 -13.81
N GLY D 122 112.68 -46.78 -13.76
CA GLY D 122 111.22 -46.65 -13.87
C GLY D 122 110.72 -46.61 -15.30
N ALA D 123 109.40 -46.58 -15.46
CA ALA D 123 108.76 -46.37 -16.75
C ALA D 123 108.98 -44.94 -17.23
N GLY D 124 108.69 -44.71 -18.49
CA GLY D 124 108.76 -43.36 -19.05
C GLY D 124 107.65 -42.46 -18.53
N ILE D 125 107.93 -41.16 -18.45
CA ILE D 125 106.89 -40.17 -18.15
C ILE D 125 105.85 -40.23 -19.28
N PRO D 126 104.59 -40.54 -18.93
CA PRO D 126 103.50 -40.63 -19.92
C PRO D 126 103.25 -39.29 -20.59
N VAL D 127 102.72 -39.31 -21.82
CA VAL D 127 102.28 -38.08 -22.50
C VAL D 127 101.31 -37.36 -21.57
N SER D 128 101.63 -36.11 -21.23
CA SER D 128 100.89 -35.35 -20.24
C SER D 128 101.38 -33.91 -20.30
N GLY D 129 100.70 -33.02 -19.57
CA GLY D 129 101.02 -31.59 -19.59
C GLY D 129 99.98 -30.78 -20.34
N VAL D 130 100.43 -29.78 -21.10
CA VAL D 130 99.55 -28.89 -21.83
C VAL D 130 98.58 -29.65 -22.73
N ASN D 131 97.29 -29.44 -22.50
CA ASN D 131 96.22 -29.89 -23.40
C ASN D 131 95.46 -28.69 -23.97
N TYR D 132 95.01 -28.82 -25.22
CA TYR D 132 94.14 -27.83 -25.82
C TYR D 132 93.19 -28.62 -26.70
N HIS D 133 91.89 -28.50 -26.44
CA HIS D 133 90.88 -29.24 -27.20
C HIS D 133 89.74 -28.33 -27.61
N MET D 134 89.48 -28.27 -28.91
CA MET D 134 88.34 -27.52 -29.42
C MET D 134 87.85 -28.14 -30.72
N PHE D 135 86.55 -28.09 -30.95
CA PHE D 135 86.02 -28.35 -32.28
C PHE D 135 84.97 -27.30 -32.63
N ALA D 136 84.69 -27.15 -33.92
CA ALA D 136 83.77 -26.15 -34.40
C ALA D 136 83.06 -26.68 -35.64
N ILE D 137 81.76 -26.36 -35.73
CA ILE D 137 80.94 -26.71 -36.87
C ILE D 137 80.28 -25.43 -37.34
N GLY D 138 80.40 -25.15 -38.63
CA GLY D 138 79.89 -23.89 -39.17
C GLY D 138 79.42 -24.01 -40.60
N GLY D 139 78.61 -23.04 -41.03
CA GLY D 139 78.17 -22.95 -42.42
C GLY D 139 79.06 -22.03 -43.23
N GLU D 140 80.19 -21.66 -42.62
CA GLU D 140 81.21 -20.81 -43.21
C GLU D 140 82.50 -20.92 -42.35
N PRO D 141 83.64 -20.37 -42.83
CA PRO D 141 84.87 -20.49 -42.04
C PRO D 141 84.74 -19.88 -40.65
N LEU D 142 85.47 -20.44 -39.68
CA LEU D 142 85.48 -19.96 -38.30
C LEU D 142 86.18 -18.60 -38.22
N ASP D 143 85.54 -17.64 -37.59
CA ASP D 143 86.15 -16.33 -37.40
C ASP D 143 87.18 -16.41 -36.27
N LEU D 144 88.37 -15.88 -36.55
CA LEU D 144 89.50 -15.96 -35.62
C LEU D 144 89.91 -14.59 -35.11
N GLN D 145 90.35 -14.57 -33.84
CA GLN D 145 90.88 -13.37 -33.21
C GLN D 145 92.35 -13.62 -32.89
N GLY D 146 93.19 -12.63 -33.15
CA GLY D 146 94.61 -12.79 -32.88
C GLY D 146 94.97 -12.25 -31.51
N LEU D 147 95.71 -13.07 -30.76
CA LEU D 147 96.28 -12.68 -29.45
C LEU D 147 97.49 -13.55 -29.13
N VAL D 148 98.61 -12.90 -28.79
CA VAL D 148 99.84 -13.65 -28.51
C VAL D 148 100.38 -13.39 -27.11
N LEU D 149 101.02 -14.40 -26.53
CA LEU D 149 101.72 -14.26 -25.26
C LEU D 149 102.73 -13.11 -25.30
N ASP D 150 103.49 -13.03 -26.39
CA ASP D 150 104.55 -12.02 -26.53
C ASP D 150 104.52 -11.41 -27.94
N TYR D 151 104.25 -10.12 -28.02
CA TYR D 151 104.20 -9.43 -29.32
C TYR D 151 105.57 -9.37 -30.01
N GLN D 152 106.64 -9.59 -29.25
CA GLN D 152 108.01 -9.57 -29.81
C GLN D 152 108.41 -10.88 -30.51
N THR D 153 107.53 -11.89 -30.42
CA THR D 153 107.75 -13.17 -31.09
C THR D 153 107.75 -12.95 -32.60
N GLN D 154 108.81 -13.43 -33.24
CA GLN D 154 108.96 -13.30 -34.69
C GLN D 154 108.60 -14.61 -35.36
N TYR D 155 107.36 -14.71 -35.82
CA TYR D 155 106.87 -15.91 -36.47
C TYR D 155 107.43 -15.98 -37.88
N PRO D 156 107.54 -17.20 -38.45
CA PRO D 156 108.01 -17.31 -39.84
C PRO D 156 107.04 -16.64 -40.82
N LYS D 157 107.59 -16.05 -41.87
CA LYS D 157 106.80 -15.45 -42.94
C LYS D 157 106.17 -16.53 -43.82
N THR D 158 105.08 -16.19 -44.51
CA THR D 158 104.46 -17.09 -45.50
C THR D 158 105.22 -17.05 -46.83
N GLY D 162 104.63 -22.04 -44.58
CA GLY D 162 104.57 -20.71 -43.99
C GLY D 162 103.22 -20.42 -43.37
N PRO D 163 103.19 -20.23 -42.02
CA PRO D 163 101.95 -20.02 -41.28
C PRO D 163 101.40 -18.61 -41.43
N ILE D 164 100.08 -18.47 -41.30
CA ILE D 164 99.43 -17.17 -41.33
C ILE D 164 99.33 -16.63 -39.90
N THR D 165 99.90 -15.45 -39.66
CA THR D 165 99.89 -14.87 -38.31
C THR D 165 99.41 -13.41 -38.33
N ILE D 166 99.46 -12.75 -37.17
CA ILE D 166 98.98 -11.38 -37.04
C ILE D 166 99.69 -10.42 -38.01
N GLU D 167 101.03 -10.51 -38.09
CA GLU D 167 101.79 -9.73 -39.06
C GLU D 167 101.30 -9.95 -40.51
N THR D 168 100.94 -11.19 -40.83
CA THR D 168 100.45 -11.52 -42.18
C THR D 168 99.18 -10.73 -42.52
N VAL D 169 98.26 -10.65 -41.55
CA VAL D 169 96.99 -9.99 -41.81
C VAL D 169 97.09 -8.47 -41.68
N LEU D 170 97.93 -7.98 -40.75
CA LEU D 170 98.10 -6.54 -40.59
C LEU D 170 98.95 -5.91 -41.70
N GLY D 171 99.88 -6.66 -42.27
CA GLY D 171 100.80 -6.13 -43.27
C GLY D 171 101.88 -5.26 -42.63
N ARG D 172 102.11 -5.48 -41.34
CA ARG D 172 103.10 -4.75 -40.55
C ARG D 172 103.33 -5.52 -39.24
N LYS D 173 104.37 -5.13 -38.52
CA LYS D 173 104.76 -5.82 -37.29
C LYS D 173 103.77 -5.58 -36.16
N MET D 174 103.58 -6.60 -35.33
CA MET D 174 102.77 -6.49 -34.12
C MET D 174 103.33 -5.39 -33.23
N THR D 175 102.44 -4.82 -32.42
CA THR D 175 102.83 -3.86 -31.40
C THR D 175 102.32 -4.43 -30.07
N PRO D 176 102.69 -3.81 -28.93
CA PRO D 176 102.22 -4.31 -27.63
C PRO D 176 100.72 -4.67 -27.53
N LYS D 177 99.86 -4.01 -28.30
CA LYS D 177 98.41 -4.25 -28.21
C LYS D 177 97.97 -5.68 -28.61
N ASN D 178 98.82 -6.38 -29.36
CA ASN D 178 98.52 -7.74 -29.76
C ASN D 178 98.76 -8.76 -28.64
N GLN D 179 99.19 -8.24 -27.49
CA GLN D 179 99.17 -9.02 -26.26
C GLN D 179 97.78 -8.96 -25.62
N GLY D 180 96.98 -7.99 -26.05
CA GLY D 180 95.56 -7.91 -25.69
C GLY D 180 94.72 -8.12 -26.93
N LEU D 181 93.44 -7.74 -26.85
CA LEU D 181 92.53 -7.85 -27.96
C LEU D 181 92.64 -6.62 -28.85
N ASP D 182 93.18 -6.83 -30.04
CA ASP D 182 93.26 -5.83 -31.07
C ASP D 182 92.21 -6.21 -32.11
N PRO D 183 91.19 -5.35 -32.32
CA PRO D 183 90.11 -5.65 -33.28
C PRO D 183 90.56 -5.73 -34.73
N GLN D 184 91.75 -5.22 -35.06
CA GLN D 184 92.28 -5.37 -36.41
C GLN D 184 92.90 -6.76 -36.62
N ALA D 185 93.28 -7.42 -35.53
CA ALA D 185 93.91 -8.74 -35.60
C ALA D 185 92.87 -9.84 -35.77
N LYS D 186 92.29 -9.88 -36.97
CA LYS D 186 91.24 -10.84 -37.29
C LYS D 186 91.58 -11.60 -38.57
N ALA D 187 91.09 -12.83 -38.65
CA ALA D 187 91.31 -13.71 -39.80
C ALA D 187 90.19 -14.74 -39.86
N LYS D 188 90.18 -15.51 -40.95
CA LYS D 188 89.25 -16.63 -41.10
C LYS D 188 90.00 -17.95 -41.19
N LEU D 189 89.49 -18.99 -40.54
CA LEU D 189 90.13 -20.29 -40.56
C LEU D 189 89.79 -21.04 -41.84
N ASP D 190 90.50 -20.70 -42.91
CA ASP D 190 90.20 -21.19 -44.27
C ASP D 190 91.22 -22.17 -44.85
N LYS D 191 92.25 -22.48 -44.09
CA LYS D 191 93.34 -23.37 -44.54
C LYS D 191 93.82 -24.33 -43.44
N ASP D 192 93.76 -25.63 -43.74
CA ASP D 192 94.22 -26.65 -42.81
C ASP D 192 95.72 -26.49 -42.53
N GLY D 193 96.09 -26.60 -41.27
CA GLY D 193 97.48 -26.62 -40.86
C GLY D 193 98.27 -25.33 -41.00
N ASN D 194 97.57 -24.20 -41.18
CA ASN D 194 98.26 -22.93 -41.42
C ASN D 194 98.03 -21.84 -40.38
N TYR D 195 97.06 -22.02 -39.49
CA TYR D 195 96.77 -21.01 -38.46
C TYR D 195 97.22 -21.49 -37.08
N PRO D 196 98.33 -20.92 -36.56
CA PRO D 196 98.88 -21.36 -35.28
C PRO D 196 97.90 -21.16 -34.12
N ILE D 197 97.79 -22.19 -33.29
CA ILE D 197 96.93 -22.15 -32.12
C ILE D 197 97.35 -21.04 -31.15
N GLU D 198 98.66 -20.83 -31.00
CA GLU D 198 99.15 -19.87 -30.01
C GLU D 198 98.96 -18.42 -30.45
N VAL D 199 98.56 -18.24 -31.70
CA VAL D 199 98.31 -16.92 -32.27
C VAL D 199 96.80 -16.64 -32.38
N TRP D 200 96.04 -17.68 -32.70
CA TRP D 200 94.62 -17.50 -33.04
C TRP D 200 93.67 -18.27 -32.14
N CYS D 201 92.60 -17.60 -31.75
CA CYS D 201 91.52 -18.21 -30.99
C CYS D 201 90.18 -17.85 -31.66
N PRO D 202 89.11 -18.59 -31.34
CA PRO D 202 87.82 -18.21 -31.92
C PRO D 202 87.40 -16.79 -31.54
N ASP D 203 86.81 -16.07 -32.49
CA ASP D 203 86.36 -14.70 -32.29
C ASP D 203 84.92 -14.71 -31.78
N PRO D 204 84.71 -14.37 -30.49
CA PRO D 204 83.34 -14.45 -29.97
C PRO D 204 82.50 -13.27 -30.42
N SER D 205 83.13 -12.28 -31.04
CA SER D 205 82.42 -11.10 -31.53
C SER D 205 81.78 -11.38 -32.87
N LYS D 206 82.17 -12.49 -33.50
CA LYS D 206 81.58 -12.88 -34.77
C LYS D 206 81.05 -14.32 -34.62
N ASN D 207 81.26 -15.19 -35.61
CA ASN D 207 80.81 -16.60 -35.54
C ASN D 207 79.32 -16.84 -35.25
N GLU D 208 78.45 -15.96 -35.73
CA GLU D 208 77.01 -16.18 -35.60
C GLU D 208 76.56 -17.47 -36.26
N ASN D 209 77.26 -17.84 -37.33
CA ASN D 209 76.91 -19.00 -38.16
C ASN D 209 77.84 -20.21 -37.91
N SER D 210 78.47 -20.23 -36.74
CA SER D 210 79.28 -21.39 -36.28
C SER D 210 79.00 -21.71 -34.80
N ARG D 211 79.21 -22.97 -34.42
CA ARG D 211 79.27 -23.35 -33.01
C ARG D 211 80.65 -23.89 -32.69
N TYR D 212 81.27 -23.41 -31.60
CA TYR D 212 82.56 -23.93 -31.16
C TYR D 212 82.61 -24.22 -29.66
N TYR D 213 83.48 -25.14 -29.28
CA TYR D 213 83.56 -25.67 -27.92
C TYR D 213 85.02 -26.00 -27.65
N GLY D 214 85.59 -25.42 -26.61
CA GLY D 214 87.00 -25.60 -26.36
C GLY D 214 87.41 -25.49 -24.92
N SER D 215 88.64 -25.95 -24.64
CA SER D 215 89.22 -25.90 -23.31
C SER D 215 90.74 -25.84 -23.42
N ILE D 216 91.39 -25.33 -22.38
CA ILE D 216 92.85 -25.44 -22.24
C ILE D 216 93.14 -25.99 -20.86
N GLN D 217 94.28 -26.65 -20.72
CA GLN D 217 94.83 -27.11 -19.46
C GLN D 217 96.33 -26.82 -19.51
N THR D 218 96.86 -26.06 -18.56
CA THR D 218 98.29 -25.78 -18.59
C THR D 218 99.05 -26.62 -17.56
N GLY D 219 100.38 -26.57 -17.60
CA GLY D 219 101.21 -27.41 -16.74
C GLY D 219 102.17 -28.29 -17.52
N SER D 220 103.12 -28.91 -16.82
CA SER D 220 104.14 -29.72 -17.50
C SER D 220 103.82 -31.21 -17.46
N GLN D 221 103.39 -31.71 -16.31
CA GLN D 221 103.09 -33.13 -16.19
C GLN D 221 101.64 -33.36 -15.78
N THR D 222 100.83 -32.32 -15.95
CA THR D 222 99.40 -32.39 -15.64
C THR D 222 98.73 -33.58 -16.33
N PRO D 223 98.04 -34.43 -15.56
CA PRO D 223 97.41 -35.59 -16.19
C PRO D 223 96.58 -35.21 -17.41
N THR D 224 96.76 -35.98 -18.48
CA THR D 224 95.88 -35.95 -19.63
C THR D 224 94.69 -36.84 -19.28
N VAL D 225 93.51 -36.22 -19.26
CA VAL D 225 92.24 -36.88 -18.88
C VAL D 225 91.23 -36.65 -20.00
N LEU D 226 90.91 -37.73 -20.71
CA LEU D 226 90.04 -37.68 -21.88
C LEU D 226 88.99 -38.78 -21.80
N GLN D 227 87.84 -38.53 -22.42
CA GLN D 227 86.75 -39.51 -22.45
C GLN D 227 86.40 -39.82 -23.89
N PHE D 228 85.80 -40.99 -24.10
CA PHE D 228 85.37 -41.39 -25.42
C PHE D 228 84.15 -42.31 -25.29
N SER D 229 83.14 -42.02 -26.09
CA SER D 229 81.92 -42.80 -26.12
C SER D 229 81.19 -42.48 -27.40
N ASN D 230 80.53 -43.48 -27.99
CA ASN D 230 79.72 -43.24 -29.20
C ASN D 230 78.26 -42.94 -28.92
N THR D 231 77.96 -42.57 -27.67
CA THR D 231 76.59 -42.30 -27.23
C THR D 231 76.40 -40.81 -26.92
N LEU D 232 77.43 -40.01 -27.16
CA LEU D 232 77.41 -38.58 -26.84
C LEU D 232 77.19 -37.73 -28.08
N THR D 233 76.13 -36.92 -28.05
CA THR D 233 75.78 -36.02 -29.15
C THR D 233 75.79 -34.58 -28.67
N THR D 234 76.29 -33.68 -29.50
CA THR D 234 76.12 -32.24 -29.28
C THR D 234 75.05 -31.65 -30.20
N VAL D 235 74.06 -30.96 -29.61
CA VAL D 235 73.05 -30.24 -30.38
C VAL D 235 73.60 -28.89 -30.85
N LEU D 236 73.42 -28.60 -32.14
CA LEU D 236 73.99 -27.38 -32.73
C LEU D 236 72.97 -26.23 -32.89
N LEU D 237 71.72 -26.47 -32.49
CA LEU D 237 70.67 -25.46 -32.56
C LEU D 237 70.94 -24.34 -31.57
N ASP D 238 70.73 -23.10 -32.02
CA ASP D 238 70.87 -21.96 -31.14
C ASP D 238 69.61 -21.75 -30.29
N GLU D 239 69.52 -20.59 -29.65
CA GLU D 239 68.42 -20.25 -28.75
C GLU D 239 67.07 -20.23 -29.47
N ASN D 240 67.09 -19.99 -30.77
CA ASN D 240 65.90 -19.96 -31.62
C ASN D 240 65.63 -21.27 -32.37
N GLY D 241 66.37 -22.33 -32.04
CA GLY D 241 66.19 -23.63 -32.70
C GLY D 241 66.80 -23.71 -34.09
N VAL D 242 67.80 -22.88 -34.35
CA VAL D 242 68.45 -22.80 -35.67
C VAL D 242 69.94 -23.20 -35.59
N GLY D 243 70.32 -24.21 -36.39
CA GLY D 243 71.72 -24.62 -36.51
C GLY D 243 72.48 -23.80 -37.54
N PRO D 244 73.81 -24.01 -37.66
CA PRO D 244 74.60 -23.37 -38.70
C PRO D 244 74.03 -23.63 -40.09
N LEU D 245 73.98 -22.60 -40.92
CA LEU D 245 73.44 -22.70 -42.26
C LEU D 245 74.56 -22.63 -43.30
N CYS D 246 74.61 -23.64 -44.16
CA CYS D 246 75.77 -23.87 -45.04
C CYS D 246 75.76 -23.09 -46.36
N LYS D 247 76.41 -21.94 -46.33
CA LYS D 247 76.54 -21.05 -47.48
C LYS D 247 77.28 -21.74 -48.63
N GLY D 248 76.74 -21.57 -49.83
CA GLY D 248 77.24 -22.24 -51.03
C GLY D 248 77.37 -23.75 -50.89
N ASP D 249 76.56 -24.35 -50.02
CA ASP D 249 76.57 -25.79 -49.74
C ASP D 249 77.90 -26.31 -49.17
N GLY D 250 78.53 -25.50 -48.32
CA GLY D 250 79.80 -25.88 -47.73
C GLY D 250 79.68 -25.95 -46.22
N LEU D 251 80.06 -27.09 -45.66
CA LEU D 251 80.09 -27.27 -44.22
C LEU D 251 81.53 -27.19 -43.74
N PHE D 252 81.78 -26.32 -42.77
CA PHE D 252 83.11 -26.12 -42.24
C PHE D 252 83.30 -26.79 -40.89
N ILE D 253 84.35 -27.58 -40.81
CA ILE D 253 84.62 -28.40 -39.66
C ILE D 253 86.05 -28.14 -39.23
N SER D 254 86.22 -27.68 -37.99
CA SER D 254 87.50 -27.24 -37.46
C SER D 254 87.79 -27.86 -36.10
N CYS D 255 89.07 -28.10 -35.80
CA CYS D 255 89.46 -28.63 -34.50
C CYS D 255 90.95 -28.43 -34.14
N ALA D 256 91.27 -28.76 -32.89
CA ALA D 256 92.63 -28.90 -32.39
C ALA D 256 92.57 -29.82 -31.16
N ASP D 257 93.53 -30.74 -31.07
CA ASP D 257 93.58 -31.68 -29.94
C ASP D 257 95.01 -31.99 -29.51
N ILE D 258 95.62 -31.03 -28.82
CA ILE D 258 96.93 -31.20 -28.20
C ILE D 258 96.74 -31.99 -26.89
N VAL D 259 97.39 -33.14 -26.79
CA VAL D 259 97.19 -34.06 -25.66
C VAL D 259 98.35 -34.17 -24.67
N GLY D 260 99.35 -33.30 -24.80
CA GLY D 260 100.51 -33.32 -23.90
C GLY D 260 101.89 -33.49 -24.54
N PHE D 261 102.91 -33.51 -23.68
CA PHE D 261 104.31 -33.58 -24.09
C PHE D 261 104.81 -35.01 -24.18
N LEU D 262 105.60 -35.28 -25.22
CA LEU D 262 106.49 -36.43 -25.24
C LEU D 262 107.79 -36.00 -24.57
N PHE D 263 108.09 -36.65 -23.43
CA PHE D 263 109.29 -36.32 -22.64
C PHE D 263 110.47 -37.19 -23.09
N LYS D 264 111.51 -36.55 -23.63
CA LYS D 264 112.68 -37.28 -24.14
C LYS D 264 113.81 -37.40 -23.12
N THR D 265 114.65 -38.43 -23.28
CA THR D 265 115.76 -38.71 -22.36
C THR D 265 116.63 -37.48 -22.08
N SER D 266 116.94 -36.73 -23.13
CA SER D 266 117.86 -35.59 -23.05
C SER D 266 117.29 -34.44 -22.21
N GLY D 267 115.98 -34.48 -21.95
CA GLY D 267 115.30 -33.37 -21.32
C GLY D 267 114.45 -32.59 -22.31
N LYS D 268 114.72 -32.76 -23.60
CA LYS D 268 113.90 -32.12 -24.63
C LYS D 268 112.44 -32.61 -24.56
N MET D 269 111.53 -31.75 -25.01
CA MET D 269 110.12 -32.03 -24.90
C MET D 269 109.42 -31.59 -26.18
N ALA D 270 108.47 -32.41 -26.63
CA ALA D 270 107.70 -32.09 -27.82
C ALA D 270 106.20 -32.29 -27.56
N LEU D 271 105.37 -31.37 -28.08
CA LEU D 271 103.92 -31.54 -28.00
C LEU D 271 103.40 -32.59 -28.98
N HIS D 272 102.28 -33.21 -28.63
CA HIS D 272 101.69 -34.31 -29.39
C HIS D 272 100.20 -34.04 -29.55
N GLY D 273 99.67 -34.38 -30.72
CA GLY D 273 98.25 -34.25 -31.02
C GLY D 273 97.62 -35.57 -31.45
N LEU D 274 96.29 -35.64 -31.34
CA LEU D 274 95.50 -36.80 -31.78
C LEU D 274 94.43 -36.35 -32.78
N PRO D 275 93.99 -37.26 -33.68
CA PRO D 275 92.96 -36.91 -34.66
C PRO D 275 91.55 -36.85 -34.03
N ARG D 276 90.61 -36.27 -34.78
CA ARG D 276 89.23 -36.16 -34.32
C ARG D 276 88.28 -36.61 -35.42
N TYR D 277 87.31 -37.44 -35.03
CA TYR D 277 86.23 -37.90 -35.89
C TYR D 277 84.97 -37.05 -35.71
N PHE D 278 84.20 -36.87 -36.78
CA PHE D 278 82.90 -36.18 -36.76
C PHE D 278 81.83 -36.95 -37.52
N ASN D 279 80.61 -36.97 -36.98
CA ASN D 279 79.42 -37.35 -37.72
C ASN D 279 78.38 -36.26 -37.53
N VAL D 280 78.12 -35.49 -38.61
CA VAL D 280 77.24 -34.33 -38.54
C VAL D 280 75.91 -34.63 -39.20
N THR D 281 74.82 -34.38 -38.48
CA THR D 281 73.49 -34.54 -39.03
C THR D 281 73.00 -33.18 -39.51
N LEU D 282 72.55 -33.14 -40.76
CA LEU D 282 72.00 -31.93 -41.35
C LEU D 282 70.58 -32.12 -41.89
N ARG D 283 69.80 -31.05 -41.89
CA ARG D 283 68.45 -31.07 -42.45
C ARG D 283 68.30 -29.93 -43.45
N LYS D 284 67.31 -30.03 -44.33
CA LYS D 284 67.03 -28.97 -45.29
C LYS D 284 66.18 -27.87 -44.66
N ARG D 285 66.52 -26.63 -44.98
CA ARG D 285 65.88 -25.44 -44.40
C ARG D 285 65.62 -24.38 -45.49
N TRP D 286 64.39 -23.87 -45.52
CA TRP D 286 64.04 -22.77 -46.42
C TRP D 286 64.60 -21.45 -45.87
N VAL D 287 65.21 -20.65 -46.73
CA VAL D 287 65.71 -19.31 -46.36
C VAL D 287 65.33 -18.27 -47.42
N LYS D 288 65.25 -17.00 -47.01
CA LYS D 288 64.87 -15.92 -47.94
C LYS D 288 66.09 -15.09 -48.33
N VAL E 9 69.09 -54.32 -42.32
CA VAL E 9 68.10 -54.94 -41.39
C VAL E 9 67.22 -53.88 -40.74
N GLU E 10 65.90 -54.00 -40.96
CA GLU E 10 64.90 -53.04 -40.49
C GLU E 10 64.31 -53.44 -39.14
N VAL E 11 64.35 -52.52 -38.17
CA VAL E 11 63.89 -52.78 -36.81
C VAL E 11 62.38 -52.54 -36.68
N LEU E 12 61.67 -53.57 -36.22
CA LEU E 12 60.23 -53.48 -36.04
C LEU E 12 59.89 -53.30 -34.55
N SER E 13 58.78 -53.89 -34.12
CA SER E 13 58.27 -53.69 -32.77
C SER E 13 58.93 -54.60 -31.73
N VAL E 14 58.89 -54.16 -30.47
CA VAL E 14 59.32 -54.96 -29.34
C VAL E 14 58.35 -56.13 -29.15
N VAL E 15 58.89 -57.34 -28.94
CA VAL E 15 58.07 -58.55 -28.79
C VAL E 15 57.36 -58.57 -27.42
N THR E 16 56.08 -58.93 -27.41
CA THR E 16 55.34 -59.06 -26.15
C THR E 16 55.03 -60.52 -25.82
N GLY E 17 55.19 -60.88 -24.56
CA GLY E 17 54.95 -62.24 -24.10
C GLY E 17 55.58 -62.48 -22.74
N GLU E 18 55.31 -63.64 -22.17
CA GLU E 18 55.77 -63.98 -20.81
C GLU E 18 57.30 -63.99 -20.68
N ASP E 19 57.97 -64.60 -21.65
CA ASP E 19 59.41 -64.82 -21.56
C ASP E 19 60.18 -63.96 -22.56
N SER E 20 59.80 -62.69 -22.72
CA SER E 20 60.44 -61.84 -23.71
C SER E 20 61.64 -61.05 -23.16
N ILE E 21 61.82 -61.06 -21.84
CA ILE E 21 62.96 -60.41 -21.19
C ILE E 21 63.88 -61.45 -20.59
N THR E 22 65.20 -61.25 -20.73
CA THR E 22 66.19 -62.13 -20.11
C THR E 22 67.40 -61.36 -19.59
N GLN E 23 68.07 -61.94 -18.60
CA GLN E 23 69.24 -61.32 -18.01
C GLN E 23 70.48 -62.18 -18.15
N ILE E 24 71.61 -61.52 -18.39
CA ILE E 24 72.90 -62.17 -18.61
C ILE E 24 73.93 -61.59 -17.64
N GLU E 25 74.61 -62.49 -16.92
CA GLU E 25 75.67 -62.14 -15.97
C GLU E 25 77.01 -62.68 -16.44
N LEU E 26 78.06 -61.89 -16.26
CA LEU E 26 79.43 -62.42 -16.38
C LEU E 26 80.47 -61.48 -15.80
N TYR E 27 81.68 -62.00 -15.66
CA TYR E 27 82.83 -61.21 -15.27
C TYR E 27 83.98 -61.49 -16.23
N LEU E 28 84.81 -60.48 -16.46
CA LEU E 28 85.98 -60.64 -17.31
C LEU E 28 87.22 -60.28 -16.51
N ASN E 29 88.13 -61.25 -16.38
CA ASN E 29 89.42 -61.02 -15.72
C ASN E 29 90.39 -60.24 -16.61
N PRO E 30 91.23 -59.40 -15.99
CA PRO E 30 92.03 -58.50 -16.81
C PRO E 30 93.15 -59.22 -17.55
N ARG E 31 93.47 -58.72 -18.74
CA ARG E 31 94.51 -59.29 -19.58
C ARG E 31 95.64 -58.26 -19.74
N MET E 32 96.41 -58.10 -18.68
CA MET E 32 97.46 -57.08 -18.58
C MET E 32 98.80 -57.40 -19.25
N GLY E 33 99.05 -58.69 -19.51
CA GLY E 33 100.33 -59.12 -20.10
C GLY E 33 100.67 -60.52 -19.65
N VAL E 34 100.62 -60.74 -18.34
CA VAL E 34 100.58 -62.08 -17.80
C VAL E 34 99.10 -62.41 -17.66
N ASN E 35 98.59 -63.17 -18.62
CA ASN E 35 97.14 -63.31 -18.81
C ASN E 35 96.51 -64.59 -18.27
N SER E 36 97.35 -65.50 -17.80
CA SER E 36 96.86 -66.74 -17.22
C SER E 36 97.29 -66.89 -15.76
N PRO E 37 96.40 -67.41 -14.91
CA PRO E 37 96.68 -67.76 -13.52
C PRO E 37 97.20 -69.20 -13.33
N ASP E 38 97.25 -69.96 -14.42
CA ASP E 38 97.45 -71.42 -14.34
C ASP E 38 98.84 -71.89 -14.76
N LEU E 39 99.72 -70.95 -15.10
CA LEU E 39 101.09 -71.28 -15.49
C LEU E 39 101.95 -71.41 -14.24
N PRO E 40 102.36 -72.64 -13.91
CA PRO E 40 103.16 -72.87 -12.70
C PRO E 40 104.40 -71.96 -12.63
N THR E 41 104.96 -71.64 -13.78
CA THR E 41 106.21 -70.88 -13.88
C THR E 41 106.08 -69.35 -13.68
N THR E 42 105.08 -68.72 -14.28
CA THR E 42 105.03 -67.25 -14.37
C THR E 42 103.77 -66.56 -13.81
N SER E 43 102.80 -67.35 -13.36
CA SER E 43 101.49 -66.82 -12.96
C SER E 43 101.45 -65.91 -11.72
N ASN E 44 102.55 -65.83 -10.96
CA ASN E 44 102.64 -64.92 -9.82
C ASN E 44 102.30 -63.48 -10.22
N TRP E 45 102.60 -63.12 -11.47
CA TRP E 45 102.35 -61.78 -11.98
C TRP E 45 101.04 -61.63 -12.78
N TYR E 46 100.16 -62.61 -12.66
CA TYR E 46 98.81 -62.53 -13.25
C TYR E 46 98.08 -61.25 -12.78
N THR E 47 97.54 -60.51 -13.76
CA THR E 47 96.89 -59.18 -13.60
C THR E 47 97.89 -58.02 -13.57
N TYR E 48 99.14 -58.33 -13.91
CA TYR E 48 100.18 -57.31 -14.02
C TYR E 48 100.90 -57.44 -15.37
N THR E 49 101.59 -56.37 -15.77
CA THR E 49 102.60 -56.44 -16.81
C THR E 49 103.93 -56.90 -16.21
N TYR E 50 104.98 -57.00 -17.04
CA TYR E 50 106.34 -57.05 -16.51
C TYR E 50 106.82 -55.61 -16.34
N ASP E 51 108.09 -55.43 -16.03
CA ASP E 51 108.62 -54.11 -15.80
C ASP E 51 108.63 -53.26 -17.09
N LEU E 52 108.06 -52.07 -17.01
CA LEU E 52 107.97 -51.16 -18.15
C LEU E 52 109.11 -50.17 -18.14
N GLN E 53 109.87 -50.12 -19.24
CA GLN E 53 111.07 -49.29 -19.34
C GLN E 53 111.29 -48.83 -20.77
N PRO E 54 111.74 -47.57 -20.94
CA PRO E 54 112.29 -47.15 -22.22
C PRO E 54 113.63 -47.87 -22.48
N LYS E 55 113.78 -48.44 -23.67
CA LYS E 55 114.98 -49.18 -24.07
C LYS E 55 116.25 -48.31 -24.08
N GLY E 56 116.10 -47.03 -24.42
CA GLY E 56 117.25 -46.12 -24.54
C GLY E 56 117.94 -46.15 -25.90
N SER E 57 117.56 -47.12 -26.74
CA SER E 57 118.05 -47.19 -28.11
C SER E 57 116.93 -47.70 -29.01
N SER E 58 117.02 -47.37 -30.30
N SER E 58 117.03 -47.39 -30.31
CA SER E 58 115.97 -47.73 -31.26
CA SER E 58 116.00 -47.71 -31.29
C SER E 58 116.24 -49.10 -31.90
C SER E 58 116.25 -49.09 -31.93
N PRO E 59 115.18 -49.82 -32.29
CA PRO E 59 113.78 -49.47 -32.03
C PRO E 59 113.24 -50.15 -30.77
N ASP E 60 112.08 -49.70 -30.28
CA ASP E 60 111.36 -50.41 -29.23
C ASP E 60 110.91 -51.76 -29.78
N GLN E 61 111.12 -52.80 -28.98
CA GLN E 61 110.67 -54.14 -29.33
C GLN E 61 109.97 -54.72 -28.09
N PRO E 62 108.75 -54.21 -27.78
CA PRO E 62 108.08 -54.58 -26.53
C PRO E 62 107.75 -56.05 -26.48
N ILE E 63 107.80 -56.63 -25.28
CA ILE E 63 107.42 -58.03 -25.09
C ILE E 63 105.92 -58.11 -24.82
N LYS E 64 105.31 -59.26 -25.07
CA LYS E 64 103.85 -59.38 -24.93
C LYS E 64 103.37 -59.16 -23.49
N GLU E 65 104.20 -59.54 -22.51
CA GLU E 65 103.90 -59.31 -21.09
C GLU E 65 103.80 -57.82 -20.72
N ASN E 66 104.25 -56.95 -21.62
CA ASN E 66 104.16 -55.50 -21.41
C ASN E 66 103.12 -54.81 -22.29
N LEU E 67 102.18 -55.60 -22.80
CA LEU E 67 101.11 -55.06 -23.64
C LEU E 67 99.72 -55.44 -23.11
N PRO E 68 99.20 -54.65 -22.15
CA PRO E 68 97.80 -54.83 -21.72
C PRO E 68 96.86 -54.86 -22.93
N ALA E 69 95.92 -55.80 -22.90
CA ALA E 69 95.01 -56.00 -24.03
C ALA E 69 93.56 -55.96 -23.58
N TYR E 70 92.65 -55.72 -24.52
CA TYR E 70 91.23 -55.78 -24.23
C TYR E 70 90.77 -57.17 -23.78
N SER E 71 89.86 -57.17 -22.82
CA SER E 71 89.11 -58.36 -22.43
C SER E 71 87.86 -58.43 -23.31
N VAL E 72 87.49 -59.64 -23.72
CA VAL E 72 86.33 -59.85 -24.60
C VAL E 72 85.70 -61.19 -24.34
N ALA E 73 84.38 -61.23 -24.38
CA ALA E 73 83.66 -62.51 -24.48
C ALA E 73 82.45 -62.40 -25.38
N ARG E 74 82.16 -63.50 -26.08
CA ARG E 74 80.90 -63.62 -26.80
C ARG E 74 80.01 -64.46 -25.92
N VAL E 75 78.87 -63.89 -25.53
CA VAL E 75 77.89 -64.65 -24.77
C VAL E 75 76.84 -65.23 -25.70
N SER E 76 76.71 -66.56 -25.67
CA SER E 76 75.66 -67.25 -26.43
C SER E 76 74.30 -67.01 -25.80
N LEU E 77 73.35 -66.60 -26.63
CA LEU E 77 72.00 -66.30 -26.16
C LEU E 77 71.03 -67.41 -26.61
N PRO E 78 69.86 -67.52 -25.93
CA PRO E 78 68.83 -68.50 -26.34
C PRO E 78 68.42 -68.34 -27.79
N MET E 79 68.37 -69.46 -28.51
CA MET E 79 68.01 -69.48 -29.92
C MET E 79 66.56 -69.03 -30.11
N LEU E 80 66.36 -68.06 -31.00
CA LEU E 80 65.04 -67.45 -31.19
C LEU E 80 64.33 -67.93 -32.45
N ASN E 81 65.09 -68.23 -33.50
CA ASN E 81 64.53 -68.53 -34.80
C ASN E 81 64.83 -69.96 -35.28
N THR E 88 62.11 -61.86 -41.92
CA THR E 88 61.54 -61.31 -40.69
C THR E 88 61.59 -62.29 -39.52
N LEU E 89 62.39 -61.95 -38.52
CA LEU E 89 62.65 -62.83 -37.39
C LEU E 89 62.91 -62.07 -36.09
N GLN E 90 63.16 -62.79 -35.00
CA GLN E 90 63.39 -62.19 -33.68
C GLN E 90 64.86 -62.11 -33.32
N MET E 91 65.25 -61.00 -32.73
CA MET E 91 66.61 -60.81 -32.25
C MET E 91 66.59 -60.34 -30.81
N TRP E 92 67.62 -60.69 -30.05
CA TRP E 92 67.82 -60.15 -28.73
C TRP E 92 68.36 -58.71 -28.82
N GLU E 93 67.81 -57.84 -27.97
CA GLU E 93 68.17 -56.43 -27.92
C GLU E 93 68.66 -56.10 -26.51
N ALA E 94 69.93 -55.70 -26.39
CA ALA E 94 70.46 -55.28 -25.10
C ALA E 94 69.95 -53.88 -24.77
N ILE E 95 69.26 -53.74 -23.64
CA ILE E 95 68.60 -52.46 -23.30
C ILE E 95 69.24 -51.72 -22.12
N SER E 96 69.89 -52.45 -21.23
CA SER E 96 70.58 -51.85 -20.08
C SER E 96 71.68 -52.72 -19.52
N VAL E 97 72.58 -52.11 -18.74
CA VAL E 97 73.65 -52.86 -18.11
C VAL E 97 74.04 -52.28 -16.77
N LYS E 98 74.22 -53.17 -15.79
CA LYS E 98 74.89 -52.84 -14.56
C LYS E 98 76.31 -53.36 -14.68
N THR E 99 77.28 -52.46 -14.59
CA THR E 99 78.66 -52.91 -14.68
C THR E 99 79.49 -52.35 -13.53
N GLU E 100 80.49 -53.10 -13.08
CA GLU E 100 81.29 -52.72 -11.92
C GLU E 100 82.71 -53.27 -11.99
N VAL E 101 83.67 -52.42 -11.64
CA VAL E 101 85.06 -52.85 -11.51
C VAL E 101 85.20 -53.53 -10.16
N VAL E 102 85.63 -54.78 -10.17
CA VAL E 102 85.72 -55.59 -8.96
C VAL E 102 87.12 -55.52 -8.31
N GLY E 103 87.13 -55.57 -6.98
CA GLY E 103 88.37 -55.63 -6.22
C GLY E 103 89.05 -54.29 -5.99
N ILE E 104 88.29 -53.20 -6.14
CA ILE E 104 88.82 -51.84 -5.95
C ILE E 104 89.47 -51.66 -4.57
N SER E 105 88.81 -52.19 -3.53
CA SER E 105 89.33 -52.16 -2.16
C SER E 105 90.72 -52.78 -1.98
N SER E 106 91.11 -53.71 -2.85
CA SER E 106 92.44 -54.31 -2.76
C SER E 106 93.57 -53.27 -2.87
N LEU E 107 93.27 -52.16 -3.53
CA LEU E 107 94.26 -51.11 -3.78
C LEU E 107 94.63 -50.23 -2.58
N ILE E 108 94.04 -50.52 -1.42
CA ILE E 108 94.46 -49.84 -0.19
C ILE E 108 95.77 -50.41 0.38
N ASN E 109 96.14 -51.62 -0.04
CA ASN E 109 97.39 -52.26 0.39
C ASN E 109 98.61 -51.37 0.05
N VAL E 110 99.25 -50.86 1.07
CA VAL E 110 100.44 -50.04 0.89
C VAL E 110 101.64 -50.68 1.60
N HIS E 111 101.57 -52.00 1.75
CA HIS E 111 102.61 -52.80 2.41
C HIS E 111 102.99 -54.04 1.59
N TYR E 112 102.88 -53.94 0.27
CA TYR E 112 103.41 -54.99 -0.62
C TYR E 112 104.90 -55.11 -0.31
N TRP E 113 105.39 -56.34 -0.16
CA TRP E 113 106.74 -56.54 0.40
C TRP E 113 107.82 -55.83 -0.41
N ASP E 114 107.65 -55.79 -1.73
CA ASP E 114 108.62 -55.14 -2.62
C ASP E 114 108.16 -53.79 -3.11
N MET E 115 107.36 -53.10 -2.30
CA MET E 115 106.85 -51.79 -2.70
C MET E 115 107.86 -50.71 -2.37
N LYS E 116 108.10 -49.82 -3.34
CA LYS E 116 108.91 -48.63 -3.12
C LYS E 116 108.24 -47.77 -2.05
N ARG E 117 108.97 -47.48 -0.97
CA ARG E 117 108.48 -46.59 0.10
C ARG E 117 108.41 -45.15 -0.42
N VAL E 118 107.44 -44.37 0.06
CA VAL E 118 107.25 -42.98 -0.40
C VAL E 118 108.41 -42.08 0.04
N HIS E 119 108.94 -42.38 1.23
CA HIS E 119 110.15 -41.75 1.76
C HIS E 119 110.72 -42.76 2.75
N ASP E 120 111.85 -42.42 3.39
CA ASP E 120 112.55 -43.38 4.25
C ASP E 120 111.65 -43.85 5.39
N TYR E 121 111.48 -45.17 5.48
CA TYR E 121 110.69 -45.84 6.53
C TYR E 121 109.17 -45.65 6.38
N GLY E 122 108.73 -45.11 5.25
CA GLY E 122 107.31 -44.86 5.01
C GLY E 122 106.56 -46.05 4.46
N ALA E 123 105.25 -45.85 4.22
CA ALA E 123 104.42 -46.84 3.54
C ALA E 123 104.78 -46.88 2.06
N GLY E 124 104.33 -47.92 1.37
CA GLY E 124 104.57 -48.05 -0.07
C GLY E 124 103.80 -47.01 -0.85
N ILE E 125 104.29 -46.70 -2.04
CA ILE E 125 103.55 -45.87 -2.99
C ILE E 125 102.37 -46.72 -3.49
N PRO E 126 101.14 -46.25 -3.25
CA PRO E 126 99.94 -47.02 -3.62
C PRO E 126 99.84 -47.21 -5.13
N VAL E 127 99.16 -48.26 -5.55
CA VAL E 127 98.83 -48.42 -6.97
C VAL E 127 98.22 -47.10 -7.48
N SER E 128 98.90 -46.46 -8.43
CA SER E 128 98.52 -45.13 -8.91
C SER E 128 99.15 -44.87 -10.28
N GLY E 129 98.79 -43.74 -10.88
CA GLY E 129 99.33 -43.38 -12.19
C GLY E 129 98.37 -43.54 -13.35
N VAL E 130 98.87 -44.10 -14.44
CA VAL E 130 98.09 -44.32 -15.65
C VAL E 130 96.88 -45.21 -15.39
N ASN E 131 95.69 -44.66 -15.69
CA ASN E 131 94.46 -45.43 -15.72
C ASN E 131 93.87 -45.42 -17.12
N TYR E 132 93.27 -46.54 -17.49
CA TYR E 132 92.51 -46.64 -18.72
C TYR E 132 91.31 -47.52 -18.43
N HIS E 133 90.12 -46.96 -18.67
CA HIS E 133 88.88 -47.66 -18.34
C HIS E 133 87.87 -47.56 -19.47
N MET E 134 87.43 -48.72 -19.94
CA MET E 134 86.36 -48.76 -20.92
C MET E 134 85.57 -50.05 -20.82
N PHE E 135 84.31 -49.97 -21.23
CA PHE E 135 83.51 -51.16 -21.47
C PHE E 135 82.63 -50.94 -22.71
N ALA E 136 82.22 -52.04 -23.33
CA ALA E 136 81.34 -52.00 -24.49
C ALA E 136 80.36 -53.18 -24.47
N ILE E 137 79.15 -52.93 -24.98
CA ILE E 137 78.13 -53.95 -25.14
C ILE E 137 77.67 -53.83 -26.60
N GLY E 138 77.70 -54.95 -27.32
CA GLY E 138 77.39 -54.96 -28.74
C GLY E 138 76.76 -56.26 -29.22
N GLY E 139 76.10 -56.20 -30.36
CA GLY E 139 75.50 -57.39 -30.97
C GLY E 139 76.41 -58.03 -32.00
N GLU E 140 77.68 -57.67 -31.93
CA GLU E 140 78.73 -58.10 -32.85
C GLU E 140 80.04 -57.52 -32.29
N PRO E 141 81.19 -58.06 -32.73
CA PRO E 141 82.45 -57.58 -32.15
C PRO E 141 82.63 -56.08 -32.30
N LEU E 142 83.29 -55.48 -31.30
CA LEU E 142 83.64 -54.07 -31.33
C LEU E 142 84.56 -53.75 -32.52
N ASP E 143 84.27 -52.64 -33.20
CA ASP E 143 85.12 -52.19 -34.29
C ASP E 143 86.32 -51.41 -33.74
N LEU E 144 87.51 -51.85 -34.13
CA LEU E 144 88.75 -51.24 -33.64
C LEU E 144 89.43 -50.38 -34.71
N GLN E 145 89.98 -49.25 -34.27
CA GLN E 145 90.83 -48.40 -35.10
C GLN E 145 92.25 -48.40 -34.53
N GLY E 146 93.24 -48.64 -35.39
CA GLY E 146 94.64 -48.66 -34.96
C GLY E 146 95.27 -47.29 -35.03
N LEU E 147 96.04 -46.97 -33.99
CA LEU E 147 96.86 -45.75 -33.90
C LEU E 147 97.88 -45.97 -32.81
N VAL E 148 99.15 -45.64 -33.09
CA VAL E 148 100.24 -45.85 -32.13
C VAL E 148 101.02 -44.58 -31.84
N LEU E 149 101.62 -44.51 -30.66
CA LEU E 149 102.54 -43.43 -30.32
C LEU E 149 103.74 -43.34 -31.28
N ASP E 150 104.27 -44.49 -31.68
CA ASP E 150 105.49 -44.55 -32.50
C ASP E 150 105.37 -45.68 -33.52
N TYR E 151 105.29 -45.30 -34.80
CA TYR E 151 105.14 -46.30 -35.87
C TYR E 151 106.34 -47.23 -36.03
N GLN E 152 107.50 -46.82 -35.50
CA GLN E 152 108.75 -47.60 -35.62
C GLN E 152 108.85 -48.72 -34.58
N THR E 153 107.83 -48.82 -33.72
CA THR E 153 107.73 -49.88 -32.72
C THR E 153 107.57 -51.25 -33.39
N GLN E 154 108.44 -52.18 -33.00
CA GLN E 154 108.38 -53.54 -33.51
C GLN E 154 107.67 -54.45 -32.50
N TYR E 155 106.37 -54.63 -32.73
CA TYR E 155 105.53 -55.46 -31.88
C TYR E 155 105.78 -56.93 -32.15
N PRO E 156 105.61 -57.78 -31.12
CA PRO E 156 105.79 -59.22 -31.34
C PRO E 156 104.87 -59.72 -32.44
N LYS E 157 105.35 -60.61 -33.29
CA LYS E 157 104.55 -61.24 -34.34
C LYS E 157 103.41 -62.10 -33.76
N THR E 158 102.32 -62.24 -34.53
CA THR E 158 101.23 -63.14 -34.16
C THR E 158 101.63 -64.60 -34.35
N GLY E 162 100.24 -64.71 -29.51
CA GLY E 162 100.75 -63.58 -30.27
C GLY E 162 99.72 -62.47 -30.45
N PRO E 163 100.10 -61.23 -30.10
CA PRO E 163 99.15 -60.10 -30.21
C PRO E 163 98.92 -59.69 -31.66
N ILE E 164 97.67 -59.31 -31.96
CA ILE E 164 97.31 -58.78 -33.28
C ILE E 164 97.56 -57.28 -33.28
N THR E 165 98.43 -56.81 -34.16
CA THR E 165 98.71 -55.37 -34.25
C THR E 165 98.45 -54.87 -35.67
N ILE E 166 98.80 -53.62 -35.94
CA ILE E 166 98.51 -52.99 -37.22
C ILE E 166 99.25 -53.73 -38.35
N GLU E 167 100.49 -54.12 -38.09
CA GLU E 167 101.30 -54.90 -39.02
C GLU E 167 100.61 -56.21 -39.40
N THR E 168 100.01 -56.88 -38.40
CA THR E 168 99.24 -58.11 -38.64
C THR E 168 98.13 -57.89 -39.64
N VAL E 169 97.33 -56.85 -39.45
CA VAL E 169 96.17 -56.65 -40.31
C VAL E 169 96.56 -56.09 -41.67
N LEU E 170 97.62 -55.28 -41.71
CA LEU E 170 98.06 -54.67 -42.97
C LEU E 170 98.89 -55.61 -43.85
N GLY E 171 99.52 -56.62 -43.24
CA GLY E 171 100.43 -57.53 -43.94
C GLY E 171 101.71 -56.86 -44.43
N ARG E 172 102.05 -55.72 -43.83
CA ARG E 172 103.25 -54.92 -44.17
C ARG E 172 103.56 -53.99 -42.99
N LYS E 173 104.77 -53.42 -43.01
CA LYS E 173 105.24 -52.54 -41.94
CA LYS E 173 105.24 -52.54 -41.94
C LYS E 173 104.40 -51.26 -41.84
N MET E 174 104.20 -50.79 -40.62
CA MET E 174 103.58 -49.48 -40.38
C MET E 174 104.41 -48.37 -41.07
N THR E 175 103.74 -47.26 -41.36
CA THR E 175 104.40 -46.08 -41.90
C THR E 175 104.05 -44.91 -40.98
N PRO E 176 104.69 -43.73 -41.16
CA PRO E 176 104.37 -42.57 -40.32
C PRO E 176 102.86 -42.28 -40.14
N LYS E 177 102.05 -42.53 -41.17
CA LYS E 177 100.60 -42.28 -41.06
C LYS E 177 99.88 -43.03 -39.93
N ASN E 178 100.48 -44.12 -39.44
CA ASN E 178 99.89 -44.86 -38.32
C ASN E 178 100.11 -44.21 -36.94
N GLN E 179 100.72 -43.02 -36.94
CA GLN E 179 100.78 -42.19 -35.73
C GLN E 179 99.56 -41.26 -35.70
N GLY E 180 98.87 -41.19 -36.84
CA GLY E 180 97.54 -40.55 -36.96
C GLY E 180 96.52 -41.60 -37.35
N LEU E 181 95.37 -41.16 -37.88
CA LEU E 181 94.30 -42.08 -38.27
C LEU E 181 94.50 -42.53 -39.72
N ASP E 182 94.78 -43.82 -39.88
CA ASP E 182 94.91 -44.48 -41.18
C ASP E 182 93.69 -45.39 -41.33
N PRO E 183 92.83 -45.10 -42.32
CA PRO E 183 91.58 -45.86 -42.47
C PRO E 183 91.78 -47.35 -42.76
N GLN E 184 92.98 -47.74 -43.21
N GLN E 184 92.98 -47.73 -43.20
CA GLN E 184 93.28 -49.15 -43.42
CA GLN E 184 93.30 -49.14 -43.44
C GLN E 184 93.54 -49.90 -42.11
C GLN E 184 93.64 -49.90 -42.15
N ALA E 185 93.92 -49.17 -41.07
CA ALA E 185 94.25 -49.79 -39.78
C ALA E 185 92.98 -50.10 -38.97
N LYS E 186 92.27 -51.15 -39.37
CA LYS E 186 91.05 -51.55 -38.68
C LYS E 186 91.06 -53.04 -38.35
N ALA E 187 90.38 -53.39 -37.27
CA ALA E 187 90.24 -54.78 -36.83
C ALA E 187 88.95 -54.94 -36.06
N LYS E 188 88.57 -56.19 -35.82
CA LYS E 188 87.43 -56.52 -34.96
C LYS E 188 87.96 -57.09 -33.65
N LEU E 189 87.33 -56.69 -32.55
CA LEU E 189 87.70 -57.22 -31.25
C LEU E 189 87.08 -58.61 -31.06
N ASP E 190 87.72 -59.64 -31.62
CA ASP E 190 87.14 -60.98 -31.64
C ASP E 190 87.89 -62.03 -30.82
N LYS E 191 88.87 -61.60 -30.04
CA LYS E 191 89.72 -62.51 -29.27
C LYS E 191 90.15 -61.90 -27.95
N ASP E 192 89.89 -62.62 -26.85
CA ASP E 192 90.25 -62.17 -25.52
C ASP E 192 91.76 -62.12 -25.35
N GLY E 193 92.26 -61.01 -24.82
CA GLY E 193 93.67 -60.89 -24.47
C GLY E 193 94.66 -60.79 -25.63
N ASN E 194 94.17 -60.47 -26.81
CA ASN E 194 95.00 -60.45 -28.02
C ASN E 194 95.22 -59.08 -28.70
N TYR E 195 94.40 -58.08 -28.37
CA TYR E 195 94.53 -56.78 -29.01
C TYR E 195 95.07 -55.74 -28.01
N PRO E 196 96.34 -55.34 -28.17
CA PRO E 196 96.95 -54.39 -27.24
C PRO E 196 96.18 -53.08 -27.17
N ILE E 197 95.99 -52.60 -25.95
CA ILE E 197 95.30 -51.34 -25.70
C ILE E 197 96.06 -50.19 -26.34
N GLU E 198 97.40 -50.27 -26.33
CA GLU E 198 98.21 -49.17 -26.83
C GLU E 198 98.22 -49.03 -28.35
N VAL E 199 97.66 -50.01 -29.03
CA VAL E 199 97.58 -50.03 -30.50
C VAL E 199 96.16 -49.75 -31.01
N TRP E 200 95.16 -50.30 -30.30
CA TRP E 200 93.77 -50.30 -30.78
C TRP E 200 92.85 -49.47 -29.88
N CYS E 201 91.96 -48.71 -30.51
CA CYS E 201 90.91 -47.96 -29.82
C CYS E 201 89.58 -48.21 -30.52
N PRO E 202 88.44 -47.98 -29.84
CA PRO E 202 87.18 -48.16 -30.55
C PRO E 202 87.10 -47.24 -31.78
N ASP E 203 86.57 -47.78 -32.87
CA ASP E 203 86.39 -47.03 -34.11
C ASP E 203 85.05 -46.26 -34.12
N PRO E 204 85.10 -44.92 -34.01
CA PRO E 204 83.86 -44.12 -34.00
C PRO E 204 83.13 -44.05 -35.36
N SER E 205 83.81 -44.45 -36.43
CA SER E 205 83.21 -44.39 -37.75
C SER E 205 82.38 -45.63 -38.02
N LYS E 206 82.44 -46.58 -37.11
CA LYS E 206 81.63 -47.79 -37.23
C LYS E 206 80.89 -48.03 -35.90
N ASN E 207 80.76 -49.28 -35.45
CA ASN E 207 80.19 -49.55 -34.13
C ASN E 207 78.74 -49.09 -33.92
N GLU E 208 77.94 -49.09 -34.99
CA GLU E 208 76.55 -48.68 -34.90
C GLU E 208 75.71 -49.65 -34.06
N ASN E 209 76.17 -50.90 -34.00
CA ASN E 209 75.47 -51.95 -33.25
C ASN E 209 76.16 -52.25 -31.90
N SER E 210 76.97 -51.31 -31.43
CA SER E 210 77.60 -51.37 -30.10
C SER E 210 77.47 -50.05 -29.35
N ARG E 211 77.58 -50.12 -28.02
CA ARG E 211 77.75 -48.93 -27.19
C ARG E 211 79.04 -49.10 -26.39
N TYR E 212 79.90 -48.08 -26.43
CA TYR E 212 81.13 -48.08 -25.66
C TYR E 212 81.32 -46.79 -24.87
N TYR E 213 82.02 -46.91 -23.74
CA TYR E 213 82.20 -45.82 -22.79
C TYR E 213 83.61 -45.99 -22.20
N GLY E 214 84.45 -44.98 -22.33
CA GLY E 214 85.81 -45.10 -21.83
C GLY E 214 86.48 -43.80 -21.41
N SER E 215 87.61 -43.93 -20.73
CA SER E 215 88.41 -42.76 -20.36
C SER E 215 89.87 -43.12 -20.17
N ILE E 216 90.72 -42.10 -20.18
CA ILE E 216 92.12 -42.25 -19.84
C ILE E 216 92.54 -41.24 -18.79
N GLN E 217 93.51 -41.64 -17.98
CA GLN E 217 94.22 -40.73 -17.07
C GLN E 217 95.71 -41.05 -17.20
N THR E 218 96.51 -40.04 -17.59
CA THR E 218 97.97 -40.20 -17.61
C THR E 218 98.58 -39.56 -16.37
N GLY E 219 99.90 -39.36 -16.35
CA GLY E 219 100.63 -38.99 -15.12
C GLY E 219 101.22 -40.24 -14.52
N SER E 220 102.26 -40.09 -13.68
CA SER E 220 102.95 -41.28 -13.15
C SER E 220 102.43 -41.69 -11.79
N GLN E 221 102.13 -40.69 -10.95
CA GLN E 221 101.63 -40.95 -9.59
C GLN E 221 100.22 -40.40 -9.35
N THR E 222 99.53 -40.08 -10.43
CA THR E 222 98.17 -39.53 -10.38
C THR E 222 97.25 -40.48 -9.59
N PRO E 223 96.48 -39.94 -8.62
CA PRO E 223 95.58 -40.76 -7.82
C PRO E 223 94.62 -41.60 -8.68
N THR E 224 94.49 -42.86 -8.31
CA THR E 224 93.46 -43.72 -8.88
C THR E 224 92.18 -43.48 -8.07
N VAL E 225 91.14 -43.05 -8.77
CA VAL E 225 89.89 -42.61 -8.17
C VAL E 225 88.77 -43.37 -8.85
N LEU E 226 88.16 -44.29 -8.11
CA LEU E 226 87.17 -45.22 -8.66
C LEU E 226 85.96 -45.32 -7.77
N GLN E 227 84.80 -45.57 -8.39
CA GLN E 227 83.54 -45.70 -7.64
C GLN E 227 82.96 -47.08 -7.87
N PHE E 228 82.14 -47.54 -6.93
CA PHE E 228 81.41 -48.78 -7.09
C PHE E 228 80.09 -48.68 -6.37
N SER E 229 79.02 -49.02 -7.08
CA SER E 229 77.69 -49.12 -6.48
C SER E 229 76.85 -50.10 -7.25
N ASN E 230 76.00 -50.85 -6.56
CA ASN E 230 75.09 -51.76 -7.26
C ASN E 230 73.75 -51.10 -7.62
N THR E 231 73.74 -49.76 -7.59
CA THR E 231 72.52 -48.98 -7.86
C THR E 231 72.60 -48.26 -9.22
N LEU E 232 73.76 -48.30 -9.86
CA LEU E 232 73.98 -47.55 -11.11
C LEU E 232 73.73 -48.40 -12.34
N THR E 233 72.84 -47.94 -13.20
CA THR E 233 72.48 -48.64 -14.43
C THR E 233 72.83 -47.78 -15.64
N THR E 234 73.38 -48.39 -16.68
CA THR E 234 73.57 -47.70 -17.95
C THR E 234 72.51 -48.15 -18.96
N VAL E 235 71.77 -47.18 -19.51
CA VAL E 235 70.78 -47.40 -20.57
C VAL E 235 71.49 -47.52 -21.93
N LEU E 236 71.18 -48.59 -22.67
CA LEU E 236 71.88 -48.92 -23.91
C LEU E 236 71.13 -48.57 -25.21
N LEU E 237 69.96 -47.94 -25.04
CA LEU E 237 69.15 -47.50 -26.17
C LEU E 237 69.77 -46.28 -26.86
N ASP E 238 69.80 -46.30 -28.19
CA ASP E 238 70.18 -45.10 -28.92
C ASP E 238 69.02 -44.09 -28.94
N GLU E 239 69.19 -43.01 -29.70
CA GLU E 239 68.22 -41.92 -29.75
C GLU E 239 66.89 -42.32 -30.41
N ASN E 240 66.84 -43.51 -31.02
CA ASN E 240 65.61 -44.05 -31.59
C ASN E 240 64.96 -45.10 -30.69
N GLY E 241 65.54 -45.31 -29.50
CA GLY E 241 65.03 -46.30 -28.56
C GLY E 241 65.37 -47.72 -28.94
N VAL E 242 66.49 -47.90 -29.65
CA VAL E 242 66.94 -49.23 -30.09
C VAL E 242 68.30 -49.54 -29.47
N GLY E 243 68.39 -50.69 -28.80
CA GLY E 243 69.66 -51.13 -28.25
C GLY E 243 70.40 -52.03 -29.22
N PRO E 244 71.63 -52.44 -28.90
CA PRO E 244 72.34 -53.38 -29.78
C PRO E 244 71.53 -54.64 -30.03
N LEU E 245 71.51 -55.07 -31.28
CA LEU E 245 70.79 -56.28 -31.67
C LEU E 245 71.78 -57.38 -31.93
N CYS E 246 71.56 -58.54 -31.30
CA CYS E 246 72.55 -59.61 -31.25
C CYS E 246 72.50 -60.53 -32.44
N LYS E 247 73.39 -60.26 -33.40
CA LYS E 247 73.51 -61.06 -34.63
C LYS E 247 73.88 -62.48 -34.26
N GLY E 248 73.16 -63.43 -34.84
CA GLY E 248 73.41 -64.85 -34.58
C GLY E 248 73.21 -65.27 -33.13
N ASP E 249 72.48 -64.46 -32.37
CA ASP E 249 72.21 -64.73 -30.95
C ASP E 249 73.49 -64.69 -30.12
N GLY E 250 74.36 -63.72 -30.43
CA GLY E 250 75.62 -63.56 -29.73
C GLY E 250 75.75 -62.16 -29.18
N LEU E 251 76.12 -62.07 -27.90
CA LEU E 251 76.26 -60.82 -27.22
C LEU E 251 77.75 -60.61 -26.93
N PHE E 252 78.29 -59.48 -27.38
CA PHE E 252 79.71 -59.20 -27.24
C PHE E 252 79.96 -58.20 -26.14
N ILE E 253 80.74 -58.61 -25.16
CA ILE E 253 81.08 -57.78 -24.03
C ILE E 253 82.58 -57.52 -23.99
N SER E 254 82.97 -56.25 -24.01
CA SER E 254 84.39 -55.89 -24.05
C SER E 254 84.72 -54.92 -22.94
N CYS E 255 85.96 -54.97 -22.43
CA CYS E 255 86.39 -53.98 -21.44
C CYS E 255 87.90 -53.88 -21.25
N ALA E 256 88.30 -52.82 -20.54
CA ALA E 256 89.69 -52.64 -20.09
C ALA E 256 89.73 -51.78 -18.82
N ASP E 257 90.51 -52.22 -17.84
CA ASP E 257 90.61 -51.50 -16.58
C ASP E 257 92.00 -51.51 -15.99
N ILE E 258 92.83 -50.60 -16.50
CA ILE E 258 94.17 -50.38 -15.96
C ILE E 258 94.05 -49.38 -14.83
N VAL E 259 94.56 -49.75 -13.66
CA VAL E 259 94.33 -49.03 -12.40
C VAL E 259 95.56 -48.35 -11.81
N GLY E 260 96.69 -48.42 -12.52
CA GLY E 260 97.92 -47.78 -12.09
C GLY E 260 99.14 -48.69 -12.05
N PHE E 261 100.24 -48.13 -11.55
CA PHE E 261 101.51 -48.83 -11.43
C PHE E 261 101.71 -49.44 -10.04
N LEU E 262 102.29 -50.63 -10.03
CA LEU E 262 102.94 -51.14 -8.83
C LEU E 262 104.37 -50.61 -8.84
N PHE E 263 104.70 -49.76 -7.86
CA PHE E 263 106.05 -49.21 -7.74
C PHE E 263 106.93 -50.12 -6.88
N LYS E 264 107.96 -50.68 -7.49
CA LYS E 264 108.83 -51.65 -6.82
C LYS E 264 110.07 -50.98 -6.25
N THR E 265 110.64 -51.59 -5.21
CA THR E 265 111.81 -51.02 -4.50
C THR E 265 112.93 -50.54 -5.43
N SER E 266 113.22 -51.32 -6.47
CA SER E 266 114.33 -51.03 -7.40
C SER E 266 114.12 -49.74 -8.22
N GLY E 267 112.87 -49.31 -8.35
CA GLY E 267 112.49 -48.21 -9.22
C GLY E 267 111.57 -48.70 -10.34
N LYS E 268 111.56 -50.00 -10.55
CA LYS E 268 110.79 -50.61 -11.62
C LYS E 268 109.29 -50.53 -11.37
N MET E 269 108.54 -50.48 -12.47
CA MET E 269 107.11 -50.25 -12.41
C MET E 269 106.38 -51.16 -13.38
N ALA E 270 105.32 -51.79 -12.89
CA ALA E 270 104.44 -52.62 -13.69
C ALA E 270 103.00 -52.09 -13.64
N LEU E 271 102.34 -52.04 -14.79
CA LEU E 271 100.91 -51.68 -14.79
C LEU E 271 100.04 -52.81 -14.22
N HIS E 272 98.95 -52.43 -13.56
CA HIS E 272 98.08 -53.39 -12.89
C HIS E 272 96.64 -53.23 -13.40
N GLY E 273 95.90 -54.33 -13.45
CA GLY E 273 94.50 -54.28 -13.85
C GLY E 273 93.55 -54.99 -12.90
N LEU E 274 92.27 -54.62 -12.97
CA LEU E 274 91.21 -55.25 -12.15
C LEU E 274 90.14 -55.88 -13.04
N PRO E 275 89.43 -56.91 -12.54
CA PRO E 275 88.35 -57.53 -13.31
C PRO E 275 87.12 -56.65 -13.38
N ARG E 276 86.18 -57.01 -14.25
CA ARG E 276 84.93 -56.27 -14.36
C ARG E 276 83.75 -57.22 -14.43
N TYR E 277 82.67 -56.83 -13.75
CA TYR E 277 81.41 -57.57 -13.76
C TYR E 277 80.35 -56.86 -14.62
N PHE E 278 79.44 -57.66 -15.17
CA PHE E 278 78.38 -57.17 -16.03
C PHE E 278 77.08 -57.90 -15.71
N ASN E 279 76.00 -57.14 -15.59
CA ASN E 279 74.66 -57.71 -15.62
C ASN E 279 73.89 -56.98 -16.71
N VAL E 280 73.60 -57.66 -17.81
CA VAL E 280 72.94 -57.06 -18.97
C VAL E 280 71.49 -57.56 -19.09
N THR E 281 70.55 -56.62 -19.25
CA THR E 281 69.16 -56.97 -19.50
C THR E 281 68.87 -56.88 -21.00
N LEU E 282 68.22 -57.92 -21.53
CA LEU E 282 67.87 -57.99 -22.94
C LEU E 282 66.38 -58.31 -23.17
N ARG E 283 65.81 -57.76 -24.24
CA ARG E 283 64.44 -58.04 -24.61
C ARG E 283 64.38 -58.54 -26.05
N LYS E 284 63.31 -59.26 -26.40
CA LYS E 284 63.14 -59.74 -27.77
C LYS E 284 62.61 -58.62 -28.65
N ARG E 285 63.07 -58.58 -29.90
CA ARG E 285 62.72 -57.53 -30.84
C ARG E 285 62.46 -58.14 -32.22
N TRP E 286 61.40 -57.70 -32.88
CA TRP E 286 61.13 -58.10 -34.27
C TRP E 286 61.97 -57.26 -35.22
N VAL E 287 62.53 -57.91 -36.24
CA VAL E 287 63.34 -57.24 -37.28
C VAL E 287 63.06 -57.88 -38.65
N LYS E 288 63.33 -57.14 -39.72
CA LYS E 288 63.17 -57.66 -41.09
C LYS E 288 64.52 -57.72 -41.80
N VAL F 9 -39.24 7.54 -7.04
CA VAL F 9 -40.24 7.32 -5.95
C VAL F 9 -41.18 8.53 -5.81
N GLU F 10 -42.48 8.26 -5.74
CA GLU F 10 -43.47 9.30 -5.47
C GLU F 10 -44.21 9.02 -4.15
N VAL F 11 -44.01 9.91 -3.18
CA VAL F 11 -44.48 9.72 -1.81
C VAL F 11 -45.96 10.06 -1.71
N LEU F 12 -46.76 9.11 -1.25
CA LEU F 12 -48.18 9.31 -1.08
C LEU F 12 -48.47 9.50 0.41
N SER F 13 -49.56 8.90 0.90
CA SER F 13 -50.07 9.19 2.24
C SER F 13 -49.54 8.23 3.31
N VAL F 14 -49.56 8.71 4.55
CA VAL F 14 -49.20 7.90 5.71
C VAL F 14 -50.27 6.83 5.91
N VAL F 15 -49.85 5.57 6.03
CA VAL F 15 -50.75 4.45 6.25
C VAL F 15 -51.40 4.53 7.64
N THR F 16 -52.71 4.37 7.70
CA THR F 16 -53.40 4.27 8.99
C THR F 16 -53.81 2.83 9.29
N GLY F 17 -53.71 2.45 10.56
CA GLY F 17 -54.09 1.10 11.00
C GLY F 17 -53.42 0.75 12.31
N GLU F 18 -53.84 -0.37 12.90
CA GLU F 18 -53.34 -0.82 14.19
C GLU F 18 -51.82 -0.81 14.27
N ASP F 19 -51.17 -1.64 13.45
CA ASP F 19 -49.74 -1.83 13.56
C ASP F 19 -48.96 -1.08 12.48
N SER F 20 -49.27 0.21 12.34
CA SER F 20 -48.62 1.05 11.35
C SER F 20 -47.40 1.81 11.91
N ILE F 21 -47.17 1.72 13.21
CA ILE F 21 -45.99 2.31 13.82
C ILE F 21 -45.15 1.23 14.50
N THR F 22 -43.83 1.29 14.30
CA THR F 22 -42.92 0.37 14.99
C THR F 22 -41.69 1.08 15.54
N GLN F 23 -41.02 0.43 16.49
N GLN F 23 -41.01 0.41 16.48
CA GLN F 23 -39.81 0.97 17.11
CA GLN F 23 -39.83 0.95 17.15
C GLN F 23 -38.64 0.01 16.95
C GLN F 23 -38.64 0.01 16.95
N ILE F 24 -37.47 0.59 16.68
CA ILE F 24 -36.23 -0.18 16.54
C ILE F 24 -35.19 0.30 17.55
N GLU F 25 -34.68 -0.64 18.34
CA GLU F 25 -33.59 -0.39 19.28
C GLU F 25 -32.29 -1.02 18.75
N LEU F 26 -31.17 -0.32 18.96
CA LEU F 26 -29.84 -0.92 18.79
C LEU F 26 -28.72 -0.03 19.33
N TYR F 27 -27.57 -0.66 19.58
CA TYR F 27 -26.35 0.07 19.93
C TYR F 27 -25.25 -0.32 18.94
N LEU F 28 -24.35 0.61 18.65
CA LEU F 28 -23.20 0.34 17.82
C LEU F 28 -21.95 0.60 18.64
N ASN F 29 -21.12 -0.42 18.77
CA ASN F 29 -19.83 -0.28 19.45
C ASN F 29 -18.81 0.44 18.58
N PRO F 30 -17.90 1.20 19.21
CA PRO F 30 -17.01 2.05 18.42
C PRO F 30 -15.98 1.22 17.66
N ARG F 31 -15.55 1.74 16.51
CA ARG F 31 -14.54 1.07 15.68
C ARG F 31 -13.33 1.99 15.47
N MET F 32 -12.50 2.04 16.51
CA MET F 32 -11.40 3.00 16.59
C MET F 32 -10.10 2.55 15.92
N GLY F 33 -9.96 1.24 15.69
CA GLY F 33 -8.75 0.68 15.11
C GLY F 33 -8.56 -0.75 15.59
N VAL F 34 -8.62 -0.92 16.90
CA VAL F 34 -8.73 -2.24 17.49
C VAL F 34 -10.23 -2.43 17.64
N ASN F 35 -10.81 -3.20 16.72
CA ASN F 35 -12.25 -3.19 16.49
C ASN F 35 -13.00 -4.38 17.07
N SER F 36 -12.26 -5.36 17.57
CA SER F 36 -12.86 -6.56 18.13
C SER F 36 -12.41 -6.77 19.56
N PRO F 37 -13.29 -7.30 20.43
CA PRO F 37 -12.93 -7.60 21.81
C PRO F 37 -12.55 -9.07 22.04
N ASP F 38 -12.59 -9.88 20.98
CA ASP F 38 -12.49 -11.34 21.08
C ASP F 38 -11.15 -11.92 20.60
N LEU F 39 -10.14 -11.07 20.50
CA LEU F 39 -8.80 -11.48 20.11
C LEU F 39 -7.88 -11.38 21.33
N PRO F 40 -7.68 -12.51 22.04
CA PRO F 40 -6.93 -12.54 23.32
C PRO F 40 -5.62 -11.75 23.30
N THR F 41 -4.94 -11.74 22.16
CA THR F 41 -3.64 -11.07 22.02
C THR F 41 -3.72 -9.54 22.00
N THR F 42 -4.63 -8.98 21.20
CA THR F 42 -4.65 -7.55 20.93
C THR F 42 -5.88 -6.77 21.45
N SER F 43 -6.85 -7.48 22.02
CA SER F 43 -8.13 -6.87 22.39
C SER F 43 -8.14 -5.95 23.62
N ASN F 44 -7.06 -5.95 24.39
CA ASN F 44 -6.87 -5.00 25.50
C ASN F 44 -7.09 -3.54 25.09
N TRP F 45 -6.88 -3.26 23.81
CA TRP F 45 -6.98 -1.91 23.27
C TRP F 45 -8.27 -1.65 22.46
N TYR F 46 -9.20 -2.60 22.52
CA TYR F 46 -10.55 -2.44 21.98
C TYR F 46 -11.17 -1.09 22.40
N THR F 47 -11.64 -0.33 21.41
CA THR F 47 -12.20 1.04 21.55
C THR F 47 -11.13 2.12 21.56
N TYR F 48 -9.89 1.72 21.31
CA TYR F 48 -8.79 2.66 21.15
C TYR F 48 -8.08 2.44 19.81
N THR F 49 -7.27 3.41 19.43
CA THR F 49 -6.27 3.22 18.39
C THR F 49 -5.00 2.71 19.08
N TYR F 50 -3.99 2.33 18.29
CA TYR F 50 -2.64 2.26 18.82
C TYR F 50 -2.09 3.69 18.98
N ASP F 51 -0.79 3.82 19.20
CA ASP F 51 -0.19 5.13 19.45
C ASP F 51 -0.10 5.95 18.18
N LEU F 52 -0.53 7.21 18.26
CA LEU F 52 -0.54 8.09 17.10
C LEU F 52 0.71 8.96 17.09
N GLN F 53 1.48 8.85 16.01
CA GLN F 53 2.77 9.55 15.88
C GLN F 53 3.03 10.04 14.46
N PRO F 54 3.57 11.27 14.32
CA PRO F 54 4.13 11.68 13.03
C PRO F 54 5.40 10.85 12.74
N LYS F 55 5.49 10.31 11.52
CA LYS F 55 6.59 9.42 11.16
C LYS F 55 7.96 10.11 11.23
N GLY F 56 8.01 11.39 10.84
CA GLY F 56 9.26 12.14 10.81
C GLY F 56 9.89 12.16 9.42
N SER F 57 9.50 11.18 8.59
CA SER F 57 9.95 11.09 7.22
C SER F 57 8.80 10.74 6.31
N SER F 58 8.92 11.14 5.05
CA SER F 58 7.89 10.89 4.04
C SER F 58 8.05 9.48 3.46
N PRO F 59 6.94 8.84 3.08
CA PRO F 59 5.57 9.31 3.28
C PRO F 59 4.92 8.64 4.48
N ASP F 60 3.77 9.16 4.91
CA ASP F 60 3.02 8.54 5.99
C ASP F 60 2.44 7.22 5.50
N GLN F 61 2.60 6.19 6.33
CA GLN F 61 2.06 4.85 6.06
C GLN F 61 1.28 4.37 7.29
N PRO F 62 0.10 4.95 7.54
CA PRO F 62 -0.64 4.63 8.76
C PRO F 62 -1.11 3.17 8.78
N ILE F 63 -1.06 2.54 9.94
CA ILE F 63 -1.58 1.19 10.11
C ILE F 63 -3.09 1.25 10.38
N LYS F 64 -3.79 0.15 10.13
CA LYS F 64 -5.24 0.16 10.25
C LYS F 64 -5.70 0.46 11.69
N GLU F 65 -4.88 0.08 12.67
CA GLU F 65 -5.16 0.33 14.09
C GLU F 65 -5.13 1.81 14.46
N ASN F 66 -4.61 2.64 13.55
CA ASN F 66 -4.52 4.08 13.78
C ASN F 66 -5.52 4.87 12.94
N LEU F 67 -6.54 4.17 12.42
CA LEU F 67 -7.59 4.81 11.61
C LEU F 67 -9.00 4.48 12.12
N PRO F 68 -9.48 5.27 13.10
CA PRO F 68 -10.89 5.13 13.51
C PRO F 68 -11.82 5.19 12.30
N ALA F 69 -12.87 4.37 12.34
CA ALA F 69 -13.78 4.18 11.21
C ALA F 69 -15.24 4.29 11.66
N TYR F 70 -16.11 4.62 10.71
CA TYR F 70 -17.53 4.74 11.02
C TYR F 70 -18.15 3.40 11.40
N SER F 71 -19.03 3.44 12.40
CA SER F 71 -19.92 2.34 12.70
C SER F 71 -21.15 2.43 11.80
N VAL F 72 -21.65 1.27 11.40
CA VAL F 72 -22.89 1.19 10.64
C VAL F 72 -23.55 -0.16 10.86
N ALA F 73 -24.88 -0.17 10.83
CA ALA F 73 -25.66 -1.40 10.70
C ALA F 73 -26.85 -1.17 9.78
N ARG F 74 -27.21 -2.21 9.05
CA ARG F 74 -28.48 -2.32 8.37
C ARG F 74 -29.36 -3.13 9.30
N VAL F 75 -30.53 -2.56 9.62
CA VAL F 75 -31.50 -3.25 10.47
C VAL F 75 -32.66 -3.69 9.59
N SER F 76 -33.00 -4.97 9.68
CA SER F 76 -34.10 -5.53 8.90
C SER F 76 -35.42 -5.20 9.57
N LEU F 77 -36.32 -4.61 8.79
CA LEU F 77 -37.63 -4.17 9.29
C LEU F 77 -38.70 -5.14 8.85
N PRO F 78 -39.84 -5.21 9.58
CA PRO F 78 -40.88 -6.17 9.19
C PRO F 78 -41.23 -6.07 7.70
N MET F 79 -41.44 -7.21 7.06
CA MET F 79 -41.82 -7.25 5.64
C MET F 79 -43.18 -6.55 5.46
N LEU F 80 -43.31 -5.76 4.40
CA LEU F 80 -44.54 -5.01 4.16
C LEU F 80 -45.35 -5.52 2.96
N ASN F 81 -44.65 -5.96 1.92
CA ASN F 81 -45.32 -6.37 0.69
C ASN F 81 -45.12 -7.86 0.35
N THR F 88 -46.87 0.60 -6.76
CA THR F 88 -47.34 1.25 -5.53
C THR F 88 -47.34 0.31 -4.31
N LEU F 89 -46.49 0.64 -3.35
CA LEU F 89 -46.26 -0.23 -2.20
C LEU F 89 -46.05 0.53 -0.88
N GLN F 90 -45.97 -0.21 0.22
CA GLN F 90 -45.72 0.37 1.53
C GLN F 90 -44.24 0.34 1.88
N MET F 91 -43.76 1.44 2.45
CA MET F 91 -42.39 1.54 2.95
C MET F 91 -42.39 2.03 4.39
N TRP F 92 -41.43 1.54 5.17
CA TRP F 92 -41.17 2.10 6.48
C TRP F 92 -40.53 3.48 6.32
N GLU F 93 -41.02 4.45 7.09
CA GLU F 93 -40.55 5.83 7.06
C GLU F 93 -40.06 6.18 8.45
N ALA F 94 -38.79 6.59 8.56
CA ALA F 94 -38.21 6.93 9.86
C ALA F 94 -38.58 8.35 10.20
N ILE F 95 -39.25 8.54 11.33
CA ILE F 95 -39.82 9.85 11.66
C ILE F 95 -39.15 10.54 12.84
N SER F 96 -38.52 9.75 13.72
CA SER F 96 -37.80 10.32 14.86
C SER F 96 -36.84 9.33 15.47
N VAL F 97 -35.88 9.86 16.23
CA VAL F 97 -34.86 9.05 16.86
C VAL F 97 -34.45 9.65 18.20
N LYS F 98 -34.32 8.80 19.21
CA LYS F 98 -33.62 9.15 20.43
C LYS F 98 -32.28 8.45 20.38
N THR F 99 -31.21 9.23 20.43
CA THR F 99 -29.86 8.65 20.42
C THR F 99 -29.03 9.14 21.60
N GLU F 100 -28.12 8.31 22.06
CA GLU F 100 -27.27 8.67 23.19
C GLU F 100 -25.91 8.01 23.08
N VAL F 101 -24.87 8.76 23.42
CA VAL F 101 -23.54 8.21 23.62
C VAL F 101 -23.49 7.55 25.00
N VAL F 102 -23.17 6.27 25.01
CA VAL F 102 -23.17 5.44 26.21
C VAL F 102 -21.78 5.43 26.87
N GLY F 103 -21.73 5.35 28.19
CA GLY F 103 -20.46 5.20 28.92
C GLY F 103 -19.67 6.49 29.08
N ILE F 104 -20.35 7.62 29.00
CA ILE F 104 -19.71 8.93 29.14
C ILE F 104 -19.06 9.09 30.52
N SER F 105 -19.73 8.55 31.53
CA SER F 105 -19.24 8.63 32.92
C SER F 105 -17.88 7.94 33.13
N SER F 106 -17.55 6.99 32.26
CA SER F 106 -16.29 6.27 32.38
C SER F 106 -15.09 7.20 32.26
N LEU F 107 -15.30 8.36 31.64
CA LEU F 107 -14.22 9.30 31.39
C LEU F 107 -13.83 10.15 32.58
N ILE F 108 -14.44 9.93 33.75
CA ILE F 108 -14.01 10.63 34.97
C ILE F 108 -12.74 9.99 35.58
N ASN F 109 -12.38 8.82 35.05
CA ASN F 109 -11.21 8.06 35.53
C ASN F 109 -9.91 8.80 35.22
N VAL F 110 -9.26 9.31 36.27
CA VAL F 110 -7.99 10.02 36.11
C VAL F 110 -6.87 9.28 36.84
N HIS F 111 -7.04 7.97 37.00
CA HIS F 111 -6.11 7.15 37.76
C HIS F 111 -5.74 5.86 37.03
N TYR F 112 -5.95 5.83 35.71
CA TYR F 112 -5.49 4.71 34.88
C TYR F 112 -4.00 4.52 35.11
N TRP F 113 -3.57 3.27 35.28
CA TRP F 113 -2.19 3.00 35.75
C TRP F 113 -1.12 3.63 34.88
N ASP F 114 -1.40 3.81 33.60
CA ASP F 114 -0.41 4.32 32.66
C ASP F 114 -0.79 5.71 32.12
N MET F 115 -1.66 6.41 32.83
CA MET F 115 -2.01 7.78 32.47
C MET F 115 -0.87 8.75 32.82
N LYS F 116 -0.53 9.61 31.87
CA LYS F 116 0.43 10.67 32.15
C LYS F 116 -0.15 11.60 33.21
N ARG F 117 0.64 11.89 34.24
CA ARG F 117 0.20 12.80 35.30
C ARG F 117 0.25 14.23 34.77
N VAL F 118 -0.74 15.04 35.15
CA VAL F 118 -0.82 16.43 34.69
C VAL F 118 0.39 17.28 35.10
N HIS F 119 0.87 17.08 36.32
CA HIS F 119 2.14 17.63 36.81
C HIS F 119 2.71 16.62 37.80
N ASP F 120 3.89 16.87 38.35
CA ASP F 120 4.53 15.92 39.27
C ASP F 120 3.58 15.54 40.41
N TYR F 121 3.37 14.23 40.54
CA TYR F 121 2.53 13.61 41.58
C TYR F 121 1.02 13.83 41.43
N GLY F 122 0.63 14.50 40.34
CA GLY F 122 -0.76 14.84 40.09
C GLY F 122 -1.60 13.69 39.59
N ALA F 123 -2.88 14.00 39.33
CA ALA F 123 -3.83 13.09 38.69
C ALA F 123 -3.51 12.96 37.20
N GLY F 124 -4.05 11.92 36.57
CA GLY F 124 -3.86 11.71 35.14
C GLY F 124 -4.52 12.81 34.34
N ILE F 125 -3.92 13.13 33.19
CA ILE F 125 -4.56 14.01 32.22
C ILE F 125 -5.75 13.24 31.67
N PRO F 126 -6.97 13.77 31.86
CA PRO F 126 -8.12 12.96 31.47
C PRO F 126 -8.28 12.86 29.97
N VAL F 127 -9.01 11.86 29.51
CA VAL F 127 -9.38 11.74 28.12
C VAL F 127 -9.98 13.09 27.68
N SER F 128 -9.27 13.73 26.76
CA SER F 128 -9.59 15.05 26.24
C SER F 128 -8.85 15.26 24.92
N GLY F 129 -9.20 16.33 24.21
CA GLY F 129 -8.59 16.65 22.94
C GLY F 129 -9.57 16.49 21.80
N VAL F 130 -9.07 15.91 20.70
CA VAL F 130 -9.83 15.76 19.48
C VAL F 130 -11.14 15.00 19.70
N ASN F 131 -12.25 15.66 19.42
CA ASN F 131 -13.57 15.02 19.39
C ASN F 131 -14.14 15.06 17.99
N TYR F 132 -14.86 14.00 17.64
CA TYR F 132 -15.61 13.91 16.40
C TYR F 132 -16.87 13.13 16.73
N HIS F 133 -18.02 13.75 16.51
CA HIS F 133 -19.32 13.13 16.82
C HIS F 133 -20.31 13.31 15.69
N MET F 134 -20.79 12.19 15.17
CA MET F 134 -21.84 12.21 14.18
C MET F 134 -22.74 10.99 14.28
N PHE F 135 -23.97 11.14 13.81
CA PHE F 135 -24.84 10.00 13.60
C PHE F 135 -25.69 10.27 12.37
N ALA F 136 -26.16 9.19 11.75
CA ALA F 136 -27.04 9.27 10.60
C ALA F 136 -28.11 8.17 10.62
N ILE F 137 -29.30 8.52 10.14
CA ILE F 137 -30.41 7.59 9.94
C ILE F 137 -30.85 7.70 8.48
N GLY F 138 -30.92 6.57 7.77
CA GLY F 138 -31.29 6.57 6.35
C GLY F 138 -32.01 5.32 5.91
N GLY F 139 -32.64 5.37 4.73
CA GLY F 139 -33.30 4.21 4.12
C GLY F 139 -32.40 3.47 3.14
N GLU F 140 -31.11 3.83 3.20
CA GLU F 140 -30.06 3.26 2.35
C GLU F 140 -28.72 3.75 2.90
N PRO F 141 -27.61 3.15 2.45
CA PRO F 141 -26.29 3.53 2.97
C PRO F 141 -26.03 5.02 2.85
N LEU F 142 -25.36 5.58 3.86
CA LEU F 142 -24.91 6.98 3.81
C LEU F 142 -23.94 7.18 2.64
N ASP F 143 -24.14 8.24 1.86
CA ASP F 143 -23.22 8.61 0.80
C ASP F 143 -22.01 9.34 1.40
N LEU F 144 -20.82 8.97 0.94
CA LEU F 144 -19.58 9.52 1.48
C LEU F 144 -18.79 10.32 0.44
N GLN F 145 -18.22 11.44 0.86
CA GLN F 145 -17.26 12.18 0.04
C GLN F 145 -15.87 11.98 0.62
N GLY F 146 -14.89 11.73 -0.26
CA GLY F 146 -13.51 11.56 0.18
C GLY F 146 -12.73 12.87 0.12
N LEU F 147 -11.99 13.15 1.20
CA LEU F 147 -11.04 14.26 1.23
C LEU F 147 -10.05 13.98 2.34
N VAL F 148 -8.77 14.13 2.05
CA VAL F 148 -7.71 13.85 3.05
C VAL F 148 -6.81 15.05 3.32
N LEU F 149 -6.22 15.06 4.50
CA LEU F 149 -5.25 16.08 4.88
C LEU F 149 -4.05 16.06 3.92
N ASP F 150 -3.60 14.87 3.54
CA ASP F 150 -2.42 14.69 2.71
C ASP F 150 -2.63 13.56 1.70
N TYR F 151 -2.69 13.92 0.43
CA TYR F 151 -2.92 12.96 -0.66
C TYR F 151 -1.78 11.96 -0.81
N GLN F 152 -0.60 12.29 -0.27
CA GLN F 152 0.57 11.42 -0.36
C GLN F 152 0.56 10.33 0.71
N THR F 153 -0.41 10.39 1.61
CA THR F 153 -0.60 9.36 2.61
C THR F 153 -0.81 8.00 1.93
N GLN F 154 -0.10 7.00 2.44
CA GLN F 154 -0.21 5.65 1.92
C GLN F 154 -0.98 4.76 2.91
N TYR F 155 -2.30 4.70 2.69
CA TYR F 155 -3.22 3.92 3.53
C TYR F 155 -3.10 2.42 3.27
N PRO F 156 -3.37 1.56 4.29
CA PRO F 156 -3.22 0.12 4.05
C PRO F 156 -4.11 -0.34 2.91
N LYS F 157 -3.65 -1.32 2.14
CA LYS F 157 -4.45 -1.94 1.08
C LYS F 157 -5.64 -2.70 1.66
N THR F 158 -6.72 -2.78 0.90
CA THR F 158 -7.90 -3.56 1.29
C THR F 158 -7.60 -5.05 1.23
N THR F 159 -7.68 -5.72 2.38
CA THR F 159 -7.38 -7.14 2.49
C THR F 159 -8.22 -7.80 3.59
N GLY F 162 -9.04 -5.07 5.38
CA GLY F 162 -8.42 -3.75 5.34
C GLY F 162 -9.41 -2.64 5.00
N PRO F 163 -9.03 -1.36 5.22
CA PRO F 163 -9.94 -0.24 5.02
C PRO F 163 -10.16 0.14 3.57
N ILE F 164 -11.35 0.63 3.27
CA ILE F 164 -11.63 1.21 1.95
C ILE F 164 -11.28 2.70 1.98
N THR F 165 -10.35 3.12 1.13
CA THR F 165 -9.99 4.55 1.03
C THR F 165 -10.14 5.04 -0.40
N ILE F 166 -9.68 6.26 -0.69
CA ILE F 166 -9.89 6.87 -2.01
C ILE F 166 -9.22 6.09 -3.14
N GLU F 167 -8.00 5.57 -2.89
CA GLU F 167 -7.33 4.66 -3.82
C GLU F 167 -8.21 3.48 -4.20
N THR F 168 -8.85 2.87 -3.21
CA THR F 168 -9.71 1.72 -3.43
C THR F 168 -10.80 1.98 -4.46
N VAL F 169 -11.49 3.12 -4.32
N VAL F 169 -11.50 3.11 -4.31
CA VAL F 169 -12.61 3.46 -5.20
CA VAL F 169 -12.60 3.45 -5.20
C VAL F 169 -12.17 4.00 -6.56
C VAL F 169 -12.11 3.88 -6.57
N LEU F 170 -11.02 4.66 -6.59
CA LEU F 170 -10.46 5.18 -7.85
C LEU F 170 -9.70 4.12 -8.67
N GLY F 171 -9.12 3.14 -7.99
CA GLY F 171 -8.33 2.08 -8.63
C GLY F 171 -6.97 2.57 -9.09
N ARG F 172 -6.46 3.59 -8.41
CA ARG F 172 -5.20 4.27 -8.75
C ARG F 172 -4.81 5.24 -7.61
N LYS F 173 -3.62 5.84 -7.70
CA LYS F 173 -3.14 6.74 -6.65
C LYS F 173 -3.93 8.05 -6.60
N MET F 174 -4.06 8.60 -5.39
CA MET F 174 -4.57 9.95 -5.17
C MET F 174 -3.69 11.00 -5.85
N THR F 175 -4.28 12.14 -6.18
CA THR F 175 -3.52 13.29 -6.65
C THR F 175 -3.80 14.48 -5.74
N PRO F 176 -3.06 15.60 -5.89
CA PRO F 176 -3.28 16.79 -5.08
C PRO F 176 -4.76 17.11 -4.87
N LYS F 177 -5.58 17.03 -5.91
CA LYS F 177 -6.99 17.43 -5.83
C LYS F 177 -7.79 16.74 -4.71
N ASN F 178 -7.29 15.60 -4.22
CA ASN F 178 -7.95 14.92 -3.12
C ASN F 178 -7.73 15.54 -1.74
N GLN F 179 -6.98 16.63 -1.72
CA GLN F 179 -6.88 17.49 -0.55
C GLN F 179 -8.02 18.50 -0.58
N GLY F 180 -8.67 18.60 -1.74
CA GLY F 180 -9.89 19.38 -1.94
C GLY F 180 -11.01 18.42 -2.30
N LEU F 181 -12.11 18.95 -2.83
CA LEU F 181 -13.25 18.12 -3.18
C LEU F 181 -13.09 17.57 -4.61
N ASP F 182 -12.94 16.26 -4.71
CA ASP F 182 -12.90 15.55 -5.98
C ASP F 182 -14.18 14.71 -6.12
N PRO F 183 -15.03 15.06 -7.11
CA PRO F 183 -16.34 14.42 -7.31
C PRO F 183 -16.23 12.92 -7.60
N GLN F 184 -15.04 12.47 -7.96
CA GLN F 184 -14.83 11.05 -8.24
C GLN F 184 -14.57 10.24 -6.97
N ALA F 185 -14.16 10.93 -5.91
CA ALA F 185 -13.90 10.29 -4.63
C ALA F 185 -15.19 10.12 -3.82
N LYS F 186 -15.98 9.13 -4.19
CA LYS F 186 -17.27 8.89 -3.57
C LYS F 186 -17.46 7.42 -3.26
N ALA F 187 -18.12 7.13 -2.15
CA ALA F 187 -18.39 5.76 -1.74
C ALA F 187 -19.67 5.70 -0.93
N LYS F 188 -20.04 4.49 -0.53
CA LYS F 188 -21.21 4.27 0.28
C LYS F 188 -20.84 3.57 1.59
N LEU F 189 -21.30 4.14 2.71
CA LEU F 189 -21.04 3.56 4.02
C LEU F 189 -21.81 2.24 4.20
N ASP F 190 -21.26 1.17 3.65
CA ASP F 190 -21.97 -0.11 3.59
C ASP F 190 -21.27 -1.21 4.41
N LYS F 191 -20.20 -0.87 5.10
CA LYS F 191 -19.46 -1.84 5.91
C LYS F 191 -19.01 -1.26 7.24
N ASP F 192 -19.31 -1.99 8.31
CA ASP F 192 -18.96 -1.56 9.64
C ASP F 192 -17.44 -1.63 9.86
N GLY F 193 -16.88 -0.56 10.39
CA GLY F 193 -15.46 -0.52 10.75
C GLY F 193 -14.49 -0.53 9.59
N ASN F 194 -14.96 -0.12 8.42
CA ASN F 194 -14.16 -0.21 7.21
C ASN F 194 -13.78 1.09 6.53
N TYR F 195 -14.55 2.15 6.76
CA TYR F 195 -14.29 3.44 6.11
C TYR F 195 -13.69 4.42 7.09
N PRO F 196 -12.37 4.71 6.96
CA PRO F 196 -11.70 5.61 7.88
C PRO F 196 -12.37 6.96 7.96
N ILE F 197 -12.51 7.47 9.19
CA ILE F 197 -13.09 8.78 9.44
C ILE F 197 -12.25 9.91 8.81
N GLU F 198 -10.93 9.77 8.84
CA GLU F 198 -10.05 10.82 8.28
C GLU F 198 -10.06 10.91 6.75
N VAL F 199 -10.63 9.91 6.09
CA VAL F 199 -10.72 9.90 4.63
C VAL F 199 -12.12 10.32 4.12
N TRP F 200 -13.16 9.86 4.83
CA TRP F 200 -14.56 9.99 4.38
C TRP F 200 -15.41 10.89 5.28
N CYS F 201 -16.14 11.80 4.65
CA CYS F 201 -17.13 12.64 5.32
C CYS F 201 -18.49 12.47 4.62
N PRO F 202 -19.60 12.81 5.31
CA PRO F 202 -20.88 12.72 4.59
C PRO F 202 -20.88 13.57 3.31
N ASP F 203 -21.50 13.06 2.24
CA ASP F 203 -21.60 13.81 0.98
C ASP F 203 -22.87 14.68 0.98
N PRO F 204 -22.70 16.02 1.03
CA PRO F 204 -23.89 16.90 1.05
C PRO F 204 -24.57 17.01 -0.32
N SER F 205 -23.88 16.58 -1.39
CA SER F 205 -24.44 16.63 -2.73
C SER F 205 -25.42 15.48 -2.97
N LYS F 206 -25.38 14.50 -2.07
CA LYS F 206 -26.28 13.36 -2.17
C LYS F 206 -27.08 13.21 -0.86
N ASN F 207 -27.31 11.98 -0.39
CA ASN F 207 -27.99 11.75 0.90
C ASN F 207 -29.44 12.28 1.04
N GLU F 208 -30.12 12.46 -0.09
CA GLU F 208 -31.53 12.86 -0.11
C GLU F 208 -32.39 11.98 0.84
N ASN F 209 -32.03 10.71 0.98
CA ASN F 209 -32.81 9.74 1.74
C ASN F 209 -32.15 9.35 3.08
N SER F 210 -31.32 10.25 3.62
CA SER F 210 -30.70 10.13 4.95
C SER F 210 -30.73 11.47 5.67
N ARG F 211 -30.66 11.41 7.00
CA ARG F 211 -30.40 12.59 7.82
C ARG F 211 -29.12 12.33 8.62
N TYR F 212 -28.20 13.31 8.60
CA TYR F 212 -26.97 13.22 9.37
C TYR F 212 -26.65 14.49 10.14
N TYR F 213 -26.02 14.32 11.30
CA TYR F 213 -25.72 15.39 12.25
C TYR F 213 -24.36 15.12 12.86
N GLY F 214 -23.45 16.07 12.73
CA GLY F 214 -22.12 15.87 13.26
C GLY F 214 -21.35 17.12 13.61
N SER F 215 -20.24 16.90 14.31
CA SER F 215 -19.35 17.98 14.68
C SER F 215 -17.93 17.47 14.91
N ILE F 216 -16.99 18.41 14.85
CA ILE F 216 -15.61 18.15 15.22
C ILE F 216 -15.17 19.19 16.26
N GLN F 217 -14.16 18.82 17.03
CA GLN F 217 -13.48 19.71 17.96
C GLN F 217 -12.01 19.31 17.95
N THR F 218 -11.14 20.24 17.55
CA THR F 218 -9.70 19.95 17.51
C THR F 218 -9.01 20.55 18.74
N GLY F 219 -7.69 20.68 18.69
CA GLY F 219 -6.90 21.00 19.89
C GLY F 219 -6.48 19.70 20.57
N SER F 220 -5.41 19.74 21.36
CA SER F 220 -4.83 18.50 21.88
C SER F 220 -5.34 18.08 23.25
N GLN F 221 -5.71 19.06 24.07
CA GLN F 221 -6.25 18.79 25.41
C GLN F 221 -7.58 19.52 25.69
N THR F 222 -8.23 19.94 24.61
CA THR F 222 -9.54 20.57 24.67
C THR F 222 -10.48 19.69 25.50
N PRO F 223 -11.14 20.28 26.50
CA PRO F 223 -12.09 19.51 27.32
C PRO F 223 -13.09 18.73 26.45
N THR F 224 -13.32 17.47 26.78
CA THR F 224 -14.43 16.74 26.20
C THR F 224 -15.68 17.12 27.01
N VAL F 225 -16.66 17.67 26.31
CA VAL F 225 -17.87 18.20 26.90
C VAL F 225 -19.06 17.49 26.24
N LEU F 226 -19.64 16.53 26.95
CA LEU F 226 -20.75 15.77 26.40
C LEU F 226 -21.99 15.80 27.30
N GLN F 227 -23.16 15.66 26.67
CA GLN F 227 -24.45 15.60 27.37
C GLN F 227 -25.14 14.27 27.14
N PHE F 228 -26.00 13.90 28.09
CA PHE F 228 -26.80 12.70 27.98
C PHE F 228 -28.13 12.87 28.71
N SER F 229 -29.21 12.48 28.04
CA SER F 229 -30.56 12.54 28.60
C SER F 229 -31.52 11.65 27.80
N ASN F 230 -32.43 10.97 28.49
CA ASN F 230 -33.43 10.16 27.78
C ASN F 230 -34.69 10.93 27.41
N THR F 231 -34.60 12.26 27.40
CA THR F 231 -35.75 13.11 27.12
C THR F 231 -35.61 13.81 25.77
N LEU F 232 -34.50 13.59 25.09
CA LEU F 232 -34.21 14.29 23.84
C LEU F 232 -34.47 13.44 22.60
N THR F 233 -35.36 13.96 21.74
CA THR F 233 -35.78 13.34 20.50
C THR F 233 -35.38 14.23 19.32
N THR F 234 -34.89 13.60 18.24
CA THR F 234 -34.62 14.28 16.97
C THR F 234 -35.69 13.90 15.93
N VAL F 235 -36.37 14.91 15.39
CA VAL F 235 -37.35 14.72 14.32
C VAL F 235 -36.62 14.57 12.99
N LEU F 236 -36.93 13.49 12.27
CA LEU F 236 -36.22 13.11 11.03
C LEU F 236 -36.93 13.50 9.73
N LEU F 237 -38.04 14.20 9.86
CA LEU F 237 -38.80 14.65 8.69
C LEU F 237 -38.13 15.86 8.05
N ASP F 238 -38.08 15.87 6.72
CA ASP F 238 -37.58 17.02 5.97
C ASP F 238 -38.65 18.11 5.89
N GLU F 239 -38.40 19.14 5.08
CA GLU F 239 -39.30 20.31 5.01
C GLU F 239 -40.65 20.01 4.36
N ASN F 240 -40.82 18.79 3.84
CA ASN F 240 -42.11 18.36 3.29
C ASN F 240 -42.87 17.40 4.20
N GLY F 241 -42.27 17.06 5.34
CA GLY F 241 -42.88 16.16 6.32
C GLY F 241 -42.62 14.68 6.04
N VAL F 242 -41.56 14.40 5.28
CA VAL F 242 -41.19 13.04 4.90
C VAL F 242 -39.85 12.65 5.53
N GLY F 243 -39.82 11.49 6.18
CA GLY F 243 -38.58 10.99 6.78
C GLY F 243 -37.88 10.10 5.78
N PRO F 244 -36.68 9.57 6.13
CA PRO F 244 -36.02 8.59 5.28
C PRO F 244 -36.92 7.37 5.03
N LEU F 245 -37.01 6.94 3.78
CA LEU F 245 -37.83 5.79 3.43
C LEU F 245 -36.95 4.57 3.21
N CYS F 246 -37.28 3.48 3.89
CA CYS F 246 -36.42 2.30 3.94
C CYS F 246 -36.55 1.34 2.75
N LYS F 247 -35.66 1.53 1.78
CA LYS F 247 -35.62 0.73 0.55
C LYS F 247 -35.32 -0.73 0.84
N GLY F 248 -36.20 -1.62 0.39
CA GLY F 248 -36.07 -3.04 0.61
C GLY F 248 -36.16 -3.43 2.08
N ASP F 249 -36.94 -2.67 2.84
CA ASP F 249 -37.19 -2.93 4.27
C ASP F 249 -35.93 -2.88 5.15
N GLY F 250 -34.97 -2.05 4.76
CA GLY F 250 -33.72 -1.91 5.51
C GLY F 250 -33.51 -0.50 6.05
N LEU F 251 -33.18 -0.42 7.34
CA LEU F 251 -32.85 0.84 7.99
C LEU F 251 -31.34 0.92 8.23
N PHE F 252 -30.72 1.99 7.74
CA PHE F 252 -29.28 2.18 7.88
C PHE F 252 -28.97 3.18 8.98
N ILE F 253 -28.15 2.75 9.93
CA ILE F 253 -27.80 3.57 11.07
C ILE F 253 -26.28 3.65 11.13
N SER F 254 -25.77 4.88 11.19
CA SER F 254 -24.34 5.18 11.12
C SER F 254 -23.95 6.13 12.23
N CYS F 255 -22.73 5.98 12.74
CA CYS F 255 -22.19 6.92 13.72
C CYS F 255 -20.68 6.83 13.86
N ALA F 256 -20.15 7.78 14.62
CA ALA F 256 -18.75 7.88 14.98
C ALA F 256 -18.72 8.73 16.23
N ASP F 257 -18.01 8.29 17.26
CA ASP F 257 -17.88 9.07 18.50
C ASP F 257 -16.48 9.00 19.12
N ILE F 258 -15.56 9.76 18.57
CA ILE F 258 -14.24 9.95 19.16
C ILE F 258 -14.35 10.95 20.30
N VAL F 259 -13.90 10.54 21.49
CA VAL F 259 -14.06 11.36 22.69
C VAL F 259 -12.77 11.96 23.26
N GLY F 260 -11.64 11.70 22.60
CA GLY F 260 -10.36 12.31 22.97
C GLY F 260 -9.21 11.33 23.07
N PHE F 261 -8.05 11.82 23.50
CA PHE F 261 -6.84 10.99 23.62
C PHE F 261 -6.70 10.38 25.01
N LEU F 262 -6.23 9.13 25.06
CA LEU F 262 -5.64 8.60 26.29
C LEU F 262 -4.17 9.02 26.29
N PHE F 263 -3.79 9.80 27.29
CA PHE F 263 -2.42 10.27 27.44
C PHE F 263 -1.62 9.32 28.29
N LYS F 264 -0.66 8.63 27.67
CA LYS F 264 0.15 7.63 28.38
C LYS F 264 1.41 8.25 29.01
N THR F 265 1.90 7.59 30.06
CA THR F 265 3.09 8.03 30.82
C THR F 265 4.28 8.42 29.94
N SER F 266 4.56 7.58 28.94
CA SER F 266 5.68 7.78 28.01
C SER F 266 5.54 9.04 27.15
N GLY F 267 4.34 9.61 27.10
CA GLY F 267 4.07 10.72 26.19
C GLY F 267 3.29 10.28 24.96
N LYS F 268 3.16 8.98 24.78
CA LYS F 268 2.37 8.45 23.68
C LYS F 268 0.87 8.65 23.88
N MET F 269 0.15 8.70 22.77
CA MET F 269 -1.25 9.12 22.78
C MET F 269 -2.06 8.26 21.83
N ALA F 270 -3.22 7.81 22.32
CA ALA F 270 -4.14 7.02 21.52
C ALA F 270 -5.51 7.68 21.54
N LEU F 271 -6.21 7.66 20.42
CA LEU F 271 -7.59 8.14 20.39
C LEU F 271 -8.51 7.09 20.97
N HIS F 272 -9.64 7.54 21.49
CA HIS F 272 -10.60 6.70 22.18
C HIS F 272 -11.99 7.09 21.69
N GLY F 273 -12.88 6.10 21.65
CA GLY F 273 -14.27 6.28 21.27
C GLY F 273 -15.25 5.59 22.20
N LEU F 274 -16.52 6.01 22.12
CA LEU F 274 -17.59 5.42 22.93
C LEU F 274 -18.75 4.89 22.08
N PRO F 275 -19.51 3.90 22.62
CA PRO F 275 -20.66 3.35 21.90
C PRO F 275 -21.83 4.34 21.81
N ARG F 276 -22.73 4.10 20.88
CA ARG F 276 -23.93 4.94 20.73
C ARG F 276 -25.16 4.05 20.68
N TYR F 277 -26.22 4.47 21.39
CA TYR F 277 -27.52 3.80 21.39
C TYR F 277 -28.52 4.57 20.54
N PHE F 278 -29.43 3.82 19.91
CA PHE F 278 -30.48 4.37 19.06
C PHE F 278 -31.82 3.72 19.38
N ASN F 279 -32.86 4.54 19.41
CA ASN F 279 -34.24 4.06 19.34
C ASN F 279 -34.98 4.85 18.26
N VAL F 280 -35.25 4.19 17.14
CA VAL F 280 -35.91 4.84 16.00
C VAL F 280 -37.39 4.48 15.91
N THR F 281 -38.22 5.49 15.73
CA THR F 281 -39.65 5.31 15.49
C THR F 281 -39.89 5.41 13.99
N LEU F 282 -40.58 4.41 13.46
CA LEU F 282 -40.92 4.37 12.05
C LEU F 282 -42.44 4.22 11.86
N ARG F 283 -42.96 4.82 10.79
CA ARG F 283 -44.36 4.61 10.40
C ARG F 283 -44.46 4.09 8.97
N LYS F 284 -45.57 3.44 8.64
CA LYS F 284 -45.79 2.95 7.28
C LYS F 284 -46.26 4.09 6.37
N ARG F 285 -45.65 4.16 5.17
CA ARG F 285 -45.96 5.17 4.18
C ARG F 285 -46.22 4.53 2.81
N TRP F 286 -47.29 4.96 2.14
CA TRP F 286 -47.58 4.55 0.75
C TRP F 286 -46.68 5.29 -0.23
N VAL F 287 -46.11 4.57 -1.19
CA VAL F 287 -45.25 5.15 -2.25
C VAL F 287 -45.50 4.52 -3.62
N LYS F 288 -45.42 5.35 -4.68
CA LYS F 288 -45.70 4.92 -6.06
C LYS F 288 -44.45 4.36 -6.74
N GLU G 10 -51.54 0.17 32.06
CA GLU G 10 -52.24 1.13 31.16
C GLU G 10 -52.61 2.41 31.90
N VAL G 11 -52.18 3.54 31.35
CA VAL G 11 -52.32 4.83 32.02
C VAL G 11 -53.66 5.47 31.66
N LEU G 12 -54.45 5.79 32.69
CA LEU G 12 -55.75 6.43 32.48
C LEU G 12 -55.66 7.93 32.75
N SER G 13 -56.73 8.52 33.28
CA SER G 13 -56.81 9.96 33.46
C SER G 13 -56.22 10.44 34.78
N VAL G 14 -55.81 11.71 34.78
CA VAL G 14 -55.36 12.43 35.96
C VAL G 14 -56.51 12.57 36.96
N VAL G 15 -56.21 12.28 38.22
CA VAL G 15 -57.20 12.38 39.31
C VAL G 15 -57.60 13.83 39.59
N THR G 16 -58.90 14.08 39.60
CA THR G 16 -59.43 15.40 39.99
C THR G 16 -59.82 15.39 41.47
N GLY G 17 -59.63 16.51 42.13
CA GLY G 17 -59.99 16.63 43.55
C GLY G 17 -59.08 17.54 44.34
N GLU G 18 -59.42 17.73 45.62
CA GLU G 18 -58.69 18.66 46.50
C GLU G 18 -57.22 18.29 46.71
N ASP G 19 -56.96 17.13 47.30
CA ASP G 19 -55.61 16.76 47.70
C ASP G 19 -54.86 15.91 46.66
N SER G 20 -55.09 16.20 45.38
CA SER G 20 -54.52 15.36 44.33
C SER G 20 -53.10 15.75 43.88
N ILE G 21 -52.62 16.89 44.34
CA ILE G 21 -51.25 17.34 44.10
C ILE G 21 -50.45 17.34 45.41
N THR G 22 -49.20 16.88 45.35
CA THR G 22 -48.29 16.92 46.50
C THR G 22 -46.86 17.29 46.11
N GLN G 23 -46.10 17.77 47.08
CA GLN G 23 -44.70 18.16 46.89
C GLN G 23 -43.76 17.43 47.84
N ILE G 24 -42.59 17.08 47.32
CA ILE G 24 -41.55 16.37 48.05
C ILE G 24 -40.27 17.19 48.02
N GLU G 25 -39.68 17.41 49.20
CA GLU G 25 -38.36 18.03 49.32
C GLU G 25 -37.36 16.99 49.76
N LEU G 26 -36.12 17.13 49.29
CA LEU G 26 -34.96 16.44 49.87
C LEU G 26 -33.66 16.96 49.28
N TYR G 27 -32.59 16.75 50.03
CA TYR G 27 -31.25 17.03 49.55
C TYR G 27 -30.44 15.74 49.64
N LEU G 28 -29.45 15.61 48.76
CA LEU G 28 -28.54 14.48 48.80
C LEU G 28 -27.11 15.00 48.90
N ASN G 29 -26.41 14.58 49.95
CA ASN G 29 -24.98 14.87 50.12
C ASN G 29 -24.11 13.99 49.25
N PRO G 30 -23.00 14.55 48.72
CA PRO G 30 -22.14 13.84 47.78
C PRO G 30 -21.43 12.62 48.39
N ARG G 31 -21.26 11.59 47.57
CA ARG G 31 -20.56 10.37 47.97
C ARG G 31 -19.31 10.18 47.12
N MET G 32 -18.28 10.97 47.40
CA MET G 32 -17.08 11.05 46.58
C MET G 32 -16.06 9.96 46.87
N GLY G 33 -16.16 9.34 48.04
CA GLY G 33 -15.22 8.29 48.44
C GLY G 33 -15.06 8.28 49.94
N VAL G 34 -14.91 9.46 50.51
CA VAL G 34 -15.04 9.64 51.94
C VAL G 34 -16.48 10.12 52.12
N ASN G 35 -17.33 9.17 52.51
CA ASN G 35 -18.79 9.29 52.39
C ASN G 35 -19.53 9.72 53.65
N SER G 36 -18.94 9.46 54.81
CA SER G 36 -19.55 9.85 56.08
C SER G 36 -18.81 11.03 56.73
N PRO G 37 -19.57 11.94 57.37
CA PRO G 37 -18.95 12.97 58.20
C PRO G 37 -18.81 12.56 59.65
N ASP G 38 -19.13 11.30 59.96
CA ASP G 38 -19.31 10.87 61.36
C ASP G 38 -18.16 10.07 61.99
N LEU G 39 -17.07 9.90 61.26
CA LEU G 39 -15.93 9.13 61.77
C LEU G 39 -14.76 10.05 62.12
N PRO G 40 -14.50 10.25 63.43
CA PRO G 40 -13.52 11.24 63.91
C PRO G 40 -12.15 11.18 63.21
N THR G 41 -11.64 9.98 62.98
CA THR G 41 -10.29 9.80 62.43
C THR G 41 -10.16 10.17 60.94
N THR G 42 -11.22 9.96 60.16
CA THR G 42 -11.12 10.07 58.70
C THR G 42 -12.06 11.07 58.00
N SER G 43 -13.01 11.62 58.74
CA SER G 43 -14.09 12.43 58.14
C SER G 43 -13.71 13.84 57.65
N ASN G 44 -12.51 14.32 57.97
CA ASN G 44 -12.04 15.62 57.50
CA ASN G 44 -12.09 15.63 57.49
C ASN G 44 -12.09 15.73 55.97
N TRP G 45 -12.05 14.58 55.29
CA TRP G 45 -12.09 14.52 53.81
C TRP G 45 -13.46 14.21 53.21
N TYR G 46 -14.50 14.33 54.05
CA TYR G 46 -15.89 14.19 53.62
C TYR G 46 -16.18 15.14 52.47
N THR G 47 -16.83 14.61 51.42
CA THR G 47 -17.08 15.32 50.15
C THR G 47 -15.86 15.39 49.20
N TYR G 48 -14.80 14.65 49.55
CA TYR G 48 -13.61 14.51 48.70
C TYR G 48 -13.24 13.04 48.51
N THR G 49 -12.50 12.76 47.45
CA THR G 49 -11.80 11.49 47.33
C THR G 49 -10.48 11.57 48.09
N TYR G 50 -9.75 10.46 48.12
CA TYR G 50 -8.33 10.52 48.49
C TYR G 50 -7.53 10.95 47.26
N ASP G 51 -6.21 10.87 47.33
CA ASP G 51 -5.38 11.40 46.24
C ASP G 51 -5.42 10.54 44.98
N LEU G 52 -5.82 11.16 43.87
CA LEU G 52 -5.90 10.45 42.60
C LEU G 52 -4.58 10.56 41.86
N GLN G 53 -3.95 9.40 41.61
CA GLN G 53 -2.57 9.38 41.13
C GLN G 53 -2.27 8.12 40.36
N PRO G 54 -2.21 8.22 39.01
CA PRO G 54 -1.75 7.12 38.18
C PRO G 54 -0.45 6.54 38.73
N LYS G 55 -0.38 5.21 38.79
CA LYS G 55 0.73 4.50 39.41
C LYS G 55 2.03 4.57 38.62
N GLY G 56 1.92 4.36 37.31
CA GLY G 56 3.09 4.23 36.45
C GLY G 56 3.34 2.78 36.08
N SER G 57 2.75 1.86 36.84
N SER G 57 2.75 1.87 36.85
CA SER G 57 2.84 0.44 36.56
CA SER G 57 2.86 0.42 36.64
C SER G 57 1.53 -0.28 36.86
C SER G 57 1.52 -0.27 36.85
N SER G 58 1.32 -1.39 36.15
CA SER G 58 0.09 -2.16 36.22
C SER G 58 0.11 -3.22 37.34
N PRO G 59 -1.08 -3.69 37.79
CA PRO G 59 -2.41 -3.21 37.41
C PRO G 59 -2.90 -2.12 38.32
N ASP G 60 -3.93 -1.39 37.88
CA ASP G 60 -4.59 -0.42 38.74
C ASP G 60 -5.50 -1.13 39.74
N GLN G 61 -5.28 -0.88 41.03
CA GLN G 61 -6.10 -1.46 42.08
C GLN G 61 -6.64 -0.34 42.97
N PRO G 62 -7.62 0.44 42.44
CA PRO G 62 -8.07 1.65 43.15
C PRO G 62 -8.68 1.35 44.50
N ILE G 63 -8.51 2.27 45.44
CA ILE G 63 -9.16 2.18 46.75
C ILE G 63 -10.57 2.77 46.66
N LYS G 64 -11.47 2.32 47.53
CA LYS G 64 -12.87 2.77 47.48
C LYS G 64 -13.03 4.28 47.69
N GLU G 65 -12.10 4.89 48.42
CA GLU G 65 -12.08 6.33 48.67
C GLU G 65 -11.76 7.15 47.43
N ASN G 66 -11.33 6.48 46.36
CA ASN G 66 -11.01 7.15 45.09
C ASN G 66 -12.06 6.93 44.00
N LEU G 67 -13.25 6.50 44.41
CA LEU G 67 -14.32 6.16 43.49
C LEU G 67 -15.63 6.91 43.82
N PRO G 68 -15.74 8.17 43.36
CA PRO G 68 -17.05 8.84 43.45
C PRO G 68 -18.19 7.94 42.97
N ALA G 69 -19.23 7.84 43.79
CA ALA G 69 -20.43 7.06 43.48
C ALA G 69 -21.67 7.94 43.38
N TYR G 70 -22.72 7.42 42.76
CA TYR G 70 -24.01 8.11 42.69
C TYR G 70 -24.67 8.24 44.05
N SER G 71 -25.32 9.38 44.27
CA SER G 71 -26.24 9.53 45.39
C SER G 71 -27.61 9.02 44.97
N VAL G 72 -28.33 8.41 45.90
CA VAL G 72 -29.70 7.95 45.64
C VAL G 72 -30.52 7.89 46.93
N ALA G 73 -31.79 8.26 46.82
CA ALA G 73 -32.75 8.09 47.89
C ALA G 73 -34.07 7.61 47.31
N ARG G 74 -34.75 6.75 48.07
CA ARG G 74 -36.13 6.40 47.82
C ARG G 74 -36.95 7.19 48.84
N VAL G 75 -37.85 8.03 48.34
CA VAL G 75 -38.74 8.80 49.22
C VAL G 75 -40.10 8.10 49.26
N SER G 76 -40.60 7.84 50.47
CA SER G 76 -41.93 7.24 50.66
C SER G 76 -43.01 8.29 50.48
N LEU G 77 -43.97 8.01 49.63
CA LEU G 77 -45.05 8.96 49.32
C LEU G 77 -46.33 8.57 50.05
N PRO G 78 -47.25 9.54 50.28
CA PRO G 78 -48.52 9.24 50.96
C PRO G 78 -49.23 8.05 50.32
N MET G 79 -49.59 7.07 51.16
CA MET G 79 -50.20 5.83 50.67
C MET G 79 -51.54 6.14 49.98
N LEU G 80 -51.82 5.45 48.88
CA LEU G 80 -52.94 5.83 48.03
C LEU G 80 -54.11 4.84 47.98
N ASN G 81 -53.80 3.55 48.12
CA ASN G 81 -54.81 2.51 48.02
C ASN G 81 -54.88 1.70 49.31
N THR G 88 -57.55 -1.66 38.92
CA THR G 88 -57.52 -0.20 38.71
C THR G 88 -57.30 0.57 40.03
N LEU G 89 -56.18 1.30 40.08
CA LEU G 89 -55.74 1.98 41.30
C LEU G 89 -55.05 3.32 41.00
N GLN G 90 -54.72 4.07 42.06
CA GLN G 90 -54.04 5.36 41.91
C GLN G 90 -52.52 5.25 42.08
N MET G 91 -51.78 6.06 41.32
CA MET G 91 -50.34 6.16 41.46
C MET G 91 -49.92 7.62 41.47
N TRP G 92 -48.87 7.92 42.21
CA TRP G 92 -48.26 9.25 42.12
C TRP G 92 -47.47 9.39 40.82
N GLU G 93 -47.65 10.54 40.17
CA GLU G 93 -47.00 10.84 38.90
C GLU G 93 -46.13 12.08 39.09
N ALA G 94 -44.81 11.94 38.93
CA ALA G 94 -43.90 13.09 39.05
C ALA G 94 -44.03 13.96 37.80
N ILE G 95 -44.35 15.24 37.99
CA ILE G 95 -44.65 16.06 36.82
C ILE G 95 -43.66 17.18 36.58
N SER G 96 -42.97 17.61 37.65
CA SER G 96 -41.93 18.60 37.53
C SER G 96 -40.97 18.59 38.72
N VAL G 97 -39.81 19.22 38.55
CA VAL G 97 -38.80 19.29 39.61
C VAL G 97 -38.02 20.61 39.56
N LYS G 98 -37.78 21.18 40.74
CA LYS G 98 -36.79 22.24 40.90
C LYS G 98 -35.58 21.60 41.58
N THR G 99 -34.44 21.63 40.90
CA THR G 99 -33.21 21.07 41.47
C THR G 99 -32.06 22.07 41.44
N GLU G 100 -31.20 22.00 42.43
CA GLU G 100 -30.13 22.98 42.58
C GLU G 100 -28.91 22.36 43.24
N VAL G 101 -27.74 22.66 42.69
CA VAL G 101 -26.49 22.29 43.34
C VAL G 101 -26.20 23.33 44.43
N VAL G 102 -26.09 22.84 45.67
CA VAL G 102 -25.93 23.69 46.84
C VAL G 102 -24.44 23.89 47.17
N GLY G 103 -24.08 25.08 47.63
CA GLY G 103 -22.72 25.35 48.09
C GLY G 103 -21.76 25.78 47.00
N ILE G 104 -22.31 26.18 45.86
CA ILE G 104 -21.50 26.57 44.71
C ILE G 104 -20.52 27.68 45.10
N SER G 105 -21.00 28.68 45.84
CA SER G 105 -20.19 29.81 46.28
C SER G 105 -18.96 29.46 47.11
N SER G 106 -18.94 28.28 47.72
CA SER G 106 -17.83 27.89 48.60
C SER G 106 -16.56 27.72 47.80
N LEU G 107 -16.70 27.61 46.48
CA LEU G 107 -15.58 27.36 45.57
C LEU G 107 -14.78 28.60 45.17
N ILE G 108 -15.18 29.78 45.63
CA ILE G 108 -14.35 31.00 45.47
C ILE G 108 -13.13 30.99 46.41
N ASN G 109 -13.15 30.11 47.40
CA ASN G 109 -12.07 29.94 48.36
C ASN G 109 -10.76 29.49 47.67
N VAL G 110 -9.83 30.42 47.51
CA VAL G 110 -8.51 30.12 46.92
C VAL G 110 -7.35 30.23 47.94
N HIS G 111 -7.66 29.93 49.20
CA HIS G 111 -6.70 30.04 50.30
C HIS G 111 -6.83 28.86 51.26
N TYR G 112 -7.23 27.70 50.75
CA TYR G 112 -7.11 26.45 51.49
C TYR G 112 -5.65 26.34 51.94
N TRP G 113 -5.43 25.91 53.18
CA TRP G 113 -4.10 26.01 53.80
C TRP G 113 -3.02 25.22 53.05
N ASP G 114 -3.39 24.09 52.48
CA ASP G 114 -2.46 23.23 51.74
C ASP G 114 -2.73 23.26 50.22
N MET G 115 -3.15 24.42 49.72
CA MET G 115 -3.48 24.56 48.30
C MET G 115 -2.22 24.87 47.48
N LYS G 116 -2.03 24.14 46.38
CA LYS G 116 -0.97 24.46 45.42
C LYS G 116 -1.19 25.85 44.84
N ARG G 117 -0.12 26.65 44.73
CA ARG G 117 -0.24 28.01 44.21
C ARG G 117 -0.17 28.05 42.68
N VAL G 118 -0.91 28.97 42.09
CA VAL G 118 -0.84 29.21 40.64
C VAL G 118 0.58 29.59 40.21
N HIS G 119 1.24 30.39 41.05
CA HIS G 119 2.67 30.73 40.91
C HIS G 119 3.22 31.20 42.26
N ASP G 120 4.53 31.40 42.35
CA ASP G 120 5.15 31.92 43.58
C ASP G 120 4.42 33.15 44.12
N TYR G 121 4.12 33.12 45.42
CA TYR G 121 3.38 34.17 46.14
C TYR G 121 1.90 34.32 45.72
N GLY G 122 1.42 33.43 44.86
CA GLY G 122 0.05 33.52 44.34
C GLY G 122 -1.00 32.91 45.24
N ALA G 123 -2.26 33.02 44.80
CA ALA G 123 -3.38 32.36 45.45
C ALA G 123 -3.35 30.89 45.06
N GLY G 124 -4.19 30.09 45.71
CA GLY G 124 -4.31 28.69 45.36
C GLY G 124 -4.97 28.53 44.00
N ILE G 125 -4.63 27.45 43.31
CA ILE G 125 -5.38 27.02 42.13
C ILE G 125 -6.79 26.68 42.63
N PRO G 126 -7.81 27.39 42.12
CA PRO G 126 -9.18 27.07 42.58
C PRO G 126 -9.70 25.71 42.10
N VAL G 127 -10.65 25.16 42.85
CA VAL G 127 -11.30 23.92 42.47
C VAL G 127 -11.71 24.04 41.00
N SER G 128 -11.09 23.23 40.14
N SER G 128 -11.05 23.26 40.14
CA SER G 128 -11.34 23.26 38.70
CA SER G 128 -11.28 23.28 38.69
C SER G 128 -10.97 21.90 38.10
C SER G 128 -11.01 21.89 38.12
N GLY G 129 -11.26 21.71 36.83
CA GLY G 129 -10.96 20.44 36.15
C GLY G 129 -12.19 19.60 35.86
N VAL G 130 -12.08 18.30 36.13
CA VAL G 130 -13.14 17.34 35.81
C VAL G 130 -14.46 17.68 36.52
N ASN G 131 -15.50 17.90 35.71
CA ASN G 131 -16.87 18.01 36.21
C ASN G 131 -17.75 16.89 35.67
N TYR G 132 -18.69 16.45 36.50
CA TYR G 132 -19.69 15.45 36.11
C TYR G 132 -20.96 15.77 36.88
N HIS G 133 -22.04 16.05 36.15
CA HIS G 133 -23.30 16.49 36.74
C HIS G 133 -24.47 15.75 36.13
N MET G 134 -25.25 15.10 36.98
CA MET G 134 -26.45 14.41 36.53
C MET G 134 -27.47 14.36 37.65
N PHE G 135 -28.74 14.38 37.29
CA PHE G 135 -29.80 14.03 38.23
C PHE G 135 -30.84 13.18 37.53
N ALA G 136 -31.55 12.38 38.31
CA ALA G 136 -32.62 11.55 37.78
C ALA G 136 -33.77 11.52 38.77
N ILE G 137 -34.98 11.50 38.20
CA ILE G 137 -36.23 11.33 38.92
C ILE G 137 -36.96 10.18 38.23
N GLY G 138 -37.38 9.20 39.03
CA GLY G 138 -38.06 8.03 38.51
C GLY G 138 -39.03 7.43 39.51
N GLY G 139 -39.83 6.47 39.03
CA GLY G 139 -40.80 5.78 39.87
C GLY G 139 -40.31 4.39 40.26
N GLU G 140 -39.00 4.19 40.08
CA GLU G 140 -38.30 2.93 40.35
C GLU G 140 -36.79 3.22 40.20
N PRO G 141 -35.93 2.27 40.62
CA PRO G 141 -34.50 2.52 40.52
C PRO G 141 -34.03 2.84 39.10
N LEU G 142 -33.07 3.77 38.99
CA LEU G 142 -32.45 4.09 37.71
C LEU G 142 -31.74 2.87 37.14
N ASP G 143 -31.94 2.60 35.86
CA ASP G 143 -31.28 1.50 35.19
C ASP G 143 -29.89 1.94 34.77
N LEU G 144 -28.91 1.08 35.08
CA LEU G 144 -27.49 1.38 34.84
C LEU G 144 -26.84 0.45 33.83
N GLN G 145 -25.99 1.03 32.98
CA GLN G 145 -25.14 0.28 32.07
C GLN G 145 -23.68 0.39 32.55
N GLY G 146 -22.97 -0.73 32.53
CA GLY G 146 -21.55 -0.77 32.87
C GLY G 146 -20.66 -0.53 31.66
N LEU G 147 -19.68 0.35 31.81
CA LEU G 147 -18.63 0.57 30.82
C LEU G 147 -17.44 1.23 31.48
N VAL G 148 -16.25 0.64 31.33
CA VAL G 148 -15.06 1.16 32.00
C VAL G 148 -13.98 1.58 31.00
N LEU G 149 -13.17 2.57 31.40
CA LEU G 149 -11.99 2.98 30.63
C LEU G 149 -11.08 1.76 30.37
N ASP G 150 -10.79 1.00 31.42
CA ASP G 150 -9.87 -0.13 31.35
C ASP G 150 -10.46 -1.36 32.06
N TYR G 151 -10.74 -2.41 31.29
CA TYR G 151 -11.33 -3.65 31.83
C TYR G 151 -10.39 -4.36 32.81
N GLN G 152 -9.10 -4.03 32.72
CA GLN G 152 -8.10 -4.63 33.59
C GLN G 152 -8.06 -3.99 34.99
N THR G 153 -8.76 -2.88 35.16
CA THR G 153 -8.87 -2.24 36.48
C THR G 153 -9.43 -3.24 37.50
N GLN G 154 -8.72 -3.41 38.61
CA GLN G 154 -9.17 -4.30 39.67
C GLN G 154 -9.82 -3.52 40.81
N TYR G 155 -11.15 -3.43 40.75
CA TYR G 155 -11.93 -2.70 41.75
C TYR G 155 -12.05 -3.51 43.03
N PRO G 156 -12.18 -2.83 44.18
CA PRO G 156 -12.34 -3.51 45.48
C PRO G 156 -13.59 -4.38 45.49
N LYS G 157 -13.53 -5.50 46.20
CA LYS G 157 -14.70 -6.39 46.35
C LYS G 157 -15.73 -5.71 47.26
N THR G 158 -17.00 -6.14 47.16
CA THR G 158 -18.10 -5.55 47.93
C THR G 158 -17.97 -5.67 49.45
N THR G 159 -17.24 -6.68 49.91
CA THR G 159 -17.13 -6.98 51.34
C THR G 159 -16.17 -6.01 52.04
N GLY G 162 -18.02 -1.79 50.39
CA GLY G 162 -17.36 -2.00 49.11
C GLY G 162 -18.27 -1.69 47.93
N PRO G 163 -17.69 -1.27 46.79
CA PRO G 163 -18.52 -0.86 45.66
C PRO G 163 -19.07 -2.04 44.86
N ILE G 164 -20.20 -1.80 44.19
CA ILE G 164 -20.77 -2.75 43.25
C ILE G 164 -20.31 -2.33 41.86
N THR G 165 -19.52 -3.21 41.24
CA THR G 165 -18.94 -2.95 39.92
C THR G 165 -19.33 -4.09 38.96
N ILE G 166 -18.79 -4.09 37.75
CA ILE G 166 -19.22 -5.06 36.73
C ILE G 166 -18.95 -6.51 37.16
N GLU G 167 -17.77 -6.75 37.74
CA GLU G 167 -17.42 -8.07 38.27
C GLU G 167 -18.45 -8.57 39.27
N THR G 168 -18.94 -7.67 40.11
CA THR G 168 -19.97 -7.99 41.10
C THR G 168 -21.22 -8.60 40.46
N VAL G 169 -21.69 -7.98 39.38
N VAL G 169 -21.71 -7.96 39.39
CA VAL G 169 -22.95 -8.38 38.74
CA VAL G 169 -22.93 -8.38 38.72
C VAL G 169 -22.83 -9.56 37.75
C VAL G 169 -22.74 -9.66 37.91
N LEU G 170 -21.66 -9.72 37.15
CA LEU G 170 -21.41 -10.84 36.24
C LEU G 170 -21.01 -12.13 36.97
N GLY G 171 -20.51 -11.99 38.19
CA GLY G 171 -19.99 -13.13 38.95
C GLY G 171 -18.65 -13.66 38.47
N ARG G 172 -18.11 -13.03 37.43
CA ARG G 172 -16.82 -13.39 36.84
C ARG G 172 -16.09 -12.08 36.49
N LYS G 173 -14.81 -12.20 36.12
CA LYS G 173 -13.99 -11.02 35.81
C LYS G 173 -14.38 -10.30 34.51
N MET G 174 -14.12 -9.01 34.47
CA MET G 174 -14.29 -8.23 33.24
C MET G 174 -13.43 -8.74 32.08
N THR G 175 -13.93 -8.56 30.86
CA THR G 175 -13.20 -8.92 29.63
C THR G 175 -13.12 -7.66 28.75
N PRO G 176 -12.29 -7.67 27.69
CA PRO G 176 -12.17 -6.48 26.85
C PRO G 176 -13.51 -5.86 26.42
N LYS G 177 -14.54 -6.67 26.20
CA LYS G 177 -15.84 -6.12 25.76
C LYS G 177 -16.43 -5.05 26.71
N ASN G 178 -16.02 -5.07 27.98
CA ASN G 178 -16.51 -4.09 28.96
C ASN G 178 -15.86 -2.71 28.83
N GLN G 179 -14.98 -2.56 27.85
CA GLN G 179 -14.54 -1.23 27.42
C GLN G 179 -15.54 -0.66 26.42
N GLY G 180 -16.42 -1.54 25.92
CA GLY G 180 -17.55 -1.14 25.08
C GLY G 180 -18.88 -1.45 25.77
N LEU G 181 -19.96 -1.50 24.99
CA LEU G 181 -21.28 -1.80 25.55
C LEU G 181 -21.51 -3.30 25.65
N ASP G 182 -21.46 -3.83 26.87
CA ASP G 182 -21.78 -5.22 27.13
C ASP G 182 -23.20 -5.30 27.71
N PRO G 183 -24.16 -5.81 26.90
CA PRO G 183 -25.56 -5.95 27.30
C PRO G 183 -25.77 -6.65 28.65
N GLN G 184 -24.88 -7.57 29.01
CA GLN G 184 -24.97 -8.27 30.29
C GLN G 184 -24.53 -7.42 31.48
N ALA G 185 -23.75 -6.37 31.21
CA ALA G 185 -23.27 -5.50 32.29
C ALA G 185 -24.32 -4.44 32.67
N LYS G 186 -25.36 -4.89 33.35
CA LYS G 186 -26.47 -4.04 33.75
C LYS G 186 -26.77 -4.17 35.24
N ALA G 187 -27.25 -3.08 35.83
CA ALA G 187 -27.53 -3.00 37.25
C ALA G 187 -28.59 -1.97 37.57
N LYS G 188 -29.08 -1.99 38.80
CA LYS G 188 -30.07 -1.02 39.26
C LYS G 188 -29.49 -0.16 40.36
N LEU G 189 -29.67 1.16 40.25
CA LEU G 189 -29.14 2.09 41.23
C LEU G 189 -29.99 2.06 42.50
N ASP G 190 -29.78 1.02 43.31
CA ASP G 190 -30.63 0.78 44.49
C ASP G 190 -29.93 1.06 45.81
N LYS G 191 -28.70 1.57 45.75
CA LYS G 191 -27.92 1.85 46.95
C LYS G 191 -27.11 3.14 46.86
N ASP G 192 -27.27 3.98 47.87
CA ASP G 192 -26.57 5.26 47.98
C ASP G 192 -25.07 5.02 48.19
N GLY G 193 -24.24 5.77 47.45
CA GLY G 193 -22.78 5.75 47.58
C GLY G 193 -22.11 4.41 47.39
N ASN G 194 -22.60 3.62 46.43
CA ASN G 194 -22.15 2.23 46.27
C ASN G 194 -21.85 1.84 44.81
N TYR G 195 -22.45 2.57 43.87
CA TYR G 195 -22.20 2.35 42.44
C TYR G 195 -21.27 3.44 41.90
N PRO G 196 -20.01 3.09 41.57
CA PRO G 196 -19.04 4.09 41.10
C PRO G 196 -19.43 4.74 39.77
N ILE G 197 -19.20 6.04 39.70
CA ILE G 197 -19.49 6.84 38.51
C ILE G 197 -18.63 6.40 37.31
N GLU G 198 -17.37 6.07 37.54
CA GLU G 198 -16.49 5.68 36.43
C GLU G 198 -16.85 4.30 35.89
N VAL G 199 -17.74 3.61 36.58
CA VAL G 199 -18.15 2.25 36.18
C VAL G 199 -19.56 2.20 35.57
N TRP G 200 -20.46 3.02 36.10
CA TRP G 200 -21.87 2.93 35.71
C TRP G 200 -22.41 4.22 35.16
N CYS G 201 -23.17 4.13 34.07
CA CYS G 201 -23.88 5.27 33.49
C CYS G 201 -25.36 4.90 33.32
N PRO G 202 -26.24 5.91 33.10
CA PRO G 202 -27.64 5.59 32.82
C PRO G 202 -27.79 4.70 31.59
N ASP G 203 -28.66 3.70 31.67
CA ASP G 203 -28.92 2.80 30.56
C ASP G 203 -30.03 3.42 29.69
N PRO G 204 -29.68 3.91 28.49
CA PRO G 204 -30.67 4.54 27.62
C PRO G 204 -31.64 3.53 27.00
N SER G 205 -31.31 2.24 27.07
CA SER G 205 -32.17 1.18 26.50
C SER G 205 -33.30 0.75 27.44
N LYS G 206 -33.23 1.20 28.68
CA LYS G 206 -34.32 1.01 29.65
C LYS G 206 -34.77 2.38 30.18
N ASN G 207 -35.02 2.49 31.49
CA ASN G 207 -35.42 3.76 32.11
C ASN G 207 -36.67 4.43 31.53
N GLU G 208 -37.60 3.62 31.04
CA GLU G 208 -38.88 4.10 30.51
C GLU G 208 -39.63 4.93 31.55
N ASN G 209 -39.45 4.57 32.83
CA ASN G 209 -40.13 5.19 33.96
C ASN G 209 -39.22 6.06 34.84
N SER G 210 -38.16 6.63 34.23
CA SER G 210 -37.31 7.63 34.87
C SER G 210 -36.97 8.72 33.87
N ARG G 211 -36.63 9.91 34.37
CA ARG G 211 -36.08 10.97 33.53
C ARG G 211 -34.71 11.33 34.08
N TYR G 212 -33.69 11.32 33.21
CA TYR G 212 -32.35 11.71 33.64
C TYR G 212 -31.72 12.75 32.71
N TYR G 213 -30.80 13.53 33.26
CA TYR G 213 -30.17 14.65 32.55
C TYR G 213 -28.74 14.71 33.07
N GLY G 214 -27.77 14.76 32.15
CA GLY G 214 -26.37 14.70 32.57
C GLY G 214 -25.36 15.36 31.67
N SER G 215 -24.19 15.66 32.23
CA SER G 215 -23.08 16.23 31.47
C SER G 215 -21.74 15.82 32.08
N ILE G 216 -20.71 15.75 31.23
CA ILE G 216 -19.32 15.63 31.66
C ILE G 216 -18.51 16.79 31.10
N GLN G 217 -17.44 17.14 31.81
CA GLN G 217 -16.45 18.08 31.34
C GLN G 217 -15.09 17.49 31.73
N THR G 218 -14.23 17.27 30.75
CA THR G 218 -12.88 16.76 31.06
C THR G 218 -11.86 17.90 31.03
N GLY G 219 -10.61 17.61 31.38
CA GLY G 219 -9.57 18.64 31.48
C GLY G 219 -9.10 18.73 32.93
N SER G 220 -7.92 19.32 33.14
N SER G 220 -7.93 19.31 33.15
CA SER G 220 -7.29 19.33 34.46
CA SER G 220 -7.32 19.32 34.48
C SER G 220 -7.55 20.60 35.25
C SER G 220 -7.57 20.61 35.26
N GLN G 221 -7.49 21.75 34.58
CA GLN G 221 -7.79 23.04 35.22
C GLN G 221 -8.92 23.79 34.53
N THR G 222 -9.74 23.04 33.79
CA THR G 222 -10.90 23.57 33.10
C THR G 222 -11.81 24.31 34.10
N PRO G 223 -12.17 25.57 33.78
CA PRO G 223 -13.06 26.33 34.69
C PRO G 223 -14.29 25.51 35.10
N THR G 224 -14.57 25.47 36.40
CA THR G 224 -15.84 24.99 36.89
C THR G 224 -16.84 26.12 36.69
N VAL G 225 -17.87 25.86 35.86
CA VAL G 225 -18.85 26.87 35.47
C VAL G 225 -20.25 26.32 35.77
N LEU G 226 -20.90 26.93 36.75
CA LEU G 226 -22.17 26.44 37.27
C LEU G 226 -23.14 27.58 37.53
N GLN G 227 -24.42 27.32 37.31
CA GLN G 227 -25.47 28.30 37.57
C GLN G 227 -26.35 27.85 38.74
N PHE G 228 -26.98 28.82 39.39
CA PHE G 228 -27.98 28.53 40.43
C PHE G 228 -29.09 29.57 40.40
N SER G 229 -30.33 29.09 40.49
CA SER G 229 -31.52 29.94 40.47
C SER G 229 -32.75 29.19 40.99
N ASN G 230 -33.58 29.86 41.79
CA ASN G 230 -34.82 29.26 42.26
C ASN G 230 -36.00 29.48 41.31
N THR G 231 -35.71 29.90 40.07
CA THR G 231 -36.77 30.18 39.08
C THR G 231 -36.81 29.13 37.97
N LEU G 232 -35.91 28.16 38.03
CA LEU G 232 -35.84 27.14 36.98
C LEU G 232 -36.54 25.85 37.34
N THR G 233 -37.40 25.37 36.44
CA THR G 233 -38.16 24.14 36.62
C THR G 233 -37.92 23.18 35.45
N THR G 234 -37.83 21.90 35.75
CA THR G 234 -37.75 20.86 34.74
C THR G 234 -39.08 20.11 34.70
N VAL G 235 -39.69 20.08 33.52
CA VAL G 235 -40.93 19.34 33.30
C VAL G 235 -40.59 17.87 33.06
N LEU G 236 -41.25 16.98 33.81
CA LEU G 236 -40.94 15.55 33.77
C LEU G 236 -41.83 14.72 32.85
N LEU G 237 -42.83 15.35 32.25
CA LEU G 237 -43.74 14.65 31.37
C LEU G 237 -43.04 14.23 30.09
N ASP G 238 -43.35 13.03 29.62
CA ASP G 238 -42.88 12.58 28.32
C ASP G 238 -43.74 13.18 27.19
N GLU G 239 -43.52 12.70 25.97
CA GLU G 239 -44.25 13.23 24.80
C GLU G 239 -45.73 12.84 24.79
N ASN G 240 -46.11 11.92 25.68
CA ASN G 240 -47.52 11.56 25.87
C ASN G 240 -48.21 12.36 26.99
N GLY G 241 -47.43 13.21 27.66
CA GLY G 241 -47.94 13.97 28.80
C GLY G 241 -47.93 13.18 30.10
N VAL G 242 -47.09 12.15 30.17
CA VAL G 242 -47.04 11.27 31.32
C VAL G 242 -45.69 11.38 32.04
N GLY G 243 -45.72 11.56 33.36
CA GLY G 243 -44.52 11.57 34.17
C GLY G 243 -44.17 10.18 34.71
N PRO G 244 -43.03 10.06 35.41
CA PRO G 244 -42.70 8.81 36.10
C PRO G 244 -43.81 8.38 37.06
N LEU G 245 -44.18 7.11 37.01
CA LEU G 245 -45.24 6.56 37.87
C LEU G 245 -44.62 5.75 39.01
N CYS G 246 -44.96 6.13 40.24
CA CYS G 246 -44.24 5.65 41.41
C CYS G 246 -44.75 4.32 41.94
N LYS G 247 -44.04 3.25 41.59
CA LYS G 247 -44.39 1.89 42.01
C LYS G 247 -44.22 1.73 43.51
N GLY G 248 -45.19 1.11 44.17
CA GLY G 248 -45.18 0.95 45.62
C GLY G 248 -45.07 2.24 46.40
N ASP G 249 -45.54 3.35 45.81
CA ASP G 249 -45.52 4.67 46.44
C ASP G 249 -44.11 5.12 46.83
N GLY G 250 -43.14 4.76 45.99
CA GLY G 250 -41.76 5.17 46.16
C GLY G 250 -41.31 6.04 44.99
N LEU G 251 -40.70 7.18 45.33
CA LEU G 251 -40.07 8.06 44.33
C LEU G 251 -38.55 7.93 44.44
N PHE G 252 -37.90 7.59 43.33
CA PHE G 252 -36.44 7.49 43.30
C PHE G 252 -35.76 8.73 42.77
N ILE G 253 -34.83 9.22 43.57
CA ILE G 253 -34.05 10.41 43.23
C ILE G 253 -32.55 10.10 43.31
N SER G 254 -31.83 10.40 42.22
CA SER G 254 -30.42 10.05 42.07
C SER G 254 -29.67 11.24 41.50
N CYS G 255 -28.38 11.34 41.82
CA CYS G 255 -27.54 12.39 41.28
C CYS G 255 -26.04 12.15 41.48
N ALA G 256 -25.26 13.05 40.88
CA ALA G 256 -23.81 13.08 41.02
C ALA G 256 -23.40 14.46 40.61
N ASP G 257 -22.57 15.10 41.44
CA ASP G 257 -22.08 16.45 41.15
C ASP G 257 -20.61 16.62 41.53
N ILE G 258 -19.73 16.10 40.67
CA ILE G 258 -18.29 16.30 40.78
C ILE G 258 -17.96 17.70 40.25
N VAL G 259 -17.30 18.51 41.06
CA VAL G 259 -17.05 19.93 40.72
C VAL G 259 -15.57 20.24 40.41
N GLY G 260 -14.73 19.22 40.41
CA GLY G 260 -13.30 19.43 40.11
C GLY G 260 -12.34 19.01 41.21
N PHE G 261 -11.07 19.39 41.04
CA PHE G 261 -9.98 18.95 41.91
C PHE G 261 -9.59 19.99 42.94
N LEU G 262 -9.32 19.52 44.15
CA LEU G 262 -8.55 20.30 45.09
C LEU G 262 -7.08 20.03 44.76
N PHE G 263 -6.34 21.10 44.45
CA PHE G 263 -4.91 20.99 44.13
C PHE G 263 -4.10 21.23 45.40
N LYS G 264 -3.43 20.18 45.87
CA LYS G 264 -2.61 20.25 47.08
C LYS G 264 -1.15 20.61 46.75
N THR G 265 -0.48 21.25 47.71
CA THR G 265 0.91 21.73 47.58
C THR G 265 1.91 20.70 47.03
N SER G 266 1.80 19.46 47.49
CA SER G 266 2.70 18.38 47.07
C SER G 266 2.57 18.00 45.59
N GLY G 267 1.55 18.54 44.93
CA GLY G 267 1.23 18.15 43.55
C GLY G 267 0.08 17.16 43.52
N LYS G 268 -0.21 16.56 44.66
CA LYS G 268 -1.31 15.59 44.75
C LYS G 268 -2.65 16.29 44.49
N MET G 269 -3.63 15.53 44.02
CA MET G 269 -4.94 16.10 43.65
C MET G 269 -6.05 15.17 44.07
N ALA G 270 -7.18 15.74 44.51
CA ALA G 270 -8.35 14.95 44.87
C ALA G 270 -9.61 15.57 44.27
N LEU G 271 -10.56 14.72 43.89
CA LEU G 271 -11.84 15.22 43.39
C LEU G 271 -12.76 15.66 44.53
N HIS G 272 -13.68 16.56 44.20
CA HIS G 272 -14.56 17.18 45.17
C HIS G 272 -15.99 17.20 44.64
N GLY G 273 -16.96 17.01 45.53
CA GLY G 273 -18.37 17.03 45.16
C GLY G 273 -19.16 18.01 45.99
N LEU G 274 -20.31 18.44 45.46
CA LEU G 274 -21.27 19.30 46.16
C LEU G 274 -22.65 18.62 46.30
N PRO G 275 -23.43 18.99 47.34
CA PRO G 275 -24.78 18.43 47.50
C PRO G 275 -25.79 19.00 46.49
N ARG G 276 -26.94 18.35 46.39
CA ARG G 276 -27.98 18.81 45.47
C ARG G 276 -29.35 18.76 46.14
N TYR G 277 -30.13 19.82 45.93
CA TYR G 277 -31.47 19.95 46.47
C TYR G 277 -32.51 19.59 45.41
N PHE G 278 -33.64 19.01 45.85
CA PHE G 278 -34.77 18.67 44.97
C PHE G 278 -36.11 19.09 45.59
N ASN G 279 -36.98 19.66 44.76
CA ASN G 279 -38.39 19.85 45.11
C ASN G 279 -39.22 19.29 43.97
N VAL G 280 -39.85 18.13 44.21
CA VAL G 280 -40.61 17.42 43.17
C VAL G 280 -42.10 17.61 43.41
N THR G 281 -42.82 18.01 42.36
CA THR G 281 -44.27 18.09 42.36
C THR G 281 -44.85 16.82 41.73
N LEU G 282 -45.78 16.19 42.43
CA LEU G 282 -46.45 14.98 41.93
C LEU G 282 -47.97 15.17 41.92
N ARG G 283 -48.63 14.47 41.01
CA ARG G 283 -50.10 14.45 41.00
C ARG G 283 -50.56 13.00 41.04
N LYS G 284 -51.82 12.77 41.43
CA LYS G 284 -52.39 11.43 41.44
C LYS G 284 -52.91 11.05 40.05
N ARG G 285 -52.78 9.78 39.71
CA ARG G 285 -53.10 9.30 38.37
C ARG G 285 -53.70 7.90 38.42
N TRP G 286 -54.85 7.73 37.77
CA TRP G 286 -55.49 6.43 37.63
C TRP G 286 -54.70 5.55 36.66
N VAL G 287 -54.45 4.31 37.08
CA VAL G 287 -53.83 3.31 36.21
C VAL G 287 -54.59 1.97 36.29
N LYS G 288 -54.48 1.14 35.26
CA LYS G 288 -55.24 -0.12 35.22
C LYS G 288 -54.42 -1.31 35.73
N VAL H 9 -51.49 33.28 54.23
CA VAL H 9 -51.45 34.61 53.54
C VAL H 9 -51.83 34.46 52.05
N GLU H 10 -53.12 34.60 51.79
CA GLU H 10 -53.69 34.35 50.46
C GLU H 10 -53.60 35.58 49.54
N VAL H 11 -53.11 35.35 48.32
CA VAL H 11 -52.89 36.43 47.36
C VAL H 11 -54.15 36.66 46.54
N LEU H 12 -54.65 37.89 46.55
CA LEU H 12 -55.86 38.21 45.79
C LEU H 12 -55.51 38.88 44.45
N SER H 13 -56.37 39.74 43.96
CA SER H 13 -56.20 40.36 42.66
C SER H 13 -55.23 41.56 42.68
N VAL H 14 -54.75 41.93 41.50
CA VAL H 14 -53.91 43.10 41.33
C VAL H 14 -54.74 44.36 41.52
N VAL H 15 -54.25 45.31 42.30
CA VAL H 15 -54.92 46.60 42.49
C VAL H 15 -54.96 47.41 41.19
N THR H 16 -56.14 47.94 40.83
CA THR H 16 -56.25 48.88 39.69
C THR H 16 -56.43 50.32 40.16
N GLY H 17 -55.73 51.24 39.52
CA GLY H 17 -55.80 52.66 39.87
C GLY H 17 -54.77 53.54 39.19
N GLU H 18 -54.73 54.80 39.60
CA GLU H 18 -53.84 55.80 38.99
C GLU H 18 -52.37 55.53 39.28
N ASP H 19 -52.04 55.40 40.56
CA ASP H 19 -50.65 55.26 40.99
C ASP H 19 -50.35 53.86 41.52
N SER H 20 -50.84 52.85 40.81
CA SER H 20 -50.66 51.46 41.23
C SER H 20 -49.29 50.87 40.85
N ILE H 21 -48.54 51.58 40.00
CA ILE H 21 -47.19 51.18 39.62
C ILE H 21 -46.17 52.15 40.24
N THR H 22 -45.09 51.60 40.79
CA THR H 22 -43.97 52.42 41.26
C THR H 22 -42.63 51.80 40.86
N GLN H 23 -41.64 52.65 40.65
N GLN H 23 -41.63 52.66 40.72
CA GLN H 23 -40.29 52.18 40.30
CA GLN H 23 -40.30 52.31 40.28
C GLN H 23 -39.30 52.67 41.34
C GLN H 23 -39.32 52.69 41.39
N ILE H 24 -38.45 51.77 41.81
CA ILE H 24 -37.35 52.15 42.71
C ILE H 24 -36.00 51.76 42.13
N GLU H 25 -35.03 52.64 42.31
CA GLU H 25 -33.69 52.40 41.83
C GLU H 25 -32.65 52.49 42.94
N LEU H 26 -31.61 51.68 42.83
N LEU H 26 -31.60 51.67 42.83
CA LEU H 26 -30.47 51.79 43.71
CA LEU H 26 -30.55 51.53 43.85
C LEU H 26 -29.25 51.18 43.05
C LEU H 26 -29.29 50.91 43.25
N TYR H 27 -28.11 51.37 43.68
CA TYR H 27 -26.87 50.71 43.33
C TYR H 27 -26.30 50.17 44.65
N LEU H 28 -25.52 49.11 44.55
CA LEU H 28 -24.83 48.55 45.71
C LEU H 28 -23.35 48.41 45.40
N ASN H 29 -22.53 49.13 46.15
CA ASN H 29 -21.09 49.00 46.05
C ASN H 29 -20.56 47.68 46.60
N PRO H 30 -19.51 47.12 45.96
CA PRO H 30 -19.06 45.78 46.33
C PRO H 30 -18.39 45.74 47.70
N ARG H 31 -18.51 44.60 48.38
CA ARG H 31 -17.94 44.41 49.71
C ARG H 31 -16.93 43.25 49.68
N MET H 32 -15.75 43.54 49.16
CA MET H 32 -14.75 42.51 48.86
C MET H 32 -13.85 42.14 50.03
N GLY H 33 -13.79 43.01 51.03
CA GLY H 33 -12.93 42.81 52.19
C GLY H 33 -12.53 44.15 52.75
N VAL H 34 -12.07 45.03 51.85
CA VAL H 34 -11.91 46.44 52.15
C VAL H 34 -13.22 47.12 51.71
N ASN H 35 -14.11 47.34 52.67
CA ASN H 35 -15.50 47.67 52.37
C ASN H 35 -15.87 49.14 52.42
N SER H 36 -14.95 49.98 52.89
CA SER H 36 -15.20 51.41 53.02
C SER H 36 -14.18 52.23 52.24
N PRO H 37 -14.64 53.29 51.56
CA PRO H 37 -13.70 54.24 50.94
C PRO H 37 -13.31 55.40 51.87
N ASP H 38 -13.81 55.40 53.10
CA ASP H 38 -13.68 56.55 53.98
C ASP H 38 -12.64 56.40 55.09
N LEU H 39 -11.94 55.28 55.10
CA LEU H 39 -10.92 55.00 56.11
C LEU H 39 -9.63 55.78 55.83
N PRO H 40 -8.96 56.26 56.90
CA PRO H 40 -7.83 57.20 56.73
C PRO H 40 -6.64 56.64 55.95
N THR H 41 -6.54 55.32 55.87
CA THR H 41 -5.32 54.66 55.41
C THR H 41 -5.59 53.52 54.43
N THR H 42 -6.39 52.54 54.86
CA THR H 42 -6.55 51.28 54.13
C THR H 42 -7.47 51.37 52.90
N SER H 43 -8.17 52.49 52.74
CA SER H 43 -9.19 52.66 51.70
C SER H 43 -8.71 52.66 50.25
N ASN H 44 -7.39 52.77 50.03
CA ASN H 44 -6.80 52.64 48.70
CA ASN H 44 -6.82 52.65 48.69
C ASN H 44 -7.17 51.31 48.04
N TRP H 45 -7.42 50.29 48.87
CA TRP H 45 -7.81 48.95 48.39
C TRP H 45 -9.32 48.67 48.41
N TYR H 46 -10.11 49.73 48.54
CA TYR H 46 -11.57 49.63 48.45
C TYR H 46 -11.98 48.98 47.11
N THR H 47 -12.89 48.00 47.21
CA THR H 47 -13.35 47.12 46.11
C THR H 47 -12.41 45.95 45.83
N TYR H 48 -11.45 45.71 46.72
CA TYR H 48 -10.51 44.58 46.62
C TYR H 48 -10.42 43.78 47.93
N THR H 49 -9.88 42.56 47.84
CA THR H 49 -9.39 41.84 49.02
C THR H 49 -7.96 42.25 49.33
N TYR H 50 -7.40 41.73 50.42
CA TYR H 50 -5.95 41.79 50.60
C TYR H 50 -5.33 40.63 49.80
N ASP H 51 -4.06 40.36 50.02
CA ASP H 51 -3.41 39.32 49.24
C ASP H 51 -3.88 37.93 49.66
N LEU H 52 -4.34 37.15 48.68
CA LEU H 52 -4.87 35.79 48.93
C LEU H 52 -3.79 34.73 48.77
N GLN H 53 -3.51 34.00 49.86
CA GLN H 53 -2.42 33.02 49.89
C GLN H 53 -2.76 31.79 50.71
N PRO H 54 -2.41 30.60 50.20
CA PRO H 54 -2.39 29.42 51.07
C PRO H 54 -1.39 29.65 52.20
N LYS H 55 -1.77 29.30 53.42
CA LYS H 55 -0.94 29.54 54.59
C LYS H 55 0.31 28.63 54.57
N GLY H 56 0.11 27.37 54.20
CA GLY H 56 1.20 26.38 54.19
C GLY H 56 1.15 25.44 55.38
N SER H 57 0.50 25.89 56.45
CA SER H 57 0.31 25.09 57.66
C SER H 57 -1.11 25.20 58.22
N SER H 58 -1.53 24.14 58.89
CA SER H 58 -2.85 24.03 59.53
C SER H 58 -2.91 24.84 60.83
N PRO H 59 -4.04 25.50 61.12
CA PRO H 59 -5.24 25.66 60.29
C PRO H 59 -5.26 27.01 59.57
N ASP H 60 -6.10 27.11 58.53
CA ASP H 60 -6.33 28.40 57.87
C ASP H 60 -7.03 29.35 58.82
N GLN H 61 -6.51 30.59 58.89
CA GLN H 61 -7.07 31.63 59.74
C GLN H 61 -7.22 32.91 58.91
N PRO H 62 -8.22 32.94 58.01
CA PRO H 62 -8.35 34.08 57.10
C PRO H 62 -8.71 35.37 57.84
N ILE H 63 -8.15 36.48 57.37
CA ILE H 63 -8.52 37.81 57.89
C ILE H 63 -9.76 38.32 57.13
N LYS H 64 -10.48 39.28 57.71
CA LYS H 64 -11.74 39.73 57.11
C LYS H 64 -11.58 40.43 55.76
N GLU H 65 -10.42 41.04 55.53
CA GLU H 65 -10.13 41.70 54.24
C GLU H 65 -9.99 40.68 53.10
N ASN H 66 -9.87 39.41 53.43
CA ASN H 66 -9.79 38.35 52.43
C ASN H 66 -11.08 37.57 52.25
N LEU H 67 -12.18 38.11 52.78
CA LEU H 67 -13.47 37.44 52.71
C LEU H 67 -14.54 38.30 52.04
N PRO H 68 -14.60 38.26 50.68
CA PRO H 68 -15.70 38.96 49.98
C PRO H 68 -17.06 38.54 50.53
N ALA H 69 -17.97 39.49 50.64
CA ALA H 69 -19.25 39.24 51.25
C ALA H 69 -20.38 39.71 50.35
N TYR H 70 -21.60 39.25 50.63
CA TYR H 70 -22.75 39.75 49.86
C TYR H 70 -23.05 41.21 50.19
N SER H 71 -23.46 41.94 49.15
CA SER H 71 -24.04 43.26 49.29
C SER H 71 -25.55 43.11 49.54
N VAL H 72 -26.12 43.97 50.38
CA VAL H 72 -27.57 43.96 50.61
C VAL H 72 -28.11 45.32 51.08
N ALA H 73 -29.33 45.64 50.64
CA ALA H 73 -30.07 46.79 51.12
C ALA H 73 -31.57 46.51 51.22
N ARG H 74 -32.17 46.94 52.32
CA ARG H 74 -33.62 47.01 52.43
C ARG H 74 -34.05 48.41 52.00
N VAL H 75 -34.87 48.50 50.95
CA VAL H 75 -35.40 49.78 50.50
C VAL H 75 -36.81 49.99 51.06
N SER H 76 -37.03 51.17 51.65
CA SER H 76 -38.35 51.55 52.17
C SER H 76 -39.28 51.95 51.05
N LEU H 77 -40.47 51.35 51.04
CA LEU H 77 -41.47 51.62 50.00
C LEU H 77 -42.60 52.50 50.56
N PRO H 78 -43.33 53.22 49.66
CA PRO H 78 -44.45 54.04 50.12
C PRO H 78 -45.47 53.20 50.90
N MET H 79 -45.82 53.68 52.10
CA MET H 79 -46.78 52.99 52.96
C MET H 79 -48.14 52.93 52.27
N LEU H 80 -48.82 51.79 52.43
CA LEU H 80 -50.00 51.47 51.61
C LEU H 80 -51.34 51.49 52.34
N ASN H 81 -51.30 51.24 53.65
CA ASN H 81 -52.52 51.05 54.42
C ASN H 81 -52.70 52.08 55.55
N GLU H 82 -53.77 52.88 55.44
CA GLU H 82 -54.06 53.96 56.39
C GLU H 82 -54.25 53.48 57.83
N CYS H 86 -59.02 45.72 58.93
CA CYS H 86 -59.01 44.96 57.68
C CYS H 86 -58.09 43.74 57.76
N ASP H 87 -58.60 42.60 57.32
CA ASP H 87 -57.81 41.38 57.13
C ASP H 87 -57.15 41.43 55.75
N THR H 88 -57.76 42.20 54.84
CA THR H 88 -57.32 42.36 53.47
C THR H 88 -56.58 43.68 53.26
N LEU H 89 -55.32 43.58 52.84
CA LEU H 89 -54.45 44.75 52.74
C LEU H 89 -53.76 44.80 51.38
N GLN H 90 -53.17 45.94 51.08
CA GLN H 90 -52.35 46.10 49.88
C GLN H 90 -50.88 45.81 50.20
N MET H 91 -50.21 45.10 49.29
CA MET H 91 -48.76 44.89 49.37
C MET H 91 -48.10 45.24 48.05
N TRP H 92 -46.88 45.75 48.11
CA TRP H 92 -46.05 45.95 46.94
C TRP H 92 -45.55 44.60 46.39
N GLU H 93 -45.75 44.41 45.09
CA GLU H 93 -45.32 43.20 44.40
C GLU H 93 -44.26 43.58 43.37
N ALA H 94 -43.04 43.07 43.56
CA ALA H 94 -41.96 43.28 42.59
C ALA H 94 -42.23 42.40 41.36
N ILE H 95 -42.39 43.02 40.19
CA ILE H 95 -42.78 42.27 39.01
C ILE H 95 -41.67 42.12 37.97
N SER H 96 -40.74 43.08 37.98
CA SER H 96 -39.61 43.04 37.06
C SER H 96 -38.44 43.88 37.54
N VAL H 97 -37.26 43.62 36.99
CA VAL H 97 -36.05 44.34 37.38
C VAL H 97 -35.11 44.48 36.17
N LYS H 98 -34.54 45.67 36.01
CA LYS H 98 -33.40 45.89 35.14
C LYS H 98 -32.18 46.04 36.03
N THR H 99 -31.21 45.14 35.87
CA THR H 99 -30.02 45.16 36.70
C THR H 99 -28.77 45.10 35.83
N GLU H 100 -27.73 45.82 36.26
CA GLU H 100 -26.51 45.94 35.49
C GLU H 100 -25.28 46.05 36.37
N VAL H 101 -24.24 45.30 36.02
CA VAL H 101 -22.94 45.48 36.60
C VAL H 101 -22.30 46.76 36.02
N VAL H 102 -21.91 47.66 36.91
CA VAL H 102 -21.42 49.00 36.54
C VAL H 102 -19.88 49.03 36.53
N GLY H 103 -19.30 49.85 35.65
CA GLY H 103 -17.84 49.99 35.54
C GLY H 103 -17.12 48.81 34.87
N ILE H 104 -17.83 48.06 34.06
CA ILE H 104 -17.23 46.91 33.38
C ILE H 104 -16.02 47.34 32.54
N SER H 105 -16.11 48.50 31.91
CA SER H 105 -15.06 49.01 31.03
C SER H 105 -13.74 49.32 31.77
N SER H 106 -13.82 49.59 33.06
CA SER H 106 -12.59 49.82 33.82
C SER H 106 -11.63 48.63 33.70
N LEU H 107 -12.15 47.45 33.35
CA LEU H 107 -11.30 46.25 33.29
C LEU H 107 -10.45 46.11 32.00
N ILE H 108 -10.55 47.06 31.08
CA ILE H 108 -9.62 47.09 29.95
C ILE H 108 -8.22 47.60 30.37
N ASN H 109 -8.10 48.14 31.58
CA ASN H 109 -6.85 48.69 32.09
C ASN H 109 -5.82 47.58 32.37
N VAL H 110 -4.77 47.57 31.56
CA VAL H 110 -3.68 46.60 31.69
C VAL H 110 -2.34 47.29 32.02
N HIS H 111 -2.43 48.44 32.69
CA HIS H 111 -1.27 49.27 33.00
C HIS H 111 -1.36 49.82 34.41
N TYR H 112 -1.95 49.02 35.30
CA TYR H 112 -1.86 49.29 36.73
C TYR H 112 -0.37 49.28 37.10
N TRP H 113 0.08 50.27 37.86
CA TRP H 113 1.51 50.46 38.08
C TRP H 113 2.23 49.23 38.63
N ASP H 114 1.55 48.43 39.45
CA ASP H 114 2.16 47.24 40.03
C ASP H 114 1.62 45.94 39.46
N MET H 115 1.21 45.96 38.20
CA MET H 115 0.63 44.79 37.54
C MET H 115 1.73 43.84 37.08
N LYS H 116 1.58 42.56 37.42
CA LYS H 116 2.39 41.50 36.82
C LYS H 116 2.17 41.48 35.31
N ARG H 117 3.26 41.35 34.55
CA ARG H 117 3.20 41.36 33.09
C ARG H 117 2.90 39.97 32.55
N VAL H 118 2.33 39.90 31.35
N VAL H 118 2.30 39.89 31.37
CA VAL H 118 2.09 38.62 30.69
CA VAL H 118 2.11 38.60 30.71
C VAL H 118 3.39 38.01 30.15
C VAL H 118 3.45 37.97 30.32
N HIS H 119 4.42 38.84 30.00
CA HIS H 119 5.80 38.42 29.65
C HIS H 119 6.68 39.68 29.70
N ASP H 120 8.00 39.52 29.59
CA ASP H 120 8.91 40.67 29.65
C ASP H 120 8.52 41.75 28.64
N TYR H 121 8.44 42.98 29.10
CA TYR H 121 8.09 44.16 28.28
C TYR H 121 6.62 44.23 27.85
N GLY H 122 5.84 43.23 28.26
CA GLY H 122 4.40 43.18 27.94
C GLY H 122 3.49 44.04 28.82
N ALA H 123 2.22 44.11 28.44
CA ALA H 123 1.18 44.72 29.27
C ALA H 123 0.91 43.88 30.53
N GLY H 124 0.20 44.44 31.49
CA GLY H 124 -0.22 43.69 32.68
C GLY H 124 -1.20 42.57 32.35
N ILE H 125 -1.21 41.51 33.17
CA ILE H 125 -2.28 40.51 33.09
C ILE H 125 -3.60 41.20 33.46
N PRO H 126 -4.58 41.20 32.55
CA PRO H 126 -5.83 41.90 32.91
C PRO H 126 -6.58 41.16 34.00
N VAL H 127 -7.42 41.91 34.72
CA VAL H 127 -8.28 41.30 35.74
C VAL H 127 -9.06 40.13 35.11
N SER H 128 -8.92 38.96 35.71
CA SER H 128 -9.40 37.70 35.15
C SER H 128 -9.28 36.62 36.21
N GLY H 129 -9.77 35.42 35.90
CA GLY H 129 -9.80 34.32 36.85
C GLY H 129 -11.18 34.09 37.44
N VAL H 130 -11.21 33.84 38.75
CA VAL H 130 -12.42 33.53 39.49
C VAL H 130 -13.47 34.65 39.39
N ASN H 131 -14.64 34.29 38.89
CA ASN H 131 -15.81 35.15 38.90
C ASN H 131 -16.93 34.53 39.71
N TYR H 132 -17.74 35.38 40.34
CA TYR H 132 -18.97 34.97 40.99
C TYR H 132 -19.96 36.09 40.85
N HIS H 133 -21.11 35.79 40.24
CA HIS H 133 -22.14 36.77 39.96
C HIS H 133 -23.52 36.28 40.35
N MET H 134 -24.13 37.03 41.27
CA MET H 134 -25.49 36.73 41.70
C MET H 134 -26.24 37.99 42.07
N PHE H 135 -27.56 37.96 41.86
CA PHE H 135 -28.44 38.98 42.42
C PHE H 135 -29.75 38.36 42.84
N ALA H 136 -30.43 39.05 43.76
CA ALA H 136 -31.70 38.60 44.34
C ALA H 136 -32.61 39.79 44.65
N ILE H 137 -33.91 39.56 44.45
CA ILE H 137 -34.97 40.51 44.75
C ILE H 137 -36.00 39.72 45.55
N GLY H 138 -36.29 40.21 46.75
CA GLY H 138 -37.20 39.53 47.66
C GLY H 138 -38.04 40.48 48.48
N GLY H 139 -39.10 39.95 49.09
CA GLY H 139 -39.98 40.73 49.95
C GLY H 139 -39.57 40.63 51.41
N GLU H 140 -38.43 39.99 51.63
CA GLU H 140 -37.85 39.73 52.95
C GLU H 140 -36.39 39.31 52.69
N PRO H 141 -35.55 39.27 53.75
CA PRO H 141 -34.14 38.86 53.61
C PRO H 141 -33.95 37.54 52.86
N LEU H 142 -32.91 37.47 52.04
CA LEU H 142 -32.56 36.22 51.34
C LEU H 142 -32.19 35.16 52.37
N ASP H 143 -32.70 33.95 52.18
CA ASP H 143 -32.35 32.81 53.03
C ASP H 143 -31.04 32.19 52.58
N LEU H 144 -30.14 31.99 53.54
CA LEU H 144 -28.80 31.47 53.27
C LEU H 144 -28.57 30.06 53.80
N GLN H 145 -27.83 29.27 53.01
CA GLN H 145 -27.35 27.96 53.45
C GLN H 145 -25.82 28.04 53.59
N GLY H 146 -25.30 27.49 54.69
CA GLY H 146 -23.87 27.45 54.96
C GLY H 146 -23.23 26.18 54.44
N LEU H 147 -22.08 26.33 53.77
CA LEU H 147 -21.27 25.21 53.29
C LEU H 147 -19.90 25.76 52.94
N VAL H 148 -18.87 25.16 53.50
CA VAL H 148 -17.49 25.61 53.28
C VAL H 148 -16.63 24.53 52.66
N LEU H 149 -15.55 24.97 52.01
CA LEU H 149 -14.56 24.04 51.44
C LEU H 149 -13.89 23.19 52.54
N ASP H 150 -13.57 23.85 53.65
CA ASP H 150 -12.80 23.23 54.74
C ASP H 150 -13.42 23.63 56.09
N TYR H 151 -13.98 22.65 56.79
CA TYR H 151 -14.64 22.89 58.08
C TYR H 151 -13.66 23.33 59.17
N GLN H 152 -12.37 23.05 58.98
CA GLN H 152 -11.35 23.40 59.98
C GLN H 152 -10.92 24.86 59.87
N THR H 153 -11.46 25.57 58.89
CA THR H 153 -11.15 26.99 58.71
C THR H 153 -11.60 27.79 59.92
N GLN H 154 -10.72 28.62 60.45
CA GLN H 154 -11.06 29.45 61.61
C GLN H 154 -11.32 30.90 61.20
N TYR H 155 -12.58 31.24 60.99
CA TYR H 155 -12.98 32.59 60.59
C TYR H 155 -12.90 33.54 61.77
N PRO H 156 -12.60 34.84 61.53
CA PRO H 156 -12.53 35.75 62.68
C PRO H 156 -13.87 35.74 63.43
N LYS H 157 -13.81 35.64 64.76
CA LYS H 157 -15.01 35.49 65.59
C LYS H 157 -15.92 36.69 65.44
N THR H 158 -17.22 36.43 65.32
CA THR H 158 -18.20 37.52 65.17
C THR H 158 -18.14 38.52 66.33
N THR H 159 -17.92 38.01 67.55
CA THR H 159 -17.82 38.86 68.74
C THR H 159 -16.57 39.77 68.77
N ASN H 160 -15.58 39.47 67.92
CA ASN H 160 -14.37 40.29 67.81
C ASN H 160 -14.43 41.26 66.62
N GLY H 161 -15.61 41.40 66.04
CA GLY H 161 -15.82 42.28 64.89
C GLY H 161 -15.83 41.52 63.58
N GLY H 162 -15.82 40.19 63.69
CA GLY H 162 -15.78 39.33 62.52
C GLY H 162 -17.09 39.23 61.75
N PRO H 163 -17.07 38.51 60.61
CA PRO H 163 -18.29 38.31 59.85
C PRO H 163 -19.15 37.23 60.51
N ILE H 164 -20.37 37.07 60.00
CA ILE H 164 -21.25 36.00 60.46
C ILE H 164 -20.97 34.75 59.66
N THR H 165 -20.62 33.67 60.35
CA THR H 165 -20.34 32.40 59.68
C THR H 165 -21.12 31.24 60.34
N ILE H 166 -20.81 30.02 59.96
CA ILE H 166 -21.53 28.86 60.48
C ILE H 166 -21.34 28.69 62.00
N GLU H 167 -20.12 28.89 62.50
CA GLU H 167 -19.87 28.84 63.93
C GLU H 167 -20.76 29.84 64.67
N THR H 168 -20.97 31.02 64.07
CA THR H 168 -21.81 32.06 64.64
C THR H 168 -23.25 31.56 64.87
N VAL H 169 -23.85 30.94 63.85
N VAL H 169 -23.84 30.97 63.83
CA VAL H 169 -25.25 30.51 63.95
CA VAL H 169 -25.21 30.48 63.91
C VAL H 169 -25.46 29.19 64.68
C VAL H 169 -25.35 29.29 64.85
N LEU H 170 -24.42 28.36 64.76
CA LEU H 170 -24.49 27.11 65.51
C LEU H 170 -24.19 27.26 66.99
N GLY H 171 -23.51 28.35 67.36
CA GLY H 171 -23.07 28.58 68.73
C GLY H 171 -21.95 27.65 69.16
N ARG H 172 -21.30 27.01 68.18
CA ARG H 172 -20.22 26.04 68.41
C ARG H 172 -19.43 25.78 67.13
N LYS H 173 -18.23 25.21 67.25
CA LYS H 173 -17.36 24.94 66.10
C LYS H 173 -18.01 24.06 65.02
N MET H 174 -17.68 24.33 63.76
CA MET H 174 -18.06 23.46 62.64
C MET H 174 -17.52 22.04 62.81
N THR H 175 -18.20 21.08 62.19
CA THR H 175 -17.74 19.70 62.14
C THR H 175 -17.65 19.30 60.66
N PRO H 176 -17.07 18.12 60.35
CA PRO H 176 -17.01 17.64 58.96
C PRO H 176 -18.30 17.83 58.13
N LYS H 177 -19.46 17.71 58.76
CA LYS H 177 -20.72 17.81 58.02
C LYS H 177 -20.94 19.16 57.32
N ASN H 178 -20.23 20.20 57.77
CA ASN H 178 -20.33 21.53 57.17
C ASN H 178 -19.56 21.68 55.84
N GLN H 179 -18.92 20.59 55.40
CA GLN H 179 -18.39 20.50 54.04
C GLN H 179 -19.50 19.99 53.13
N GLY H 180 -20.58 19.50 53.75
CA GLY H 180 -21.80 19.09 53.06
C GLY H 180 -22.95 20.02 53.45
N LEU H 181 -24.18 19.61 53.17
CA LEU H 181 -25.34 20.41 53.55
C LEU H 181 -25.80 19.99 54.95
N ASP H 182 -25.62 20.91 55.88
CA ASP H 182 -26.13 20.73 57.23
C ASP H 182 -27.34 21.65 57.37
N PRO H 183 -28.54 21.04 57.58
CA PRO H 183 -29.79 21.79 57.72
C PRO H 183 -29.76 22.83 58.83
N GLN H 184 -28.89 22.64 59.82
CA GLN H 184 -28.75 23.60 60.91
C GLN H 184 -27.95 24.85 60.51
N ALA H 185 -27.15 24.73 59.45
CA ALA H 185 -26.31 25.84 58.99
C ALA H 185 -27.09 26.81 58.08
N LYS H 186 -27.98 27.59 58.71
CA LYS H 186 -28.86 28.52 58.02
C LYS H 186 -28.81 29.93 58.60
N ALA H 187 -29.05 30.91 57.75
CA ALA H 187 -29.04 32.30 58.15
C ALA H 187 -29.86 33.14 57.19
N LYS H 188 -30.09 34.39 57.58
CA LYS H 188 -30.79 35.32 56.73
C LYS H 188 -29.81 36.40 56.35
N LEU H 189 -29.80 36.75 55.07
CA LEU H 189 -28.90 37.79 54.59
C LEU H 189 -29.45 39.15 55.00
N ASP H 190 -29.10 39.58 56.21
CA ASP H 190 -29.66 40.81 56.80
C ASP H 190 -28.68 41.97 56.96
N LYS H 191 -27.41 41.73 56.67
CA LYS H 191 -26.40 42.76 56.87
C LYS H 191 -25.42 42.88 55.71
N ASP H 192 -25.29 44.10 55.20
CA ASP H 192 -24.38 44.42 54.12
C ASP H 192 -22.93 44.16 54.52
N GLY H 193 -22.22 43.40 53.71
CA GLY H 193 -20.80 43.13 53.90
C GLY H 193 -20.40 42.31 55.12
N ASN H 194 -21.29 41.46 55.61
CA ASN H 194 -21.02 40.63 56.79
C ASN H 194 -21.15 39.14 56.60
N TYR H 195 -21.73 38.71 55.48
CA TYR H 195 -21.91 37.29 55.20
C TYR H 195 -21.00 36.84 54.06
N PRO H 196 -19.89 36.14 54.38
CA PRO H 196 -18.92 35.79 53.35
C PRO H 196 -19.48 34.88 52.26
N ILE H 197 -19.15 35.22 51.02
CA ILE H 197 -19.53 34.44 49.85
C ILE H 197 -19.04 32.98 49.91
N GLU H 198 -17.83 32.75 50.42
CA GLU H 198 -17.27 31.39 50.49
C GLU H 198 -17.93 30.50 51.57
N VAL H 199 -18.75 31.11 52.41
CA VAL H 199 -19.43 30.39 53.49
C VAL H 199 -20.92 30.19 53.21
N TRP H 200 -21.53 31.19 52.58
CA TRP H 200 -23.00 31.23 52.39
C TRP H 200 -23.44 31.24 50.93
N CYS H 201 -24.37 30.36 50.61
CA CYS H 201 -25.04 30.34 49.31
C CYS H 201 -26.57 30.47 49.53
N PRO H 202 -27.33 30.85 48.49
CA PRO H 202 -28.80 30.91 48.67
C PRO H 202 -29.40 29.54 49.03
N ASP H 203 -30.32 29.54 50.00
CA ASP H 203 -30.99 28.32 50.42
C ASP H 203 -32.15 27.99 49.47
N PRO H 204 -32.00 26.94 48.64
CA PRO H 204 -33.07 26.61 47.70
C PRO H 204 -34.28 25.96 48.36
N SER H 205 -34.16 25.57 49.63
CA SER H 205 -35.24 24.89 50.34
C SER H 205 -36.22 25.89 50.92
N LYS H 206 -35.81 27.16 50.90
CA LYS H 206 -36.62 28.28 51.38
C LYS H 206 -36.79 29.28 50.24
N ASN H 207 -36.65 30.58 50.57
CA ASN H 207 -36.72 31.66 49.58
C ASN H 207 -37.96 31.66 48.67
N GLU H 208 -39.10 31.23 49.21
CA GLU H 208 -40.35 31.25 48.46
C GLU H 208 -40.73 32.65 47.99
N ASN H 209 -40.26 33.67 48.70
CA ASN H 209 -40.65 35.05 48.48
C ASN H 209 -39.48 35.93 48.01
N SER H 210 -38.49 35.28 47.40
CA SER H 210 -37.38 35.95 46.72
C SER H 210 -37.15 35.28 45.38
N ARG H 211 -36.55 36.01 44.45
CA ARG H 211 -36.05 35.44 43.21
C ARG H 211 -34.54 35.66 43.19
N TYR H 212 -33.76 34.60 43.05
CA TYR H 212 -32.30 34.77 42.95
C TYR H 212 -31.71 34.10 41.72
N TYR H 213 -30.65 34.71 41.18
CA TYR H 213 -29.99 34.23 39.96
C TYR H 213 -28.49 34.40 40.11
N GLY H 214 -27.74 33.30 39.94
CA GLY H 214 -26.29 33.35 40.07
C GLY H 214 -25.49 32.36 39.24
N SER H 215 -24.18 32.57 39.21
CA SER H 215 -23.24 31.70 38.52
C SER H 215 -21.88 31.85 39.18
N ILE H 216 -21.05 30.82 39.02
CA ILE H 216 -19.62 30.89 39.35
C ILE H 216 -18.79 30.54 38.09
N GLN H 217 -17.51 30.89 38.14
CA GLN H 217 -16.52 30.53 37.13
C GLN H 217 -15.16 30.40 37.85
N THR H 218 -14.56 29.20 37.83
CA THR H 218 -13.24 29.04 38.45
C THR H 218 -12.11 29.06 37.42
N GLY H 219 -10.92 28.61 37.81
CA GLY H 219 -9.72 28.82 37.00
C GLY H 219 -9.03 30.12 37.40
N SER H 220 -7.72 30.22 37.14
CA SER H 220 -6.91 31.31 37.69
C SER H 220 -6.82 32.53 36.78
N GLN H 221 -6.80 32.32 35.46
CA GLN H 221 -6.72 33.42 34.51
C GLN H 221 -7.85 33.37 33.48
N THR H 222 -8.88 32.60 33.83
CA THR H 222 -10.06 32.44 33.00
C THR H 222 -10.59 33.81 32.59
N PRO H 223 -10.89 33.99 31.29
CA PRO H 223 -11.42 35.26 30.79
C PRO H 223 -12.67 35.71 31.54
N THR H 224 -12.69 36.99 31.91
CA THR H 224 -13.86 37.61 32.49
C THR H 224 -14.70 38.09 31.34
N VAL H 225 -15.89 37.52 31.23
CA VAL H 225 -16.77 37.77 30.11
C VAL H 225 -18.11 38.32 30.63
N LEU H 226 -18.31 39.62 30.49
CA LEU H 226 -19.50 40.28 31.01
C LEU H 226 -20.25 41.07 29.96
N GLN H 227 -21.57 41.04 30.05
CA GLN H 227 -22.40 41.86 29.16
C GLN H 227 -23.06 43.00 29.92
N PHE H 228 -23.41 44.06 29.19
CA PHE H 228 -24.19 45.15 29.74
C PHE H 228 -25.10 45.75 28.68
N SER H 229 -26.38 45.87 29.02
CA SER H 229 -27.38 46.51 28.17
C SER H 229 -28.55 47.05 28.99
N ASN H 230 -29.05 48.23 28.64
CA ASN H 230 -30.23 48.79 29.29
C ASN H 230 -31.55 48.33 28.64
N THR H 231 -31.48 47.28 27.82
CA THR H 231 -32.68 46.73 27.22
C THR H 231 -33.06 45.37 27.82
N LEU H 232 -32.29 44.91 28.80
CA LEU H 232 -32.52 43.61 29.41
C LEU H 232 -33.38 43.73 30.66
N THR H 233 -34.45 42.94 30.71
CA THR H 233 -35.39 42.95 31.82
C THR H 233 -35.56 41.54 32.36
N THR H 234 -35.50 41.38 33.68
CA THR H 234 -35.82 40.10 34.29
C THR H 234 -37.22 40.13 34.88
N VAL H 235 -38.08 39.25 34.41
CA VAL H 235 -39.42 39.11 34.95
C VAL H 235 -39.35 38.33 36.27
N LEU H 236 -40.02 38.86 37.31
CA LEU H 236 -39.90 38.34 38.68
C LEU H 236 -41.09 37.47 39.11
N LEU H 237 -42.11 37.38 38.26
CA LEU H 237 -43.31 36.58 38.55
C LEU H 237 -42.99 35.09 38.58
N ASP H 238 -43.51 34.38 39.56
CA ASP H 238 -43.39 32.92 39.59
C ASP H 238 -44.33 32.29 38.57
N GLU H 239 -44.44 30.96 38.60
CA GLU H 239 -45.25 30.23 37.62
C GLU H 239 -46.76 30.43 37.81
N ASN H 240 -47.15 30.99 38.96
CA ASN H 240 -48.54 31.37 39.22
C ASN H 240 -48.82 32.85 38.87
N GLY H 241 -47.81 33.54 38.32
CA GLY H 241 -47.92 34.95 37.95
C GLY H 241 -47.83 35.92 39.12
N VAL H 242 -47.15 35.51 40.20
CA VAL H 242 -47.01 36.32 41.41
C VAL H 242 -45.55 36.64 41.66
N GLY H 243 -45.24 37.93 41.83
CA GLY H 243 -43.89 38.37 42.17
C GLY H 243 -43.68 38.40 43.66
N PRO H 244 -42.43 38.66 44.11
CA PRO H 244 -42.16 38.85 45.53
C PRO H 244 -43.07 39.93 46.15
N LEU H 245 -43.62 39.61 47.33
CA LEU H 245 -44.52 40.48 48.05
C LEU H 245 -43.78 41.09 49.24
N CYS H 246 -43.76 42.42 49.29
CA CYS H 246 -42.89 43.13 50.21
C CYS H 246 -43.48 43.26 51.62
N LYS H 247 -43.12 42.31 52.48
CA LYS H 247 -43.56 42.31 53.88
C LYS H 247 -43.09 43.55 54.60
N GLY H 248 -44.01 44.22 55.28
CA GLY H 248 -43.71 45.41 56.05
C GLY H 248 -43.22 46.57 55.21
N ASP H 249 -43.62 46.60 53.94
CA ASP H 249 -43.21 47.63 52.98
C ASP H 249 -41.70 47.74 52.79
N GLY H 250 -41.03 46.61 52.87
CA GLY H 250 -39.59 46.53 52.61
C GLY H 250 -39.25 45.68 51.40
N LEU H 251 -38.44 46.24 50.50
CA LEU H 251 -37.90 45.51 49.35
C LEU H 251 -36.45 45.12 49.62
N PHE H 252 -36.15 43.83 49.55
CA PHE H 252 -34.81 43.35 49.82
C PHE H 252 -34.04 43.05 48.53
N ILE H 253 -32.88 43.69 48.40
CA ILE H 253 -32.03 43.54 47.22
C ILE H 253 -30.62 43.10 47.62
N SER H 254 -30.15 42.03 46.99
CA SER H 254 -28.88 41.39 47.34
C SER H 254 -28.06 41.11 46.08
N CYS H 255 -26.73 41.11 46.23
CA CYS H 255 -25.87 40.78 45.11
C CYS H 255 -24.44 40.48 45.53
N ALA H 256 -23.68 40.00 44.54
CA ALA H 256 -22.25 39.82 44.63
C ALA H 256 -21.74 39.80 43.19
N ASP H 257 -20.63 40.51 42.95
CA ASP H 257 -20.01 40.51 41.63
C ASP H 257 -18.48 40.51 41.71
N ILE H 258 -17.91 39.33 41.91
CA ILE H 258 -16.46 39.12 41.88
C ILE H 258 -16.03 38.98 40.41
N VAL H 259 -15.15 39.87 39.95
CA VAL H 259 -14.80 39.93 38.51
C VAL H 259 -13.39 39.44 38.16
N GLY H 260 -12.65 38.91 39.14
CA GLY H 260 -11.34 38.35 38.86
C GLY H 260 -10.24 38.87 39.76
N PHE H 261 -9.02 38.38 39.52
CA PHE H 261 -7.85 38.80 40.29
C PHE H 261 -7.14 40.02 39.71
N LEU H 262 -6.63 40.86 40.59
CA LEU H 262 -5.58 41.80 40.22
C LEU H 262 -4.26 41.07 40.48
N PHE H 263 -3.48 40.86 39.42
CA PHE H 263 -2.19 40.17 39.53
C PHE H 263 -1.09 41.21 39.75
N LYS H 264 -0.41 41.12 40.90
CA LYS H 264 0.64 42.07 41.27
C LYS H 264 2.04 41.55 40.91
N THR H 265 2.96 42.48 40.71
CA THR H 265 4.34 42.20 40.29
C THR H 265 4.99 41.08 41.09
N SER H 266 4.82 41.12 42.41
CA SER H 266 5.43 40.15 43.30
C SER H 266 4.94 38.71 43.11
N GLY H 267 3.80 38.55 42.46
CA GLY H 267 3.16 37.24 42.33
C GLY H 267 1.88 37.18 43.14
N LYS H 268 1.77 38.09 44.12
CA LYS H 268 0.58 38.17 44.96
C LYS H 268 -0.69 38.55 44.19
N MET H 269 -1.83 38.12 44.71
CA MET H 269 -3.10 38.25 44.00
C MET H 269 -4.22 38.73 44.92
N ALA H 270 -5.03 39.65 44.41
CA ALA H 270 -6.19 40.14 45.15
C ALA H 270 -7.44 40.03 44.31
N LEU H 271 -8.53 39.55 44.91
CA LEU H 271 -9.83 39.54 44.21
C LEU H 271 -10.40 40.95 44.12
N HIS H 272 -11.18 41.21 43.09
CA HIS H 272 -11.76 42.53 42.80
C HIS H 272 -13.24 42.38 42.50
N GLY H 273 -14.04 43.34 42.93
CA GLY H 273 -15.48 43.32 42.63
C GLY H 273 -15.94 44.60 41.94
N LEU H 274 -17.11 44.53 41.32
CA LEU H 274 -17.76 45.69 40.71
C LEU H 274 -19.15 46.00 41.32
N PRO H 275 -19.58 47.29 41.30
CA PRO H 275 -20.92 47.63 41.78
C PRO H 275 -22.03 47.16 40.84
N ARG H 276 -23.25 47.10 41.38
CA ARG H 276 -24.40 46.68 40.60
C ARG H 276 -25.57 47.67 40.84
N TYR H 277 -26.24 48.02 39.75
CA TYR H 277 -27.37 48.92 39.76
C TYR H 277 -28.66 48.12 39.51
N PHE H 278 -29.76 48.60 40.09
CA PHE H 278 -31.08 47.97 39.95
C PHE H 278 -32.13 49.03 39.69
N ASN H 279 -33.08 48.68 38.84
CA ASN H 279 -34.33 49.41 38.72
C ASN H 279 -35.45 48.38 38.76
N VAL H 280 -36.17 48.36 39.89
CA VAL H 280 -37.24 47.41 40.12
C VAL H 280 -38.61 48.07 39.89
N THR H 281 -39.43 47.43 39.08
CA THR H 281 -40.82 47.86 38.89
C THR H 281 -41.72 47.07 39.85
N LEU H 282 -42.56 47.79 40.59
CA LEU H 282 -43.49 47.18 41.55
C LEU H 282 -44.95 47.62 41.31
N ARG H 283 -45.88 46.75 41.64
CA ARG H 283 -47.32 47.05 41.55
C ARG H 283 -48.02 46.69 42.88
N LYS H 284 -49.13 47.36 43.14
CA LYS H 284 -49.93 47.06 44.33
C LYS H 284 -50.77 45.82 44.10
N ARG H 285 -50.79 44.95 45.09
CA ARG H 285 -51.52 43.69 45.06
C ARG H 285 -52.32 43.51 46.35
N TRP H 286 -53.58 43.11 46.22
CA TRP H 286 -54.44 42.79 47.36
C TRP H 286 -54.04 41.43 47.95
N VAL H 287 -54.00 41.38 49.29
CA VAL H 287 -53.70 40.14 50.02
C VAL H 287 -54.65 39.96 51.20
N LYS H 288 -54.91 38.72 51.59
CA LYS H 288 -55.79 38.47 52.74
C LYS H 288 -55.01 38.21 54.03
N VAL I 9 -43.12 65.44 28.41
CA VAL I 9 -42.77 64.98 27.03
C VAL I 9 -43.60 63.74 26.65
N GLU I 10 -44.87 63.96 26.29
CA GLU I 10 -45.83 62.88 26.04
C GLU I 10 -45.77 62.34 24.60
N VAL I 11 -45.68 61.01 24.48
CA VAL I 11 -45.51 60.34 23.18
C VAL I 11 -46.87 59.99 22.58
N LEU I 12 -47.16 60.58 21.43
CA LEU I 12 -48.43 60.32 20.76
C LEU I 12 -48.28 59.26 19.67
N SER I 13 -49.10 59.37 18.63
CA SER I 13 -49.15 58.33 17.59
C SER I 13 -48.06 58.47 16.54
N VAL I 14 -47.76 57.35 15.88
CA VAL I 14 -46.86 57.31 14.73
C VAL I 14 -47.51 58.08 13.55
N VAL I 15 -46.73 58.98 12.94
CA VAL I 15 -47.16 59.73 11.76
C VAL I 15 -47.32 58.82 10.54
N THR I 16 -48.46 58.93 9.85
CA THR I 16 -48.74 58.08 8.68
C THR I 16 -48.49 58.80 7.35
N GLY I 17 -48.46 58.02 6.27
CA GLY I 17 -48.31 58.56 4.92
C GLY I 17 -46.93 58.39 4.33
N GLU I 18 -46.77 58.82 3.08
CA GLU I 18 -45.49 58.78 2.38
C GLU I 18 -44.44 59.68 3.06
N ASP I 19 -43.16 59.30 2.92
CA ASP I 19 -42.03 60.07 3.45
C ASP I 19 -41.89 60.05 4.98
N SER I 20 -42.61 59.16 5.65
CA SER I 20 -42.57 59.09 7.11
C SER I 20 -41.45 58.20 7.65
N ILE I 21 -40.81 57.44 6.76
CA ILE I 21 -39.66 56.60 7.13
C ILE I 21 -38.38 57.10 6.43
N THR I 22 -37.30 57.28 7.19
CA THR I 22 -36.01 57.63 6.61
C THR I 22 -34.85 56.75 7.12
N GLN I 23 -33.81 56.62 6.30
CA GLN I 23 -32.62 55.88 6.66
C GLN I 23 -31.38 56.75 6.79
N ILE I 24 -30.59 56.47 7.82
CA ILE I 24 -29.36 57.20 8.11
C ILE I 24 -28.23 56.19 8.21
N GLU I 25 -27.20 56.36 7.39
CA GLU I 25 -26.03 55.48 7.47
C GLU I 25 -24.75 56.24 7.76
N LEU I 26 -23.83 55.60 8.46
CA LEU I 26 -22.51 56.16 8.73
C LEU I 26 -21.54 55.11 9.24
N TYR I 27 -20.25 55.45 9.20
CA TYR I 27 -19.23 54.64 9.85
C TYR I 27 -18.52 55.50 10.88
N LEU I 28 -17.98 54.85 11.91
CA LEU I 28 -17.13 55.55 12.88
C LEU I 28 -15.81 54.82 12.99
N ASN I 29 -14.72 55.55 12.77
CA ASN I 29 -13.38 55.00 12.90
C ASN I 29 -12.91 54.96 14.35
N PRO I 30 -12.17 53.89 14.73
CA PRO I 30 -11.76 53.68 16.12
C PRO I 30 -10.85 54.78 16.65
N ARG I 31 -10.98 55.10 17.93
CA ARG I 31 -10.15 56.12 18.57
C ARG I 31 -9.37 55.49 19.71
N MET I 32 -8.34 54.73 19.34
CA MET I 32 -7.61 53.88 20.28
C MET I 32 -6.49 54.57 21.03
N GLY I 33 -6.19 55.82 20.66
CA GLY I 33 -5.05 56.52 21.22
C GLY I 33 -4.35 57.35 20.17
N VAL I 34 -3.96 56.71 19.07
CA VAL I 34 -3.54 57.44 17.87
C VAL I 34 -4.81 57.57 17.04
N ASN I 35 -5.40 58.76 17.11
CA ASN I 35 -6.78 58.96 16.69
C ASN I 35 -6.95 59.54 15.30
N SER I 36 -5.87 60.12 14.77
CA SER I 36 -5.87 60.70 13.43
C SER I 36 -4.94 59.94 12.48
N PRO I 37 -5.40 59.72 11.23
CA PRO I 37 -4.57 59.10 10.21
C PRO I 37 -3.79 60.13 9.39
N ASP I 38 -3.91 61.41 9.76
CA ASP I 38 -3.44 62.52 8.94
C ASP I 38 -2.22 63.24 9.50
N LEU I 39 -1.83 62.89 10.72
CA LEU I 39 -0.66 63.49 11.37
C LEU I 39 0.65 62.98 10.73
N PRO I 40 1.61 63.90 10.49
CA PRO I 40 2.72 63.62 9.58
C PRO I 40 3.63 62.47 10.02
N THR I 41 3.97 62.43 11.31
CA THR I 41 5.00 61.52 11.82
C THR I 41 4.48 60.45 12.77
N THR I 42 3.24 60.59 13.23
CA THR I 42 2.71 59.73 14.29
C THR I 42 1.59 58.77 13.84
N SER I 43 1.06 58.96 12.64
CA SER I 43 -0.14 58.26 12.19
C SER I 43 0.03 56.81 11.72
N ASN I 44 1.27 56.32 11.73
CA ASN I 44 1.53 54.94 11.36
C ASN I 44 0.81 53.98 12.31
N TRP I 45 0.56 54.45 13.53
CA TRP I 45 -0.09 53.65 14.56
C TRP I 45 -1.59 53.92 14.73
N TYR I 46 -2.18 54.64 13.79
CA TYR I 46 -3.63 54.83 13.70
C TYR I 46 -4.40 53.51 13.87
N THR I 47 -5.41 53.55 14.73
CA THR I 47 -6.23 52.39 15.16
C THR I 47 -5.51 51.49 16.18
N TYR I 48 -4.45 52.03 16.79
CA TYR I 48 -3.68 51.32 17.80
C TYR I 48 -3.38 52.23 18.98
N THR I 49 -3.11 51.62 20.14
CA THR I 49 -2.47 52.33 21.24
C THR I 49 -0.96 52.36 21.02
N TYR I 50 -0.23 53.08 21.87
CA TYR I 50 1.20 52.86 22.01
C TYR I 50 1.40 51.60 22.85
N ASP I 51 2.64 51.31 23.23
CA ASP I 51 2.93 50.11 24.02
C ASP I 51 2.39 50.24 25.45
N LEU I 52 1.62 49.24 25.88
CA LEU I 52 1.00 49.25 27.20
C LEU I 52 1.85 48.51 28.21
N GLN I 53 2.24 49.21 29.27
CA GLN I 53 3.17 48.67 30.26
C GLN I 53 2.87 49.14 31.69
N PRO I 54 2.96 48.21 32.66
CA PRO I 54 2.98 48.61 34.06
C PRO I 54 4.24 49.43 34.34
N LYS I 55 4.07 50.60 34.95
CA LYS I 55 5.18 51.50 35.25
C LYS I 55 6.25 50.84 36.13
N GLY I 56 5.80 50.10 37.14
CA GLY I 56 6.71 49.48 38.10
C GLY I 56 6.92 50.34 39.34
N SER I 57 6.34 51.55 39.33
CA SER I 57 6.38 52.45 40.49
C SER I 57 5.20 53.42 40.46
N SER I 58 4.81 53.88 41.65
N SER I 58 4.79 53.87 41.65
CA SER I 58 3.65 54.76 41.83
CA SER I 58 3.62 54.75 41.80
C SER I 58 4.03 56.22 41.60
C SER I 58 4.01 56.21 41.61
N PRO I 59 3.09 57.03 41.05
CA PRO I 59 1.80 56.62 40.52
C PRO I 59 1.85 56.37 39.01
N ASP I 60 0.90 55.59 38.50
CA ASP I 60 0.74 55.42 37.06
C ASP I 60 0.38 56.77 36.46
N GLN I 61 1.03 57.13 35.37
CA GLN I 61 0.76 58.39 34.68
C GLN I 61 0.59 58.15 33.18
N PRO I 62 -0.52 57.49 32.79
CA PRO I 62 -0.69 57.09 31.39
C PRO I 62 -0.65 58.26 30.42
N ILE I 63 -0.21 57.97 29.20
CA ILE I 63 -0.21 58.95 28.12
C ILE I 63 -1.51 58.82 27.34
N LYS I 64 -1.94 59.89 26.68
CA LYS I 64 -3.20 59.86 25.95
C LYS I 64 -3.25 58.76 24.87
N GLU I 65 -2.09 58.45 24.28
CA GLU I 65 -1.99 57.43 23.22
C GLU I 65 -2.24 56.03 23.76
N ASN I 66 -2.24 55.87 25.09
CA ASN I 66 -2.56 54.57 25.71
C ASN I 66 -3.97 54.49 26.28
N LEU I 67 -4.85 55.40 25.84
CA LEU I 67 -6.19 55.46 26.39
C LEU I 67 -7.25 55.41 25.28
N PRO I 68 -7.60 54.18 24.83
CA PRO I 68 -8.71 54.02 23.89
C PRO I 68 -9.98 54.69 24.40
N ALA I 69 -10.67 55.37 23.50
CA ALA I 69 -11.82 56.18 23.85
C ALA I 69 -13.00 55.85 22.96
N TYR I 70 -14.18 56.23 23.42
CA TYR I 70 -15.41 56.07 22.64
C TYR I 70 -15.40 56.88 21.37
N SER I 71 -15.92 56.28 20.30
CA SER I 71 -16.29 57.00 19.08
C SER I 71 -17.71 57.54 19.26
N VAL I 72 -17.97 58.73 18.73
CA VAL I 72 -19.32 59.31 18.80
C VAL I 72 -19.55 60.27 17.64
N ALA I 73 -20.79 60.30 17.15
CA ALA I 73 -21.21 61.32 16.18
C ALA I 73 -22.66 61.73 16.39
N ARG I 74 -22.91 63.03 16.26
CA ARG I 74 -24.26 63.56 16.13
C ARG I 74 -24.59 63.69 14.64
N VAL I 75 -25.66 63.03 14.22
CA VAL I 75 -26.10 63.10 12.83
C VAL I 75 -27.35 63.95 12.75
N SER I 76 -27.29 65.04 11.96
CA SER I 76 -28.44 65.90 11.70
C SER I 76 -29.47 65.19 10.81
N LEU I 77 -30.74 65.32 11.19
CA LEU I 77 -31.84 64.68 10.47
C LEU I 77 -32.68 65.72 9.74
N PRO I 78 -33.48 65.30 8.73
CA PRO I 78 -34.31 66.27 8.01
C PRO I 78 -35.23 67.02 8.96
N MET I 79 -35.27 68.35 8.83
CA MET I 79 -36.03 69.21 9.73
C MET I 79 -37.54 68.95 9.60
N LEU I 80 -38.23 68.93 10.73
CA LEU I 80 -39.64 68.53 10.74
C LEU I 80 -40.63 69.64 11.09
N ASN I 81 -40.20 70.61 11.88
CA ASN I 81 -41.12 71.64 12.38
C ASN I 81 -40.69 73.07 12.04
N THR I 88 -47.52 70.22 20.58
CA THR I 88 -47.50 68.95 19.85
C THR I 88 -46.75 69.06 18.51
N LEU I 89 -45.72 68.24 18.33
CA LEU I 89 -44.88 68.30 17.13
C LEU I 89 -44.31 66.95 16.73
N GLN I 90 -43.59 66.95 15.61
CA GLN I 90 -42.99 65.73 15.07
C GLN I 90 -41.53 65.57 15.45
N MET I 91 -41.15 64.33 15.75
CA MET I 91 -39.79 63.97 16.10
C MET I 91 -39.43 62.65 15.43
N TRP I 92 -38.15 62.52 15.07
CA TRP I 92 -37.65 61.26 14.53
C TRP I 92 -37.50 60.22 15.64
N GLU I 93 -38.00 59.03 15.37
CA GLU I 93 -37.92 57.92 16.31
C GLU I 93 -37.12 56.79 15.70
N ALA I 94 -35.96 56.49 16.28
CA ALA I 94 -35.12 55.42 15.79
C ALA I 94 -35.77 54.09 16.17
N ILE I 95 -36.09 53.27 15.17
CA ILE I 95 -36.83 52.03 15.45
C ILE I 95 -36.00 50.76 15.31
N SER I 96 -35.02 50.78 14.42
CA SER I 96 -34.10 49.66 14.25
C SER I 96 -32.73 50.11 13.74
N VAL I 97 -31.75 49.21 13.84
CA VAL I 97 -30.41 49.50 13.36
C VAL I 97 -29.74 48.23 12.86
N LYS I 98 -29.07 48.33 11.71
CA LYS I 98 -28.12 47.32 11.26
C LYS I 98 -26.73 47.88 11.54
N THR I 99 -25.97 47.20 12.38
CA THR I 99 -24.62 47.65 12.73
C THR I 99 -23.62 46.52 12.52
N GLU I 100 -22.42 46.86 12.08
CA GLU I 100 -21.41 45.85 11.77
C GLU I 100 -20.01 46.37 12.07
N VAL I 101 -19.20 45.54 12.72
CA VAL I 101 -17.79 45.84 12.89
C VAL I 101 -17.10 45.57 11.56
N VAL I 102 -16.47 46.59 11.01
CA VAL I 102 -15.84 46.49 9.70
C VAL I 102 -14.38 46.04 9.80
N GLY I 103 -13.94 45.25 8.83
CA GLY I 103 -12.52 44.91 8.68
C GLY I 103 -12.06 43.75 9.54
N ILE I 104 -13.02 42.95 9.98
CA ILE I 104 -12.75 41.77 10.83
C ILE I 104 -11.75 40.82 10.13
N SER I 105 -11.94 40.63 8.83
CA SER I 105 -11.10 39.71 8.03
C SER I 105 -9.60 40.04 8.04
N SER I 106 -9.26 41.31 8.30
CA SER I 106 -7.89 41.77 8.37
C SER I 106 -7.11 41.08 9.49
N LEU I 107 -7.83 40.52 10.45
CA LEU I 107 -7.20 39.93 11.64
C LEU I 107 -6.65 38.51 11.43
N ILE I 108 -6.82 37.95 10.24
CA ILE I 108 -6.19 36.68 9.88
C ILE I 108 -4.70 36.82 9.56
N ASN I 109 -4.24 38.07 9.43
CA ASN I 109 -2.83 38.38 9.18
C ASN I 109 -1.94 37.97 10.36
N VAL I 110 -1.20 36.87 10.19
CA VAL I 110 -0.25 36.39 11.20
C VAL I 110 1.21 36.53 10.75
N HIS I 111 1.45 37.47 9.84
CA HIS I 111 2.78 37.76 9.32
C HIS I 111 3.17 39.25 9.36
N TYR I 112 2.51 40.03 10.21
CA TYR I 112 2.99 41.41 10.46
C TYR I 112 4.49 41.33 10.78
N TRP I 113 5.29 42.22 10.19
CA TRP I 113 6.75 42.07 10.21
C TRP I 113 7.34 42.02 11.62
N ASP I 114 6.75 42.77 12.55
CA ASP I 114 7.27 42.84 13.90
C ASP I 114 6.41 42.03 14.88
N MET I 115 5.72 41.02 14.37
CA MET I 115 4.81 40.20 15.19
C MET I 115 5.59 39.14 15.99
N LYS I 116 5.40 39.12 17.32
CA LYS I 116 5.95 38.05 18.16
C LYS I 116 5.48 36.70 17.63
N ARG I 117 6.42 35.77 17.47
CA ARG I 117 6.12 34.42 17.00
C ARG I 117 5.55 33.58 18.13
N VAL I 118 4.69 32.60 17.80
CA VAL I 118 4.10 31.76 18.85
C VAL I 118 5.11 30.78 19.45
N HIS I 119 6.04 30.34 18.61
CA HIS I 119 7.22 29.56 19.00
C HIS I 119 8.27 29.73 17.89
N ASP I 120 9.49 29.23 18.09
CA ASP I 120 10.57 29.42 17.11
C ASP I 120 10.15 28.97 15.72
N TYR I 121 10.39 29.85 14.73
CA TYR I 121 10.05 29.60 13.31
C TYR I 121 8.55 29.56 12.97
N GLY I 122 7.68 29.84 13.95
CA GLY I 122 6.23 29.85 13.73
C GLY I 122 5.62 31.16 13.26
N ALA I 123 4.30 31.14 13.08
CA ALA I 123 3.53 32.33 12.70
C ALA I 123 3.47 33.31 13.86
N GLY I 124 3.05 34.54 13.57
CA GLY I 124 2.83 35.55 14.60
C GLY I 124 1.67 35.15 15.51
N ILE I 125 1.71 35.58 16.76
CA ILE I 125 0.54 35.51 17.64
C ILE I 125 -0.51 36.48 17.06
N PRO I 126 -1.70 35.95 16.72
CA PRO I 126 -2.75 36.76 16.08
C PRO I 126 -3.27 37.82 17.03
N VAL I 127 -3.82 38.90 16.50
CA VAL I 127 -4.52 39.87 17.34
C VAL I 127 -5.56 39.11 18.22
N SER I 128 -5.41 39.26 19.53
N SER I 128 -5.37 39.22 19.54
CA SER I 128 -6.20 38.51 20.50
CA SER I 128 -6.14 38.46 20.52
C SER I 128 -6.03 39.12 21.89
C SER I 128 -6.02 39.09 21.90
N GLY I 129 -6.78 38.57 22.86
CA GLY I 129 -6.75 39.07 24.25
C GLY I 129 -7.94 39.97 24.59
N VAL I 130 -7.65 41.14 25.15
CA VAL I 130 -8.70 42.02 25.66
C VAL I 130 -9.59 42.55 24.53
N ASN I 131 -10.89 42.26 24.63
CA ASN I 131 -11.90 42.82 23.72
C ASN I 131 -12.89 43.62 24.52
N TYR I 132 -13.50 44.60 23.86
CA TYR I 132 -14.53 45.42 24.45
C TYR I 132 -15.35 45.96 23.32
N HIS I 133 -16.61 45.54 23.27
CA HIS I 133 -17.50 45.92 22.17
C HIS I 133 -18.79 46.52 22.71
N MET I 134 -19.07 47.75 22.27
CA MET I 134 -20.33 48.40 22.62
C MET I 134 -20.80 49.31 21.50
N PHE I 135 -22.12 49.46 21.40
CA PHE I 135 -22.69 50.47 20.54
C PHE I 135 -23.97 50.99 21.17
N ALA I 136 -24.29 52.25 20.87
CA ALA I 136 -25.44 52.92 21.42
C ALA I 136 -26.09 53.79 20.35
N ILE I 137 -27.43 53.80 20.30
CA ILE I 137 -28.19 54.69 19.44
C ILE I 137 -29.14 55.47 20.35
N GLY I 138 -29.14 56.80 20.22
CA GLY I 138 -29.98 57.65 21.07
C GLY I 138 -30.38 59.00 20.46
N GLY I 139 -31.31 59.67 21.13
CA GLY I 139 -31.84 60.95 20.68
C GLY I 139 -31.16 62.11 21.42
N GLU I 140 -30.06 61.78 22.10
CA GLU I 140 -29.26 62.70 22.88
C GLU I 140 -27.98 61.98 23.28
N PRO I 141 -26.96 62.71 23.80
CA PRO I 141 -25.71 62.02 24.19
C PRO I 141 -25.95 60.88 25.17
N LEU I 142 -25.19 59.81 25.02
CA LEU I 142 -25.17 58.72 25.99
C LEU I 142 -24.73 59.23 27.35
N ASP I 143 -25.42 58.80 28.41
CA ASP I 143 -25.02 59.11 29.78
C ASP I 143 -23.92 58.17 30.27
N LEU I 144 -22.86 58.76 30.82
CA LEU I 144 -21.69 58.01 31.26
C LEU I 144 -21.50 58.07 32.77
N GLN I 145 -21.13 56.92 33.34
CA GLN I 145 -20.71 56.81 34.74
C GLN I 145 -19.21 56.56 34.84
N GLY I 146 -18.56 57.31 35.73
CA GLY I 146 -17.12 57.15 35.97
C GLY I 146 -16.78 56.09 37.00
N LEU I 147 -15.81 55.23 36.68
CA LEU I 147 -15.32 54.20 37.60
C LEU I 147 -13.98 53.69 37.11
N VAL I 148 -12.99 53.70 37.98
CA VAL I 148 -11.62 53.32 37.58
C VAL I 148 -11.03 52.17 38.39
N LEU I 149 -10.12 51.44 37.77
CA LEU I 149 -9.37 50.40 38.46
C LEU I 149 -8.56 50.97 39.64
N ASP I 150 -7.99 52.16 39.48
CA ASP I 150 -7.09 52.74 40.47
C ASP I 150 -7.29 54.25 40.56
N TYR I 151 -7.85 54.69 41.69
CA TYR I 151 -8.11 56.11 41.92
C TYR I 151 -6.86 56.99 41.92
N GLN I 152 -5.70 56.40 42.19
CA GLN I 152 -4.44 57.15 42.25
C GLN I 152 -3.83 57.43 40.86
N THR I 153 -4.40 56.80 39.83
CA THR I 153 -3.99 57.00 38.45
C THR I 153 -4.01 58.50 38.10
N GLN I 154 -2.87 59.02 37.67
CA GLN I 154 -2.80 60.41 37.22
C GLN I 154 -2.98 60.50 35.69
N TYR I 155 -4.21 60.80 35.27
CA TYR I 155 -4.57 60.95 33.86
C TYR I 155 -4.07 62.28 33.28
N PRO I 156 -3.85 62.36 31.95
CA PRO I 156 -3.41 63.62 31.35
C PRO I 156 -4.48 64.71 31.42
N LYS I 157 -4.04 65.96 31.57
CA LYS I 157 -4.95 67.11 31.63
C LYS I 157 -5.51 67.48 30.26
N THR I 158 -6.64 68.21 30.28
CA THR I 158 -7.28 68.68 29.04
C THR I 158 -6.82 70.08 28.63
N GLY I 162 -6.93 66.39 24.52
CA GLY I 162 -7.01 66.25 25.97
C GLY I 162 -8.17 65.38 26.41
N PRO I 163 -7.89 64.29 27.14
CA PRO I 163 -8.94 63.35 27.54
C PRO I 163 -9.75 63.85 28.74
N ILE I 164 -11.05 63.59 28.73
CA ILE I 164 -11.94 63.98 29.83
C ILE I 164 -12.09 62.81 30.81
N THR I 165 -11.60 63.02 32.02
CA THR I 165 -11.63 61.99 33.06
C THR I 165 -12.38 62.47 34.30
N ILE I 166 -12.41 61.66 35.37
CA ILE I 166 -13.23 61.99 36.54
C ILE I 166 -12.76 63.28 37.24
N GLU I 167 -11.45 63.45 37.33
CA GLU I 167 -10.87 64.70 37.86
C GLU I 167 -11.35 65.93 37.08
N THR I 168 -11.41 65.81 35.76
CA THR I 168 -11.88 66.89 34.88
C THR I 168 -13.32 67.34 35.23
N VAL I 169 -14.22 66.38 35.45
N VAL I 169 -14.21 66.37 35.44
CA VAL I 169 -15.61 66.71 35.76
CA VAL I 169 -15.60 66.64 35.78
C VAL I 169 -15.83 67.13 37.22
C VAL I 169 -15.76 67.17 37.20
N LEU I 170 -15.12 66.50 38.15
CA LEU I 170 -15.24 66.84 39.57
C LEU I 170 -14.53 68.15 39.96
N GLY I 171 -13.56 68.56 39.15
CA GLY I 171 -12.76 69.75 39.46
C GLY I 171 -11.87 69.56 40.69
N ARG I 172 -11.52 68.30 40.97
CA ARG I 172 -10.66 67.93 42.11
C ARG I 172 -10.17 66.49 41.93
N LYS I 173 -9.17 66.10 42.72
CA LYS I 173 -8.63 64.73 42.69
C LYS I 173 -9.70 63.66 42.93
N MET I 174 -9.55 62.52 42.28
CA MET I 174 -10.34 61.33 42.61
C MET I 174 -10.05 60.90 44.05
N THR I 175 -10.97 60.17 44.65
CA THR I 175 -10.75 59.58 45.97
C THR I 175 -10.99 58.06 45.87
N PRO I 176 -10.72 57.31 46.96
CA PRO I 176 -10.99 55.87 46.89
C PRO I 176 -12.42 55.51 46.46
N LYS I 177 -13.40 56.41 46.63
CA LYS I 177 -14.76 56.05 46.24
C LYS I 177 -14.97 55.86 44.72
N ASN I 178 -14.06 56.41 43.93
CA ASN I 178 -14.10 56.26 42.48
C ASN I 178 -13.60 54.91 41.96
N GLN I 179 -13.18 54.04 42.89
CA GLN I 179 -12.97 52.64 42.56
C GLN I 179 -14.31 51.89 42.57
N GLY I 180 -15.32 52.52 43.16
CA GLY I 180 -16.70 52.03 43.10
C GLY I 180 -17.61 53.02 42.38
N LEU I 181 -18.92 52.89 42.61
CA LEU I 181 -19.86 53.84 42.02
C LEU I 181 -19.99 55.12 42.86
N ASP I 182 -19.51 56.21 42.30
CA ASP I 182 -19.66 57.53 42.89
C ASP I 182 -20.63 58.32 42.02
N PRO I 183 -21.79 58.69 42.58
CA PRO I 183 -22.84 59.40 41.83
C PRO I 183 -22.43 60.77 41.26
N GLN I 184 -21.42 61.41 41.86
N GLN I 184 -21.41 61.39 41.86
CA GLN I 184 -20.90 62.68 41.35
CA GLN I 184 -20.89 62.67 41.37
C GLN I 184 -20.05 62.50 40.09
C GLN I 184 -20.04 62.50 40.11
N ALA I 185 -19.53 61.28 39.91
CA ALA I 185 -18.70 60.96 38.74
C ALA I 185 -19.55 60.63 37.50
N LYS I 186 -20.12 61.67 36.90
CA LYS I 186 -20.99 61.48 35.73
C LYS I 186 -20.58 62.42 34.61
N ALA I 187 -20.93 62.06 33.37
CA ALA I 187 -20.65 62.87 32.19
C ALA I 187 -21.56 62.48 31.03
N LYS I 188 -21.47 63.26 29.95
CA LYS I 188 -22.20 62.99 28.72
C LYS I 188 -21.22 62.73 27.58
N LEU I 189 -21.46 61.66 26.83
CA LEU I 189 -20.60 61.33 25.69
C LEU I 189 -20.87 62.28 24.52
N ASP I 190 -20.24 63.45 24.60
CA ASP I 190 -20.49 64.55 23.65
C ASP I 190 -19.33 64.92 22.72
N LYS I 191 -18.22 64.17 22.79
CA LYS I 191 -17.03 64.46 21.99
C LYS I 191 -16.27 63.18 21.58
N ASP I 192 -15.96 63.09 20.30
CA ASP I 192 -15.27 61.95 19.70
C ASP I 192 -13.83 61.84 20.19
N GLY I 193 -13.41 60.63 20.52
CA GLY I 193 -12.04 60.34 20.94
C GLY I 193 -11.56 60.95 22.25
N ASN I 194 -12.48 61.44 23.09
CA ASN I 194 -12.10 62.18 24.30
C ASN I 194 -12.45 61.59 25.66
N TYR I 195 -13.34 60.60 25.68
CA TYR I 195 -13.73 59.96 26.93
C TYR I 195 -13.13 58.55 26.96
N PRO I 196 -12.08 58.35 27.77
CA PRO I 196 -11.42 57.04 27.83
C PRO I 196 -12.35 55.92 28.26
N ILE I 197 -12.27 54.79 27.57
CA ILE I 197 -13.06 53.62 27.89
C ILE I 197 -12.83 53.14 29.33
N GLU I 198 -11.57 53.16 29.78
CA GLU I 198 -11.22 52.59 31.10
C GLU I 198 -11.70 53.45 32.27
N VAL I 199 -12.19 54.64 31.97
CA VAL I 199 -12.73 55.57 32.98
C VAL I 199 -14.26 55.63 32.97
N TRP I 200 -14.85 55.51 31.78
CA TRP I 200 -16.29 55.73 31.60
C TRP I 200 -17.02 54.50 31.05
N CYS I 201 -18.15 54.18 31.68
CA CYS I 201 -19.08 53.17 31.18
C CYS I 201 -20.46 53.81 30.99
N PRO I 202 -21.36 53.17 30.22
CA PRO I 202 -22.71 53.75 30.18
C PRO I 202 -23.38 53.76 31.56
N ASP I 203 -24.06 54.86 31.88
CA ASP I 203 -24.80 55.01 33.13
C ASP I 203 -26.20 54.37 33.03
N PRO I 204 -26.43 53.24 33.75
CA PRO I 204 -27.73 52.58 33.63
C PRO I 204 -28.84 53.30 34.41
N SER I 205 -28.47 54.27 35.24
CA SER I 205 -29.44 55.05 36.02
C SER I 205 -30.08 56.16 35.18
N LYS I 206 -29.55 56.41 33.99
CA LYS I 206 -30.13 57.40 33.08
C LYS I 206 -30.36 56.73 31.72
N ASN I 207 -30.02 57.41 30.63
CA ASN I 207 -30.08 56.80 29.30
C ASN I 207 -31.47 56.26 28.93
N GLU I 208 -32.51 56.96 29.38
CA GLU I 208 -33.88 56.59 29.07
C GLU I 208 -34.15 56.74 27.58
N ASN I 209 -33.48 57.70 26.96
CA ASN I 209 -33.68 58.02 25.55
C ASN I 209 -32.55 57.47 24.67
N SER I 210 -31.84 56.48 25.20
CA SER I 210 -30.82 55.75 24.43
C SER I 210 -30.99 54.24 24.60
N ARG I 211 -30.47 53.50 23.62
CA ARG I 211 -30.33 52.05 23.76
C ARG I 211 -28.86 51.72 23.59
N TYR I 212 -28.28 51.00 24.56
CA TYR I 212 -26.90 50.53 24.43
C TYR I 212 -26.72 49.03 24.69
N TYR I 213 -25.74 48.44 24.02
CA TYR I 213 -25.44 47.00 24.10
C TYR I 213 -23.93 46.85 24.13
N GLY I 214 -23.42 46.07 25.06
CA GLY I 214 -21.97 45.96 25.27
C GLY I 214 -21.46 44.66 25.87
N SER I 215 -20.16 44.43 25.73
CA SER I 215 -19.50 43.29 26.36
C SER I 215 -18.01 43.53 26.54
N ILE I 216 -17.40 42.76 27.42
CA ILE I 216 -15.95 42.74 27.63
C ILE I 216 -15.47 41.28 27.61
N GLN I 217 -14.20 41.12 27.24
CA GLN I 217 -13.51 39.84 27.31
C GLN I 217 -12.09 40.18 27.80
N THR I 218 -11.71 39.67 28.97
CA THR I 218 -10.34 39.81 29.48
C THR I 218 -9.51 38.53 29.21
N GLY I 219 -8.30 38.46 29.76
CA GLY I 219 -7.31 37.45 29.35
C GLY I 219 -6.33 38.02 28.34
N SER I 220 -5.14 37.43 28.27
CA SER I 220 -4.05 37.99 27.45
C SER I 220 -4.08 37.53 25.99
N GLN I 221 -4.44 36.28 25.78
CA GLN I 221 -4.41 35.67 24.44
C GLN I 221 -5.74 35.02 24.08
N THR I 222 -6.79 35.35 24.83
CA THR I 222 -8.15 34.89 24.59
C THR I 222 -8.53 35.12 23.11
N PRO I 223 -9.03 34.07 22.45
CA PRO I 223 -9.43 34.22 21.05
C PRO I 223 -10.39 35.40 20.85
N THR I 224 -10.13 36.20 19.82
CA THR I 224 -11.05 37.23 19.37
C THR I 224 -12.08 36.54 18.46
N VAL I 225 -13.35 36.57 18.88
CA VAL I 225 -14.41 35.80 18.22
C VAL I 225 -15.53 36.76 17.81
N LEU I 226 -15.68 36.98 16.51
CA LEU I 226 -16.58 38.02 16.03
C LEU I 226 -17.40 37.54 14.85
N GLN I 227 -18.63 38.02 14.74
CA GLN I 227 -19.50 37.68 13.62
C GLN I 227 -19.78 38.91 12.75
N PHE I 228 -20.21 38.64 11.52
CA PHE I 228 -20.65 39.69 10.61
C PHE I 228 -21.67 39.12 9.64
N SER I 229 -22.76 39.84 9.46
CA SER I 229 -23.85 39.46 8.56
C SER I 229 -24.74 40.67 8.32
N ASN I 230 -25.04 40.94 7.05
CA ASN I 230 -25.97 42.02 6.71
C ASN I 230 -27.44 41.62 6.89
N THR I 231 -27.70 40.56 7.65
CA THR I 231 -29.06 40.09 7.90
C THR I 231 -29.50 40.29 9.36
N LEU I 232 -28.60 40.80 10.20
CA LEU I 232 -28.90 41.06 11.61
C LEU I 232 -29.38 42.49 11.87
N THR I 233 -30.65 42.61 12.27
CA THR I 233 -31.28 43.87 12.65
C THR I 233 -31.47 43.93 14.16
N THR I 234 -31.09 45.05 14.78
CA THR I 234 -31.42 45.29 16.20
C THR I 234 -32.66 46.18 16.31
N VAL I 235 -33.69 45.70 17.00
CA VAL I 235 -34.90 46.49 17.27
C VAL I 235 -34.65 47.44 18.43
N LEU I 236 -34.99 48.72 18.23
CA LEU I 236 -34.67 49.78 19.19
C LEU I 236 -35.86 50.23 20.05
N LEU I 237 -37.01 49.59 19.85
CA LEU I 237 -38.22 49.96 20.58
C LEU I 237 -38.14 49.45 22.01
N ASP I 238 -38.53 50.28 22.98
CA ASP I 238 -38.63 49.86 24.37
C ASP I 238 -39.88 48.98 24.57
N GLU I 239 -40.17 48.59 25.81
CA GLU I 239 -41.29 47.67 26.08
C GLU I 239 -42.68 48.26 25.82
N ASN I 240 -42.73 49.58 25.62
CA ASN I 240 -43.97 50.25 25.23
C ASN I 240 -44.07 50.46 23.72
N GLY I 241 -43.10 49.92 22.98
CA GLY I 241 -43.02 50.09 21.53
C GLY I 241 -42.55 51.48 21.10
N VAL I 242 -41.69 52.10 21.92
CA VAL I 242 -41.15 53.43 21.60
C VAL I 242 -39.61 53.43 21.51
N GLY I 243 -39.10 53.90 20.37
CA GLY I 243 -37.66 54.03 20.19
C GLY I 243 -37.14 55.36 20.69
N PRO I 244 -35.82 55.55 20.67
CA PRO I 244 -35.23 56.83 21.03
C PRO I 244 -35.81 57.96 20.17
N LEU I 245 -36.04 59.10 20.80
CA LEU I 245 -36.63 60.25 20.12
C LEU I 245 -35.63 61.39 19.98
N CYS I 246 -35.37 61.77 18.75
CA CYS I 246 -34.27 62.66 18.40
C CYS I 246 -34.58 64.13 18.64
N LYS I 247 -34.10 64.61 19.80
CA LYS I 247 -34.30 65.97 20.24
C LYS I 247 -33.43 66.88 19.38
N GLY I 248 -33.97 68.03 19.02
CA GLY I 248 -33.27 68.99 18.15
C GLY I 248 -32.94 68.42 16.78
N ASP I 249 -33.62 67.33 16.42
CA ASP I 249 -33.39 66.61 15.17
C ASP I 249 -31.96 66.05 15.10
N GLY I 250 -31.48 65.56 16.25
CA GLY I 250 -30.13 65.00 16.36
C GLY I 250 -30.14 63.53 16.75
N LEU I 251 -29.52 62.71 15.92
CA LEU I 251 -29.32 61.31 16.22
C LEU I 251 -27.89 61.08 16.74
N PHE I 252 -27.77 60.40 17.88
CA PHE I 252 -26.48 60.21 18.52
C PHE I 252 -26.06 58.75 18.42
N ILE I 253 -24.85 58.53 17.91
CA ILE I 253 -24.36 57.19 17.64
C ILE I 253 -22.99 56.98 18.29
N SER I 254 -22.88 55.98 19.14
CA SER I 254 -21.69 55.80 19.95
C SER I 254 -21.22 54.35 19.93
N CYS I 255 -19.91 54.14 19.95
CA CYS I 255 -19.36 52.78 19.98
C CYS I 255 -17.90 52.72 20.43
N ALA I 256 -17.41 51.49 20.56
CA ALA I 256 -16.04 51.18 20.87
C ALA I 256 -15.89 49.72 20.49
N ASP I 257 -14.79 49.38 19.83
CA ASP I 257 -14.53 48.00 19.40
C ASP I 257 -13.04 47.64 19.47
N ILE I 258 -12.56 47.38 20.68
CA ILE I 258 -11.21 46.90 20.90
C ILE I 258 -11.21 45.41 20.59
N VAL I 259 -10.29 45.00 19.71
CA VAL I 259 -10.30 43.62 19.19
C VAL I 259 -9.11 42.76 19.63
N GLY I 260 -8.24 43.32 20.46
CA GLY I 260 -7.12 42.56 20.99
C GLY I 260 -5.80 43.29 20.92
N PHE I 261 -4.74 42.56 21.25
CA PHE I 261 -3.38 43.07 21.32
C PHE I 261 -2.63 42.73 20.04
N LEU I 262 -1.85 43.68 19.54
CA LEU I 262 -0.78 43.34 18.59
C LEU I 262 0.46 43.00 19.40
N PHE I 263 0.91 41.74 19.31
CA PHE I 263 2.08 41.28 20.03
C PHE I 263 3.33 41.53 19.19
N LYS I 264 4.22 42.41 19.68
CA LYS I 264 5.45 42.78 18.98
C LYS I 264 6.64 41.90 19.38
N THR I 265 7.59 41.75 18.46
CA THR I 265 8.77 40.89 18.64
C THR I 265 9.43 41.04 20.01
N SER I 266 9.58 42.28 20.46
CA SER I 266 10.26 42.59 21.72
C SER I 266 9.52 42.16 22.98
N GLY I 267 8.21 41.89 22.85
CA GLY I 267 7.37 41.62 24.01
C GLY I 267 6.42 42.77 24.30
N LYS I 268 6.67 43.92 23.67
CA LYS I 268 5.76 45.06 23.75
C LYS I 268 4.40 44.66 23.17
N MET I 269 3.35 45.29 23.69
CA MET I 269 1.97 44.94 23.35
C MET I 269 1.14 46.19 23.24
N ALA I 270 0.36 46.29 22.17
CA ALA I 270 -0.48 47.46 21.98
C ALA I 270 -1.89 47.01 21.65
N LEU I 271 -2.90 47.73 22.13
CA LEU I 271 -4.28 47.39 21.81
C LEU I 271 -4.67 47.90 20.41
N HIS I 272 -5.63 47.23 19.79
CA HIS I 272 -6.05 47.53 18.43
C HIS I 272 -7.58 47.61 18.36
N GLY I 273 -8.06 48.53 17.51
CA GLY I 273 -9.49 48.73 17.31
C GLY I 273 -9.91 48.63 15.84
N LEU I 274 -11.20 48.35 15.63
CA LEU I 274 -11.79 48.31 14.29
C LEU I 274 -12.99 49.27 14.16
N PRO I 275 -13.26 49.75 12.93
CA PRO I 275 -14.38 50.68 12.73
C PRO I 275 -15.73 49.96 12.78
N ARG I 276 -16.79 50.74 12.94
CA ARG I 276 -18.12 50.19 13.02
C ARG I 276 -19.06 50.95 12.10
N TYR I 277 -19.86 50.20 11.34
CA TYR I 277 -20.87 50.75 10.44
C TYR I 277 -22.27 50.70 11.05
N PHE I 278 -23.10 51.68 10.70
CA PHE I 278 -24.48 51.75 11.18
C PHE I 278 -25.44 52.14 10.06
N ASN I 279 -26.56 51.41 9.98
CA ASN I 279 -27.72 51.85 9.19
C ASN I 279 -28.96 51.91 10.08
N VAL I 280 -29.39 53.12 10.40
CA VAL I 280 -30.49 53.32 11.34
C VAL I 280 -31.77 53.72 10.60
N THR I 281 -32.85 52.97 10.83
CA THR I 281 -34.17 53.31 10.31
C THR I 281 -34.92 54.18 11.32
N LEU I 282 -35.47 55.30 10.85
CA LEU I 282 -36.24 56.18 11.72
C LEU I 282 -37.62 56.45 11.12
N ARG I 283 -38.58 56.70 12.00
CA ARG I 283 -39.93 57.10 11.58
C ARG I 283 -40.33 58.36 12.32
N LYS I 284 -41.27 59.12 11.74
CA LYS I 284 -41.77 60.32 12.38
C LYS I 284 -42.80 59.94 13.45
N ARG I 285 -42.73 60.64 14.59
CA ARG I 285 -43.61 60.41 15.73
C ARG I 285 -44.16 61.72 16.27
N TRP I 286 -45.48 61.78 16.48
CA TRP I 286 -46.10 62.91 17.15
C TRP I 286 -45.75 62.87 18.63
N VAL I 287 -45.28 64.00 19.15
CA VAL I 287 -45.04 64.16 20.60
C VAL I 287 -45.65 65.49 21.07
N LYS I 288 -45.88 65.60 22.38
CA LYS I 288 -46.64 66.71 22.94
C LYS I 288 -45.88 67.55 23.99
N GLU J 10 -38.38 47.77 -9.53
CA GLU J 10 -39.50 47.54 -8.57
C GLU J 10 -39.97 46.08 -8.54
N VAL J 11 -39.98 45.49 -7.35
CA VAL J 11 -40.28 44.07 -7.20
C VAL J 11 -41.79 43.85 -7.17
N LEU J 12 -42.26 43.00 -8.07
CA LEU J 12 -43.69 42.69 -8.15
C LEU J 12 -43.95 41.33 -7.53
N SER J 13 -44.90 40.58 -8.09
CA SER J 13 -45.35 39.35 -7.46
C SER J 13 -44.53 38.12 -7.86
N VAL J 14 -44.46 37.16 -6.94
CA VAL J 14 -43.93 35.82 -7.21
C VAL J 14 -44.69 35.20 -8.37
N VAL J 15 -43.97 34.59 -9.30
CA VAL J 15 -44.58 33.87 -10.41
C VAL J 15 -45.18 32.53 -9.94
N THR J 16 -46.41 32.25 -10.36
CA THR J 16 -47.01 30.93 -10.15
C THR J 16 -47.05 30.18 -11.47
N GLY J 17 -46.85 28.86 -11.41
CA GLY J 17 -46.84 28.02 -12.61
C GLY J 17 -46.17 26.68 -12.34
N GLU J 18 -45.99 25.89 -13.40
CA GLU J 18 -45.44 24.54 -13.28
C GLU J 18 -43.96 24.51 -12.82
N ASP J 19 -43.09 25.15 -13.57
CA ASP J 19 -41.67 25.11 -13.27
C ASP J 19 -41.14 26.47 -12.80
N SER J 20 -41.75 26.96 -11.72
CA SER J 20 -41.41 28.28 -11.19
C SER J 20 -40.30 28.20 -10.14
N ILE J 21 -39.97 26.99 -9.70
CA ILE J 21 -38.91 26.75 -8.72
C ILE J 21 -37.75 25.94 -9.33
N THR J 22 -36.52 26.37 -9.05
CA THR J 22 -35.33 25.63 -9.48
C THR J 22 -34.24 25.53 -8.39
N GLN J 23 -33.40 24.50 -8.49
N GLN J 23 -33.40 24.50 -8.50
CA GLN J 23 -32.31 24.29 -7.55
CA GLN J 23 -32.31 24.25 -7.54
C GLN J 23 -30.95 24.36 -8.24
C GLN J 23 -30.94 24.35 -8.24
N ILE J 24 -30.00 25.00 -7.58
CA ILE J 24 -28.65 25.14 -8.08
C ILE J 24 -27.66 24.58 -7.07
N GLU J 25 -26.96 23.50 -7.45
CA GLU J 25 -25.92 22.98 -6.58
C GLU J 25 -24.53 23.14 -7.16
N LEU J 26 -23.56 23.36 -6.28
N LEU J 26 -23.57 23.41 -6.27
CA LEU J 26 -22.17 23.46 -6.68
CA LEU J 26 -22.21 23.84 -6.63
C LEU J 26 -21.29 23.29 -5.46
C LEU J 26 -21.26 23.63 -5.44
N TYR J 27 -19.99 23.34 -5.71
CA TYR J 27 -18.97 23.33 -4.67
C TYR J 27 -17.90 24.31 -5.09
N LEU J 28 -17.25 24.92 -4.11
CA LEU J 28 -16.11 25.80 -4.38
C LEU J 28 -14.93 25.27 -3.58
N ASN J 29 -13.82 25.00 -4.27
CA ASN J 29 -12.61 24.57 -3.62
C ASN J 29 -11.87 25.78 -3.03
N PRO J 30 -11.15 25.59 -1.92
CA PRO J 30 -10.54 26.72 -1.22
C PRO J 30 -9.36 27.33 -1.98
N ARG J 31 -9.17 28.64 -1.81
CA ARG J 31 -8.08 29.33 -2.47
C ARG J 31 -7.15 29.95 -1.42
N MET J 32 -6.36 29.08 -0.77
CA MET J 32 -5.49 29.48 0.35
C MET J 32 -4.17 30.13 -0.06
N GLY J 33 -3.83 30.07 -1.34
CA GLY J 33 -2.54 30.57 -1.81
C GLY J 33 -1.91 29.68 -2.86
N VAL J 34 -1.82 28.39 -2.54
CA VAL J 34 -1.50 27.39 -3.56
C VAL J 34 -2.86 26.97 -4.07
N ASN J 35 -3.31 27.64 -5.13
CA ASN J 35 -4.70 27.58 -5.56
C ASN J 35 -5.05 26.52 -6.62
N SER J 36 -4.03 25.93 -7.23
CA SER J 36 -4.24 24.89 -8.25
C SER J 36 -3.72 23.52 -7.82
N PRO J 37 -4.46 22.45 -8.17
CA PRO J 37 -4.00 21.07 -7.97
C PRO J 37 -3.29 20.47 -9.19
N ASP J 38 -3.20 21.25 -10.27
CA ASP J 38 -2.79 20.71 -11.57
C ASP J 38 -1.36 21.05 -11.99
N LEU J 39 -0.60 21.63 -11.06
CA LEU J 39 0.79 22.02 -11.29
C LEU J 39 1.73 21.05 -10.59
N PRO J 40 2.33 20.11 -11.35
CA PRO J 40 3.13 19.03 -10.76
C PRO J 40 4.21 19.47 -9.76
N THR J 41 4.84 20.62 -10.03
CA THR J 41 5.92 21.14 -9.17
C THR J 41 5.50 21.59 -7.76
N THR J 42 4.33 22.22 -7.65
CA THR J 42 3.95 22.95 -6.43
C THR J 42 2.61 22.53 -5.78
N SER J 43 1.84 21.69 -6.46
CA SER J 43 0.46 21.37 -6.06
C SER J 43 0.31 20.46 -4.84
N ASN J 44 1.44 20.08 -4.23
CA ASN J 44 1.42 19.26 -3.03
C ASN J 44 0.85 20.04 -1.85
N TRP J 45 0.90 21.37 -1.95
CA TRP J 45 0.39 22.23 -0.89
C TRP J 45 -0.96 22.88 -1.23
N TYR J 46 -1.63 22.31 -2.24
CA TYR J 46 -2.98 22.70 -2.61
C TYR J 46 -3.88 22.64 -1.38
N THR J 47 -4.61 23.74 -1.15
CA THR J 47 -5.51 23.98 0.01
C THR J 47 -4.75 24.47 1.23
N TYR J 48 -3.51 24.90 1.03
CA TYR J 48 -2.69 25.42 2.11
C TYR J 48 -2.00 26.69 1.63
N THR J 49 -1.50 27.48 2.58
CA THR J 49 -0.57 28.55 2.28
C THR J 49 0.83 27.94 2.30
N TYR J 50 1.84 28.76 2.02
CA TYR J 50 3.21 28.39 2.36
C TYR J 50 3.41 28.73 3.83
N ASP J 51 4.66 28.80 4.28
CA ASP J 51 4.94 29.02 5.69
C ASP J 51 4.80 30.49 6.08
N LEU J 52 3.96 30.75 7.06
CA LEU J 52 3.69 32.11 7.54
C LEU J 52 4.63 32.45 8.67
N GLN J 53 5.43 33.49 8.45
CA GLN J 53 6.51 33.82 9.35
C GLN J 53 6.80 35.32 9.30
N PRO J 54 6.57 36.03 10.42
CA PRO J 54 6.98 37.44 10.54
C PRO J 54 8.47 37.59 10.23
N LYS J 55 8.78 38.37 9.21
CA LYS J 55 10.17 38.54 8.75
C LYS J 55 11.09 39.08 9.86
N GLY J 56 10.57 39.94 10.71
CA GLY J 56 11.38 40.57 11.75
C GLY J 56 12.00 41.89 11.30
N SER J 57 11.82 42.22 10.02
CA SER J 57 12.24 43.52 9.47
C SER J 57 11.19 44.04 8.47
N SER J 58 11.14 45.36 8.31
CA SER J 58 10.11 46.03 7.50
C SER J 58 10.63 46.42 6.10
N PRO J 59 9.73 46.58 5.12
CA PRO J 59 8.32 46.28 5.18
C PRO J 59 8.06 44.78 5.00
N ASP J 60 6.87 44.34 5.40
CA ASP J 60 6.36 43.01 5.03
C ASP J 60 6.08 43.01 3.52
N GLN J 61 6.53 41.96 2.85
CA GLN J 61 6.31 41.79 1.41
C GLN J 61 5.74 40.39 1.22
N PRO J 62 4.47 40.19 1.62
CA PRO J 62 3.94 38.82 1.59
C PRO J 62 3.91 38.29 0.17
N ILE J 63 4.16 36.99 0.01
CA ILE J 63 4.07 36.33 -1.29
C ILE J 63 2.63 35.85 -1.48
N LYS J 64 2.23 35.70 -2.75
CA LYS J 64 0.83 35.39 -3.04
C LYS J 64 0.37 34.08 -2.41
N GLU J 65 1.30 33.14 -2.21
CA GLU J 65 0.98 31.83 -1.61
C GLU J 65 0.70 31.93 -0.12
N ASN J 66 0.92 33.10 0.45
CA ASN J 66 0.61 33.36 1.85
C ASN J 66 -0.62 34.25 2.06
N LEU J 67 -1.43 34.38 1.00
CA LEU J 67 -2.60 35.25 1.02
C LEU J 67 -3.88 34.51 0.62
N PRO J 68 -4.51 33.79 1.58
CA PRO J 68 -5.79 33.13 1.31
C PRO J 68 -6.78 34.13 0.73
N ALA J 69 -7.55 33.68 -0.24
CA ALA J 69 -8.45 34.54 -0.99
C ALA J 69 -9.85 33.97 -0.94
N TYR J 70 -10.85 34.81 -1.21
CA TYR J 70 -12.23 34.35 -1.33
C TYR J 70 -12.41 33.48 -2.55
N SER J 71 -13.22 32.43 -2.40
CA SER J 71 -13.74 31.67 -3.54
C SER J 71 -14.98 32.37 -4.11
N VAL J 72 -15.15 32.29 -5.44
CA VAL J 72 -16.28 32.90 -6.14
C VAL J 72 -16.65 32.12 -7.40
N ALA J 73 -17.96 31.99 -7.64
CA ALA J 73 -18.47 31.52 -8.91
C ALA J 73 -19.69 32.32 -9.32
N ARG J 74 -19.78 32.57 -10.63
CA ARG J 74 -20.98 33.09 -11.23
C ARG J 74 -21.65 31.89 -11.87
N VAL J 75 -22.86 31.57 -11.42
CA VAL J 75 -23.64 30.49 -12.01
C VAL J 75 -24.62 31.10 -13.00
N SER J 76 -24.49 30.70 -14.27
CA SER J 76 -25.44 31.10 -15.31
C SER J 76 -26.76 30.36 -15.11
N LEU J 77 -27.87 31.09 -15.11
CA LEU J 77 -29.18 30.50 -14.79
C LEU J 77 -30.02 30.31 -16.05
N PRO J 78 -31.03 29.40 -16.00
CA PRO J 78 -31.92 29.22 -17.16
C PRO J 78 -32.56 30.56 -17.55
N MET J 79 -32.48 30.89 -18.84
CA MET J 79 -33.05 32.12 -19.40
C MET J 79 -34.57 32.17 -19.22
N LEU J 80 -35.09 33.36 -18.99
CA LEU J 80 -36.49 33.52 -18.60
C LEU J 80 -37.35 34.30 -19.62
N ASN J 81 -36.75 35.30 -20.23
CA ASN J 81 -37.44 36.22 -21.14
C ASN J 81 -36.90 36.10 -22.57
N ASP J 87 -38.77 45.87 -20.02
CA ASP J 87 -39.83 46.61 -19.35
C ASP J 87 -40.23 45.90 -18.06
N THR J 88 -41.08 44.89 -18.22
CA THR J 88 -41.44 44.00 -17.12
C THR J 88 -41.03 42.58 -17.52
N LEU J 89 -40.09 42.04 -16.76
CA LEU J 89 -39.58 40.70 -17.03
C LEU J 89 -39.46 39.88 -15.74
N GLN J 90 -39.16 38.59 -15.89
CA GLN J 90 -38.93 37.72 -14.76
C GLN J 90 -37.45 37.66 -14.41
N MET J 91 -37.15 37.63 -13.12
CA MET J 91 -35.79 37.38 -12.62
C MET J 91 -35.83 36.20 -11.67
N TRP J 92 -34.73 35.45 -11.61
CA TRP J 92 -34.54 34.44 -10.57
C TRP J 92 -34.28 35.09 -9.21
N GLU J 93 -34.99 34.60 -8.19
CA GLU J 93 -34.88 35.09 -6.82
C GLU J 93 -34.42 33.95 -5.90
N ALA J 94 -33.29 34.15 -5.22
CA ALA J 94 -32.77 33.15 -4.31
C ALA J 94 -33.49 33.25 -2.98
N ILE J 95 -34.08 32.15 -2.53
CA ILE J 95 -34.93 32.16 -1.33
C ILE J 95 -34.32 31.41 -0.14
N SER J 96 -33.62 30.32 -0.42
CA SER J 96 -32.96 29.56 0.63
C SER J 96 -31.68 28.89 0.12
N VAL J 97 -30.84 28.46 1.04
CA VAL J 97 -29.63 27.72 0.69
C VAL J 97 -29.26 26.71 1.77
N LYS J 98 -28.98 25.48 1.37
CA LYS J 98 -28.28 24.53 2.24
C LYS J 98 -26.80 24.59 1.89
N THR J 99 -25.98 24.94 2.86
CA THR J 99 -24.54 25.02 2.64
C THR J 99 -23.76 24.26 3.71
N GLU J 100 -22.68 23.63 3.30
CA GLU J 100 -21.92 22.77 4.18
C GLU J 100 -20.43 22.88 3.88
N VAL J 101 -19.63 22.95 4.94
CA VAL J 101 -18.18 22.84 4.78
C VAL J 101 -17.85 21.36 4.65
N VAL J 102 -17.15 21.02 3.58
CA VAL J 102 -16.90 19.63 3.21
C VAL J 102 -15.54 19.16 3.73
N GLY J 103 -15.46 17.88 4.11
CA GLY J 103 -14.20 17.27 4.49
C GLY J 103 -13.72 17.61 5.88
N ILE J 104 -14.67 17.90 6.77
CA ILE J 104 -14.37 18.29 8.16
C ILE J 104 -13.67 17.15 8.92
N SER J 105 -14.14 15.92 8.72
CA SER J 105 -13.57 14.72 9.32
C SER J 105 -12.06 14.48 9.02
N SER J 106 -11.57 15.04 7.92
CA SER J 106 -10.15 14.92 7.56
C SER J 106 -9.24 15.51 8.63
N LEU J 107 -9.77 16.46 9.39
CA LEU J 107 -9.00 17.17 10.43
C LEU J 107 -8.72 16.38 11.71
N ILE J 108 -9.21 15.13 11.80
CA ILE J 108 -8.86 14.28 12.95
C ILE J 108 -7.46 13.67 12.79
N ASN J 109 -6.86 13.85 11.61
CA ASN J 109 -5.49 13.39 11.32
C ASN J 109 -4.46 14.12 12.18
N VAL J 110 -3.84 13.38 13.10
CA VAL J 110 -2.79 13.95 13.97
C VAL J 110 -1.49 13.18 13.75
N HIS J 111 -1.36 12.58 12.56
CA HIS J 111 -0.17 11.81 12.18
C HIS J 111 0.33 12.18 10.77
N TYR J 112 0.20 13.46 10.41
CA TYR J 112 0.89 13.96 9.23
C TYR J 112 2.38 13.67 9.41
N TRP J 113 3.04 13.20 8.35
CA TRP J 113 4.42 12.69 8.48
C TRP J 113 5.39 13.73 9.08
N ASP J 114 5.17 15.01 8.77
CA ASP J 114 6.00 16.11 9.28
C ASP J 114 5.29 17.01 10.31
N MET J 115 4.44 16.43 11.14
CA MET J 115 3.65 17.21 12.10
C MET J 115 4.40 17.44 13.41
N LYS J 116 4.47 18.70 13.83
CA LYS J 116 4.99 19.02 15.16
C LYS J 116 4.17 18.30 16.23
N ARG J 117 4.87 17.65 17.16
CA ARG J 117 4.22 16.92 18.25
C ARG J 117 3.72 17.86 19.35
N VAL J 118 2.70 17.43 20.08
N VAL J 118 2.70 17.43 20.08
CA VAL J 118 2.24 18.18 21.25
CA VAL J 118 2.22 18.17 21.25
C VAL J 118 3.26 18.12 22.37
C VAL J 118 3.25 18.11 22.37
N HIS J 119 3.94 16.98 22.45
CA HIS J 119 5.07 16.77 23.36
C HIS J 119 5.85 15.53 22.88
N ASP J 120 7.00 15.26 23.49
CA ASP J 120 7.82 14.12 23.09
C ASP J 120 7.06 12.78 23.06
N TYR J 121 7.21 12.07 21.93
CA TYR J 121 6.56 10.78 21.68
C TYR J 121 5.04 10.87 21.46
N GLY J 122 4.52 12.10 21.46
CA GLY J 122 3.07 12.31 21.31
C GLY J 122 2.57 12.39 19.89
N ALA J 123 1.26 12.58 19.75
CA ALA J 123 0.64 12.81 18.45
C ALA J 123 0.97 14.21 17.98
N GLY J 124 0.73 14.47 16.70
CA GLY J 124 0.88 15.82 16.16
C GLY J 124 -0.22 16.74 16.68
N ILE J 125 0.12 18.03 16.78
CA ILE J 125 -0.86 19.06 17.05
C ILE J 125 -1.90 19.10 15.91
N PRO J 126 -3.18 18.84 16.22
CA PRO J 126 -4.17 18.86 15.13
C PRO J 126 -4.32 20.25 14.53
N VAL J 127 -4.80 20.31 13.30
CA VAL J 127 -5.16 21.57 12.67
C VAL J 127 -6.07 22.38 13.62
N SER J 128 -5.63 23.60 13.91
CA SER J 128 -6.27 24.45 14.91
C SER J 128 -5.68 25.84 14.84
N GLY J 129 -6.29 26.77 15.57
CA GLY J 129 -5.85 28.15 15.59
C GLY J 129 -6.83 29.04 14.82
N VAL J 130 -6.29 29.92 13.99
CA VAL J 130 -7.11 30.88 13.26
C VAL J 130 -8.13 30.19 12.34
N ASN J 131 -9.41 30.52 12.57
CA ASN J 131 -10.50 30.19 11.66
C ASN J 131 -11.15 31.44 11.12
N TYR J 132 -11.64 31.34 9.89
CA TYR J 132 -12.41 32.40 9.29
C TYR J 132 -13.37 31.74 8.31
N HIS J 133 -14.66 31.96 8.55
CA HIS J 133 -15.71 31.29 7.78
C HIS J 133 -16.76 32.29 7.33
N MET J 134 -17.09 32.23 6.05
CA MET J 134 -18.10 33.12 5.50
C MET J 134 -18.64 32.52 4.23
N PHE J 135 -19.90 32.84 3.94
CA PHE J 135 -20.47 32.55 2.65
C PHE J 135 -21.45 33.65 2.33
N ALA J 136 -21.68 33.84 1.04
CA ALA J 136 -22.60 34.84 0.56
C ALA J 136 -23.32 34.30 -0.65
N ILE J 137 -24.58 34.71 -0.79
CA ILE J 137 -25.38 34.43 -1.97
C ILE J 137 -25.94 35.75 -2.45
N GLY J 138 -25.75 36.05 -3.73
CA GLY J 138 -26.20 37.32 -4.30
C GLY J 138 -26.58 37.23 -5.77
N GLY J 139 -27.30 38.25 -6.22
CA GLY J 139 -27.70 38.38 -7.63
C GLY J 139 -26.76 39.27 -8.43
N GLU J 140 -25.65 39.65 -7.78
CA GLU J 140 -24.55 40.39 -8.39
C GLU J 140 -23.29 40.17 -7.51
N PRO J 141 -22.10 40.59 -7.98
CA PRO J 141 -20.90 40.36 -7.17
C PRO J 141 -20.97 40.98 -5.76
N LEU J 142 -20.37 40.30 -4.79
CA LEU J 142 -20.29 40.80 -3.41
C LEU J 142 -19.47 42.09 -3.36
N ASP J 143 -20.07 43.14 -2.80
CA ASP J 143 -19.36 44.41 -2.57
C ASP J 143 -18.35 44.25 -1.46
N LEU J 144 -17.12 44.72 -1.71
CA LEU J 144 -16.02 44.56 -0.77
C LEU J 144 -15.54 45.90 -0.22
N GLN J 145 -15.07 45.88 1.02
CA GLN J 145 -14.43 47.03 1.64
C GLN J 145 -13.00 46.65 2.02
N GLY J 146 -12.04 47.50 1.71
CA GLY J 146 -10.65 47.23 2.06
C GLY J 146 -10.27 47.78 3.43
N LEU J 147 -9.56 46.97 4.20
CA LEU J 147 -8.98 47.38 5.48
C LEU J 147 -7.87 46.41 5.84
N VAL J 148 -6.70 46.95 6.21
CA VAL J 148 -5.52 46.15 6.50
C VAL J 148 -4.96 46.38 7.90
N LEU J 149 -4.36 45.32 8.45
CA LEU J 149 -3.65 45.39 9.72
C LEU J 149 -2.52 46.42 9.64
N ASP J 150 -1.78 46.41 8.52
CA ASP J 150 -0.59 47.24 8.36
C ASP J 150 -0.60 47.87 6.98
N TYR J 151 -0.79 49.18 6.92
CA TYR J 151 -0.82 49.89 5.65
C TYR J 151 0.55 49.94 4.96
N GLN J 152 1.60 49.62 5.70
CA GLN J 152 2.96 49.64 5.13
C GLN J 152 3.27 48.37 4.34
N THR J 153 2.40 47.36 4.47
CA THR J 153 2.56 46.09 3.79
C THR J 153 2.63 46.29 2.28
N GLN J 154 3.69 45.74 1.67
CA GLN J 154 3.84 45.77 0.22
C GLN J 154 3.35 44.48 -0.39
N TYR J 155 2.09 44.51 -0.84
CA TYR J 155 1.44 43.33 -1.44
C TYR J 155 1.93 43.15 -2.86
N PRO J 156 1.93 41.90 -3.37
CA PRO J 156 2.41 41.67 -4.74
C PRO J 156 1.61 42.50 -5.75
N LYS J 157 2.22 42.82 -6.89
CA LYS J 157 1.50 43.50 -7.96
C LYS J 157 0.59 42.54 -8.74
N THR J 158 -0.29 43.11 -9.56
CA THR J 158 -1.15 42.32 -10.45
C THR J 158 -0.45 42.06 -11.79
N GLY J 162 -2.01 38.78 -10.71
CA GLY J 162 -1.93 38.25 -9.35
C GLY J 162 -3.07 38.75 -8.47
N PRO J 163 -2.78 39.04 -7.18
CA PRO J 163 -3.79 39.46 -6.21
C PRO J 163 -4.19 40.93 -6.36
N ILE J 164 -5.48 41.19 -6.24
CA ILE J 164 -5.99 42.56 -6.22
C ILE J 164 -6.09 43.02 -4.77
N THR J 165 -5.45 44.15 -4.48
CA THR J 165 -5.48 44.74 -3.14
C THR J 165 -5.81 46.22 -3.25
N ILE J 166 -5.73 46.93 -2.13
CA ILE J 166 -6.14 48.33 -2.08
C ILE J 166 -5.38 49.22 -3.06
N GLU J 167 -4.06 49.00 -3.17
CA GLU J 167 -3.22 49.76 -4.11
C GLU J 167 -3.64 49.57 -5.56
N THR J 168 -4.08 48.36 -5.90
CA THR J 168 -4.60 48.08 -7.25
C THR J 168 -5.83 48.94 -7.58
N VAL J 169 -6.77 49.03 -6.63
CA VAL J 169 -7.99 49.80 -6.89
C VAL J 169 -7.78 51.31 -6.83
N LEU J 170 -6.87 51.76 -5.96
CA LEU J 170 -6.59 53.20 -5.85
C LEU J 170 -5.64 53.69 -6.92
N GLY J 171 -4.75 52.81 -7.41
CA GLY J 171 -3.71 53.22 -8.35
C GLY J 171 -2.67 54.12 -7.70
N ARG J 172 -2.51 53.97 -6.39
CA ARG J 172 -1.52 54.69 -5.59
C ARG J 172 -1.32 53.94 -4.28
N LYS J 173 -0.25 54.26 -3.55
CA LYS J 173 0.06 53.56 -2.29
C LYS J 173 -0.96 53.86 -1.18
N MET J 174 -1.12 52.88 -0.29
CA MET J 174 -1.95 53.06 0.91
C MET J 174 -1.38 54.16 1.80
N THR J 175 -2.26 54.76 2.61
CA THR J 175 -1.85 55.72 3.62
C THR J 175 -2.34 55.18 4.97
N PRO J 176 -1.96 55.83 6.09
CA PRO J 176 -2.43 55.32 7.37
C PRO J 176 -3.96 55.09 7.45
N LYS J 177 -4.74 55.86 6.71
CA LYS J 177 -6.20 55.72 6.81
C LYS J 177 -6.73 54.35 6.38
N ASN J 178 -5.91 53.58 5.66
CA ASN J 178 -6.32 52.23 5.25
C ASN J 178 -6.22 51.15 6.35
N GLN J 179 -5.78 51.55 7.55
CA GLN J 179 -5.88 50.70 8.75
C GLN J 179 -7.27 50.89 9.39
N GLY J 180 -8.03 51.85 8.85
CA GLY J 180 -9.43 52.05 9.20
C GLY J 180 -10.31 51.93 7.96
N LEU J 181 -11.48 52.56 8.01
CA LEU J 181 -12.44 52.48 6.90
C LEU J 181 -12.27 53.68 5.99
N ASP J 182 -11.66 53.43 4.84
CA ASP J 182 -11.48 54.42 3.80
C ASP J 182 -12.57 54.12 2.77
N PRO J 183 -13.56 55.03 2.65
CA PRO J 183 -14.67 54.85 1.72
C PRO J 183 -14.22 54.62 0.28
N GLN J 184 -12.99 55.02 -0.04
CA GLN J 184 -12.42 54.82 -1.37
C GLN J 184 -11.89 53.40 -1.64
N ALA J 185 -11.51 52.69 -0.58
CA ALA J 185 -11.00 51.33 -0.72
C ALA J 185 -12.14 50.31 -0.90
N LYS J 186 -12.74 50.32 -2.09
CA LYS J 186 -13.86 49.42 -2.40
C LYS J 186 -13.60 48.65 -3.68
N ALA J 187 -14.17 47.45 -3.76
CA ALA J 187 -14.03 46.59 -4.92
C ALA J 187 -15.21 45.64 -4.97
N LYS J 188 -15.30 44.89 -6.07
CA LYS J 188 -16.31 43.85 -6.21
C LYS J 188 -15.63 42.51 -6.29
N LEU J 189 -16.20 41.52 -5.63
CA LEU J 189 -15.63 40.18 -5.63
C LEU J 189 -16.01 39.50 -6.95
N ASP J 190 -15.17 39.70 -7.97
CA ASP J 190 -15.49 39.24 -9.33
C ASP J 190 -14.54 38.18 -9.90
N LYS J 191 -13.59 37.73 -9.08
CA LYS J 191 -12.63 36.71 -9.52
C LYS J 191 -12.23 35.76 -8.39
N ASP J 192 -12.38 34.47 -8.69
CA ASP J 192 -12.02 33.41 -7.76
C ASP J 192 -10.54 33.49 -7.43
N GLY J 193 -10.23 33.41 -6.15
CA GLY J 193 -8.85 33.30 -5.66
C GLY J 193 -7.97 34.51 -5.92
N ASN J 194 -8.57 35.67 -6.15
CA ASN J 194 -7.82 36.89 -6.48
C ASN J 194 -7.85 37.99 -5.42
N TYR J 195 -8.83 37.93 -4.52
CA TYR J 195 -9.00 38.96 -3.50
C TYR J 195 -8.65 38.39 -2.12
N PRO J 196 -7.52 38.84 -1.55
CA PRO J 196 -7.06 38.36 -0.25
C PRO J 196 -8.02 38.67 0.91
N ILE J 197 -8.33 37.64 1.67
CA ILE J 197 -9.13 37.78 2.87
C ILE J 197 -8.59 38.85 3.84
N GLU J 198 -7.26 38.97 3.95
CA GLU J 198 -6.69 39.90 4.94
C GLU J 198 -6.78 41.36 4.52
N VAL J 199 -7.15 41.57 3.26
CA VAL J 199 -7.29 42.90 2.68
C VAL J 199 -8.77 43.31 2.59
N TRP J 200 -9.64 42.36 2.23
CA TRP J 200 -11.03 42.68 1.93
C TRP J 200 -12.02 41.98 2.84
N CYS J 201 -13.05 42.74 3.23
CA CYS J 201 -14.18 42.21 3.97
C CYS J 201 -15.46 42.65 3.25
N PRO J 202 -16.62 42.03 3.58
CA PRO J 202 -17.87 42.49 2.97
C PRO J 202 -18.15 43.92 3.34
N ASP J 203 -18.67 44.69 2.39
CA ASP J 203 -19.00 46.08 2.62
C ASP J 203 -20.47 46.20 3.09
N PRO J 204 -20.67 46.59 4.35
CA PRO J 204 -22.03 46.68 4.88
C PRO J 204 -22.83 47.89 4.38
N SER J 205 -22.15 48.89 3.82
CA SER J 205 -22.83 50.05 3.23
C SER J 205 -23.45 49.74 1.87
N LYS J 206 -23.14 48.57 1.32
CA LYS J 206 -23.72 48.15 0.06
C LYS J 206 -24.34 46.75 0.23
N ASN J 207 -24.18 45.87 -0.75
CA ASN J 207 -24.71 44.50 -0.67
C ASN J 207 -26.22 44.38 -0.41
N GLU J 208 -26.98 45.34 -0.91
CA GLU J 208 -28.44 45.30 -0.79
C GLU J 208 -29.04 44.07 -1.51
N ASN J 209 -28.33 43.59 -2.53
CA ASN J 209 -28.79 42.46 -3.33
C ASN J 209 -27.99 41.17 -3.05
N SER J 210 -27.34 41.12 -1.90
CA SER J 210 -26.62 39.93 -1.41
C SER J 210 -26.91 39.68 0.05
N ARG J 211 -26.84 38.41 0.44
CA ARG J 211 -26.87 38.03 1.85
C ARG J 211 -25.53 37.40 2.18
N TYR J 212 -24.87 37.88 3.22
CA TYR J 212 -23.61 37.28 3.64
C TYR J 212 -23.61 36.98 5.13
N TYR J 213 -22.86 35.95 5.52
CA TYR J 213 -22.80 35.45 6.90
C TYR J 213 -21.37 35.03 7.23
N GLY J 214 -20.76 35.63 8.26
CA GLY J 214 -19.38 35.29 8.58
C GLY J 214 -18.97 35.31 10.04
N SER J 215 -17.81 34.72 10.30
CA SER J 215 -17.21 34.78 11.63
C SER J 215 -15.69 34.64 11.55
N ILE J 216 -15.00 35.08 12.59
CA ILE J 216 -13.57 34.85 12.75
C ILE J 216 -13.33 34.27 14.13
N GLN J 217 -12.20 33.57 14.27
CA GLN J 217 -11.69 33.08 15.55
C GLN J 217 -10.18 33.22 15.52
N THR J 218 -9.59 33.98 16.45
CA THR J 218 -8.13 34.14 16.50
C THR J 218 -7.45 33.29 17.60
N GLY J 219 -6.15 33.48 17.80
CA GLY J 219 -5.37 32.57 18.65
C GLY J 219 -4.64 31.55 17.79
N SER J 220 -3.64 30.87 18.38
CA SER J 220 -2.75 30.00 17.60
C SER J 220 -3.12 28.52 17.66
N GLN J 221 -3.58 28.05 18.82
CA GLN J 221 -3.98 26.63 18.96
C GLN J 221 -5.45 26.46 19.30
N THR J 222 -6.23 27.53 19.11
CA THR J 222 -7.64 27.57 19.45
C THR J 222 -8.41 26.45 18.75
N PRO J 223 -9.23 25.68 19.51
CA PRO J 223 -9.94 24.57 18.89
C PRO J 223 -10.70 24.97 17.64
N THR J 224 -10.56 24.15 16.60
CA THR J 224 -11.43 24.23 15.44
C THR J 224 -12.70 23.44 15.75
N VAL J 225 -13.82 24.15 15.74
CA VAL J 225 -15.13 23.63 16.15
C VAL J 225 -16.13 23.89 15.03
N LEU J 226 -16.55 22.81 14.37
CA LEU J 226 -17.40 22.93 13.19
C LEU J 226 -18.53 21.91 13.24
N GLN J 227 -19.64 22.27 12.60
CA GLN J 227 -20.78 21.38 12.52
C GLN J 227 -21.08 21.10 11.07
N PHE J 228 -21.70 19.94 10.84
CA PHE J 228 -22.22 19.58 9.54
C PHE J 228 -23.53 18.81 9.71
N SER J 229 -24.54 19.21 8.94
CA SER J 229 -25.81 18.47 8.85
C SER J 229 -26.53 18.81 7.55
N ASN J 230 -27.13 17.81 6.92
CA ASN J 230 -27.94 18.07 5.73
C ASN J 230 -29.36 18.55 6.03
N THR J 231 -29.64 18.91 7.28
CA THR J 231 -30.97 19.33 7.71
C THR J 231 -31.05 20.84 7.99
N LEU J 232 -29.95 21.54 7.75
CA LEU J 232 -29.86 22.95 8.05
C LEU J 232 -30.02 23.85 6.81
N THR J 233 -31.03 24.70 6.84
CA THR J 233 -31.36 25.63 5.76
C THR J 233 -31.22 27.08 6.22
N THR J 234 -30.66 27.93 5.37
CA THR J 234 -30.64 29.36 5.59
C THR J 234 -31.66 30.01 4.66
N VAL J 235 -32.58 30.79 5.24
CA VAL J 235 -33.55 31.56 4.48
C VAL J 235 -32.90 32.87 4.07
N LEU J 236 -33.06 33.22 2.79
CA LEU J 236 -32.36 34.34 2.17
C LEU J 236 -33.22 35.60 1.96
N LEU J 237 -34.50 35.51 2.32
CA LEU J 237 -35.43 36.63 2.16
C LEU J 237 -35.10 37.75 3.14
N ASP J 238 -35.24 39.00 2.70
CA ASP J 238 -35.08 40.12 3.61
C ASP J 238 -36.35 40.37 4.41
N GLU J 239 -36.42 41.52 5.09
CA GLU J 239 -37.54 41.85 5.98
C GLU J 239 -38.85 42.12 5.23
N ASN J 240 -38.74 42.38 3.92
CA ASN J 240 -39.92 42.54 3.06
C ASN J 240 -40.29 41.26 2.29
N GLY J 241 -39.63 40.15 2.62
CA GLY J 241 -39.88 38.86 1.97
C GLY J 241 -39.25 38.67 0.59
N VAL J 242 -38.16 39.39 0.32
CA VAL J 242 -37.51 39.35 -1.00
C VAL J 242 -36.07 38.83 -0.89
N GLY J 243 -35.76 37.81 -1.69
CA GLY J 243 -34.38 37.32 -1.77
C GLY J 243 -33.56 38.06 -2.81
N PRO J 244 -32.25 37.78 -2.89
CA PRO J 244 -31.38 38.38 -3.93
C PRO J 244 -31.95 38.12 -5.33
N LEU J 245 -31.95 39.14 -6.17
CA LEU J 245 -32.50 39.03 -7.52
C LEU J 245 -31.37 38.96 -8.56
N CYS J 246 -31.37 37.89 -9.34
CA CYS J 246 -30.24 37.57 -10.22
C CYS J 246 -30.24 38.31 -11.55
N LYS J 247 -29.47 39.41 -11.57
CA LYS J 247 -29.35 40.32 -12.72
C LYS J 247 -28.58 39.66 -13.84
N GLY J 248 -29.14 39.68 -15.04
CA GLY J 248 -28.53 39.03 -16.20
C GLY J 248 -28.45 37.53 -16.02
N ASP J 249 -29.35 36.98 -15.20
CA ASP J 249 -29.45 35.53 -14.95
C ASP J 249 -28.18 34.92 -14.37
N GLY J 250 -27.53 35.69 -13.50
CA GLY J 250 -26.31 35.27 -12.84
C GLY J 250 -26.44 35.25 -11.33
N LEU J 251 -26.18 34.09 -10.74
CA LEU J 251 -26.18 33.93 -9.28
C LEU J 251 -24.73 33.92 -8.80
N PHE J 252 -24.43 34.81 -7.86
CA PHE J 252 -23.10 34.91 -7.29
C PHE J 252 -22.99 34.21 -5.95
N ILE J 253 -21.98 33.37 -5.83
CA ILE J 253 -21.78 32.52 -4.67
C ILE J 253 -20.34 32.68 -4.24
N SER J 254 -20.16 33.14 -3.01
CA SER J 254 -18.85 33.49 -2.47
C SER J 254 -18.64 32.81 -1.12
N CYS J 255 -17.37 32.55 -0.77
CA CYS J 255 -17.05 31.97 0.55
C CYS J 255 -15.56 31.97 0.90
N ALA J 256 -15.27 31.61 2.16
CA ALA J 256 -13.92 31.38 2.63
C ALA J 256 -14.08 30.47 3.84
N ASP J 257 -13.15 29.54 4.02
CA ASP J 257 -13.20 28.63 5.16
C ASP J 257 -11.82 28.20 5.61
N ILE J 258 -11.11 29.11 6.27
CA ILE J 258 -9.82 28.80 6.89
C ILE J 258 -10.10 28.00 8.17
N VAL J 259 -9.50 26.83 8.28
CA VAL J 259 -9.81 25.92 9.38
C VAL J 259 -8.70 25.75 10.41
N GLY J 260 -7.61 26.51 10.27
CA GLY J 260 -6.52 26.46 11.24
C GLY J 260 -5.15 26.21 10.63
N PHE J 261 -4.18 26.00 11.52
CA PHE J 261 -2.78 25.83 11.10
C PHE J 261 -2.37 24.37 11.00
N LEU J 262 -1.60 24.05 9.96
CA LEU J 262 -0.81 22.82 9.98
C LEU J 262 0.50 23.17 10.67
N PHE J 263 0.77 22.49 11.78
CA PHE J 263 2.00 22.70 12.54
C PHE J 263 3.06 21.71 12.09
N LYS J 264 4.18 22.23 11.61
CA LYS J 264 5.26 21.42 11.09
C LYS J 264 6.39 21.27 12.09
N THR J 265 7.08 20.13 12.01
CA THR J 265 8.17 19.77 12.91
C THR J 265 9.14 20.92 13.18
N SER J 266 9.56 21.62 12.12
CA SER J 266 10.50 22.73 12.23
C SER J 266 10.01 23.89 13.12
N GLY J 267 8.70 23.99 13.32
CA GLY J 267 8.11 25.13 14.00
C GLY J 267 7.32 25.99 13.05
N LYS J 268 7.55 25.79 11.75
CA LYS J 268 6.82 26.49 10.71
C LYS J 268 5.35 26.11 10.71
N MET J 269 4.51 27.05 10.25
CA MET J 269 3.06 26.91 10.33
C MET J 269 2.44 27.41 9.03
N ALA J 270 1.48 26.66 8.51
CA ALA J 270 0.73 27.10 7.34
C ALA J 270 -0.79 27.03 7.61
N LEU J 271 -1.51 28.02 7.10
CA LEU J 271 -2.98 27.97 7.17
C LEU J 271 -3.52 26.97 6.16
N HIS J 272 -4.70 26.43 6.47
CA HIS J 272 -5.36 25.36 5.69
C HIS J 272 -6.83 25.75 5.50
N GLY J 273 -7.39 25.41 4.35
CA GLY J 273 -8.81 25.65 4.07
C GLY J 273 -9.55 24.38 3.68
N LEU J 274 -10.88 24.42 3.82
CA LEU J 274 -11.74 23.34 3.35
C LEU J 274 -12.72 23.84 2.28
N PRO J 275 -13.22 22.92 1.42
CA PRO J 275 -14.20 23.28 0.40
C PRO J 275 -15.60 23.48 0.98
N ARG J 276 -16.45 24.17 0.25
CA ARG J 276 -17.82 24.42 0.68
C ARG J 276 -18.82 24.04 -0.40
N TYR J 277 -19.89 23.37 0.01
CA TYR J 277 -20.97 22.95 -0.89
C TYR J 277 -22.17 23.85 -0.73
N PHE J 278 -22.91 24.06 -1.83
CA PHE J 278 -24.13 24.86 -1.82
C PHE J 278 -25.26 24.16 -2.57
N ASN J 279 -26.47 24.29 -2.05
CA ASN J 279 -27.68 24.00 -2.80
C ASN J 279 -28.64 25.16 -2.58
N VAL J 280 -28.77 25.99 -3.62
CA VAL J 280 -29.58 27.19 -3.56
C VAL J 280 -30.92 26.92 -4.23
N THR J 281 -32.01 27.25 -3.54
CA THR J 281 -33.35 27.18 -4.12
C THR J 281 -33.72 28.55 -4.66
N LEU J 282 -34.16 28.61 -5.91
CA LEU J 282 -34.61 29.87 -6.51
C LEU J 282 -36.03 29.78 -7.06
N ARG J 283 -36.71 30.93 -7.07
CA ARG J 283 -38.05 31.05 -7.66
C ARG J 283 -38.11 32.20 -8.66
N LYS J 284 -39.06 32.12 -9.59
CA LYS J 284 -39.25 33.18 -10.57
C LYS J 284 -40.03 34.34 -9.95
N ARG J 285 -39.57 35.56 -10.22
CA ARG J 285 -40.16 36.77 -9.67
C ARG J 285 -40.34 37.85 -10.75
N TRP J 286 -41.55 38.38 -10.86
CA TRP J 286 -41.84 39.51 -11.76
C TRP J 286 -41.22 40.79 -11.21
N VAL J 287 -40.54 41.55 -12.09
CA VAL J 287 -39.97 42.85 -11.76
C VAL J 287 -40.24 43.89 -12.86
N LYS J 288 -40.09 45.17 -12.52
CA LYS J 288 -40.44 46.27 -13.43
C LYS J 288 -39.19 46.96 -13.97
N VAL K 9 46.57 -63.11 -36.14
CA VAL K 9 47.61 -62.16 -36.65
C VAL K 9 48.07 -61.18 -35.58
N GLU K 10 49.38 -61.14 -35.34
CA GLU K 10 49.96 -60.21 -34.37
C GLU K 10 50.32 -58.88 -35.04
N VAL K 11 49.93 -57.79 -34.41
CA VAL K 11 50.20 -56.45 -34.94
C VAL K 11 51.59 -56.00 -34.53
N LEU K 12 52.39 -55.58 -35.51
CA LEU K 12 53.74 -55.11 -35.23
C LEU K 12 53.79 -53.59 -35.35
N SER K 13 54.91 -53.06 -35.81
CA SER K 13 55.10 -51.60 -35.85
C SER K 13 54.48 -50.96 -37.08
N VAL K 14 54.17 -49.68 -36.93
CA VAL K 14 53.73 -48.84 -38.04
C VAL K 14 54.89 -48.74 -39.04
N VAL K 15 54.57 -48.77 -40.34
CA VAL K 15 55.57 -48.61 -41.37
C VAL K 15 55.98 -47.13 -41.46
N THR K 16 57.29 -46.89 -41.52
CA THR K 16 57.80 -45.54 -41.79
C THR K 16 58.28 -45.47 -43.23
N GLY K 17 58.24 -44.28 -43.82
CA GLY K 17 58.71 -44.08 -45.19
C GLY K 17 57.78 -43.23 -46.03
N GLU K 18 58.32 -42.72 -47.13
CA GLU K 18 57.64 -41.78 -48.04
C GLU K 18 56.11 -41.91 -48.10
N ASP K 19 55.62 -42.97 -48.74
CA ASP K 19 54.20 -43.09 -49.02
C ASP K 19 53.49 -44.08 -48.12
N SER K 20 53.62 -43.91 -46.81
CA SER K 20 53.03 -44.83 -45.85
C SER K 20 51.59 -44.44 -45.45
N ILE K 21 51.18 -43.24 -45.82
CA ILE K 21 49.85 -42.70 -45.52
C ILE K 21 49.07 -42.45 -46.81
N THR K 22 47.80 -42.87 -46.82
CA THR K 22 46.89 -42.62 -47.94
C THR K 22 45.51 -42.11 -47.48
N GLN K 23 44.79 -41.44 -48.37
N GLN K 23 44.79 -41.45 -48.39
CA GLN K 23 43.42 -40.99 -48.09
CA GLN K 23 43.44 -40.98 -48.13
C GLN K 23 42.41 -41.63 -49.03
C GLN K 23 42.46 -41.75 -49.01
N ILE K 24 41.26 -42.00 -48.48
CA ILE K 24 40.19 -42.59 -49.26
C ILE K 24 38.94 -41.73 -49.10
N GLU K 25 38.33 -41.36 -50.23
CA GLU K 25 37.10 -40.59 -50.25
C GLU K 25 35.99 -41.38 -50.92
N LEU K 26 34.80 -41.31 -50.36
N LEU K 26 34.79 -41.33 -50.35
CA LEU K 26 33.59 -41.81 -51.03
CA LEU K 26 33.60 -41.95 -50.96
C LEU K 26 32.33 -41.18 -50.44
C LEU K 26 32.31 -41.43 -50.32
N TYR K 27 31.21 -41.49 -51.08
CA TYR K 27 29.91 -41.11 -50.56
C TYR K 27 29.01 -42.29 -50.78
N LEU K 28 28.04 -42.48 -49.89
CA LEU K 28 27.05 -43.52 -50.07
C LEU K 28 25.64 -42.94 -50.10
N ASN K 29 24.94 -43.18 -51.20
CA ASN K 29 23.54 -42.79 -51.33
C ASN K 29 22.62 -43.67 -50.48
N PRO K 30 21.55 -43.06 -49.89
CA PRO K 30 20.67 -43.79 -48.99
C PRO K 30 19.90 -44.87 -49.72
N ARG K 31 19.53 -45.91 -49.00
CA ARG K 31 18.85 -47.05 -49.59
C ARG K 31 17.57 -47.30 -48.79
N MET K 32 16.60 -46.42 -49.01
CA MET K 32 15.41 -46.35 -48.16
C MET K 32 14.32 -47.35 -48.54
N GLY K 33 14.46 -47.94 -49.72
CA GLY K 33 13.48 -48.89 -50.24
C GLY K 33 13.31 -48.70 -51.73
N VAL K 34 13.23 -47.44 -52.16
CA VAL K 34 13.35 -47.08 -53.56
C VAL K 34 14.82 -46.72 -53.75
N ASN K 35 15.58 -47.70 -54.22
CA ASN K 35 17.04 -47.70 -54.11
C ASN K 35 17.79 -47.28 -55.37
N SER K 36 17.10 -47.25 -56.50
CA SER K 36 17.70 -46.84 -57.75
C SER K 36 17.03 -45.57 -58.29
N PRO K 37 17.83 -44.63 -58.83
CA PRO K 37 17.26 -43.46 -59.49
C PRO K 37 17.00 -43.70 -60.99
N ASP K 38 17.27 -44.92 -61.46
CA ASP K 38 17.34 -45.21 -62.90
C ASP K 38 16.22 -46.11 -63.42
N LEU K 39 15.24 -46.42 -62.57
CA LEU K 39 14.17 -47.36 -62.90
C LEU K 39 13.03 -46.74 -63.73
N PRO K 40 12.27 -47.57 -64.48
CA PRO K 40 11.17 -47.17 -65.36
C PRO K 40 10.48 -45.85 -65.01
N THR K 41 9.50 -45.91 -64.09
CA THR K 41 8.72 -44.73 -63.70
C THR K 41 8.70 -44.53 -62.17
N THR K 42 9.05 -45.60 -61.45
CA THR K 42 8.98 -45.64 -59.98
C THR K 42 10.07 -44.82 -59.24
N SER K 43 11.07 -44.36 -59.99
CA SER K 43 12.25 -43.72 -59.41
C SER K 43 12.09 -42.31 -58.83
N ASN K 44 10.89 -41.75 -58.91
CA ASN K 44 10.62 -40.44 -58.33
CA ASN K 44 10.62 -40.44 -58.33
C ASN K 44 10.73 -40.47 -56.80
N TRP K 45 10.55 -41.65 -56.22
CA TRP K 45 10.65 -41.83 -54.77
C TRP K 45 12.02 -42.31 -54.28
N TYR K 46 13.02 -42.18 -55.14
CA TYR K 46 14.42 -42.46 -54.77
C TYR K 46 14.82 -41.66 -53.52
N THR K 47 15.34 -42.38 -52.53
CA THR K 47 15.69 -41.87 -51.19
C THR K 47 14.50 -41.81 -50.22
N TYR K 48 13.39 -42.43 -50.62
CA TYR K 48 12.21 -42.53 -49.77
C TYR K 48 11.71 -43.97 -49.72
N THR K 49 10.88 -44.26 -48.72
CA THR K 49 10.10 -45.49 -48.70
C THR K 49 8.82 -45.23 -49.46
N TYR K 50 7.97 -46.24 -49.58
CA TYR K 50 6.58 -46.03 -49.98
C TYR K 50 5.79 -45.64 -48.74
N ASP K 51 4.47 -45.74 -48.80
CA ASP K 51 3.66 -45.30 -47.67
C ASP K 51 3.69 -46.34 -46.56
N LEU K 52 3.98 -45.89 -45.34
CA LEU K 52 4.10 -46.77 -44.19
C LEU K 52 2.80 -46.79 -43.41
N GLN K 53 2.19 -47.97 -43.31
CA GLN K 53 0.88 -48.12 -42.69
C GLN K 53 0.73 -49.45 -41.96
N PRO K 54 0.21 -49.41 -40.72
CA PRO K 54 -0.19 -50.67 -40.10
C PRO K 54 -1.28 -51.35 -40.93
N LYS K 55 -1.07 -52.64 -41.26
CA LYS K 55 -1.99 -53.39 -42.10
C LYS K 55 -3.42 -53.39 -41.55
N GLY K 56 -3.55 -53.54 -40.24
CA GLY K 56 -4.87 -53.57 -39.59
C GLY K 56 -5.31 -54.97 -39.22
N SER K 57 -4.79 -55.96 -39.95
CA SER K 57 -5.02 -57.37 -39.64
C SER K 57 -3.71 -58.15 -39.74
N SER K 58 -3.67 -59.32 -39.11
CA SER K 58 -2.49 -60.19 -39.04
C SER K 58 -2.38 -61.13 -40.25
N PRO K 59 -1.14 -61.37 -40.73
CA PRO K 59 0.13 -60.81 -40.28
C PRO K 59 0.64 -59.65 -41.15
N ASP K 60 1.63 -58.93 -40.64
CA ASP K 60 2.35 -57.92 -41.41
C ASP K 60 3.11 -58.61 -42.55
N GLN K 61 2.89 -58.12 -43.76
CA GLN K 61 3.58 -58.62 -44.95
C GLN K 61 4.19 -57.43 -45.71
N PRO K 62 5.22 -56.77 -45.12
CA PRO K 62 5.78 -55.53 -45.66
C PRO K 62 6.39 -55.71 -47.05
N ILE K 63 6.38 -54.65 -47.84
CA ILE K 63 7.03 -54.70 -49.15
C ILE K 63 8.46 -54.16 -49.07
N LYS K 64 9.26 -54.57 -50.04
CA LYS K 64 10.68 -54.18 -50.12
C LYS K 64 10.86 -52.65 -50.08
N GLU K 65 9.99 -51.92 -50.77
CA GLU K 65 10.06 -50.45 -50.81
C GLU K 65 9.83 -49.81 -49.44
N ASN K 66 9.28 -50.57 -48.50
CA ASN K 66 9.03 -50.06 -47.15
C ASN K 66 10.07 -50.52 -46.10
N LEU K 67 11.20 -51.01 -46.57
CA LEU K 67 12.28 -51.46 -45.67
C LEU K 67 13.61 -50.76 -45.95
N PRO K 68 13.82 -49.58 -45.34
CA PRO K 68 15.14 -48.95 -45.42
C PRO K 68 16.23 -49.93 -45.02
N ALA K 69 17.34 -49.88 -45.73
CA ALA K 69 18.41 -50.83 -45.52
C ALA K 69 19.76 -50.11 -45.35
N TYR K 70 20.72 -50.80 -44.74
CA TYR K 70 22.07 -50.26 -44.58
C TYR K 70 22.78 -50.01 -45.92
N SER K 71 23.56 -48.94 -45.98
CA SER K 71 24.44 -48.67 -47.11
C SER K 71 25.83 -49.25 -46.83
N VAL K 72 26.45 -49.84 -47.86
CA VAL K 72 27.81 -50.38 -47.71
C VAL K 72 28.59 -50.36 -49.02
N ALA K 73 29.88 -50.09 -48.90
CA ALA K 73 30.82 -50.26 -50.00
C ALA K 73 32.11 -50.90 -49.50
N ARG K 74 32.66 -51.79 -50.32
CA ARG K 74 34.01 -52.28 -50.13
C ARG K 74 34.90 -51.43 -51.02
N VAL K 75 35.84 -50.72 -50.42
CA VAL K 75 36.79 -49.96 -51.21
C VAL K 75 38.09 -50.76 -51.40
N SER K 76 38.48 -50.93 -52.66
CA SER K 76 39.77 -51.57 -52.97
C SER K 76 40.89 -50.58 -52.71
N LEU K 77 41.89 -51.03 -51.95
CA LEU K 77 43.03 -50.20 -51.56
C LEU K 77 44.26 -50.59 -52.37
N PRO K 78 45.24 -49.66 -52.50
CA PRO K 78 46.50 -49.96 -53.20
C PRO K 78 47.16 -51.23 -52.64
N MET K 79 47.47 -52.16 -53.54
CA MET K 79 48.04 -53.46 -53.18
C MET K 79 49.38 -53.30 -52.46
N LEU K 80 49.60 -54.11 -51.43
CA LEU K 80 50.75 -53.92 -50.56
C LEU K 80 51.82 -54.99 -50.65
N ASN K 81 51.43 -56.22 -50.95
CA ASN K 81 52.35 -57.35 -50.88
C ASN K 81 52.59 -58.04 -52.24
N GLU K 82 53.86 -58.13 -52.63
CA GLU K 82 54.24 -58.69 -53.93
C GLU K 82 54.27 -60.22 -53.92
N THR K 88 54.18 -62.44 -42.20
CA THR K 88 54.64 -61.07 -41.97
C THR K 88 54.50 -60.18 -43.20
N LEU K 89 53.44 -59.37 -43.22
CA LEU K 89 53.13 -58.52 -44.37
C LEU K 89 52.71 -57.12 -43.94
N GLN K 90 52.40 -56.27 -44.93
CA GLN K 90 51.87 -54.94 -44.66
C GLN K 90 50.35 -54.94 -44.87
N MET K 91 49.63 -54.32 -43.94
CA MET K 91 48.19 -54.10 -44.08
C MET K 91 47.88 -52.63 -43.92
N TRP K 92 46.82 -52.17 -44.59
CA TRP K 92 46.32 -50.81 -44.38
C TRP K 92 45.53 -50.79 -43.08
N GLU K 93 45.83 -49.80 -42.26
CA GLU K 93 45.19 -49.58 -40.96
C GLU K 93 44.45 -48.24 -41.00
N ALA K 94 43.14 -48.27 -40.75
CA ALA K 94 42.35 -47.03 -40.77
C ALA K 94 42.49 -46.35 -39.42
N ILE K 95 42.99 -45.12 -39.42
CA ILE K 95 43.32 -44.41 -38.19
C ILE K 95 42.35 -43.28 -37.83
N SER K 96 41.66 -42.74 -38.83
CA SER K 96 40.74 -41.62 -38.61
C SER K 96 39.81 -41.41 -39.78
N VAL K 97 38.66 -40.78 -39.54
CA VAL K 97 37.66 -40.52 -40.59
C VAL K 97 36.99 -39.16 -40.40
N LYS K 98 36.75 -38.49 -41.51
CA LYS K 98 35.88 -37.32 -41.54
C LYS K 98 34.64 -37.76 -42.28
N THR K 99 33.50 -37.69 -41.61
CA THR K 99 32.25 -38.11 -42.20
C THR K 99 31.16 -37.04 -42.01
N GLU K 100 30.25 -36.98 -42.96
CA GLU K 100 29.26 -35.91 -42.97
C GLU K 100 28.00 -36.37 -43.66
N VAL K 101 26.86 -36.03 -43.10
CA VAL K 101 25.59 -36.21 -43.80
C VAL K 101 25.40 -35.05 -44.78
N VAL K 102 25.14 -35.39 -46.04
CA VAL K 102 25.05 -34.41 -47.14
C VAL K 102 23.59 -34.08 -47.41
N GLY K 103 23.32 -32.82 -47.82
CA GLY K 103 21.98 -32.40 -48.18
C GLY K 103 21.07 -32.07 -47.01
N ILE K 104 21.66 -31.69 -45.89
CA ILE K 104 20.90 -31.36 -44.70
C ILE K 104 20.00 -30.14 -44.96
N SER K 105 20.56 -29.11 -45.58
CA SER K 105 19.82 -27.89 -45.96
C SER K 105 18.55 -28.13 -46.82
N SER K 106 18.47 -29.27 -47.48
CA SER K 106 17.33 -29.55 -48.34
C SER K 106 16.03 -29.65 -47.55
N LEU K 107 16.17 -30.00 -46.27
CA LEU K 107 15.02 -30.27 -45.41
C LEU K 107 14.33 -29.03 -44.83
N ILE K 108 14.81 -27.84 -45.19
CA ILE K 108 14.08 -26.60 -44.88
C ILE K 108 12.86 -26.42 -45.81
N ASN K 109 12.78 -27.25 -46.85
CA ASN K 109 11.66 -27.24 -47.78
C ASN K 109 10.35 -27.63 -47.07
N VAL K 110 9.48 -26.65 -46.91
CA VAL K 110 8.14 -26.86 -46.31
C VAL K 110 7.04 -26.53 -47.33
N HIS K 111 7.34 -26.78 -48.60
CA HIS K 111 6.40 -26.51 -49.69
C HIS K 111 6.46 -27.58 -50.77
N TYR K 112 6.71 -28.82 -50.34
CA TYR K 112 6.47 -29.95 -51.22
C TYR K 112 5.00 -29.87 -51.64
N TRP K 113 4.72 -30.10 -52.93
CA TRP K 113 3.40 -29.84 -53.49
C TRP K 113 2.27 -30.60 -52.81
N ASP K 114 2.58 -31.82 -52.37
CA ASP K 114 1.62 -32.69 -51.69
C ASP K 114 1.92 -32.84 -50.20
N MET K 115 2.47 -31.80 -49.58
CA MET K 115 2.78 -31.82 -48.15
C MET K 115 1.54 -31.55 -47.31
N LYS K 116 1.36 -32.34 -46.25
CA LYS K 116 0.33 -32.08 -45.26
C LYS K 116 0.69 -30.83 -44.46
N ARG K 117 -0.29 -29.95 -44.26
CA ARG K 117 -0.04 -28.68 -43.58
C ARG K 117 -0.07 -28.83 -42.07
N VAL K 118 0.65 -27.94 -41.38
CA VAL K 118 0.66 -27.93 -39.93
C VAL K 118 -0.72 -27.52 -39.38
N HIS K 119 -1.42 -26.69 -40.14
CA HIS K 119 -2.80 -26.28 -39.89
C HIS K 119 -3.32 -25.61 -41.16
N ASP K 120 -4.61 -25.28 -41.20
CA ASP K 120 -5.19 -24.55 -42.32
C ASP K 120 -4.36 -23.35 -42.72
N TYR K 121 -4.08 -23.24 -44.02
CA TYR K 121 -3.30 -22.17 -44.65
C TYR K 121 -1.81 -22.14 -44.32
N GLY K 122 -1.37 -23.07 -43.47
CA GLY K 122 0.01 -23.10 -43.00
C GLY K 122 1.00 -23.70 -43.98
N ALA K 123 2.26 -23.76 -43.56
CA ALA K 123 3.30 -24.45 -44.31
C ALA K 123 3.17 -25.96 -44.18
N GLY K 124 3.86 -26.69 -45.04
CA GLY K 124 3.97 -28.14 -44.88
C GLY K 124 4.65 -28.49 -43.57
N ILE K 125 4.29 -29.65 -43.02
CA ILE K 125 5.01 -30.21 -41.89
C ILE K 125 6.40 -30.60 -42.39
N PRO K 126 7.45 -30.05 -41.76
CA PRO K 126 8.82 -30.40 -42.18
C PRO K 126 9.11 -31.89 -41.99
N VAL K 127 10.04 -32.41 -42.78
CA VAL K 127 10.58 -33.76 -42.56
C VAL K 127 11.07 -33.88 -41.12
N SER K 128 10.46 -34.79 -40.37
CA SER K 128 10.73 -34.95 -38.93
C SER K 128 10.21 -36.30 -38.42
N GLY K 129 10.45 -36.58 -37.15
CA GLY K 129 10.03 -37.83 -36.57
C GLY K 129 11.20 -38.78 -36.37
N VAL K 130 11.03 -40.00 -36.86
CA VAL K 130 12.01 -41.07 -36.65
C VAL K 130 13.33 -40.76 -37.36
N ASN K 131 14.39 -40.63 -36.58
CA ASN K 131 15.75 -40.61 -37.12
C ASN K 131 16.52 -41.86 -36.69
N TYR K 132 17.36 -42.35 -37.59
CA TYR K 132 18.31 -43.40 -37.28
C TYR K 132 19.59 -43.03 -38.03
N HIS K 133 20.66 -42.82 -37.27
CA HIS K 133 21.96 -42.46 -37.83
C HIS K 133 23.07 -43.35 -37.31
N MET K 134 23.79 -43.96 -38.25
CA MET K 134 24.92 -44.81 -37.92
C MET K 134 25.93 -44.82 -39.05
N PHE K 135 27.21 -44.89 -38.70
CA PHE K 135 28.25 -45.20 -39.67
C PHE K 135 29.27 -46.14 -39.01
N ALA K 136 29.93 -46.93 -39.84
CA ALA K 136 30.97 -47.85 -39.39
C ALA K 136 32.14 -47.85 -40.38
N ILE K 137 33.35 -48.01 -39.83
CA ILE K 137 34.55 -48.20 -40.64
C ILE K 137 35.23 -49.47 -40.13
N GLY K 138 35.57 -50.38 -41.05
CA GLY K 138 36.19 -51.65 -40.69
C GLY K 138 37.04 -52.27 -41.78
N GLY K 139 37.89 -53.20 -41.39
CA GLY K 139 38.76 -53.91 -42.32
C GLY K 139 38.11 -55.17 -42.87
N GLU K 140 36.83 -55.35 -42.56
CA GLU K 140 36.02 -56.48 -43.01
C GLU K 140 34.54 -56.11 -42.82
N PRO K 141 33.60 -56.90 -43.38
CA PRO K 141 32.18 -56.56 -43.25
C PRO K 141 31.76 -56.40 -41.79
N LEU K 142 30.93 -55.39 -41.51
CA LEU K 142 30.30 -55.23 -40.21
C LEU K 142 29.51 -56.49 -39.84
N ASP K 143 29.68 -56.94 -38.61
CA ASP K 143 28.91 -58.07 -38.09
C ASP K 143 27.55 -57.56 -37.64
N LEU K 144 26.52 -58.35 -37.90
CA LEU K 144 25.14 -57.96 -37.61
C LEU K 144 24.43 -58.94 -36.69
N GLN K 145 23.60 -58.39 -35.81
CA GLN K 145 22.68 -59.17 -34.98
C GLN K 145 21.26 -58.82 -35.41
N GLY K 146 20.46 -59.85 -35.66
CA GLY K 146 19.05 -59.69 -36.00
C GLY K 146 18.15 -59.71 -34.76
N LEU K 147 17.19 -58.79 -34.74
CA LEU K 147 16.19 -58.65 -33.68
C LEU K 147 15.07 -57.76 -34.20
N VAL K 148 13.84 -58.27 -34.13
CA VAL K 148 12.67 -57.59 -34.71
C VAL K 148 11.61 -57.27 -33.68
N LEU K 149 10.82 -56.23 -33.97
CA LEU K 149 9.69 -55.82 -33.11
C LEU K 149 8.66 -56.95 -33.01
N ASP K 150 8.34 -57.56 -34.14
CA ASP K 150 7.33 -58.60 -34.22
C ASP K 150 7.89 -59.80 -34.98
N TYR K 151 8.05 -60.93 -34.30
CA TYR K 151 8.60 -62.14 -34.93
C TYR K 151 7.68 -62.73 -35.99
N GLN K 152 6.41 -62.37 -35.95
CA GLN K 152 5.40 -62.92 -36.86
C GLN K 152 5.41 -62.23 -38.23
N THR K 153 6.13 -61.11 -38.30
CA THR K 153 6.31 -60.36 -39.55
C THR K 153 6.81 -61.26 -40.68
N GLN K 154 6.13 -61.21 -41.81
CA GLN K 154 6.51 -62.00 -42.98
C GLN K 154 7.25 -61.10 -43.98
N TYR K 155 8.57 -61.10 -43.90
CA TYR K 155 9.41 -60.33 -44.81
C TYR K 155 9.46 -60.98 -46.20
N PRO K 156 9.64 -60.18 -47.27
CA PRO K 156 9.73 -60.73 -48.62
C PRO K 156 10.99 -61.57 -48.81
N LYS K 157 10.87 -62.67 -49.57
CA LYS K 157 12.00 -63.56 -49.84
C LYS K 157 13.00 -62.92 -50.81
N THR K 158 14.15 -63.58 -51.01
CA THR K 158 15.16 -63.09 -51.96
C THR K 158 14.89 -63.63 -53.38
N GLY K 162 15.65 -59.96 -53.54
CA GLY K 162 15.17 -59.03 -52.51
C GLY K 162 16.09 -58.88 -51.30
N PRO K 163 15.50 -58.59 -50.12
CA PRO K 163 16.22 -58.31 -48.87
C PRO K 163 16.57 -59.55 -48.03
N ILE K 164 17.66 -59.48 -47.28
CA ILE K 164 18.09 -60.59 -46.43
C ILE K 164 17.63 -60.36 -44.99
N THR K 165 16.86 -61.30 -44.46
CA THR K 165 16.34 -61.19 -43.11
C THR K 165 16.67 -62.43 -42.27
N ILE K 166 16.19 -62.47 -41.04
CA ILE K 166 16.49 -63.57 -40.12
C ILE K 166 16.10 -64.93 -40.69
N GLU K 167 14.93 -65.01 -41.31
CA GLU K 167 14.48 -66.23 -41.97
C GLU K 167 15.47 -66.73 -43.03
N THR K 168 16.00 -65.80 -43.84
CA THR K 168 16.98 -66.12 -44.88
C THR K 168 18.21 -66.83 -44.32
N VAL K 169 18.78 -66.30 -43.24
N VAL K 169 18.79 -66.26 -43.26
CA VAL K 169 20.02 -66.85 -42.68
CA VAL K 169 19.99 -66.80 -42.62
C VAL K 169 19.82 -68.03 -41.73
C VAL K 169 19.71 -68.14 -41.94
N LEU K 170 18.60 -68.18 -41.21
CA LEU K 170 18.25 -69.36 -40.40
C LEU K 170 17.76 -70.53 -41.26
N GLY K 171 17.24 -70.22 -42.44
CA GLY K 171 16.68 -71.24 -43.34
C GLY K 171 15.38 -71.80 -42.81
N ARG K 172 14.75 -71.07 -41.88
CA ARG K 172 13.47 -71.43 -41.29
C ARG K 172 12.80 -70.17 -40.73
N LYS K 173 11.52 -70.29 -40.41
CA LYS K 173 10.74 -69.17 -39.90
C LYS K 173 11.19 -68.73 -38.52
N MET K 174 11.03 -67.45 -38.23
CA MET K 174 11.37 -66.88 -36.92
C MET K 174 10.49 -67.44 -35.82
N THR K 175 11.03 -67.55 -34.61
CA THR K 175 10.25 -67.89 -33.41
C THR K 175 10.27 -66.68 -32.47
N PRO K 176 9.47 -66.70 -31.38
CA PRO K 176 9.40 -65.56 -30.46
C PRO K 176 10.76 -65.05 -29.95
N LYS K 177 11.74 -65.95 -29.84
CA LYS K 177 13.06 -65.58 -29.31
C LYS K 177 13.74 -64.48 -30.14
N ASN K 178 13.30 -64.32 -31.39
CA ASN K 178 13.82 -63.26 -32.28
C ASN K 178 13.30 -61.85 -32.01
N GLN K 179 12.45 -61.73 -31.01
CA GLN K 179 12.09 -60.42 -30.46
C GLN K 179 13.10 -60.04 -29.37
N GLY K 180 13.86 -61.05 -28.92
CA GLY K 180 14.99 -60.86 -28.02
C GLY K 180 16.29 -61.13 -28.77
N LEU K 181 17.37 -61.38 -28.03
CA LEU K 181 18.67 -61.68 -28.65
C LEU K 181 18.84 -63.18 -28.90
N ASP K 182 18.77 -63.57 -30.18
CA ASP K 182 19.02 -64.96 -30.59
C ASP K 182 20.41 -65.05 -31.20
N PRO K 183 21.36 -65.71 -30.49
CA PRO K 183 22.75 -65.83 -30.94
C PRO K 183 22.89 -66.47 -32.33
N GLN K 184 21.86 -67.18 -32.78
CA GLN K 184 21.85 -67.77 -34.12
C GLN K 184 21.48 -66.77 -35.22
N ALA K 185 20.91 -65.63 -34.84
CA ALA K 185 20.43 -64.65 -35.82
C ALA K 185 21.53 -63.66 -36.17
N LYS K 186 22.57 -64.16 -36.85
CA LYS K 186 23.72 -63.34 -37.21
C LYS K 186 23.98 -63.29 -38.70
N ALA K 187 24.54 -62.17 -39.16
CA ALA K 187 24.89 -61.99 -40.57
C ALA K 187 26.04 -61.01 -40.73
N LYS K 188 26.52 -60.88 -41.97
CA LYS K 188 27.57 -59.94 -42.31
C LYS K 188 27.04 -58.89 -43.28
N LEU K 189 27.34 -57.63 -43.02
CA LEU K 189 26.87 -56.56 -43.88
C LEU K 189 27.75 -56.49 -45.13
N ASP K 190 27.41 -57.32 -46.11
CA ASP K 190 28.24 -57.52 -47.29
C ASP K 190 27.60 -57.09 -48.63
N LYS K 191 26.34 -56.67 -48.57
CA LYS K 191 25.62 -56.21 -49.77
C LYS K 191 24.93 -54.87 -49.53
N ASP K 192 25.15 -53.91 -50.42
CA ASP K 192 24.48 -52.60 -50.35
C ASP K 192 22.97 -52.75 -50.56
N GLY K 193 22.20 -52.11 -49.68
CA GLY K 193 20.74 -51.99 -49.84
C GLY K 193 19.91 -53.25 -49.69
N ASN K 194 20.44 -54.26 -49.02
CA ASN K 194 19.78 -55.56 -48.90
C ASN K 194 19.48 -55.99 -47.48
N TYR K 195 20.12 -55.34 -46.51
CA TYR K 195 19.90 -55.69 -45.10
C TYR K 195 19.05 -54.64 -44.40
N PRO K 196 17.76 -54.96 -44.14
CA PRO K 196 16.83 -53.98 -43.55
C PRO K 196 17.29 -53.50 -42.17
N ILE K 197 17.25 -52.20 -41.97
CA ILE K 197 17.56 -51.58 -40.67
C ILE K 197 16.69 -52.10 -39.51
N GLU K 198 15.39 -52.29 -39.75
CA GLU K 198 14.49 -52.75 -38.67
C GLU K 198 14.73 -54.22 -38.28
N VAL K 199 15.49 -54.94 -39.11
CA VAL K 199 15.85 -56.34 -38.82
C VAL K 199 17.25 -56.47 -38.18
N TRP K 200 18.23 -55.77 -38.74
CA TRP K 200 19.64 -55.93 -38.34
C TRP K 200 20.22 -54.73 -37.59
N CYS K 201 20.99 -55.03 -36.55
CA CYS K 201 21.75 -54.03 -35.82
C CYS K 201 23.22 -54.47 -35.68
N PRO K 202 24.13 -53.53 -35.37
CA PRO K 202 25.52 -53.96 -35.19
C PRO K 202 25.64 -54.98 -34.05
N ASP K 203 26.43 -56.02 -34.25
CA ASP K 203 26.61 -57.07 -33.26
C ASP K 203 27.79 -56.74 -32.32
N PRO K 204 27.48 -56.32 -31.09
CA PRO K 204 28.52 -55.89 -30.15
C PRO K 204 29.42 -57.03 -29.62
N SER K 205 28.99 -58.28 -29.83
CA SER K 205 29.80 -59.43 -29.40
C SER K 205 30.93 -59.73 -30.40
N LYS K 206 30.91 -59.05 -31.53
CA LYS K 206 31.94 -59.21 -32.56
C LYS K 206 32.51 -57.86 -32.96
N ASN K 207 32.78 -57.66 -34.26
CA ASN K 207 33.24 -56.37 -34.79
C ASN K 207 34.52 -55.85 -34.12
N GLU K 208 35.40 -56.78 -33.73
CA GLU K 208 36.70 -56.43 -33.17
C GLU K 208 37.51 -55.60 -34.16
N ASN K 209 37.31 -55.86 -35.45
CA ASN K 209 38.06 -55.19 -36.51
C ASN K 209 37.25 -54.09 -37.24
N SER K 210 36.19 -53.60 -36.59
CA SER K 210 35.40 -52.45 -37.04
C SER K 210 35.16 -51.47 -35.90
N ARG K 211 34.93 -50.20 -36.24
CA ARG K 211 34.42 -49.20 -35.29
C ARG K 211 33.06 -48.70 -35.81
N TYR K 212 32.05 -48.72 -34.96
CA TYR K 212 30.72 -48.23 -35.34
C TYR K 212 30.16 -47.23 -34.34
N TYR K 213 29.40 -46.27 -34.87
CA TYR K 213 28.81 -45.18 -34.09
C TYR K 213 27.38 -44.97 -34.59
N GLY K 214 26.42 -44.94 -33.65
CA GLY K 214 25.00 -44.89 -34.02
C GLY K 214 24.06 -44.33 -32.97
N SER K 215 22.90 -43.86 -33.43
CA SER K 215 21.85 -43.34 -32.54
C SER K 215 20.49 -43.54 -33.18
N ILE K 216 19.45 -43.57 -32.35
CA ILE K 216 18.07 -43.57 -32.84
C ILE K 216 17.30 -42.46 -32.14
N GLN K 217 16.28 -41.96 -32.83
CA GLN K 217 15.33 -41.00 -32.27
C GLN K 217 13.91 -41.36 -32.74
N THR K 218 13.06 -41.77 -31.80
CA THR K 218 11.67 -42.13 -32.12
C THR K 218 10.72 -40.93 -31.92
N GLY K 219 9.40 -41.19 -31.94
CA GLY K 219 8.39 -40.11 -31.96
C GLY K 219 8.00 -39.82 -33.40
N SER K 220 6.87 -39.15 -33.61
CA SER K 220 6.35 -38.98 -34.96
C SER K 220 6.67 -37.64 -35.65
N GLN K 221 6.77 -36.57 -34.86
CA GLN K 221 7.15 -35.27 -35.42
C GLN K 221 8.34 -34.66 -34.67
N THR K 222 9.08 -35.50 -33.97
CA THR K 222 10.28 -35.10 -33.23
C THR K 222 11.20 -34.31 -34.17
N PRO K 223 11.65 -33.12 -33.72
CA PRO K 223 12.54 -32.31 -34.57
C PRO K 223 13.76 -33.11 -35.07
N THR K 224 14.04 -33.00 -36.36
CA THR K 224 15.28 -33.51 -36.91
C THR K 224 16.35 -32.47 -36.63
N VAL K 225 17.37 -32.89 -35.89
CA VAL K 225 18.44 -32.00 -35.41
C VAL K 225 19.78 -32.62 -35.79
N LEU K 226 20.44 -32.00 -36.76
CA LEU K 226 21.64 -32.53 -37.38
C LEU K 226 22.66 -31.42 -37.54
N GLN K 227 23.95 -31.76 -37.34
CA GLN K 227 25.04 -30.80 -37.53
C GLN K 227 25.93 -31.17 -38.73
N PHE K 228 26.63 -30.18 -39.25
CA PHE K 228 27.59 -30.42 -40.31
C PHE K 228 28.77 -29.48 -40.18
N SER K 229 29.97 -30.04 -40.31
CA SER K 229 31.22 -29.28 -40.28
C SER K 229 32.34 -30.10 -40.94
N ASN K 230 33.20 -29.43 -41.70
CA ASN K 230 34.37 -30.09 -42.29
C ASN K 230 35.59 -30.06 -41.37
N THR K 231 35.36 -29.79 -40.09
CA THR K 231 36.45 -29.64 -39.12
C THR K 231 36.48 -30.74 -38.06
N LEU K 232 35.56 -31.71 -38.15
CA LEU K 232 35.45 -32.79 -37.17
C LEU K 232 36.01 -34.12 -37.65
N THR K 233 36.76 -34.78 -36.77
CA THR K 233 37.48 -36.02 -37.06
C THR K 233 37.15 -37.06 -36.00
N THR K 234 36.86 -38.28 -36.44
CA THR K 234 36.77 -39.40 -35.52
C THR K 234 38.07 -40.19 -35.62
N VAL K 235 38.70 -40.43 -34.46
CA VAL K 235 39.89 -41.26 -34.37
C VAL K 235 39.41 -42.71 -34.27
N LEU K 236 40.01 -43.60 -35.06
CA LEU K 236 39.56 -44.99 -35.17
C LEU K 236 40.41 -45.97 -34.39
N LEU K 237 41.43 -45.46 -33.71
CA LEU K 237 42.35 -46.28 -32.92
C LEU K 237 41.66 -46.81 -31.67
N ASP K 238 41.82 -48.11 -31.42
CA ASP K 238 41.26 -48.73 -30.21
C ASP K 238 42.11 -48.38 -28.97
N GLU K 239 41.86 -49.07 -27.87
CA GLU K 239 42.59 -48.78 -26.61
C GLU K 239 44.10 -49.07 -26.68
N ASN K 240 44.51 -49.94 -27.60
CA ASN K 240 45.95 -50.25 -27.79
C ASN K 240 46.66 -49.40 -28.86
N GLY K 241 45.92 -48.52 -29.52
CA GLY K 241 46.49 -47.66 -30.56
C GLY K 241 46.40 -48.27 -31.95
N VAL K 242 45.50 -49.22 -32.10
CA VAL K 242 45.35 -49.96 -33.35
C VAL K 242 43.99 -49.68 -33.99
N GLY K 243 44.01 -49.17 -35.21
CA GLY K 243 42.78 -49.00 -35.99
C GLY K 243 42.41 -50.29 -36.70
N PRO K 244 41.25 -50.30 -37.40
CA PRO K 244 40.85 -51.46 -38.20
C PRO K 244 41.89 -51.79 -39.27
N LEU K 245 42.13 -53.09 -39.47
CA LEU K 245 43.12 -53.58 -40.43
C LEU K 245 42.46 -54.24 -41.64
N CYS K 246 42.80 -53.73 -42.81
CA CYS K 246 42.09 -54.10 -44.03
C CYS K 246 42.51 -55.44 -44.65
N LYS K 247 41.75 -56.47 -44.32
CA LYS K 247 41.95 -57.82 -44.83
C LYS K 247 41.78 -57.84 -46.34
N GLY K 248 42.79 -58.35 -47.04
CA GLY K 248 42.76 -58.42 -48.50
C GLY K 248 42.67 -57.05 -49.16
N ASP K 249 43.23 -56.04 -48.49
CA ASP K 249 43.25 -54.64 -49.01
C ASP K 249 41.86 -54.06 -49.29
N GLY K 250 40.88 -54.50 -48.51
CA GLY K 250 39.51 -54.01 -48.62
C GLY K 250 39.09 -53.23 -47.39
N LEU K 251 38.58 -52.02 -47.60
CA LEU K 251 38.03 -51.21 -46.52
C LEU K 251 36.50 -51.21 -46.63
N PHE K 252 35.83 -51.62 -45.56
CA PHE K 252 34.38 -51.68 -45.55
C PHE K 252 33.80 -50.45 -44.87
N ILE K 253 32.90 -49.80 -45.59
CA ILE K 253 32.28 -48.57 -45.14
C ILE K 253 30.78 -48.75 -45.19
N SER K 254 30.13 -48.57 -44.04
CA SER K 254 28.70 -48.82 -43.87
C SER K 254 28.00 -47.67 -43.17
N CYS K 255 26.78 -47.36 -43.60
CA CYS K 255 26.01 -46.30 -42.95
C CYS K 255 24.49 -46.42 -43.11
N ALA K 256 23.78 -45.60 -42.35
CA ALA K 256 22.33 -45.44 -42.46
C ALA K 256 21.99 -44.07 -41.89
N ASP K 257 21.19 -43.30 -42.64
CA ASP K 257 20.76 -41.97 -42.20
C ASP K 257 19.31 -41.67 -42.56
N ILE K 258 18.41 -42.11 -41.71
CA ILE K 258 16.99 -41.83 -41.85
C ILE K 258 16.75 -40.48 -41.19
N VAL K 259 16.12 -39.55 -41.92
CA VAL K 259 16.01 -38.17 -41.40
C VAL K 259 14.59 -37.77 -41.01
N GLY K 260 13.65 -38.69 -41.20
CA GLY K 260 12.27 -38.47 -40.78
C GLY K 260 11.26 -38.71 -41.88
N PHE K 261 10.03 -38.28 -41.63
CA PHE K 261 8.91 -38.55 -42.50
C PHE K 261 8.59 -37.41 -43.44
N LEU K 262 8.26 -37.74 -44.69
CA LEU K 262 7.53 -36.82 -45.56
C LEU K 262 6.05 -37.04 -45.29
N PHE K 263 5.41 -36.00 -44.76
CA PHE K 263 3.97 -36.02 -44.47
C PHE K 263 3.20 -35.54 -45.70
N LYS K 264 2.31 -36.41 -46.19
CA LYS K 264 1.58 -36.14 -47.41
C LYS K 264 0.13 -35.75 -47.07
N THR K 265 -0.47 -34.91 -47.92
CA THR K 265 -1.83 -34.36 -47.74
C THR K 265 -2.87 -35.34 -47.19
N SER K 266 -2.94 -36.52 -47.79
CA SER K 266 -3.90 -37.57 -47.44
C SER K 266 -3.75 -38.12 -46.02
N GLY K 267 -2.62 -37.81 -45.38
CA GLY K 267 -2.30 -38.37 -44.08
C GLY K 267 -1.20 -39.42 -44.15
N LYS K 268 -0.91 -39.89 -45.36
CA LYS K 268 0.11 -40.91 -45.56
C LYS K 268 1.52 -40.40 -45.31
N MET K 269 2.40 -41.32 -44.94
CA MET K 269 3.75 -40.97 -44.49
C MET K 269 4.78 -41.93 -45.09
N ALA K 270 5.91 -41.35 -45.54
CA ALA K 270 7.04 -42.14 -46.01
C ALA K 270 8.31 -41.66 -45.33
N LEU K 271 9.18 -42.60 -44.97
CA LEU K 271 10.47 -42.23 -44.36
C LEU K 271 11.44 -41.76 -45.44
N HIS K 272 12.40 -40.93 -45.06
CA HIS K 272 13.33 -40.30 -46.00
C HIS K 272 14.77 -40.47 -45.51
N GLY K 273 15.71 -40.58 -46.44
CA GLY K 273 17.13 -40.68 -46.10
C GLY K 273 17.99 -39.63 -46.79
N LEU K 274 19.20 -39.42 -46.25
CA LEU K 274 20.18 -38.52 -46.87
C LEU K 274 21.54 -39.23 -47.05
N PRO K 275 22.32 -38.85 -48.08
CA PRO K 275 23.62 -39.51 -48.35
C PRO K 275 24.67 -39.13 -47.32
N ARG K 276 25.72 -39.95 -47.21
CA ARG K 276 26.79 -39.70 -46.27
C ARG K 276 28.15 -39.71 -46.99
N TYR K 277 28.99 -38.74 -46.65
CA TYR K 277 30.34 -38.64 -47.19
C TYR K 277 31.37 -39.18 -46.19
N PHE K 278 32.48 -39.69 -46.71
CA PHE K 278 33.60 -40.16 -45.88
C PHE K 278 34.95 -39.75 -46.47
N ASN K 279 35.86 -39.35 -45.59
CA ASN K 279 37.27 -39.20 -45.93
C ASN K 279 38.09 -39.96 -44.89
N VAL K 280 38.59 -41.13 -45.27
CA VAL K 280 39.31 -42.01 -44.33
C VAL K 280 40.83 -41.90 -44.51
N THR K 281 41.54 -41.70 -43.41
CA THR K 281 43.00 -41.71 -43.45
C THR K 281 43.53 -43.06 -43.01
N LEU K 282 44.36 -43.68 -43.83
CA LEU K 282 44.96 -44.97 -43.48
C LEU K 282 46.49 -44.94 -43.46
N ARG K 283 47.09 -45.82 -42.68
CA ARG K 283 48.53 -45.97 -42.68
C ARG K 283 48.93 -47.43 -42.85
N LYS K 284 50.15 -47.66 -43.35
CA LYS K 284 50.67 -49.01 -43.50
C LYS K 284 51.13 -49.53 -42.14
N ARG K 285 50.81 -50.79 -41.86
CA ARG K 285 51.16 -51.44 -40.60
C ARG K 285 51.73 -52.82 -40.88
N TRP K 286 52.84 -53.15 -40.22
CA TRP K 286 53.40 -54.50 -40.26
C TRP K 286 52.58 -55.45 -39.41
N VAL K 287 52.32 -56.64 -39.95
CA VAL K 287 51.56 -57.67 -39.23
C VAL K 287 52.19 -59.04 -39.42
N LYS K 288 51.87 -59.97 -38.51
CA LYS K 288 52.23 -61.37 -38.67
C LYS K 288 51.06 -62.26 -38.27
N VAL L 9 52.25 -26.21 -54.38
CA VAL L 9 51.96 -25.07 -53.46
C VAL L 9 52.27 -25.47 -52.01
N GLU L 10 53.34 -24.89 -51.48
CA GLU L 10 53.90 -25.32 -50.19
C GLU L 10 53.82 -24.23 -49.12
N VAL L 11 53.28 -24.61 -47.97
CA VAL L 11 53.09 -23.68 -46.85
C VAL L 11 54.34 -23.60 -45.99
N LEU L 12 54.93 -22.41 -45.92
CA LEU L 12 56.15 -22.21 -45.16
C LEU L 12 55.85 -21.65 -43.76
N SER L 13 56.73 -20.80 -43.25
CA SER L 13 56.61 -20.27 -41.90
C SER L 13 55.73 -19.03 -41.81
N VAL L 14 55.15 -18.84 -40.62
CA VAL L 14 54.40 -17.64 -40.28
C VAL L 14 55.36 -16.47 -40.31
N VAL L 15 54.94 -15.34 -40.86
CA VAL L 15 55.78 -14.15 -40.98
C VAL L 15 55.86 -13.41 -39.64
N THR L 16 57.07 -12.97 -39.29
CA THR L 16 57.29 -12.24 -38.04
C THR L 16 57.58 -10.76 -38.30
N GLY L 17 57.01 -9.89 -37.47
CA GLY L 17 57.20 -8.45 -37.60
C GLY L 17 55.98 -7.64 -37.17
N GLU L 18 56.17 -6.33 -37.05
CA GLU L 18 55.15 -5.40 -36.55
C GLU L 18 53.73 -5.63 -37.07
N ASP L 19 53.56 -5.48 -38.38
CA ASP L 19 52.23 -5.47 -38.99
C ASP L 19 51.87 -6.81 -39.64
N SER L 20 52.18 -7.90 -38.95
CA SER L 20 51.90 -9.24 -39.47
C SER L 20 50.50 -9.77 -39.14
N ILE L 21 49.85 -9.14 -38.15
CA ILE L 21 48.50 -9.51 -37.74
C ILE L 21 47.50 -8.39 -38.09
N THR L 22 46.37 -8.79 -38.68
CA THR L 22 45.29 -7.85 -39.00
C THR L 22 43.92 -8.41 -38.60
N GLN L 23 42.96 -7.52 -38.39
CA GLN L 23 41.60 -7.92 -38.06
C GLN L 23 40.61 -7.38 -39.07
N ILE L 24 39.70 -8.24 -39.50
CA ILE L 24 38.66 -7.88 -40.44
C ILE L 24 37.29 -8.03 -39.78
N GLU L 25 36.49 -6.97 -39.78
CA GLU L 25 35.14 -7.06 -39.26
C GLU L 25 34.07 -6.75 -40.31
N LEU L 26 32.98 -7.51 -40.27
CA LEU L 26 31.81 -7.25 -41.11
C LEU L 26 30.54 -7.95 -40.63
N TYR L 27 29.40 -7.50 -41.17
CA TYR L 27 28.12 -8.14 -40.92
C TYR L 27 27.46 -8.47 -42.24
N LEU L 28 26.65 -9.52 -42.24
CA LEU L 28 25.88 -9.87 -43.43
C LEU L 28 24.40 -9.89 -43.07
N ASN L 29 23.62 -9.09 -43.78
CA ASN L 29 22.18 -9.10 -43.60
C ASN L 29 21.57 -10.31 -44.27
N PRO L 30 20.47 -10.86 -43.71
CA PRO L 30 19.93 -12.12 -44.21
C PRO L 30 19.21 -11.96 -45.55
N ARG L 31 19.21 -13.04 -46.35
CA ARG L 31 18.61 -13.05 -47.68
C ARG L 31 17.52 -14.12 -47.76
N MET L 32 16.39 -13.85 -47.12
CA MET L 32 15.31 -14.82 -46.97
C MET L 32 14.38 -14.95 -48.17
N GLY L 33 14.49 -14.04 -49.12
CA GLY L 33 13.55 -14.03 -50.26
C GLY L 33 13.18 -12.62 -50.68
N VAL L 34 12.84 -11.79 -49.70
CA VAL L 34 12.76 -10.34 -49.89
C VAL L 34 14.09 -9.79 -49.38
N ASN L 35 14.99 -9.48 -50.31
CA ASN L 35 16.41 -9.37 -49.98
C ASN L 35 16.94 -7.96 -49.82
N SER L 36 16.13 -6.98 -50.16
CA SER L 36 16.56 -5.60 -50.07
C SER L 36 15.59 -4.76 -49.26
N PRO L 37 16.12 -3.84 -48.43
CA PRO L 37 15.27 -2.91 -47.71
C PRO L 37 15.00 -1.62 -48.48
N ASP L 38 15.50 -1.53 -49.71
CA ASP L 38 15.58 -0.25 -50.42
C ASP L 38 14.65 -0.11 -51.62
N LEU L 39 13.50 -0.78 -51.58
CA LEU L 39 12.59 -0.78 -52.74
C LEU L 39 11.41 0.18 -52.58
N THR L 41 8.12 -0.41 -51.55
CA THR L 41 7.44 -1.25 -52.54
C THR L 41 7.13 -2.65 -51.97
N THR L 42 8.16 -3.47 -51.82
CA THR L 42 8.02 -4.83 -51.25
C THR L 42 8.89 -4.99 -49.99
N SER L 43 9.67 -3.96 -49.70
CA SER L 43 10.70 -4.02 -48.66
C SER L 43 10.19 -4.13 -47.23
N ASN L 44 8.88 -4.02 -47.03
CA ASN L 44 8.29 -4.25 -45.72
C ASN L 44 8.57 -5.66 -45.20
N TRP L 45 8.69 -6.61 -46.13
CA TRP L 45 8.94 -8.00 -45.78
C TRP L 45 10.41 -8.41 -45.84
N TYR L 46 11.29 -7.42 -45.96
CA TYR L 46 12.74 -7.62 -45.83
C TYR L 46 13.06 -8.49 -44.60
N THR L 47 13.94 -9.46 -44.80
CA THR L 47 14.34 -10.46 -43.80
C THR L 47 13.28 -11.55 -43.57
N TYR L 48 12.32 -11.65 -44.48
CA TYR L 48 11.30 -12.70 -44.44
C TYR L 48 11.09 -13.32 -45.82
N THR L 49 10.50 -14.51 -45.85
CA THR L 49 9.95 -15.08 -47.08
C THR L 49 8.54 -14.54 -47.26
N TYR L 50 7.89 -14.91 -48.36
CA TYR L 50 6.44 -14.78 -48.47
C TYR L 50 5.81 -16.01 -47.81
N ASP L 51 4.53 -16.23 -48.02
CA ASP L 51 3.84 -17.33 -47.37
C ASP L 51 4.19 -18.69 -47.98
N LEU L 52 4.64 -19.61 -47.13
CA LEU L 52 5.04 -20.93 -47.58
C LEU L 52 3.87 -21.90 -47.46
N GLN L 53 3.51 -22.50 -48.59
CA GLN L 53 2.38 -23.42 -48.67
C GLN L 53 2.62 -24.48 -49.72
N PRO L 54 2.17 -25.73 -49.46
CA PRO L 54 2.06 -26.74 -50.52
C PRO L 54 1.03 -26.31 -51.57
N LYS L 55 1.42 -26.40 -52.84
CA LYS L 55 0.54 -26.05 -53.96
C LYS L 55 -0.76 -26.87 -53.95
N GLY L 56 -0.67 -28.16 -53.61
CA GLY L 56 -1.83 -29.05 -53.63
C GLY L 56 -1.96 -29.83 -54.92
N SER L 57 -1.20 -29.41 -55.93
CA SER L 57 -1.14 -30.08 -57.23
C SER L 57 0.28 -30.00 -57.79
N SER L 58 0.65 -30.99 -58.59
N SER L 58 0.67 -31.01 -58.57
CA SER L 58 1.98 -31.09 -59.19
CA SER L 58 2.01 -31.06 -59.17
C SER L 58 2.08 -30.22 -60.44
C SER L 58 2.09 -30.22 -60.43
N PRO L 59 3.25 -29.59 -60.67
CA PRO L 59 4.45 -29.57 -59.82
C PRO L 59 4.59 -28.27 -59.03
N ASP L 60 5.39 -28.29 -57.97
CA ASP L 60 5.71 -27.09 -57.23
C ASP L 60 6.44 -26.12 -58.14
N GLN L 61 6.00 -24.86 -58.17
CA GLN L 61 6.67 -23.80 -58.93
C GLN L 61 7.03 -22.64 -58.01
N PRO L 62 7.99 -22.85 -57.10
CA PRO L 62 8.26 -21.85 -56.06
C PRO L 62 8.65 -20.50 -56.65
N ILE L 63 8.27 -19.43 -55.96
CA ILE L 63 8.71 -18.07 -56.30
C ILE L 63 10.00 -17.73 -55.54
N LYS L 64 10.80 -16.82 -56.10
CA LYS L 64 12.09 -16.47 -55.52
C LYS L 64 12.00 -15.94 -54.07
N GLU L 65 10.87 -15.29 -53.74
CA GLU L 65 10.62 -14.77 -52.40
C GLU L 65 10.44 -15.87 -51.36
N ASN L 66 10.19 -17.10 -51.82
CA ASN L 66 10.03 -18.23 -50.92
C ASN L 66 11.28 -19.12 -50.86
N LEU L 67 12.42 -18.56 -51.26
CA LEU L 67 13.63 -19.35 -51.34
C LEU L 67 14.81 -18.66 -50.63
N PRO L 68 14.91 -18.82 -49.30
CA PRO L 68 16.04 -18.26 -48.59
C PRO L 68 17.36 -18.76 -49.17
N ALA L 69 18.30 -17.84 -49.25
CA ALA L 69 19.59 -18.06 -49.88
C ALA L 69 20.75 -17.70 -48.95
N TYR L 70 21.93 -18.25 -49.23
CA TYR L 70 23.13 -17.94 -48.45
C TYR L 70 23.54 -16.49 -48.59
N SER L 71 24.05 -15.94 -47.50
CA SER L 71 24.73 -14.65 -47.55
C SER L 71 26.20 -14.90 -47.82
N VAL L 72 26.85 -13.98 -48.53
CA VAL L 72 28.27 -14.10 -48.85
C VAL L 72 28.88 -12.76 -49.21
N ALA L 73 30.12 -12.56 -48.77
CA ALA L 73 30.94 -11.43 -49.21
C ALA L 73 32.39 -11.88 -49.33
N ARG L 74 33.12 -11.24 -50.25
CA ARG L 74 34.56 -11.33 -50.32
C ARG L 74 35.10 -10.01 -49.81
N VAL L 75 35.90 -10.07 -48.75
CA VAL L 75 36.53 -8.88 -48.21
C VAL L 75 37.93 -8.73 -48.84
N SER L 76 38.23 -7.51 -49.30
CA SER L 76 39.53 -7.16 -49.84
C SER L 76 40.53 -6.91 -48.72
N LEU L 77 41.61 -7.70 -48.70
CA LEU L 77 42.63 -7.61 -47.67
C LEU L 77 43.80 -6.73 -48.11
N PRO L 78 44.58 -6.16 -47.16
CA PRO L 78 45.71 -5.31 -47.56
C PRO L 78 46.63 -6.04 -48.54
N MET L 79 46.99 -5.36 -49.62
CA MET L 79 47.88 -5.92 -50.64
C MET L 79 49.23 -6.31 -50.03
N LEU L 80 49.78 -7.42 -50.48
CA LEU L 80 50.99 -7.99 -49.88
C LEU L 80 52.22 -8.04 -50.77
N ASN L 81 52.04 -8.44 -52.03
CA ASN L 81 53.17 -8.73 -52.91
C ASN L 81 53.28 -7.79 -54.10
N THR L 88 57.58 -17.71 -54.30
CA THR L 88 57.52 -17.54 -52.85
C THR L 88 57.00 -16.17 -52.43
N LEU L 89 55.83 -16.14 -51.79
CA LEU L 89 55.15 -14.90 -51.46
C LEU L 89 54.42 -14.95 -50.11
N GLN L 90 53.77 -13.85 -49.75
CA GLN L 90 52.97 -13.78 -48.54
C GLN L 90 51.48 -13.90 -48.84
N MET L 91 50.78 -14.68 -48.01
CA MET L 91 49.33 -14.76 -48.05
C MET L 91 48.77 -14.54 -46.67
N TRP L 92 47.57 -13.97 -46.60
CA TRP L 92 46.84 -13.84 -45.35
C TRP L 92 46.25 -15.19 -44.97
N GLU L 93 46.41 -15.51 -43.69
CA GLU L 93 45.96 -16.78 -43.13
C GLU L 93 44.96 -16.47 -42.03
N ALA L 94 43.71 -16.91 -42.24
CA ALA L 94 42.65 -16.70 -41.27
C ALA L 94 42.86 -17.68 -40.11
N ILE L 95 43.06 -17.17 -38.91
CA ILE L 95 43.38 -18.05 -37.79
C ILE L 95 42.24 -18.22 -36.77
N SER L 96 41.34 -17.24 -36.70
CA SER L 96 40.21 -17.31 -35.77
C SER L 96 39.10 -16.34 -36.12
N VAL L 97 37.89 -16.63 -35.64
CA VAL L 97 36.75 -15.73 -35.85
C VAL L 97 35.87 -15.65 -34.59
N LYS L 98 35.47 -14.42 -34.24
CA LYS L 98 34.35 -14.19 -33.34
C LYS L 98 33.12 -13.88 -34.21
N THR L 99 32.13 -14.76 -34.16
CA THR L 99 30.93 -14.56 -34.95
C THR L 99 29.68 -14.62 -34.07
N GLU L 100 28.65 -13.86 -34.45
CA GLU L 100 27.47 -13.73 -33.64
C GLU L 100 26.23 -13.41 -34.47
N VAL L 101 25.15 -14.13 -34.22
CA VAL L 101 23.83 -13.76 -34.78
C VAL L 101 23.30 -12.48 -34.11
N VAL L 102 22.96 -11.48 -34.90
CA VAL L 102 22.55 -10.18 -34.34
C VAL L 102 21.02 -10.07 -34.25
N GLY L 103 20.53 -9.37 -33.22
CA GLY L 103 19.10 -9.10 -33.07
C GLY L 103 18.26 -10.27 -32.56
N ILE L 104 18.90 -11.18 -31.82
CA ILE L 104 18.22 -12.33 -31.25
C ILE L 104 17.07 -11.89 -30.34
N SER L 105 17.32 -10.82 -29.58
CA SER L 105 16.37 -10.30 -28.59
C SER L 105 15.05 -9.86 -29.23
N SER L 106 15.09 -9.51 -30.52
CA SER L 106 13.90 -9.05 -31.23
C SER L 106 12.79 -10.10 -31.33
N LEU L 107 13.13 -11.37 -31.05
CA LEU L 107 12.19 -12.47 -31.17
C LEU L 107 11.33 -12.68 -29.92
N ILE L 108 11.56 -11.89 -28.87
CA ILE L 108 10.64 -11.87 -27.73
C ILE L 108 9.30 -11.20 -28.08
N ASN L 109 9.27 -10.42 -29.16
CA ASN L 109 8.04 -9.77 -29.64
C ASN L 109 6.93 -10.77 -29.94
N VAL L 110 5.92 -10.83 -29.05
CA VAL L 110 4.75 -11.67 -29.27
C VAL L 110 3.47 -10.84 -29.51
N HIS L 111 3.64 -9.67 -30.11
CA HIS L 111 2.52 -8.76 -30.35
C HIS L 111 2.60 -8.15 -31.74
N TYR L 112 3.13 -8.90 -32.69
CA TYR L 112 3.11 -8.50 -34.08
C TYR L 112 1.64 -8.33 -34.45
N TRP L 113 1.31 -7.28 -35.19
CA TRP L 113 -0.10 -6.90 -35.36
C TRP L 113 -0.98 -8.02 -35.95
N ASP L 114 -0.42 -8.89 -36.77
CA ASP L 114 -1.18 -9.97 -37.41
C ASP L 114 -0.68 -11.36 -36.98
N MET L 115 -0.30 -11.48 -35.72
CA MET L 115 0.30 -12.71 -35.24
C MET L 115 -0.79 -13.68 -34.81
N LYS L 116 -0.70 -14.93 -35.26
CA LYS L 116 -1.58 -16.00 -34.77
C LYS L 116 -1.38 -16.20 -33.27
N ARG L 117 -2.49 -16.33 -32.55
CA ARG L 117 -2.47 -16.47 -31.09
C ARG L 117 -2.24 -17.89 -30.64
N VAL L 118 -1.62 -18.03 -29.47
CA VAL L 118 -1.48 -19.32 -28.80
C VAL L 118 -2.86 -19.93 -28.52
N HIS L 119 -3.80 -19.11 -28.08
CA HIS L 119 -5.20 -19.47 -27.92
C HIS L 119 -6.01 -18.17 -27.85
N ASP L 120 -7.34 -18.27 -27.79
CA ASP L 120 -8.20 -17.09 -27.69
C ASP L 120 -7.75 -16.14 -26.59
N TYR L 121 -7.61 -14.86 -26.95
CA TYR L 121 -7.17 -13.77 -26.05
C TYR L 121 -5.70 -13.86 -25.63
N GLY L 122 -4.97 -14.83 -26.18
CA GLY L 122 -3.57 -15.03 -25.82
C GLY L 122 -2.59 -14.14 -26.57
N ALA L 123 -1.32 -14.22 -26.17
CA ALA L 123 -0.22 -13.61 -26.94
C ALA L 123 -0.01 -14.39 -28.24
N GLY L 124 0.72 -13.77 -29.17
CA GLY L 124 1.06 -14.38 -30.45
C GLY L 124 2.04 -15.54 -30.30
N ILE L 125 1.96 -16.53 -31.19
CA ILE L 125 2.99 -17.57 -31.26
C ILE L 125 4.32 -16.90 -31.65
N PRO L 126 5.34 -17.03 -30.79
CA PRO L 126 6.64 -16.41 -31.13
C PRO L 126 7.30 -17.07 -32.33
N VAL L 127 8.23 -16.36 -32.97
CA VAL L 127 9.02 -16.91 -34.07
C VAL L 127 9.65 -18.23 -33.59
N SER L 128 9.30 -19.33 -34.26
N SER L 128 9.26 -19.34 -34.23
CA SER L 128 9.71 -20.67 -33.85
CA SER L 128 9.65 -20.69 -33.81
C SER L 128 9.57 -21.65 -35.00
C SER L 128 9.57 -21.64 -35.00
N GLY L 129 10.03 -22.88 -34.79
CA GLY L 129 10.00 -23.90 -35.84
C GLY L 129 11.34 -24.15 -36.52
N VAL L 130 11.35 -24.08 -37.84
CA VAL L 130 12.53 -24.45 -38.62
C VAL L 130 13.71 -23.51 -38.42
N ASN L 131 14.83 -24.08 -37.98
CA ASN L 131 16.07 -23.33 -37.90
C ASN L 131 17.12 -23.92 -38.81
N TYR L 132 17.89 -23.05 -39.43
CA TYR L 132 19.06 -23.47 -40.19
C TYR L 132 20.13 -22.42 -39.92
N HIS L 133 21.26 -22.88 -39.39
CA HIS L 133 22.34 -21.98 -39.02
C HIS L 133 23.67 -22.49 -39.53
N MET L 134 24.38 -21.63 -40.26
CA MET L 134 25.74 -21.95 -40.69
C MET L 134 26.58 -20.70 -40.98
N PHE L 135 27.89 -20.84 -40.84
CA PHE L 135 28.82 -19.83 -41.32
C PHE L 135 30.08 -20.53 -41.84
N ALA L 136 30.82 -19.82 -42.68
CA ALA L 136 32.06 -20.35 -43.25
C ALA L 136 33.06 -19.23 -43.43
N ILE L 137 34.33 -19.56 -43.23
CA ILE L 137 35.44 -18.64 -43.49
C ILE L 137 36.42 -19.37 -44.40
N GLY L 138 36.76 -18.73 -45.52
CA GLY L 138 37.60 -19.34 -46.54
C GLY L 138 38.43 -18.35 -47.33
N GLY L 139 39.49 -18.87 -47.96
CA GLY L 139 40.37 -18.05 -48.79
C GLY L 139 39.96 -18.10 -50.25
N GLU L 140 38.78 -18.66 -50.49
CA GLU L 140 38.16 -18.76 -51.82
C GLU L 140 36.66 -19.07 -51.62
N PRO L 141 35.83 -18.99 -52.67
CA PRO L 141 34.40 -19.26 -52.50
C PRO L 141 34.11 -20.64 -51.89
N LEU L 142 33.07 -20.73 -51.07
CA LEU L 142 32.61 -22.00 -50.52
C LEU L 142 32.15 -22.91 -51.66
N ASP L 143 32.54 -24.17 -51.60
CA ASP L 143 32.10 -25.17 -52.57
C ASP L 143 30.75 -25.75 -52.15
N LEU L 144 29.84 -25.83 -53.09
CA LEU L 144 28.47 -26.26 -52.82
C LEU L 144 28.13 -27.59 -53.47
N GLN L 145 27.37 -28.41 -52.75
CA GLN L 145 26.78 -29.62 -53.33
C GLN L 145 25.28 -29.43 -53.51
N GLY L 146 24.76 -29.85 -54.66
CA GLY L 146 23.33 -29.80 -54.91
C GLY L 146 22.61 -31.05 -54.47
N LEU L 147 21.49 -30.85 -53.77
CA LEU L 147 20.58 -31.93 -53.37
C LEU L 147 19.23 -31.32 -52.97
N VAL L 148 18.14 -31.86 -53.52
CA VAL L 148 16.81 -31.35 -53.24
C VAL L 148 15.84 -32.42 -52.74
N LEU L 149 14.86 -31.97 -51.94
CA LEU L 149 13.78 -32.81 -51.47
C LEU L 149 13.02 -33.48 -52.62
N ASP L 150 12.73 -32.70 -53.67
CA ASP L 150 11.93 -33.16 -54.81
C ASP L 150 12.53 -32.69 -56.15
N TYR L 151 12.93 -33.65 -56.98
CA TYR L 151 13.61 -33.34 -58.24
C TYR L 151 12.67 -32.72 -59.29
N GLN L 152 11.37 -32.90 -59.08
CA GLN L 152 10.37 -32.38 -60.01
C GLN L 152 10.04 -30.92 -59.74
N THR L 153 10.66 -30.34 -58.72
CA THR L 153 10.48 -28.93 -58.41
C THR L 153 10.97 -28.06 -59.56
N GLN L 154 10.11 -27.14 -59.98
CA GLN L 154 10.44 -26.20 -61.04
C GLN L 154 10.85 -24.84 -60.45
N TYR L 155 12.14 -24.68 -60.21
CA TYR L 155 12.64 -23.42 -59.66
C TYR L 155 12.57 -22.30 -60.71
N PRO L 156 12.50 -21.03 -60.25
CA PRO L 156 12.51 -19.94 -61.22
C PRO L 156 13.83 -19.93 -62.00
N LYS L 157 13.81 -19.32 -63.17
CA LYS L 157 15.02 -19.21 -63.99
C LYS L 157 15.83 -17.96 -63.62
N THR L 158 17.11 -17.94 -64.03
CA THR L 158 17.97 -16.76 -63.82
C THR L 158 17.63 -15.65 -64.81
N GLY L 162 17.42 -13.92 -61.01
CA GLY L 162 16.84 -15.02 -60.24
C GLY L 162 17.89 -15.93 -59.62
N PRO L 163 17.45 -17.03 -58.99
CA PRO L 163 18.35 -17.92 -58.25
C PRO L 163 19.05 -18.97 -59.10
N ILE L 164 20.29 -19.27 -58.73
CA ILE L 164 21.08 -20.31 -59.38
C ILE L 164 20.77 -21.65 -58.71
N THR L 165 20.29 -22.62 -59.49
CA THR L 165 19.93 -23.93 -58.96
C THR L 165 20.59 -25.06 -59.75
N ILE L 166 20.22 -26.31 -59.47
CA ILE L 166 20.87 -27.46 -60.11
C ILE L 166 20.70 -27.39 -61.64
N GLU L 167 19.49 -27.09 -62.10
CA GLU L 167 19.23 -26.97 -63.53
C GLU L 167 20.12 -25.91 -64.19
N THR L 168 20.34 -24.79 -63.50
CA THR L 168 21.24 -23.73 -63.97
C THR L 168 22.66 -24.22 -64.28
N VAL L 169 23.17 -25.13 -63.43
CA VAL L 169 24.56 -25.56 -63.54
C VAL L 169 24.76 -26.77 -64.46
N LEU L 170 23.80 -27.68 -64.47
CA LEU L 170 23.85 -28.83 -65.37
C LEU L 170 23.55 -28.45 -66.81
N GLY L 171 22.74 -27.41 -67.00
CA GLY L 171 22.29 -27.01 -68.33
C GLY L 171 21.24 -27.95 -68.89
N ARG L 172 20.53 -28.61 -67.99
CA ARG L 172 19.48 -29.59 -68.32
C ARG L 172 18.66 -29.89 -67.06
N LYS L 173 17.50 -30.52 -67.23
CA LYS L 173 16.59 -30.79 -66.11
C LYS L 173 17.18 -31.72 -65.06
N MET L 174 16.78 -31.51 -63.81
CA MET L 174 17.07 -32.45 -62.73
C MET L 174 16.46 -33.82 -63.02
N THR L 175 17.07 -34.86 -62.45
CA THR L 175 16.54 -36.21 -62.55
C THR L 175 16.40 -36.75 -61.11
N PRO L 176 15.75 -37.92 -60.95
CA PRO L 176 15.61 -38.54 -59.62
C PRO L 176 16.91 -38.64 -58.82
N LYS L 177 18.05 -38.72 -59.49
CA LYS L 177 19.33 -38.85 -58.80
C LYS L 177 19.67 -37.59 -57.97
N ASN L 178 19.06 -36.46 -58.32
CA ASN L 178 19.30 -35.21 -57.59
C ASN L 178 18.57 -35.12 -56.25
N GLN L 179 17.77 -36.14 -55.93
CA GLN L 179 17.29 -36.36 -54.57
C GLN L 179 18.38 -36.99 -53.68
N GLY L 180 19.39 -37.58 -54.31
CA GLY L 180 20.60 -38.03 -53.64
C GLY L 180 21.80 -37.15 -53.99
N LEU L 181 23.00 -37.67 -53.76
CA LEU L 181 24.23 -36.94 -54.07
C LEU L 181 24.66 -37.21 -55.52
N ASP L 182 24.47 -36.22 -56.39
CA ASP L 182 24.90 -36.28 -57.78
C ASP L 182 26.16 -35.43 -57.93
N PRO L 183 27.32 -36.08 -58.16
CA PRO L 183 28.58 -35.33 -58.17
C PRO L 183 28.70 -34.29 -59.29
N GLN L 184 27.78 -34.30 -60.25
CA GLN L 184 27.78 -33.27 -61.30
C GLN L 184 27.10 -31.98 -60.85
N ALA L 185 26.26 -32.09 -59.82
CA ALA L 185 25.51 -30.96 -59.29
C ALA L 185 26.35 -30.22 -58.26
N LYS L 186 27.30 -29.43 -58.76
CA LYS L 186 28.22 -28.70 -57.91
C LYS L 186 28.26 -27.22 -58.32
N ALA L 187 28.66 -26.37 -57.38
CA ALA L 187 28.79 -24.94 -57.65
C ALA L 187 29.64 -24.25 -56.60
N LYS L 188 30.00 -23.01 -56.86
CA LYS L 188 30.73 -22.18 -55.90
C LYS L 188 29.81 -21.08 -55.37
N LEU L 189 29.88 -20.83 -54.06
CA LEU L 189 29.09 -19.76 -53.48
C LEU L 189 29.74 -18.42 -53.77
N ASP L 190 29.44 -17.85 -54.94
CA ASP L 190 30.12 -16.61 -55.37
C ASP L 190 29.25 -15.34 -55.44
N LYS L 191 27.92 -15.51 -55.33
CA LYS L 191 27.01 -14.35 -55.32
C LYS L 191 26.11 -14.33 -54.08
N ASP L 192 26.00 -13.17 -53.46
CA ASP L 192 25.12 -12.97 -52.30
C ASP L 192 23.65 -13.14 -52.70
N GLY L 193 22.91 -13.91 -51.93
CA GLY L 193 21.46 -14.02 -52.09
C GLY L 193 20.94 -14.73 -53.33
N ASN L 194 21.76 -15.57 -53.94
CA ASN L 194 21.40 -16.24 -55.20
C ASN L 194 21.34 -17.74 -55.15
N TYR L 195 22.01 -18.33 -54.17
CA TYR L 195 22.05 -19.78 -54.05
C TYR L 195 21.09 -20.23 -52.95
N PRO L 196 19.97 -20.86 -53.33
CA PRO L 196 18.97 -21.31 -52.36
C PRO L 196 19.50 -22.33 -51.38
N ILE L 197 19.17 -22.10 -50.10
CA ILE L 197 19.56 -22.98 -49.02
C ILE L 197 18.96 -24.39 -49.23
N GLU L 198 17.72 -24.47 -49.70
CA GLU L 198 17.06 -25.78 -49.85
C GLU L 198 17.57 -26.57 -51.06
N VAL L 199 18.44 -25.95 -51.84
CA VAL L 199 19.04 -26.60 -53.01
C VAL L 199 20.52 -26.94 -52.76
N TRP L 200 21.22 -26.07 -52.03
CA TRP L 200 22.68 -26.16 -51.88
C TRP L 200 23.14 -26.32 -50.42
N CYS L 201 24.10 -27.22 -50.22
CA CYS L 201 24.76 -27.40 -48.93
C CYS L 201 26.28 -27.35 -49.15
N PRO L 202 27.08 -27.12 -48.08
CA PRO L 202 28.53 -27.20 -48.29
C PRO L 202 28.95 -28.58 -48.83
N ASP L 203 29.94 -28.57 -49.73
CA ASP L 203 30.47 -29.80 -50.32
C ASP L 203 31.64 -30.32 -49.48
N PRO L 204 31.45 -31.44 -48.76
CA PRO L 204 32.49 -31.96 -47.88
C PRO L 204 33.63 -32.63 -48.65
N SER L 205 33.41 -32.93 -49.93
CA SER L 205 34.43 -33.54 -50.76
C SER L 205 35.45 -32.52 -51.25
N LYS L 206 35.14 -31.23 -51.07
CA LYS L 206 36.04 -30.13 -51.43
C LYS L 206 36.28 -29.23 -50.21
N ASN L 207 36.27 -27.91 -50.39
CA ASN L 207 36.44 -26.95 -49.28
C ASN L 207 37.69 -27.12 -48.38
N GLU L 208 38.79 -27.57 -48.97
CA GLU L 208 40.03 -27.76 -48.21
C GLU L 208 40.51 -26.44 -47.65
N ASN L 209 40.21 -25.36 -48.36
CA ASN L 209 40.72 -24.04 -48.02
C ASN L 209 39.62 -23.18 -47.37
N SER L 210 38.58 -23.84 -46.88
CA SER L 210 37.50 -23.21 -46.09
C SER L 210 37.22 -23.99 -44.80
N ARG L 211 36.71 -23.30 -43.79
CA ARG L 211 36.15 -23.95 -42.61
C ARG L 211 34.66 -23.57 -42.51
N TYR L 212 33.79 -24.57 -42.39
CA TYR L 212 32.35 -24.32 -42.23
C TYR L 212 31.74 -25.12 -41.08
N TYR L 213 30.69 -24.55 -40.48
CA TYR L 213 30.04 -25.06 -39.27
C TYR L 213 28.55 -24.76 -39.40
N GLY L 214 27.70 -25.78 -39.26
CA GLY L 214 26.27 -25.59 -39.42
C GLY L 214 25.38 -26.61 -38.73
N SER L 215 24.08 -26.33 -38.69
CA SER L 215 23.09 -27.21 -38.07
C SER L 215 21.70 -26.92 -38.60
N ILE L 216 20.85 -27.94 -38.51
CA ILE L 216 19.41 -27.78 -38.78
C ILE L 216 18.56 -28.22 -37.58
N GLN L 217 17.33 -27.71 -37.55
CA GLN L 217 16.31 -28.12 -36.60
C GLN L 217 14.96 -28.02 -37.32
N THR L 218 14.30 -29.16 -37.49
CA THR L 218 12.96 -29.18 -38.11
C THR L 218 11.84 -29.20 -37.06
N GLY L 219 10.60 -29.28 -37.53
CA GLY L 219 9.44 -29.13 -36.65
C GLY L 219 8.77 -27.81 -36.92
N SER L 220 7.49 -27.72 -36.58
CA SER L 220 6.69 -26.54 -36.91
C SER L 220 6.79 -25.42 -35.88
N GLN L 221 6.76 -25.80 -34.60
CA GLN L 221 6.76 -24.81 -33.53
C GLN L 221 7.91 -25.07 -32.55
N THR L 222 8.89 -25.83 -33.00
CA THR L 222 10.06 -26.15 -32.20
C THR L 222 10.69 -24.88 -31.68
N PRO L 223 10.99 -24.82 -30.37
CA PRO L 223 11.62 -23.64 -29.80
C PRO L 223 12.89 -23.23 -30.54
N THR L 224 12.98 -21.95 -30.88
CA THR L 224 14.21 -21.36 -31.36
C THR L 224 15.08 -21.07 -30.13
N VAL L 225 16.24 -21.73 -30.09
CA VAL L 225 17.14 -21.68 -28.94
C VAL L 225 18.50 -21.24 -29.42
N LEU L 226 18.85 -19.99 -29.12
CA LEU L 226 20.11 -19.40 -29.61
C LEU L 226 20.88 -18.74 -28.47
N GLN L 227 22.20 -18.79 -28.55
CA GLN L 227 23.04 -18.12 -27.58
C GLN L 227 23.79 -16.97 -28.24
N PHE L 228 24.27 -16.04 -27.42
CA PHE L 228 25.08 -14.92 -27.88
C PHE L 228 26.04 -14.49 -26.78
N SER L 229 27.28 -14.22 -27.14
CA SER L 229 28.34 -13.87 -26.19
C SER L 229 29.57 -13.38 -26.96
N ASN L 230 30.17 -12.28 -26.50
CA ASN L 230 31.39 -11.77 -27.14
C ASN L 230 32.67 -12.41 -26.58
N THR L 231 32.55 -13.59 -25.99
CA THR L 231 33.71 -14.26 -25.38
C THR L 231 34.04 -15.57 -26.09
N LEU L 232 33.28 -15.88 -27.14
CA LEU L 232 33.44 -17.13 -27.87
C LEU L 232 34.20 -16.96 -29.18
N THR L 233 35.31 -17.68 -29.29
CA THR L 233 36.20 -17.64 -30.44
C THR L 233 36.24 -19.02 -31.11
N THR L 234 36.20 -19.02 -32.43
CA THR L 234 36.39 -20.24 -33.21
C THR L 234 37.78 -20.22 -33.81
N VAL L 235 38.59 -21.23 -33.47
CA VAL L 235 39.93 -21.38 -34.03
C VAL L 235 39.81 -21.96 -35.43
N LEU L 236 40.48 -21.37 -36.41
CA LEU L 236 40.32 -21.79 -37.81
C LEU L 236 41.43 -22.72 -38.35
N LEU L 237 42.45 -22.95 -37.54
CA LEU L 237 43.55 -23.81 -37.94
C LEU L 237 43.09 -25.25 -38.13
N ASP L 238 43.57 -25.87 -39.19
CA ASP L 238 43.36 -27.30 -39.37
C ASP L 238 44.31 -28.07 -38.44
N GLU L 239 44.33 -29.39 -38.57
CA GLU L 239 45.12 -30.27 -37.71
C GLU L 239 46.63 -30.05 -37.88
N ASN L 240 47.00 -29.45 -39.00
CA ASN L 240 48.40 -29.13 -39.29
C ASN L 240 48.79 -27.74 -38.80
N GLY L 241 47.82 -26.99 -38.28
CA GLY L 241 48.07 -25.64 -37.74
C GLY L 241 47.97 -24.54 -38.77
N VAL L 242 47.31 -24.83 -39.89
CA VAL L 242 47.18 -23.88 -40.97
C VAL L 242 45.72 -23.44 -41.13
N GLY L 243 45.51 -22.13 -41.13
CA GLY L 243 44.18 -21.58 -41.40
C GLY L 243 43.94 -21.40 -42.90
N PRO L 244 42.72 -20.96 -43.28
CA PRO L 244 42.45 -20.69 -44.69
C PRO L 244 43.39 -19.64 -45.28
N LEU L 245 43.84 -19.88 -46.50
CA LEU L 245 44.81 -19.01 -47.16
C LEU L 245 44.12 -18.21 -48.25
N CYS L 246 44.19 -16.89 -48.14
CA CYS L 246 43.38 -15.98 -48.95
C CYS L 246 43.99 -15.69 -50.33
N LYS L 247 43.50 -16.41 -51.33
CA LYS L 247 43.97 -16.26 -52.70
C LYS L 247 43.58 -14.86 -53.21
N GLY L 248 44.54 -14.18 -53.84
CA GLY L 248 44.30 -12.85 -54.40
C GLY L 248 43.98 -11.78 -53.37
N ASP L 249 44.43 -11.99 -52.13
CA ASP L 249 44.15 -11.10 -51.00
C ASP L 249 42.64 -10.93 -50.76
N GLY L 250 41.89 -12.03 -50.91
CA GLY L 250 40.44 -12.01 -50.73
C GLY L 250 39.95 -12.99 -49.70
N LEU L 251 39.19 -12.47 -48.72
CA LEU L 251 38.58 -13.29 -47.66
C LEU L 251 37.09 -13.52 -47.91
N PHE L 252 36.71 -14.80 -47.96
CA PHE L 252 35.33 -15.18 -48.27
C PHE L 252 34.56 -15.60 -47.03
N ILE L 253 33.44 -14.94 -46.79
CA ILE L 253 32.65 -15.13 -45.59
C ILE L 253 31.19 -15.39 -45.96
N SER L 254 30.68 -16.55 -45.52
CA SER L 254 29.38 -17.04 -45.95
C SER L 254 28.54 -17.43 -44.74
N CYS L 255 27.22 -17.26 -44.84
CA CYS L 255 26.35 -17.67 -43.73
C CYS L 255 24.89 -17.83 -44.10
N ALA L 256 24.12 -18.32 -43.14
CA ALA L 256 22.67 -18.46 -43.26
C ALA L 256 22.14 -18.64 -41.85
N ASP L 257 21.12 -17.87 -41.51
CA ASP L 257 20.52 -17.94 -40.17
C ASP L 257 19.00 -17.81 -40.20
N ILE L 258 18.35 -18.93 -40.50
CA ILE L 258 16.90 -19.04 -40.46
C ILE L 258 16.47 -19.32 -39.00
N VAL L 259 15.65 -18.43 -38.45
CA VAL L 259 15.32 -18.46 -37.03
C VAL L 259 13.89 -18.96 -36.74
N GLY L 260 13.16 -19.31 -37.79
CA GLY L 260 11.81 -19.86 -37.62
C GLY L 260 10.70 -19.14 -38.36
N PHE L 261 9.45 -19.51 -38.06
CA PHE L 261 8.31 -18.93 -38.74
C PHE L 261 7.68 -17.78 -37.98
N LEU L 262 7.28 -16.75 -38.72
CA LEU L 262 6.30 -15.80 -38.25
C LEU L 262 4.91 -16.38 -38.52
N PHE L 263 4.18 -16.67 -37.46
CA PHE L 263 2.84 -17.27 -37.61
C PHE L 263 1.79 -16.18 -37.72
N LYS L 264 1.09 -16.16 -38.85
CA LYS L 264 0.08 -15.14 -39.13
C LYS L 264 -1.34 -15.60 -38.74
N THR L 265 -2.23 -14.64 -38.48
CA THR L 265 -3.58 -14.93 -37.93
C THR L 265 -4.34 -16.02 -38.70
N SER L 266 -4.34 -15.92 -40.03
CA SER L 266 -5.13 -16.82 -40.88
C SER L 266 -4.61 -18.25 -40.86
N GLY L 267 -3.35 -18.42 -40.46
CA GLY L 267 -2.69 -19.71 -40.56
C GLY L 267 -1.46 -19.63 -41.46
N LYS L 268 -1.38 -18.57 -42.27
CA LYS L 268 -0.25 -18.35 -43.17
C LYS L 268 1.06 -18.26 -42.37
N MET L 269 2.14 -18.77 -42.96
CA MET L 269 3.43 -18.86 -42.27
C MET L 269 4.58 -18.43 -43.18
N ALA L 270 5.44 -17.55 -42.67
CA ALA L 270 6.65 -17.12 -43.38
C ALA L 270 7.90 -17.36 -42.54
N LEU L 271 9.00 -17.74 -43.20
CA LEU L 271 10.29 -17.90 -42.52
C LEU L 271 10.96 -16.54 -42.33
N HIS L 272 11.80 -16.45 -41.29
CA HIS L 272 12.43 -15.22 -40.89
C HIS L 272 13.89 -15.55 -40.67
N GLY L 273 14.74 -14.55 -40.94
CA GLY L 273 16.18 -14.67 -40.76
C GLY L 273 16.74 -13.49 -40.00
N LEU L 274 17.91 -13.69 -39.39
CA LEU L 274 18.63 -12.61 -38.69
C LEU L 274 20.05 -12.41 -39.27
N PRO L 275 20.62 -11.20 -39.13
CA PRO L 275 21.98 -10.94 -39.61
C PRO L 275 23.04 -11.60 -38.74
N ARG L 276 24.25 -11.68 -39.29
CA ARG L 276 25.38 -12.29 -38.62
C ARG L 276 26.61 -11.40 -38.68
N TYR L 277 27.24 -11.23 -37.53
CA TYR L 277 28.45 -10.43 -37.42
C TYR L 277 29.68 -11.33 -37.42
N PHE L 278 30.79 -10.79 -37.93
CA PHE L 278 32.08 -11.51 -37.94
C PHE L 278 33.24 -10.59 -37.57
N ASN L 279 34.12 -11.10 -36.72
CA ASN L 279 35.43 -10.50 -36.53
C ASN L 279 36.54 -11.55 -36.70
N VAL L 280 37.22 -11.47 -37.84
CA VAL L 280 38.22 -12.46 -38.24
C VAL L 280 39.64 -11.93 -38.02
N THR L 281 40.47 -12.75 -37.37
CA THR L 281 41.88 -12.41 -37.16
C THR L 281 42.71 -13.15 -38.22
N LEU L 282 43.61 -12.39 -38.86
CA LEU L 282 44.49 -12.94 -39.90
C LEU L 282 45.96 -12.65 -39.61
N ARG L 283 46.82 -13.58 -40.05
CA ARG L 283 48.28 -13.39 -39.98
C ARG L 283 48.93 -13.63 -41.35
N LYS L 284 50.11 -13.04 -41.55
CA LYS L 284 50.86 -13.24 -42.80
C LYS L 284 51.59 -14.57 -42.77
N ARG L 285 51.47 -15.33 -43.86
CA ARG L 285 52.11 -16.63 -43.98
C ARG L 285 52.94 -16.68 -45.26
N TRP L 286 54.17 -17.18 -45.18
CA TRP L 286 54.98 -17.43 -46.37
C TRP L 286 54.49 -18.68 -47.09
N VAL L 287 54.37 -18.58 -48.41
CA VAL L 287 54.04 -19.74 -49.26
C VAL L 287 54.91 -19.73 -50.52
N LYS L 288 55.15 -20.91 -51.10
CA LYS L 288 55.99 -21.02 -52.29
C LYS L 288 55.18 -21.50 -53.51
N GLU M 10 46.81 1.21 -22.77
CA GLU M 10 47.94 0.23 -22.63
C GLU M 10 48.02 -0.34 -21.22
N VAL M 11 47.66 -1.63 -21.13
CA VAL M 11 47.57 -2.34 -19.86
C VAL M 11 48.95 -2.76 -19.37
N LEU M 12 49.29 -2.38 -18.14
CA LEU M 12 50.57 -2.78 -17.54
C LEU M 12 50.35 -3.96 -16.59
N SER M 13 51.13 -4.02 -15.51
CA SER M 13 51.11 -5.17 -14.64
C SER M 13 50.02 -5.08 -13.58
N VAL M 14 49.66 -6.24 -13.05
CA VAL M 14 48.77 -6.34 -11.91
C VAL M 14 49.44 -5.71 -10.70
N VAL M 15 48.72 -4.84 -9.99
CA VAL M 15 49.20 -4.21 -8.75
C VAL M 15 49.36 -5.29 -7.68
N THR M 16 50.49 -5.29 -6.98
CA THR M 16 50.70 -6.27 -5.91
C THR M 16 50.59 -5.62 -4.53
N GLY M 17 50.12 -6.39 -3.55
CA GLY M 17 50.09 -5.95 -2.16
C GLY M 17 48.75 -6.15 -1.50
N GLU M 18 48.61 -5.62 -0.28
CA GLU M 18 47.35 -5.69 0.45
C GLU M 18 46.33 -4.74 -0.18
N ASP M 19 45.05 -5.10 -0.06
CA ASP M 19 43.95 -4.29 -0.59
C ASP M 19 43.95 -4.19 -2.11
N SER M 20 44.76 -5.01 -2.78
CA SER M 20 44.75 -5.05 -4.23
C SER M 20 43.52 -5.77 -4.79
N ILE M 21 42.87 -6.60 -3.97
CA ILE M 21 41.65 -7.31 -4.38
C ILE M 21 40.42 -6.82 -3.61
N THR M 22 39.33 -6.58 -4.34
CA THR M 22 38.07 -6.20 -3.72
C THR M 22 36.88 -6.95 -4.34
N GLN M 23 35.77 -6.97 -3.60
CA GLN M 23 34.55 -7.60 -4.07
C GLN M 23 33.37 -6.65 -3.98
N ILE M 24 32.46 -6.76 -4.95
N ILE M 24 32.49 -6.68 -4.96
CA ILE M 24 31.25 -5.95 -5.03
CA ILE M 24 31.24 -5.93 -4.87
C ILE M 24 30.04 -6.88 -5.13
C ILE M 24 30.06 -6.86 -5.10
N GLU M 25 29.00 -6.63 -4.35
CA GLU M 25 27.74 -7.39 -4.46
C GLU M 25 26.64 -6.46 -4.93
N LEU M 26 25.70 -7.02 -5.69
CA LEU M 26 24.59 -6.24 -6.22
C LEU M 26 23.46 -7.19 -6.58
N TYR M 27 22.22 -6.72 -6.43
CA TYR M 27 21.08 -7.39 -7.06
C TYR M 27 20.38 -6.42 -7.99
N LEU M 28 19.84 -6.93 -9.09
CA LEU M 28 19.03 -6.08 -9.98
C LEU M 28 17.62 -6.64 -10.12
N ASN M 29 16.63 -5.87 -9.68
CA ASN M 29 15.23 -6.24 -9.89
C ASN M 29 14.79 -6.07 -11.34
N PRO M 30 13.94 -6.98 -11.82
CA PRO M 30 13.56 -7.02 -13.23
C PRO M 30 12.66 -5.85 -13.60
N ARG M 31 12.68 -5.50 -14.89
CA ARG M 31 11.94 -4.35 -15.38
C ARG M 31 11.14 -4.78 -16.59
N MET M 32 10.10 -5.58 -16.32
CA MET M 32 9.27 -6.20 -17.35
C MET M 32 8.24 -5.27 -18.00
N GLY M 33 8.09 -4.06 -17.45
CA GLY M 33 7.09 -3.10 -17.96
C GLY M 33 6.42 -2.37 -16.81
N VAL M 34 5.86 -3.12 -15.87
CA VAL M 34 5.47 -2.55 -14.59
C VAL M 34 6.75 -2.60 -13.76
N ASN M 35 7.42 -1.46 -13.67
CA ASN M 35 8.81 -1.39 -13.21
C ASN M 35 9.04 -0.98 -11.76
N SER M 36 8.00 -0.45 -11.13
CA SER M 36 8.07 -0.07 -9.72
C SER M 36 7.09 -0.88 -8.88
N PRO M 37 7.48 -1.23 -7.63
CA PRO M 37 6.54 -1.85 -6.71
C PRO M 37 5.71 -0.84 -5.89
N ASP M 38 5.97 0.46 -6.06
CA ASP M 38 5.45 1.49 -5.15
C ASP M 38 4.24 2.30 -5.64
N LEU M 39 3.52 1.76 -6.63
CA LEU M 39 2.37 2.42 -7.23
C LEU M 39 1.05 1.67 -6.96
N PRO M 40 0.05 2.36 -6.39
CA PRO M 40 -1.23 1.75 -5.98
C PRO M 40 -2.02 1.14 -7.14
N THR M 41 -2.47 -0.11 -6.93
CA THR M 41 -3.18 -0.95 -7.92
C THR M 41 -2.30 -1.38 -9.12
N THR M 42 -1.56 -0.44 -9.69
CA THR M 42 -0.65 -0.75 -10.80
C THR M 42 0.41 -1.75 -10.37
N SER M 43 1.07 -1.45 -9.26
CA SER M 43 2.22 -2.23 -8.79
C SER M 43 1.92 -3.66 -8.39
N ASN M 44 0.65 -4.03 -8.44
CA ASN M 44 0.26 -5.42 -8.27
C ASN M 44 0.92 -6.32 -9.32
N TRP M 45 1.22 -5.75 -10.48
CA TRP M 45 1.83 -6.45 -11.60
C TRP M 45 3.35 -6.20 -11.75
N TYR M 46 3.95 -5.64 -10.71
CA TYR M 46 5.39 -5.49 -10.62
C TYR M 46 6.07 -6.84 -10.92
N THR M 47 7.05 -6.80 -11.83
CA THR M 47 7.77 -7.96 -12.37
C THR M 47 6.98 -8.74 -13.44
N TYR M 48 5.93 -8.11 -13.97
CA TYR M 48 5.17 -8.64 -15.10
C TYR M 48 4.97 -7.55 -16.15
N THR M 49 4.58 -7.97 -17.35
CA THR M 49 4.06 -7.04 -18.34
C THR M 49 2.55 -6.95 -18.11
N TYR M 50 1.87 -6.12 -18.89
CA TYR M 50 0.42 -6.21 -18.97
C TYR M 50 0.07 -7.36 -19.93
N ASP M 51 -1.19 -7.46 -20.34
CA ASP M 51 -1.59 -8.55 -21.21
C ASP M 51 -1.05 -8.31 -22.62
N LEU M 52 -0.35 -9.32 -23.15
CA LEU M 52 0.30 -9.22 -24.47
C LEU M 52 -0.60 -9.79 -25.56
N GLN M 53 -0.86 -8.98 -26.58
CA GLN M 53 -1.85 -9.33 -27.59
C GLN M 53 -1.54 -8.76 -28.97
N PRO M 54 -1.73 -9.56 -30.03
CA PRO M 54 -1.70 -9.01 -31.38
C PRO M 54 -2.95 -8.18 -31.62
N LYS M 55 -2.78 -6.96 -32.11
CA LYS M 55 -3.88 -6.02 -32.26
C LYS M 55 -4.94 -6.45 -33.29
N GLY M 56 -4.53 -7.18 -34.33
CA GLY M 56 -5.41 -7.58 -35.42
C GLY M 56 -5.46 -6.61 -36.60
N SER M 57 -4.97 -5.40 -36.36
CA SER M 57 -4.86 -4.39 -37.42
C SER M 57 -3.59 -3.55 -37.21
N SER M 58 -3.11 -2.94 -38.29
N SER M 58 -3.07 -2.98 -38.29
CA SER M 58 -1.84 -2.23 -38.34
CA SER M 58 -1.81 -2.25 -38.26
C SER M 58 -2.05 -0.71 -38.16
C SER M 58 -2.04 -0.74 -38.14
N PRO M 59 -1.09 -0.02 -37.51
CA PRO M 59 0.15 -0.51 -36.93
C PRO M 59 0.03 -0.89 -35.46
N ASP M 60 0.97 -1.72 -34.99
CA ASP M 60 1.08 -2.06 -33.58
C ASP M 60 1.57 -0.82 -32.85
N GLN M 61 0.89 -0.46 -31.76
CA GLN M 61 1.24 0.70 -30.95
C GLN M 61 1.36 0.21 -29.51
N PRO M 62 2.46 -0.49 -29.20
CA PRO M 62 2.61 -1.13 -27.89
C PRO M 62 2.69 -0.12 -26.76
N ILE M 63 2.15 -0.48 -25.60
CA ILE M 63 2.25 0.35 -24.42
C ILE M 63 3.56 0.02 -23.68
N LYS M 64 4.10 0.99 -22.95
CA LYS M 64 5.34 0.77 -22.20
C LYS M 64 5.32 -0.41 -21.22
N GLU M 65 4.15 -0.75 -20.67
CA GLU M 65 3.99 -1.85 -19.70
C GLU M 65 4.17 -3.21 -20.37
N ASN M 66 4.18 -3.20 -21.69
CA ASN M 66 4.32 -4.41 -22.47
C ASN M 66 5.70 -4.56 -23.10
N LEU M 67 6.66 -3.76 -22.63
CA LEU M 67 8.00 -3.77 -23.19
C LEU M 67 9.06 -4.06 -22.12
N PRO M 68 9.26 -5.36 -21.79
CA PRO M 68 10.38 -5.69 -20.89
C PRO M 68 11.67 -5.01 -21.33
N ALA M 69 12.42 -4.51 -20.36
CA ALA M 69 13.61 -3.71 -20.64
C ALA M 69 14.78 -4.23 -19.81
N TYR M 70 16.00 -3.88 -20.25
CA TYR M 70 17.22 -4.30 -19.58
C TYR M 70 17.34 -3.63 -18.23
N SER M 71 17.86 -4.38 -17.26
CA SER M 71 18.28 -3.84 -15.98
C SER M 71 19.74 -3.41 -16.07
N VAL M 72 20.09 -2.30 -15.45
CA VAL M 72 21.49 -1.87 -15.37
C VAL M 72 21.77 -1.06 -14.11
N ALA M 73 22.99 -1.23 -13.57
CA ALA M 73 23.51 -0.33 -12.54
C ALA M 73 24.98 -0.02 -12.76
N ARG M 74 25.37 1.19 -12.41
CA ARG M 74 26.78 1.54 -12.27
C ARG M 74 27.13 1.46 -10.78
N VAL M 75 28.12 0.64 -10.42
CA VAL M 75 28.59 0.59 -9.04
C VAL M 75 29.88 1.39 -8.87
N SER M 76 29.87 2.33 -7.92
CA SER M 76 31.05 3.10 -7.56
C SER M 76 32.04 2.22 -6.79
N LEU M 77 33.30 2.29 -7.20
CA LEU M 77 34.36 1.45 -6.61
C LEU M 77 35.25 2.31 -5.72
N PRO M 78 36.01 1.68 -4.81
CA PRO M 78 36.96 2.46 -4.02
C PRO M 78 37.83 3.33 -4.92
N MET M 79 37.96 4.61 -4.56
CA MET M 79 38.74 5.55 -5.32
C MET M 79 40.19 5.06 -5.39
N LEU M 80 40.84 5.27 -6.54
CA LEU M 80 42.20 4.71 -6.73
C LEU M 80 43.35 5.69 -6.90
N ASN M 81 43.11 6.80 -7.62
CA ASN M 81 44.19 7.73 -7.95
C ASN M 81 44.03 9.09 -7.28
N LEU M 89 48.46 5.46 -13.81
CA LEU M 89 47.33 5.29 -12.90
C LEU M 89 46.78 3.86 -12.81
N GLN M 90 46.10 3.57 -11.70
CA GLN M 90 45.50 2.26 -11.45
C GLN M 90 44.02 2.25 -11.83
N MET M 91 43.55 1.11 -12.35
CA MET M 91 42.12 0.89 -12.61
C MET M 91 41.70 -0.46 -12.04
N TRP M 92 40.46 -0.54 -11.57
CA TRP M 92 39.89 -1.80 -11.16
C TRP M 92 39.63 -2.66 -12.39
N GLU M 93 40.03 -3.92 -12.29
CA GLU M 93 39.89 -4.90 -13.33
C GLU M 93 38.96 -6.01 -12.83
N ALA M 94 37.83 -6.18 -13.49
CA ALA M 94 36.89 -7.23 -13.12
C ALA M 94 37.41 -8.55 -13.66
N ILE M 95 37.57 -9.54 -12.79
CA ILE M 95 38.25 -10.78 -13.15
C ILE M 95 37.37 -12.01 -13.11
N SER M 96 36.33 -11.96 -12.27
CA SER M 96 35.36 -13.03 -12.18
C SER M 96 34.06 -12.52 -11.54
N VAL M 97 33.01 -13.33 -11.67
CA VAL M 97 31.70 -12.99 -11.17
C VAL M 97 30.95 -14.28 -10.86
N LYS M 98 30.27 -14.31 -9.71
CA LYS M 98 29.23 -15.30 -9.45
C LYS M 98 27.90 -14.59 -9.64
N THR M 99 27.08 -15.11 -10.55
CA THR M 99 25.78 -14.50 -10.80
C THR M 99 24.70 -15.57 -10.69
N GLU M 100 23.53 -15.17 -10.21
CA GLU M 100 22.46 -16.14 -9.97
C GLU M 100 21.10 -15.47 -10.17
N VAL M 101 20.18 -16.19 -10.82
CA VAL M 101 18.81 -15.75 -10.93
C VAL M 101 18.09 -16.10 -9.63
N VAL M 102 17.58 -15.08 -8.95
CA VAL M 102 16.96 -15.25 -7.64
C VAL M 102 15.47 -15.55 -7.75
N GLY M 103 14.96 -16.37 -6.84
CA GLY M 103 13.53 -16.66 -6.78
C GLY M 103 13.04 -17.68 -7.78
N ILE M 104 13.94 -18.53 -8.27
CA ILE M 104 13.58 -19.56 -9.26
C ILE M 104 12.51 -20.50 -8.68
N SER M 105 12.64 -20.84 -7.39
CA SER M 105 11.71 -21.72 -6.70
C SER M 105 10.26 -21.22 -6.70
N SER M 106 10.07 -19.90 -6.80
CA SER M 106 8.73 -19.31 -6.84
C SER M 106 7.90 -19.87 -7.99
N LEU M 107 8.57 -20.36 -9.04
CA LEU M 107 7.89 -20.79 -10.25
C LEU M 107 7.22 -22.15 -10.18
N ILE M 108 7.34 -22.86 -9.05
CA ILE M 108 6.59 -24.11 -8.84
C ILE M 108 5.09 -23.89 -8.51
N ASN M 109 4.72 -22.63 -8.23
CA ASN M 109 3.34 -22.24 -7.94
C ASN M 109 2.42 -22.43 -9.15
N VAL M 110 1.57 -23.45 -9.07
CA VAL M 110 0.57 -23.73 -10.12
C VAL M 110 -0.87 -23.51 -9.60
N HIS M 111 -1.00 -22.61 -8.64
CA HIS M 111 -2.30 -22.33 -8.01
C HIS M 111 -2.49 -20.83 -7.83
N TYR M 112 -1.98 -20.04 -8.77
CA TYR M 112 -2.28 -18.61 -8.84
C TYR M 112 -3.80 -18.48 -9.02
N TRP M 113 -4.43 -17.59 -8.26
CA TRP M 113 -5.90 -17.55 -8.19
C TRP M 113 -6.59 -17.43 -9.53
N ASP M 114 -5.95 -16.72 -10.46
CA ASP M 114 -6.52 -16.52 -11.79
C ASP M 114 -5.75 -17.24 -12.89
N MET M 115 -5.15 -18.38 -12.56
CA MET M 115 -4.33 -19.13 -13.53
C MET M 115 -5.22 -19.98 -14.40
N LYS M 116 -4.99 -19.93 -15.72
CA LYS M 116 -5.61 -20.89 -16.63
C LYS M 116 -5.15 -22.33 -16.32
N ARG M 117 -6.09 -23.27 -16.30
CA ARG M 117 -5.80 -24.69 -15.99
C ARG M 117 -5.26 -25.42 -17.22
N VAL M 118 -4.47 -26.46 -16.99
CA VAL M 118 -3.95 -27.29 -18.08
C VAL M 118 -5.07 -28.13 -18.72
N HIS M 119 -6.07 -28.45 -17.91
CA HIS M 119 -7.32 -29.05 -18.34
C HIS M 119 -8.34 -28.92 -17.22
N ASP M 120 -9.59 -29.28 -17.51
CA ASP M 120 -10.66 -29.20 -16.50
C ASP M 120 -10.26 -29.92 -15.21
N TYR M 121 -10.41 -29.20 -14.08
CA TYR M 121 -10.10 -29.67 -12.72
C TYR M 121 -8.59 -29.74 -12.41
N GLY M 122 -7.76 -29.45 -13.40
CA GLY M 122 -6.32 -29.52 -13.25
C GLY M 122 -5.68 -28.33 -12.58
N ALA M 123 -4.36 -28.41 -12.40
CA ALA M 123 -3.55 -27.31 -11.86
C ALA M 123 -3.39 -26.20 -12.90
N GLY M 124 -2.91 -25.05 -12.46
CA GLY M 124 -2.59 -23.96 -13.39
C GLY M 124 -1.45 -24.34 -14.33
N ILE M 125 -1.53 -23.88 -15.57
CA ILE M 125 -0.38 -23.92 -16.47
C ILE M 125 0.78 -23.15 -15.81
N PRO M 126 1.91 -23.83 -15.58
CA PRO M 126 3.05 -23.18 -14.93
C PRO M 126 3.67 -22.08 -15.80
N VAL M 127 4.35 -21.12 -15.16
CA VAL M 127 5.10 -20.08 -15.89
C VAL M 127 6.08 -20.76 -16.82
N SER M 128 5.97 -20.49 -18.12
CA SER M 128 6.67 -21.26 -19.14
C SER M 128 6.53 -20.56 -20.48
N GLY M 129 7.18 -21.07 -21.51
CA GLY M 129 7.21 -20.39 -22.80
C GLY M 129 8.47 -19.57 -23.03
N VAL M 130 8.28 -18.36 -23.54
CA VAL M 130 9.41 -17.51 -23.94
C VAL M 130 10.34 -17.23 -22.76
N ASN M 131 11.62 -17.56 -22.94
CA ASN M 131 12.66 -17.12 -22.01
C ASN M 131 13.69 -16.23 -22.70
N TYR M 132 14.31 -15.35 -21.92
CA TYR M 132 15.44 -14.55 -22.37
C TYR M 132 16.32 -14.24 -21.16
N HIS M 133 17.57 -14.68 -21.24
CA HIS M 133 18.51 -14.54 -20.15
C HIS M 133 19.83 -14.01 -20.65
N MET M 134 20.26 -12.92 -20.03
CA MET M 134 21.58 -12.39 -20.31
C MET M 134 22.10 -11.57 -19.13
N PHE M 135 23.42 -11.55 -18.97
CA PHE M 135 24.05 -10.59 -18.07
C PHE M 135 25.30 -10.05 -18.76
N ALA M 136 25.74 -8.87 -18.33
CA ALA M 136 26.96 -8.26 -18.84
C ALA M 136 27.72 -7.62 -17.68
N ILE M 137 29.04 -7.75 -17.73
CA ILE M 137 29.91 -7.09 -16.79
C ILE M 137 30.90 -6.26 -17.61
N GLY M 138 30.93 -4.95 -17.38
CA GLY M 138 31.80 -4.07 -18.13
C GLY M 138 32.37 -2.90 -17.33
N GLY M 139 33.36 -2.24 -17.91
CA GLY M 139 34.00 -1.07 -17.29
C GLY M 139 33.45 0.23 -17.82
N GLU M 140 32.41 0.12 -18.65
CA GLU M 140 31.63 1.24 -19.21
C GLU M 140 30.26 0.67 -19.66
N PRO M 141 29.31 1.55 -20.08
CA PRO M 141 28.00 1.06 -20.53
C PRO M 141 28.08 0.02 -21.66
N LEU M 142 27.23 -1.01 -21.59
CA LEU M 142 27.12 -1.99 -22.68
C LEU M 142 26.69 -1.30 -23.96
N ASP M 143 27.32 -1.67 -25.07
CA ASP M 143 26.97 -1.10 -26.39
C ASP M 143 25.83 -1.90 -26.99
N LEU M 144 24.86 -1.18 -27.57
CA LEU M 144 23.64 -1.81 -28.04
C LEU M 144 23.41 -1.66 -29.53
N GLN M 145 22.92 -2.72 -30.16
CA GLN M 145 22.51 -2.65 -31.55
C GLN M 145 21.00 -2.80 -31.64
N GLY M 146 20.37 -1.93 -32.42
CA GLY M 146 18.93 -1.95 -32.61
C GLY M 146 18.49 -2.80 -33.78
N LEU M 147 17.50 -3.65 -33.54
CA LEU M 147 16.89 -4.49 -34.58
C LEU M 147 15.50 -4.91 -34.11
N VAL M 148 14.49 -4.71 -34.97
CA VAL M 148 13.10 -5.02 -34.59
C VAL M 148 12.44 -6.08 -35.47
N LEU M 149 11.55 -6.87 -34.88
CA LEU M 149 10.69 -7.78 -35.66
C LEU M 149 9.97 -7.07 -36.80
N ASP M 150 9.47 -5.86 -36.54
CA ASP M 150 8.66 -5.10 -37.48
C ASP M 150 8.98 -3.61 -37.39
N TYR M 151 9.45 -3.02 -38.49
CA TYR M 151 9.87 -1.62 -38.49
C TYR M 151 8.70 -0.65 -38.39
N GLN M 152 7.49 -1.14 -38.71
CA GLN M 152 6.27 -0.32 -38.67
C GLN M 152 5.72 -0.11 -37.26
N THR M 153 6.16 -0.93 -36.31
CA THR M 153 5.84 -0.76 -34.89
C THR M 153 6.06 0.68 -34.42
N GLN M 154 5.03 1.27 -33.81
CA GLN M 154 5.12 2.64 -33.32
C GLN M 154 5.28 2.63 -31.80
N TYR M 155 6.52 2.75 -31.34
CA TYR M 155 6.83 2.67 -29.92
C TYR M 155 6.43 3.97 -29.20
N PRO M 156 6.17 3.91 -27.88
CA PRO M 156 5.84 5.14 -27.15
C PRO M 156 7.01 6.12 -27.15
N LYS M 157 6.71 7.41 -27.23
CA LYS M 157 7.75 8.44 -27.24
C LYS M 157 8.37 8.60 -25.85
N THR M 158 9.52 9.28 -25.80
CA THR M 158 10.19 9.61 -24.53
C THR M 158 9.65 10.92 -23.97
N GLY M 162 9.30 7.41 -20.65
CA GLY M 162 9.10 6.61 -21.85
C GLY M 162 10.38 5.89 -22.26
N PRO M 163 10.26 4.84 -23.10
CA PRO M 163 11.45 4.07 -23.48
C PRO M 163 12.23 4.65 -24.64
N ILE M 164 13.55 4.40 -24.64
CA ILE M 164 14.43 4.78 -25.74
C ILE M 164 14.45 3.65 -26.78
N THR M 165 14.03 3.98 -28.01
CA THR M 165 14.01 3.02 -29.11
C THR M 165 14.77 3.58 -30.33
N ILE M 166 14.72 2.88 -31.46
CA ILE M 166 15.50 3.28 -32.62
C ILE M 166 15.12 4.68 -33.08
N GLU M 167 13.81 4.95 -33.19
CA GLU M 167 13.33 6.27 -33.58
C GLU M 167 13.92 7.38 -32.70
N THR M 168 13.99 7.14 -31.40
CA THR M 168 14.58 8.08 -30.46
C THR M 168 16.02 8.43 -30.85
N VAL M 169 16.85 7.43 -31.12
CA VAL M 169 18.27 7.75 -31.38
C VAL M 169 18.49 8.27 -32.81
N LEU M 170 17.66 7.82 -33.75
CA LEU M 170 17.77 8.29 -35.13
C LEU M 170 17.17 9.69 -35.34
N GLY M 171 16.25 10.07 -34.48
CA GLY M 171 15.55 11.35 -34.64
C GLY M 171 14.65 11.39 -35.87
N ARG M 172 14.27 10.20 -36.34
CA ARG M 172 13.41 10.02 -37.51
C ARG M 172 12.81 8.61 -37.48
N LYS M 173 11.77 8.38 -38.29
CA LYS M 173 11.08 7.09 -38.38
C LYS M 173 12.02 5.93 -38.75
N MET M 174 11.73 4.74 -38.23
CA MET M 174 12.42 3.53 -38.67
C MET M 174 12.09 3.25 -40.12
N THR M 175 12.98 2.57 -40.81
CA THR M 175 12.71 2.13 -42.18
C THR M 175 12.86 0.60 -42.26
N PRO M 176 12.50 -0.01 -43.40
CA PRO M 176 12.63 -1.47 -43.53
C PRO M 176 14.00 -2.04 -43.10
N LYS M 177 15.06 -1.27 -43.30
CA LYS M 177 16.42 -1.73 -42.92
C LYS M 177 16.58 -2.04 -41.43
N ASN M 178 15.73 -1.47 -40.59
CA ASN M 178 15.75 -1.76 -39.16
C ASN M 178 15.17 -3.13 -38.77
N GLN M 179 14.67 -3.86 -39.76
CA GLN M 179 14.37 -5.28 -39.58
C GLN M 179 15.65 -6.13 -39.69
N GLY M 180 16.70 -5.53 -40.26
CA GLY M 180 18.03 -6.12 -40.30
C GLY M 180 19.02 -5.24 -39.54
N LEU M 181 20.31 -5.43 -39.79
CA LEU M 181 21.34 -4.67 -39.09
C LEU M 181 21.60 -3.32 -39.77
N ASP M 182 21.24 -2.24 -39.09
CA ASP M 182 21.47 -0.87 -39.53
C ASP M 182 22.52 -0.27 -38.60
N PRO M 183 23.74 -0.01 -39.13
CA PRO M 183 24.85 0.50 -38.31
C PRO M 183 24.53 1.81 -37.57
N GLN M 184 23.60 2.61 -38.10
CA GLN M 184 23.21 3.85 -37.44
C GLN M 184 22.37 3.64 -36.17
N ALA M 185 21.74 2.46 -36.06
CA ALA M 185 20.85 2.13 -34.94
C ALA M 185 21.64 1.61 -33.73
N LYS M 186 22.29 2.54 -33.03
CA LYS M 186 23.16 2.21 -31.91
C LYS M 186 22.91 3.09 -30.70
N ALA M 187 23.13 2.51 -29.52
CA ALA M 187 23.01 3.23 -28.26
C ALA M 187 23.85 2.57 -27.18
N LYS M 188 23.90 3.22 -26.02
CA LYS M 188 24.51 2.68 -24.83
C LYS M 188 23.42 2.28 -23.86
N LEU M 189 23.66 1.19 -23.13
CA LEU M 189 22.76 0.81 -22.06
C LEU M 189 23.11 1.65 -20.83
N ASP M 190 22.60 2.88 -20.78
CA ASP M 190 22.94 3.80 -19.69
C ASP M 190 21.79 4.15 -18.71
N LYS M 191 20.60 3.58 -18.92
CA LYS M 191 19.47 3.84 -18.02
C LYS M 191 18.73 2.53 -17.69
N ASP M 192 18.50 2.31 -16.39
CA ASP M 192 17.78 1.13 -15.93
C ASP M 192 16.31 1.19 -16.39
N GLY M 193 15.84 0.13 -17.03
CA GLY M 193 14.42 -0.01 -17.38
C GLY M 193 13.87 0.85 -18.50
N ASN M 194 14.75 1.35 -19.36
CA ASN M 194 14.34 2.25 -20.45
C ASN M 194 14.60 1.71 -21.86
N TYR M 195 15.45 0.71 -21.98
CA TYR M 195 15.81 0.17 -23.29
C TYR M 195 15.12 -1.18 -23.50
N PRO M 196 14.08 -1.22 -24.35
CA PRO M 196 13.32 -2.47 -24.53
C PRO M 196 14.16 -3.60 -25.12
N ILE M 197 14.05 -4.78 -24.53
CA ILE M 197 14.73 -5.97 -24.98
C ILE M 197 14.39 -6.30 -26.44
N GLU M 198 13.12 -6.11 -26.83
CA GLU M 198 12.69 -6.48 -28.18
C GLU M 198 13.22 -5.53 -29.25
N VAL M 199 13.80 -4.41 -28.81
CA VAL M 199 14.39 -3.41 -29.71
C VAL M 199 15.91 -3.49 -29.74
N TRP M 200 16.52 -3.79 -28.58
CA TRP M 200 17.97 -3.68 -28.43
C TRP M 200 18.60 -5.02 -28.05
N CYS M 201 19.74 -5.31 -28.68
CA CYS M 201 20.60 -6.43 -28.32
C CYS M 201 22.05 -5.93 -28.13
N PRO M 202 22.92 -6.74 -27.49
CA PRO M 202 24.33 -6.31 -27.37
C PRO M 202 24.97 -6.12 -28.76
N ASP M 203 25.81 -5.10 -28.90
CA ASP M 203 26.49 -4.80 -30.16
C ASP M 203 27.84 -5.58 -30.24
N PRO M 204 27.92 -6.65 -31.06
CA PRO M 204 29.15 -7.46 -31.08
C PRO M 204 30.31 -6.78 -31.83
N SER M 205 30.01 -5.67 -32.51
CA SER M 205 31.04 -4.89 -33.19
C SER M 205 31.79 -3.98 -32.24
N LYS M 206 31.31 -3.88 -31.01
CA LYS M 206 31.94 -3.02 -30.00
C LYS M 206 32.15 -3.83 -28.71
N ASN M 207 31.78 -3.27 -27.55
CA ASN M 207 31.83 -3.99 -26.28
C ASN M 207 33.18 -4.68 -25.98
N GLU M 208 34.26 -4.01 -26.39
CA GLU M 208 35.62 -4.48 -26.13
C GLU M 208 35.92 -4.51 -24.62
N ASN M 209 35.34 -3.56 -23.90
CA ASN M 209 35.56 -3.44 -22.45
C ASN M 209 34.38 -3.96 -21.60
N SER M 210 33.61 -4.89 -22.18
CA SER M 210 32.57 -5.65 -21.48
C SER M 210 32.60 -7.12 -21.87
N ARG M 211 32.05 -7.94 -20.99
CA ARG M 211 31.80 -9.35 -21.26
C ARG M 211 30.29 -9.58 -21.12
N TYR M 212 29.65 -10.15 -22.13
CA TYR M 212 28.23 -10.46 -22.04
C TYR M 212 27.93 -11.88 -22.46
N TYR M 213 26.87 -12.44 -21.87
CA TYR M 213 26.48 -13.83 -22.10
C TYR M 213 24.97 -13.89 -22.12
N GLY M 214 24.40 -14.46 -23.18
CA GLY M 214 22.95 -14.44 -23.32
C GLY M 214 22.36 -15.60 -24.08
N SER M 215 21.06 -15.80 -23.92
CA SER M 215 20.32 -16.82 -24.65
C SER M 215 18.86 -16.41 -24.77
N ILE M 216 18.17 -17.00 -25.76
CA ILE M 216 16.73 -16.90 -25.92
C ILE M 216 16.15 -18.34 -26.04
N GLN M 217 14.85 -18.45 -25.78
CA GLN M 217 14.06 -19.67 -25.95
C GLN M 217 12.66 -19.27 -26.39
N THR M 218 12.23 -19.68 -27.59
CA THR M 218 10.87 -19.39 -28.03
C THR M 218 9.91 -20.60 -27.85
N GLY M 219 8.82 -20.64 -28.61
CA GLY M 219 7.72 -21.56 -28.29
C GLY M 219 6.79 -20.96 -27.23
N SER M 220 5.60 -21.52 -27.09
CA SER M 220 4.56 -20.87 -26.28
C SER M 220 4.49 -21.36 -24.83
N GLN M 221 4.66 -22.67 -24.64
CA GLN M 221 4.58 -23.29 -23.31
C GLN M 221 5.86 -24.09 -23.03
N THR M 222 6.93 -23.71 -23.71
CA THR M 222 8.24 -24.35 -23.58
C THR M 222 8.68 -24.32 -22.12
N PRO M 223 9.13 -25.48 -21.60
CA PRO M 223 9.59 -25.56 -20.22
C PRO M 223 10.65 -24.52 -19.88
N THR M 224 10.45 -23.85 -18.75
CA THR M 224 11.46 -22.98 -18.21
C THR M 224 12.41 -23.88 -17.41
N VAL M 225 13.68 -23.87 -17.83
CA VAL M 225 14.70 -24.77 -17.28
C VAL M 225 15.90 -23.96 -16.80
N LEU M 226 16.06 -23.85 -15.48
CA LEU M 226 17.08 -22.98 -14.93
C LEU M 226 17.81 -23.68 -13.80
N GLN M 227 19.08 -23.33 -13.61
CA GLN M 227 19.88 -23.87 -12.53
C GLN M 227 20.29 -22.76 -11.59
N PHE M 228 20.69 -23.17 -10.38
CA PHE M 228 21.23 -22.25 -9.39
C PHE M 228 22.23 -22.99 -8.52
N SER M 229 23.39 -22.36 -8.29
CA SER M 229 24.41 -22.92 -7.42
C SER M 229 25.40 -21.82 -7.07
N ASN M 230 25.77 -21.74 -5.79
CA ASN M 230 26.77 -20.78 -5.35
C ASN M 230 28.22 -21.27 -5.58
N THR M 231 28.36 -22.33 -6.37
CA THR M 231 29.68 -22.86 -6.73
C THR M 231 30.12 -22.51 -8.16
N LEU M 232 29.23 -21.86 -8.93
CA LEU M 232 29.50 -21.48 -10.33
C LEU M 232 30.12 -20.09 -10.47
N THR M 233 31.35 -20.05 -10.98
CA THR M 233 32.06 -18.81 -11.28
C THR M 233 32.24 -18.63 -12.79
N THR M 234 32.09 -17.40 -13.26
CA THR M 234 32.42 -17.04 -14.62
C THR M 234 33.68 -16.19 -14.61
N VAL M 235 34.71 -16.68 -15.31
CA VAL M 235 35.95 -15.93 -15.49
C VAL M 235 35.77 -14.86 -16.57
N LEU M 236 36.21 -13.64 -16.26
CA LEU M 236 35.94 -12.48 -17.10
C LEU M 236 37.15 -12.02 -17.92
N LEU M 237 38.29 -12.69 -17.74
CA LEU M 237 39.50 -12.40 -18.49
C LEU M 237 39.32 -12.71 -19.98
N ASP M 238 39.85 -11.85 -20.84
CA ASP M 238 39.84 -12.15 -22.27
C ASP M 238 40.98 -13.09 -22.66
N GLU M 239 41.24 -13.20 -23.96
CA GLU M 239 42.31 -14.06 -24.49
C GLU M 239 43.70 -13.71 -23.96
N ASN M 240 43.91 -12.44 -23.62
CA ASN M 240 45.20 -11.93 -23.12
C ASN M 240 45.28 -11.85 -21.59
N GLY M 241 44.33 -12.48 -20.89
CA GLY M 241 44.28 -12.45 -19.43
C GLY M 241 43.94 -11.09 -18.83
N VAL M 242 43.16 -10.30 -19.58
CA VAL M 242 42.72 -8.98 -19.13
C VAL M 242 41.18 -8.93 -18.99
N GLY M 243 40.71 -8.55 -17.82
CA GLY M 243 39.30 -8.35 -17.59
C GLY M 243 38.86 -6.93 -17.91
N PRO M 244 37.55 -6.67 -17.86
CA PRO M 244 37.05 -5.32 -18.08
C PRO M 244 37.71 -4.30 -17.15
N LEU M 245 38.06 -3.14 -17.69
CA LEU M 245 38.75 -2.10 -16.93
C LEU M 245 37.80 -0.95 -16.62
N CYS M 246 37.66 -0.64 -15.34
CA CYS M 246 36.61 0.25 -14.87
C CYS M 246 36.95 1.73 -14.97
N LYS M 247 36.45 2.35 -16.03
CA LYS M 247 36.65 3.77 -16.29
C LYS M 247 35.94 4.65 -15.27
N GLY M 248 36.67 5.63 -14.76
CA GLY M 248 36.18 6.50 -13.69
C GLY M 248 35.74 5.77 -12.42
N ASP M 249 36.38 4.64 -12.14
CA ASP M 249 36.07 3.82 -10.96
C ASP M 249 34.60 3.36 -10.89
N GLY M 250 34.05 2.97 -12.05
CA GLY M 250 32.66 2.54 -12.15
C GLY M 250 32.52 1.18 -12.83
N LEU M 251 31.77 0.29 -12.19
CA LEU M 251 31.51 -1.05 -12.72
C LEU M 251 30.08 -1.11 -13.26
N PHE M 252 29.93 -1.45 -14.53
CA PHE M 252 28.61 -1.52 -15.13
C PHE M 252 28.10 -2.95 -15.19
N ILE M 253 26.90 -3.14 -14.65
CA ILE M 253 26.31 -4.46 -14.58
C ILE M 253 24.91 -4.41 -15.18
N SER M 254 24.71 -5.23 -16.20
CA SER M 254 23.47 -5.26 -16.97
C SER M 254 22.94 -6.70 -17.03
N CYS M 255 21.61 -6.84 -17.14
CA CYS M 255 21.01 -8.15 -17.33
C CYS M 255 19.57 -8.08 -17.84
N ALA M 256 19.03 -9.24 -18.22
CA ALA M 256 17.60 -9.42 -18.41
C ALA M 256 17.31 -10.90 -18.14
N ASP M 257 16.18 -11.19 -17.51
CA ASP M 257 15.80 -12.57 -17.20
C ASP M 257 14.27 -12.75 -17.29
N ILE M 258 13.78 -12.96 -18.50
CA ILE M 258 12.39 -13.30 -18.76
C ILE M 258 12.26 -14.82 -18.58
N VAL M 259 11.34 -15.24 -17.72
CA VAL M 259 11.23 -16.64 -17.34
C VAL M 259 9.96 -17.32 -17.86
N GLY M 260 9.15 -16.60 -18.62
CA GLY M 260 7.97 -17.21 -19.27
C GLY M 260 6.68 -16.45 -19.07
N PHE M 261 5.57 -17.05 -19.50
CA PHE M 261 4.25 -16.42 -19.36
C PHE M 261 3.50 -16.81 -18.08
N LEU M 262 2.76 -15.84 -17.52
CA LEU M 262 1.68 -16.16 -16.60
C LEU M 262 0.41 -16.31 -17.43
N PHE M 263 -0.17 -17.51 -17.40
CA PHE M 263 -1.39 -17.79 -18.15
C PHE M 263 -2.63 -17.54 -17.30
N LYS M 264 -3.47 -16.62 -17.76
CA LYS M 264 -4.64 -16.21 -17.01
C LYS M 264 -5.88 -16.91 -17.53
N THR M 265 -6.85 -17.14 -16.63
CA THR M 265 -8.08 -17.88 -16.95
C THR M 265 -8.71 -17.51 -18.29
N SER M 266 -8.85 -16.22 -18.55
CA SER M 266 -9.50 -15.70 -19.76
C SER M 266 -8.80 -16.11 -21.06
N GLY M 267 -7.55 -16.56 -20.95
CA GLY M 267 -6.73 -16.80 -22.12
C GLY M 267 -5.65 -15.73 -22.27
N LYS M 268 -5.77 -14.64 -21.52
CA LYS M 268 -4.75 -13.59 -21.57
C LYS M 268 -3.42 -14.02 -20.96
N MET M 269 -2.35 -13.37 -21.40
CA MET M 269 -0.99 -13.79 -21.09
C MET M 269 -0.07 -12.60 -20.88
N ALA M 270 0.77 -12.69 -19.85
CA ALA M 270 1.76 -11.66 -19.55
C ALA M 270 3.11 -12.32 -19.34
N LEU M 271 4.16 -11.68 -19.82
CA LEU M 271 5.51 -12.16 -19.53
C LEU M 271 5.89 -11.85 -18.08
N HIS M 272 6.77 -12.66 -17.52
CA HIS M 272 7.21 -12.53 -16.13
C HIS M 272 8.74 -12.55 -16.09
N GLY M 273 9.32 -11.83 -15.12
CA GLY M 273 10.77 -11.81 -14.93
C GLY M 273 11.21 -12.04 -13.49
N LEU M 274 12.46 -12.46 -13.33
CA LEU M 274 13.06 -12.67 -12.00
C LEU M 274 14.31 -11.79 -11.82
N PRO M 275 14.63 -11.43 -10.55
CA PRO M 275 15.83 -10.61 -10.27
C PRO M 275 17.12 -11.42 -10.41
N ARG M 276 18.24 -10.71 -10.50
CA ARG M 276 19.56 -11.34 -10.64
C ARG M 276 20.56 -10.79 -9.63
N TYR M 277 21.27 -11.71 -8.97
CA TYR M 277 22.33 -11.34 -8.02
C TYR M 277 23.72 -11.43 -8.69
N PHE M 278 24.63 -10.56 -8.26
CA PHE M 278 26.00 -10.56 -8.76
C PHE M 278 26.99 -10.42 -7.62
N ASN M 279 28.06 -11.20 -7.67
CA ASN M 279 29.22 -10.95 -6.82
C ASN M 279 30.49 -10.91 -7.68
N VAL M 280 31.02 -9.71 -7.88
CA VAL M 280 32.17 -9.51 -8.77
C VAL M 280 33.47 -9.30 -7.98
N THR M 281 34.48 -10.10 -8.31
CA THR M 281 35.82 -9.94 -7.78
C THR M 281 36.59 -9.03 -8.73
N LEU M 282 37.27 -8.04 -8.17
CA LEU M 282 38.12 -7.15 -8.97
C LEU M 282 39.52 -7.01 -8.36
N ARG M 283 40.50 -6.76 -9.22
CA ARG M 283 41.86 -6.45 -8.78
C ARG M 283 42.34 -5.15 -9.39
N LYS M 284 43.32 -4.53 -8.74
CA LYS M 284 43.92 -3.31 -9.27
C LYS M 284 44.92 -3.64 -10.36
N ARG M 285 44.93 -2.81 -11.40
CA ARG M 285 45.81 -2.96 -12.56
C ARG M 285 46.41 -1.59 -12.87
N TRP M 286 47.74 -1.54 -13.08
CA TRP M 286 48.39 -0.33 -13.59
C TRP M 286 48.05 -0.20 -15.07
N VAL M 287 47.79 1.04 -15.50
CA VAL M 287 47.44 1.35 -16.89
C VAL M 287 48.16 2.64 -17.33
N LYS M 288 48.42 2.77 -18.63
CA LYS M 288 48.99 4.00 -19.20
C LYS M 288 48.14 4.52 -20.35
N VAL N 9 36.96 -16.01 11.75
CA VAL N 9 37.55 -17.38 11.84
C VAL N 9 38.57 -17.64 10.71
N GLU N 10 39.85 -17.68 11.08
CA GLU N 10 40.92 -17.89 10.11
C GLU N 10 41.25 -19.37 9.95
N VAL N 11 41.25 -19.82 8.70
CA VAL N 11 41.44 -21.23 8.38
C VAL N 11 42.92 -21.59 8.34
N LEU N 12 43.31 -22.58 9.14
CA LEU N 12 44.69 -23.04 9.18
C LEU N 12 44.87 -24.38 8.46
N SER N 13 45.84 -25.17 8.91
CA SER N 13 46.16 -26.45 8.26
C SER N 13 45.15 -27.54 8.60
N VAL N 14 45.07 -28.52 7.71
CA VAL N 14 44.27 -29.74 7.90
C VAL N 14 44.92 -30.60 9.00
N VAL N 15 44.09 -31.12 9.90
CA VAL N 15 44.58 -31.95 11.01
C VAL N 15 45.07 -33.31 10.51
N THR N 16 46.35 -33.59 10.75
CA THR N 16 46.89 -34.93 10.49
C THR N 16 46.80 -35.76 11.76
N GLY N 17 46.61 -37.06 11.59
CA GLY N 17 46.44 -37.97 12.71
C GLY N 17 45.61 -39.16 12.27
N GLU N 18 45.36 -40.07 13.22
CA GLU N 18 44.72 -41.35 12.91
C GLU N 18 43.24 -41.21 12.57
N ASP N 19 42.49 -40.53 13.44
CA ASP N 19 41.03 -40.51 13.34
C ASP N 19 40.46 -39.20 12.78
N SER N 20 41.15 -38.59 11.83
CA SER N 20 40.80 -37.24 11.36
C SER N 20 39.84 -37.18 10.16
N ILE N 21 39.35 -38.33 9.72
CA ILE N 21 38.38 -38.40 8.64
C ILE N 21 37.18 -39.26 9.06
N THR N 22 35.99 -38.65 9.01
CA THR N 22 34.76 -39.35 9.36
C THR N 22 33.71 -39.26 8.25
N GLN N 23 32.75 -40.19 8.27
CA GLN N 23 31.70 -40.22 7.27
C GLN N 23 30.30 -40.19 7.88
N ILE N 24 29.48 -39.27 7.37
CA ILE N 24 28.11 -39.08 7.83
C ILE N 24 27.15 -39.54 6.75
N GLU N 25 26.25 -40.45 7.14
CA GLU N 25 25.29 -41.04 6.23
C GLU N 25 23.87 -40.76 6.73
N LEU N 26 22.96 -40.42 5.82
CA LEU N 26 21.56 -40.18 6.14
C LEU N 26 20.69 -40.06 4.90
N TYR N 27 19.38 -40.30 5.09
CA TYR N 27 18.36 -40.02 4.08
C TYR N 27 17.36 -38.99 4.61
N LEU N 28 16.77 -38.23 3.69
CA LEU N 28 15.73 -37.27 4.04
C LEU N 28 14.47 -37.56 3.22
N ASN N 29 13.40 -37.90 3.93
CA ASN N 29 12.11 -38.14 3.30
C ASN N 29 11.44 -36.84 2.85
N PRO N 30 10.73 -36.88 1.70
CA PRO N 30 10.19 -35.65 1.14
C PRO N 30 9.08 -35.04 2.01
N ARG N 31 8.93 -33.72 1.94
CA ARG N 31 7.90 -33.02 2.69
C ARG N 31 7.03 -32.20 1.73
N MET N 32 6.22 -32.91 0.96
CA MET N 32 5.39 -32.33 -0.10
C MET N 32 4.13 -31.62 0.38
N GLY N 33 3.78 -31.78 1.66
CA GLY N 33 2.54 -31.23 2.22
C GLY N 33 1.85 -32.19 3.20
N VAL N 34 1.69 -33.44 2.79
CA VAL N 34 1.35 -34.52 3.71
C VAL N 34 2.69 -35.08 4.16
N ASN N 35 3.17 -34.61 5.30
CA ASN N 35 4.57 -34.76 5.68
C ASN N 35 4.89 -35.91 6.61
N SER N 36 3.84 -36.57 7.10
CA SER N 36 4.02 -37.68 8.02
C SER N 36 3.34 -38.94 7.49
N PRO N 37 4.01 -40.09 7.62
CA PRO N 37 3.38 -41.37 7.26
C PRO N 37 2.56 -41.96 8.40
N ASP N 38 2.60 -41.34 9.58
CA ASP N 38 2.10 -41.97 10.80
C ASP N 38 0.77 -41.40 11.34
N LEU N 39 -0.13 -41.02 10.43
CA LEU N 39 -1.45 -40.52 10.81
C LEU N 39 -2.50 -41.43 10.19
N PRO N 40 -3.27 -42.15 11.02
CA PRO N 40 -4.22 -43.14 10.50
C PRO N 40 -5.34 -42.51 9.64
N THR N 41 -5.39 -41.18 9.61
CA THR N 41 -6.41 -40.46 8.83
C THR N 41 -5.94 -40.05 7.43
N THR N 42 -4.84 -39.28 7.36
CA THR N 42 -4.48 -38.55 6.14
C THR N 42 -3.21 -39.05 5.41
N SER N 43 -2.50 -39.99 6.05
CA SER N 43 -1.16 -40.42 5.65
C SER N 43 -1.04 -41.20 4.34
N ASN N 44 -2.15 -41.56 3.72
CA ASN N 44 -2.09 -42.26 2.44
C ASN N 44 -1.51 -41.39 1.31
N TRP N 45 -1.52 -40.08 1.52
CA TRP N 45 -0.95 -39.12 0.55
C TRP N 45 0.42 -38.60 0.95
N TYR N 46 1.04 -39.30 1.89
CA TYR N 46 2.44 -39.10 2.22
C TYR N 46 3.30 -39.08 0.95
N THR N 47 4.08 -38.01 0.80
CA THR N 47 4.99 -37.73 -0.34
C THR N 47 4.27 -37.09 -1.52
N TYR N 48 3.04 -36.66 -1.26
CA TYR N 48 2.23 -35.92 -2.23
C TYR N 48 1.66 -34.69 -1.58
N THR N 49 1.28 -33.73 -2.41
CA THR N 49 0.41 -32.64 -2.02
C THR N 49 -1.03 -33.14 -2.15
N TYR N 50 -1.97 -32.31 -1.71
CA TYR N 50 -3.37 -32.45 -2.10
C TYR N 50 -3.49 -31.83 -3.50
N ASP N 51 -4.69 -31.83 -4.06
CA ASP N 51 -4.92 -31.32 -5.43
C ASP N 51 -4.67 -29.82 -5.55
N LEU N 52 -3.92 -29.45 -6.59
CA LEU N 52 -3.50 -28.05 -6.80
C LEU N 52 -4.40 -27.41 -7.84
N GLN N 53 -4.96 -26.25 -7.48
CA GLN N 53 -5.99 -25.59 -8.28
C GLN N 53 -5.93 -24.08 -8.20
N PRO N 54 -6.16 -23.40 -9.33
CA PRO N 54 -6.46 -21.98 -9.20
C PRO N 54 -7.82 -21.85 -8.51
N LYS N 55 -7.92 -20.96 -7.53
CA LYS N 55 -9.17 -20.75 -6.81
C LYS N 55 -10.27 -20.29 -7.77
N GLY N 56 -9.92 -19.42 -8.71
CA GLY N 56 -10.90 -18.85 -9.62
C GLY N 56 -11.38 -17.50 -9.13
N SER N 57 -11.04 -17.15 -7.90
CA SER N 57 -11.38 -15.85 -7.34
C SER N 57 -10.31 -15.40 -6.34
N SER N 58 -10.18 -14.09 -6.18
N SER N 58 -10.16 -14.08 -6.19
CA SER N 58 -9.19 -13.50 -5.29
CA SER N 58 -9.17 -13.52 -5.29
C SER N 58 -9.69 -13.51 -3.84
C SER N 58 -9.68 -13.52 -3.85
N PRO N 59 -8.79 -13.74 -2.86
CA PRO N 59 -7.37 -14.05 -3.04
C PRO N 59 -7.08 -15.55 -2.85
N ASP N 60 -5.87 -15.97 -3.19
CA ASP N 60 -5.44 -17.34 -2.94
C ASP N 60 -5.19 -17.54 -1.45
N GLN N 61 -5.70 -18.65 -0.93
CA GLN N 61 -5.52 -19.01 0.47
C GLN N 61 -5.08 -20.48 0.53
N PRO N 62 -3.80 -20.75 0.16
CA PRO N 62 -3.38 -22.14 0.04
C PRO N 62 -3.37 -22.87 1.38
N ILE N 63 -3.74 -24.15 1.34
CA ILE N 63 -3.66 -25.00 2.53
C ILE N 63 -2.21 -25.47 2.70
N LYS N 64 -1.87 -25.96 3.88
CA LYS N 64 -0.49 -26.41 4.15
C LYS N 64 -0.08 -27.61 3.30
N GLU N 65 -1.03 -28.52 3.07
CA GLU N 65 -0.82 -29.75 2.30
C GLU N 65 -0.52 -29.50 0.84
N ASN N 66 -0.67 -28.25 0.39
CA ASN N 66 -0.39 -27.87 -0.99
C ASN N 66 0.88 -27.03 -1.12
N LEU N 67 1.70 -27.05 -0.08
CA LEU N 67 2.91 -26.24 -0.05
C LEU N 67 4.12 -27.12 0.23
N PRO N 68 4.66 -27.79 -0.82
CA PRO N 68 5.89 -28.59 -0.64
C PRO N 68 6.98 -27.73 -0.03
N ALA N 69 7.71 -28.30 0.92
CA ALA N 69 8.68 -27.55 1.70
C ALA N 69 10.05 -28.21 1.63
N TYR N 70 11.09 -27.45 2.02
CA TYR N 70 12.46 -27.98 2.09
C TYR N 70 12.62 -29.03 3.19
N SER N 71 13.31 -30.12 2.89
CA SER N 71 13.76 -31.06 3.91
C SER N 71 15.09 -30.59 4.51
N VAL N 72 15.26 -30.76 5.82
CA VAL N 72 16.53 -30.42 6.48
C VAL N 72 16.83 -31.28 7.70
N ALA N 73 18.12 -31.53 7.93
CA ALA N 73 18.58 -32.18 9.15
C ALA N 73 19.85 -31.52 9.64
N ARG N 74 19.99 -31.41 10.95
CA ARG N 74 21.27 -31.09 11.56
C ARG N 74 21.81 -32.37 12.16
N VAL N 75 22.98 -32.80 11.69
CA VAL N 75 23.60 -34.00 12.19
C VAL N 75 24.66 -33.62 13.20
N SER N 76 24.59 -34.22 14.40
CA SER N 76 25.63 -34.04 15.40
C SER N 76 26.86 -34.83 14.99
N LEU N 77 28.02 -34.18 15.11
CA LEU N 77 29.29 -34.80 14.74
C LEU N 77 30.10 -35.08 16.00
N PRO N 78 31.03 -36.06 15.95
CA PRO N 78 31.92 -36.30 17.10
C PRO N 78 32.45 -34.99 17.66
N MET N 79 32.25 -34.77 18.96
CA MET N 79 32.63 -33.50 19.60
C MET N 79 34.13 -33.29 19.55
N LEU N 80 34.53 -32.07 19.23
CA LEU N 80 35.93 -31.67 19.17
C LEU N 80 36.18 -30.57 20.20
N ASN N 81 37.44 -30.42 20.61
CA ASN N 81 37.89 -29.39 21.58
C ASN N 81 37.66 -29.77 23.06
N LEU N 89 41.70 -24.79 18.33
CA LEU N 89 40.33 -25.03 17.90
C LEU N 89 40.25 -25.83 16.59
N GLN N 90 39.51 -26.95 16.63
CA GLN N 90 39.28 -27.81 15.47
C GLN N 90 37.81 -27.78 15.03
N MET N 91 37.57 -27.71 13.73
CA MET N 91 36.22 -27.86 13.18
C MET N 91 36.18 -29.00 12.17
N TRP N 92 35.01 -29.62 12.03
CA TRP N 92 34.80 -30.59 10.97
C TRP N 92 34.58 -29.86 9.64
N GLU N 93 35.31 -30.30 8.61
CA GLU N 93 35.23 -29.71 7.29
C GLU N 93 34.69 -30.74 6.30
N ALA N 94 33.53 -30.44 5.72
CA ALA N 94 32.92 -31.32 4.74
C ALA N 94 33.64 -31.13 3.40
N ILE N 95 34.16 -32.21 2.85
CA ILE N 95 35.03 -32.10 1.67
C ILE N 95 34.40 -32.69 0.41
N SER N 96 33.50 -33.65 0.60
CA SER N 96 32.79 -34.27 -0.50
C SER N 96 31.50 -34.95 -0.04
N VAL N 97 30.62 -35.21 -1.01
CA VAL N 97 29.34 -35.87 -0.75
C VAL N 97 28.90 -36.74 -1.91
N LYS N 98 28.49 -37.96 -1.62
CA LYS N 98 27.71 -38.71 -2.58
C LYS N 98 26.23 -38.52 -2.24
N THR N 99 25.45 -38.02 -3.18
CA THR N 99 24.01 -37.91 -2.99
C THR N 99 23.20 -38.54 -4.12
N GLU N 100 22.06 -39.11 -3.77
CA GLU N 100 21.22 -39.79 -4.74
C GLU N 100 19.75 -39.58 -4.43
N VAL N 101 18.94 -39.40 -5.46
CA VAL N 101 17.49 -39.42 -5.34
C VAL N 101 17.03 -40.88 -5.35
N VAL N 102 16.41 -41.30 -4.24
CA VAL N 102 15.97 -42.69 -4.04
C VAL N 102 14.56 -42.93 -4.59
N GLY N 103 14.33 -44.14 -5.11
CA GLY N 103 13.02 -44.54 -5.62
C GLY N 103 12.63 -44.05 -7.00
N ILE N 104 13.62 -43.65 -7.81
CA ILE N 104 13.38 -43.17 -9.16
C ILE N 104 12.61 -44.19 -10.02
N SER N 105 12.96 -45.48 -9.86
CA SER N 105 12.31 -46.58 -10.59
C SER N 105 10.78 -46.71 -10.38
N SER N 106 10.27 -46.30 -9.21
CA SER N 106 8.84 -46.32 -8.91
C SER N 106 8.00 -45.54 -9.92
N LEU N 107 8.63 -44.57 -10.57
CA LEU N 107 7.92 -43.70 -11.50
C LEU N 107 7.56 -44.35 -12.85
N ILE N 108 7.95 -45.61 -13.06
CA ILE N 108 7.50 -46.32 -14.28
C ILE N 108 6.04 -46.80 -14.15
N ASN N 109 5.51 -46.76 -12.93
CA ASN N 109 4.11 -47.16 -12.65
C ASN N 109 3.14 -46.25 -13.43
N VAL N 110 2.52 -46.80 -14.48
CA VAL N 110 1.50 -46.08 -15.26
C VAL N 110 0.12 -46.72 -15.02
N HIS N 111 -0.09 -47.28 -13.84
CA HIS N 111 -1.33 -48.00 -13.51
C HIS N 111 -1.84 -47.73 -12.08
N TYR N 112 -1.59 -46.53 -11.56
CA TYR N 112 -2.25 -46.07 -10.35
C TYR N 112 -3.75 -46.20 -10.62
N TRP N 113 -4.51 -46.76 -9.68
CA TRP N 113 -5.92 -47.11 -9.96
C TRP N 113 -6.76 -45.93 -10.45
N ASP N 114 -6.46 -44.73 -9.94
CA ASP N 114 -7.20 -43.52 -10.30
C ASP N 114 -6.39 -42.56 -11.17
N MET N 115 -5.58 -43.12 -12.06
CA MET N 115 -4.69 -42.33 -12.92
C MET N 115 -5.40 -41.95 -14.21
N LYS N 116 -5.23 -40.70 -14.63
CA LYS N 116 -5.74 -40.23 -15.92
C LYS N 116 -5.01 -40.93 -17.07
N ARG N 117 -5.78 -41.53 -17.98
CA ARG N 117 -5.21 -42.19 -19.15
C ARG N 117 -4.68 -41.18 -20.16
N VAL N 118 -3.69 -41.60 -20.95
N VAL N 118 -3.68 -41.59 -20.95
CA VAL N 118 -3.15 -40.76 -22.02
CA VAL N 118 -3.17 -40.73 -22.03
C VAL N 118 -4.16 -40.62 -23.17
C VAL N 118 -4.19 -40.60 -23.16
N HIS N 119 -5.02 -41.64 -23.30
CA HIS N 119 -6.17 -41.63 -24.23
C HIS N 119 -7.06 -42.80 -23.84
N ASP N 120 -8.20 -42.97 -24.52
CA ASP N 120 -9.13 -44.05 -24.22
C ASP N 120 -8.43 -45.41 -24.31
N TYR N 121 -8.59 -46.22 -23.25
CA TYR N 121 -8.05 -47.58 -23.15
C TYR N 121 -6.53 -47.64 -22.92
N GLY N 122 -5.89 -46.48 -22.84
CA GLY N 122 -4.44 -46.42 -22.72
C GLY N 122 -3.93 -46.58 -21.30
N ALA N 123 -2.61 -46.45 -21.16
CA ALA N 123 -1.96 -46.41 -19.85
C ALA N 123 -2.15 -45.03 -19.22
N GLY N 124 -1.85 -44.93 -17.92
CA GLY N 124 -1.91 -43.65 -17.22
C GLY N 124 -0.83 -42.69 -17.68
N ILE N 125 -1.08 -41.40 -17.51
CA ILE N 125 -0.05 -40.38 -17.71
C ILE N 125 0.96 -40.55 -16.57
N PRO N 126 2.23 -40.86 -16.90
CA PRO N 126 3.19 -41.07 -15.83
C PRO N 126 3.47 -39.76 -15.10
N VAL N 127 3.97 -39.86 -13.87
CA VAL N 127 4.46 -38.70 -13.13
C VAL N 127 5.39 -37.89 -14.02
N SER N 128 4.92 -36.71 -14.41
N SER N 128 4.92 -36.71 -14.41
CA SER N 128 5.68 -35.81 -15.29
CA SER N 128 5.62 -35.81 -15.32
C SER N 128 5.28 -34.38 -14.99
C SER N 128 5.29 -34.37 -14.95
N GLY N 129 6.02 -33.43 -15.53
CA GLY N 129 5.70 -32.02 -15.38
C GLY N 129 6.72 -31.26 -14.55
N VAL N 130 6.22 -30.47 -13.61
CA VAL N 130 7.11 -29.65 -12.77
C VAL N 130 8.06 -30.49 -11.94
N ASN N 131 9.36 -30.18 -12.08
CA ASN N 131 10.40 -30.72 -11.24
C ASN N 131 11.13 -29.57 -10.56
N TYR N 132 11.57 -29.83 -9.33
CA TYR N 132 12.46 -28.93 -8.62
C TYR N 132 13.42 -29.79 -7.83
N HIS N 133 14.71 -29.60 -8.05
CA HIS N 133 15.74 -30.42 -7.39
C HIS N 133 16.86 -29.54 -6.88
N MET N 134 17.15 -29.70 -5.59
CA MET N 134 18.26 -29.01 -4.96
C MET N 134 18.77 -29.81 -3.78
N PHE N 135 20.06 -29.68 -3.49
CA PHE N 135 20.59 -30.15 -2.24
C PHE N 135 21.65 -29.16 -1.79
N ALA N 136 21.94 -29.18 -0.49
CA ALA N 136 22.91 -28.28 0.08
C ALA N 136 23.59 -28.96 1.27
N ILE N 137 24.87 -28.66 1.42
CA ILE N 137 25.67 -29.11 2.54
C ILE N 137 26.34 -27.87 3.09
N GLY N 138 26.26 -27.68 4.41
CA GLY N 138 26.79 -26.48 5.04
C GLY N 138 27.12 -26.70 6.51
N GLY N 139 27.97 -25.83 7.04
CA GLY N 139 28.34 -25.89 8.45
C GLY N 139 27.48 -25.01 9.33
N GLU N 140 26.32 -24.64 8.79
CA GLU N 140 25.30 -23.83 9.46
C GLU N 140 24.06 -23.92 8.57
N PRO N 141 22.89 -23.43 9.07
CA PRO N 141 21.66 -23.48 8.27
C PRO N 141 21.77 -22.72 6.94
N LEU N 142 21.13 -23.26 5.91
CA LEU N 142 21.07 -22.62 4.60
C LEU N 142 20.34 -21.29 4.67
N ASP N 143 21.01 -20.23 4.23
CA ASP N 143 20.39 -18.91 4.16
C ASP N 143 19.34 -18.89 3.06
N LEU N 144 18.18 -18.35 3.39
CA LEU N 144 17.03 -18.32 2.49
C LEU N 144 16.66 -16.90 2.08
N GLN N 145 16.15 -16.79 0.85
CA GLN N 145 15.65 -15.50 0.35
C GLN N 145 14.19 -15.67 -0.07
N GLY N 146 13.37 -14.71 0.31
CA GLY N 146 11.95 -14.80 0.00
C GLY N 146 11.57 -14.11 -1.28
N LEU N 147 10.81 -14.82 -2.10
CA LEU N 147 10.23 -14.28 -3.33
C LEU N 147 9.05 -15.13 -3.76
N VAL N 148 7.92 -14.48 -4.03
CA VAL N 148 6.71 -15.20 -4.43
C VAL N 148 6.15 -14.75 -5.77
N LEU N 149 5.46 -15.68 -6.43
CA LEU N 149 4.72 -15.39 -7.67
C LEU N 149 3.67 -14.29 -7.49
N ASP N 150 2.93 -14.32 -6.37
CA ASP N 150 1.84 -13.37 -6.15
C ASP N 150 1.86 -12.88 -4.71
N TYR N 151 2.19 -11.60 -4.53
CA TYR N 151 2.31 -11.05 -3.17
C TYR N 151 1.00 -11.06 -2.36
N GLN N 152 -0.13 -11.15 -3.06
CA GLN N 152 -1.45 -11.16 -2.43
C GLN N 152 -1.85 -12.53 -1.87
N THR N 153 -0.99 -13.54 -2.08
CA THR N 153 -1.23 -14.89 -1.56
C THR N 153 -1.32 -14.85 -0.03
N GLN N 154 -2.41 -15.41 0.50
CA GLN N 154 -2.60 -15.49 1.95
C GLN N 154 -2.20 -16.87 2.48
N TYR N 155 -0.93 -16.99 2.85
CA TYR N 155 -0.37 -18.23 3.41
C TYR N 155 -0.88 -18.45 4.84
N PRO N 156 -1.14 -19.73 5.20
CA PRO N 156 -1.68 -20.02 6.54
C PRO N 156 -0.73 -19.49 7.59
N LYS N 157 -1.27 -18.92 8.66
CA LYS N 157 -0.45 -18.44 9.78
C LYS N 157 0.24 -19.59 10.52
N THR N 158 1.34 -19.24 11.20
CA THR N 158 2.12 -20.19 11.99
C THR N 158 1.38 -20.65 13.26
N GLY N 162 1.74 -25.37 10.04
CA GLY N 162 2.19 -24.01 10.33
C GLY N 162 3.50 -23.66 9.65
N PRO N 163 3.44 -23.24 8.37
CA PRO N 163 4.65 -22.91 7.62
C PRO N 163 5.18 -21.51 7.92
N ILE N 164 6.49 -21.33 7.78
CA ILE N 164 7.12 -20.02 7.94
C ILE N 164 7.22 -19.38 6.56
N THR N 165 6.59 -18.22 6.40
CA THR N 165 6.58 -17.52 5.13
C THR N 165 7.07 -16.08 5.32
N ILE N 166 7.00 -15.26 4.28
CA ILE N 166 7.54 -13.89 4.37
C ILE N 166 6.83 -13.04 5.42
N GLU N 167 5.50 -13.12 5.46
CA GLU N 167 4.72 -12.43 6.49
C GLU N 167 5.18 -12.84 7.89
N THR N 168 5.48 -14.13 8.07
CA THR N 168 5.96 -14.64 9.36
C THR N 168 7.22 -13.92 9.81
N VAL N 169 8.16 -13.70 8.88
N VAL N 169 8.14 -13.72 8.88
CA VAL N 169 9.46 -13.13 9.22
CA VAL N 169 9.44 -13.13 9.17
C VAL N 169 9.49 -11.60 9.24
C VAL N 169 9.33 -11.62 9.37
N LEU N 170 8.61 -10.96 8.48
CA LEU N 170 8.49 -9.49 8.50
C LEU N 170 7.59 -8.93 9.63
N GLY N 171 6.62 -9.74 10.08
CA GLY N 171 5.63 -9.30 11.07
C GLY N 171 4.54 -8.41 10.49
N ARG N 172 4.41 -8.42 9.17
CA ARG N 172 3.39 -7.64 8.45
C ARG N 172 3.12 -8.26 7.08
N LYS N 173 2.10 -7.73 6.38
CA LYS N 173 1.74 -8.21 5.05
C LYS N 173 2.84 -7.97 4.03
N MET N 174 2.96 -8.89 3.07
CA MET N 174 3.79 -8.68 1.90
C MET N 174 3.31 -7.44 1.14
N THR N 175 4.21 -6.84 0.38
CA THR N 175 3.87 -5.73 -0.52
C THR N 175 4.31 -6.16 -1.92
N PRO N 176 4.00 -5.36 -2.98
CA PRO N 176 4.38 -5.79 -4.32
C PRO N 176 5.87 -6.15 -4.46
N LYS N 177 6.72 -5.51 -3.65
CA LYS N 177 8.17 -5.74 -3.73
C LYS N 177 8.60 -7.18 -3.46
N ASN N 178 7.74 -7.93 -2.78
CA ASN N 178 8.02 -9.34 -2.53
C ASN N 178 7.79 -10.25 -3.74
N GLN N 179 7.35 -9.66 -4.85
CA GLN N 179 7.36 -10.37 -6.14
C GLN N 179 8.75 -10.27 -6.76
N GLY N 180 9.53 -9.30 -6.28
CA GLY N 180 10.95 -9.20 -6.61
C GLY N 180 11.81 -9.49 -5.40
N LEU N 181 13.03 -8.95 -5.38
CA LEU N 181 13.95 -9.27 -4.29
C LEU N 181 13.89 -8.18 -3.26
N ASP N 182 13.36 -8.51 -2.08
CA ASP N 182 13.32 -7.58 -0.95
C ASP N 182 14.34 -8.08 0.08
N PRO N 183 15.40 -7.27 0.34
CA PRO N 183 16.49 -7.64 1.25
C PRO N 183 16.03 -7.99 2.67
N GLN N 184 14.82 -7.56 3.06
CA GLN N 184 14.31 -7.85 4.39
C GLN N 184 13.63 -9.23 4.50
N ALA N 185 13.19 -9.77 3.36
CA ALA N 185 12.62 -11.13 3.33
C ALA N 185 13.70 -12.19 3.33
N LYS N 186 14.27 -12.43 4.51
CA LYS N 186 15.32 -13.43 4.70
C LYS N 186 14.99 -14.35 5.86
N ALA N 187 15.49 -15.57 5.80
CA ALA N 187 15.28 -16.57 6.84
C ALA N 187 16.46 -17.54 6.83
N LYS N 188 16.47 -18.45 7.80
CA LYS N 188 17.43 -19.53 7.86
C LYS N 188 16.68 -20.85 7.85
N LEU N 189 17.14 -21.79 7.03
CA LEU N 189 16.46 -23.08 6.89
C LEU N 189 16.77 -23.98 8.10
N ASP N 190 16.04 -23.75 9.18
CA ASP N 190 16.28 -24.43 10.46
C ASP N 190 15.21 -25.46 10.86
N LYS N 191 14.16 -25.62 10.05
CA LYS N 191 13.10 -26.58 10.35
C LYS N 191 12.69 -27.44 9.17
N ASP N 192 12.64 -28.75 9.41
CA ASP N 192 12.22 -29.74 8.41
C ASP N 192 10.75 -29.58 8.04
N GLY N 193 10.46 -29.46 6.75
CA GLY N 193 9.09 -29.40 6.26
C GLY N 193 8.29 -28.17 6.61
N ASN N 194 8.96 -27.07 6.95
CA ASN N 194 8.29 -25.84 7.36
C ASN N 194 8.49 -24.60 6.49
N TYR N 195 9.50 -24.63 5.61
CA TYR N 195 9.78 -23.52 4.71
C TYR N 195 9.36 -23.86 3.28
N PRO N 196 8.24 -23.27 2.81
CA PRO N 196 7.69 -23.60 1.49
C PRO N 196 8.65 -23.27 0.35
N ILE N 197 8.80 -24.24 -0.55
CA ILE N 197 9.63 -24.07 -1.74
C ILE N 197 9.16 -22.87 -2.58
N GLU N 198 7.85 -22.65 -2.67
CA GLU N 198 7.34 -21.58 -3.55
C GLU N 198 7.55 -20.18 -2.97
N VAL N 199 7.98 -20.13 -1.72
CA VAL N 199 8.22 -18.86 -1.03
C VAL N 199 9.72 -18.55 -0.95
N TRP N 200 10.51 -19.58 -0.65
CA TRP N 200 11.93 -19.43 -0.30
C TRP N 200 12.89 -20.12 -1.28
N CYS N 201 13.95 -19.41 -1.66
CA CYS N 201 15.04 -19.95 -2.49
C CYS N 201 16.35 -19.73 -1.75
N PRO N 202 17.42 -20.46 -2.13
CA PRO N 202 18.70 -20.19 -1.45
C PRO N 202 19.14 -18.74 -1.68
N ASP N 203 19.72 -18.12 -0.66
CA ASP N 203 20.19 -16.74 -0.72
C ASP N 203 21.65 -16.67 -1.18
N PRO N 204 21.90 -16.15 -2.40
CA PRO N 204 23.26 -16.16 -2.95
C PRO N 204 24.14 -15.04 -2.40
N SER N 205 23.53 -14.13 -1.64
CA SER N 205 24.26 -13.01 -1.06
C SER N 205 24.89 -13.41 0.27
N LYS N 206 24.54 -14.61 0.72
CA LYS N 206 25.13 -15.18 1.94
C LYS N 206 25.54 -16.61 1.58
N ASN N 207 25.32 -17.56 2.49
CA ASN N 207 25.71 -18.96 2.26
C ASN N 207 27.18 -19.20 1.95
N GLU N 208 28.05 -18.34 2.48
CA GLU N 208 29.50 -18.46 2.35
C GLU N 208 29.99 -19.83 2.87
N ASN N 209 29.31 -20.33 3.89
CA ASN N 209 29.72 -21.55 4.56
C ASN N 209 28.81 -22.73 4.21
N SER N 210 28.13 -22.63 3.07
CA SER N 210 27.38 -23.74 2.49
C SER N 210 27.70 -23.90 1.00
N ARG N 211 27.42 -25.08 0.47
CA ARG N 211 27.43 -25.30 -0.99
C ARG N 211 26.04 -25.79 -1.39
N TYR N 212 25.41 -25.13 -2.37
CA TYR N 212 24.11 -25.61 -2.87
C TYR N 212 24.07 -25.73 -4.39
N TYR N 213 23.18 -26.60 -4.87
CA TYR N 213 23.10 -26.99 -6.26
C TYR N 213 21.63 -27.26 -6.54
N GLY N 214 21.07 -26.63 -7.56
CA GLY N 214 19.65 -26.79 -7.84
C GLY N 214 19.20 -26.49 -9.24
N SER N 215 18.01 -26.98 -9.59
CA SER N 215 17.40 -26.68 -10.89
C SER N 215 15.88 -26.69 -10.80
N ILE N 216 15.26 -26.10 -11.82
CA ILE N 216 13.82 -26.20 -12.02
C ILE N 216 13.53 -26.59 -13.45
N GLN N 217 12.41 -27.28 -13.60
CA GLN N 217 11.81 -27.54 -14.89
C GLN N 217 10.31 -27.28 -14.75
N THR N 218 9.77 -26.39 -15.57
CA THR N 218 8.33 -26.11 -15.53
C THR N 218 7.68 -26.61 -16.80
N GLY N 219 6.41 -26.93 -16.71
CA GLY N 219 5.64 -27.42 -17.84
C GLY N 219 4.73 -28.43 -17.18
N SER N 220 3.61 -28.74 -17.82
CA SER N 220 2.63 -29.60 -17.15
C SER N 220 2.92 -31.09 -17.27
N GLN N 221 3.38 -31.52 -18.45
CA GLN N 221 3.66 -32.94 -18.70
C GLN N 221 5.09 -33.15 -19.22
N THR N 222 5.94 -32.15 -19.02
CA THR N 222 7.38 -32.23 -19.35
C THR N 222 7.99 -33.53 -18.78
N PRO N 223 8.75 -34.27 -19.62
CA PRO N 223 9.33 -35.50 -19.07
C PRO N 223 10.16 -35.29 -17.80
N THR N 224 9.97 -36.17 -16.84
CA THR N 224 10.84 -36.24 -15.67
C THR N 224 12.03 -37.09 -16.09
N VAL N 225 13.21 -36.47 -16.05
CA VAL N 225 14.45 -37.09 -16.53
C VAL N 225 15.47 -37.01 -15.40
N LEU N 226 15.72 -38.16 -14.79
CA LEU N 226 16.61 -38.27 -13.63
C LEU N 226 17.66 -39.36 -13.82
N GLN N 227 18.83 -39.16 -13.23
CA GLN N 227 19.88 -40.16 -13.26
C GLN N 227 20.21 -40.62 -11.84
N PHE N 228 20.85 -41.78 -11.76
CA PHE N 228 21.31 -42.33 -10.50
C PHE N 228 22.52 -43.22 -10.73
N SER N 229 23.50 -43.09 -9.85
CA SER N 229 24.74 -43.87 -9.90
C SER N 229 25.52 -43.69 -8.61
N ASN N 230 26.06 -44.79 -8.08
CA ASN N 230 26.90 -44.70 -6.89
C ASN N 230 28.36 -44.33 -7.19
N THR N 231 28.64 -43.87 -8.41
CA THR N 231 30.00 -43.51 -8.80
C THR N 231 30.22 -42.00 -8.87
N LEU N 232 29.21 -41.22 -8.54
CA LEU N 232 29.27 -39.76 -8.68
C LEU N 232 29.52 -39.04 -7.36
N THR N 233 30.58 -38.24 -7.33
CA THR N 233 30.98 -37.51 -6.14
C THR N 233 30.96 -36.01 -6.42
N THR N 234 30.36 -35.26 -5.51
CA THR N 234 30.45 -33.80 -5.55
C THR N 234 31.51 -33.32 -4.56
N VAL N 235 32.52 -32.64 -5.09
CA VAL N 235 33.56 -32.03 -4.28
C VAL N 235 33.01 -30.74 -3.68
N LEU N 236 33.15 -30.57 -2.38
CA LEU N 236 32.57 -29.43 -1.69
C LEU N 236 33.54 -28.28 -1.43
N LEU N 237 34.80 -28.46 -1.81
CA LEU N 237 35.82 -27.45 -1.54
C LEU N 237 35.60 -26.23 -2.43
N ASP N 238 35.84 -25.05 -1.86
CA ASP N 238 35.77 -23.82 -2.66
C ASP N 238 37.09 -23.59 -3.42
N GLU N 239 37.21 -22.43 -4.07
CA GLU N 239 38.38 -22.11 -4.90
C GLU N 239 39.69 -22.08 -4.10
N ASN N 240 39.60 -21.87 -2.79
CA ASN N 240 40.78 -21.90 -1.93
C ASN N 240 41.06 -23.27 -1.30
N GLY N 241 40.30 -24.29 -1.71
CA GLY N 241 40.45 -25.65 -1.16
C GLY N 241 39.86 -25.84 0.23
N VAL N 242 38.91 -24.98 0.60
CA VAL N 242 38.25 -25.06 1.91
C VAL N 242 36.77 -25.47 1.78
N GLY N 243 36.39 -26.54 2.46
CA GLY N 243 34.98 -26.98 2.48
C GLY N 243 34.18 -26.26 3.56
N PRO N 244 32.86 -26.50 3.62
CA PRO N 244 32.05 -25.92 4.69
C PRO N 244 32.58 -26.35 6.06
N LEU N 245 32.65 -25.40 6.99
CA LEU N 245 33.21 -25.64 8.32
C LEU N 245 32.09 -25.67 9.36
N CYS N 246 31.93 -26.81 10.01
CA CYS N 246 30.81 -27.02 10.92
C CYS N 246 30.96 -26.28 12.26
N LYS N 247 30.45 -25.05 12.27
CA LYS N 247 30.47 -24.22 13.47
C LYS N 247 29.47 -24.75 14.49
N GLY N 248 29.98 -25.17 15.64
CA GLY N 248 29.16 -25.76 16.69
C GLY N 248 28.97 -27.26 16.52
N ASP N 249 29.75 -27.86 15.62
CA ASP N 249 29.81 -29.32 15.44
C ASP N 249 28.56 -29.93 14.84
N GLY N 250 27.80 -29.11 14.11
CA GLY N 250 26.60 -29.59 13.43
C GLY N 250 26.75 -29.50 11.93
N LEU N 251 26.43 -30.59 11.24
CA LEU N 251 26.40 -30.61 9.78
C LEU N 251 24.97 -30.40 9.30
N PHE N 252 24.79 -29.43 8.41
CA PHE N 252 23.47 -29.10 7.91
C PHE N 252 23.24 -29.60 6.50
N ILE N 253 22.24 -30.47 6.38
CA ILE N 253 21.90 -31.10 5.10
C ILE N 253 20.48 -30.71 4.72
N SER N 254 20.32 -30.18 3.51
CA SER N 254 19.03 -29.71 3.06
C SER N 254 18.77 -30.19 1.65
N CYS N 255 17.50 -30.34 1.29
CA CYS N 255 17.12 -30.71 -0.08
C CYS N 255 15.64 -30.52 -0.40
N ALA N 256 15.32 -30.69 -1.68
CA ALA N 256 13.98 -30.72 -2.22
C ALA N 256 14.06 -31.50 -3.53
N ASP N 257 13.09 -32.37 -3.77
CA ASP N 257 13.06 -33.18 -4.98
C ASP N 257 11.62 -33.41 -5.41
N ILE N 258 11.01 -32.40 -6.00
CA ILE N 258 9.68 -32.55 -6.61
C ILE N 258 9.85 -33.19 -7.99
N VAL N 259 9.20 -34.34 -8.21
CA VAL N 259 9.40 -35.10 -9.44
C VAL N 259 8.25 -35.05 -10.46
N GLY N 260 7.24 -34.20 -10.24
CA GLY N 260 6.15 -34.04 -11.19
C GLY N 260 4.76 -34.29 -10.62
N PHE N 261 3.76 -34.28 -11.48
CA PHE N 261 2.37 -34.44 -11.04
C PHE N 261 1.89 -35.87 -11.16
N LEU N 262 1.10 -36.30 -10.18
CA LEU N 262 0.21 -37.44 -10.36
C LEU N 262 -1.07 -36.93 -10.99
N PHE N 263 -1.38 -37.45 -12.19
CA PHE N 263 -2.59 -37.09 -12.91
C PHE N 263 -3.72 -38.05 -12.57
N LYS N 264 -4.73 -37.54 -11.89
CA LYS N 264 -5.88 -38.35 -11.47
C LYS N 264 -6.99 -38.29 -12.51
N THR N 265 -7.78 -39.38 -12.59
CA THR N 265 -8.85 -39.54 -13.58
C THR N 265 -9.69 -38.28 -13.87
N SER N 266 -10.13 -37.60 -12.81
CA SER N 266 -11.04 -36.45 -12.92
C SER N 266 -10.41 -35.23 -13.56
N GLY N 267 -9.08 -35.20 -13.55
CA GLY N 267 -8.35 -34.08 -14.10
C GLY N 267 -7.59 -33.38 -13.00
N LYS N 268 -7.83 -33.80 -11.76
CA LYS N 268 -7.09 -33.25 -10.62
C LYS N 268 -5.62 -33.67 -10.71
N MET N 269 -4.76 -32.85 -10.10
CA MET N 269 -3.32 -32.98 -10.23
C MET N 269 -2.67 -32.66 -8.88
N ALA N 270 -1.79 -33.55 -8.42
CA ALA N 270 -1.04 -33.34 -7.20
C ALA N 270 0.46 -33.49 -7.46
N LEU N 271 1.28 -32.64 -6.85
CA LEU N 271 2.74 -32.78 -6.95
C LEU N 271 3.26 -33.93 -6.07
N HIS N 272 4.38 -34.51 -6.48
CA HIS N 272 4.94 -35.71 -5.84
C HIS N 272 6.44 -35.48 -5.64
N GLY N 273 6.97 -35.97 -4.52
CA GLY N 273 8.40 -35.90 -4.28
C GLY N 273 9.01 -37.26 -3.98
N LEU N 274 10.33 -37.32 -4.07
CA LEU N 274 11.10 -38.53 -3.73
C LEU N 274 12.13 -38.22 -2.65
N PRO N 275 12.57 -39.26 -1.89
CA PRO N 275 13.61 -39.04 -0.88
C PRO N 275 14.99 -38.93 -1.51
N ARG N 276 15.93 -38.40 -0.75
CA ARG N 276 17.29 -38.24 -1.20
C ARG N 276 18.24 -38.77 -0.14
N TYR N 277 19.23 -39.53 -0.58
CA TYR N 277 20.28 -40.10 0.27
C TYR N 277 21.55 -39.24 0.25
N PHE N 278 22.27 -39.22 1.36
CA PHE N 278 23.57 -38.54 1.44
C PHE N 278 24.64 -39.40 2.13
N ASN N 279 25.85 -39.34 1.59
CA ASN N 279 27.03 -39.82 2.31
C ASN N 279 28.08 -38.73 2.20
N VAL N 280 28.34 -38.04 3.31
CA VAL N 280 29.29 -36.92 3.35
C VAL N 280 30.59 -37.35 4.03
N THR N 281 31.71 -37.03 3.39
CA THR N 281 33.03 -37.22 3.99
C THR N 281 33.49 -35.90 4.59
N LEU N 282 34.01 -35.96 5.81
CA LEU N 282 34.54 -34.79 6.50
C LEU N 282 35.94 -35.00 7.05
N ARG N 283 36.66 -33.91 7.27
CA ARG N 283 38.01 -33.94 7.83
C ARG N 283 38.17 -32.83 8.88
N LYS N 284 39.04 -33.08 9.86
CA LYS N 284 39.31 -32.11 10.91
C LYS N 284 40.21 -31.00 10.38
N ARG N 285 39.88 -29.75 10.74
CA ARG N 285 40.63 -28.59 10.29
C ARG N 285 40.94 -27.63 11.44
N TRP N 286 42.22 -27.26 11.60
CA TRP N 286 42.61 -26.25 12.60
C TRP N 286 42.09 -24.86 12.19
N VAL N 287 41.51 -24.12 13.12
CA VAL N 287 40.96 -22.78 12.84
C VAL N 287 41.31 -21.74 13.91
N LYS N 288 40.98 -20.48 13.63
CA LYS N 288 41.14 -19.36 14.58
C LYS N 288 39.80 -18.77 15.01
N GLU O 10 40.64 -55.96 3.49
CA GLU O 10 42.07 -55.55 3.24
C GLU O 10 42.53 -55.91 1.81
N VAL O 11 42.47 -54.92 0.93
CA VAL O 11 42.85 -55.08 -0.47
C VAL O 11 44.36 -54.84 -0.62
N LEU O 12 45.06 -55.80 -1.19
CA LEU O 12 46.50 -55.69 -1.36
C LEU O 12 46.85 -55.30 -2.81
N SER O 13 47.91 -55.88 -3.34
CA SER O 13 48.42 -55.49 -4.65
C SER O 13 47.80 -56.30 -5.78
N VAL O 14 47.83 -55.73 -6.97
CA VAL O 14 47.42 -56.43 -8.17
C VAL O 14 48.42 -57.54 -8.51
N VAL O 15 47.90 -58.74 -8.72
CA VAL O 15 48.69 -59.91 -9.15
C VAL O 15 49.36 -59.68 -10.51
N THR O 16 50.66 -59.97 -10.58
CA THR O 16 51.42 -59.91 -11.84
C THR O 16 51.63 -61.31 -12.39
N GLY O 17 51.64 -61.44 -13.72
CA GLY O 17 51.81 -62.75 -14.38
C GLY O 17 51.10 -62.82 -15.72
N GLU O 18 51.16 -63.99 -16.36
CA GLU O 18 50.57 -64.17 -17.68
C GLU O 18 49.03 -64.12 -17.65
N ASP O 19 48.41 -65.08 -16.99
CA ASP O 19 46.96 -65.22 -17.03
C ASP O 19 46.21 -64.36 -16.00
N SER O 20 46.74 -63.19 -15.68
CA SER O 20 46.19 -62.36 -14.60
C SER O 20 44.99 -61.50 -15.01
N ILE O 21 44.68 -61.49 -16.30
CA ILE O 21 43.57 -60.70 -16.83
C ILE O 21 42.63 -61.64 -17.61
N THR O 22 41.33 -61.50 -17.40
CA THR O 22 40.35 -62.27 -18.16
C THR O 22 39.13 -61.43 -18.55
N GLN O 23 38.38 -61.91 -19.54
CA GLN O 23 37.21 -61.21 -20.05
C GLN O 23 36.01 -62.13 -20.06
N ILE O 24 34.84 -61.56 -19.76
N ILE O 24 34.85 -61.60 -19.68
CA ILE O 24 33.57 -62.29 -19.72
CA ILE O 24 33.62 -62.36 -19.82
C ILE O 24 32.51 -61.61 -20.59
C ILE O 24 32.57 -61.62 -20.64
N GLU O 25 31.95 -62.36 -21.56
CA GLU O 25 30.88 -61.86 -22.39
C GLU O 25 29.56 -62.45 -21.93
N LEU O 26 28.54 -61.60 -21.89
CA LEU O 26 27.21 -62.01 -21.48
C LEU O 26 26.20 -61.07 -22.12
N TYR O 27 25.06 -61.63 -22.49
CA TYR O 27 23.91 -60.82 -22.87
C TYR O 27 22.75 -61.18 -21.95
N LEU O 28 21.94 -60.20 -21.58
CA LEU O 28 20.76 -60.45 -20.77
C LEU O 28 19.50 -60.06 -21.54
N ASN O 29 18.61 -61.04 -21.75
CA ASN O 29 17.33 -60.78 -22.39
C ASN O 29 16.38 -60.05 -21.43
N PRO O 30 15.54 -59.16 -21.94
CA PRO O 30 14.68 -58.34 -21.07
C PRO O 30 13.54 -59.13 -20.42
N ARG O 31 13.19 -58.77 -19.18
CA ARG O 31 12.13 -59.44 -18.43
C ARG O 31 10.98 -58.47 -18.12
N MET O 32 10.18 -58.17 -19.14
CA MET O 32 9.15 -57.14 -19.09
C MET O 32 7.83 -57.60 -18.50
N GLY O 33 7.59 -58.91 -18.52
CA GLY O 33 6.34 -59.50 -18.02
C GLY O 33 6.05 -60.83 -18.68
N VAL O 34 6.24 -60.90 -19.99
CA VAL O 34 6.22 -62.17 -20.71
C VAL O 34 7.68 -62.54 -20.91
N ASN O 35 8.17 -63.40 -20.02
CA ASN O 35 9.60 -63.58 -19.81
C ASN O 35 10.23 -64.77 -20.52
N SER O 36 9.40 -65.60 -21.11
CA SER O 36 9.89 -66.75 -21.87
C SER O 36 9.44 -66.64 -23.31
N PRO O 37 10.31 -67.05 -24.24
CA PRO O 37 9.91 -67.18 -25.63
C PRO O 37 9.35 -68.58 -25.92
N ASP O 38 9.16 -69.39 -24.88
CA ASP O 38 8.81 -70.80 -25.05
C ASP O 38 7.48 -71.21 -24.41
N LEU O 39 6.41 -70.49 -24.77
CA LEU O 39 5.03 -70.86 -24.43
C LEU O 39 4.14 -70.35 -25.56
N PRO O 40 3.84 -71.21 -26.55
CA PRO O 40 3.34 -70.78 -27.86
C PRO O 40 1.95 -70.10 -27.82
N THR O 41 1.27 -70.24 -26.68
CA THR O 41 0.00 -69.59 -26.45
C THR O 41 0.16 -68.07 -26.23
N THR O 42 1.25 -67.69 -25.57
CA THR O 42 1.42 -66.33 -25.03
C THR O 42 2.78 -65.70 -25.28
N SER O 43 3.74 -66.49 -25.76
CA SER O 43 5.11 -66.01 -25.90
C SER O 43 5.33 -65.07 -27.08
N ASN O 44 4.33 -64.91 -27.94
CA ASN O 44 4.39 -63.88 -28.97
C ASN O 44 4.51 -62.47 -28.35
N TRP O 45 4.23 -62.35 -27.06
CA TRP O 45 4.43 -61.09 -26.33
C TRP O 45 5.72 -61.01 -25.50
N TYR O 46 6.60 -62.01 -25.69
CA TYR O 46 7.96 -62.00 -25.14
C TYR O 46 8.65 -60.65 -25.44
N THR O 47 9.21 -60.05 -24.39
CA THR O 47 9.84 -58.69 -24.41
C THR O 47 8.87 -57.51 -24.36
N TYR O 48 7.61 -57.83 -24.05
CA TYR O 48 6.57 -56.84 -23.81
C TYR O 48 5.83 -57.16 -22.52
N THR O 49 5.13 -56.16 -21.98
CA THR O 49 4.15 -56.39 -20.92
C THR O 49 2.81 -56.76 -21.56
N TYR O 50 1.79 -56.96 -20.72
CA TYR O 50 0.43 -56.97 -21.24
C TYR O 50 -0.07 -55.54 -21.27
N ASP O 51 -1.35 -55.35 -21.58
CA ASP O 51 -1.91 -54.01 -21.67
C ASP O 51 -1.96 -53.32 -20.32
N LEU O 52 -1.37 -52.13 -20.25
CA LEU O 52 -1.27 -51.39 -19.00
C LEU O 52 -2.41 -50.39 -18.89
N GLN O 53 -3.18 -50.52 -17.81
CA GLN O 53 -4.38 -49.70 -17.61
C GLN O 53 -4.60 -49.38 -16.13
N PRO O 54 -4.89 -48.10 -15.82
CA PRO O 54 -5.49 -47.81 -14.52
C PRO O 54 -6.81 -48.57 -14.40
N LYS O 55 -7.01 -49.24 -13.27
CA LYS O 55 -8.18 -50.08 -13.06
C LYS O 55 -9.47 -49.27 -13.08
N GLY O 56 -9.42 -48.06 -12.51
CA GLY O 56 -10.60 -47.21 -12.38
C GLY O 56 -11.21 -47.26 -10.98
N SER O 57 -10.88 -48.30 -10.23
CA SER O 57 -11.40 -48.46 -8.87
C SER O 57 -10.33 -49.03 -7.95
N SER O 58 -10.47 -48.75 -6.66
CA SER O 58 -9.57 -49.25 -5.64
C SER O 58 -9.90 -50.72 -5.31
N PRO O 59 -8.88 -51.54 -5.03
CA PRO O 59 -7.45 -51.24 -5.13
C PRO O 59 -6.82 -51.75 -6.44
N ASP O 60 -5.63 -51.26 -6.78
CA ASP O 60 -4.89 -51.79 -7.92
C ASP O 60 -4.34 -53.18 -7.59
N GLN O 61 -4.62 -54.15 -8.45
CA GLN O 61 -4.15 -55.54 -8.29
C GLN O 61 -3.44 -56.02 -9.57
N PRO O 62 -2.19 -55.58 -9.77
CA PRO O 62 -1.51 -55.82 -11.05
C PRO O 62 -1.08 -57.28 -11.26
N ILE O 63 -1.14 -57.74 -12.50
CA ILE O 63 -0.69 -59.09 -12.86
C ILE O 63 0.82 -59.07 -13.08
N LYS O 64 1.45 -60.24 -12.91
CA LYS O 64 2.91 -60.34 -13.11
C LYS O 64 3.36 -59.91 -14.51
N GLU O 65 2.51 -60.16 -15.52
CA GLU O 65 2.78 -59.75 -16.90
C GLU O 65 2.84 -58.23 -17.07
N ASN O 66 2.44 -57.47 -16.05
CA ASN O 66 2.50 -56.01 -16.12
C ASN O 66 3.53 -55.41 -15.18
N LEU O 67 4.49 -56.24 -14.78
CA LEU O 67 5.51 -55.82 -13.86
C LEU O 67 6.90 -56.11 -14.43
N PRO O 68 7.40 -55.23 -15.33
CA PRO O 68 8.78 -55.36 -15.77
C PRO O 68 9.72 -55.53 -14.59
N ALA O 69 10.73 -56.37 -14.76
CA ALA O 69 11.63 -56.73 -13.67
C ALA O 69 13.09 -56.64 -14.10
N TYR O 70 13.98 -56.60 -13.13
CA TYR O 70 15.42 -56.57 -13.41
C TYR O 70 15.92 -57.89 -13.96
N SER O 71 16.75 -57.80 -15.00
CA SER O 71 17.52 -58.94 -15.48
C SER O 71 18.73 -59.09 -14.58
N VAL O 72 19.13 -60.34 -14.34
CA VAL O 72 20.29 -60.65 -13.49
C VAL O 72 20.95 -61.93 -13.94
N ALA O 73 22.28 -61.99 -13.77
CA ALA O 73 23.03 -63.25 -13.92
C ALA O 73 24.22 -63.26 -12.96
N ARG O 74 24.52 -64.44 -12.43
CA ARG O 74 25.78 -64.67 -11.74
C ARG O 74 26.67 -65.48 -12.69
N VAL O 75 27.80 -64.91 -13.04
CA VAL O 75 28.78 -65.60 -13.89
C VAL O 75 29.86 -66.22 -13.01
N SER O 76 30.03 -67.54 -13.14
CA SER O 76 31.13 -68.25 -12.48
C SER O 76 32.46 -67.91 -13.14
N LEU O 77 33.42 -67.48 -12.32
CA LEU O 77 34.74 -67.11 -12.83
C LEU O 77 35.74 -68.25 -12.57
N PRO O 78 36.88 -68.26 -13.29
CA PRO O 78 37.89 -69.31 -13.06
C PRO O 78 38.32 -69.38 -11.60
N MET O 79 38.34 -70.59 -11.05
CA MET O 79 38.68 -70.81 -9.64
C MET O 79 40.14 -70.40 -9.33
N LEU O 80 40.34 -69.75 -8.19
CA LEU O 80 41.63 -69.11 -7.89
C LEU O 80 42.39 -69.68 -6.70
N ASN O 81 41.68 -70.28 -5.74
CA ASN O 81 42.31 -70.74 -4.50
C ASN O 81 41.93 -72.17 -4.14
N THR O 88 44.93 -64.86 3.24
CA THR O 88 45.41 -64.11 2.08
C THR O 88 45.20 -64.90 0.79
N LEU O 89 44.30 -64.40 -0.06
CA LEU O 89 43.94 -65.09 -1.30
C LEU O 89 43.80 -64.15 -2.50
N GLN O 90 43.60 -64.73 -3.68
CA GLN O 90 43.35 -63.97 -4.89
C GLN O 90 41.85 -63.87 -5.20
N MET O 91 41.41 -62.67 -5.57
CA MET O 91 40.04 -62.45 -6.02
C MET O 91 40.04 -61.73 -7.35
N TRP O 92 39.05 -62.05 -8.18
CA TRP O 92 38.86 -61.35 -9.44
C TRP O 92 38.32 -59.96 -9.17
N GLU O 93 38.89 -58.97 -9.84
CA GLU O 93 38.52 -57.58 -9.66
C GLU O 93 38.06 -57.05 -11.01
N ALA O 94 36.82 -56.58 -11.08
CA ALA O 94 36.26 -56.05 -12.32
C ALA O 94 36.75 -54.63 -12.52
N ILE O 95 37.41 -54.37 -13.66
CA ILE O 95 38.04 -53.06 -13.85
C ILE O 95 37.39 -52.19 -14.92
N SER O 96 36.77 -52.81 -15.92
CA SER O 96 36.05 -52.07 -16.94
C SER O 96 34.97 -52.91 -17.59
N VAL O 97 34.07 -52.23 -18.31
CA VAL O 97 33.04 -52.91 -19.07
C VAL O 97 32.66 -52.12 -20.32
N LYS O 98 32.48 -52.86 -21.42
CA LYS O 98 31.78 -52.37 -22.58
C LYS O 98 30.38 -52.96 -22.53
N THR O 99 29.38 -52.09 -22.52
CA THR O 99 28.00 -52.53 -22.46
C THR O 99 27.17 -51.82 -23.53
N GLU O 100 26.24 -52.54 -24.12
CA GLU O 100 25.44 -51.99 -25.22
C GLU O 100 24.02 -52.55 -25.20
N VAL O 101 23.04 -51.68 -25.46
CA VAL O 101 21.67 -52.12 -25.69
C VAL O 101 21.55 -52.62 -27.13
N VAL O 102 21.10 -53.87 -27.27
CA VAL O 102 21.02 -54.53 -28.57
C VAL O 102 19.64 -54.37 -29.20
N GLY O 103 19.61 -54.30 -30.54
CA GLY O 103 18.37 -54.35 -31.29
C GLY O 103 17.67 -53.01 -31.40
N ILE O 104 18.42 -51.96 -31.09
CA ILE O 104 17.89 -50.60 -31.09
C ILE O 104 17.21 -50.26 -32.42
N SER O 105 17.85 -50.65 -33.52
CA SER O 105 17.37 -50.36 -34.87
C SER O 105 15.96 -50.90 -35.18
N SER O 106 15.54 -51.93 -34.45
CA SER O 106 14.23 -52.54 -34.65
C SER O 106 13.10 -51.56 -34.31
N LEU O 107 13.45 -50.50 -33.58
CA LEU O 107 12.48 -49.51 -33.16
C LEU O 107 12.05 -48.55 -34.28
N ILE O 108 12.61 -48.69 -35.48
CA ILE O 108 12.18 -47.86 -36.61
C ILE O 108 10.92 -48.43 -37.26
N ASN O 109 10.51 -49.62 -36.84
CA ASN O 109 9.31 -50.27 -37.35
C ASN O 109 8.06 -49.46 -36.96
N VAL O 110 7.44 -48.82 -37.95
CA VAL O 110 6.22 -48.04 -37.74
C VAL O 110 5.05 -48.67 -38.48
N HIS O 111 5.11 -49.98 -38.66
CA HIS O 111 4.11 -50.68 -39.46
C HIS O 111 3.78 -52.05 -38.85
N TYR O 112 3.80 -52.12 -37.51
CA TYR O 112 3.29 -53.26 -36.78
C TYR O 112 1.81 -53.39 -37.14
N TRP O 113 1.35 -54.61 -37.40
CA TRP O 113 0.01 -54.79 -37.98
C TRP O 113 -1.11 -54.15 -37.17
N ASP O 114 -0.95 -54.11 -35.86
CA ASP O 114 -1.98 -53.55 -34.98
C ASP O 114 -1.56 -52.24 -34.34
N MET O 115 -0.80 -51.43 -35.07
CA MET O 115 -0.25 -50.20 -34.51
C MET O 115 -1.26 -49.07 -34.64
N LYS O 116 -1.53 -48.38 -33.53
CA LYS O 116 -2.27 -47.14 -33.57
C LYS O 116 -1.55 -46.15 -34.49
N ARG O 117 -2.32 -45.48 -35.35
CA ARG O 117 -1.75 -44.52 -36.30
C ARG O 117 -1.59 -43.13 -35.66
N VAL O 118 -0.59 -42.37 -36.11
CA VAL O 118 -0.43 -40.98 -35.65
C VAL O 118 -1.60 -40.11 -36.12
N HIS O 119 -2.20 -40.47 -37.24
CA HIS O 119 -3.46 -39.90 -37.72
C HIS O 119 -3.99 -40.78 -38.84
N ASP O 120 -5.21 -40.50 -39.31
CA ASP O 120 -5.83 -41.24 -40.42
C ASP O 120 -4.86 -41.40 -41.57
N TYR O 121 -4.76 -42.64 -42.07
CA TYR O 121 -3.92 -43.03 -43.21
C TYR O 121 -2.42 -42.92 -42.96
N GLY O 122 -2.05 -42.69 -41.71
CA GLY O 122 -0.64 -42.52 -41.35
C GLY O 122 0.04 -43.77 -40.86
N ALA O 123 1.34 -43.65 -40.63
CA ALA O 123 2.14 -44.71 -40.03
C ALA O 123 1.80 -44.86 -38.55
N GLY O 124 2.27 -45.95 -37.95
CA GLY O 124 2.08 -46.18 -36.53
C GLY O 124 2.90 -45.24 -35.68
N ILE O 125 2.41 -44.99 -34.46
CA ILE O 125 3.19 -44.28 -33.45
C ILE O 125 4.34 -45.21 -33.09
N PRO O 126 5.59 -44.75 -33.31
CA PRO O 126 6.73 -45.58 -32.94
C PRO O 126 6.82 -45.83 -31.43
N VAL O 127 7.56 -46.87 -31.04
CA VAL O 127 7.82 -47.17 -29.64
C VAL O 127 8.47 -45.96 -28.98
N SER O 128 7.82 -45.46 -27.94
CA SER O 128 8.21 -44.20 -27.30
C SER O 128 7.47 -44.04 -26.00
N GLY O 129 7.78 -42.99 -25.23
CA GLY O 129 7.20 -42.83 -23.91
C GLY O 129 8.20 -43.15 -22.83
N VAL O 130 7.75 -43.89 -21.81
CA VAL O 130 8.56 -44.16 -20.63
C VAL O 130 9.79 -44.98 -20.96
N ASN O 131 10.96 -44.43 -20.63
CA ASN O 131 12.20 -45.20 -20.69
C ASN O 131 12.76 -45.39 -19.28
N TYR O 132 13.43 -46.53 -19.07
CA TYR O 132 14.19 -46.77 -17.85
C TYR O 132 15.39 -47.64 -18.23
N HIS O 133 16.58 -47.13 -17.97
CA HIS O 133 17.82 -47.79 -18.38
C HIS O 133 18.79 -47.82 -17.23
N MET O 134 19.23 -49.02 -16.88
CA MET O 134 20.25 -49.17 -15.86
C MET O 134 21.06 -50.45 -16.05
N PHE O 135 22.34 -50.39 -15.67
CA PHE O 135 23.15 -51.59 -15.56
C PHE O 135 23.97 -51.51 -14.30
N ALA O 136 24.36 -52.68 -13.79
CA ALA O 136 25.27 -52.74 -12.65
C ALA O 136 26.22 -53.92 -12.81
N ILE O 137 27.44 -53.72 -12.33
CA ILE O 137 28.46 -54.77 -12.24
C ILE O 137 28.95 -54.81 -10.78
N GLY O 138 28.92 -56.00 -10.20
CA GLY O 138 29.29 -56.20 -8.80
C GLY O 138 29.88 -57.56 -8.49
N GLY O 139 30.62 -57.66 -7.39
CA GLY O 139 31.16 -58.93 -6.92
C GLY O 139 30.22 -59.66 -5.97
N GLU O 140 28.98 -59.15 -5.89
CA GLU O 140 27.91 -59.72 -5.09
C GLU O 140 26.59 -59.12 -5.60
N PRO O 141 25.43 -59.73 -5.23
CA PRO O 141 24.14 -59.24 -5.73
C PRO O 141 23.95 -57.75 -5.42
N LEU O 142 23.30 -57.04 -6.34
CA LEU O 142 22.95 -55.64 -6.11
C LEU O 142 21.99 -55.50 -4.92
N ASP O 143 22.33 -54.61 -3.99
CA ASP O 143 21.42 -54.25 -2.89
C ASP O 143 20.30 -53.36 -3.41
N LEU O 144 19.07 -53.67 -2.99
CA LEU O 144 17.89 -52.97 -3.46
C LEU O 144 17.14 -52.25 -2.33
N GLN O 145 16.49 -51.15 -2.67
CA GLN O 145 15.64 -50.41 -1.74
C GLN O 145 14.21 -50.38 -2.30
N GLY O 146 13.25 -50.83 -1.49
CA GLY O 146 11.85 -50.79 -1.91
C GLY O 146 11.23 -49.42 -1.75
N LEU O 147 10.53 -48.96 -2.79
CA LEU O 147 9.73 -47.74 -2.74
C LEU O 147 8.70 -47.80 -3.84
N VAL O 148 7.43 -47.65 -3.48
CA VAL O 148 6.34 -47.70 -4.46
C VAL O 148 5.58 -46.38 -4.59
N LEU O 149 5.02 -46.16 -5.79
CA LEU O 149 4.12 -45.04 -6.06
C LEU O 149 2.93 -45.00 -5.09
N ASP O 150 2.35 -46.17 -4.84
CA ASP O 150 1.12 -46.27 -4.04
C ASP O 150 1.21 -47.50 -3.15
N TYR O 151 1.24 -47.28 -1.83
CA TYR O 151 1.45 -48.36 -0.87
C TYR O 151 0.27 -49.34 -0.79
N GLN O 152 -0.90 -48.90 -1.27
CA GLN O 152 -2.12 -49.73 -1.27
C GLN O 152 -2.17 -50.70 -2.45
N THR O 153 -1.17 -50.66 -3.33
CA THR O 153 -1.11 -51.57 -4.46
C THR O 153 -1.02 -53.01 -3.94
N GLN O 154 -1.85 -53.89 -4.50
CA GLN O 154 -1.85 -55.30 -4.10
C GLN O 154 -1.15 -56.17 -5.14
N TYR O 155 0.17 -56.30 -4.97
CA TYR O 155 1.03 -57.07 -5.85
C TYR O 155 0.76 -58.56 -5.67
N PRO O 156 0.93 -59.36 -6.74
CA PRO O 156 0.66 -60.79 -6.64
C PRO O 156 1.64 -61.43 -5.66
N LYS O 157 1.18 -62.47 -4.97
CA LYS O 157 2.06 -63.16 -4.03
C LYS O 157 3.06 -64.06 -4.78
N THR O 158 4.02 -64.61 -4.05
CA THR O 158 4.98 -65.54 -4.63
C THR O 158 4.54 -66.99 -4.44
N GLY O 162 5.39 -66.05 -8.52
CA GLY O 162 5.18 -64.61 -8.74
C GLY O 162 6.37 -63.76 -8.33
N PRO O 163 6.17 -62.43 -8.24
CA PRO O 163 7.27 -61.50 -7.95
C PRO O 163 7.55 -61.29 -6.46
N ILE O 164 8.79 -60.88 -6.16
CA ILE O 164 9.18 -60.54 -4.80
C ILE O 164 8.99 -59.04 -4.60
N THR O 165 8.12 -58.68 -3.66
CA THR O 165 7.88 -57.27 -3.40
C THR O 165 8.12 -56.92 -1.93
N ILE O 166 7.79 -55.69 -1.55
CA ILE O 166 8.00 -55.21 -0.19
C ILE O 166 7.28 -56.10 0.85
N GLU O 167 6.00 -56.41 0.58
CA GLU O 167 5.21 -57.31 1.45
C GLU O 167 5.90 -58.66 1.63
N THR O 168 6.44 -59.22 0.55
CA THR O 168 7.18 -60.48 0.61
C THR O 168 8.31 -60.39 1.63
N VAL O 169 9.06 -59.28 1.57
CA VAL O 169 10.23 -59.11 2.43
C VAL O 169 9.85 -58.79 3.88
N LEU O 170 8.85 -57.93 4.07
CA LEU O 170 8.43 -57.54 5.41
C LEU O 170 7.56 -58.59 6.11
N GLY O 171 6.92 -59.47 5.34
CA GLY O 171 5.96 -60.43 5.89
C GLY O 171 4.54 -59.86 5.93
N ARG O 172 4.41 -58.67 6.51
CA ARG O 172 3.15 -57.94 6.64
C ARG O 172 2.91 -57.02 5.43
N LYS O 173 1.73 -56.38 5.40
CA LYS O 173 1.37 -55.42 4.35
C LYS O 173 2.18 -54.13 4.44
N MET O 174 2.25 -53.42 3.31
CA MET O 174 2.89 -52.10 3.25
C MET O 174 2.11 -51.06 4.07
N THR O 175 2.82 -50.05 4.56
CA THR O 175 2.19 -48.90 5.20
C THR O 175 2.52 -47.64 4.40
N PRO O 176 1.85 -46.51 4.69
CA PRO O 176 2.18 -45.27 3.97
C PRO O 176 3.68 -44.94 3.90
N LYS O 177 4.47 -45.43 4.85
CA LYS O 177 5.90 -45.12 4.87
C LYS O 177 6.68 -45.70 3.68
N ASN O 178 6.10 -46.72 3.04
CA ASN O 178 6.68 -47.32 1.85
C ASN O 178 6.46 -46.49 0.57
N GLN O 179 5.88 -45.30 0.73
CA GLN O 179 5.84 -44.33 -0.37
C GLN O 179 7.06 -43.40 -0.30
N GLY O 180 7.75 -43.47 0.83
CA GLY O 180 9.05 -42.83 1.03
C GLY O 180 10.08 -43.91 1.33
N LEU O 181 11.16 -43.55 1.98
CA LEU O 181 12.24 -44.51 2.26
C LEU O 181 12.04 -45.20 3.59
N ASP O 182 11.66 -46.46 3.53
CA ASP O 182 11.56 -47.30 4.71
C ASP O 182 12.82 -48.14 4.76
N PRO O 183 13.69 -47.89 5.76
CA PRO O 183 14.96 -48.61 5.90
C PRO O 183 14.79 -50.13 6.03
N GLN O 184 13.57 -50.57 6.37
CA GLN O 184 13.26 -51.98 6.50
C GLN O 184 12.94 -52.64 5.15
N ALA O 185 12.54 -51.85 4.16
CA ALA O 185 12.24 -52.40 2.84
C ALA O 185 13.52 -52.56 2.03
N LYS O 186 14.22 -53.66 2.29
CA LYS O 186 15.50 -53.95 1.64
C LYS O 186 15.53 -55.38 1.12
N ALA O 187 16.30 -55.56 0.06
CA ALA O 187 16.38 -56.82 -0.64
C ALA O 187 17.70 -56.91 -1.40
N LYS O 188 18.03 -58.12 -1.82
CA LYS O 188 19.17 -58.36 -2.69
C LYS O 188 18.66 -58.85 -4.04
N LEU O 189 19.23 -58.30 -5.11
CA LEU O 189 18.87 -58.73 -6.45
C LEU O 189 19.57 -60.06 -6.76
N ASP O 190 18.88 -61.15 -6.48
CA ASP O 190 19.47 -62.48 -6.57
C ASP O 190 18.70 -63.46 -7.48
N LYS O 191 17.64 -62.99 -8.14
CA LYS O 191 16.94 -63.83 -9.10
C LYS O 191 16.52 -63.05 -10.34
N ASP O 192 16.65 -63.70 -11.50
CA ASP O 192 16.27 -63.09 -12.78
C ASP O 192 14.76 -62.96 -12.94
N GLY O 193 14.33 -61.78 -13.38
CA GLY O 193 12.92 -61.53 -13.74
C GLY O 193 11.93 -61.70 -12.61
N ASN O 194 12.33 -61.31 -11.41
CA ASN O 194 11.53 -61.59 -10.21
C ASN O 194 11.30 -60.37 -9.31
N TYR O 195 12.18 -59.37 -9.41
CA TYR O 195 12.04 -58.15 -8.62
C TYR O 195 11.56 -57.01 -9.51
N PRO O 196 10.28 -56.57 -9.35
CA PRO O 196 9.70 -55.52 -10.17
C PRO O 196 10.45 -54.20 -10.13
N ILE O 197 10.56 -53.57 -11.29
CA ILE O 197 11.26 -52.29 -11.42
C ILE O 197 10.53 -51.16 -10.70
N GLU O 198 9.19 -51.25 -10.62
CA GLU O 198 8.40 -50.18 -9.99
C GLU O 198 8.40 -50.30 -8.47
N VAL O 199 8.92 -51.41 -7.96
CA VAL O 199 8.99 -51.65 -6.52
C VAL O 199 10.41 -51.39 -5.99
N TRP O 200 11.41 -51.84 -6.76
CA TRP O 200 12.80 -51.86 -6.27
C TRP O 200 13.72 -50.94 -7.05
N CYS O 201 14.59 -50.23 -6.33
CA CYS O 201 15.63 -49.43 -6.94
C CYS O 201 16.97 -49.73 -6.25
N PRO O 202 18.11 -49.31 -6.86
CA PRO O 202 19.40 -49.60 -6.22
C PRO O 202 19.49 -48.91 -4.88
N ASP O 203 20.02 -49.60 -3.88
CA ASP O 203 20.18 -49.03 -2.54
C ASP O 203 21.51 -48.29 -2.43
N PRO O 204 21.46 -46.94 -2.32
CA PRO O 204 22.66 -46.12 -2.30
C PRO O 204 23.37 -46.14 -0.97
N SER O 205 22.69 -46.63 0.07
CA SER O 205 23.29 -46.76 1.40
C SER O 205 24.21 -47.97 1.51
N LYS O 206 24.12 -48.89 0.54
CA LYS O 206 24.95 -50.10 0.52
C LYS O 206 25.74 -50.16 -0.80
N ASN O 207 25.76 -51.32 -1.47
CA ASN O 207 26.37 -51.45 -2.80
C ASN O 207 27.82 -50.95 -2.92
N GLU O 208 28.58 -51.02 -1.82
CA GLU O 208 29.98 -50.61 -1.84
C GLU O 208 30.81 -51.45 -2.83
N ASN O 209 30.32 -52.65 -3.14
CA ASN O 209 31.06 -53.60 -3.97
C ASN O 209 30.39 -53.86 -5.33
N SER O 210 29.53 -52.92 -5.73
CA SER O 210 28.94 -52.91 -7.06
C SER O 210 29.08 -51.50 -7.64
N ARG O 211 29.01 -51.40 -8.97
CA ARG O 211 28.88 -50.12 -9.63
C ARG O 211 27.60 -50.13 -10.44
N TYR O 212 26.72 -49.16 -10.20
CA TYR O 212 25.48 -49.07 -10.99
C TYR O 212 25.29 -47.70 -11.62
N TYR O 213 24.64 -47.69 -12.78
CA TYR O 213 24.42 -46.48 -13.57
C TYR O 213 23.04 -46.56 -14.20
N GLY O 214 22.19 -45.58 -13.95
CA GLY O 214 20.82 -45.65 -14.45
C GLY O 214 20.17 -44.32 -14.70
N SER O 215 19.05 -44.35 -15.41
CA SER O 215 18.25 -43.16 -15.67
C SER O 215 16.78 -43.50 -15.91
N ILE O 216 15.92 -42.48 -15.75
CA ILE O 216 14.51 -42.56 -16.15
C ILE O 216 14.10 -41.41 -17.07
N GLN O 217 13.11 -41.69 -17.91
CA GLN O 217 12.43 -40.69 -18.72
C GLN O 217 10.93 -40.99 -18.67
N THR O 218 10.14 -40.05 -18.19
CA THR O 218 8.68 -40.21 -18.16
C THR O 218 8.06 -39.46 -19.34
N GLY O 219 6.76 -39.17 -19.28
CA GLY O 219 6.02 -38.62 -20.42
C GLY O 219 5.42 -39.77 -21.23
N SER O 220 4.44 -39.46 -22.07
CA SER O 220 3.64 -40.49 -22.74
C SER O 220 4.18 -40.94 -24.10
N GLN O 221 4.60 -39.98 -24.91
CA GLN O 221 5.14 -40.24 -26.25
C GLN O 221 6.52 -39.59 -26.40
N THR O 222 7.20 -39.42 -25.27
CA THR O 222 8.57 -38.89 -25.26
C THR O 222 9.47 -39.70 -26.19
N PRO O 223 10.19 -39.01 -27.08
CA PRO O 223 11.11 -39.71 -27.99
C PRO O 223 12.07 -40.64 -27.21
N THR O 224 12.19 -41.87 -27.70
CA THR O 224 13.22 -42.76 -27.22
C THR O 224 14.51 -42.40 -27.97
N VAL O 225 15.55 -42.11 -27.20
CA VAL O 225 16.79 -41.57 -27.75
C VAL O 225 17.92 -42.42 -27.17
N LEU O 226 18.53 -43.25 -28.01
CA LEU O 226 19.55 -44.20 -27.54
C LEU O 226 20.76 -44.21 -28.45
N GLN O 227 21.95 -44.33 -27.86
CA GLN O 227 23.20 -44.43 -28.63
C GLN O 227 23.73 -45.84 -28.58
N PHE O 228 24.51 -46.20 -29.59
CA PHE O 228 25.27 -47.44 -29.61
C PHE O 228 26.62 -47.23 -30.30
N SER O 229 27.66 -47.82 -29.71
CA SER O 229 29.03 -47.74 -30.23
C SER O 229 29.89 -48.78 -29.54
N ASN O 230 30.75 -49.45 -30.28
CA ASN O 230 31.68 -50.41 -29.68
C ASN O 230 33.00 -49.79 -29.25
N THR O 231 33.02 -48.45 -29.16
CA THR O 231 34.22 -47.71 -28.78
C THR O 231 34.10 -47.10 -27.39
N LEU O 232 33.03 -47.41 -26.68
CA LEU O 232 32.78 -46.80 -25.38
C LEU O 232 32.94 -47.76 -24.20
N THR O 233 33.79 -47.37 -23.27
CA THR O 233 34.13 -48.18 -22.12
C THR O 233 33.82 -47.43 -20.83
N THR O 234 33.20 -48.13 -19.88
CA THR O 234 33.03 -47.62 -18.52
C THR O 234 34.13 -48.19 -17.61
N VAL O 235 34.88 -47.30 -16.96
CA VAL O 235 35.87 -47.73 -15.99
C VAL O 235 35.18 -47.97 -14.64
N LEU O 236 35.43 -49.14 -14.06
CA LEU O 236 34.71 -49.63 -12.88
C LEU O 236 35.45 -49.42 -11.57
N LEU O 237 36.64 -48.82 -11.64
CA LEU O 237 37.43 -48.50 -10.46
C LEU O 237 36.83 -47.34 -9.66
N ASP O 238 36.89 -47.45 -8.33
CA ASP O 238 36.46 -46.38 -7.45
C ASP O 238 37.59 -45.35 -7.28
N GLU O 239 37.36 -44.38 -6.41
CA GLU O 239 38.32 -43.28 -6.16
C GLU O 239 39.67 -43.80 -5.66
N ASN O 240 39.65 -44.98 -5.04
CA ASN O 240 40.87 -45.62 -4.53
C ASN O 240 41.56 -46.51 -5.54
N GLY O 241 40.96 -46.63 -6.73
CA GLY O 241 41.53 -47.45 -7.81
C GLY O 241 41.19 -48.92 -7.68
N VAL O 242 40.08 -49.22 -7.02
CA VAL O 242 39.68 -50.60 -6.78
C VAL O 242 38.31 -50.88 -7.42
N GLY O 243 38.25 -51.94 -8.22
CA GLY O 243 37.00 -52.38 -8.83
C GLY O 243 36.26 -53.39 -7.95
N PRO O 244 35.00 -53.69 -8.28
CA PRO O 244 34.27 -54.72 -7.51
C PRO O 244 35.08 -56.01 -7.39
N LEU O 245 35.10 -56.56 -6.17
CA LEU O 245 35.82 -57.81 -5.89
C LEU O 245 34.85 -58.98 -5.83
N CYS O 246 35.13 -59.99 -6.64
CA CYS O 246 34.20 -61.10 -6.81
C CYS O 246 34.30 -62.12 -5.71
N LYS O 247 33.33 -62.08 -4.80
CA LYS O 247 33.29 -62.99 -3.67
C LYS O 247 32.84 -64.36 -4.17
N GLY O 248 33.56 -65.40 -3.75
CA GLY O 248 33.25 -66.77 -4.17
C GLY O 248 33.38 -67.00 -5.67
N ASP O 249 34.17 -66.15 -6.32
CA ASP O 249 34.43 -66.23 -7.76
C ASP O 249 33.17 -66.08 -8.62
N GLY O 250 32.22 -65.27 -8.15
CA GLY O 250 31.01 -64.97 -8.91
C GLY O 250 30.93 -63.49 -9.27
N LEU O 251 30.69 -63.22 -10.55
CA LEU O 251 30.46 -61.86 -11.03
C LEU O 251 28.97 -61.65 -11.25
N PHE O 252 28.41 -60.62 -10.61
CA PHE O 252 26.99 -60.28 -10.73
C PHE O 252 26.74 -59.15 -11.70
N ILE O 253 25.91 -59.43 -12.70
CA ILE O 253 25.57 -58.46 -13.72
C ILE O 253 24.06 -58.27 -13.72
N SER O 254 23.61 -57.01 -13.67
CA SER O 254 22.21 -56.67 -13.51
C SER O 254 21.85 -55.53 -14.45
N CYS O 255 20.62 -55.53 -14.97
CA CYS O 255 20.17 -54.46 -15.85
C CYS O 255 18.65 -54.40 -16.04
N ALA O 256 18.21 -53.31 -16.67
CA ALA O 256 16.83 -53.10 -17.10
C ALA O 256 16.87 -52.07 -18.22
N ASP O 257 16.13 -52.33 -19.31
CA ASP O 257 16.10 -51.41 -20.45
C ASP O 257 14.71 -51.27 -21.07
N ILE O 258 13.90 -50.39 -20.49
CA ILE O 258 12.57 -50.11 -21.05
C ILE O 258 12.71 -49.03 -22.10
N VAL O 259 12.18 -49.30 -23.28
CA VAL O 259 12.39 -48.45 -24.45
C VAL O 259 11.11 -47.76 -24.91
N GLY O 260 10.01 -47.99 -24.21
CA GLY O 260 8.78 -47.27 -24.49
C GLY O 260 7.58 -48.16 -24.68
N PHE O 261 6.47 -47.54 -25.07
CA PHE O 261 5.21 -48.23 -25.24
C PHE O 261 5.02 -48.73 -26.67
N LEU O 262 4.40 -49.90 -26.80
CA LEU O 262 3.80 -50.30 -28.07
C LEU O 262 2.34 -49.82 -28.08
N PHE O 263 2.01 -48.93 -29.01
CA PHE O 263 0.67 -48.35 -29.11
C PHE O 263 -0.20 -49.18 -30.04
N LYS O 264 -1.23 -49.81 -29.47
CA LYS O 264 -2.15 -50.69 -30.22
C LYS O 264 -3.40 -49.93 -30.72
N THR O 265 -3.97 -50.40 -31.83
CA THR O 265 -5.09 -49.73 -32.52
C THR O 265 -6.24 -49.31 -31.60
N SER O 266 -6.58 -50.19 -30.67
CA SER O 266 -7.67 -49.97 -29.72
C SER O 266 -7.38 -48.81 -28.77
N GLY O 267 -6.11 -48.45 -28.62
CA GLY O 267 -5.71 -47.43 -27.67
C GLY O 267 -4.90 -48.03 -26.54
N LYS O 268 -5.04 -49.34 -26.36
CA LYS O 268 -4.26 -50.06 -25.36
C LYS O 268 -2.76 -49.96 -25.62
N MET O 269 -1.99 -49.98 -24.53
CA MET O 269 -0.55 -49.78 -24.58
C MET O 269 0.17 -50.80 -23.71
N ALA O 270 1.27 -51.35 -24.23
CA ALA O 270 2.12 -52.26 -23.46
C ALA O 270 3.56 -51.77 -23.49
N LEU O 271 4.28 -51.97 -22.39
CA LEU O 271 5.69 -51.54 -22.35
C LEU O 271 6.59 -52.56 -23.04
N HIS O 272 7.71 -52.09 -23.58
CA HIS O 272 8.62 -52.93 -24.38
C HIS O 272 10.06 -52.78 -23.89
N GLY O 273 10.79 -53.89 -23.87
CA GLY O 273 12.20 -53.89 -23.48
C GLY O 273 13.16 -54.43 -24.52
N LEU O 274 14.45 -54.09 -24.35
CA LEU O 274 15.53 -54.55 -25.23
C LEU O 274 16.67 -55.26 -24.46
N PRO O 275 17.35 -56.23 -25.11
CA PRO O 275 18.48 -56.95 -24.51
C PRO O 275 19.69 -56.05 -24.28
N ARG O 276 20.53 -56.42 -23.32
CA ARG O 276 21.78 -55.72 -23.09
C ARG O 276 22.94 -56.69 -23.16
N TYR O 277 23.99 -56.27 -23.86
CA TYR O 277 25.24 -57.02 -23.94
C TYR O 277 26.30 -56.40 -23.03
N PHE O 278 27.17 -57.25 -22.49
CA PHE O 278 28.29 -56.87 -21.62
C PHE O 278 29.57 -57.58 -22.03
N ASN O 279 30.67 -56.83 -22.01
CA ASN O 279 32.00 -57.42 -22.03
C ASN O 279 32.80 -56.84 -20.87
N VAL O 280 32.98 -57.64 -19.83
CA VAL O 280 33.66 -57.20 -18.62
C VAL O 280 35.11 -57.69 -18.60
N THR O 281 36.03 -56.78 -18.30
CA THR O 281 37.42 -57.14 -18.10
C THR O 281 37.71 -57.20 -16.61
N LEU O 282 38.30 -58.32 -16.19
CA LEU O 282 38.68 -58.55 -14.80
C LEU O 282 40.17 -58.82 -14.68
N ARG O 283 40.74 -58.53 -13.51
CA ARG O 283 42.12 -58.85 -13.19
C ARG O 283 42.17 -59.50 -11.82
N LYS O 284 43.26 -60.21 -11.53
CA LYS O 284 43.44 -60.85 -10.24
C LYS O 284 44.00 -59.85 -9.23
N ARG O 285 43.46 -59.87 -8.02
CA ARG O 285 43.89 -58.96 -6.96
C ARG O 285 44.13 -59.74 -5.67
N TRP O 286 45.29 -59.52 -5.04
CA TRP O 286 45.57 -60.10 -3.73
C TRP O 286 44.73 -59.42 -2.65
N VAL O 287 44.10 -60.22 -1.79
CA VAL O 287 43.33 -59.69 -0.65
C VAL O 287 43.66 -60.48 0.62
N LYS O 288 43.34 -59.91 1.77
CA LYS O 288 43.42 -60.67 3.04
C LYS O 288 42.28 -60.31 4.00
N VAL P 9 -54.21 36.81 -19.60
CA VAL P 9 -54.30 37.93 -18.63
C VAL P 9 -53.92 37.46 -17.22
N GLU P 10 -52.74 37.88 -16.76
CA GLU P 10 -52.29 37.50 -15.41
C GLU P 10 -52.17 38.67 -14.45
N VAL P 11 -52.73 38.45 -13.25
CA VAL P 11 -52.83 39.46 -12.20
C VAL P 11 -51.56 39.45 -11.38
N LEU P 12 -50.89 40.59 -11.33
CA LEU P 12 -49.64 40.72 -10.60
C LEU P 12 -49.90 41.30 -9.20
N SER P 13 -48.99 42.15 -8.73
CA SER P 13 -49.06 42.67 -7.37
C SER P 13 -49.82 43.99 -7.30
N VAL P 14 -50.42 44.24 -6.14
CA VAL P 14 -51.01 45.54 -5.83
C VAL P 14 -49.93 46.62 -5.90
N VAL P 15 -50.29 47.78 -6.44
CA VAL P 15 -49.40 48.92 -6.50
C VAL P 15 -49.27 49.55 -5.11
N THR P 16 -48.05 49.93 -4.73
CA THR P 16 -47.84 50.61 -3.45
C THR P 16 -47.58 52.10 -3.65
N GLY P 17 -47.77 52.87 -2.58
CA GLY P 17 -47.50 54.31 -2.61
C GLY P 17 -48.71 55.21 -2.45
N GLU P 18 -48.50 56.49 -2.72
CA GLU P 18 -49.52 57.53 -2.57
C GLU P 18 -50.52 57.49 -3.72
N ASP P 19 -51.78 57.78 -3.40
CA ASP P 19 -52.87 57.85 -4.38
C ASP P 19 -53.10 56.55 -5.18
N SER P 20 -52.69 55.43 -4.61
CA SER P 20 -52.97 54.12 -5.19
C SER P 20 -54.36 53.62 -4.79
N ILE P 21 -54.99 54.29 -3.82
CA ILE P 21 -56.35 53.99 -3.42
C ILE P 21 -57.26 55.17 -3.75
N THR P 22 -58.44 54.87 -4.28
CA THR P 22 -59.45 55.90 -4.59
C THR P 22 -60.85 55.46 -4.18
N GLN P 23 -61.74 56.43 -4.04
CA GLN P 23 -63.14 56.18 -3.70
C GLN P 23 -64.10 56.76 -4.73
N ILE P 24 -65.07 55.96 -5.15
CA ILE P 24 -66.06 56.37 -6.15
C ILE P 24 -67.48 56.40 -5.58
N GLU P 25 -68.12 57.56 -5.61
CA GLU P 25 -69.50 57.73 -5.18
C GLU P 25 -70.45 57.89 -6.35
N LEU P 26 -71.61 57.23 -6.26
CA LEU P 26 -72.76 57.54 -7.12
C LEU P 26 -74.06 57.02 -6.53
N TYR P 27 -75.16 57.54 -7.04
CA TYR P 27 -76.50 57.02 -6.75
C TYR P 27 -77.19 56.71 -8.07
N LEU P 28 -78.07 55.72 -8.05
CA LEU P 28 -78.84 55.38 -9.23
C LEU P 28 -80.33 55.47 -8.91
N ASN P 29 -81.03 56.35 -9.62
CA ASN P 29 -82.48 56.43 -9.49
C ASN P 29 -83.17 55.24 -10.14
N PRO P 30 -84.28 54.77 -9.55
CA PRO P 30 -84.92 53.55 -10.04
C PRO P 30 -85.56 53.73 -11.42
N ARG P 31 -85.60 52.65 -12.20
CA ARG P 31 -86.20 52.70 -13.54
C ARG P 31 -87.39 51.74 -13.65
N MET P 32 -88.52 52.14 -13.07
CA MET P 32 -89.68 51.25 -12.91
C MET P 32 -90.60 51.16 -14.12
N GLY P 33 -90.50 52.12 -15.03
CA GLY P 33 -91.39 52.16 -16.20
C GLY P 33 -91.62 53.59 -16.62
N VAL P 34 -92.00 54.44 -15.66
CA VAL P 34 -91.94 55.87 -15.84
C VAL P 34 -90.57 56.27 -15.33
N ASN P 35 -89.66 56.51 -16.28
CA ASN P 35 -88.22 56.55 -15.99
C ASN P 35 -87.60 57.94 -15.88
N SER P 36 -88.34 58.96 -16.30
CA SER P 36 -87.88 60.33 -16.23
C SER P 36 -88.81 61.21 -15.38
N PRO P 37 -88.22 62.11 -14.56
CA PRO P 37 -88.99 63.10 -13.82
C PRO P 37 -89.18 64.40 -14.60
N ASP P 38 -88.70 64.44 -15.84
CA ASP P 38 -88.71 65.68 -16.62
C ASP P 38 -89.68 65.67 -17.80
N LEU P 39 -90.71 64.84 -17.71
CA LEU P 39 -91.69 64.71 -18.80
C LEU P 39 -92.89 65.61 -18.56
N PRO P 40 -93.38 66.26 -19.64
CA PRO P 40 -94.49 67.22 -19.55
C PRO P 40 -95.64 66.74 -18.65
N THR P 41 -96.20 65.57 -18.97
CA THR P 41 -97.48 65.18 -18.38
C THR P 41 -97.52 63.81 -17.69
N THR P 42 -96.47 63.00 -17.80
CA THR P 42 -96.52 61.63 -17.24
C THR P 42 -95.60 61.41 -16.03
N SER P 43 -94.79 62.42 -15.74
CA SER P 43 -93.73 62.31 -14.73
C SER P 43 -94.18 62.22 -13.26
N ASN P 44 -95.45 62.51 -12.98
N ASN P 44 -95.44 62.52 -12.99
CA ASN P 44 -95.99 62.36 -11.63
CA ASN P 44 -96.03 62.36 -11.66
C ASN P 44 -95.83 60.92 -11.11
C ASN P 44 -95.86 60.93 -11.12
N TRP P 45 -95.73 59.97 -12.05
CA TRP P 45 -95.57 58.55 -11.71
C TRP P 45 -94.13 58.04 -11.76
N TYR P 46 -93.18 58.97 -11.80
CA TYR P 46 -91.77 58.64 -11.76
C TYR P 46 -91.49 57.79 -10.52
N THR P 47 -90.76 56.69 -10.73
CA THR P 47 -90.40 55.65 -9.72
C THR P 47 -91.48 54.60 -9.50
N TYR P 48 -92.50 54.63 -10.37
CA TYR P 48 -93.60 53.68 -10.35
C TYR P 48 -93.79 53.11 -11.75
N THR P 49 -94.44 51.95 -11.82
CA THR P 49 -95.00 51.44 -13.06
C THR P 49 -96.38 52.07 -13.24
N TYR P 50 -97.04 51.75 -14.35
CA TYR P 50 -98.46 52.01 -14.49
C TYR P 50 -99.17 50.85 -13.80
N ASP P 51 -100.48 50.77 -13.98
CA ASP P 51 -101.27 49.75 -13.29
C ASP P 51 -101.03 48.39 -13.91
N LEU P 52 -100.69 47.41 -13.08
CA LEU P 52 -100.40 46.06 -13.57
C LEU P 52 -101.65 45.20 -13.46
N GLN P 53 -102.02 44.58 -14.59
CA GLN P 53 -103.22 43.78 -14.67
C GLN P 53 -103.03 42.62 -15.65
N PRO P 54 -103.63 41.45 -15.33
CA PRO P 54 -103.80 40.43 -16.37
C PRO P 54 -104.80 40.95 -17.43
N LYS P 55 -104.45 40.76 -18.70
CA LYS P 55 -105.30 41.17 -19.81
C LYS P 55 -106.60 40.38 -19.85
N GLY P 56 -106.53 39.09 -19.59
CA GLY P 56 -107.73 38.23 -19.57
C GLY P 56 -107.99 37.52 -20.89
N SER P 57 -107.21 37.87 -21.90
CA SER P 57 -107.21 37.16 -23.18
C SER P 57 -105.78 37.18 -23.71
N SER P 58 -105.46 36.21 -24.57
N SER P 58 -105.46 36.22 -24.58
CA SER P 58 -104.12 36.09 -25.14
CA SER P 58 -104.13 36.09 -25.15
C SER P 58 -103.98 36.90 -26.42
C SER P 58 -103.97 36.90 -26.44
N PRO P 59 -102.76 37.39 -26.71
CA PRO P 59 -101.57 37.31 -25.85
C PRO P 59 -101.41 38.56 -25.00
N ASP P 60 -100.63 38.45 -23.93
CA ASP P 60 -100.19 39.61 -23.18
C ASP P 60 -99.31 40.47 -24.09
N GLN P 61 -99.52 41.79 -24.03
CA GLN P 61 -98.76 42.75 -24.82
C GLN P 61 -98.39 43.92 -23.91
N PRO P 62 -97.48 43.69 -22.95
CA PRO P 62 -97.23 44.70 -21.91
C PRO P 62 -96.65 46.00 -22.48
N ILE P 63 -96.94 47.11 -21.81
CA ILE P 63 -96.40 48.41 -22.20
C ILE P 63 -95.06 48.66 -21.49
N LYS P 64 -94.25 49.55 -22.06
CA LYS P 64 -92.93 49.82 -21.47
C LYS P 64 -93.05 50.27 -20.01
N GLU P 65 -94.13 51.00 -19.70
CA GLU P 65 -94.35 51.56 -18.37
C GLU P 65 -94.62 50.48 -17.31
N ASN P 66 -94.99 49.27 -17.74
CA ASN P 66 -95.19 48.13 -16.84
C ASN P 66 -94.00 47.18 -16.71
N LEU P 67 -92.85 47.60 -17.22
CA LEU P 67 -91.66 46.74 -17.21
C LEU P 67 -90.50 47.41 -16.47
N PRO P 68 -90.44 47.21 -15.13
CA PRO P 68 -89.30 47.71 -14.37
C PRO P 68 -88.00 47.13 -14.92
N ALA P 69 -86.96 47.95 -14.95
CA ALA P 69 -85.69 47.59 -15.55
C ALA P 69 -84.51 47.92 -14.63
N TYR P 70 -83.37 47.30 -14.93
CA TYR P 70 -82.15 47.55 -14.18
C TYR P 70 -81.64 48.94 -14.40
N SER P 71 -81.11 49.49 -13.31
CA SER P 71 -80.32 50.69 -13.35
C SER P 71 -78.87 50.29 -13.58
N VAL P 72 -78.16 51.08 -14.38
CA VAL P 72 -76.73 50.86 -14.59
C VAL P 72 -76.03 52.17 -14.91
N ALA P 73 -74.82 52.33 -14.39
CA ALA P 73 -73.94 53.42 -14.83
C ALA P 73 -72.54 52.87 -15.09
N ARG P 74 -71.84 53.47 -16.05
CA ARG P 74 -70.39 53.29 -16.17
C ARG P 74 -69.71 54.53 -15.61
N VAL P 75 -68.86 54.35 -14.60
CA VAL P 75 -68.11 55.47 -14.02
C VAL P 75 -66.69 55.50 -14.57
N SER P 76 -66.30 56.66 -15.11
CA SER P 76 -64.95 56.85 -15.63
C SER P 76 -63.96 57.07 -14.49
N LEU P 77 -62.87 56.31 -14.53
CA LEU P 77 -61.91 56.33 -13.45
C LEU P 77 -60.66 57.15 -13.84
N PRO P 78 -59.90 57.64 -12.85
CA PRO P 78 -58.64 58.32 -13.17
C PRO P 78 -57.82 57.50 -14.17
N MET P 79 -57.38 58.14 -15.25
CA MET P 79 -56.58 57.48 -16.28
C MET P 79 -55.23 57.04 -15.70
N LEU P 80 -54.78 55.84 -16.09
CA LEU P 80 -53.61 55.23 -15.46
C LEU P 80 -52.36 55.01 -16.34
N ASN P 81 -52.57 54.69 -17.61
CA ASN P 81 -51.48 54.21 -18.47
C ASN P 81 -51.08 55.14 -19.63
N GLU P 82 -50.16 54.67 -20.48
CA GLU P 82 -49.79 55.35 -21.73
C GLU P 82 -49.50 54.35 -22.86
N THR P 88 -47.82 45.10 -19.71
CA THR P 88 -47.79 45.33 -18.26
C THR P 88 -48.23 46.74 -17.86
N LEU P 89 -49.49 46.81 -17.41
CA LEU P 89 -50.16 48.07 -17.09
C LEU P 89 -50.80 48.03 -15.69
N GLN P 90 -51.28 49.19 -15.26
CA GLN P 90 -52.06 49.31 -14.04
C GLN P 90 -53.56 49.28 -14.33
N MET P 91 -54.31 48.57 -13.49
CA MET P 91 -55.78 48.59 -13.58
C MET P 91 -56.36 48.92 -12.22
N TRP P 92 -57.56 49.51 -12.22
CA TRP P 92 -58.28 49.73 -10.97
C TRP P 92 -58.97 48.46 -10.51
N GLU P 93 -58.76 48.11 -9.25
CA GLU P 93 -59.34 46.93 -8.64
C GLU P 93 -60.34 47.37 -7.57
N ALA P 94 -61.62 47.05 -7.78
CA ALA P 94 -62.67 47.32 -6.81
C ALA P 94 -62.59 46.31 -5.67
N ILE P 95 -62.32 46.80 -4.46
CA ILE P 95 -62.05 45.91 -3.33
C ILE P 95 -63.21 45.83 -2.33
N SER P 96 -64.00 46.89 -2.23
CA SER P 96 -65.13 46.95 -1.32
C SER P 96 -66.14 48.04 -1.72
N VAL P 97 -67.36 47.88 -1.23
CA VAL P 97 -68.45 48.82 -1.49
C VAL P 97 -69.35 49.01 -0.25
N LYS P 98 -69.67 50.26 0.07
CA LYS P 98 -70.80 50.57 0.95
C LYS P 98 -71.99 50.96 0.08
N THR P 99 -73.06 50.18 0.16
CA THR P 99 -74.26 50.43 -0.64
C THR P 99 -75.53 50.46 0.23
N GLU P 100 -76.46 51.34 -0.13
CA GLU P 100 -77.67 51.56 0.66
C GLU P 100 -78.87 51.93 -0.21
N VAL P 101 -80.03 51.39 0.15
CA VAL P 101 -81.28 51.78 -0.52
C VAL P 101 -81.74 53.09 0.13
N VAL P 102 -81.87 54.15 -0.67
CA VAL P 102 -82.20 55.46 -0.13
C VAL P 102 -83.72 55.69 -0.10
N GLY P 103 -84.19 56.39 0.92
CA GLY P 103 -85.61 56.77 1.02
C GLY P 103 -86.52 55.70 1.59
N ILE P 104 -85.95 54.79 2.37
CA ILE P 104 -86.72 53.68 2.94
C ILE P 104 -87.86 54.19 3.84
N SER P 105 -87.54 55.23 4.63
CA SER P 105 -88.50 55.84 5.55
C SER P 105 -89.76 56.40 4.89
N SER P 106 -89.66 56.76 3.62
CA SER P 106 -90.78 57.31 2.86
C SER P 106 -91.99 56.36 2.77
N LEU P 107 -91.73 55.07 3.00
CA LEU P 107 -92.72 54.01 2.90
C LEU P 107 -93.62 53.86 4.13
N ILE P 108 -93.40 54.70 5.15
CA ILE P 108 -94.33 54.74 6.30
C ILE P 108 -95.60 55.54 5.97
N ASN P 109 -95.61 56.18 4.79
CA ASN P 109 -96.75 56.95 4.33
C ASN P 109 -97.92 56.03 4.03
N VAL P 110 -98.97 56.13 4.85
CA VAL P 110 -100.18 55.34 4.65
C VAL P 110 -101.40 56.24 4.41
N HIS P 111 -101.14 57.41 3.84
CA HIS P 111 -102.17 58.40 3.58
C HIS P 111 -102.02 59.04 2.20
N TYR P 112 -101.61 58.24 1.22
CA TYR P 112 -101.59 58.70 -0.16
C TYR P 112 -103.04 58.98 -0.57
N TRP P 113 -103.28 60.13 -1.20
CA TRP P 113 -104.67 60.58 -1.41
C TRP P 113 -105.60 59.51 -2.03
N ASP P 114 -105.08 58.72 -2.96
CA ASP P 114 -105.87 57.66 -3.60
C ASP P 114 -105.47 56.25 -3.17
N MET P 115 -105.07 56.09 -1.93
CA MET P 115 -104.63 54.79 -1.40
C MET P 115 -105.83 53.95 -0.97
N LYS P 116 -105.84 52.67 -1.37
CA LYS P 116 -106.82 51.70 -0.88
C LYS P 116 -106.63 51.48 0.61
N ARG P 117 -107.73 51.45 1.37
CA ARG P 117 -107.68 51.29 2.83
C ARG P 117 -107.65 49.82 3.22
N VAL P 118 -107.04 49.52 4.36
N VAL P 118 -107.01 49.53 4.35
CA VAL P 118 -107.01 48.14 4.86
CA VAL P 118 -106.98 48.18 4.93
C VAL P 118 -108.40 47.67 5.31
C VAL P 118 -108.40 47.70 5.27
N HIS P 119 -109.25 48.63 5.72
CA HIS P 119 -110.69 48.41 5.97
C HIS P 119 -111.36 49.78 6.07
N ASP P 120 -112.70 49.81 6.10
CA ASP P 120 -113.43 51.08 6.15
C ASP P 120 -112.93 51.99 7.28
N TYR P 121 -112.70 53.26 6.93
CA TYR P 121 -112.20 54.30 7.85
C TYR P 121 -110.72 54.09 8.27
N GLY P 122 -110.09 53.06 7.72
CA GLY P 122 -108.71 52.72 8.08
C GLY P 122 -107.65 53.51 7.34
N ALA P 123 -106.39 53.26 7.69
CA ALA P 123 -105.26 53.82 6.98
C ALA P 123 -105.08 53.12 5.64
N GLY P 124 -104.27 53.72 4.76
CA GLY P 124 -103.91 53.07 3.51
C GLY P 124 -103.15 51.78 3.74
N ILE P 125 -103.28 50.84 2.81
CA ILE P 125 -102.40 49.68 2.77
C ILE P 125 -101.01 50.20 2.41
N PRO P 126 -100.00 49.96 3.28
CA PRO P 126 -98.67 50.45 2.94
C PRO P 126 -98.04 49.70 1.76
N VAL P 127 -97.08 50.35 1.10
CA VAL P 127 -96.31 49.71 0.03
C VAL P 127 -95.78 48.35 0.52
N SER P 128 -96.17 47.29 -0.18
N SER P 128 -96.22 47.28 -0.16
CA SER P 128 -95.92 45.92 0.25
CA SER P 128 -95.96 45.91 0.28
C SER P 128 -96.08 44.94 -0.90
C SER P 128 -96.07 44.95 -0.89
N GLY P 129 -95.75 43.67 -0.67
CA GLY P 129 -95.83 42.65 -1.70
C GLY P 129 -94.49 42.34 -2.36
N VAL P 130 -94.50 42.27 -3.69
CA VAL P 130 -93.34 41.82 -4.47
C VAL P 130 -92.14 42.71 -4.22
N ASN P 131 -91.06 42.11 -3.72
CA ASN P 131 -89.77 42.80 -3.63
C ASN P 131 -88.73 42.13 -4.54
N TYR P 132 -87.83 42.96 -5.09
CA TYR P 132 -86.70 42.49 -5.88
C TYR P 132 -85.54 43.45 -5.68
N HIS P 133 -84.47 42.92 -5.10
CA HIS P 133 -83.30 43.73 -4.73
C HIS P 133 -82.05 43.05 -5.22
N MET P 134 -81.25 43.78 -5.99
CA MET P 134 -79.95 43.30 -6.42
C MET P 134 -79.03 44.46 -6.70
N PHE P 135 -77.74 44.25 -6.50
CA PHE P 135 -76.75 45.21 -6.95
C PHE P 135 -75.56 44.46 -7.47
N ALA P 136 -74.77 45.14 -8.32
CA ALA P 136 -73.59 44.54 -8.89
C ALA P 136 -72.49 45.57 -9.10
N ILE P 137 -71.26 45.15 -8.82
CA ILE P 137 -70.04 45.89 -9.10
C ILE P 137 -69.16 45.00 -9.97
N GLY P 138 -68.69 45.56 -11.08
CA GLY P 138 -67.91 44.81 -12.06
C GLY P 138 -66.98 45.71 -12.84
N GLY P 139 -66.01 45.11 -13.50
CA GLY P 139 -65.01 45.84 -14.31
C GLY P 139 -65.42 45.90 -15.77
N GLU P 140 -66.59 45.34 -16.06
CA GLU P 140 -67.19 45.34 -17.38
C GLU P 140 -68.72 45.21 -17.19
N PRO P 141 -69.52 45.34 -18.27
CA PRO P 141 -70.98 45.21 -18.12
C PRO P 141 -71.41 43.86 -17.55
N LEU P 142 -72.48 43.87 -16.76
CA LEU P 142 -73.06 42.65 -16.20
C LEU P 142 -73.55 41.73 -17.29
N ASP P 143 -73.26 40.44 -17.17
CA ASP P 143 -73.75 39.45 -18.13
C ASP P 143 -75.15 39.01 -17.72
N LEU P 144 -76.05 38.96 -18.70
CA LEU P 144 -77.46 38.66 -18.44
C LEU P 144 -77.94 37.39 -19.13
N GLN P 145 -78.74 36.61 -18.41
CA GLN P 145 -79.44 35.46 -18.97
C GLN P 145 -80.93 35.77 -19.14
N GLY P 146 -81.48 35.39 -20.30
CA GLY P 146 -82.90 35.57 -20.57
C GLY P 146 -83.74 34.39 -20.11
N LEU P 147 -84.86 34.68 -19.46
CA LEU P 147 -85.83 33.66 -19.07
C LEU P 147 -87.10 34.38 -18.66
N VAL P 148 -88.22 33.97 -19.24
CA VAL P 148 -89.51 34.60 -18.98
C VAL P 148 -90.54 33.62 -18.45
N LEU P 149 -91.53 34.13 -17.71
CA LEU P 149 -92.64 33.34 -17.20
C LEU P 149 -93.47 32.74 -18.33
N ASP P 150 -93.70 33.52 -19.39
CA ASP P 150 -94.53 33.09 -20.52
C ASP P 150 -93.90 33.50 -21.86
N TYR P 151 -93.51 32.51 -22.65
CA TYR P 151 -92.82 32.74 -23.92
C TYR P 151 -93.69 33.45 -24.99
N GLN P 152 -95.01 33.37 -24.83
CA GLN P 152 -95.95 33.96 -25.78
C GLN P 152 -96.17 35.46 -25.56
N THR P 153 -95.57 36.00 -24.50
CA THR P 153 -95.63 37.44 -24.20
C THR P 153 -95.07 38.25 -25.36
N GLN P 154 -95.82 39.27 -25.78
CA GLN P 154 -95.37 40.15 -26.87
C GLN P 154 -94.86 41.46 -26.31
N TYR P 155 -93.58 41.44 -25.95
CA TYR P 155 -92.89 42.64 -25.46
C TYR P 155 -92.85 43.72 -26.53
N PRO P 156 -92.85 44.99 -26.11
CA PRO P 156 -92.77 46.07 -27.11
C PRO P 156 -91.44 46.03 -27.86
N LYS P 157 -91.47 46.42 -29.13
CA LYS P 157 -90.25 46.46 -29.96
C LYS P 157 -89.35 47.62 -29.52
N THR P 158 -88.03 47.46 -29.71
CA THR P 158 -87.08 48.53 -29.40
C THR P 158 -87.32 49.76 -30.29
N THR P 159 -87.71 50.85 -29.63
CA THR P 159 -88.06 52.11 -30.32
C THR P 159 -87.71 53.32 -29.47
N GLY P 162 -87.28 52.10 -26.28
CA GLY P 162 -87.91 50.78 -26.23
C GLY P 162 -86.99 49.75 -25.58
N PRO P 163 -87.60 48.73 -24.93
CA PRO P 163 -86.84 47.76 -24.13
C PRO P 163 -86.15 46.67 -24.96
N ILE P 164 -85.04 46.16 -24.45
CA ILE P 164 -84.33 45.06 -25.09
C ILE P 164 -84.76 43.76 -24.43
N THR P 165 -85.39 42.89 -25.20
CA THR P 165 -85.87 41.62 -24.68
C THR P 165 -85.25 40.47 -25.47
N ILE P 166 -85.68 39.25 -25.21
CA ILE P 166 -85.08 38.07 -25.84
C ILE P 166 -85.23 38.08 -27.36
N GLU P 167 -86.40 38.48 -27.85
CA GLU P 167 -86.62 38.64 -29.29
C GLU P 167 -85.63 39.64 -29.92
N THR P 168 -85.37 40.75 -29.21
CA THR P 168 -84.43 41.77 -29.67
C THR P 168 -83.05 41.16 -29.90
N VAL P 169 -82.64 40.27 -28.99
CA VAL P 169 -81.32 39.68 -29.03
C VAL P 169 -81.21 38.51 -30.03
N LEU P 170 -82.23 37.66 -30.09
CA LEU P 170 -82.18 36.50 -30.98
C LEU P 170 -82.48 36.85 -32.46
N GLY P 171 -83.12 38.00 -32.68
CA GLY P 171 -83.58 38.39 -34.02
C GLY P 171 -84.64 37.45 -34.56
N ARG P 172 -85.35 36.79 -33.65
CA ARG P 172 -86.41 35.83 -33.97
C ARG P 172 -87.28 35.67 -32.72
N LYS P 173 -88.48 35.11 -32.89
CA LYS P 173 -89.44 34.98 -31.78
C LYS P 173 -89.01 33.99 -30.70
N MET P 174 -89.43 34.25 -29.46
CA MET P 174 -89.23 33.32 -28.35
C MET P 174 -89.98 32.02 -28.62
N THR P 175 -89.49 30.93 -28.05
CA THR P 175 -90.12 29.62 -28.18
C THR P 175 -90.27 29.04 -26.76
N PRO P 176 -91.01 27.92 -26.60
CA PRO P 176 -91.15 27.35 -25.26
C PRO P 176 -89.84 27.22 -24.46
N LYS P 177 -88.72 26.94 -25.13
CA LYS P 177 -87.43 26.78 -24.44
C LYS P 177 -87.04 28.02 -23.62
N ASN P 178 -87.59 29.17 -23.97
CA ASN P 178 -87.32 30.40 -23.22
C ASN P 178 -88.02 30.56 -21.87
N GLN P 179 -88.84 29.58 -21.50
CA GLN P 179 -89.39 29.49 -20.13
C GLN P 179 -88.42 28.72 -19.24
N GLY P 180 -87.47 28.04 -19.88
CA GLY P 180 -86.30 27.47 -19.20
C GLY P 180 -85.06 28.25 -19.59
N LEU P 181 -83.89 27.65 -19.36
CA LEU P 181 -82.61 28.32 -19.67
C LEU P 181 -82.17 28.01 -21.11
N ASP P 182 -82.25 29.03 -21.96
CA ASP P 182 -81.80 28.94 -23.36
C ASP P 182 -80.44 29.60 -23.41
N PRO P 183 -79.36 28.80 -23.60
CA PRO P 183 -78.00 29.36 -23.57
C PRO P 183 -77.74 30.45 -24.64
N GLN P 184 -78.60 30.55 -25.66
CA GLN P 184 -78.48 31.60 -26.67
C GLN P 184 -79.16 32.91 -26.27
N ALA P 185 -80.04 32.84 -25.26
CA ALA P 185 -80.73 34.02 -24.78
C ALA P 185 -79.85 34.76 -23.76
N LYS P 186 -78.90 35.54 -24.27
CA LYS P 186 -77.91 36.19 -23.43
C LYS P 186 -77.74 37.64 -23.87
N ALA P 187 -77.30 38.48 -22.93
CA ALA P 187 -77.11 39.90 -23.21
C ALA P 187 -76.16 40.57 -22.22
N LYS P 188 -75.76 41.79 -22.54
CA LYS P 188 -74.94 42.58 -21.63
C LYS P 188 -75.69 43.80 -21.11
N LEU P 189 -75.63 44.01 -19.79
CA LEU P 189 -76.31 45.14 -19.18
C LEU P 189 -75.55 46.44 -19.43
N ASP P 190 -75.78 47.01 -20.62
CA ASP P 190 -75.04 48.18 -21.08
C ASP P 190 -75.88 49.47 -21.18
N LYS P 191 -77.15 49.40 -20.78
CA LYS P 191 -78.06 50.53 -20.95
C LYS P 191 -78.98 50.71 -19.76
N ASP P 192 -78.96 51.91 -19.17
CA ASP P 192 -79.81 52.24 -18.02
C ASP P 192 -81.29 52.18 -18.43
N GLY P 193 -82.07 51.45 -17.65
CA GLY P 193 -83.53 51.37 -17.83
C GLY P 193 -84.05 50.73 -19.11
N ASN P 194 -83.26 49.87 -19.74
CA ASN P 194 -83.63 49.23 -21.00
C ASN P 194 -83.83 47.72 -20.97
N TYR P 195 -83.34 47.08 -19.91
CA TYR P 195 -83.41 45.63 -19.80
C TYR P 195 -84.40 45.22 -18.71
N PRO P 196 -85.59 44.75 -19.09
CA PRO P 196 -86.61 44.43 -18.08
C PRO P 196 -86.19 43.34 -17.10
N ILE P 197 -86.42 43.60 -15.82
CA ILE P 197 -86.13 42.65 -14.74
C ILE P 197 -86.86 41.32 -14.96
N GLU P 198 -88.10 41.36 -15.46
CA GLU P 198 -88.88 40.13 -15.61
C GLU P 198 -88.39 39.25 -16.77
N VAL P 199 -87.48 39.79 -17.59
CA VAL P 199 -86.92 39.07 -18.73
C VAL P 199 -85.47 38.64 -18.47
N TRP P 200 -84.70 39.53 -17.82
CA TRP P 200 -83.27 39.32 -17.63
C TRP P 200 -82.86 39.12 -16.16
N CYS P 201 -82.03 38.11 -15.93
CA CYS P 201 -81.39 37.85 -14.64
C CYS P 201 -79.86 37.78 -14.84
N PRO P 202 -79.08 37.92 -13.75
CA PRO P 202 -77.61 37.80 -13.93
C PRO P 202 -77.23 36.39 -14.39
N ASP P 203 -76.25 36.30 -15.29
CA ASP P 203 -75.85 35.04 -15.89
C ASP P 203 -74.72 34.42 -15.05
N PRO P 204 -75.02 33.30 -14.35
CA PRO P 204 -74.00 32.76 -13.45
C PRO P 204 -72.90 31.96 -14.16
N SER P 205 -73.09 31.67 -15.44
CA SER P 205 -72.08 30.94 -16.22
C SER P 205 -70.99 31.90 -16.69
N LYS P 206 -71.24 33.19 -16.54
CA LYS P 206 -70.27 34.21 -16.92
C LYS P 206 -69.93 35.08 -15.71
N ASN P 207 -69.84 36.40 -15.90
CA ASN P 207 -69.60 37.36 -14.81
C ASN P 207 -68.39 37.06 -13.91
N GLU P 208 -67.34 36.48 -14.49
CA GLU P 208 -66.10 36.23 -13.77
C GLU P 208 -65.52 37.52 -13.20
N ASN P 209 -65.76 38.64 -13.89
CA ASN P 209 -65.20 39.95 -13.51
C ASN P 209 -66.24 40.91 -12.90
N SER P 210 -67.32 40.34 -12.35
CA SER P 210 -68.31 41.10 -11.59
C SER P 210 -68.66 40.36 -10.29
N ARG P 211 -69.25 41.10 -9.35
CA ARG P 211 -69.84 40.50 -8.16
C ARG P 211 -71.29 40.98 -8.11
N TYR P 212 -72.21 40.05 -7.95
CA TYR P 212 -73.61 40.42 -7.83
C TYR P 212 -74.28 39.72 -6.65
N TYR P 213 -75.29 40.39 -6.10
CA TYR P 213 -75.96 39.96 -4.88
C TYR P 213 -77.44 40.35 -5.02
N GLY P 214 -78.34 39.39 -4.84
CA GLY P 214 -79.75 39.65 -5.08
C GLY P 214 -80.73 38.75 -4.38
N SER P 215 -81.99 39.17 -4.39
CA SER P 215 -83.07 38.37 -3.80
C SER P 215 -84.41 38.79 -4.35
N ILE P 216 -85.37 37.89 -4.23
CA ILE P 216 -86.75 38.19 -4.56
C ILE P 216 -87.65 37.85 -3.37
N GLN P 217 -88.83 38.47 -3.34
CA GLN P 217 -89.88 38.13 -2.41
C GLN P 217 -91.19 38.26 -3.17
N THR P 218 -91.95 37.16 -3.24
CA THR P 218 -93.25 37.19 -3.91
C THR P 218 -94.39 37.31 -2.88
N GLY P 219 -95.64 37.29 -3.33
CA GLY P 219 -96.77 37.56 -2.44
C GLY P 219 -97.31 38.96 -2.73
N SER P 220 -98.58 39.18 -2.39
CA SER P 220 -99.28 40.40 -2.82
C SER P 220 -99.19 41.53 -1.79
N GLN P 221 -99.22 41.15 -0.51
CA GLN P 221 -99.12 42.13 0.58
C GLN P 221 -98.03 41.77 1.59
N THR P 222 -97.16 40.84 1.21
CA THR P 222 -95.96 40.50 1.97
C THR P 222 -95.25 41.75 2.50
N PRO P 223 -94.93 41.76 3.80
CA PRO P 223 -94.26 42.92 4.36
C PRO P 223 -92.95 43.24 3.65
N THR P 224 -92.77 44.52 3.30
CA THR P 224 -91.48 45.01 2.84
C THR P 224 -90.62 45.22 4.09
N VAL P 225 -89.53 44.45 4.16
CA VAL P 225 -88.63 44.43 5.30
C VAL P 225 -87.22 44.78 4.83
N LEU P 226 -86.77 45.98 5.16
CA LEU P 226 -85.50 46.48 4.65
C LEU P 226 -84.67 47.07 5.78
N GLN P 227 -83.35 46.99 5.62
CA GLN P 227 -82.42 47.55 6.59
C GLN P 227 -81.61 48.66 5.94
N PHE P 228 -81.10 49.57 6.76
CA PHE P 228 -80.15 50.58 6.31
C PHE P 228 -79.18 50.92 7.43
N SER P 229 -77.91 51.03 7.07
CA SER P 229 -76.83 51.37 8.00
C SER P 229 -75.58 51.79 7.25
N ASN P 230 -74.91 52.85 7.72
CA ASN P 230 -73.64 53.28 7.13
C ASN P 230 -72.40 52.55 7.69
N THR P 231 -72.63 51.45 8.39
CA THR P 231 -71.54 50.66 8.99
C THR P 231 -71.29 49.34 8.24
N LEU P 232 -72.09 49.07 7.21
CA LEU P 232 -71.99 47.79 6.49
C LEU P 232 -71.19 47.86 5.17
N THR P 233 -70.18 47.01 5.09
CA THR P 233 -69.30 46.94 3.93
C THR P 233 -69.38 45.55 3.27
N THR P 234 -69.49 45.54 1.94
CA THR P 234 -69.34 44.31 1.17
C THR P 234 -67.91 44.21 0.62
N VAL P 235 -67.23 43.11 0.93
CA VAL P 235 -65.91 42.84 0.38
C VAL P 235 -66.04 42.25 -1.02
N LEU P 236 -65.32 42.81 -1.98
CA LEU P 236 -65.48 42.42 -3.39
C LEU P 236 -64.41 41.46 -3.92
N LEU P 237 -63.44 41.14 -3.07
CA LEU P 237 -62.40 40.17 -3.42
C LEU P 237 -62.97 38.77 -3.57
N ASP P 238 -62.54 38.08 -4.64
CA ASP P 238 -62.82 36.66 -4.83
C ASP P 238 -61.98 35.78 -3.90
N GLU P 239 -62.00 34.46 -4.14
CA GLU P 239 -61.27 33.51 -3.29
C GLU P 239 -59.75 33.67 -3.37
N ASN P 240 -59.27 34.27 -4.44
CA ASN P 240 -57.85 34.50 -4.64
C ASN P 240 -57.38 35.87 -4.13
N GLY P 241 -58.32 36.66 -3.65
CA GLY P 241 -58.01 37.99 -3.13
C GLY P 241 -58.02 39.07 -4.20
N VAL P 242 -58.73 38.80 -5.29
CA VAL P 242 -58.78 39.70 -6.45
C VAL P 242 -60.20 40.24 -6.64
N GLY P 243 -60.34 41.56 -6.71
CA GLY P 243 -61.63 42.19 -6.96
C GLY P 243 -61.80 42.45 -8.46
N PRO P 244 -62.98 42.92 -8.88
CA PRO P 244 -63.20 43.24 -10.29
C PRO P 244 -62.17 44.25 -10.81
N LEU P 245 -61.66 43.98 -12.00
CA LEU P 245 -60.64 44.79 -12.63
C LEU P 245 -61.25 45.62 -13.76
N CYS P 246 -61.08 46.94 -13.65
CA CYS P 246 -61.78 47.87 -14.52
C CYS P 246 -61.11 48.05 -15.88
N LYS P 247 -61.63 47.32 -16.87
CA LYS P 247 -61.16 47.39 -18.23
C LYS P 247 -61.44 48.78 -18.79
N GLY P 248 -60.43 49.36 -19.43
CA GLY P 248 -60.56 50.68 -20.03
C GLY P 248 -60.86 51.77 -19.01
N ASP P 249 -60.56 51.50 -17.74
CA ASP P 249 -60.81 52.45 -16.65
C ASP P 249 -62.31 52.76 -16.47
N GLY P 250 -63.14 51.72 -16.62
CA GLY P 250 -64.58 51.85 -16.50
C GLY P 250 -65.12 50.95 -15.41
N LEU P 251 -65.78 51.56 -14.44
CA LEU P 251 -66.40 50.83 -13.35
C LEU P 251 -67.91 50.72 -13.58
N PHE P 252 -68.38 49.48 -13.70
CA PHE P 252 -69.79 49.20 -13.95
C PHE P 252 -70.55 48.90 -12.66
N ILE P 253 -71.66 49.60 -12.50
CA ILE P 253 -72.50 49.54 -11.31
C ILE P 253 -73.95 49.35 -11.73
N SER P 254 -74.54 48.24 -11.27
CA SER P 254 -75.89 47.87 -11.63
C SER P 254 -76.74 47.58 -10.39
N CYS P 255 -78.06 47.84 -10.49
CA CYS P 255 -78.98 47.50 -9.41
C CYS P 255 -80.45 47.47 -9.83
N ALA P 256 -81.27 46.92 -8.95
CA ALA P 256 -82.73 46.91 -9.07
C ALA P 256 -83.29 46.86 -7.65
N ASP P 257 -84.22 47.75 -7.32
CA ASP P 257 -84.81 47.81 -5.98
C ASP P 257 -86.31 48.06 -6.00
N ILE P 258 -87.07 46.99 -6.28
CA ILE P 258 -88.53 47.00 -6.24
C ILE P 258 -88.96 46.74 -4.81
N VAL P 259 -89.70 47.69 -4.25
CA VAL P 259 -90.05 47.70 -2.83
C VAL P 259 -91.54 47.34 -2.55
N GLY P 260 -92.28 47.06 -3.62
CA GLY P 260 -93.68 46.65 -3.49
C GLY P 260 -94.69 47.42 -4.32
N PHE P 261 -95.97 47.15 -4.03
CA PHE P 261 -97.09 47.74 -4.71
C PHE P 261 -97.62 48.97 -3.98
N LEU P 262 -97.96 50.00 -4.75
CA LEU P 262 -98.88 51.03 -4.32
C LEU P 262 -100.29 50.54 -4.64
N PHE P 263 -101.10 50.38 -3.59
CA PHE P 263 -102.48 49.92 -3.71
C PHE P 263 -103.41 51.12 -3.83
N LYS P 264 -104.09 51.21 -4.96
CA LYS P 264 -104.97 52.35 -5.21
C LYS P 264 -106.42 51.99 -4.87
N THR P 265 -107.19 53.00 -4.45
CA THR P 265 -108.58 52.85 -4.02
C THR P 265 -109.41 51.86 -4.86
N SER P 266 -109.32 51.98 -6.19
CA SER P 266 -110.12 51.15 -7.11
C SER P 266 -109.79 49.67 -7.10
N GLY P 267 -108.59 49.33 -6.61
CA GLY P 267 -108.09 47.97 -6.73
C GLY P 267 -106.84 47.89 -7.60
N LYS P 268 -106.63 48.91 -8.44
CA LYS P 268 -105.43 48.99 -9.28
C LYS P 268 -104.15 48.99 -8.44
N MET P 269 -103.11 48.37 -8.99
CA MET P 269 -101.82 48.20 -8.33
C MET P 269 -100.66 48.57 -9.24
N ALA P 270 -99.74 49.38 -8.71
CA ALA P 270 -98.53 49.72 -9.43
C ALA P 270 -97.30 49.39 -8.59
N LEU P 271 -96.26 48.83 -9.23
CA LEU P 271 -95.01 48.58 -8.51
C LEU P 271 -94.23 49.87 -8.32
N HIS P 272 -93.46 49.89 -7.25
CA HIS P 272 -92.69 51.08 -6.85
C HIS P 272 -91.25 50.65 -6.59
N GLY P 273 -90.32 51.55 -6.87
CA GLY P 273 -88.90 51.36 -6.61
C GLY P 273 -88.26 52.52 -5.86
N LEU P 274 -87.10 52.26 -5.26
CA LEU P 274 -86.31 53.26 -4.54
C LEU P 274 -84.88 53.38 -5.12
N PRO P 275 -84.23 54.56 -4.99
CA PRO P 275 -82.85 54.72 -5.45
C PRO P 275 -81.84 53.95 -4.59
N ARG P 276 -80.65 53.76 -5.13
CA ARG P 276 -79.57 53.11 -4.41
C ARG P 276 -78.27 53.89 -4.48
N TYR P 277 -77.63 54.05 -3.34
CA TYR P 277 -76.36 54.72 -3.25
C TYR P 277 -75.20 53.71 -3.23
N PHE P 278 -74.06 54.14 -3.76
CA PHE P 278 -72.82 53.35 -3.78
C PHE P 278 -71.60 54.18 -3.43
N ASN P 279 -70.75 53.62 -2.57
CA ASN P 279 -69.41 54.12 -2.36
C ASN P 279 -68.43 52.98 -2.54
N VAL P 280 -67.74 52.97 -3.68
CA VAL P 280 -66.79 51.90 -4.00
C VAL P 280 -65.35 52.34 -3.70
N THR P 281 -64.60 51.45 -3.06
CA THR P 281 -63.18 51.65 -2.80
C THR P 281 -62.38 50.81 -3.79
N LEU P 282 -61.41 51.46 -4.45
CA LEU P 282 -60.60 50.81 -5.47
C LEU P 282 -59.11 51.04 -5.24
N ARG P 283 -58.30 50.05 -5.61
CA ARG P 283 -56.84 50.15 -5.54
C ARG P 283 -56.21 49.86 -6.90
N LYS P 284 -54.99 50.36 -7.10
CA LYS P 284 -54.24 50.10 -8.33
C LYS P 284 -53.61 48.72 -8.29
N ARG P 285 -53.76 47.97 -9.39
CA ARG P 285 -53.25 46.62 -9.49
C ARG P 285 -52.43 46.46 -10.78
N TRP P 286 -51.21 45.94 -10.67
CA TRP P 286 -50.37 45.62 -11.82
C TRP P 286 -50.92 44.40 -12.55
N VAL P 287 -50.94 44.47 -13.89
CA VAL P 287 -51.46 43.40 -14.74
C VAL P 287 -50.61 43.26 -16.01
N LYS P 288 -50.35 42.03 -16.42
CA LYS P 288 -49.48 41.75 -17.57
C LYS P 288 -50.30 41.49 -18.84
N GLU Q 10 -56.74 65.59 11.60
CA GLU Q 10 -56.09 64.25 11.68
C GLU Q 10 -56.22 63.65 13.08
N VAL Q 11 -56.56 62.37 13.11
CA VAL Q 11 -56.79 61.64 14.35
C VAL Q 11 -55.49 61.06 14.87
N LEU Q 12 -55.12 61.43 16.09
CA LEU Q 12 -53.88 60.95 16.69
C LEU Q 12 -54.14 59.80 17.66
N SER Q 13 -53.45 59.80 18.78
CA SER Q 13 -53.53 58.68 19.71
C SER Q 13 -54.62 58.87 20.76
N VAL Q 14 -55.14 57.75 21.23
CA VAL Q 14 -56.06 57.71 22.36
C VAL Q 14 -55.36 58.23 23.62
N VAL Q 15 -56.01 59.17 24.32
CA VAL Q 15 -55.44 59.78 25.53
C VAL Q 15 -55.35 58.77 26.68
N THR Q 16 -54.17 58.68 27.29
CA THR Q 16 -53.99 57.80 28.44
C THR Q 16 -54.13 58.60 29.75
N GLY Q 17 -54.71 57.97 30.77
CA GLY Q 17 -54.82 58.60 32.07
C GLY Q 17 -56.04 58.22 32.89
N GLU Q 18 -56.12 58.80 34.09
CA GLU Q 18 -57.14 58.50 35.09
C GLU Q 18 -58.60 58.71 34.62
N ASP Q 19 -58.92 59.93 34.21
CA ASP Q 19 -60.30 60.27 33.87
C ASP Q 19 -60.52 60.38 32.37
N SER Q 20 -60.09 59.37 31.62
CA SER Q 20 -60.15 59.43 30.17
C SER Q 20 -61.41 58.80 29.56
N ILE Q 21 -62.12 58.01 30.35
CA ILE Q 21 -63.38 57.41 29.93
C ILE Q 21 -64.55 58.03 30.70
N THR Q 22 -65.67 58.21 30.00
CA THR Q 22 -66.89 58.77 30.57
C THR Q 22 -68.12 58.09 29.95
N GLN Q 23 -69.23 58.12 30.69
CA GLN Q 23 -70.49 57.58 30.20
C GLN Q 23 -71.58 58.62 30.20
N ILE Q 24 -72.37 58.62 29.14
CA ILE Q 24 -73.49 59.53 28.98
C ILE Q 24 -74.79 58.73 28.83
N GLU Q 25 -75.75 59.03 29.70
CA GLU Q 25 -77.08 58.42 29.68
C GLU Q 25 -78.13 59.42 29.23
N LEU Q 26 -79.12 58.94 28.50
N LEU Q 26 -79.12 58.93 28.47
CA LEU Q 26 -80.33 59.71 28.21
CA LEU Q 26 -80.21 59.76 27.93
C LEU Q 26 -81.40 58.80 27.68
C LEU Q 26 -81.36 58.86 27.48
N TYR Q 27 -82.59 59.37 27.54
CA TYR Q 27 -83.71 58.69 26.91
C TYR Q 27 -84.36 59.70 26.01
N LEU Q 28 -84.95 59.23 24.92
CA LEU Q 28 -85.71 60.10 24.05
C LEU Q 28 -87.12 59.56 23.93
N ASN Q 29 -88.08 60.38 24.33
CA ASN Q 29 -89.50 60.12 24.14
C ASN Q 29 -89.94 60.31 22.68
N PRO Q 30 -90.85 59.44 22.19
CA PRO Q 30 -91.23 59.45 20.78
C PRO Q 30 -91.97 60.72 20.37
N ARG Q 31 -91.88 61.05 19.09
CA ARG Q 31 -92.51 62.25 18.53
C ARG Q 31 -93.38 61.85 17.35
N MET Q 32 -94.51 61.24 17.65
CA MET Q 32 -95.38 60.68 16.62
C MET Q 32 -96.29 61.72 15.95
N GLY Q 33 -96.41 62.91 16.53
CA GLY Q 33 -97.36 63.92 16.04
C GLY Q 33 -97.99 64.70 17.19
N VAL Q 34 -98.54 63.99 18.17
CA VAL Q 34 -98.88 64.60 19.44
C VAL Q 34 -97.63 64.47 20.31
N ASN Q 35 -96.89 65.58 20.40
CA ASN Q 35 -95.49 65.55 20.85
C ASN Q 35 -95.22 65.93 22.29
N SER Q 36 -96.21 66.55 22.94
CA SER Q 36 -96.07 66.97 24.33
C SER Q 36 -97.13 66.30 25.19
N PRO Q 37 -96.78 65.95 26.45
CA PRO Q 37 -97.78 65.46 27.40
C PRO Q 37 -98.33 66.55 28.32
N ASP Q 38 -97.90 67.80 28.10
CA ASP Q 38 -98.23 68.91 29.00
C ASP Q 38 -99.35 69.81 28.47
N LEU Q 39 -99.94 69.44 27.34
CA LEU Q 39 -101.08 70.20 26.80
C LEU Q 39 -102.40 69.82 27.46
N PRO Q 40 -103.20 70.84 27.87
CA PRO Q 40 -104.41 70.67 28.66
C PRO Q 40 -105.35 69.58 28.16
N THR Q 41 -105.73 69.65 26.89
CA THR Q 41 -106.85 68.88 26.38
C THR Q 41 -106.50 67.88 25.29
N THR Q 42 -105.32 68.04 24.67
CA THR Q 42 -104.92 67.20 23.54
C THR Q 42 -103.92 66.09 23.89
N SER Q 43 -103.19 66.26 25.00
CA SER Q 43 -102.09 65.35 25.39
C SER Q 43 -102.44 63.89 25.65
N ASN Q 44 -103.72 63.55 25.61
N ASN Q 44 -103.73 63.56 25.61
CA ASN Q 44 -104.12 62.16 25.83
CA ASN Q 44 -104.20 62.19 25.80
C ASN Q 44 -103.65 61.22 24.72
C ASN Q 44 -103.64 61.25 24.72
N TRP Q 45 -103.38 61.79 23.54
CA TRP Q 45 -102.83 61.03 22.42
C TRP Q 45 -101.30 61.16 22.26
N TYR Q 46 -100.64 61.63 23.31
CA TYR Q 46 -99.18 61.70 23.35
C TYR Q 46 -98.59 60.30 23.07
N THR Q 47 -97.58 60.26 22.20
CA THR Q 47 -96.93 59.03 21.66
C THR Q 47 -97.73 58.34 20.56
N TYR Q 48 -98.72 59.05 20.02
CA TYR Q 48 -99.54 58.59 18.91
C TYR Q 48 -99.70 59.68 17.86
N THR Q 49 -100.09 59.27 16.66
CA THR Q 49 -100.62 60.17 15.63
C THR Q 49 -102.11 60.39 15.87
N TYR Q 50 -102.71 61.30 15.12
CA TYR Q 50 -104.16 61.35 14.98
C TYR Q 50 -104.54 60.24 13.99
N ASP Q 51 -105.78 60.21 13.53
CA ASP Q 51 -106.20 59.10 12.68
C ASP Q 51 -105.64 59.26 11.26
N LEU Q 52 -105.07 58.19 10.73
CA LEU Q 52 -104.44 58.21 9.39
C LEU Q 52 -105.39 57.71 8.31
N GLN Q 53 -105.69 58.57 7.33
CA GLN Q 53 -106.66 58.24 6.30
C GLN Q 53 -106.24 58.76 4.93
N PRO Q 54 -106.41 57.92 3.89
CA PRO Q 54 -106.35 58.48 2.54
C PRO Q 54 -107.52 59.43 2.35
N LYS Q 55 -107.23 60.63 1.87
CA LYS Q 55 -108.22 61.67 1.71
C LYS Q 55 -109.35 61.26 0.76
N GLY Q 56 -108.99 60.51 -0.28
CA GLY Q 56 -109.96 60.08 -1.29
C GLY Q 56 -110.02 61.03 -2.47
N SER Q 57 -109.46 62.23 -2.29
CA SER Q 57 -109.36 63.22 -3.35
C SER Q 57 -108.06 64.01 -3.23
N SER Q 58 -107.66 64.63 -4.33
CA SER Q 58 -106.40 65.34 -4.44
C SER Q 58 -106.58 66.80 -4.01
N PRO Q 59 -105.54 67.40 -3.38
CA PRO Q 59 -104.26 66.84 -2.97
C PRO Q 59 -104.24 66.41 -1.51
N ASP Q 60 -103.26 65.59 -1.15
CA ASP Q 60 -103.05 65.24 0.25
C ASP Q 60 -102.49 66.47 0.97
N GLN Q 61 -103.10 66.80 2.11
CA GLN Q 61 -102.68 67.90 2.98
C GLN Q 61 -102.63 67.38 4.42
N PRO Q 62 -101.53 66.70 4.79
CA PRO Q 62 -101.46 66.07 6.11
C PRO Q 62 -101.26 67.10 7.22
N ILE Q 63 -101.86 66.83 8.38
CA ILE Q 63 -101.67 67.69 9.55
C ILE Q 63 -100.39 67.29 10.28
N LYS Q 64 -99.85 68.21 11.09
CA LYS Q 64 -98.60 67.90 11.81
C LYS Q 64 -98.74 66.70 12.74
N GLU Q 65 -99.95 66.47 13.25
CA GLU Q 65 -100.23 65.36 14.16
C GLU Q 65 -100.20 63.98 13.51
N ASN Q 66 -100.17 63.96 12.18
CA ASN Q 66 -100.08 62.72 11.43
C ASN Q 66 -98.70 62.46 10.80
N LEU Q 67 -97.70 63.22 11.24
CA LEU Q 67 -96.34 63.13 10.68
C LEU Q 67 -95.32 62.81 11.78
N PRO Q 68 -95.19 61.51 12.12
CA PRO Q 68 -94.13 61.08 13.04
C PRO Q 68 -92.78 61.64 12.62
N ALA Q 69 -92.03 62.15 13.59
CA ALA Q 69 -90.74 62.78 13.33
C ALA Q 69 -89.63 62.19 14.20
N TYR Q 70 -88.39 62.40 13.77
CA TYR Q 70 -87.21 61.93 14.49
C TYR Q 70 -87.06 62.62 15.83
N SER Q 71 -86.63 61.86 16.83
CA SER Q 71 -86.19 62.39 18.11
C SER Q 71 -84.70 62.73 18.02
N VAL Q 72 -84.32 63.86 18.60
CA VAL Q 72 -82.90 64.21 18.70
C VAL Q 72 -82.56 65.04 19.95
N ALA Q 73 -81.38 64.79 20.50
CA ALA Q 73 -80.82 65.62 21.55
C ALA Q 73 -79.31 65.80 21.32
N ARG Q 74 -78.83 67.00 21.63
CA ARG Q 74 -77.41 67.26 21.70
C ARG Q 74 -77.01 67.30 23.17
N VAL Q 75 -76.19 66.33 23.59
CA VAL Q 75 -75.72 66.28 24.98
C VAL Q 75 -74.38 67.02 25.07
N SER Q 76 -74.30 67.94 26.03
CA SER Q 76 -73.06 68.64 26.33
C SER Q 76 -72.12 67.73 27.09
N LEU Q 77 -70.87 67.72 26.66
CA LEU Q 77 -69.87 66.84 27.25
C LEU Q 77 -68.90 67.68 28.08
N PRO Q 78 -68.19 67.04 29.04
CA PRO Q 78 -67.25 67.79 29.85
C PRO Q 78 -66.26 68.58 28.98
N MET Q 79 -66.07 69.86 29.33
CA MET Q 79 -65.10 70.73 28.65
C MET Q 79 -63.72 70.06 28.61
N LEU Q 80 -63.07 70.10 27.45
CA LEU Q 80 -61.78 69.43 27.29
C LEU Q 80 -60.57 70.34 27.12
N ASN Q 81 -60.76 71.46 26.43
CA ASN Q 81 -59.64 72.34 26.07
C ASN Q 81 -59.80 73.74 26.63
N THR Q 88 -53.84 71.76 18.21
CA THR Q 88 -53.83 70.35 18.64
C THR Q 88 -54.54 70.18 19.99
N LEU Q 89 -55.61 69.38 19.99
CA LEU Q 89 -56.52 69.33 21.15
C LEU Q 89 -57.12 67.94 21.38
N GLN Q 90 -57.88 67.80 22.48
CA GLN Q 90 -58.60 66.56 22.78
C GLN Q 90 -60.08 66.64 22.40
N MET Q 91 -60.59 65.53 21.86
CA MET Q 91 -62.01 65.40 21.55
C MET Q 91 -62.55 64.11 22.16
N TRP Q 92 -63.83 64.15 22.53
CA TRP Q 92 -64.52 62.96 23.02
C TRP Q 92 -64.84 62.07 21.84
N GLU Q 93 -64.61 60.78 22.00
CA GLU Q 93 -64.80 59.82 20.94
C GLU Q 93 -65.77 58.73 21.40
N ALA Q 94 -66.94 58.67 20.78
CA ALA Q 94 -67.94 57.68 21.14
C ALA Q 94 -67.50 56.31 20.61
N ILE Q 95 -67.39 55.33 21.50
CA ILE Q 95 -66.82 54.04 21.11
C ILE Q 95 -67.81 52.88 21.16
N SER Q 96 -68.81 52.99 22.03
CA SER Q 96 -69.86 51.99 22.12
C SER Q 96 -71.11 52.61 22.70
N VAL Q 97 -72.24 51.94 22.47
CA VAL Q 97 -73.52 52.35 23.00
C VAL Q 97 -74.37 51.11 23.35
N LYS Q 98 -75.00 51.16 24.52
CA LYS Q 98 -76.09 50.24 24.86
C LYS Q 98 -77.39 51.00 24.66
N THR Q 99 -78.23 50.50 23.77
CA THR Q 99 -79.50 51.15 23.51
C THR Q 99 -80.65 50.16 23.59
N GLU Q 100 -81.80 50.65 24.05
CA GLU Q 100 -82.96 49.80 24.26
C GLU Q 100 -84.24 50.57 24.00
N VAL Q 101 -85.20 49.89 23.39
CA VAL Q 101 -86.55 50.43 23.26
C VAL Q 101 -87.32 50.13 24.55
N VAL Q 102 -87.75 51.20 25.20
CA VAL Q 102 -88.38 51.13 26.52
C VAL Q 102 -89.90 51.00 26.36
N GLY Q 103 -90.52 50.26 27.29
CA GLY Q 103 -91.96 50.07 27.32
C GLY Q 103 -92.50 49.00 26.37
N ILE Q 104 -91.64 48.07 25.92
CA ILE Q 104 -92.08 47.03 24.98
C ILE Q 104 -93.23 46.17 25.54
N SER Q 105 -93.12 45.83 26.83
CA SER Q 105 -94.14 45.06 27.53
C SER Q 105 -95.56 45.71 27.50
N SER Q 106 -95.63 47.02 27.30
CA SER Q 106 -96.90 47.74 27.25
C SER Q 106 -97.80 47.26 26.12
N LEU Q 107 -97.19 46.66 25.10
CA LEU Q 107 -97.90 46.25 23.89
C LEU Q 107 -98.64 44.92 24.00
N ILE Q 108 -98.58 44.25 25.16
CA ILE Q 108 -99.42 43.06 25.38
C ILE Q 108 -100.88 43.43 25.65
N ASN Q 109 -101.15 44.71 25.89
CA ASN Q 109 -102.50 45.22 26.14
C ASN Q 109 -103.39 45.07 24.90
N VAL Q 110 -104.35 44.15 25.00
CA VAL Q 110 -105.33 43.92 23.94
C VAL Q 110 -106.74 44.26 24.44
N HIS Q 111 -106.83 45.17 25.41
CA HIS Q 111 -108.11 45.55 25.98
C HIS Q 111 -108.20 47.07 26.16
N TYR Q 112 -107.59 47.81 25.23
CA TYR Q 112 -107.83 49.25 25.17
C TYR Q 112 -109.34 49.47 24.93
N TRP Q 113 -109.92 50.42 25.65
CA TRP Q 113 -111.39 50.51 25.71
C TRP Q 113 -112.04 50.69 24.33
N ASP Q 114 -111.34 51.37 23.43
CA ASP Q 114 -111.85 51.60 22.10
C ASP Q 114 -111.08 50.83 21.02
N MET Q 115 -110.54 49.67 21.39
CA MET Q 115 -109.81 48.82 20.46
C MET Q 115 -110.77 48.03 19.58
N LYS Q 116 -110.48 47.99 18.28
CA LYS Q 116 -111.21 47.12 17.38
C LYS Q 116 -110.88 45.66 17.69
N ARG Q 117 -111.92 44.81 17.71
CA ARG Q 117 -111.76 43.40 18.02
C ARG Q 117 -111.24 42.63 16.82
N VAL Q 118 -110.54 41.53 17.07
CA VAL Q 118 -110.09 40.63 16.00
C VAL Q 118 -111.29 39.95 15.33
N HIS Q 119 -112.32 39.66 16.12
CA HIS Q 119 -113.59 39.09 15.69
C HIS Q 119 -114.60 39.31 16.82
N ASP Q 120 -115.87 39.00 16.55
CA ASP Q 120 -116.94 39.08 17.57
C ASP Q 120 -116.52 38.40 18.86
N TYR Q 121 -116.64 39.13 19.97
CA TYR Q 121 -116.34 38.65 21.33
C TYR Q 121 -114.86 38.48 21.68
N GLY Q 122 -113.99 38.74 20.71
CA GLY Q 122 -112.55 38.58 20.91
C GLY Q 122 -111.84 39.78 21.52
N ALA Q 123 -110.54 39.62 21.75
CA ALA Q 123 -109.70 40.71 22.28
C ALA Q 123 -109.43 41.74 21.19
N GLY Q 124 -108.90 42.90 21.59
CA GLY Q 124 -108.50 43.92 20.62
C GLY Q 124 -107.41 43.42 19.67
N ILE Q 125 -107.36 43.98 18.46
CA ILE Q 125 -106.22 43.78 17.57
C ILE Q 125 -105.01 44.44 18.22
N PRO Q 126 -103.96 43.65 18.52
CA PRO Q 126 -102.76 44.16 19.18
C PRO Q 126 -102.07 45.23 18.32
N VAL Q 127 -101.35 46.15 18.95
CA VAL Q 127 -100.53 47.12 18.23
C VAL Q 127 -99.62 46.37 17.27
N SER Q 128 -99.79 46.62 15.97
CA SER Q 128 -99.10 45.85 14.93
C SER Q 128 -99.08 46.62 13.61
N GLY Q 129 -98.46 46.01 12.59
CA GLY Q 129 -98.32 46.62 11.27
C GLY Q 129 -97.00 47.33 11.07
N VAL Q 130 -97.08 48.59 10.62
CA VAL Q 130 -95.92 49.34 10.18
C VAL Q 130 -94.98 49.60 11.33
N ASN Q 131 -93.75 49.09 11.22
CA ASN Q 131 -92.66 49.46 12.14
C ASN Q 131 -91.58 50.27 11.42
N TYR Q 132 -90.94 51.18 12.15
CA TYR Q 132 -89.75 51.84 11.66
C TYR Q 132 -88.87 52.15 12.85
N HIS Q 133 -87.65 51.61 12.83
CA HIS Q 133 -86.74 51.71 13.96
C HIS Q 133 -85.38 52.12 13.47
N MET Q 134 -84.86 53.19 14.06
CA MET Q 134 -83.50 53.62 13.77
C MET Q 134 -82.91 54.35 14.97
N PHE Q 135 -81.59 54.26 15.12
CA PHE Q 135 -80.88 55.18 15.99
C PHE Q 135 -79.57 55.60 15.33
N ALA Q 136 -79.02 56.72 15.80
CA ALA Q 136 -77.76 57.23 15.31
C ALA Q 136 -77.00 57.87 16.47
N ILE Q 137 -75.69 57.66 16.50
CA ILE Q 137 -74.79 58.35 17.42
C ILE Q 137 -73.74 59.12 16.60
N GLY Q 138 -73.56 60.41 16.87
CA GLY Q 138 -72.65 61.22 16.08
C GLY Q 138 -71.97 62.35 16.83
N GLY Q 139 -70.90 62.87 16.22
CA GLY Q 139 -70.19 64.01 16.77
C GLY Q 139 -70.68 65.33 16.19
N GLU Q 140 -71.80 65.24 15.47
CA GLU Q 140 -72.47 66.37 14.82
C GLU Q 140 -73.87 65.90 14.36
N PRO Q 141 -74.71 66.85 13.91
CA PRO Q 141 -76.05 66.46 13.48
C PRO Q 141 -76.03 65.40 12.37
N LEU Q 142 -76.97 64.47 12.43
CA LEU Q 142 -77.17 63.50 11.38
C LEU Q 142 -77.52 64.21 10.09
N ASP Q 143 -76.89 63.79 9.00
CA ASP Q 143 -77.19 64.33 7.67
C ASP Q 143 -78.40 63.61 7.08
N LEU Q 144 -79.40 64.40 6.66
CA LEU Q 144 -80.62 63.85 6.08
C LEU Q 144 -80.74 64.05 4.57
N GLN Q 145 -81.28 63.04 3.91
CA GLN Q 145 -81.71 63.11 2.51
C GLN Q 145 -83.24 63.09 2.43
N GLY Q 146 -83.81 63.93 1.58
CA GLY Q 146 -85.25 63.96 1.37
C GLY Q 146 -85.71 63.10 0.20
N LEU Q 147 -86.78 62.34 0.43
CA LEU Q 147 -87.45 61.54 -0.60
C LEU Q 147 -88.86 61.18 -0.11
N VAL Q 148 -89.87 61.47 -0.93
CA VAL Q 148 -91.27 61.26 -0.55
C VAL Q 148 -92.01 60.28 -1.48
N LEU Q 149 -93.02 59.61 -0.95
CA LEU Q 149 -93.92 58.74 -1.74
C LEU Q 149 -94.59 59.49 -2.89
N ASP Q 150 -95.00 60.73 -2.62
CA ASP Q 150 -95.76 61.53 -3.56
C ASP Q 150 -95.32 63.00 -3.46
N TYR Q 151 -94.71 63.51 -4.54
CA TYR Q 151 -94.18 64.87 -4.55
C TYR Q 151 -95.30 65.93 -4.46
N GLN Q 152 -96.54 65.50 -4.71
CA GLN Q 152 -97.69 66.41 -4.71
C GLN Q 152 -98.30 66.62 -3.31
N THR Q 153 -97.81 65.87 -2.34
CA THR Q 153 -98.20 66.04 -0.95
C THR Q 153 -97.94 67.48 -0.51
N GLN Q 154 -98.95 68.11 0.09
CA GLN Q 154 -98.82 69.49 0.56
C GLN Q 154 -98.67 69.49 2.09
N TYR Q 155 -97.42 69.40 2.52
CA TYR Q 155 -97.05 69.40 3.92
C TYR Q 155 -97.36 70.76 4.57
N PRO Q 156 -97.68 70.77 5.88
CA PRO Q 156 -97.96 72.08 6.49
C PRO Q 156 -96.70 72.93 6.51
N LYS Q 157 -96.87 74.25 6.41
CA LYS Q 157 -95.75 75.19 6.46
C LYS Q 157 -95.16 75.25 7.88
N THR Q 158 -93.92 75.75 8.01
CA THR Q 158 -93.29 75.89 9.32
C THR Q 158 -93.77 77.12 10.09
N THR Q 159 -94.77 76.92 10.96
CA THR Q 159 -95.33 77.97 11.84
C THR Q 159 -96.39 77.41 12.78
N GLY Q 162 -94.68 72.95 13.51
CA GLY Q 162 -94.51 73.21 12.08
C GLY Q 162 -93.31 72.48 11.51
N PRO Q 163 -93.54 71.44 10.67
CA PRO Q 163 -92.47 70.54 10.24
C PRO Q 163 -91.60 71.07 9.10
N ILE Q 164 -90.33 70.67 9.12
CA ILE Q 164 -89.38 71.02 8.06
C ILE Q 164 -89.39 69.92 7.01
N THR Q 165 -89.76 70.28 5.79
CA THR Q 165 -89.87 69.33 4.69
C THR Q 165 -89.08 69.81 3.48
N ILE Q 166 -89.15 69.06 2.38
CA ILE Q 166 -88.36 69.39 1.21
C ILE Q 166 -88.63 70.82 0.73
N GLU Q 167 -89.90 71.18 0.58
CA GLU Q 167 -90.27 72.55 0.19
C GLU Q 167 -89.62 73.61 1.09
N THR Q 168 -89.56 73.33 2.39
CA THR Q 168 -88.94 74.24 3.36
C THR Q 168 -87.48 74.55 2.97
N VAL Q 169 -86.70 73.52 2.70
N VAL Q 169 -86.70 73.51 2.71
CA VAL Q 169 -85.27 73.68 2.39
CA VAL Q 169 -85.29 73.64 2.38
C VAL Q 169 -85.00 74.12 0.96
C VAL Q 169 -85.08 74.20 0.97
N LEU Q 170 -85.85 73.70 0.02
CA LEU Q 170 -85.70 74.10 -1.38
C LEU Q 170 -86.14 75.55 -1.63
N GLY Q 171 -87.06 76.06 -0.80
CA GLY Q 171 -87.61 77.41 -1.00
C GLY Q 171 -88.53 77.51 -2.20
N ARG Q 172 -89.16 76.38 -2.55
CA ARG Q 172 -90.00 76.23 -3.73
C ARG Q 172 -90.65 74.86 -3.71
N LYS Q 173 -91.77 74.69 -4.41
CA LYS Q 173 -92.51 73.42 -4.40
C LYS Q 173 -91.64 72.25 -4.86
N MET Q 174 -91.96 71.05 -4.37
CA MET Q 174 -91.32 69.83 -4.87
C MET Q 174 -91.70 69.60 -6.34
N THR Q 175 -90.87 68.83 -7.05
CA THR Q 175 -91.16 68.40 -8.41
C THR Q 175 -91.07 66.86 -8.43
N PRO Q 176 -91.44 66.21 -9.55
CA PRO Q 176 -91.42 64.73 -9.59
C PRO Q 176 -90.09 64.09 -9.17
N LYS Q 177 -88.97 64.79 -9.37
CA LYS Q 177 -87.66 64.27 -8.98
C LYS Q 177 -87.57 63.94 -7.50
N ASN Q 178 -88.38 64.60 -6.68
CA ASN Q 178 -88.38 64.34 -5.25
C ASN Q 178 -89.04 63.02 -4.84
N GLN Q 179 -89.56 62.26 -5.81
CA GLN Q 179 -89.96 60.86 -5.55
C GLN Q 179 -88.75 59.91 -5.65
N GLY Q 180 -87.67 60.42 -6.25
CA GLY Q 180 -86.36 59.74 -6.21
C GLY Q 180 -85.35 60.55 -5.42
N LEU Q 181 -84.06 60.30 -5.68
CA LEU Q 181 -83.00 61.00 -4.97
C LEU Q 181 -82.62 62.27 -5.72
N ASP Q 182 -82.93 63.41 -5.11
CA ASP Q 182 -82.54 64.74 -5.56
C ASP Q 182 -81.42 65.23 -4.64
N PRO Q 183 -80.21 65.47 -5.19
CA PRO Q 183 -79.07 65.93 -4.38
C PRO Q 183 -79.31 67.23 -3.64
N GLN Q 184 -80.27 68.03 -4.10
CA GLN Q 184 -80.55 69.30 -3.45
C GLN Q 184 -81.45 69.14 -2.22
N ALA Q 185 -82.18 68.03 -2.13
CA ALA Q 185 -83.10 67.79 -1.04
C ALA Q 185 -82.36 67.23 0.19
N LYS Q 186 -81.59 68.09 0.83
CA LYS Q 186 -80.76 67.70 1.97
C LYS Q 186 -81.01 68.60 3.18
N ALA Q 187 -80.76 68.06 4.37
CA ALA Q 187 -80.90 68.81 5.61
C ALA Q 187 -80.11 68.15 6.72
N LYS Q 188 -80.06 68.84 7.87
CA LYS Q 188 -79.43 68.28 9.08
C LYS Q 188 -80.46 68.09 10.18
N LEU Q 189 -80.36 66.98 10.90
CA LEU Q 189 -81.29 66.66 11.98
C LEU Q 189 -80.86 67.42 13.22
N ASP Q 190 -81.39 68.62 13.37
CA ASP Q 190 -80.95 69.55 14.40
C ASP Q 190 -82.09 70.04 15.29
N LYS Q 191 -83.29 69.49 15.07
CA LYS Q 191 -84.45 69.86 15.90
C LYS Q 191 -85.32 68.64 16.19
N ASP Q 192 -85.54 68.42 17.48
CA ASP Q 192 -86.38 67.33 17.97
C ASP Q 192 -87.82 67.48 17.45
N GLY Q 193 -88.38 66.38 16.96
CA GLY Q 193 -89.79 66.32 16.54
C GLY Q 193 -90.21 67.25 15.41
N ASN Q 194 -89.25 67.65 14.59
CA ASN Q 194 -89.49 68.62 13.54
C ASN Q 194 -89.28 68.10 12.12
N TYR Q 195 -88.57 66.99 11.97
CA TYR Q 195 -88.27 66.42 10.66
C TYR Q 195 -89.07 65.14 10.47
N PRO Q 196 -90.13 65.20 9.66
CA PRO Q 196 -90.99 64.03 9.40
C PRO Q 196 -90.19 62.86 8.85
N ILE Q 197 -90.48 61.68 9.38
CA ILE Q 197 -89.85 60.44 8.97
C ILE Q 197 -90.18 60.09 7.51
N GLU Q 198 -91.42 60.34 7.09
CA GLU Q 198 -91.85 59.94 5.75
C GLU Q 198 -91.26 60.86 4.69
N VAL Q 199 -90.58 61.90 5.14
CA VAL Q 199 -89.94 62.87 4.26
C VAL Q 199 -88.41 62.70 4.26
N TRP Q 200 -87.84 62.38 5.42
CA TRP Q 200 -86.37 62.37 5.58
C TRP Q 200 -85.81 61.00 5.97
N CYS Q 201 -84.66 60.66 5.40
CA CYS Q 201 -83.92 59.45 5.77
C CYS Q 201 -82.45 59.81 5.94
N PRO Q 202 -81.67 58.97 6.63
CA PRO Q 202 -80.22 59.25 6.72
C PRO Q 202 -79.57 59.38 5.34
N ASP Q 203 -78.70 60.36 5.16
CA ASP Q 203 -77.99 60.58 3.91
C ASP Q 203 -76.72 59.71 3.88
N PRO Q 204 -76.70 58.66 3.03
CA PRO Q 204 -75.52 57.79 3.06
C PRO Q 204 -74.30 58.39 2.36
N SER Q 205 -74.51 59.49 1.64
CA SER Q 205 -73.41 60.15 0.94
C SER Q 205 -72.59 61.03 1.89
N LYS Q 206 -73.07 61.20 3.11
CA LYS Q 206 -72.35 61.98 4.10
C LYS Q 206 -72.25 61.15 5.38
N ASN Q 207 -72.51 61.76 6.54
CA ASN Q 207 -72.53 61.04 7.82
C ASN Q 207 -71.24 60.27 8.16
N GLU Q 208 -70.10 60.83 7.75
CA GLU Q 208 -68.79 60.24 8.05
C GLU Q 208 -68.53 60.17 9.56
N ASN Q 209 -69.12 61.12 10.30
CA ASN Q 209 -68.87 61.30 11.73
C ASN Q 209 -70.09 60.90 12.59
N SER Q 210 -70.94 60.06 12.02
CA SER Q 210 -72.07 59.44 12.73
C SER Q 210 -72.12 57.96 12.39
N ARG Q 211 -72.74 57.17 13.26
CA ARG Q 211 -73.10 55.79 12.95
C ARG Q 211 -74.61 55.71 13.05
N TYR Q 212 -75.27 55.12 12.06
CA TYR Q 212 -76.71 54.97 12.11
C TYR Q 212 -77.14 53.57 11.67
N TYR Q 213 -78.23 53.08 12.29
CA TYR Q 213 -78.71 51.72 12.10
C TYR Q 213 -80.23 51.80 12.06
N GLY Q 214 -80.85 51.24 11.01
CA GLY Q 214 -82.30 51.33 10.89
C GLY Q 214 -82.96 50.20 10.13
N SER Q 215 -84.28 50.09 10.31
CA SER Q 215 -85.08 49.13 9.56
C SER Q 215 -86.52 49.61 9.40
N ILE Q 216 -87.17 49.12 8.35
CA ILE Q 216 -88.60 49.30 8.16
C ILE Q 216 -89.25 47.92 8.07
N GLN Q 217 -90.54 47.89 8.39
CA GLN Q 217 -91.40 46.74 8.19
C GLN Q 217 -92.78 47.29 7.78
N THR Q 218 -93.30 46.86 6.63
CA THR Q 218 -94.62 47.31 6.19
C THR Q 218 -95.67 46.18 6.36
N GLY Q 219 -96.80 46.28 5.66
CA GLY Q 219 -97.99 45.46 5.96
C GLY Q 219 -98.87 46.13 7.02
N SER Q 220 -100.12 45.68 7.12
CA SER Q 220 -101.10 46.36 7.99
C SER Q 220 -101.17 45.82 9.42
N GLN Q 221 -101.10 44.49 9.56
CA GLN Q 221 -101.25 43.81 10.84
C GLN Q 221 -100.05 42.87 11.11
N THR Q 222 -98.95 43.17 10.41
CA THR Q 222 -97.71 42.42 10.53
C THR Q 222 -97.26 42.44 11.98
N PRO Q 223 -96.93 41.27 12.55
CA PRO Q 223 -96.49 41.25 13.95
C PRO Q 223 -95.37 42.26 14.24
N THR Q 224 -95.53 42.98 15.36
CA THR Q 224 -94.44 43.77 15.93
C THR Q 224 -93.61 42.79 16.76
N VAL Q 225 -92.33 42.67 16.40
CA VAL Q 225 -91.41 41.67 16.96
C VAL Q 225 -90.17 42.44 17.45
N LEU Q 226 -90.01 42.55 18.76
CA LEU Q 226 -88.91 43.33 19.32
C LEU Q 226 -88.21 42.56 20.43
N GLN Q 227 -86.92 42.86 20.61
CA GLN Q 227 -86.11 42.27 21.68
C GLN Q 227 -85.63 43.37 22.61
N PHE Q 228 -85.30 42.96 23.83
CA PHE Q 228 -84.73 43.84 24.83
C PHE Q 228 -83.84 43.02 25.74
N SER Q 229 -82.63 43.52 25.95
CA SER Q 229 -81.63 42.88 26.82
C SER Q 229 -80.57 43.90 27.19
N ASN Q 230 -80.16 43.93 28.46
CA ASN Q 230 -79.11 44.86 28.88
C ASN Q 230 -77.69 44.31 28.68
N THR Q 231 -77.57 43.24 27.90
CA THR Q 231 -76.27 42.63 27.57
C THR Q 231 -75.83 42.92 26.13
N LEU Q 232 -76.57 43.79 25.44
CA LEU Q 232 -76.31 44.11 24.05
C LEU Q 232 -75.60 45.45 23.87
N THR Q 233 -74.41 45.40 23.30
CA THR Q 233 -73.59 46.57 23.03
C THR Q 233 -73.37 46.70 21.52
N THR Q 234 -73.49 47.91 20.99
CA THR Q 234 -73.05 48.21 19.63
C THR Q 234 -71.71 48.91 19.71
N VAL Q 235 -70.71 48.39 19.02
CA VAL Q 235 -69.42 49.07 18.89
C VAL Q 235 -69.53 50.14 17.79
N LEU Q 236 -69.05 51.34 18.09
CA LEU Q 236 -69.22 52.48 17.19
C LEU Q 236 -67.98 52.82 16.36
N LEU Q 237 -66.88 52.09 16.59
CA LEU Q 237 -65.65 52.32 15.84
C LEU Q 237 -65.84 51.96 14.38
N ASP Q 238 -65.19 52.69 13.49
CA ASP Q 238 -65.18 52.35 12.06
C ASP Q 238 -64.11 51.31 11.77
N GLU Q 239 -63.91 51.01 10.48
CA GLU Q 239 -62.90 50.03 10.06
C GLU Q 239 -61.47 50.45 10.43
N ASN Q 240 -61.26 51.74 10.69
CA ASN Q 240 -59.96 52.24 11.12
C ASN Q 240 -59.83 52.38 12.64
N GLY Q 241 -60.78 51.81 13.39
CA GLY Q 241 -60.76 51.86 14.84
C GLY Q 241 -61.11 53.21 15.45
N VAL Q 242 -61.86 54.03 14.71
CA VAL Q 242 -62.24 55.36 15.17
C VAL Q 242 -63.77 55.52 15.32
N GLY Q 243 -64.19 55.95 16.50
CA GLY Q 243 -65.60 56.30 16.74
C GLY Q 243 -65.89 57.74 16.35
N PRO Q 244 -67.18 58.12 16.35
CA PRO Q 244 -67.54 59.53 16.11
C PRO Q 244 -66.79 60.47 17.05
N LEU Q 245 -66.33 61.58 16.51
CA LEU Q 245 -65.59 62.59 17.27
C LEU Q 245 -66.46 63.81 17.51
N CYS Q 246 -66.64 64.14 18.78
CA CYS Q 246 -67.65 65.12 19.16
C CYS Q 246 -67.15 66.57 19.02
N LYS Q 247 -67.52 67.17 17.88
CA LYS Q 247 -67.17 68.56 17.58
C LYS Q 247 -67.85 69.53 18.54
N GLY Q 248 -67.08 70.46 19.09
CA GLY Q 248 -67.58 71.40 20.11
C GLY Q 248 -68.03 70.74 21.40
N ASP Q 249 -67.56 69.51 21.64
CA ASP Q 249 -67.94 68.72 22.84
C ASP Q 249 -69.46 68.40 22.88
N GLY Q 250 -70.07 68.25 21.71
CA GLY Q 250 -71.48 67.94 21.60
C GLY Q 250 -71.68 66.54 21.02
N LEU Q 251 -72.43 65.72 21.74
CA LEU Q 251 -72.80 64.40 21.27
C LEU Q 251 -74.22 64.46 20.72
N PHE Q 252 -74.41 63.98 19.49
CA PHE Q 252 -75.74 64.01 18.91
C PHE Q 252 -76.36 62.62 18.94
N ILE Q 253 -77.57 62.53 19.47
CA ILE Q 253 -78.27 61.25 19.57
C ILE Q 253 -79.63 61.37 18.92
N SER Q 254 -79.90 60.49 17.95
CA SER Q 254 -81.12 60.52 17.14
C SER Q 254 -81.77 59.15 17.10
N CYS Q 255 -83.09 59.12 16.99
CA CYS Q 255 -83.83 57.86 16.84
C CYS Q 255 -85.27 58.04 16.34
N ALA Q 256 -85.89 56.92 16.03
CA ALA Q 256 -87.31 56.85 15.70
C ALA Q 256 -87.71 55.41 15.96
N ASP Q 257 -88.87 55.21 16.59
CA ASP Q 257 -89.34 53.86 16.89
C ASP Q 257 -90.87 53.75 16.78
N ILE Q 258 -91.36 53.55 15.56
CA ILE Q 258 -92.77 53.28 15.32
C ILE Q 258 -92.99 51.77 15.48
N VAL Q 259 -93.94 51.39 16.32
CA VAL Q 259 -94.15 49.99 16.72
C VAL Q 259 -95.49 49.44 16.22
N GLY Q 260 -96.25 50.27 15.51
CA GLY Q 260 -97.46 49.80 14.84
C GLY Q 260 -98.66 50.68 15.02
N PHE Q 261 -99.81 50.15 14.57
CA PHE Q 261 -101.08 50.87 14.64
C PHE Q 261 -101.88 50.51 15.88
N LEU Q 262 -102.48 51.53 16.48
CA LEU Q 262 -103.57 51.32 17.42
C LEU Q 262 -104.85 51.21 16.60
N PHE Q 263 -105.48 50.02 16.62
CA PHE Q 263 -106.73 49.78 15.89
C PHE Q 263 -107.97 50.18 16.71
N LYS Q 264 -108.69 51.19 16.26
CA LYS Q 264 -109.91 51.67 16.95
C LYS Q 264 -111.21 51.08 16.42
N THR Q 265 -112.16 50.84 17.32
CA THR Q 265 -113.52 50.29 17.01
C THR Q 265 -114.12 50.69 15.66
N SER Q 266 -114.10 51.99 15.36
CA SER Q 266 -114.71 52.54 14.15
C SER Q 266 -114.03 52.11 12.85
N GLY Q 267 -112.79 51.62 12.97
CA GLY Q 267 -112.01 51.28 11.79
C GLY Q 267 -110.83 52.22 11.61
N LYS Q 268 -110.89 53.36 12.28
CA LYS Q 268 -109.79 54.32 12.28
C LYS Q 268 -108.49 53.78 12.91
N MET Q 269 -107.36 54.33 12.47
CA MET Q 269 -106.03 53.81 12.80
C MET Q 269 -105.05 54.95 13.06
N ALA Q 270 -104.32 54.85 14.17
CA ALA Q 270 -103.27 55.81 14.51
C ALA Q 270 -101.96 55.07 14.71
N LEU Q 271 -100.85 55.68 14.28
CA LEU Q 271 -99.52 55.09 14.56
C LEU Q 271 -99.05 55.38 15.99
N HIS Q 272 -98.25 54.46 16.53
CA HIS Q 272 -97.81 54.53 17.92
C HIS Q 272 -96.29 54.36 17.97
N GLY Q 273 -95.67 55.06 18.90
CA GLY Q 273 -94.22 55.01 19.07
C GLY Q 273 -93.83 54.72 20.51
N LEU Q 274 -92.58 54.31 20.72
CA LEU Q 274 -92.03 54.04 22.05
C LEU Q 274 -90.74 54.84 22.30
N PRO Q 275 -90.42 55.12 23.58
CA PRO Q 275 -89.18 55.85 23.84
C PRO Q 275 -87.95 54.96 23.72
N ARG Q 276 -86.78 55.58 23.68
CA ARG Q 276 -85.53 54.83 23.55
C ARG Q 276 -84.50 55.32 24.55
N TYR Q 277 -83.84 54.37 25.20
CA TYR Q 277 -82.75 54.66 26.12
C TYR Q 277 -81.38 54.47 25.45
N PHE Q 278 -80.42 55.32 25.85
CA PHE Q 278 -79.04 55.24 25.38
C PHE Q 278 -78.07 55.30 26.56
N ASN Q 279 -77.05 54.44 26.56
CA ASN Q 279 -75.87 54.62 27.42
C ASN Q 279 -74.63 54.54 26.52
N VAL Q 280 -74.03 55.70 26.26
CA VAL Q 280 -72.87 55.80 25.37
C VAL Q 280 -71.57 55.90 26.17
N THR Q 281 -70.59 55.07 25.81
CA THR Q 281 -69.24 55.17 26.37
C THR Q 281 -68.36 56.02 25.46
N LEU Q 282 -67.68 57.00 26.04
CA LEU Q 282 -66.76 57.84 25.29
C LEU Q 282 -65.36 57.82 25.90
N ARG Q 283 -64.36 58.08 25.07
CA ARG Q 283 -62.98 58.23 25.55
C ARG Q 283 -62.37 59.49 24.95
N LYS Q 284 -61.29 59.97 25.56
CA LYS Q 284 -60.59 61.14 25.04
C LYS Q 284 -59.63 60.73 23.93
N ARG Q 285 -59.62 61.50 22.84
CA ARG Q 285 -58.76 61.25 21.69
C ARG Q 285 -58.02 62.54 21.31
N TRP Q 286 -56.70 62.44 21.12
CA TRP Q 286 -55.89 63.55 20.60
C TRP Q 286 -56.19 63.76 19.12
N VAL Q 287 -56.37 65.02 18.73
CA VAL Q 287 -56.57 65.40 17.32
C VAL Q 287 -55.75 66.66 16.97
N LYS Q 288 -55.61 66.94 15.67
CA LYS Q 288 -54.93 68.16 15.22
C LYS Q 288 -55.76 68.97 14.23
N VAL R 9 -69.06 48.45 45.97
CA VAL R 9 -68.20 47.23 46.12
C VAL R 9 -67.15 47.12 45.02
N GLU R 10 -65.88 47.06 45.43
CA GLU R 10 -64.77 46.78 44.52
C GLU R 10 -64.57 45.25 44.39
N VAL R 11 -64.66 44.75 43.15
CA VAL R 11 -64.59 43.32 42.87
C VAL R 11 -63.13 42.86 42.84
N LEU R 12 -62.84 41.84 43.65
CA LEU R 12 -61.48 41.30 43.73
C LEU R 12 -61.38 39.96 42.99
N SER R 13 -60.51 39.07 43.46
CA SER R 13 -60.31 37.79 42.80
C SER R 13 -61.40 36.77 43.13
N VAL R 14 -61.58 35.81 42.23
CA VAL R 14 -62.42 34.64 42.43
C VAL R 14 -61.84 33.77 43.55
N VAL R 15 -62.71 33.21 44.39
CA VAL R 15 -62.28 32.40 45.53
C VAL R 15 -61.87 31.01 45.07
N THR R 16 -60.63 30.64 45.34
CA THR R 16 -60.14 29.32 44.99
C THR R 16 -60.36 28.33 46.12
N GLY R 17 -60.58 27.06 45.78
CA GLY R 17 -60.68 26.00 46.77
C GLY R 17 -61.88 25.10 46.58
N GLU R 18 -62.10 24.19 47.52
CA GLU R 18 -63.26 23.31 47.48
C GLU R 18 -64.52 24.07 47.90
N ASP R 19 -65.65 23.69 47.31
CA ASP R 19 -66.97 24.26 47.61
C ASP R 19 -67.09 25.74 47.23
N SER R 20 -66.24 26.22 46.33
CA SER R 20 -66.32 27.60 45.88
C SER R 20 -67.31 27.78 44.72
N ILE R 21 -67.92 26.67 44.31
CA ILE R 21 -68.91 26.65 43.24
C ILE R 21 -70.17 25.91 43.68
N THR R 22 -71.33 26.48 43.41
CA THR R 22 -72.59 25.84 43.72
C THR R 22 -73.62 25.97 42.56
N GLN R 23 -74.63 25.10 42.59
CA GLN R 23 -75.72 25.14 41.61
C GLN R 23 -77.07 25.30 42.28
N ILE R 24 -77.90 26.16 41.69
CA ILE R 24 -79.23 26.47 42.18
C ILE R 24 -80.29 26.10 41.12
N GLU R 25 -81.18 25.20 41.50
CA GLU R 25 -82.30 24.75 40.67
C GLU R 25 -83.63 25.33 41.14
N LEU R 26 -84.45 25.81 40.21
CA LEU R 26 -85.84 26.18 40.51
C LEU R 26 -86.70 26.28 39.26
N TYR R 27 -88.01 26.20 39.46
CA TYR R 27 -88.98 26.47 38.40
C TYR R 27 -89.95 27.53 38.91
N LEU R 28 -90.47 28.34 38.00
CA LEU R 28 -91.43 29.37 38.38
C LEU R 28 -92.71 29.20 37.56
N ASN R 29 -93.81 28.87 38.24
CA ASN R 29 -95.10 28.70 37.56
C ASN R 29 -95.63 30.05 37.11
N PRO R 30 -96.35 30.11 35.98
CA PRO R 30 -96.77 31.39 35.43
C PRO R 30 -97.89 32.07 36.22
N ARG R 31 -97.88 33.40 36.21
CA ARG R 31 -98.86 34.21 36.94
C ARG R 31 -99.67 35.06 35.96
N MET R 32 -100.60 34.40 35.28
CA MET R 32 -101.35 34.97 34.16
C MET R 32 -102.53 35.85 34.57
N GLY R 33 -103.00 35.66 35.80
CA GLY R 33 -104.19 36.35 36.32
C GLY R 33 -104.95 35.46 37.27
N VAL R 34 -105.19 34.21 36.87
CA VAL R 34 -105.57 33.16 37.80
C VAL R 34 -104.26 32.51 38.23
N ASN R 35 -103.77 32.93 39.39
CA ASN R 35 -102.39 32.67 39.82
C ASN R 35 -102.19 31.48 40.74
N SER R 36 -103.28 31.00 41.34
CA SER R 36 -103.19 29.86 42.25
C SER R 36 -103.97 28.67 41.72
N PRO R 37 -103.40 27.46 41.89
CA PRO R 37 -104.10 26.22 41.61
C PRO R 37 -104.84 25.65 42.83
N ASP R 38 -104.81 26.34 43.96
CA ASP R 38 -105.34 25.78 45.22
C ASP R 38 -106.61 26.48 45.71
N LEU R 39 -107.44 26.96 44.79
CA LEU R 39 -108.70 27.60 45.15
C LEU R 39 -109.82 26.97 44.33
N PRO R 40 -110.48 25.92 44.86
CA PRO R 40 -111.47 25.10 44.14
C PRO R 40 -112.42 25.88 43.22
N THR R 41 -112.91 27.03 43.68
CA THR R 41 -113.93 27.79 42.92
C THR R 41 -113.42 28.52 41.67
N THR R 42 -112.10 28.74 41.57
CA THR R 42 -111.54 29.54 40.47
C THR R 42 -110.34 28.91 39.74
N SER R 43 -109.67 27.96 40.37
CA SER R 43 -108.40 27.43 39.90
C SER R 43 -108.44 26.64 38.59
N ASN R 44 -109.63 26.27 38.12
CA ASN R 44 -109.74 25.62 36.80
C ASN R 44 -109.05 26.44 35.69
N TRP R 45 -108.96 27.76 35.89
CA TRP R 45 -108.33 28.64 34.91
C TRP R 45 -106.88 29.01 35.27
N TYR R 46 -106.30 28.30 36.24
CA TYR R 46 -104.87 28.39 36.55
C TYR R 46 -104.02 28.34 35.29
N THR R 47 -103.13 29.33 35.15
CA THR R 47 -102.24 29.61 33.98
C THR R 47 -102.89 30.34 32.80
N TYR R 48 -104.09 30.88 33.03
CA TYR R 48 -104.80 31.64 32.02
C TYR R 48 -105.23 32.99 32.58
N THR R 49 -105.51 33.95 31.69
CA THR R 49 -106.30 35.12 32.07
C THR R 49 -107.81 34.75 32.03
N TYR R 50 -108.67 35.69 32.42
CA TYR R 50 -110.08 35.58 32.03
C TYR R 50 -110.17 36.15 30.61
N ASP R 51 -111.38 36.40 30.14
CA ASP R 51 -111.58 36.83 28.75
C ASP R 51 -111.18 38.30 28.58
N LEU R 52 -110.38 38.57 27.55
CA LEU R 52 -109.83 39.90 27.30
C LEU R 52 -110.65 40.61 26.22
N GLN R 53 -111.17 41.79 26.57
CA GLN R 53 -112.12 42.48 25.70
C GLN R 53 -111.97 43.99 25.80
N PRO R 54 -112.09 44.70 24.66
CA PRO R 54 -112.30 46.15 24.74
C PRO R 54 -113.65 46.44 25.41
N LYS R 55 -113.69 47.38 26.35
CA LYS R 55 -114.92 47.71 27.07
C LYS R 55 -115.97 48.29 26.12
N GLY R 56 -115.53 49.13 25.20
CA GLY R 56 -116.45 49.79 24.26
C GLY R 56 -116.80 51.18 24.75
N SER R 57 -116.48 51.46 26.01
CA SER R 57 -116.67 52.78 26.58
C SER R 57 -115.55 53.07 27.58
N SER R 58 -115.38 54.36 27.86
CA SER R 58 -114.33 54.90 28.72
C SER R 58 -114.76 54.96 30.18
N PRO R 59 -113.85 54.69 31.14
CA PRO R 59 -112.47 54.25 30.95
C PRO R 59 -112.36 52.72 31.09
N ASP R 60 -111.22 52.16 30.69
CA ASP R 60 -110.96 50.75 30.90
C ASP R 60 -110.73 50.53 32.39
N GLN R 61 -111.38 49.51 32.93
CA GLN R 61 -111.24 49.15 34.34
C GLN R 61 -110.95 47.66 34.41
N PRO R 62 -109.69 47.27 34.10
CA PRO R 62 -109.37 45.85 33.97
C PRO R 62 -109.39 45.13 35.31
N ILE R 63 -109.80 43.88 35.28
CA ILE R 63 -109.83 43.04 36.47
C ILE R 63 -108.47 42.34 36.64
N LYS R 64 -108.16 41.95 37.87
CA LYS R 64 -106.84 41.43 38.18
C LYS R 64 -106.51 40.16 37.41
N GLU R 65 -107.55 39.37 37.09
CA GLU R 65 -107.41 38.12 36.35
C GLU R 65 -107.05 38.32 34.87
N ASN R 66 -107.13 39.56 34.40
CA ASN R 66 -106.72 39.89 33.03
C ASN R 66 -105.38 40.64 32.96
N LEU R 67 -104.59 40.56 34.03
CA LEU R 67 -103.31 41.26 34.04
C LEU R 67 -102.17 40.31 34.35
N PRO R 68 -101.65 39.62 33.31
CA PRO R 68 -100.49 38.73 33.54
C PRO R 68 -99.35 39.51 34.18
N ALA R 69 -98.70 38.87 35.14
CA ALA R 69 -97.67 39.52 35.94
C ALA R 69 -96.36 38.74 35.84
N TYR R 70 -95.26 39.40 36.16
CA TYR R 70 -93.95 38.73 36.23
C TYR R 70 -93.89 37.72 37.38
N SER R 71 -93.33 36.55 37.10
CA SER R 71 -92.91 35.60 38.13
C SER R 71 -91.59 36.06 38.75
N VAL R 72 -91.43 35.82 40.06
CA VAL R 72 -90.14 36.06 40.72
C VAL R 72 -89.94 35.21 41.96
N ALA R 73 -88.68 34.85 42.21
CA ALA R 73 -88.27 34.25 43.47
C ALA R 73 -86.92 34.82 43.91
N ARG R 74 -86.76 34.98 45.21
CA ARG R 74 -85.43 35.18 45.82
C ARG R 74 -85.04 33.82 46.43
N VAL R 75 -83.96 33.24 45.91
CA VAL R 75 -83.42 32.02 46.46
C VAL R 75 -82.32 32.38 47.47
N SER R 76 -82.44 31.86 48.70
CA SER R 76 -81.40 31.99 49.71
C SER R 76 -80.22 31.09 49.35
N LEU R 77 -79.02 31.64 49.47
CA LEU R 77 -77.80 30.92 49.12
C LEU R 77 -76.99 30.55 50.36
N PRO R 78 -76.15 29.48 50.27
CA PRO R 78 -75.34 29.13 51.44
C PRO R 78 -74.66 30.37 52.02
N MET R 79 -74.76 30.55 53.33
CA MET R 79 -74.16 31.69 54.02
C MET R 79 -72.64 31.68 53.85
N LEU R 80 -72.06 32.88 53.74
CA LEU R 80 -70.66 33.01 53.31
C LEU R 80 -69.71 33.63 54.33
N ASN R 81 -70.24 34.52 55.17
CA ASN R 81 -69.40 35.39 56.00
C ASN R 81 -69.51 35.10 57.51
N LEU R 89 -64.76 39.93 52.85
CA LEU R 89 -66.14 39.78 52.40
C LEU R 89 -66.27 39.02 51.07
N GLN R 90 -66.99 37.90 51.11
CA GLN R 90 -67.28 37.10 49.93
C GLN R 90 -68.74 37.25 49.52
N MET R 91 -68.99 37.22 48.22
CA MET R 91 -70.34 37.18 47.66
C MET R 91 -70.44 36.06 46.62
N TRP R 92 -71.64 35.51 46.46
CA TRP R 92 -71.92 34.61 45.36
C TRP R 92 -72.04 35.39 44.05
N GLU R 93 -71.38 34.89 43.01
CA GLU R 93 -71.39 35.49 41.68
C GLU R 93 -72.05 34.55 40.68
N ALA R 94 -73.14 35.01 40.07
CA ALA R 94 -73.85 34.22 39.08
C ALA R 94 -73.09 34.26 37.76
N ILE R 95 -72.67 33.10 37.27
CA ILE R 95 -71.79 33.08 36.08
C ILE R 95 -72.46 32.51 34.81
N SER R 96 -73.38 31.57 35.02
CA SER R 96 -74.16 31.00 33.92
C SER R 96 -75.53 30.46 34.36
N VAL R 97 -76.41 30.28 33.38
CA VAL R 97 -77.73 29.72 33.60
C VAL R 97 -78.18 28.86 32.43
N LYS R 98 -78.76 27.70 32.74
CA LYS R 98 -79.55 26.96 31.77
C LYS R 98 -81.02 27.20 32.09
N THR R 99 -81.75 27.74 31.12
CA THR R 99 -83.16 28.05 31.33
C THR R 99 -84.02 27.50 30.19
N GLU R 100 -85.23 27.08 30.51
CA GLU R 100 -86.08 26.39 29.55
C GLU R 100 -87.56 26.57 29.89
N VAL R 101 -88.35 26.90 28.87
CA VAL R 101 -89.80 26.94 28.99
C VAL R 101 -90.35 25.51 29.00
N VAL R 102 -91.04 25.16 30.08
CA VAL R 102 -91.57 23.81 30.26
C VAL R 102 -93.00 23.68 29.75
N GLY R 103 -93.32 22.49 29.23
CA GLY R 103 -94.67 22.18 28.79
C GLY R 103 -95.00 22.68 27.40
N ILE R 104 -93.98 22.97 26.60
CA ILE R 104 -94.18 23.47 25.24
C ILE R 104 -95.04 22.53 24.41
N SER R 105 -94.77 21.23 24.55
CA SER R 105 -95.49 20.21 23.81
C SER R 105 -97.01 20.21 24.07
N SER R 106 -97.44 20.64 25.25
CA SER R 106 -98.86 20.69 25.58
C SER R 106 -99.67 21.49 24.55
N LEU R 107 -98.99 22.41 23.86
CA LEU R 107 -99.66 23.30 22.91
C LEU R 107 -100.02 22.68 21.57
N ILE R 108 -99.76 21.40 21.36
CA ILE R 108 -100.26 20.73 20.16
C ILE R 108 -101.75 20.36 20.31
N ASN R 109 -102.29 20.50 21.52
CA ASN R 109 -103.71 20.23 21.79
C ASN R 109 -104.59 21.15 20.94
N VAL R 110 -105.20 20.60 19.90
CA VAL R 110 -106.15 21.38 19.10
C VAL R 110 -107.59 20.86 19.25
N HIS R 111 -107.88 20.27 20.43
CA HIS R 111 -109.19 19.70 20.73
C HIS R 111 -109.66 20.02 22.16
N TYR R 112 -109.32 21.22 22.64
CA TYR R 112 -109.90 21.75 23.86
C TYR R 112 -111.43 21.81 23.66
N TRP R 113 -112.19 21.41 24.68
CA TRP R 113 -113.64 21.18 24.53
C TRP R 113 -114.38 22.43 24.00
N ASP R 114 -113.98 23.61 24.44
CA ASP R 114 -114.60 24.85 23.98
C ASP R 114 -113.73 25.67 23.03
N MET R 115 -112.96 25.00 22.19
CA MET R 115 -112.02 25.68 21.30
C MET R 115 -112.74 26.17 20.04
N LYS R 116 -112.50 27.42 19.66
CA LYS R 116 -112.97 27.92 18.37
C LYS R 116 -112.29 27.13 17.25
N ARG R 117 -113.08 26.73 16.25
CA ARG R 117 -112.55 25.96 15.14
C ARG R 117 -111.96 26.87 14.06
N VAL R 118 -111.00 26.35 13.30
CA VAL R 118 -110.42 27.10 12.17
C VAL R 118 -111.47 27.31 11.07
N HIS R 119 -112.31 26.30 10.87
CA HIS R 119 -113.49 26.38 9.99
C HIS R 119 -114.48 25.29 10.41
N ASP R 120 -115.68 25.30 9.84
CA ASP R 120 -116.67 24.26 10.12
C ASP R 120 -116.05 22.87 10.03
N TYR R 121 -116.31 22.06 11.05
CA TYR R 121 -115.83 20.67 11.16
C TYR R 121 -114.33 20.52 11.41
N GLY R 122 -113.62 21.64 11.48
CA GLY R 122 -112.17 21.62 11.64
C GLY R 122 -111.67 21.38 13.04
N ALA R 123 -110.35 21.30 13.19
CA ALA R 123 -109.70 21.31 14.49
C ALA R 123 -109.80 22.69 15.10
N GLY R 124 -109.56 22.80 16.40
CA GLY R 124 -109.54 24.08 17.06
C GLY R 124 -108.32 24.91 16.64
N ILE R 125 -108.46 26.23 16.68
CA ILE R 125 -107.32 27.14 16.50
C ILE R 125 -106.30 26.89 17.63
N PRO R 126 -105.06 26.54 17.29
CA PRO R 126 -104.10 26.32 18.39
C PRO R 126 -103.74 27.61 19.12
N VAL R 127 -103.19 27.44 20.32
CA VAL R 127 -102.71 28.57 21.11
C VAL R 127 -101.67 29.33 20.30
N SER R 128 -101.97 30.58 20.03
CA SER R 128 -101.15 31.43 19.18
C SER R 128 -101.52 32.90 19.35
N GLY R 129 -100.74 33.78 18.73
CA GLY R 129 -100.96 35.21 18.83
C GLY R 129 -99.89 35.87 19.66
N VAL R 130 -100.31 36.75 20.57
CA VAL R 130 -99.38 37.53 21.39
C VAL R 130 -98.46 36.65 22.25
N ASN R 131 -97.15 36.81 22.05
CA ASN R 131 -96.15 36.20 22.92
C ASN R 131 -95.31 37.25 23.59
N TYR R 132 -94.89 36.95 24.81
CA TYR R 132 -93.97 37.79 25.54
C TYR R 132 -93.10 36.87 26.38
N HIS R 133 -91.79 36.96 26.18
CA HIS R 133 -90.88 36.06 26.88
C HIS R 133 -89.70 36.83 27.41
N MET R 134 -89.44 36.65 28.70
CA MET R 134 -88.27 37.26 29.31
C MET R 134 -87.81 36.45 30.49
N PHE R 135 -86.51 36.53 30.77
CA PHE R 135 -85.98 36.03 32.02
C PHE R 135 -84.88 36.96 32.49
N ALA R 136 -84.61 36.92 33.78
CA ALA R 136 -83.56 37.72 34.37
C ALA R 136 -82.95 36.96 35.53
N ILE R 137 -81.66 37.22 35.74
CA ILE R 137 -80.91 36.71 36.87
C ILE R 137 -80.16 37.93 37.39
N GLY R 138 -80.23 38.13 38.71
CA GLY R 138 -79.59 39.26 39.34
C GLY R 138 -79.25 39.01 40.80
N GLY R 139 -78.43 39.88 41.37
CA GLY R 139 -78.04 39.78 42.79
C GLY R 139 -78.83 40.74 43.67
N GLU R 140 -79.93 41.25 43.13
CA GLU R 140 -80.87 42.14 43.80
C GLU R 140 -82.13 42.18 42.92
N PRO R 141 -83.24 42.78 43.41
CA PRO R 141 -84.46 42.76 42.60
C PRO R 141 -84.28 43.46 41.26
N LEU R 142 -84.96 42.97 40.23
CA LEU R 142 -84.94 43.58 38.91
C LEU R 142 -85.57 44.98 38.95
N ASP R 143 -84.84 45.97 38.44
CA ASP R 143 -85.36 47.33 38.35
C ASP R 143 -86.41 47.45 37.23
N LEU R 144 -87.52 48.11 37.54
CA LEU R 144 -88.62 48.20 36.59
C LEU R 144 -88.91 49.64 36.21
N GLN R 145 -89.22 49.85 34.93
CA GLN R 145 -89.72 51.14 34.44
C GLN R 145 -91.21 51.01 34.08
N GLY R 146 -91.97 52.03 34.42
CA GLY R 146 -93.42 52.01 34.15
C GLY R 146 -93.74 52.67 32.82
N LEU R 147 -94.56 52.00 32.02
CA LEU R 147 -95.07 52.59 30.79
C LEU R 147 -96.34 51.87 30.34
N VAL R 148 -97.38 52.65 30.02
CA VAL R 148 -98.66 52.08 29.62
C VAL R 148 -99.15 52.59 28.27
N LEU R 149 -99.94 51.75 27.62
CA LEU R 149 -100.61 52.09 26.36
C LEU R 149 -101.57 53.26 26.53
N ASP R 150 -102.32 53.23 27.63
CA ASP R 150 -103.35 54.22 27.91
C ASP R 150 -103.23 54.69 29.36
N TYR R 151 -102.85 55.95 29.55
CA TYR R 151 -102.68 56.48 30.90
C TYR R 151 -104.01 56.61 31.66
N GLN R 152 -105.11 56.52 30.93
CA GLN R 152 -106.46 56.64 31.49
C GLN R 152 -106.99 55.31 32.01
N THR R 153 -106.22 54.24 31.81
CA THR R 153 -106.57 52.91 32.32
C THR R 153 -106.67 53.00 33.85
N GLN R 154 -107.76 52.46 34.41
CA GLN R 154 -107.96 52.44 35.86
C GLN R 154 -107.70 51.03 36.40
N TYR R 155 -106.45 50.78 36.79
CA TYR R 155 -106.07 49.47 37.30
C TYR R 155 -106.66 49.25 38.70
N PRO R 156 -106.84 47.98 39.12
CA PRO R 156 -107.37 47.79 40.47
C PRO R 156 -106.37 48.24 41.54
N LYS R 157 -106.87 48.74 42.66
CA LYS R 157 -105.99 49.17 43.77
C LYS R 157 -105.48 47.97 44.56
N THR R 158 -104.38 48.17 45.28
CA THR R 158 -103.84 47.14 46.18
C THR R 158 -104.79 46.90 47.38
N GLY R 162 -104.17 43.67 45.70
CA GLY R 162 -104.06 43.47 44.24
C GLY R 162 -102.71 43.86 43.63
N PRO R 163 -102.73 44.33 42.37
CA PRO R 163 -101.50 44.59 41.60
C PRO R 163 -100.84 45.92 41.94
N ILE R 164 -99.51 45.97 41.82
CA ILE R 164 -98.76 47.21 42.01
C ILE R 164 -98.57 47.88 40.65
N THR R 165 -99.08 49.09 40.50
CA THR R 165 -99.00 49.81 39.22
C THR R 165 -98.46 51.23 39.42
N ILE R 166 -98.47 52.05 38.36
CA ILE R 166 -97.82 53.36 38.41
C ILE R 166 -98.42 54.29 39.48
N GLU R 167 -99.75 54.36 39.52
CA GLU R 167 -100.46 55.11 40.56
C GLU R 167 -100.02 54.66 41.96
N THR R 168 -99.91 53.34 42.15
CA THR R 168 -99.46 52.75 43.41
C THR R 168 -98.11 53.30 43.88
N VAL R 169 -97.18 53.48 42.94
N VAL R 169 -97.17 53.44 42.96
CA VAL R 169 -95.82 53.93 43.27
CA VAL R 169 -95.85 53.95 43.29
C VAL R 169 -95.67 55.46 43.22
C VAL R 169 -95.85 55.47 43.41
N LEU R 170 -96.58 56.13 42.52
CA LEU R 170 -96.58 57.60 42.47
C LEU R 170 -97.38 58.24 43.63
N GLY R 171 -98.30 57.48 44.22
CA GLY R 171 -99.22 58.01 45.22
C GLY R 171 -100.24 58.98 44.62
N ARG R 172 -100.39 58.92 43.29
CA ARG R 172 -101.30 59.81 42.55
C ARG R 172 -101.63 59.26 41.15
N LYS R 173 -102.66 59.80 40.52
CA LYS R 173 -103.07 59.34 39.18
C LYS R 173 -101.97 59.47 38.11
N MET R 174 -102.01 58.61 37.10
CA MET R 174 -101.13 58.77 35.94
C MET R 174 -101.52 60.02 35.15
N THR R 175 -100.54 60.61 34.47
CA THR R 175 -100.83 61.70 33.55
C THR R 175 -100.45 61.22 32.13
N PRO R 176 -100.63 62.06 31.09
CA PRO R 176 -100.27 61.59 29.76
C PRO R 176 -98.80 61.16 29.57
N LYS R 177 -97.89 61.70 30.40
CA LYS R 177 -96.47 61.36 30.27
C LYS R 177 -96.16 59.90 30.60
N ASN R 178 -97.11 59.22 31.24
CA ASN R 178 -96.97 57.80 31.57
C ASN R 178 -97.25 56.89 30.36
N GLN R 179 -97.65 57.49 29.24
CA GLN R 179 -97.65 56.81 27.94
C GLN R 179 -96.25 56.78 27.29
N GLY R 180 -95.37 57.64 27.80
CA GLY R 180 -93.96 57.64 27.43
C GLY R 180 -93.14 57.26 28.65
N LEU R 181 -91.90 57.75 28.70
CA LEU R 181 -91.00 57.42 29.80
C LEU R 181 -91.01 58.53 30.83
N ASP R 182 -91.62 58.24 31.97
CA ASP R 182 -91.62 59.10 33.13
C ASP R 182 -90.61 58.51 34.11
N PRO R 183 -89.52 59.24 34.38
CA PRO R 183 -88.44 58.74 35.26
C PRO R 183 -88.90 58.48 36.69
N GLN R 184 -90.07 58.99 37.07
CA GLN R 184 -90.62 58.73 38.39
C GLN R 184 -91.40 57.42 38.44
N ALA R 185 -91.78 56.91 37.27
CA ALA R 185 -92.51 55.66 37.21
C ALA R 185 -91.51 54.49 37.28
N LYS R 186 -90.96 54.26 38.47
CA LYS R 186 -89.97 53.22 38.70
C LYS R 186 -90.37 52.36 39.89
N ALA R 187 -90.05 51.08 39.82
CA ALA R 187 -90.29 50.11 40.89
C ALA R 187 -89.25 48.98 40.89
N LYS R 188 -89.27 48.14 41.92
CA LYS R 188 -88.43 46.95 41.98
C LYS R 188 -89.28 45.68 41.97
N LEU R 189 -88.86 44.69 41.18
CA LEU R 189 -89.60 43.43 41.08
C LEU R 189 -89.33 42.55 42.30
N ASP R 190 -90.08 42.79 43.37
CA ASP R 190 -89.86 42.12 44.66
C ASP R 190 -91.02 41.23 45.10
N LYS R 191 -92.07 41.13 44.28
CA LYS R 191 -93.22 40.27 44.62
C LYS R 191 -93.74 39.46 43.44
N ASP R 192 -93.84 38.15 43.65
CA ASP R 192 -94.31 37.24 42.62
C ASP R 192 -95.78 37.48 42.31
N GLY R 193 -96.09 37.60 41.02
CA GLY R 193 -97.48 37.68 40.57
C GLY R 193 -98.18 38.99 40.87
N ASN R 194 -97.41 40.02 41.24
CA ASN R 194 -97.97 41.32 41.63
C ASN R 194 -97.72 42.49 40.68
N TYR R 195 -96.72 42.39 39.79
CA TYR R 195 -96.40 43.50 38.88
C TYR R 195 -96.84 43.17 37.45
N PRO R 196 -97.91 43.85 36.96
CA PRO R 196 -98.46 43.56 35.62
C PRO R 196 -97.44 43.75 34.50
N ILE R 197 -97.40 42.78 33.60
CA ILE R 197 -96.50 42.84 32.45
C ILE R 197 -96.80 44.06 31.55
N GLU R 198 -98.08 44.40 31.39
CA GLU R 198 -98.46 45.51 30.50
C GLU R 198 -98.15 46.89 31.09
N VAL R 199 -97.79 46.91 32.37
CA VAL R 199 -97.45 48.15 33.06
C VAL R 199 -95.93 48.34 33.20
N TRP R 200 -95.20 47.25 33.49
CA TRP R 200 -93.77 47.34 33.84
C TRP R 200 -92.86 46.61 32.85
N CYS R 201 -91.74 47.26 32.53
CA CYS R 201 -90.70 46.65 31.72
C CYS R 201 -89.35 46.77 32.44
N PRO R 202 -88.34 45.99 32.03
CA PRO R 202 -87.04 46.17 32.68
C PRO R 202 -86.52 47.60 32.46
N ASP R 203 -85.89 48.16 33.48
CA ASP R 203 -85.34 49.51 33.44
C ASP R 203 -83.88 49.45 32.96
N PRO R 204 -83.62 49.89 31.72
CA PRO R 204 -82.27 49.82 31.16
C PRO R 204 -81.33 50.88 31.76
N SER R 205 -81.89 51.89 32.43
CA SER R 205 -81.10 52.92 33.08
C SER R 205 -80.51 52.44 34.42
N LYS R 206 -81.00 51.30 34.89
CA LYS R 206 -80.43 50.68 36.11
C LYS R 206 -80.00 49.27 35.78
N ASN R 207 -80.35 48.32 36.63
CA ASN R 207 -80.05 46.90 36.44
C ASN R 207 -78.58 46.53 36.18
N GLU R 208 -77.66 47.29 36.78
CA GLU R 208 -76.22 47.00 36.70
C GLU R 208 -75.90 45.57 37.17
N ASN R 209 -76.65 45.12 38.17
CA ASN R 209 -76.34 43.89 38.85
C ASN R 209 -77.33 42.77 38.50
N SER R 210 -77.98 42.92 37.35
CA SER R 210 -78.80 41.86 36.75
C SER R 210 -78.50 41.72 35.27
N ARG R 211 -78.81 40.55 34.73
CA ARG R 211 -78.85 40.37 33.28
C ARG R 211 -80.27 40.00 32.92
N TYR R 212 -80.84 40.68 31.92
CA TYR R 212 -82.17 40.29 31.44
C TYR R 212 -82.24 40.15 29.93
N TYR R 213 -83.11 39.25 29.47
CA TYR R 213 -83.25 38.90 28.07
C TYR R 213 -84.74 38.74 27.79
N GLY R 214 -85.22 39.36 26.72
CA GLY R 214 -86.66 39.36 26.44
C GLY R 214 -87.08 39.66 25.02
N SER R 215 -88.30 39.24 24.68
CA SER R 215 -88.88 39.55 23.38
C SER R 215 -90.40 39.65 23.47
N ILE R 216 -90.99 40.26 22.45
CA ILE R 216 -92.43 40.31 22.26
C ILE R 216 -92.75 39.92 20.82
N GLN R 217 -93.95 39.39 20.63
CA GLN R 217 -94.52 39.10 19.33
C GLN R 217 -95.99 39.56 19.36
N THR R 218 -96.38 40.50 18.52
CA THR R 218 -97.81 40.85 18.44
C THR R 218 -98.54 40.11 17.29
N GLY R 219 -99.78 40.50 17.02
CA GLY R 219 -100.67 39.76 16.11
C GLY R 219 -101.61 38.85 16.90
N SER R 220 -102.72 38.46 16.29
CA SER R 220 -103.75 37.67 17.01
C SER R 220 -103.58 36.17 16.82
N GLN R 221 -103.13 35.77 15.64
CA GLN R 221 -102.93 34.36 15.37
C GLN R 221 -101.51 34.04 14.93
N THR R 222 -100.60 34.97 15.20
CA THR R 222 -99.17 34.79 14.93
C THR R 222 -98.68 33.48 15.54
N PRO R 223 -98.08 32.61 14.72
CA PRO R 223 -97.59 31.31 15.23
C PRO R 223 -96.72 31.47 16.47
N THR R 224 -96.99 30.65 17.47
CA THR R 224 -96.12 30.52 18.63
C THR R 224 -94.96 29.61 18.20
N VAL R 225 -93.76 30.17 18.17
CA VAL R 225 -92.55 29.46 17.72
C VAL R 225 -91.52 29.45 18.87
N LEU R 226 -91.31 28.27 19.44
CA LEU R 226 -90.49 28.15 20.64
C LEU R 226 -89.52 26.97 20.52
N GLN R 227 -88.35 27.10 21.13
CA GLN R 227 -87.34 26.04 21.11
C GLN R 227 -87.08 25.50 22.52
N PHE R 228 -86.66 24.25 22.61
CA PHE R 228 -86.28 23.65 23.88
C PHE R 228 -85.12 22.67 23.74
N SER R 229 -84.12 22.83 24.59
CA SER R 229 -82.93 21.97 24.57
C SER R 229 -82.16 22.06 25.89
N ASN R 230 -81.69 20.92 26.39
CA ASN R 230 -80.86 20.95 27.58
C ASN R 230 -79.36 21.19 27.32
N THR R 231 -79.04 21.61 26.10
CA THR R 231 -77.65 21.85 25.70
C THR R 231 -77.31 23.34 25.61
N LEU R 232 -78.29 24.21 25.87
CA LEU R 232 -78.07 25.65 25.79
C LEU R 232 -77.78 26.32 27.13
N THR R 233 -76.74 27.15 27.15
CA THR R 233 -76.29 27.85 28.33
C THR R 233 -76.15 29.33 28.01
N THR R 234 -76.62 30.19 28.92
CA THR R 234 -76.37 31.61 28.81
C THR R 234 -75.25 31.99 29.79
N VAL R 235 -74.22 32.66 29.29
CA VAL R 235 -73.15 33.18 30.10
C VAL R 235 -73.59 34.51 30.70
N LEU R 236 -73.42 34.66 32.02
CA LEU R 236 -73.93 35.85 32.72
C LEU R 236 -72.87 36.91 33.03
N LEU R 237 -71.62 36.64 32.65
CA LEU R 237 -70.52 37.57 32.89
C LEU R 237 -70.64 38.81 31.98
N ASP R 238 -70.37 39.98 32.55
CA ASP R 238 -70.35 41.21 31.76
C ASP R 238 -69.04 41.35 30.95
N GLU R 239 -68.81 42.54 30.40
CA GLU R 239 -67.62 42.82 29.59
C GLU R 239 -66.31 42.69 30.39
N ASN R 240 -66.37 42.98 31.68
CA ASN R 240 -65.21 42.83 32.55
C ASN R 240 -65.09 41.42 33.17
N GLY R 241 -65.94 40.49 32.72
CA GLY R 241 -65.91 39.12 33.20
C GLY R 241 -66.51 38.91 34.59
N VAL R 242 -67.43 39.79 34.97
CA VAL R 242 -68.06 39.75 36.30
C VAL R 242 -69.57 39.49 36.15
N GLY R 243 -70.06 38.45 36.80
CA GLY R 243 -71.50 38.14 36.83
C GLY R 243 -72.24 38.94 37.90
N PRO R 244 -73.57 38.80 37.96
CA PRO R 244 -74.28 39.45 39.07
C PRO R 244 -73.78 38.97 40.44
N LEU R 245 -73.58 39.92 41.35
CA LEU R 245 -73.12 39.66 42.71
C LEU R 245 -74.27 39.73 43.71
N CYS R 246 -74.50 38.63 44.43
CA CYS R 246 -75.68 38.46 45.28
C CYS R 246 -75.56 39.19 46.62
N LYS R 247 -76.02 40.44 46.63
CA LYS R 247 -76.00 41.26 47.83
C LYS R 247 -77.01 40.69 48.83
N GLY R 248 -76.52 40.40 50.04
CA GLY R 248 -77.33 39.79 51.09
C GLY R 248 -77.57 38.31 50.88
N ASP R 249 -76.72 37.68 50.06
CA ASP R 249 -76.80 36.23 49.79
C ASP R 249 -78.15 35.77 49.20
N GLY R 250 -78.74 36.61 48.35
CA GLY R 250 -79.98 36.28 47.64
C GLY R 250 -79.85 36.32 46.12
N LEU R 251 -80.33 35.26 45.47
CA LEU R 251 -80.36 35.21 44.00
C LEU R 251 -81.77 35.50 43.50
N PHE R 252 -81.89 36.57 42.71
CA PHE R 252 -83.18 36.97 42.18
C PHE R 252 -83.36 36.44 40.78
N ILE R 253 -84.44 35.67 40.61
CA ILE R 253 -84.79 35.05 39.35
C ILE R 253 -86.18 35.55 38.97
N SER R 254 -86.33 36.03 37.74
CA SER R 254 -87.56 36.65 37.30
C SER R 254 -87.84 36.23 35.87
N CYS R 255 -89.13 36.10 35.51
CA CYS R 255 -89.51 35.75 34.13
C CYS R 255 -90.97 36.07 33.79
N ALA R 256 -91.28 35.96 32.50
CA ALA R 256 -92.65 35.99 32.00
C ALA R 256 -92.66 35.21 30.70
N ASP R 257 -93.59 34.26 30.54
CA ASP R 257 -93.73 33.52 29.30
C ASP R 257 -95.17 33.39 28.79
N ILE R 258 -95.68 34.46 28.18
CA ILE R 258 -96.99 34.43 27.54
C ILE R 258 -96.85 33.73 26.19
N VAL R 259 -97.64 32.69 25.97
CA VAL R 259 -97.46 31.85 24.79
C VAL R 259 -98.58 31.96 23.75
N GLY R 260 -99.49 32.93 23.94
CA GLY R 260 -100.61 33.13 23.02
C GLY R 260 -102.01 33.02 23.63
N PHE R 261 -103.01 33.08 22.75
CA PHE R 261 -104.42 33.04 23.12
C PHE R 261 -105.02 31.65 23.05
N LEU R 262 -105.83 31.32 24.05
CA LEU R 262 -106.79 30.22 23.89
C LEU R 262 -108.04 30.81 23.26
N PHE R 263 -108.39 30.32 22.07
CA PHE R 263 -109.55 30.80 21.33
C PHE R 263 -110.78 29.98 21.69
N LYS R 264 -111.78 30.63 22.26
CA LYS R 264 -113.02 29.95 22.64
C LYS R 264 -114.11 30.08 21.56
N THR R 265 -114.96 29.06 21.50
CA THR R 265 -116.04 28.95 20.50
C THR R 265 -116.77 30.27 20.21
N SER R 266 -117.17 30.96 21.26
CA SER R 266 -117.95 32.20 21.13
C SER R 266 -117.19 33.33 20.42
N GLY R 267 -115.87 33.18 20.37
CA GLY R 267 -115.00 34.24 19.88
C GLY R 267 -114.20 34.82 21.02
N LYS R 268 -114.57 34.49 22.25
CA LYS R 268 -113.81 34.98 23.39
C LYS R 268 -112.38 34.43 23.44
N MET R 269 -111.47 35.18 24.07
CA MET R 269 -110.05 34.89 24.03
C MET R 269 -109.38 35.14 25.38
N ALA R 270 -108.55 34.19 25.82
CA ALA R 270 -107.75 34.35 27.03
C ALA R 270 -106.27 34.11 26.71
N LEU R 271 -105.39 34.87 27.36
CA LEU R 271 -103.96 34.64 27.22
C LEU R 271 -103.52 33.52 28.16
N HIS R 272 -102.48 32.81 27.75
CA HIS R 272 -101.99 31.62 28.42
C HIS R 272 -100.48 31.71 28.62
N GLY R 273 -99.99 31.14 29.72
CA GLY R 273 -98.56 31.13 30.00
C GLY R 273 -98.05 29.74 30.33
N LEU R 274 -96.73 29.59 30.29
CA LEU R 274 -96.07 28.33 30.65
C LEU R 274 -95.00 28.56 31.73
N PRO R 275 -94.67 27.51 32.50
CA PRO R 275 -93.63 27.66 33.53
C PRO R 275 -92.24 27.72 32.91
N ARG R 276 -91.28 28.25 33.66
CA ARG R 276 -89.89 28.29 33.21
C ARG R 276 -89.00 27.64 34.26
N TYR R 277 -88.08 26.78 33.82
CA TYR R 277 -87.09 26.13 34.69
C TYR R 277 -85.76 26.87 34.60
N PHE R 278 -84.97 26.80 35.67
CA PHE R 278 -83.65 27.44 35.73
C PHE R 278 -82.63 26.54 36.44
N ASN R 279 -81.43 26.47 35.90
CA ASN R 279 -80.29 25.94 36.65
C ASN R 279 -79.18 26.98 36.58
N VAL R 280 -78.91 27.61 37.73
CA VAL R 280 -77.88 28.66 37.80
C VAL R 280 -76.61 28.14 38.48
N THR R 281 -75.47 28.38 37.83
CA THR R 281 -74.17 28.12 38.42
C THR R 281 -73.60 29.41 39.03
N LEU R 282 -73.11 29.28 40.26
CA LEU R 282 -72.56 30.40 41.00
C LEU R 282 -71.18 30.05 41.55
N ARG R 283 -70.35 31.08 41.72
CA ARG R 283 -69.03 30.92 42.30
C ARG R 283 -68.80 32.00 43.35
N LYS R 284 -67.92 31.70 44.30
CA LYS R 284 -67.57 32.66 45.34
C LYS R 284 -66.58 33.70 44.80
N ARG R 285 -66.80 34.95 45.19
CA ARG R 285 -65.99 36.06 44.73
C ARG R 285 -65.65 36.98 45.91
N TRP R 286 -64.36 37.29 46.09
CA TRP R 286 -63.94 38.28 47.09
C TRP R 286 -64.33 39.67 46.61
N VAL R 287 -64.88 40.48 47.52
CA VAL R 287 -65.21 41.87 47.23
C VAL R 287 -64.75 42.76 48.40
N LYS R 288 -64.60 44.05 48.13
CA LYS R 288 -64.13 45.01 49.13
C LYS R 288 -65.18 46.09 49.38
N VAL S 9 -70.97 6.99 39.57
CA VAL S 9 -70.09 6.70 38.39
C VAL S 9 -69.20 7.89 38.02
N GLU S 10 -67.90 7.75 38.26
CA GLU S 10 -66.90 8.78 37.93
C GLU S 10 -66.27 8.54 36.54
N VAL S 11 -66.29 9.57 35.69
CA VAL S 11 -65.82 9.46 34.30
C VAL S 11 -64.29 9.57 34.20
N LEU S 12 -63.66 8.57 33.59
CA LEU S 12 -62.21 8.58 33.40
C LEU S 12 -61.83 8.88 31.94
N SER S 13 -60.72 8.32 31.48
CA SER S 13 -60.20 8.61 30.15
C SER S 13 -60.93 7.84 29.02
N VAL S 14 -60.90 8.43 27.83
CA VAL S 14 -61.34 7.79 26.60
C VAL S 14 -60.44 6.59 26.29
N VAL S 15 -61.05 5.47 25.90
CA VAL S 15 -60.31 4.24 25.59
C VAL S 15 -59.60 4.34 24.23
N THR S 16 -58.32 3.96 24.19
CA THR S 16 -57.57 3.94 22.93
C THR S 16 -57.45 2.49 22.43
N GLY S 17 -57.40 2.32 21.11
CA GLY S 17 -57.34 1.00 20.51
C GLY S 17 -58.01 0.95 19.15
N GLU S 18 -57.87 -0.19 18.46
CA GLU S 18 -58.43 -0.34 17.11
C GLU S 18 -59.95 -0.17 17.09
N ASP S 19 -60.67 -1.02 17.82
CA ASP S 19 -62.12 -1.06 17.72
C ASP S 19 -62.82 -0.24 18.82
N SER S 20 -62.28 0.93 19.12
CA SER S 20 -62.83 1.77 20.18
C SER S 20 -64.04 2.60 19.73
N ILE S 21 -64.25 2.73 18.42
CA ILE S 21 -65.35 3.53 17.88
C ILE S 21 -66.33 2.66 17.12
N THR S 22 -67.63 2.92 17.30
CA THR S 22 -68.65 2.26 16.50
C THR S 22 -69.75 3.23 16.06
N GLN S 23 -70.51 2.82 15.04
CA GLN S 23 -71.63 3.60 14.55
C GLN S 23 -72.93 2.81 14.64
N ILE S 24 -73.99 3.50 15.04
CA ILE S 24 -75.33 2.90 15.15
C ILE S 24 -76.29 3.62 14.22
N GLU S 25 -76.97 2.84 13.39
CA GLU S 25 -77.94 3.35 12.44
C GLU S 25 -79.32 2.83 12.77
N LEU S 26 -80.32 3.72 12.70
CA LEU S 26 -81.71 3.28 12.80
C LEU S 26 -82.67 4.36 12.30
N TYR S 27 -83.91 3.94 12.03
CA TYR S 27 -84.97 4.88 11.74
C TYR S 27 -86.13 4.62 12.71
N LEU S 28 -86.90 5.66 12.99
CA LEU S 28 -88.10 5.51 13.80
C LEU S 28 -89.31 6.03 13.03
N ASN S 29 -90.28 5.14 12.80
CA ASN S 29 -91.52 5.50 12.15
C ASN S 29 -92.45 6.25 13.13
N PRO S 30 -93.23 7.22 12.64
CA PRO S 30 -94.02 8.11 13.52
C PRO S 30 -95.23 7.40 14.16
N ARG S 31 -95.59 7.84 15.37
CA ARG S 31 -96.68 7.25 16.16
C ARG S 31 -97.74 8.33 16.41
N MET S 32 -98.52 8.60 15.38
CA MET S 32 -99.44 9.74 15.39
C MET S 32 -100.78 9.40 16.03
N GLY S 33 -101.09 8.12 16.14
CA GLY S 33 -102.37 7.69 16.68
C GLY S 33 -102.79 6.39 16.03
N VAL S 34 -102.67 6.33 14.70
CA VAL S 34 -102.77 5.04 14.02
C VAL S 34 -101.33 4.57 13.86
N ASN S 35 -100.89 3.74 14.80
CA ASN S 35 -99.47 3.48 15.01
C ASN S 35 -98.90 2.24 14.32
N SER S 36 -99.77 1.46 13.68
CA SER S 36 -99.33 0.27 12.98
C SER S 36 -99.84 0.21 11.53
N PRO S 37 -98.99 -0.27 10.61
CA PRO S 37 -99.39 -0.45 9.22
C PRO S 37 -99.95 -1.85 8.93
N ASP S 38 -100.02 -2.70 9.94
CA ASP S 38 -100.34 -4.13 9.76
C ASP S 38 -101.76 -4.56 10.11
N LEU S 39 -102.63 -3.59 10.35
CA LEU S 39 -104.02 -3.87 10.69
C LEU S 39 -104.88 -3.78 9.44
N PRO S 40 -105.66 -4.85 9.15
CA PRO S 40 -106.41 -4.88 7.89
C PRO S 40 -107.39 -3.69 7.72
N THR S 41 -108.20 -3.44 8.74
CA THR S 41 -109.35 -2.54 8.62
C THR S 41 -109.04 -1.04 8.75
N THR S 42 -107.99 -0.71 9.49
CA THR S 42 -107.79 0.66 9.96
C THR S 42 -106.46 1.30 9.52
N SER S 43 -105.55 0.50 9.00
CA SER S 43 -104.17 0.94 8.73
C SER S 43 -103.93 1.98 7.63
N ASN S 44 -104.93 2.21 6.78
N ASN S 44 -104.93 2.22 6.77
CA ASN S 44 -104.85 3.24 5.74
CA ASN S 44 -104.78 3.25 5.74
C ASN S 44 -104.46 4.62 6.31
C ASN S 44 -104.44 4.63 6.32
N TRP S 45 -104.77 4.85 7.59
CA TRP S 45 -104.43 6.10 8.28
C TRP S 45 -103.14 6.04 9.11
N TYR S 46 -102.33 5.02 8.86
CA TYR S 46 -100.96 4.95 9.38
C TYR S 46 -100.19 6.25 9.10
N THR S 47 -99.58 6.80 10.15
CA THR S 47 -98.86 8.11 10.19
C THR S 47 -99.78 9.33 10.33
N TYR S 48 -101.05 9.09 10.65
CA TYR S 48 -102.02 10.18 10.85
C TYR S 48 -102.78 9.99 12.14
N THR S 49 -103.41 11.06 12.62
CA THR S 49 -104.44 10.95 13.64
C THR S 49 -105.78 10.72 12.94
N TYR S 50 -106.82 10.54 13.75
CA TYR S 50 -108.17 10.66 13.23
C TYR S 50 -108.51 12.16 13.18
N ASP S 51 -109.75 12.49 12.90
CA ASP S 51 -110.14 13.90 12.77
C ASP S 51 -110.14 14.58 14.13
N LEU S 52 -109.48 15.72 14.21
CA LEU S 52 -109.36 16.46 15.47
C LEU S 52 -110.42 17.54 15.54
N GLN S 53 -111.21 17.49 16.62
CA GLN S 53 -112.39 18.34 16.79
C GLN S 53 -112.62 18.71 18.24
N PRO S 54 -112.97 19.99 18.49
CA PRO S 54 -113.43 20.32 19.83
C PRO S 54 -114.81 19.68 20.03
N LYS S 55 -115.05 19.08 21.20
CA LYS S 55 -116.29 18.39 21.45
C LYS S 55 -117.48 19.36 21.53
N GLY S 56 -117.26 20.52 22.14
CA GLY S 56 -118.32 21.50 22.33
C GLY S 56 -118.93 21.46 23.72
N SER S 57 -118.71 20.38 24.45
CA SER S 57 -119.12 20.25 25.84
C SER S 57 -118.09 19.46 26.63
N SER S 58 -117.97 19.79 27.92
N SER S 58 -117.92 19.80 27.90
CA SER S 58 -116.97 19.20 28.82
CA SER S 58 -116.91 19.18 28.76
C SER S 58 -117.47 17.92 29.49
C SER S 58 -117.44 17.93 29.50
N PRO S 59 -116.56 16.96 29.78
CA PRO S 59 -115.11 16.97 29.55
C PRO S 59 -114.70 16.39 28.21
N ASP S 60 -113.57 16.88 27.70
CA ASP S 60 -112.90 16.27 26.57
C ASP S 60 -112.49 14.86 26.95
N GLN S 61 -112.84 13.90 26.10
CA GLN S 61 -112.43 12.52 26.29
C GLN S 61 -111.76 12.04 25.00
N PRO S 62 -110.50 12.46 24.75
CA PRO S 62 -109.89 12.13 23.46
C PRO S 62 -109.66 10.64 23.25
N ILE S 63 -109.75 10.20 22.00
CA ILE S 63 -109.46 8.80 21.65
C ILE S 63 -107.96 8.63 21.41
N LYS S 64 -107.48 7.38 21.53
CA LYS S 64 -106.04 7.13 21.39
C LYS S 64 -105.49 7.46 20.00
N GLU S 65 -106.37 7.42 18.99
CA GLU S 65 -106.00 7.72 17.61
C GLU S 65 -105.76 9.20 17.39
N ASN S 66 -106.20 10.02 18.34
CA ASN S 66 -105.99 11.46 18.28
C ASN S 66 -104.87 11.97 19.20
N LEU S 67 -104.02 11.05 19.66
CA LEU S 67 -102.93 11.38 20.56
C LEU S 67 -101.52 10.99 20.03
N PRO S 68 -100.92 11.85 19.17
CA PRO S 68 -99.55 11.59 18.74
C PRO S 68 -98.63 11.37 19.94
N ALA S 69 -97.81 10.32 19.87
CA ALA S 69 -96.91 9.97 20.95
C ALA S 69 -95.46 9.99 20.47
N TYR S 70 -94.53 10.05 21.42
CA TYR S 70 -93.10 9.97 21.11
C TYR S 70 -92.72 8.60 20.56
N SER S 71 -91.82 8.61 19.57
CA SER S 71 -91.18 7.39 19.11
C SER S 71 -89.95 7.15 19.97
N VAL S 72 -89.66 5.88 20.25
CA VAL S 72 -88.46 5.54 21.05
C VAL S 72 -87.99 4.11 20.79
N ALA S 73 -86.66 3.96 20.79
CA ALA S 73 -86.03 2.65 20.74
C ALA S 73 -84.81 2.64 21.65
N ARG S 74 -84.65 1.52 22.34
CA ARG S 74 -83.40 1.19 23.02
C ARG S 74 -82.66 0.27 22.08
N VAL S 75 -81.46 0.68 21.68
CA VAL S 75 -80.59 -0.12 20.80
C VAL S 75 -79.53 -0.83 21.63
N SER S 76 -79.39 -2.14 21.42
CA SER S 76 -78.38 -2.94 22.11
C SER S 76 -77.02 -2.71 21.46
N LEU S 77 -76.02 -2.44 22.31
CA LEU S 77 -74.67 -2.15 21.84
C LEU S 77 -73.76 -3.38 22.07
N PRO S 78 -72.58 -3.42 21.42
CA PRO S 78 -71.65 -4.53 21.70
C PRO S 78 -71.29 -4.58 23.18
N MET S 79 -71.42 -5.76 23.77
CA MET S 79 -71.14 -5.95 25.17
C MET S 79 -69.66 -5.64 25.43
N LEU S 80 -69.37 -4.92 26.50
CA LEU S 80 -68.02 -4.45 26.78
C LEU S 80 -67.34 -5.14 27.96
N ASN S 81 -68.10 -5.43 29.02
CA ASN S 81 -67.53 -5.97 30.26
C ASN S 81 -68.07 -7.38 30.60
N THR S 88 -64.83 -0.42 38.16
CA THR S 88 -64.14 0.28 37.07
C THR S 88 -64.21 -0.47 35.75
N LEU S 89 -65.05 0.04 34.83
CA LEU S 89 -65.36 -0.66 33.59
C LEU S 89 -65.45 0.26 32.36
N GLN S 90 -65.82 -0.32 31.22
CA GLN S 90 -65.97 0.43 29.97
C GLN S 90 -67.45 0.66 29.63
N MET S 91 -67.75 1.86 29.17
CA MET S 91 -69.09 2.21 28.70
C MET S 91 -69.00 2.86 27.33
N TRP S 92 -70.03 2.68 26.51
CA TRP S 92 -70.15 3.41 25.26
C TRP S 92 -70.62 4.83 25.52
N GLU S 93 -69.94 5.78 24.86
CA GLU S 93 -70.19 7.20 25.01
C GLU S 93 -70.61 7.77 23.65
N ALA S 94 -71.86 8.19 23.53
CA ALA S 94 -72.38 8.80 22.29
C ALA S 94 -71.74 10.16 22.11
N ILE S 95 -71.04 10.38 21.00
CA ILE S 95 -70.28 11.63 20.82
C ILE S 95 -70.82 12.56 19.73
N SER S 96 -71.57 12.01 18.79
CA SER S 96 -72.18 12.79 17.73
C SER S 96 -73.32 12.04 17.07
N VAL S 97 -74.16 12.78 16.35
CA VAL S 97 -75.29 12.18 15.64
C VAL S 97 -75.57 12.94 14.36
N LYS S 98 -75.87 12.17 13.30
CA LYS S 98 -76.47 12.74 12.09
C LYS S 98 -77.92 12.28 12.08
N THR S 99 -78.83 13.24 11.99
CA THR S 99 -80.26 12.92 12.03
C THR S 99 -81.02 13.68 10.96
N GLU S 100 -82.06 13.06 10.43
CA GLU S 100 -82.79 13.65 9.34
C GLU S 100 -84.23 13.17 9.35
N VAL S 101 -85.16 14.09 9.08
CA VAL S 101 -86.55 13.74 8.86
C VAL S 101 -86.68 13.22 7.43
N VAL S 102 -87.18 11.99 7.29
CA VAL S 102 -87.29 11.30 6.00
C VAL S 102 -88.67 11.53 5.35
N GLY S 103 -88.69 11.67 4.03
CA GLY S 103 -89.94 11.83 3.29
C GLY S 103 -90.52 13.23 3.24
N ILE S 104 -89.69 14.22 3.47
CA ILE S 104 -90.13 15.61 3.44
C ILE S 104 -90.76 15.95 2.07
N SER S 105 -90.18 15.36 1.02
CA SER S 105 -90.60 15.68 -0.34
C SER S 105 -92.03 15.22 -0.66
N SER S 106 -92.53 14.26 0.11
CA SER S 106 -93.88 13.72 -0.08
C SER S 106 -94.95 14.79 0.17
N LEU S 107 -94.56 15.83 0.91
CA LEU S 107 -95.46 16.93 1.26
C LEU S 107 -95.77 17.95 0.15
N ILE S 108 -95.22 17.77 -1.05
CA ILE S 108 -95.56 18.65 -2.18
C ILE S 108 -96.87 18.21 -2.83
N ASN S 109 -97.36 17.03 -2.43
CA ASN S 109 -98.60 16.51 -2.94
C ASN S 109 -99.79 17.35 -2.49
N VAL S 110 -100.38 18.04 -3.46
CA VAL S 110 -101.57 18.89 -3.23
C VAL S 110 -102.76 18.39 -4.05
N HIS S 111 -102.80 17.08 -4.24
CA HIS S 111 -103.85 16.45 -5.01
C HIS S 111 -104.28 15.12 -4.37
N TYR S 112 -104.25 15.07 -3.04
CA TYR S 112 -104.90 14.00 -2.27
C TYR S 112 -106.38 13.96 -2.66
N TRP S 113 -106.94 12.77 -2.87
CA TRP S 113 -108.27 12.67 -3.51
C TRP S 113 -109.37 13.40 -2.72
N ASP S 114 -109.25 13.41 -1.41
CA ASP S 114 -110.24 14.05 -0.56
C ASP S 114 -109.69 15.30 0.11
N MET S 115 -108.86 16.04 -0.61
CA MET S 115 -108.20 17.24 -0.07
C MET S 115 -109.07 18.49 -0.20
N LYS S 116 -109.31 19.22 0.90
CA LYS S 116 -109.93 20.54 0.81
C LYS S 116 -109.12 21.46 -0.11
N ARG S 117 -109.80 22.18 -0.98
CA ARG S 117 -109.13 23.08 -1.93
C ARG S 117 -108.90 24.45 -1.29
N VAL S 118 -107.93 25.20 -1.83
N VAL S 118 -107.91 25.18 -1.83
CA VAL S 118 -107.66 26.54 -1.34
CA VAL S 118 -107.62 26.54 -1.39
C VAL S 118 -108.73 27.53 -1.83
C VAL S 118 -108.73 27.50 -1.81
N HIS S 119 -109.33 27.22 -2.98
CA HIS S 119 -110.50 27.94 -3.50
C HIS S 119 -111.09 27.07 -4.61
N ASP S 120 -112.30 27.41 -5.07
CA ASP S 120 -112.95 26.68 -6.16
C ASP S 120 -111.98 26.42 -7.32
N TYR S 121 -111.93 25.17 -7.78
CA TYR S 121 -111.13 24.71 -8.91
C TYR S 121 -109.60 24.66 -8.64
N GLY S 122 -109.19 25.10 -7.47
CA GLY S 122 -107.79 25.09 -7.08
C GLY S 122 -107.25 23.77 -6.57
N ALA S 123 -105.96 23.77 -6.25
CA ALA S 123 -105.31 22.61 -5.65
C ALA S 123 -105.71 22.47 -4.20
N GLY S 124 -105.36 21.32 -3.61
CA GLY S 124 -105.53 21.09 -2.18
C GLY S 124 -104.65 21.98 -1.32
N ILE S 125 -105.17 22.34 -0.14
CA ILE S 125 -104.35 22.98 0.90
C ILE S 125 -103.27 21.97 1.29
N PRO S 126 -102.00 22.35 1.11
CA PRO S 126 -100.94 21.42 1.47
C PRO S 126 -100.83 21.19 2.98
N VAL S 127 -100.16 20.09 3.35
CA VAL S 127 -99.89 19.77 4.73
C VAL S 127 -99.15 20.92 5.38
N SER S 128 -99.81 21.52 6.35
CA SER S 128 -99.32 22.73 6.99
C SER S 128 -100.01 22.91 8.34
N GLY S 129 -99.58 23.91 9.08
CA GLY S 129 -100.12 24.16 10.41
C GLY S 129 -99.16 23.75 11.51
N VAL S 130 -99.71 23.10 12.54
CA VAL S 130 -98.96 22.74 13.74
C VAL S 130 -97.79 21.83 13.40
N ASN S 131 -96.58 22.26 13.78
CA ASN S 131 -95.40 21.40 13.72
C ASN S 131 -94.87 21.14 15.12
N TYR S 132 -94.36 19.94 15.35
CA TYR S 132 -93.63 19.64 16.57
C TYR S 132 -92.50 18.70 16.19
N HIS S 133 -91.27 19.12 16.45
CA HIS S 133 -90.07 18.36 16.06
C HIS S 133 -89.10 18.30 17.20
N MET S 134 -88.74 17.08 17.57
CA MET S 134 -87.77 16.89 18.63
C MET S 134 -87.06 15.58 18.46
N PHE S 135 -85.79 15.55 18.86
CA PHE S 135 -85.09 14.28 19.02
C PHE S 135 -84.22 14.33 20.27
N ALA S 136 -83.92 13.15 20.79
CA ALA S 136 -83.05 13.02 21.94
C ALA S 136 -82.18 11.79 21.78
N ILE S 137 -80.93 11.90 22.24
CA ILE S 137 -80.01 10.77 22.34
C ILE S 137 -79.56 10.70 23.80
N GLY S 138 -79.65 9.50 24.39
CA GLY S 138 -79.27 9.32 25.80
C GLY S 138 -78.81 7.93 26.15
N GLY S 139 -78.16 7.81 27.31
CA GLY S 139 -77.67 6.50 27.80
C GLY S 139 -78.66 5.78 28.71
N GLU S 140 -79.91 6.25 28.69
CA GLU S 140 -81.00 5.76 29.55
C GLU S 140 -82.26 6.45 29.04
N PRO S 141 -83.46 6.01 29.50
CA PRO S 141 -84.70 6.63 29.04
C PRO S 141 -84.73 8.14 29.26
N LEU S 142 -85.33 8.86 28.33
CA LEU S 142 -85.56 10.29 28.49
C LEU S 142 -86.50 10.57 29.66
N ASP S 143 -86.14 11.54 30.50
CA ASP S 143 -86.99 11.96 31.61
C ASP S 143 -88.07 12.92 31.13
N LEU S 144 -89.32 12.64 31.51
CA LEU S 144 -90.47 13.43 31.09
C LEU S 144 -91.12 14.24 32.22
N GLN S 145 -91.58 15.43 31.87
CA GLN S 145 -92.42 16.22 32.75
C GLN S 145 -93.82 16.23 32.18
N GLY S 146 -94.82 16.10 33.05
CA GLY S 146 -96.21 16.16 32.62
C GLY S 146 -96.76 17.58 32.73
N LEU S 147 -97.42 18.04 31.68
CA LEU S 147 -98.17 19.30 31.73
C LEU S 147 -99.20 19.28 30.62
N VAL S 148 -100.43 19.68 30.93
CA VAL S 148 -101.51 19.62 29.96
C VAL S 148 -102.19 20.98 29.79
N LEU S 149 -102.76 21.19 28.60
CA LEU S 149 -103.54 22.39 28.33
C LEU S 149 -104.73 22.51 29.29
N ASP S 150 -105.40 21.37 29.53
CA ASP S 150 -106.60 21.32 30.36
C ASP S 150 -106.57 20.11 31.27
N TYR S 151 -106.53 20.35 32.58
CA TYR S 151 -106.47 19.27 33.58
C TYR S 151 -107.74 18.42 33.64
N GLN S 152 -108.84 18.92 33.08
CA GLN S 152 -110.10 18.19 33.13
C GLN S 152 -110.26 17.15 32.03
N THR S 153 -109.39 17.25 31.02
CA THR S 153 -109.30 16.24 29.96
C THR S 153 -109.24 14.84 30.56
N GLN S 154 -110.06 13.94 30.02
CA GLN S 154 -110.12 12.55 30.48
C GLN S 154 -109.50 11.63 29.44
N TYR S 155 -108.21 11.34 29.62
CA TYR S 155 -107.46 10.50 28.68
C TYR S 155 -107.86 9.05 28.84
N PRO S 156 -107.74 8.24 27.76
CA PRO S 156 -108.06 6.82 27.84
C PRO S 156 -107.17 6.12 28.85
N LYS S 157 -107.69 5.06 29.48
CA LYS S 157 -106.88 4.25 30.39
C LYS S 157 -105.94 3.32 29.60
N THR S 158 -104.97 2.72 30.29
CA THR S 158 -104.10 1.74 29.65
C THR S 158 -104.77 0.36 29.57
N GLY S 162 -103.68 2.09 24.67
CA GLY S 162 -103.57 2.44 26.09
C GLY S 162 -102.41 3.38 26.39
N PRO S 163 -102.65 4.71 26.32
CA PRO S 163 -101.59 5.68 26.56
C PRO S 163 -101.28 5.82 28.05
N ILE S 164 -100.03 6.14 28.37
CA ILE S 164 -99.62 6.47 29.73
C ILE S 164 -99.67 7.99 29.90
N THR S 165 -100.47 8.45 30.87
CA THR S 165 -100.64 9.89 31.10
C THR S 165 -100.43 10.22 32.57
N ILE S 166 -100.71 11.46 32.97
CA ILE S 166 -100.46 11.90 34.34
C ILE S 166 -101.25 11.09 35.36
N GLU S 167 -102.53 10.84 35.09
CA GLU S 167 -103.35 10.00 35.97
C GLU S 167 -102.71 8.62 36.21
N THR S 168 -102.20 8.01 35.13
CA THR S 168 -101.51 6.72 35.22
C THR S 168 -100.37 6.72 36.25
N VAL S 169 -99.55 7.78 36.25
N VAL S 169 -99.55 7.78 36.22
CA VAL S 169 -98.36 7.81 37.10
CA VAL S 169 -98.37 7.88 37.07
C VAL S 169 -98.64 8.25 38.54
C VAL S 169 -98.73 8.16 38.52
N LEU S 170 -99.66 9.10 38.73
CA LEU S 170 -100.02 9.56 40.07
C LEU S 170 -100.89 8.57 40.85
N GLY S 171 -101.60 7.70 40.12
CA GLY S 171 -102.59 6.81 40.71
C GLY S 171 -103.84 7.55 41.19
N ARG S 172 -104.06 8.76 40.67
N ARG S 172 -104.08 8.74 40.65
CA ARG S 172 -105.21 9.60 41.04
CA ARG S 172 -105.26 9.56 40.98
C ARG S 172 -105.43 10.68 39.97
C ARG S 172 -105.49 10.57 39.88
N LYS S 173 -106.65 11.23 39.92
CA LYS S 173 -107.02 12.25 38.93
C LYS S 173 -106.09 13.47 38.95
N MET S 174 -105.93 14.10 37.79
CA MET S 174 -105.23 15.37 37.71
C MET S 174 -105.98 16.45 38.48
N THR S 175 -105.23 17.46 38.91
CA THR S 175 -105.79 18.64 39.56
C THR S 175 -105.36 19.88 38.76
N PRO S 176 -105.92 21.06 39.08
CA PRO S 176 -105.51 22.29 38.38
C PRO S 176 -103.99 22.52 38.28
N LYS S 177 -103.24 22.08 39.28
CA LYS S 177 -101.78 22.29 39.26
C LYS S 177 -101.04 21.60 38.09
N ASN S 178 -101.73 20.66 37.44
CA ASN S 178 -101.22 20.00 36.23
C ASN S 178 -101.34 20.79 34.95
N GLN S 179 -101.91 21.99 35.03
CA GLN S 179 -101.84 22.95 33.93
C GLN S 179 -100.53 23.74 34.02
N GLY S 180 -99.89 23.66 35.19
CA GLY S 180 -98.53 24.15 35.38
C GLY S 180 -97.57 22.99 35.65
N LEU S 181 -96.40 23.32 36.18
CA LEU S 181 -95.38 22.32 36.50
C LEU S 181 -95.65 21.73 37.88
N ASP S 182 -96.10 20.48 37.89
CA ASP S 182 -96.30 19.70 39.10
C ASP S 182 -95.13 18.73 39.20
N PRO S 183 -94.26 18.89 40.23
CA PRO S 183 -93.04 18.09 40.37
C PRO S 183 -93.33 16.60 40.52
N GLN S 184 -94.57 16.27 40.88
CA GLN S 184 -94.94 14.86 40.99
C GLN S 184 -95.27 14.22 39.65
N ALA S 185 -95.60 15.06 38.66
CA ALA S 185 -95.99 14.58 37.34
C ALA S 185 -94.77 14.29 36.44
N LYS S 186 -94.21 13.10 36.63
CA LYS S 186 -92.97 12.70 36.00
C LYS S 186 -93.06 11.29 35.48
N ALA S 187 -92.34 11.02 34.40
CA ALA S 187 -92.25 9.69 33.84
C ALA S 187 -90.92 9.48 33.12
N LYS S 188 -90.72 8.26 32.62
CA LYS S 188 -89.61 7.97 31.74
C LYS S 188 -90.15 7.46 30.42
N LEU S 189 -89.56 7.93 29.32
CA LEU S 189 -89.98 7.50 27.99
C LEU S 189 -89.38 6.13 27.67
N ASP S 190 -90.05 5.08 28.15
CA ASP S 190 -89.56 3.72 28.00
C ASP S 190 -90.42 2.89 27.05
N LYS S 191 -91.43 3.50 26.43
CA LYS S 191 -92.33 2.75 25.54
C LYS S 191 -92.67 3.53 24.27
N ASP S 192 -92.53 2.85 23.14
CA ASP S 192 -92.78 3.47 21.85
C ASP S 192 -94.29 3.64 21.63
N GLY S 193 -94.68 4.81 21.15
CA GLY S 193 -96.08 5.11 20.82
C GLY S 193 -97.03 5.18 22.00
N ASN S 194 -96.50 5.37 23.20
CA ASN S 194 -97.32 5.28 24.42
C ASN S 194 -97.42 6.57 25.24
N TYR S 195 -96.50 7.51 25.06
CA TYR S 195 -96.49 8.75 25.83
C TYR S 195 -96.95 9.92 24.98
N PRO S 196 -98.22 10.34 25.12
CA PRO S 196 -98.75 11.39 24.26
C PRO S 196 -97.93 12.68 24.36
N ILE S 197 -97.65 13.25 23.19
CA ILE S 197 -96.89 14.49 23.10
C ILE S 197 -97.57 15.65 23.84
N GLU S 198 -98.90 15.71 23.79
CA GLU S 198 -99.63 16.83 24.41
C GLU S 198 -99.64 16.77 25.93
N VAL S 199 -99.18 15.66 26.48
CA VAL S 199 -99.17 15.44 27.92
C VAL S 199 -97.75 15.58 28.47
N TRP S 200 -96.77 15.06 27.73
CA TRP S 200 -95.38 14.94 28.19
C TRP S 200 -94.38 15.77 27.37
N CYS S 201 -93.56 16.54 28.08
CA CYS S 201 -92.41 17.21 27.49
C CYS S 201 -91.14 16.70 28.19
N PRO S 202 -89.95 16.95 27.59
CA PRO S 202 -88.71 16.57 28.29
C PRO S 202 -88.55 17.36 29.59
N ASP S 203 -88.00 16.70 30.60
CA ASP S 203 -87.85 17.28 31.93
C ASP S 203 -86.45 17.88 32.07
N PRO S 204 -86.37 19.23 32.11
CA PRO S 204 -85.07 19.89 32.13
C PRO S 204 -84.38 19.86 33.50
N SER S 205 -85.10 19.42 34.53
CA SER S 205 -84.48 19.28 35.86
C SER S 205 -83.72 17.95 35.96
N LYS S 206 -83.91 17.08 34.98
CA LYS S 206 -83.20 15.80 34.95
C LYS S 206 -82.42 15.65 33.64
N ASN S 207 -82.50 14.48 32.99
CA ASN S 207 -81.80 14.24 31.71
C ASN S 207 -80.31 14.66 31.65
N GLU S 208 -79.56 14.45 32.72
CA GLU S 208 -78.12 14.74 32.71
C GLU S 208 -77.34 13.83 31.75
N ASN S 209 -77.85 12.60 31.59
CA ASN S 209 -77.27 11.59 30.71
C ASN S 209 -78.02 11.49 29.35
N SER S 210 -78.70 12.58 28.98
CA SER S 210 -79.38 12.66 27.69
C SER S 210 -79.14 14.01 27.06
N ARG S 211 -79.21 14.07 25.73
CA ARG S 211 -79.28 15.36 25.04
C ARG S 211 -80.57 15.41 24.22
N TYR S 212 -81.28 16.53 24.27
CA TYR S 212 -82.49 16.67 23.47
C TYR S 212 -82.61 18.06 22.85
N TYR S 213 -83.33 18.13 21.74
CA TYR S 213 -83.40 19.32 20.93
C TYR S 213 -84.80 19.31 20.33
N GLY S 214 -85.51 20.43 20.45
CA GLY S 214 -86.89 20.46 20.03
C GLY S 214 -87.44 21.84 19.71
N SER S 215 -88.55 21.85 18.97
CA SER S 215 -89.25 23.09 18.64
C SER S 215 -90.74 22.81 18.41
N ILE S 216 -91.54 23.87 18.57
CA ILE S 216 -92.96 23.85 18.21
C ILE S 216 -93.27 25.03 17.29
N GLN S 217 -94.31 24.86 16.48
CA GLN S 217 -94.87 25.91 15.64
C GLN S 217 -96.39 25.76 15.67
N THR S 218 -97.10 26.82 16.07
CA THR S 218 -98.57 26.78 16.06
C THR S 218 -99.15 27.53 14.84
N GLY S 219 -100.37 28.05 14.96
CA GLY S 219 -101.09 28.59 13.81
C GLY S 219 -101.73 27.41 13.08
N SER S 220 -102.68 27.70 12.21
CA SER S 220 -103.52 26.64 11.64
C SER S 220 -103.09 26.19 10.24
N GLN S 221 -102.62 27.13 9.44
CA GLN S 221 -102.15 26.84 8.08
C GLN S 221 -100.71 27.33 7.89
N THR S 222 -100.00 27.47 9.01
CA THR S 222 -98.61 27.91 9.00
C THR S 222 -97.75 27.02 8.11
N PRO S 223 -96.94 27.64 7.22
CA PRO S 223 -96.05 26.86 6.35
C PRO S 223 -95.21 25.87 7.16
N THR S 224 -95.21 24.62 6.70
CA THR S 224 -94.27 23.62 7.17
C THR S 224 -92.95 23.89 6.41
N VAL S 225 -91.91 24.24 7.17
CA VAL S 225 -90.60 24.65 6.66
C VAL S 225 -89.54 23.74 7.28
N LEU S 226 -89.02 22.82 6.47
CA LEU S 226 -88.08 21.79 6.93
C LEU S 226 -86.85 21.71 6.01
N GLN S 227 -85.69 21.40 6.58
CA GLN S 227 -84.48 21.17 5.80
C GLN S 227 -84.04 19.72 5.87
N PHE S 228 -83.25 19.31 4.88
CA PHE S 228 -82.61 17.99 4.88
C PHE S 228 -81.26 18.06 4.17
N SER S 229 -80.27 17.43 4.79
CA SER S 229 -78.90 17.42 4.27
C SER S 229 -78.12 16.32 4.97
N ASN S 230 -77.23 15.65 4.25
CA ASN S 230 -76.43 14.58 4.85
C ASN S 230 -75.06 15.09 5.31
N THR S 231 -74.95 16.41 5.45
CA THR S 231 -73.71 17.08 5.78
C THR S 231 -73.74 17.68 7.19
N LEU S 232 -74.86 17.47 7.90
CA LEU S 232 -75.07 18.11 9.19
C LEU S 232 -74.93 17.17 10.38
N THR S 233 -74.05 17.52 11.31
CA THR S 233 -73.75 16.69 12.48
C THR S 233 -74.04 17.45 13.76
N THR S 234 -74.59 16.76 14.75
CA THR S 234 -74.76 17.34 16.08
C THR S 234 -73.76 16.72 17.04
N VAL S 235 -72.92 17.55 17.64
CA VAL S 235 -72.00 17.08 18.66
C VAL S 235 -72.76 16.86 19.97
N LEU S 236 -72.58 15.69 20.58
CA LEU S 236 -73.31 15.31 21.79
C LEU S 236 -72.51 15.47 23.08
N LEU S 237 -71.29 16.01 22.98
CA LEU S 237 -70.48 16.25 24.18
C LEU S 237 -71.04 17.44 24.99
N ASP S 238 -71.03 17.30 26.32
CA ASP S 238 -71.40 18.40 27.20
C ASP S 238 -70.20 19.33 27.42
N GLU S 239 -70.37 20.26 28.37
CA GLU S 239 -69.37 21.29 28.67
C GLU S 239 -68.03 20.74 29.16
N ASN S 240 -68.04 19.52 29.70
CA ASN S 240 -66.82 18.86 30.15
C ASN S 240 -66.23 17.90 29.12
N GLY S 241 -66.82 17.89 27.93
CA GLY S 241 -66.39 16.99 26.85
C GLY S 241 -66.86 15.55 27.00
N VAL S 242 -67.97 15.36 27.70
CA VAL S 242 -68.53 14.02 27.93
C VAL S 242 -69.89 13.90 27.25
N GLY S 243 -70.09 12.81 26.52
CA GLY S 243 -71.39 12.54 25.91
C GLY S 243 -72.20 11.57 26.76
N PRO S 244 -73.47 11.31 26.38
CA PRO S 244 -74.28 10.32 27.08
C PRO S 244 -73.54 9.00 27.24
N LEU S 245 -73.67 8.40 28.43
CA LEU S 245 -73.00 7.14 28.72
C LEU S 245 -74.04 6.05 28.85
N CYS S 246 -73.84 4.98 28.10
CA CYS S 246 -74.87 3.97 27.87
C CYS S 246 -74.88 2.89 28.93
N LYS S 247 -75.80 3.04 29.88
CA LYS S 247 -75.91 2.15 31.04
C LYS S 247 -76.50 0.82 30.61
N GLY S 248 -75.88 -0.26 31.08
CA GLY S 248 -76.26 -1.61 30.67
C GLY S 248 -76.08 -1.88 29.19
N ASP S 249 -75.21 -1.08 28.53
CA ASP S 249 -74.98 -1.14 27.08
C ASP S 249 -76.26 -0.85 26.26
N GLY S 250 -77.07 0.07 26.75
CA GLY S 250 -78.28 0.51 26.07
C GLY S 250 -78.22 1.94 25.58
N LEU S 251 -78.55 2.13 24.31
CA LEU S 251 -78.64 3.47 23.74
C LEU S 251 -80.11 3.85 23.48
N PHE S 252 -80.54 4.96 24.06
CA PHE S 252 -81.91 5.41 23.91
C PHE S 252 -82.04 6.53 22.90
N ILE S 253 -82.94 6.33 21.96
CA ILE S 253 -83.17 7.29 20.88
C ILE S 253 -84.65 7.60 20.86
N SER S 254 -84.98 8.89 21.00
CA SER S 254 -86.37 9.33 21.06
C SER S 254 -86.61 10.43 20.03
N CYS S 255 -87.83 10.51 19.52
CA CYS S 255 -88.22 11.61 18.62
C CYS S 255 -89.72 11.80 18.45
N ALA S 256 -90.06 12.82 17.67
CA ALA S 256 -91.44 13.18 17.36
C ALA S 256 -91.32 14.20 16.27
N ASP S 257 -92.06 14.00 15.20
CA ASP S 257 -92.03 14.93 14.05
C ASP S 257 -93.42 15.10 13.43
N ILE S 258 -94.22 15.96 14.06
CA ILE S 258 -95.54 16.35 13.52
C ILE S 258 -95.30 17.44 12.48
N VAL S 259 -95.79 17.22 11.26
CA VAL S 259 -95.49 18.11 10.15
C VAL S 259 -96.69 18.93 9.66
N GLY S 260 -97.78 18.89 10.43
CA GLY S 260 -98.99 19.64 10.09
C GLY S 260 -100.24 18.82 9.83
N PHE S 261 -101.26 19.49 9.30
CA PHE S 261 -102.59 18.91 9.09
C PHE S 261 -102.86 18.48 7.66
N LEU S 262 -103.58 17.38 7.52
CA LEU S 262 -104.18 17.02 6.26
C LEU S 262 -105.62 17.57 6.26
N PHE S 263 -105.87 18.56 5.40
CA PHE S 263 -107.18 19.23 5.35
C PHE S 263 -108.06 18.46 4.37
N LYS S 264 -109.14 17.87 4.87
CA LYS S 264 -110.07 17.06 4.06
C LYS S 264 -111.25 17.90 3.58
N THR S 265 -111.87 17.49 2.47
CA THR S 265 -112.98 18.23 1.82
C THR S 265 -114.06 18.75 2.79
N SER S 266 -114.46 17.91 3.73
CA SER S 266 -115.56 18.21 4.67
C SER S 266 -115.25 19.35 5.64
N GLY S 267 -113.97 19.66 5.80
CA GLY S 267 -113.53 20.64 6.78
C GLY S 267 -112.73 19.94 7.85
N LYS S 268 -112.88 18.63 7.92
CA LYS S 268 -112.17 17.84 8.93
C LYS S 268 -110.66 17.84 8.70
N MET S 269 -109.94 17.67 9.80
CA MET S 269 -108.50 17.89 9.81
C MET S 269 -107.84 16.84 10.69
N ALA S 270 -106.80 16.21 10.16
CA ALA S 270 -106.01 15.24 10.91
C ALA S 270 -104.53 15.64 10.87
N LEU S 271 -103.84 15.41 11.99
CA LEU S 271 -102.39 15.68 12.06
C LEU S 271 -101.61 14.55 11.42
N HIS S 272 -100.42 14.89 10.93
CA HIS S 272 -99.59 13.97 10.17
C HIS S 272 -98.15 14.05 10.65
N GLY S 273 -97.49 12.90 10.65
CA GLY S 273 -96.08 12.83 11.01
C GLY S 273 -95.21 12.20 9.94
N LEU S 274 -93.90 12.41 10.07
CA LEU S 274 -92.87 11.77 9.23
C LEU S 274 -91.82 11.02 10.06
N PRO S 275 -91.19 9.98 9.47
CA PRO S 275 -90.13 9.26 10.20
C PRO S 275 -88.83 10.03 10.31
N ARG S 276 -87.96 9.58 11.21
CA ARG S 276 -86.66 10.20 11.42
C ARG S 276 -85.56 9.13 11.39
N TYR S 277 -84.45 9.47 10.75
CA TYR S 277 -83.29 8.60 10.62
C TYR S 277 -82.18 9.08 11.54
N PHE S 278 -81.44 8.13 12.12
CA PHE S 278 -80.31 8.43 13.02
C PHE S 278 -79.04 7.67 12.64
N ASN S 279 -77.91 8.39 12.65
CA ASN S 279 -76.61 7.75 12.65
C ASN S 279 -75.78 8.30 13.81
N VAL S 280 -75.59 7.47 14.82
CA VAL S 280 -74.89 7.85 16.05
C VAL S 280 -73.49 7.25 16.11
N THR S 281 -72.49 8.10 16.33
CA THR S 281 -71.12 7.65 16.55
C THR S 281 -70.84 7.53 18.05
N LEU S 282 -70.22 6.43 18.45
CA LEU S 282 -69.93 6.17 19.86
C LEU S 282 -68.48 5.71 20.08
N ARG S 283 -67.93 6.04 21.24
CA ARG S 283 -66.58 5.62 21.61
C ARG S 283 -66.58 5.00 23.00
N LYS S 284 -65.63 4.10 23.26
CA LYS S 284 -65.51 3.48 24.56
C LYS S 284 -64.91 4.46 25.58
N ARG S 285 -65.45 4.44 26.79
CA ARG S 285 -65.01 5.31 27.86
C ARG S 285 -64.83 4.50 29.15
N TRP S 286 -63.69 4.72 29.81
CA TRP S 286 -63.42 4.12 31.12
C TRP S 286 -64.18 4.90 32.19
N VAL S 287 -64.94 4.19 33.03
CA VAL S 287 -65.63 4.80 34.18
C VAL S 287 -65.40 3.97 35.45
N LYS S 288 -65.47 4.62 36.61
CA LYS S 288 -65.17 3.96 37.88
C LYS S 288 -66.46 3.67 38.66
N GLU T 10 -60.12 2.49 -0.38
CA GLU T 10 -59.20 3.24 0.51
C GLU T 10 -58.62 4.48 -0.19
N VAL T 11 -58.82 5.64 0.44
CA VAL T 11 -58.45 6.94 -0.12
C VAL T 11 -57.04 7.34 0.29
N LEU T 12 -56.23 7.73 -0.69
CA LEU T 12 -54.83 8.12 -0.39
C LEU T 12 -54.62 9.64 -0.44
N SER T 13 -53.45 10.06 -0.89
CA SER T 13 -53.11 11.49 -0.93
C SER T 13 -53.65 12.20 -2.16
N VAL T 14 -53.84 13.51 -2.03
CA VAL T 14 -54.22 14.37 -3.14
C VAL T 14 -53.07 14.43 -4.16
N VAL T 15 -53.41 14.40 -5.44
CA VAL T 15 -52.40 14.45 -6.50
C VAL T 15 -51.90 15.88 -6.66
N THR T 16 -50.58 16.05 -6.70
CA THR T 16 -49.96 17.34 -7.00
C THR T 16 -49.48 17.35 -8.45
N GLY T 17 -49.35 18.53 -9.03
CA GLY T 17 -48.99 18.69 -10.44
C GLY T 17 -49.80 19.77 -11.12
N GLU T 18 -49.39 20.13 -12.34
CA GLU T 18 -49.96 21.27 -13.06
C GLU T 18 -51.46 21.16 -13.41
N ASP T 19 -51.89 19.99 -13.86
CA ASP T 19 -53.28 19.82 -14.32
C ASP T 19 -54.15 19.01 -13.35
N SER T 20 -53.87 19.16 -12.05
CA SER T 20 -54.54 18.38 -11.02
C SER T 20 -55.93 18.91 -10.64
N ILE T 21 -56.30 20.09 -11.15
CA ILE T 21 -57.58 20.71 -10.83
C ILE T 21 -58.40 21.01 -12.09
N THR T 22 -59.64 20.54 -12.12
CA THR T 22 -60.54 20.85 -13.24
C THR T 22 -61.90 21.44 -12.80
N GLN T 23 -62.56 22.08 -13.76
N GLN T 23 -62.56 22.14 -13.72
CA GLN T 23 -63.83 22.75 -13.55
CA GLN T 23 -63.87 22.75 -13.40
C GLN T 23 -64.90 22.09 -14.41
C GLN T 23 -64.95 22.29 -14.38
N ILE T 24 -66.08 21.83 -13.83
CA ILE T 24 -67.21 21.34 -14.62
C ILE T 24 -68.40 22.30 -14.50
N GLU T 25 -68.91 22.75 -15.65
CA GLU T 25 -70.06 23.65 -15.69
C GLU T 25 -71.24 22.98 -16.36
N LEU T 26 -72.44 23.26 -15.85
CA LEU T 26 -73.69 22.88 -16.53
C LEU T 26 -74.91 23.55 -15.91
N TYR T 27 -76.05 23.38 -16.58
CA TYR T 27 -77.34 23.78 -16.05
C TYR T 27 -78.31 22.63 -16.28
N LEU T 28 -79.34 22.55 -15.45
CA LEU T 28 -80.37 21.54 -15.63
C LEU T 28 -81.72 22.24 -15.62
N ASN T 29 -82.44 22.13 -16.74
CA ASN T 29 -83.79 22.69 -16.86
C ASN T 29 -84.76 21.87 -16.01
N PRO T 30 -85.81 22.52 -15.46
CA PRO T 30 -86.66 21.81 -14.51
C PRO T 30 -87.56 20.80 -15.21
N ARG T 31 -87.97 19.76 -14.48
CA ARG T 31 -88.85 18.74 -15.04
C ARG T 31 -90.15 18.66 -14.21
N MET T 32 -91.06 19.58 -14.50
CA MET T 32 -92.26 19.76 -13.70
C MET T 32 -93.41 18.82 -14.09
N GLY T 33 -93.32 18.24 -15.29
CA GLY T 33 -94.36 17.36 -15.80
C GLY T 33 -94.45 17.50 -17.30
N VAL T 34 -94.48 18.75 -17.76
CA VAL T 34 -94.24 19.06 -19.15
C VAL T 34 -92.74 19.26 -19.26
N ASN T 35 -92.05 18.22 -19.72
CA ASN T 35 -90.60 18.09 -19.60
C ASN T 35 -89.80 18.41 -20.84
N SER T 36 -90.51 18.65 -21.95
CA SER T 36 -89.89 18.99 -23.22
C SER T 36 -90.45 20.30 -23.76
N PRO T 37 -89.58 21.16 -24.31
CA PRO T 37 -90.03 22.38 -25.00
C PRO T 37 -90.35 22.15 -26.48
N ASP T 38 -90.19 20.92 -26.97
CA ASP T 38 -90.21 20.64 -28.42
C ASP T 38 -91.39 19.78 -28.88
N LEU T 39 -92.30 19.46 -27.97
CA LEU T 39 -93.53 18.75 -28.33
C LEU T 39 -94.45 19.63 -29.19
N PRO T 40 -95.16 19.01 -30.14
CA PRO T 40 -95.86 19.75 -31.21
C PRO T 40 -96.94 20.72 -30.72
N THR T 41 -97.57 20.41 -29.59
CA THR T 41 -98.75 21.13 -29.11
C THR T 41 -98.71 21.52 -27.63
N THR T 42 -98.22 20.60 -26.80
CA THR T 42 -98.33 20.74 -25.33
C THR T 42 -97.18 21.50 -24.66
N SER T 43 -96.15 21.85 -25.44
CA SER T 43 -94.92 22.44 -24.93
C SER T 43 -95.02 23.87 -24.36
N ASN T 44 -96.13 24.55 -24.63
CA ASN T 44 -96.37 25.89 -24.08
CA ASN T 44 -96.33 25.89 -24.07
C ASN T 44 -96.35 25.88 -22.54
N TRP T 45 -96.57 24.70 -21.95
CA TRP T 45 -96.53 24.52 -20.49
C TRP T 45 -95.20 24.00 -19.92
N TYR T 46 -94.18 23.94 -20.79
CA TYR T 46 -92.81 23.64 -20.40
C TYR T 46 -92.43 24.40 -19.13
N THR T 47 -91.91 23.66 -18.14
CA THR T 47 -91.52 24.17 -16.79
C THR T 47 -92.71 24.36 -15.83
N TYR T 48 -93.86 23.81 -16.22
CA TYR T 48 -95.05 23.82 -15.40
C TYR T 48 -95.67 22.43 -15.34
N THR T 49 -96.50 22.22 -14.33
CA THR T 49 -97.39 21.06 -14.33
C THR T 49 -98.64 21.44 -15.08
N TYR T 50 -99.54 20.47 -15.24
CA TYR T 50 -100.92 20.73 -15.61
C TYR T 50 -101.66 21.20 -14.36
N ASP T 51 -102.98 21.33 -14.47
CA ASP T 51 -103.80 21.82 -13.35
C ASP T 51 -103.88 20.79 -12.22
N LEU T 52 -103.52 21.23 -11.02
CA LEU T 52 -103.50 20.35 -9.85
C LEU T 52 -104.82 20.40 -9.09
N GLN T 53 -105.47 19.25 -8.95
CA GLN T 53 -106.79 19.18 -8.34
C GLN T 53 -107.00 17.90 -7.55
N PRO T 54 -107.61 18.00 -6.36
CA PRO T 54 -108.13 16.81 -5.69
C PRO T 54 -109.29 16.25 -6.50
N LYS T 55 -109.32 14.93 -6.67
CA LYS T 55 -110.29 14.27 -7.55
C LYS T 55 -111.73 14.37 -7.02
N GLY T 56 -111.88 14.38 -5.70
CA GLY T 56 -113.20 14.41 -5.07
C GLY T 56 -113.71 13.02 -4.73
N SER T 57 -113.14 12.01 -5.38
CA SER T 57 -113.50 10.61 -5.13
C SER T 57 -112.25 9.72 -5.24
N SER T 58 -112.37 8.48 -4.76
CA SER T 58 -111.23 7.57 -4.64
C SER T 58 -111.16 6.60 -5.84
N PRO T 59 -109.94 6.18 -6.25
CA PRO T 59 -108.64 6.65 -5.75
C PRO T 59 -108.02 7.74 -6.63
N ASP T 60 -107.00 8.43 -6.11
CA ASP T 60 -106.21 9.36 -6.92
C ASP T 60 -105.49 8.57 -8.01
N GLN T 61 -105.55 9.08 -9.23
CA GLN T 61 -104.88 8.47 -10.38
C GLN T 61 -104.19 9.58 -11.16
N PRO T 62 -103.12 10.16 -10.58
CA PRO T 62 -102.50 11.35 -11.18
C PRO T 62 -101.85 11.10 -12.54
N ILE T 63 -101.87 12.13 -13.38
CA ILE T 63 -101.21 12.09 -14.69
C ILE T 63 -99.74 12.50 -14.54
N LYS T 64 -98.90 12.04 -15.47
CA LYS T 64 -97.47 12.32 -15.41
C LYS T 64 -97.15 13.81 -15.46
N GLU T 65 -98.03 14.58 -16.10
CA GLU T 65 -97.84 16.04 -16.20
C GLU T 65 -98.08 16.77 -14.88
N ASN T 66 -98.61 16.04 -13.89
CA ASN T 66 -98.84 16.59 -12.56
C ASN T 66 -97.87 16.04 -11.53
N LEU T 67 -96.77 15.44 -12.02
CA LEU T 67 -95.76 14.90 -11.12
C LEU T 67 -94.36 15.50 -11.39
N PRO T 68 -94.07 16.69 -10.80
CA PRO T 68 -92.70 17.22 -10.88
C PRO T 68 -91.67 16.17 -10.46
N ALA T 69 -90.58 16.08 -11.20
CA ALA T 69 -89.56 15.08 -10.95
C ALA T 69 -88.16 15.70 -10.83
N TYR T 70 -87.25 14.97 -10.17
CA TYR T 70 -85.85 15.38 -10.07
C TYR T 70 -85.16 15.49 -11.43
N SER T 71 -84.34 16.53 -11.57
CA SER T 71 -83.39 16.70 -12.68
C SER T 71 -82.12 15.92 -12.35
N VAL T 72 -81.55 15.27 -13.36
CA VAL T 72 -80.27 14.54 -13.21
C VAL T 72 -79.42 14.64 -14.46
N ALA T 73 -78.12 14.77 -14.27
CA ALA T 73 -77.14 14.59 -15.34
C ALA T 73 -75.92 13.84 -14.83
N ARG T 74 -75.40 12.95 -15.66
CA ARG T 74 -74.08 12.38 -15.44
C ARG T 74 -73.13 13.10 -16.38
N VAL T 75 -72.09 13.72 -15.82
CA VAL T 75 -71.09 14.39 -16.63
C VAL T 75 -69.86 13.48 -16.80
N SER T 76 -69.42 13.29 -18.04
CA SER T 76 -68.19 12.58 -18.32
C SER T 76 -66.99 13.47 -18.06
N LEU T 77 -66.07 12.96 -17.23
CA LEU T 77 -64.87 13.68 -16.81
C LEU T 77 -63.67 13.15 -17.60
N PRO T 78 -62.60 13.95 -17.74
CA PRO T 78 -61.39 13.47 -18.42
C PRO T 78 -60.96 12.11 -17.87
N MET T 79 -60.68 11.17 -18.78
CA MET T 79 -60.23 9.82 -18.45
C MET T 79 -58.88 9.88 -17.71
N LEU T 80 -58.73 9.06 -16.68
CA LEU T 80 -57.58 9.15 -15.80
C LEU T 80 -56.63 7.95 -15.81
N ASN T 81 -57.19 6.75 -16.02
CA ASN T 81 -56.39 5.53 -15.94
C ASN T 81 -56.50 4.65 -17.19
N ASP T 87 -54.15 -1.25 -9.67
CA ASP T 87 -54.53 -1.40 -8.27
C ASP T 87 -54.59 -0.03 -7.55
N THR T 88 -53.59 0.82 -7.82
CA THR T 88 -53.59 2.21 -7.36
C THR T 88 -53.86 3.16 -8.53
N LEU T 89 -55.02 3.82 -8.48
CA LEU T 89 -55.41 4.72 -9.56
C LEU T 89 -55.77 6.11 -9.07
N GLN T 90 -56.11 6.97 -10.01
CA GLN T 90 -56.58 8.32 -9.70
C GLN T 90 -58.07 8.41 -9.95
N MET T 91 -58.75 9.20 -9.13
CA MET T 91 -60.16 9.49 -9.34
C MET T 91 -60.37 10.98 -9.15
N TRP T 92 -61.33 11.54 -9.88
CA TRP T 92 -61.77 12.91 -9.62
C TRP T 92 -62.57 12.99 -8.32
N GLU T 93 -62.19 13.98 -7.52
CA GLU T 93 -62.82 14.27 -6.23
C GLU T 93 -63.43 15.66 -6.31
N ALA T 94 -64.75 15.75 -6.13
CA ALA T 94 -65.43 17.05 -6.13
C ALA T 94 -65.22 17.72 -4.78
N ILE T 95 -64.66 18.93 -4.80
CA ILE T 95 -64.29 19.61 -3.57
C ILE T 95 -65.18 20.80 -3.25
N SER T 96 -65.80 21.40 -4.26
CA SER T 96 -66.67 22.54 -4.05
C SER T 96 -67.57 22.81 -5.25
N VAL T 97 -68.62 23.61 -5.02
CA VAL T 97 -69.57 23.95 -6.07
C VAL T 97 -70.16 25.34 -5.86
N LYS T 98 -70.22 26.13 -6.94
CA LYS T 98 -71.09 27.29 -6.98
C LYS T 98 -72.34 26.88 -7.71
N THR T 99 -73.50 27.05 -7.07
CA THR T 99 -74.76 26.70 -7.69
C THR T 99 -75.76 27.84 -7.52
N GLU T 100 -76.70 27.95 -8.46
CA GLU T 100 -77.58 29.11 -8.51
C GLU T 100 -78.87 28.78 -9.24
N VAL T 101 -79.98 29.22 -8.68
CA VAL T 101 -81.25 29.07 -9.37
C VAL T 101 -81.36 30.20 -10.40
N VAL T 102 -81.59 29.84 -11.64
CA VAL T 102 -81.61 30.79 -12.76
C VAL T 102 -83.02 31.29 -13.09
N GLY T 103 -83.14 32.58 -13.39
CA GLY T 103 -84.42 33.16 -13.82
C GLY T 103 -85.35 33.56 -12.69
N ILE T 104 -84.77 33.81 -11.51
CA ILE T 104 -85.55 34.20 -10.35
C ILE T 104 -86.33 35.48 -10.65
N SER T 105 -85.68 36.42 -11.33
CA SER T 105 -86.30 37.71 -11.64
C SER T 105 -87.53 37.60 -12.54
N SER T 106 -87.72 36.45 -13.19
CA SER T 106 -88.88 36.23 -14.06
C SER T 106 -90.18 36.25 -13.26
N LEU T 107 -90.06 35.95 -11.97
CA LEU T 107 -91.20 35.82 -11.06
C LEU T 107 -91.82 37.12 -10.60
N ILE T 108 -91.23 38.28 -10.95
CA ILE T 108 -91.86 39.58 -10.67
C ILE T 108 -93.06 39.87 -11.59
N ASN T 109 -93.21 39.06 -12.64
CA ASN T 109 -94.33 39.19 -13.56
C ASN T 109 -95.68 38.87 -12.88
N VAL T 110 -96.48 39.92 -12.65
CA VAL T 110 -97.82 39.77 -12.08
C VAL T 110 -98.89 40.14 -13.13
N HIS T 111 -98.56 39.93 -14.40
CA HIS T 111 -99.46 40.27 -15.50
C HIS T 111 -99.51 39.18 -16.58
N TYR T 112 -99.42 37.92 -16.13
CA TYR T 112 -99.72 36.78 -16.99
C TYR T 112 -101.17 36.94 -17.48
N TRP T 113 -101.42 36.73 -18.77
CA TRP T 113 -102.73 37.10 -19.34
C TRP T 113 -103.91 36.43 -18.66
N ASP T 114 -103.71 35.18 -18.24
CA ASP T 114 -104.75 34.43 -17.55
C ASP T 114 -104.49 34.34 -16.03
N MET T 115 -103.82 35.35 -15.47
CA MET T 115 -103.50 35.34 -14.04
C MET T 115 -104.72 35.71 -13.19
N LYS T 116 -105.01 34.90 -12.17
CA LYS T 116 -106.02 35.28 -11.17
C LYS T 116 -105.59 36.52 -10.39
N ARG T 117 -106.49 37.48 -10.26
CA ARG T 117 -106.18 38.72 -9.57
C ARG T 117 -106.24 38.55 -8.05
N VAL T 118 -105.44 39.35 -7.35
N VAL T 118 -105.43 39.36 -7.36
CA VAL T 118 -105.50 39.38 -5.89
CA VAL T 118 -105.48 39.41 -5.91
C VAL T 118 -106.81 40.02 -5.41
C VAL T 118 -106.80 40.00 -5.42
N HIS T 119 -107.41 40.85 -6.25
CA HIS T 119 -108.75 41.44 -6.02
C HIS T 119 -109.16 42.20 -7.28
N ASP T 120 -110.40 42.71 -7.30
CA ASP T 120 -110.94 43.39 -8.47
C ASP T 120 -110.04 44.52 -8.95
N TYR T 121 -109.77 44.53 -10.25
CA TYR T 121 -108.91 45.53 -10.91
C TYR T 121 -107.42 45.41 -10.52
N GLY T 122 -107.09 44.39 -9.74
CA GLY T 122 -105.73 44.23 -9.20
C GLY T 122 -104.76 43.51 -10.11
N ALA T 123 -103.50 43.46 -9.67
CA ALA T 123 -102.49 42.68 -10.37
C ALA T 123 -102.73 41.19 -10.12
N GLY T 124 -102.08 40.33 -10.91
CA GLY T 124 -102.17 38.88 -10.69
C GLY T 124 -101.53 38.46 -9.38
N ILE T 125 -102.00 37.34 -8.83
CA ILE T 125 -101.35 36.70 -7.70
C ILE T 125 -99.98 36.21 -8.18
N PRO T 126 -98.89 36.70 -7.56
CA PRO T 126 -97.57 36.25 -8.03
C PRO T 126 -97.30 34.78 -7.75
N VAL T 127 -96.34 34.21 -8.48
CA VAL T 127 -95.93 32.82 -8.25
C VAL T 127 -95.47 32.71 -6.80
N SER T 128 -96.15 31.85 -6.04
CA SER T 128 -95.94 31.73 -4.60
C SER T 128 -96.58 30.44 -4.14
N GLY T 129 -96.37 30.10 -2.86
CA GLY T 129 -96.90 28.85 -2.32
C GLY T 129 -95.83 27.80 -2.13
N VAL T 130 -96.16 26.58 -2.54
CA VAL T 130 -95.28 25.44 -2.36
C VAL T 130 -93.91 25.64 -3.01
N ASN T 131 -92.85 25.66 -2.21
CA ASN T 131 -91.50 25.57 -2.71
C ASN T 131 -90.85 24.25 -2.30
N TYR T 132 -89.99 23.74 -3.17
CA TYR T 132 -89.12 22.60 -2.86
C TYR T 132 -87.78 22.87 -3.56
N HIS T 133 -86.72 22.91 -2.78
CA HIS T 133 -85.40 23.21 -3.31
C HIS T 133 -84.34 22.24 -2.79
N MET T 134 -83.66 21.59 -3.72
CA MET T 134 -82.55 20.69 -3.39
C MET T 134 -81.58 20.57 -4.55
N PHE T 135 -80.32 20.33 -4.22
CA PHE T 135 -79.34 19.92 -5.20
C PHE T 135 -78.44 18.90 -4.54
N ALA T 136 -77.78 18.09 -5.37
CA ALA T 136 -76.85 17.08 -4.88
C ALA T 136 -75.67 16.96 -5.84
N ILE T 137 -74.49 16.69 -5.26
CA ILE T 137 -73.26 16.40 -6.01
C ILE T 137 -72.70 15.08 -5.50
N GLY T 138 -72.45 14.14 -6.41
CA GLY T 138 -71.95 12.82 -6.03
C GLY T 138 -71.16 12.10 -7.09
N GLY T 139 -70.47 11.03 -6.70
CA GLY T 139 -69.62 10.25 -7.61
C GLY T 139 -70.33 9.05 -8.18
N GLU T 140 -71.64 8.98 -7.93
CA GLU T 140 -72.51 7.89 -8.37
C GLU T 140 -73.95 8.41 -8.23
N PRO T 141 -74.95 7.65 -8.72
CA PRO T 141 -76.33 8.13 -8.57
C PRO T 141 -76.74 8.39 -7.11
N LEU T 142 -77.55 9.42 -6.91
CA LEU T 142 -78.13 9.70 -5.60
C LEU T 142 -79.07 8.56 -5.17
N ASP T 143 -78.88 8.07 -3.95
CA ASP T 143 -79.76 7.08 -3.37
C ASP T 143 -81.09 7.69 -2.94
N LEU T 144 -82.19 7.03 -3.29
CA LEU T 144 -83.53 7.51 -2.98
C LEU T 144 -84.31 6.58 -2.06
N GLN T 145 -85.11 7.17 -1.17
CA GLN T 145 -86.08 6.45 -0.36
C GLN T 145 -87.50 6.83 -0.79
N GLY T 146 -88.36 5.83 -0.91
CA GLY T 146 -89.76 6.03 -1.25
C GLY T 146 -90.63 6.26 -0.02
N LEU T 147 -91.42 7.33 -0.05
CA LEU T 147 -92.45 7.60 0.96
C LEU T 147 -93.54 8.50 0.37
N VAL T 148 -94.80 8.05 0.45
CA VAL T 148 -95.94 8.79 -0.12
C VAL T 148 -96.96 9.28 0.93
N LEU T 149 -97.63 10.37 0.59
CA LEU T 149 -98.73 10.89 1.38
C LEU T 149 -99.85 9.86 1.51
N ASP T 150 -100.22 9.26 0.38
CA ASP T 150 -101.30 8.29 0.35
C ASP T 150 -100.87 7.07 -0.45
N TYR T 151 -100.75 5.94 0.23
CA TYR T 151 -100.29 4.70 -0.39
C TYR T 151 -101.29 4.15 -1.40
N GLN T 152 -102.53 4.65 -1.34
CA GLN T 152 -103.58 4.20 -2.23
C GLN T 152 -103.56 4.90 -3.60
N THR T 153 -102.72 5.92 -3.72
CA THR T 153 -102.53 6.66 -4.97
C THR T 153 -102.11 5.70 -6.07
N GLN T 154 -102.75 5.84 -7.23
CA GLN T 154 -102.46 4.98 -8.38
C GLN T 154 -101.65 5.75 -9.43
N TYR T 155 -100.34 5.68 -9.28
CA TYR T 155 -99.39 6.34 -10.18
C TYR T 155 -99.40 5.70 -11.57
N PRO T 156 -99.16 6.51 -12.63
CA PRO T 156 -99.16 5.92 -13.96
C PRO T 156 -98.03 4.91 -14.08
N LYS T 157 -98.22 3.88 -14.91
CA LYS T 157 -97.20 2.87 -15.15
C LYS T 157 -96.06 3.42 -16.03
N THR T 158 -94.93 2.73 -16.03
CA THR T 158 -93.81 3.07 -16.91
C THR T 158 -94.11 2.68 -18.38
N PRO T 163 -92.78 7.16 -15.60
CA PRO T 163 -92.41 7.55 -14.23
C PRO T 163 -92.17 6.34 -13.33
N ILE T 164 -91.05 6.35 -12.62
CA ILE T 164 -90.68 5.24 -11.74
C ILE T 164 -91.12 5.55 -10.32
N THR T 165 -91.98 4.70 -9.78
CA THR T 165 -92.52 4.88 -8.43
C THR T 165 -92.28 3.64 -7.57
N ILE T 166 -92.78 3.65 -6.35
CA ILE T 166 -92.57 2.54 -5.42
C ILE T 166 -93.06 1.22 -6.01
N GLU T 167 -94.25 1.23 -6.59
CA GLU T 167 -94.83 0.03 -7.22
C GLU T 167 -93.90 -0.58 -8.27
N THR T 168 -93.30 0.27 -9.09
CA THR T 168 -92.32 -0.14 -10.10
C THR T 168 -91.17 -0.95 -9.46
N VAL T 169 -90.60 -0.41 -8.39
N VAL T 169 -90.60 -0.44 -8.38
CA VAL T 169 -89.45 -1.03 -7.74
CA VAL T 169 -89.42 -1.07 -7.78
C VAL T 169 -89.81 -2.31 -7.01
C VAL T 169 -89.74 -2.24 -6.84
N LEU T 170 -90.97 -2.31 -6.35
CA LEU T 170 -91.39 -3.43 -5.53
C LEU T 170 -91.90 -4.59 -6.38
N GLY T 171 -92.40 -4.29 -7.57
CA GLY T 171 -93.02 -5.28 -8.45
C GLY T 171 -94.37 -5.72 -7.91
N ARG T 172 -94.94 -4.91 -7.02
N ARG T 172 -94.94 -4.91 -7.02
CA ARG T 172 -96.21 -5.18 -6.34
CA ARG T 172 -96.25 -5.16 -6.42
C ARG T 172 -96.77 -3.86 -5.81
C ARG T 172 -96.78 -3.86 -5.85
N LYS T 173 -98.06 -3.86 -5.47
CA LYS T 173 -98.73 -2.66 -4.93
C LYS T 173 -98.14 -2.15 -3.62
N MET T 174 -98.27 -0.84 -3.40
CA MET T 174 -97.94 -0.21 -2.12
C MET T 174 -98.88 -0.68 -1.03
N THR T 175 -98.37 -0.77 0.18
CA THR T 175 -99.19 -1.06 1.36
C THR T 175 -99.12 0.12 2.33
N PRO T 176 -99.98 0.15 3.36
CA PRO T 176 -99.93 1.23 4.33
C PRO T 176 -98.51 1.65 4.74
N LYS T 177 -97.59 0.69 4.90
CA LYS T 177 -96.25 1.00 5.38
C LYS T 177 -95.51 2.05 4.54
N ASN T 178 -95.93 2.26 3.29
CA ASN T 178 -95.29 3.25 2.41
C ASN T 178 -95.67 4.70 2.68
N GLN T 179 -96.50 4.90 3.70
CA GLN T 179 -96.76 6.24 4.23
C GLN T 179 -95.73 6.52 5.31
N GLY T 180 -95.02 5.47 5.73
CA GLY T 180 -93.85 5.57 6.59
C GLY T 180 -92.59 5.17 5.84
N LEU T 181 -91.50 4.89 6.55
CA LEU T 181 -90.26 4.44 5.94
C LEU T 181 -90.22 2.91 5.78
N ASP T 182 -90.43 2.45 4.55
CA ASP T 182 -90.28 1.07 4.16
C ASP T 182 -88.89 0.88 3.55
N PRO T 183 -88.00 0.12 4.24
CA PRO T 183 -86.62 -0.07 3.74
C PRO T 183 -86.53 -0.74 2.36
N GLN T 184 -87.57 -1.44 1.96
N GLN T 184 -87.58 -1.43 1.96
CA GLN T 184 -87.60 -2.07 0.63
CA GLN T 184 -87.60 -2.09 0.65
C GLN T 184 -87.82 -1.06 -0.49
C GLN T 184 -87.92 -1.11 -0.49
N ALA T 185 -88.39 0.10 -0.14
CA ALA T 185 -88.72 1.14 -1.13
C ALA T 185 -87.56 2.08 -1.38
N LYS T 186 -86.58 1.58 -2.13
CA LYS T 186 -85.35 2.29 -2.44
C LYS T 186 -85.09 2.28 -3.95
N ALA T 187 -84.47 3.34 -4.44
CA ALA T 187 -84.14 3.46 -5.86
C ALA T 187 -82.89 4.31 -6.02
N LYS T 188 -82.37 4.33 -7.25
CA LYS T 188 -81.25 5.20 -7.60
C LYS T 188 -81.70 6.26 -8.61
N LEU T 189 -81.36 7.51 -8.34
CA LEU T 189 -81.72 8.60 -9.24
C LEU T 189 -80.82 8.59 -10.49
N ASP T 190 -81.23 7.78 -11.47
CA ASP T 190 -80.41 7.47 -12.65
C ASP T 190 -81.06 7.83 -13.98
N LYS T 191 -82.13 8.62 -13.93
CA LYS T 191 -82.87 9.03 -15.11
C LYS T 191 -83.52 10.39 -14.87
N ASP T 192 -83.18 11.35 -15.73
CA ASP T 192 -83.76 12.71 -15.72
C ASP T 192 -85.27 12.69 -15.91
N GLY T 193 -85.98 13.51 -15.13
CA GLY T 193 -87.42 13.71 -15.29
C GLY T 193 -88.30 12.49 -15.10
N ASN T 194 -87.76 11.48 -14.41
CA ASN T 194 -88.43 10.19 -14.27
C ASN T 194 -88.80 9.80 -12.84
N TYR T 195 -88.22 10.48 -11.85
CA TYR T 195 -88.47 10.14 -10.45
C TYR T 195 -89.25 11.24 -9.77
N PRO T 196 -90.56 11.01 -9.55
CA PRO T 196 -91.42 12.03 -8.94
C PRO T 196 -90.94 12.45 -7.56
N ILE T 197 -90.93 13.76 -7.34
CA ILE T 197 -90.51 14.37 -6.09
C ILE T 197 -91.44 13.98 -4.92
N GLU T 198 -92.73 13.81 -5.21
CA GLU T 198 -93.69 13.46 -4.15
C GLU T 198 -93.59 12.00 -3.73
N VAL T 199 -92.82 11.22 -4.48
CA VAL T 199 -92.62 9.80 -4.17
C VAL T 199 -91.26 9.51 -3.53
N TRP T 200 -90.23 10.25 -3.97
CA TRP T 200 -88.85 9.93 -3.62
C TRP T 200 -88.14 11.10 -2.97
N CYS T 201 -87.39 10.79 -1.92
CA CYS T 201 -86.50 11.74 -1.23
C CYS T 201 -85.10 11.13 -1.08
N PRO T 202 -84.08 11.95 -0.80
CA PRO T 202 -82.76 11.37 -0.60
C PRO T 202 -82.76 10.37 0.56
N ASP T 203 -82.03 9.27 0.40
CA ASP T 203 -81.93 8.24 1.42
C ASP T 203 -80.73 8.54 2.34
N PRO T 204 -81.01 8.98 3.59
CA PRO T 204 -79.91 9.31 4.49
C PRO T 204 -79.14 8.10 5.02
N SER T 205 -79.68 6.90 4.80
CA SER T 205 -79.02 5.67 5.25
C SER T 205 -77.93 5.22 4.29
N LYS T 206 -77.85 5.87 3.13
CA LYS T 206 -76.81 5.60 2.13
C LYS T 206 -76.20 6.93 1.74
N ASN T 207 -75.94 7.14 0.45
CA ASN T 207 -75.38 8.41 -0.05
C ASN T 207 -74.04 8.83 0.59
N GLU T 208 -73.20 7.85 0.92
CA GLU T 208 -71.89 8.16 1.53
C GLU T 208 -70.98 8.92 0.56
N ASN T 209 -71.24 8.71 -0.73
CA ASN T 209 -70.44 9.28 -1.81
C ASN T 209 -71.17 10.41 -2.57
N SER T 210 -72.19 10.98 -1.94
CA SER T 210 -72.84 12.20 -2.42
C SER T 210 -73.03 13.22 -1.28
N ARG T 211 -73.15 14.49 -1.63
CA ARG T 211 -73.61 15.51 -0.71
C ARG T 211 -74.95 16.06 -1.23
N TYR T 212 -75.93 16.17 -0.34
CA TYR T 212 -77.20 16.80 -0.71
C TYR T 212 -77.65 17.87 0.28
N TYR T 213 -78.42 18.83 -0.23
CA TYR T 213 -78.87 20.01 0.53
C TYR T 213 -80.26 20.39 0.04
N GLY T 214 -81.23 20.39 0.95
CA GLY T 214 -82.61 20.67 0.54
C GLY T 214 -83.51 21.32 1.57
N SER T 215 -84.67 21.78 1.09
CA SER T 215 -85.69 22.37 1.93
C SER T 215 -87.07 22.29 1.27
N ILE T 216 -88.10 22.41 2.10
CA ILE T 216 -89.48 22.53 1.64
C ILE T 216 -90.12 23.72 2.35
N GLN T 217 -91.12 24.28 1.68
CA GLN T 217 -91.98 25.32 2.21
C GLN T 217 -93.40 25.02 1.73
N THR T 218 -94.31 24.72 2.65
CA THR T 218 -95.73 24.48 2.29
C THR T 218 -96.57 25.75 2.46
N GLY T 219 -97.89 25.58 2.43
CA GLY T 219 -98.81 26.73 2.37
C GLY T 219 -99.16 26.98 0.92
N SER T 220 -100.23 27.74 0.69
CA SER T 220 -100.76 27.90 -0.68
C SER T 220 -100.32 29.18 -1.38
N GLN T 221 -100.09 30.25 -0.62
CA GLN T 221 -99.65 31.54 -1.19
C GLN T 221 -98.43 32.11 -0.46
N THR T 222 -97.71 31.25 0.25
CA THR T 222 -96.49 31.60 0.98
C THR T 222 -95.48 32.29 0.07
N PRO T 223 -94.92 33.43 0.50
CA PRO T 223 -93.94 34.13 -0.33
C PRO T 223 -92.82 33.21 -0.81
N THR T 224 -92.51 33.27 -2.11
CA THR T 224 -91.31 32.66 -2.64
C THR T 224 -90.17 33.64 -2.34
N VAL T 225 -89.20 33.15 -1.58
CA VAL T 225 -88.08 33.96 -1.08
C VAL T 225 -86.79 33.24 -1.49
N LEU T 226 -86.05 33.86 -2.41
CA LEU T 226 -84.87 33.23 -3.01
C LEU T 226 -83.75 34.25 -3.15
N GLN T 227 -82.51 33.77 -2.95
CA GLN T 227 -81.30 34.58 -3.12
C GLN T 227 -80.51 34.12 -4.33
N PHE T 228 -79.72 35.04 -4.89
CA PHE T 228 -78.81 34.70 -5.96
C PHE T 228 -77.54 35.56 -5.82
N SER T 229 -76.39 34.91 -5.94
CA SER T 229 -75.10 35.59 -5.85
C SER T 229 -74.00 34.71 -6.40
N ASN T 230 -73.12 35.29 -7.21
CA ASN T 230 -71.96 34.56 -7.73
C ASN T 230 -70.76 34.50 -6.77
N THR T 231 -70.99 34.82 -5.49
CA THR T 231 -69.91 34.83 -4.48
C THR T 231 -70.07 33.73 -3.43
N LEU T 232 -71.09 32.89 -3.58
CA LEU T 232 -71.35 31.84 -2.61
C LEU T 232 -70.88 30.46 -3.09
N THR T 233 -70.01 29.84 -2.29
CA THR T 233 -69.44 28.51 -2.54
C THR T 233 -69.88 27.51 -1.49
N THR T 234 -70.26 26.32 -1.93
CA THR T 234 -70.47 25.20 -1.01
C THR T 234 -69.27 24.27 -1.05
N VAL T 235 -68.64 24.09 0.10
CA VAL T 235 -67.56 23.13 0.27
C VAL T 235 -68.13 21.72 0.35
N LEU T 236 -67.57 20.80 -0.43
CA LEU T 236 -68.10 19.44 -0.57
C LEU T 236 -67.37 18.38 0.25
N LEU T 237 -66.32 18.78 0.95
CA LEU T 237 -65.51 17.85 1.73
C LEU T 237 -66.26 17.39 2.98
N ASP T 238 -66.16 16.10 3.28
CA ASP T 238 -66.71 15.56 4.52
C ASP T 238 -65.80 15.89 5.72
N GLU T 239 -66.19 15.39 6.89
CA GLU T 239 -65.44 15.59 8.15
C GLU T 239 -63.98 15.10 8.09
N ASN T 240 -63.72 14.08 7.27
CA ASN T 240 -62.37 13.59 7.02
C ASN T 240 -61.60 14.38 5.94
N GLY T 241 -62.25 15.36 5.31
CA GLY T 241 -61.61 16.16 4.27
C GLY T 241 -61.66 15.54 2.89
N VAL T 242 -62.63 14.66 2.66
CA VAL T 242 -62.77 13.92 1.42
C VAL T 242 -64.08 14.30 0.73
N GLY T 243 -63.98 14.73 -0.54
CA GLY T 243 -65.16 15.03 -1.34
C GLY T 243 -65.67 13.75 -2.00
N PRO T 244 -66.83 13.82 -2.67
CA PRO T 244 -67.31 12.69 -3.48
C PRO T 244 -66.28 12.23 -4.50
N LEU T 245 -66.13 10.93 -4.67
CA LEU T 245 -65.16 10.36 -5.62
C LEU T 245 -65.88 9.78 -6.81
N CYS T 246 -65.55 10.27 -8.00
CA CYS T 246 -66.31 9.95 -9.20
C CYS T 246 -65.95 8.59 -9.79
N LYS T 247 -66.72 7.56 -9.42
CA LYS T 247 -66.57 6.19 -9.94
C LYS T 247 -66.75 6.16 -11.45
N GLY T 248 -65.81 5.54 -12.14
CA GLY T 248 -65.87 5.42 -13.60
C GLY T 248 -65.84 6.74 -14.33
N ASP T 249 -65.18 7.73 -13.73
CA ASP T 249 -65.03 9.09 -14.31
C ASP T 249 -66.37 9.80 -14.65
N GLY T 250 -67.38 9.58 -13.81
CA GLY T 250 -68.68 10.21 -13.98
C GLY T 250 -69.10 10.95 -12.74
N LEU T 251 -69.42 12.24 -12.93
CA LEU T 251 -69.93 13.12 -11.87
C LEU T 251 -71.45 13.27 -11.98
N PHE T 252 -72.17 12.92 -10.91
CA PHE T 252 -73.63 12.99 -10.87
C PHE T 252 -74.15 14.26 -10.23
N ILE T 253 -75.02 14.95 -10.94
CA ILE T 253 -75.55 16.22 -10.50
C ILE T 253 -77.07 16.17 -10.57
N SER T 254 -77.70 16.41 -9.42
CA SER T 254 -79.14 16.26 -9.24
C SER T 254 -79.76 17.50 -8.61
N CYS T 255 -81.01 17.80 -8.97
CA CYS T 255 -81.71 18.90 -8.34
C CYS T 255 -83.23 18.92 -8.56
N ALA T 256 -83.88 19.82 -7.82
CA ALA T 256 -85.28 20.15 -8.01
C ALA T 256 -85.51 21.55 -7.42
N ASP T 257 -86.26 22.38 -8.14
CA ASP T 257 -86.57 23.73 -7.68
C ASP T 257 -87.99 24.10 -8.10
N ILE T 258 -88.96 23.73 -7.27
CA ILE T 258 -90.33 24.17 -7.40
C ILE T 258 -90.46 25.54 -6.76
N VAL T 259 -90.91 26.54 -7.53
CA VAL T 259 -90.93 27.93 -7.02
C VAL T 259 -92.31 28.48 -6.67
N GLY T 260 -93.34 27.66 -6.82
CA GLY T 260 -94.69 28.09 -6.51
C GLY T 260 -95.74 27.75 -7.56
N PHE T 261 -96.96 28.20 -7.30
CA PHE T 261 -98.08 27.99 -8.21
C PHE T 261 -98.28 29.16 -9.14
N LEU T 262 -98.66 28.87 -10.38
CA LEU T 262 -99.25 29.87 -11.25
C LEU T 262 -100.76 29.83 -11.02
N PHE T 263 -101.30 30.93 -10.49
CA PHE T 263 -102.72 31.06 -10.24
C PHE T 263 -103.48 31.55 -11.47
N LYS T 264 -104.35 30.69 -12.01
CA LYS T 264 -105.09 30.98 -13.23
C LYS T 264 -106.46 31.59 -12.90
N THR T 265 -107.01 32.36 -13.84
CA THR T 265 -108.29 33.07 -13.68
C THR T 265 -109.41 32.17 -13.14
N SER T 266 -109.54 30.99 -13.71
CA SER T 266 -110.60 30.04 -13.36
C SER T 266 -110.54 29.58 -11.90
N GLY T 267 -109.41 29.85 -11.25
CA GLY T 267 -109.16 29.33 -9.92
C GLY T 267 -108.20 28.14 -9.95
N LYS T 268 -107.91 27.64 -11.14
CA LYS T 268 -106.99 26.51 -11.32
C LYS T 268 -105.52 26.88 -11.07
N MET T 269 -104.72 25.88 -10.71
CA MET T 269 -103.37 26.08 -10.22
C MET T 269 -102.39 25.05 -10.77
N ALA T 270 -101.24 25.54 -11.21
CA ALA T 270 -100.17 24.70 -11.71
C ALA T 270 -98.86 25.03 -10.98
N LEU T 271 -98.10 24.02 -10.60
CA LEU T 271 -96.79 24.29 -10.02
C LEU T 271 -95.78 24.65 -11.11
N HIS T 272 -94.76 25.42 -10.73
CA HIS T 272 -93.79 25.97 -11.68
C HIS T 272 -92.39 25.74 -11.12
N GLY T 273 -91.44 25.55 -12.03
CA GLY T 273 -90.04 25.31 -11.67
C GLY T 273 -89.07 26.21 -12.40
N LEU T 274 -87.87 26.33 -11.85
CA LEU T 274 -86.81 27.12 -12.47
C LEU T 274 -85.54 26.27 -12.66
N PRO T 275 -84.70 26.64 -13.66
CA PRO T 275 -83.46 25.91 -13.90
C PRO T 275 -82.41 26.19 -12.84
N ARG T 276 -81.40 25.32 -12.77
CA ARG T 276 -80.31 25.49 -11.84
C ARG T 276 -78.96 25.32 -12.54
N TYR T 277 -78.04 26.22 -12.22
CA TYR T 277 -76.68 26.17 -12.73
C TYR T 277 -75.71 25.59 -11.69
N PHE T 278 -74.66 24.92 -12.19
CA PHE T 278 -73.60 24.34 -11.37
C PHE T 278 -72.21 24.66 -11.95
N ASN T 279 -71.28 25.01 -11.08
CA ASN T 279 -69.86 25.01 -11.42
C ASN T 279 -69.13 24.22 -10.33
N VAL T 280 -68.72 23.00 -10.68
CA VAL T 280 -68.09 22.12 -9.71
C VAL T 280 -66.57 22.19 -9.89
N THR T 281 -65.86 22.32 -8.77
CA THR T 281 -64.41 22.20 -8.77
C THR T 281 -64.04 20.78 -8.36
N LEU T 282 -63.20 20.13 -9.16
CA LEU T 282 -62.69 18.79 -8.84
C LEU T 282 -61.17 18.75 -8.85
N ARG T 283 -60.60 17.86 -8.05
CA ARG T 283 -59.17 17.62 -8.03
C ARG T 283 -58.90 16.11 -8.16
N LYS T 284 -57.69 15.77 -8.55
CA LYS T 284 -57.31 14.36 -8.67
C LYS T 284 -56.90 13.80 -7.31
N ARG T 285 -57.37 12.60 -7.01
CA ARG T 285 -57.09 11.93 -5.75
C ARG T 285 -56.58 10.51 -6.03
N TRP T 286 -55.50 10.13 -5.35
CA TRP T 286 -54.98 8.76 -5.40
C TRP T 286 -55.86 7.84 -4.57
N VAL T 287 -56.17 6.65 -5.10
CA VAL T 287 -57.04 5.69 -4.41
C VAL T 287 -56.53 4.25 -4.56
N LYS T 288 -56.88 3.39 -3.61
CA LYS T 288 -56.50 1.97 -3.65
C LYS T 288 -57.75 1.09 -3.74
#